data_8R8B
#
_entry.id   8R8B
#
_cell.length_a   160.457
_cell.length_b   160.656
_cell.length_c   160.619
_cell.angle_alpha   107.268
_cell.angle_beta   107.157
_cell.angle_gamma   107.241
#
_symmetry.space_group_name_H-M   'P 1'
#
loop_
_entity.id
_entity.type
_entity.pdbx_description
1 polymer "Coatomer subunit beta'"
2 polymer 'Small ribosomal subunit protein mS37'
3 non-polymer 'SULFATE ION'
4 non-polymer GLYCEROL
5 water water
#
loop_
_entity_poly.entity_id
_entity_poly.type
_entity_poly.pdbx_seq_one_letter_code
_entity_poly.pdbx_strand_id
1 'polypeptide(L)'
;MKLDIKKTFSNRSDRVKGIDFHPTEPWVLTTLYSGRVELWNYETQVEVRSIQVTETPVRAGKFIARKNWIIVGSDDFRIR
VFNYNTGEKVVDFEAHPDYIRSIAVHPTKPYVLSGSDDLTVKLWNWENNWALEQTFEGHEHFVMCVAFNPKDPSTFASGC
LDRTVKVWSLGQSTPNFTLTTGQERGVNYVDYYPLPDKPYMITASDDLTIKIWDYQTKSCVATLEGHMSNVSFAVFHPTL
PIIISGSEDGTLKIWNSSTYKVEKTLNVGLERSWCIATHPTGRKNYIASGFDNGFTVLSLGNDE
;
AAA,BBB,CCC,DDD,EEE,FFF,GGG,HHH,III,JJJ,KKK,LLL,MMM,NNN,OOO,PPP,QQQ,RRR,SSS,TTT,UUU,VVV,WWW,XXX
2 'polypeptide(L)' LKIKKP aaa,bbb,ccc,ddd,eee,fff,ggg,hhh,iii,jjj,kkk,lll,mmm,nnn,ooo,ppp,qqq,rrr,sss,ttt,uuu,vvv,www,xxx
#
loop_
_chem_comp.id
_chem_comp.type
_chem_comp.name
_chem_comp.formula
GOL non-polymer GLYCEROL 'C3 H8 O3'
SO4 non-polymer 'SULFATE ION' 'O4 S -2'
#
# COMPACT_ATOMS: atom_id res chain seq x y z
N MET A 1 -11.22 -2.74 77.97
CA MET A 1 -11.74 -3.93 77.23
C MET A 1 -11.44 -5.21 78.02
N LYS A 2 -12.13 -6.31 77.70
CA LYS A 2 -11.82 -7.68 78.16
C LYS A 2 -10.97 -8.37 77.10
N LEU A 3 -9.72 -8.72 77.42
CA LEU A 3 -8.71 -9.23 76.45
C LEU A 3 -8.69 -10.76 76.46
N ASP A 4 -9.12 -11.41 77.55
CA ASP A 4 -9.24 -12.89 77.68
C ASP A 4 -8.02 -13.56 77.04
N ILE A 5 -6.82 -13.27 77.58
CA ILE A 5 -5.52 -13.81 77.07
C ILE A 5 -5.44 -15.30 77.41
N LYS A 6 -5.17 -16.15 76.43
CA LYS A 6 -4.95 -17.62 76.62
C LYS A 6 -3.61 -18.01 76.00
N LYS A 7 -2.76 -18.70 76.79
CA LYS A 7 -1.52 -19.37 76.33
C LYS A 7 -1.92 -20.56 75.44
N THR A 8 -1.89 -20.38 74.13
CA THR A 8 -2.21 -21.43 73.13
C THR A 8 -1.11 -22.49 73.15
N PHE A 9 0.14 -22.06 72.91
CA PHE A 9 1.35 -22.93 72.83
C PHE A 9 2.57 -22.15 73.29
N SER A 10 3.41 -22.80 74.11
CA SER A 10 4.76 -22.32 74.51
C SER A 10 5.79 -23.38 74.15
N ASN A 11 6.93 -22.95 73.60
CA ASN A 11 8.06 -23.83 73.18
C ASN A 11 9.37 -23.18 73.61
N ARG A 12 10.18 -23.91 74.38
CA ARG A 12 11.55 -23.51 74.78
C ARG A 12 12.51 -23.88 73.65
N SER A 13 13.42 -22.97 73.30
CA SER A 13 14.43 -23.15 72.23
C SER A 13 15.59 -22.16 72.42
N ASP A 14 16.52 -22.14 71.46
CA ASP A 14 17.50 -21.05 71.24
C ASP A 14 16.74 -19.73 71.07
N ARG A 15 17.45 -18.61 71.15
CA ARG A 15 16.92 -17.23 70.99
C ARG A 15 16.18 -17.12 69.66
N VAL A 16 14.90 -16.73 69.69
CA VAL A 16 14.05 -16.51 68.48
C VAL A 16 14.20 -15.04 68.06
N LYS A 17 14.70 -14.78 66.84
CA LYS A 17 14.94 -13.40 66.31
C LYS A 17 13.89 -13.03 65.26
N GLY A 18 13.31 -14.03 64.57
CA GLY A 18 12.24 -13.85 63.58
C GLY A 18 11.07 -14.78 63.86
N ILE A 19 9.85 -14.35 63.52
CA ILE A 19 8.59 -15.10 63.81
C ILE A 19 7.49 -14.64 62.86
N ASP A 20 6.66 -15.56 62.38
CA ASP A 20 5.59 -15.28 61.39
C ASP A 20 4.53 -16.39 61.46
N PHE A 21 3.24 -16.01 61.30
CA PHE A 21 2.08 -16.92 61.24
C PHE A 21 1.82 -17.30 59.79
N HIS A 22 1.60 -18.59 59.52
CA HIS A 22 1.03 -19.10 58.25
C HIS A 22 -0.44 -18.66 58.19
N PRO A 23 -0.96 -18.19 57.04
CA PRO A 23 -2.32 -17.66 56.99
C PRO A 23 -3.49 -18.67 56.94
N THR A 24 -3.25 -19.95 56.61
CA THR A 24 -4.31 -20.99 56.46
C THR A 24 -3.97 -22.31 57.16
N GLU A 25 -2.73 -22.48 57.65
CA GLU A 25 -2.30 -23.66 58.45
C GLU A 25 -2.01 -23.18 59.87
N PRO A 26 -2.23 -24.01 60.91
CA PRO A 26 -2.02 -23.59 62.30
C PRO A 26 -0.53 -23.64 62.65
N TRP A 27 0.29 -23.02 61.80
CA TRP A 27 1.78 -23.07 61.87
C TRP A 27 2.32 -21.71 62.30
N VAL A 28 3.46 -21.73 63.00
CA VAL A 28 4.30 -20.53 63.26
C VAL A 28 5.73 -20.85 62.80
N LEU A 29 6.35 -19.91 62.08
CA LEU A 29 7.77 -19.98 61.63
C LEU A 29 8.61 -19.19 62.63
N THR A 30 9.60 -19.84 63.24
CA THR A 30 10.59 -19.18 64.15
C THR A 30 11.98 -19.29 63.52
N THR A 31 12.75 -18.20 63.63
CA THR A 31 14.09 -18.01 63.03
C THR A 31 15.07 -17.74 64.18
N LEU A 32 15.98 -18.69 64.45
CA LEU A 32 16.76 -18.75 65.72
C LEU A 32 18.19 -18.20 65.52
N TYR A 33 18.83 -17.83 66.64
CA TYR A 33 20.16 -17.19 66.69
C TYR A 33 21.26 -18.20 66.36
N SER A 34 20.96 -19.48 66.58
CA SER A 34 21.87 -20.65 66.38
C SER A 34 22.05 -20.98 64.88
N GLY A 35 21.23 -20.40 64.01
CA GLY A 35 21.23 -20.67 62.56
C GLY A 35 20.20 -21.72 62.18
N ARG A 36 19.35 -22.10 63.12
CA ARG A 36 18.23 -23.06 62.93
C ARG A 36 16.94 -22.25 62.66
N VAL A 37 16.09 -22.72 61.75
CA VAL A 37 14.70 -22.23 61.58
C VAL A 37 13.77 -23.41 61.88
N GLU A 38 12.57 -23.12 62.41
CA GLU A 38 11.59 -24.14 62.87
C GLU A 38 10.19 -23.75 62.40
N LEU A 39 9.42 -24.73 61.94
CA LEU A 39 7.95 -24.62 61.69
C LEU A 39 7.22 -25.46 62.73
N TRP A 40 6.39 -24.82 63.56
CA TRP A 40 5.63 -25.46 64.66
C TRP A 40 4.12 -25.36 64.39
N ASN A 41 3.41 -26.48 64.56
CA ASN A 41 1.92 -26.53 64.61
C ASN A 41 1.49 -26.22 66.04
N TYR A 42 1.05 -24.99 66.30
CA TYR A 42 0.81 -24.44 67.67
C TYR A 42 -0.54 -24.91 68.22
N GLU A 43 -1.39 -25.53 67.38
CA GLU A 43 -2.67 -26.15 67.80
C GLU A 43 -2.41 -27.58 68.29
N THR A 44 -1.61 -28.35 67.53
CA THR A 44 -1.29 -29.77 67.81
C THR A 44 -0.06 -29.86 68.73
N GLN A 45 0.76 -28.81 68.78
CA GLN A 45 2.03 -28.72 69.57
C GLN A 45 3.10 -29.62 68.94
N VAL A 46 2.94 -30.00 67.67
CA VAL A 46 3.87 -30.89 66.90
C VAL A 46 4.78 -30.02 66.03
N GLU A 47 6.07 -30.32 65.98
CA GLU A 47 7.04 -29.69 65.04
C GLU A 47 6.76 -30.23 63.64
N VAL A 48 6.48 -29.34 62.68
CA VAL A 48 6.18 -29.70 61.26
C VAL A 48 7.51 -29.91 60.52
N ARG A 49 8.48 -29.01 60.73
CA ARG A 49 9.80 -29.03 60.05
C ARG A 49 10.80 -28.14 60.81
N SER A 50 12.07 -28.54 60.84
CA SER A 50 13.22 -27.71 61.31
C SER A 50 14.40 -27.92 60.36
N ILE A 51 15.11 -26.84 60.03
CA ILE A 51 16.23 -26.80 59.05
C ILE A 51 17.39 -26.00 59.66
N GLN A 52 18.57 -26.62 59.81
CA GLN A 52 19.85 -25.91 60.07
C GLN A 52 20.28 -25.24 58.76
N VAL A 53 20.15 -23.91 58.69
CA VAL A 53 20.29 -23.10 57.45
C VAL A 53 21.73 -22.59 57.33
N THR A 54 22.35 -22.22 58.46
CA THR A 54 23.74 -21.71 58.55
C THR A 54 24.20 -21.91 60.00
N GLU A 55 25.30 -21.29 60.42
CA GLU A 55 25.73 -21.29 61.84
C GLU A 55 25.52 -19.90 62.46
N THR A 56 25.43 -18.85 61.63
CA THR A 56 25.23 -17.45 62.09
C THR A 56 23.75 -17.24 62.44
N PRO A 57 23.40 -16.13 63.13
CA PRO A 57 22.01 -15.76 63.38
C PRO A 57 21.19 -15.61 62.09
N VAL A 58 19.94 -16.06 62.13
CA VAL A 58 18.92 -15.79 61.09
C VAL A 58 17.85 -14.89 61.73
N ARG A 59 17.95 -13.59 61.48
CA ARG A 59 17.20 -12.52 62.20
C ARG A 59 15.80 -12.34 61.59
N ALA A 60 15.66 -12.54 60.27
CA ALA A 60 14.42 -12.27 59.51
C ALA A 60 13.88 -13.57 58.91
N GLY A 61 12.54 -13.75 58.94
CA GLY A 61 11.84 -14.97 58.51
C GLY A 61 10.36 -14.72 58.24
N LYS A 62 9.92 -14.91 56.99
CA LYS A 62 8.50 -14.77 56.57
C LYS A 62 8.04 -16.04 55.87
N PHE A 63 6.72 -16.24 55.82
CA PHE A 63 6.06 -17.18 54.87
C PHE A 63 5.86 -16.45 53.54
N ILE A 64 5.80 -17.23 52.46
CA ILE A 64 5.21 -16.83 51.15
C ILE A 64 4.24 -17.96 50.77
N ALA A 65 3.12 -18.01 51.50
CA ALA A 65 2.14 -19.13 51.52
C ALA A 65 1.63 -19.42 50.09
N ARG A 66 1.55 -18.39 49.25
CA ARG A 66 1.06 -18.47 47.84
C ARG A 66 2.03 -19.30 46.99
N LYS A 67 3.30 -19.43 47.42
CA LYS A 67 4.35 -20.24 46.73
C LYS A 67 4.77 -21.42 47.61
N ASN A 68 4.10 -21.61 48.75
CA ASN A 68 4.41 -22.63 49.79
C ASN A 68 5.90 -22.54 50.18
N TRP A 69 6.44 -21.32 50.26
CA TRP A 69 7.85 -21.06 50.63
C TRP A 69 7.93 -20.55 52.07
N ILE A 70 9.13 -20.64 52.65
CA ILE A 70 9.63 -19.72 53.71
C ILE A 70 10.85 -19.00 53.12
N ILE A 71 11.04 -17.73 53.48
CA ILE A 71 12.21 -16.90 53.10
C ILE A 71 12.90 -16.46 54.40
N VAL A 72 14.23 -16.63 54.49
CA VAL A 72 15.01 -16.34 55.73
C VAL A 72 16.28 -15.57 55.36
N GLY A 73 16.64 -14.58 56.19
CA GLY A 73 17.81 -13.69 56.03
C GLY A 73 18.74 -13.80 57.22
N SER A 74 20.04 -14.02 56.96
CA SER A 74 21.04 -14.39 58.00
C SER A 74 22.22 -13.40 57.99
N ASP A 75 23.04 -13.45 59.06
CA ASP A 75 24.21 -12.56 59.27
C ASP A 75 25.33 -12.93 58.29
N ASP A 76 25.23 -14.08 57.64
CA ASP A 76 26.18 -14.58 56.61
C ASP A 76 25.90 -13.92 55.25
N PHE A 77 24.99 -12.93 55.20
CA PHE A 77 24.74 -12.01 54.06
C PHE A 77 23.62 -12.55 53.15
N ARG A 78 23.08 -13.73 53.42
CA ARG A 78 22.32 -14.53 52.43
C ARG A 78 20.82 -14.52 52.72
N ILE A 79 20.02 -14.42 51.66
CA ILE A 79 18.56 -14.72 51.65
C ILE A 79 18.41 -16.15 51.09
N ARG A 80 17.70 -17.00 51.82
CA ARG A 80 17.45 -18.42 51.44
C ARG A 80 15.95 -18.69 51.44
N VAL A 81 15.47 -19.41 50.43
CA VAL A 81 14.03 -19.76 50.24
C VAL A 81 13.91 -21.28 50.26
N PHE A 82 12.92 -21.82 50.99
CA PHE A 82 12.65 -23.27 51.13
C PHE A 82 11.16 -23.54 50.92
N ASN A 83 10.83 -24.53 50.09
CA ASN A 83 9.47 -25.14 50.01
C ASN A 83 9.25 -25.92 51.31
N TYR A 84 8.22 -25.56 52.08
CA TYR A 84 7.99 -26.06 53.47
C TYR A 84 7.31 -27.43 53.45
N ASN A 85 6.79 -27.88 52.31
CA ASN A 85 6.13 -29.20 52.16
C ASN A 85 7.18 -30.31 51.95
N THR A 86 8.28 -30.00 51.26
CA THR A 86 9.34 -30.96 50.86
C THR A 86 10.63 -30.73 51.67
N GLY A 87 11.00 -29.47 51.91
CA GLY A 87 12.29 -29.08 52.51
C GLY A 87 13.28 -28.63 51.45
N GLU A 88 12.97 -28.86 50.17
CA GLU A 88 13.78 -28.41 49.01
C GLU A 88 14.10 -26.92 49.17
N LYS A 89 15.39 -26.56 49.06
CA LYS A 89 15.85 -25.15 48.95
C LYS A 89 15.61 -24.67 47.51
N VAL A 90 14.98 -23.50 47.36
CA VAL A 90 14.54 -22.94 46.05
C VAL A 90 15.61 -21.98 45.52
N VAL A 91 16.17 -21.14 46.40
CA VAL A 91 17.26 -20.17 46.07
C VAL A 91 18.10 -19.93 47.32
N ASP A 92 19.33 -19.45 47.11
CA ASP A 92 20.34 -19.19 48.18
C ASP A 92 21.37 -18.20 47.63
N PHE A 93 21.17 -16.90 47.86
CA PHE A 93 21.95 -15.82 47.21
C PHE A 93 22.44 -14.79 48.25
N GLU A 94 23.64 -14.26 48.02
CA GLU A 94 24.22 -13.14 48.80
C GLU A 94 23.45 -11.87 48.46
N ALA A 95 22.69 -11.35 49.42
CA ALA A 95 21.72 -10.24 49.26
C ALA A 95 22.36 -8.91 49.65
N HIS A 96 23.28 -8.90 50.63
CA HIS A 96 24.01 -7.70 51.12
C HIS A 96 25.40 -8.12 51.56
N PRO A 97 26.41 -7.21 51.61
CA PRO A 97 27.73 -7.56 52.15
C PRO A 97 27.79 -7.52 53.69
N ASP A 98 26.64 -7.36 54.36
CA ASP A 98 26.55 -7.25 55.84
C ASP A 98 25.26 -7.97 56.29
N TYR A 99 24.98 -7.98 57.60
CA TYR A 99 23.83 -8.64 58.26
C TYR A 99 22.49 -8.22 57.64
N ILE A 100 21.58 -9.19 57.46
CA ILE A 100 20.17 -8.95 57.02
C ILE A 100 19.25 -8.90 58.25
N ARG A 101 18.72 -7.71 58.56
CA ARG A 101 17.93 -7.46 59.80
C ARG A 101 16.47 -7.87 59.62
N SER A 102 15.85 -7.50 58.49
CA SER A 102 14.38 -7.66 58.27
C SER A 102 14.11 -8.05 56.81
N ILE A 103 13.05 -8.86 56.59
CA ILE A 103 12.44 -9.18 55.27
C ILE A 103 10.94 -8.84 55.34
N ALA A 104 10.42 -8.10 54.36
CA ALA A 104 8.96 -7.96 54.12
C ALA A 104 8.60 -8.56 52.76
N VAL A 105 7.40 -9.14 52.65
CA VAL A 105 6.87 -9.80 51.43
C VAL A 105 5.71 -8.94 50.90
N HIS A 106 5.78 -8.49 49.64
CA HIS A 106 4.67 -7.76 48.97
C HIS A 106 3.45 -8.67 48.96
N PRO A 107 2.24 -8.15 49.26
CA PRO A 107 1.04 -8.99 49.35
C PRO A 107 0.53 -9.60 48.04
N THR A 108 0.62 -8.87 46.91
CA THR A 108 0.01 -9.25 45.60
C THR A 108 1.09 -9.51 44.54
N LYS A 109 2.27 -8.89 44.66
CA LYS A 109 3.35 -8.90 43.64
C LYS A 109 4.48 -9.80 44.11
N PRO A 110 5.28 -10.37 43.19
CA PRO A 110 6.38 -11.27 43.56
C PRO A 110 7.62 -10.50 44.02
N TYR A 111 7.45 -9.64 45.02
CA TYR A 111 8.47 -8.67 45.51
C TYR A 111 8.81 -8.98 46.97
N VAL A 112 10.11 -9.03 47.29
CA VAL A 112 10.63 -9.11 48.68
C VAL A 112 11.60 -7.94 48.89
N LEU A 113 11.47 -7.25 50.02
CA LEU A 113 12.46 -6.25 50.50
C LEU A 113 13.32 -6.90 51.59
N SER A 114 14.61 -6.59 51.61
CA SER A 114 15.55 -6.93 52.71
C SER A 114 16.15 -5.62 53.25
N GLY A 115 16.12 -5.46 54.58
CA GLY A 115 16.82 -4.39 55.30
C GLY A 115 18.08 -4.94 55.93
N SER A 116 19.16 -4.16 55.94
CA SER A 116 20.54 -4.64 56.24
C SER A 116 21.41 -3.56 56.89
N ASP A 117 22.53 -4.00 57.45
CA ASP A 117 23.58 -3.17 58.10
C ASP A 117 24.41 -2.45 57.03
N ASP A 118 24.32 -2.89 55.76
CA ASP A 118 25.01 -2.23 54.61
C ASP A 118 24.34 -0.89 54.29
N LEU A 119 23.32 -0.49 55.07
CA LEU A 119 22.71 0.86 55.11
C LEU A 119 21.59 0.99 54.08
N THR A 120 21.21 -0.11 53.42
CA THR A 120 20.29 -0.10 52.25
C THR A 120 19.08 -1.00 52.48
N VAL A 121 18.03 -0.78 51.68
CA VAL A 121 16.92 -1.75 51.42
C VAL A 121 17.07 -2.18 49.96
N LYS A 122 16.94 -3.48 49.68
CA LYS A 122 17.03 -4.06 48.31
C LYS A 122 15.71 -4.77 47.98
N LEU A 123 15.22 -4.56 46.76
CA LEU A 123 13.96 -5.16 46.24
C LEU A 123 14.32 -6.33 45.33
N TRP A 124 13.79 -7.52 45.62
CA TRP A 124 14.02 -8.78 44.86
C TRP A 124 12.72 -9.22 44.18
N ASN A 125 12.82 -9.71 42.94
CA ASN A 125 11.67 -10.15 42.12
C ASN A 125 11.84 -11.64 41.79
N TRP A 126 11.05 -12.52 42.42
CA TRP A 126 11.17 -14.00 42.29
C TRP A 126 10.59 -14.49 40.95
N GLU A 127 9.88 -13.63 40.22
CA GLU A 127 9.38 -13.93 38.85
C GLU A 127 10.38 -13.41 37.81
N ASN A 128 11.54 -12.91 38.26
CA ASN A 128 12.71 -12.53 37.43
C ASN A 128 13.96 -13.21 38.01
N ASN A 129 13.80 -14.47 38.44
CA ASN A 129 14.83 -15.34 39.08
C ASN A 129 15.54 -14.57 40.20
N TRP A 130 14.79 -13.86 41.03
CA TRP A 130 15.25 -13.16 42.27
C TRP A 130 16.24 -12.03 41.93
N ALA A 131 16.02 -11.34 40.81
CA ALA A 131 16.85 -10.20 40.34
C ALA A 131 16.67 -9.00 41.29
N LEU A 132 17.78 -8.37 41.66
CA LEU A 132 17.81 -7.05 42.36
C LEU A 132 17.24 -5.98 41.42
N GLU A 133 16.02 -5.51 41.69
CA GLU A 133 15.30 -4.53 40.82
C GLU A 133 15.56 -3.10 41.31
N GLN A 134 15.91 -2.89 42.58
CA GLN A 134 16.18 -1.53 43.14
C GLN A 134 16.97 -1.64 44.44
N THR A 135 17.85 -0.66 44.67
CA THR A 135 18.62 -0.45 45.92
C THR A 135 18.28 0.94 46.45
N PHE A 136 17.57 1.00 47.59
CA PHE A 136 17.11 2.25 48.25
C PHE A 136 18.24 2.78 49.16
N GLU A 137 19.00 3.75 48.67
CA GLU A 137 20.18 4.33 49.38
C GLU A 137 19.81 5.69 49.96
N GLY A 138 20.35 6.04 51.13
CA GLY A 138 20.10 7.32 51.80
C GLY A 138 20.22 7.23 53.31
N HIS A 139 19.77 6.12 53.91
CA HIS A 139 19.90 5.82 55.37
C HIS A 139 21.39 5.85 55.75
N GLU A 140 21.67 6.17 57.02
CA GLU A 140 23.03 6.53 57.52
C GLU A 140 23.55 5.51 58.55
N HIS A 141 22.73 4.53 58.95
CA HIS A 141 23.13 3.41 59.83
C HIS A 141 22.32 2.15 59.46
N PHE A 142 22.26 1.15 60.35
CA PHE A 142 21.69 -0.19 60.11
C PHE A 142 20.18 -0.08 59.90
N VAL A 143 19.70 -0.53 58.75
CA VAL A 143 18.24 -0.66 58.47
C VAL A 143 17.73 -1.88 59.25
N MET A 144 17.09 -1.63 60.40
CA MET A 144 16.66 -2.64 61.39
C MET A 144 15.36 -3.31 60.95
N CYS A 145 14.50 -2.58 60.25
CA CYS A 145 13.08 -2.97 60.02
C CYS A 145 12.56 -2.41 58.70
N VAL A 146 11.97 -3.28 57.85
CA VAL A 146 11.30 -2.89 56.60
CA VAL A 146 11.31 -2.95 56.57
C VAL A 146 9.83 -3.34 56.69
N ALA A 147 8.90 -2.44 56.32
CA ALA A 147 7.44 -2.67 56.38
C ALA A 147 6.74 -1.94 55.23
N PHE A 148 6.03 -2.69 54.39
CA PHE A 148 5.08 -2.19 53.36
C PHE A 148 3.88 -1.55 54.08
N ASN A 149 3.43 -0.39 53.60
CA ASN A 149 2.07 0.14 53.93
C ASN A 149 1.07 -0.89 53.46
N PRO A 150 0.34 -1.57 54.38
CA PRO A 150 -0.62 -2.61 54.00
C PRO A 150 -1.85 -2.02 53.29
N LYS A 151 -2.04 -0.70 53.37
CA LYS A 151 -3.10 0.05 52.62
C LYS A 151 -2.59 0.42 51.23
N ASP A 152 -1.26 0.55 51.04
CA ASP A 152 -0.62 0.86 49.74
C ASP A 152 0.82 0.35 49.70
N PRO A 153 1.07 -0.92 49.30
CA PRO A 153 2.42 -1.50 49.32
C PRO A 153 3.25 -1.11 48.09
N SER A 154 2.76 -0.20 47.25
CA SER A 154 3.60 0.61 46.32
C SER A 154 4.56 1.49 47.14
N THR A 155 4.28 1.65 48.44
CA THR A 155 5.12 2.37 49.42
C THR A 155 5.50 1.45 50.59
N PHE A 156 6.69 1.64 51.14
CA PHE A 156 7.16 0.96 52.37
C PHE A 156 7.95 1.95 53.23
N ALA A 157 7.99 1.68 54.53
CA ALA A 157 8.76 2.42 55.56
C ALA A 157 9.96 1.57 55.97
N SER A 158 11.09 2.23 56.24
CA SER A 158 12.34 1.61 56.73
C SER A 158 12.71 2.24 58.07
N GLY A 159 12.81 1.43 59.13
CA GLY A 159 13.31 1.83 60.46
C GLY A 159 14.81 1.61 60.56
N CYS A 160 15.56 2.62 61.02
CA CYS A 160 17.04 2.70 60.96
C CYS A 160 17.63 3.28 62.26
N LEU A 161 18.89 2.91 62.57
CA LEU A 161 19.64 3.36 63.78
C LEU A 161 20.21 4.77 63.55
N ASP A 162 20.13 5.29 62.33
CA ASP A 162 20.40 6.73 62.04
C ASP A 162 19.28 7.57 62.68
N ARG A 163 18.29 6.89 63.28
CA ARG A 163 17.23 7.46 64.14
C ARG A 163 16.13 8.07 63.27
N THR A 164 16.15 7.79 61.95
CA THR A 164 15.09 8.22 61.01
C THR A 164 14.21 7.02 60.64
N VAL A 165 12.95 7.29 60.32
CA VAL A 165 12.13 6.45 59.40
C VAL A 165 12.17 7.15 58.03
N LYS A 166 12.39 6.37 56.97
CA LYS A 166 12.24 6.84 55.57
C LYS A 166 11.06 6.07 54.95
N VAL A 167 10.19 6.79 54.26
CA VAL A 167 9.06 6.19 53.48
C VAL A 167 9.38 6.38 51.99
N TRP A 168 9.44 5.28 51.25
CA TRP A 168 9.88 5.22 49.83
C TRP A 168 8.69 4.82 48.95
N SER A 169 8.81 5.08 47.64
CA SER A 169 7.92 4.54 46.58
C SER A 169 8.74 3.64 45.66
N LEU A 170 8.27 2.41 45.45
CA LEU A 170 8.90 1.42 44.52
C LEU A 170 9.08 2.11 43.16
N GLY A 171 10.32 2.12 42.64
CA GLY A 171 10.68 2.73 41.35
C GLY A 171 11.20 4.15 41.49
N GLN A 172 11.21 4.71 42.72
CA GLN A 172 11.72 6.06 43.02
C GLN A 172 12.89 5.93 44.01
N SER A 173 14.04 6.52 43.67
CA SER A 173 15.34 6.35 44.38
C SER A 173 15.40 7.26 45.61
N THR A 174 14.72 8.41 45.59
CA THR A 174 14.65 9.39 46.72
C THR A 174 13.41 9.09 47.57
N PRO A 175 13.50 9.13 48.92
CA PRO A 175 12.34 8.93 49.77
C PRO A 175 11.21 9.96 49.55
N ASN A 176 9.96 9.54 49.75
CA ASN A 176 8.77 10.43 49.80
C ASN A 176 8.99 11.45 50.91
N PHE A 177 9.50 11.01 52.08
CA PHE A 177 9.84 11.88 53.22
C PHE A 177 10.70 11.11 54.25
N THR A 178 11.23 11.84 55.22
CA THR A 178 12.06 11.31 56.33
C THR A 178 11.49 11.81 57.67
N LEU A 179 11.12 10.89 58.56
CA LEU A 179 10.71 11.20 59.96
C LEU A 179 11.97 11.24 60.82
N THR A 180 12.31 12.42 61.36
CA THR A 180 13.37 12.62 62.38
C THR A 180 12.74 12.34 63.76
N THR A 181 12.89 11.12 64.27
CA THR A 181 12.06 10.53 65.35
C THR A 181 12.41 11.12 66.72
N GLY A 182 13.62 11.67 66.88
CA GLY A 182 14.16 12.10 68.19
C GLY A 182 14.40 10.91 69.11
N GLN A 183 14.44 9.69 68.56
CA GLN A 183 14.76 8.44 69.30
C GLN A 183 16.25 8.15 69.10
N GLU A 184 17.09 8.81 69.91
CA GLU A 184 18.53 9.03 69.64
C GLU A 184 19.33 7.72 69.74
N ARG A 185 18.78 6.67 70.37
CA ARG A 185 19.41 5.32 70.43
C ARG A 185 19.06 4.49 69.17
N GLY A 186 18.31 5.07 68.22
CA GLY A 186 17.99 4.46 66.92
C GLY A 186 16.59 3.90 66.88
N VAL A 187 16.14 3.42 65.71
CA VAL A 187 14.79 2.84 65.47
C VAL A 187 14.94 1.34 65.19
N ASN A 188 14.46 0.50 66.12
CA ASN A 188 14.54 -0.99 66.08
C ASN A 188 13.43 -1.57 65.19
N TYR A 189 12.30 -0.89 65.09
CA TYR A 189 11.06 -1.42 64.46
C TYR A 189 10.21 -0.26 63.95
N VAL A 190 9.44 -0.51 62.89
CA VAL A 190 8.39 0.39 62.35
C VAL A 190 7.28 -0.48 61.75
N ASP A 191 6.03 -0.07 61.97
CA ASP A 191 4.79 -0.77 61.53
C ASP A 191 3.78 0.30 61.11
N TYR A 192 2.76 -0.09 60.34
CA TYR A 192 1.62 0.78 59.93
C TYR A 192 0.36 0.35 60.69
N TYR A 193 -0.46 1.32 61.11
CA TYR A 193 -1.87 1.10 61.49
C TYR A 193 -2.60 0.63 60.23
N PRO A 194 -3.18 -0.58 60.19
CA PRO A 194 -3.70 -1.17 58.95
C PRO A 194 -5.11 -0.74 58.53
N LEU A 195 -5.91 -0.19 59.44
CA LEU A 195 -7.32 0.22 59.16
C LEU A 195 -7.36 1.67 58.66
N PRO A 196 -8.43 2.08 57.96
CA PRO A 196 -8.43 3.34 57.22
C PRO A 196 -8.67 4.61 58.05
N ASP A 197 -9.07 4.46 59.31
CA ASP A 197 -9.59 5.58 60.16
C ASP A 197 -8.44 6.41 60.76
N LYS A 198 -7.18 6.03 60.55
CA LYS A 198 -6.01 6.86 60.97
C LYS A 198 -4.77 6.57 60.11
N PRO A 199 -4.05 7.62 59.67
CA PRO A 199 -2.86 7.47 58.82
C PRO A 199 -1.60 7.31 59.67
N TYR A 200 -1.61 6.30 60.55
CA TYR A 200 -0.68 6.18 61.70
C TYR A 200 0.44 5.18 61.39
N MET A 201 1.66 5.52 61.84
CA MET A 201 2.83 4.61 61.89
C MET A 201 3.36 4.62 63.34
N ILE A 202 3.98 3.52 63.75
CA ILE A 202 4.52 3.34 65.14
C ILE A 202 6.00 2.93 65.02
N THR A 203 6.83 3.39 65.95
CA THR A 203 8.27 3.05 66.03
C THR A 203 8.59 2.58 67.45
N ALA A 204 9.66 1.78 67.60
CA ALA A 204 10.26 1.33 68.87
C ALA A 204 11.76 1.66 68.83
N SER A 205 12.37 1.91 69.99
CA SER A 205 13.77 2.41 70.10
C SER A 205 14.44 1.84 71.34
N ASP A 206 15.78 1.79 71.30
CA ASP A 206 16.66 1.51 72.46
C ASP A 206 16.53 2.64 73.50
N ASP A 207 15.86 3.76 73.19
CA ASP A 207 15.68 4.90 74.12
C ASP A 207 14.46 4.69 75.03
N LEU A 208 13.88 3.48 75.06
CA LEU A 208 12.77 3.01 75.93
C LEU A 208 11.42 3.65 75.54
N THR A 209 11.35 4.35 74.40
CA THR A 209 10.12 5.05 73.95
C THR A 209 9.51 4.31 72.75
N ILE A 210 8.19 4.43 72.62
CA ILE A 210 7.37 4.08 71.42
C ILE A 210 6.74 5.39 70.96
N LYS A 211 6.70 5.66 69.65
CA LYS A 211 6.19 6.94 69.10
C LYS A 211 5.17 6.65 68.00
N ILE A 212 4.02 7.35 68.06
CA ILE A 212 2.91 7.28 67.07
C ILE A 212 3.10 8.42 66.07
N TRP A 213 3.03 8.13 64.77
CA TRP A 213 3.37 9.06 63.67
C TRP A 213 2.17 9.20 62.72
N ASP A 214 1.82 10.43 62.37
CA ASP A 214 0.82 10.77 61.32
C ASP A 214 1.60 11.06 60.04
N TYR A 215 1.51 10.18 59.03
CA TYR A 215 2.28 10.28 57.76
C TYR A 215 1.69 11.37 56.86
N GLN A 216 0.54 11.95 57.20
CA GLN A 216 -0.08 13.10 56.48
C GLN A 216 0.59 14.40 56.96
N THR A 217 0.76 14.57 58.28
CA THR A 217 1.27 15.81 58.93
C THR A 217 2.77 15.70 59.25
N LYS A 218 3.31 14.48 59.30
CA LYS A 218 4.74 14.18 59.60
C LYS A 218 5.09 14.60 61.03
N SER A 219 4.16 14.43 61.97
CA SER A 219 4.30 14.85 63.39
C SER A 219 4.10 13.65 64.32
N CYS A 220 4.62 13.75 65.56
CA CYS A 220 4.48 12.72 66.62
C CYS A 220 3.13 12.91 67.32
N VAL A 221 2.20 11.97 67.13
CA VAL A 221 0.84 11.95 67.75
C VAL A 221 0.98 11.70 69.25
N ALA A 222 1.81 10.73 69.65
CA ALA A 222 1.97 10.30 71.07
C ALA A 222 3.32 9.58 71.28
N THR A 223 3.81 9.64 72.52
CA THR A 223 4.99 8.89 73.03
C THR A 223 4.50 7.94 74.12
N LEU A 224 4.78 6.64 73.98
CA LEU A 224 4.34 5.58 74.91
C LEU A 224 5.56 5.07 75.70
N GLU A 225 5.67 5.49 76.96
CA GLU A 225 6.82 5.22 77.86
C GLU A 225 6.37 4.22 78.94
N GLY A 226 6.61 2.93 78.72
CA GLY A 226 6.15 1.85 79.63
C GLY A 226 7.07 0.64 79.63
N HIS A 227 8.35 0.80 79.24
CA HIS A 227 9.37 -0.28 79.28
C HIS A 227 10.61 0.22 80.03
N MET A 228 11.32 -0.68 80.71
CA MET A 228 12.49 -0.33 81.55
C MET A 228 13.80 -0.74 80.85
N SER A 229 13.74 -1.29 79.63
CA SER A 229 14.92 -1.45 78.74
C SER A 229 14.48 -1.52 77.28
N ASN A 230 15.44 -1.79 76.38
CA ASN A 230 15.30 -1.68 74.90
C ASN A 230 13.91 -2.16 74.48
N VAL A 231 13.21 -1.35 73.68
CA VAL A 231 11.91 -1.71 73.03
C VAL A 231 12.23 -2.28 71.65
N SER A 232 11.99 -3.58 71.46
CA SER A 232 12.40 -4.39 70.28
C SER A 232 11.43 -4.12 69.12
N PHE A 233 10.14 -3.99 69.44
CA PHE A 233 9.03 -3.85 68.46
C PHE A 233 7.85 -3.14 69.11
N ALA A 234 6.99 -2.56 68.27
CA ALA A 234 5.64 -2.05 68.62
C ALA A 234 4.77 -2.15 67.36
N VAL A 235 3.64 -2.86 67.42
CA VAL A 235 2.77 -3.11 66.23
C VAL A 235 1.30 -2.88 66.60
N PHE A 236 0.52 -2.39 65.63
CA PHE A 236 -0.97 -2.32 65.68
C PHE A 236 -1.53 -3.69 65.35
N HIS A 237 -2.35 -4.26 66.25
CA HIS A 237 -3.13 -5.51 66.02
C HIS A 237 -4.13 -5.24 64.89
N PRO A 238 -4.33 -6.18 63.95
CA PRO A 238 -5.13 -5.90 62.75
C PRO A 238 -6.66 -5.95 62.91
N THR A 239 -7.19 -6.19 64.12
CA THR A 239 -8.66 -6.26 64.39
C THR A 239 -8.99 -5.59 65.73
N LEU A 240 -8.34 -6.02 66.82
CA LEU A 240 -8.55 -5.48 68.20
C LEU A 240 -7.97 -4.06 68.28
N PRO A 241 -8.61 -3.14 69.05
CA PRO A 241 -8.08 -1.79 69.22
C PRO A 241 -6.96 -1.77 70.26
N ILE A 242 -5.80 -2.31 69.91
CA ILE A 242 -4.62 -2.43 70.83
C ILE A 242 -3.32 -2.23 70.04
N ILE A 243 -2.28 -1.80 70.75
CA ILE A 243 -0.86 -1.91 70.34
C ILE A 243 -0.22 -2.98 71.24
N ILE A 244 0.59 -3.88 70.67
CA ILE A 244 1.44 -4.84 71.44
C ILE A 244 2.90 -4.42 71.26
N SER A 245 3.57 -4.08 72.36
CA SER A 245 5.02 -3.78 72.41
C SER A 245 5.73 -4.89 73.19
N GLY A 246 7.01 -5.11 72.87
CA GLY A 246 7.88 -6.11 73.50
C GLY A 246 9.26 -5.53 73.75
N SER A 247 9.87 -5.89 74.87
CA SER A 247 11.11 -5.25 75.37
C SER A 247 12.09 -6.32 75.89
N GLU A 248 13.37 -5.98 75.91
CA GLU A 248 14.45 -6.75 76.56
C GLU A 248 14.22 -6.78 78.07
N ASP A 249 13.19 -6.08 78.57
CA ASP A 249 12.72 -6.18 79.97
C ASP A 249 11.93 -7.49 80.15
N GLY A 250 11.74 -8.25 79.07
CA GLY A 250 11.16 -9.61 79.07
C GLY A 250 9.65 -9.59 79.08
N THR A 251 9.05 -8.42 78.89
CA THR A 251 7.60 -8.17 79.07
C THR A 251 6.97 -7.83 77.71
N LEU A 252 5.73 -8.29 77.47
CA LEU A 252 4.83 -7.78 76.41
C LEU A 252 3.77 -6.90 77.07
N LYS A 253 3.54 -5.71 76.52
CA LYS A 253 2.53 -4.74 77.02
C LYS A 253 1.48 -4.53 75.92
N ILE A 254 0.21 -4.44 76.33
CA ILE A 254 -0.96 -4.20 75.44
C ILE A 254 -1.53 -2.83 75.79
N TRP A 255 -1.44 -1.88 74.86
CA TRP A 255 -1.90 -0.47 75.03
C TRP A 255 -3.22 -0.31 74.27
N ASN A 256 -4.08 0.60 74.75
CA ASN A 256 -5.32 1.03 74.06
C ASN A 256 -4.91 1.93 72.90
N SER A 257 -5.11 1.50 71.65
CA SER A 257 -4.65 2.19 70.43
C SER A 257 -5.45 3.48 70.17
N SER A 258 -6.41 3.80 71.05
CA SER A 258 -7.19 5.08 71.04
C SER A 258 -6.65 6.02 72.14
N THR A 259 -6.60 5.54 73.38
CA THR A 259 -6.30 6.35 74.59
C THR A 259 -4.82 6.25 74.98
N TYR A 260 -4.11 5.22 74.51
CA TYR A 260 -2.68 4.94 74.80
C TYR A 260 -2.49 4.67 76.30
N LYS A 261 -3.49 4.04 76.93
CA LYS A 261 -3.45 3.56 78.33
C LYS A 261 -3.14 2.05 78.31
N VAL A 262 -2.32 1.58 79.25
CA VAL A 262 -1.91 0.15 79.37
C VAL A 262 -3.15 -0.67 79.74
N GLU A 263 -3.45 -1.72 78.96
CA GLU A 263 -4.54 -2.70 79.25
C GLU A 263 -3.96 -3.84 80.10
N LYS A 264 -2.76 -4.32 79.75
CA LYS A 264 -2.12 -5.49 80.42
C LYS A 264 -0.60 -5.46 80.21
N THR A 265 0.14 -5.87 81.24
CA THR A 265 1.60 -6.18 81.20
C THR A 265 1.77 -7.70 81.32
N LEU A 266 2.34 -8.33 80.30
CA LEU A 266 2.56 -9.80 80.20
C LEU A 266 4.02 -10.13 80.52
N ASN A 267 4.28 -10.73 81.69
CA ASN A 267 5.61 -11.22 82.11
C ASN A 267 5.71 -12.71 81.72
N VAL A 268 6.14 -12.99 80.48
CA VAL A 268 5.88 -14.30 79.80
C VAL A 268 6.87 -15.35 80.33
N GLY A 269 8.05 -14.94 80.78
CA GLY A 269 8.99 -15.79 81.53
C GLY A 269 10.02 -16.46 80.64
N LEU A 270 10.33 -15.87 79.47
CA LEU A 270 11.34 -16.38 78.50
C LEU A 270 12.46 -15.34 78.31
N GLU A 271 12.56 -14.36 79.22
CA GLU A 271 13.55 -13.25 79.20
C GLU A 271 13.33 -12.39 77.94
N ARG A 272 14.38 -11.85 77.32
CA ARG A 272 14.30 -10.68 76.40
C ARG A 272 13.39 -10.99 75.22
N SER A 273 12.43 -10.09 74.93
CA SER A 273 11.51 -10.13 73.77
C SER A 273 12.20 -9.49 72.56
N TRP A 274 12.23 -10.19 71.42
CA TRP A 274 12.99 -9.83 70.19
C TRP A 274 12.07 -9.50 69.01
N CYS A 275 11.02 -10.28 68.79
CA CYS A 275 10.15 -10.18 67.57
C CYS A 275 8.69 -10.45 67.90
N ILE A 276 7.80 -10.07 66.98
CA ILE A 276 6.33 -10.23 67.10
C ILE A 276 5.78 -10.62 65.73
N ALA A 277 4.72 -11.44 65.75
CA ALA A 277 3.83 -11.74 64.61
C ALA A 277 2.38 -11.62 65.10
N THR A 278 1.49 -11.16 64.22
CA THR A 278 0.01 -11.18 64.40
C THR A 278 -0.57 -12.02 63.26
N HIS A 279 -1.57 -12.86 63.54
CA HIS A 279 -2.19 -13.75 62.53
C HIS A 279 -2.85 -12.90 61.46
N PRO A 280 -2.54 -13.10 60.16
CA PRO A 280 -2.91 -12.14 59.12
C PRO A 280 -4.42 -11.98 58.90
N THR A 281 -5.21 -13.03 59.14
CA THR A 281 -6.69 -13.02 59.05
C THR A 281 -7.30 -12.70 60.41
N GLY A 282 -6.49 -12.68 61.47
CA GLY A 282 -6.93 -12.41 62.86
C GLY A 282 -7.64 -13.62 63.47
N ARG A 283 -7.36 -14.82 62.97
CA ARG A 283 -7.87 -16.11 63.52
C ARG A 283 -7.55 -16.16 65.01
N LYS A 284 -8.59 -16.23 65.86
CA LYS A 284 -8.51 -16.24 67.35
C LYS A 284 -7.70 -15.03 67.85
N ASN A 285 -7.64 -13.97 67.03
CA ASN A 285 -6.79 -12.75 67.25
C ASN A 285 -5.36 -13.17 67.61
N TYR A 286 -4.90 -14.33 67.11
CA TYR A 286 -3.62 -14.98 67.50
C TYR A 286 -2.49 -13.96 67.40
N ILE A 287 -1.67 -13.86 68.46
CA ILE A 287 -0.35 -13.17 68.44
C ILE A 287 0.70 -14.17 68.92
N ALA A 288 1.96 -13.90 68.59
CA ALA A 288 3.14 -14.69 69.04
C ALA A 288 4.35 -13.75 69.10
N SER A 289 5.27 -14.01 70.03
CA SER A 289 6.52 -13.22 70.21
C SER A 289 7.71 -14.18 70.42
N GLY A 290 8.85 -13.84 69.83
CA GLY A 290 10.12 -14.59 69.96
C GLY A 290 10.96 -14.03 71.08
N PHE A 291 11.59 -14.91 71.87
CA PHE A 291 12.34 -14.55 73.11
C PHE A 291 13.67 -15.30 73.17
N ASP A 292 14.56 -14.83 74.05
CA ASP A 292 15.84 -15.48 74.42
C ASP A 292 15.66 -16.99 74.56
N ASN A 293 14.58 -17.42 75.25
CA ASN A 293 14.41 -18.82 75.74
C ASN A 293 13.30 -19.55 74.98
N GLY A 294 12.81 -18.97 73.88
CA GLY A 294 11.84 -19.61 72.97
C GLY A 294 10.78 -18.66 72.46
N PHE A 295 9.57 -19.17 72.23
CA PHE A 295 8.39 -18.40 71.73
C PHE A 295 7.13 -18.84 72.47
N THR A 296 6.11 -17.97 72.47
CA THR A 296 4.74 -18.26 72.99
C THR A 296 3.70 -17.76 71.99
N VAL A 297 2.68 -18.58 71.73
CA VAL A 297 1.50 -18.24 70.90
C VAL A 297 0.33 -17.94 71.86
N LEU A 298 -0.32 -16.79 71.70
CA LEU A 298 -1.41 -16.29 72.57
C LEU A 298 -2.67 -16.02 71.72
N SER A 299 -3.84 -16.41 72.22
CA SER A 299 -5.18 -16.09 71.65
C SER A 299 -5.86 -15.03 72.52
N LEU A 300 -6.47 -14.03 71.88
CA LEU A 300 -7.09 -12.83 72.52
C LEU A 300 -8.61 -12.87 72.27
N GLY A 301 -9.40 -12.54 73.30
CA GLY A 301 -10.87 -12.50 73.22
C GLY A 301 -11.37 -11.30 72.43
N ASN A 302 -12.57 -11.40 71.85
CA ASN A 302 -13.22 -10.32 71.07
C ASN A 302 -13.87 -9.31 72.04
N MET B 1 29.55 -44.71 6.43
CA MET B 1 29.42 -45.98 5.64
C MET B 1 29.70 -47.17 6.56
N LYS B 2 28.86 -48.21 6.51
CA LYS B 2 29.15 -49.54 7.10
C LYS B 2 29.89 -50.38 6.04
N LEU B 3 31.22 -50.45 6.14
CA LEU B 3 32.12 -51.10 5.14
C LEU B 3 31.90 -52.62 5.17
N ASP B 4 31.73 -53.20 6.36
CA ASP B 4 31.54 -54.66 6.59
C ASP B 4 32.60 -55.43 5.79
N ILE B 5 33.85 -55.39 6.24
CA ILE B 5 35.03 -55.98 5.56
C ILE B 5 35.22 -57.42 6.07
N LYS B 6 35.17 -58.41 5.15
CA LYS B 6 35.39 -59.85 5.43
C LYS B 6 36.64 -60.32 4.67
N LYS B 7 37.51 -61.09 5.33
CA LYS B 7 38.68 -61.76 4.70
C LYS B 7 38.19 -63.02 3.96
N THR B 8 38.11 -62.94 2.63
CA THR B 8 37.62 -64.04 1.74
C THR B 8 38.68 -65.15 1.71
N PHE B 9 39.94 -64.80 1.43
CA PHE B 9 41.07 -65.73 1.27
C PHE B 9 42.39 -64.99 1.48
N SER B 10 43.24 -65.52 2.37
CA SER B 10 44.65 -65.12 2.57
C SER B 10 45.56 -66.27 2.12
N ASN B 11 46.63 -65.96 1.39
CA ASN B 11 47.65 -66.95 0.95
C ASN B 11 49.04 -66.44 1.32
N ARG B 12 49.87 -67.32 1.88
CA ARG B 12 51.30 -67.08 2.17
C ARG B 12 52.10 -67.43 0.90
N SER B 13 53.04 -66.58 0.50
CA SER B 13 53.92 -66.79 -0.67
C SER B 13 55.13 -65.86 -0.58
N ASP B 14 55.98 -65.86 -1.61
CA ASP B 14 57.04 -64.84 -1.83
C ASP B 14 56.38 -63.52 -2.24
N ARG B 15 57.15 -62.44 -2.19
CA ARG B 15 56.70 -61.03 -2.43
C ARG B 15 55.82 -60.97 -3.68
N VAL B 16 54.54 -60.61 -3.51
CA VAL B 16 53.56 -60.37 -4.61
C VAL B 16 53.73 -58.92 -5.08
N LYS B 17 54.14 -58.73 -6.34
CA LYS B 17 54.44 -57.42 -6.96
C LYS B 17 53.34 -57.04 -7.97
N GLY B 18 52.64 -58.03 -8.53
CA GLY B 18 51.55 -57.85 -9.50
C GLY B 18 50.33 -58.67 -9.11
N ILE B 19 49.14 -58.09 -9.23
CA ILE B 19 47.86 -58.73 -8.79
C ILE B 19 46.71 -58.21 -9.67
N ASP B 20 45.79 -59.11 -10.05
CA ASP B 20 44.67 -58.82 -10.97
C ASP B 20 43.54 -59.83 -10.75
N PHE B 21 42.29 -59.40 -10.92
CA PHE B 21 41.05 -60.21 -10.80
C PHE B 21 40.58 -60.64 -12.19
N HIS B 22 40.23 -61.92 -12.36
CA HIS B 22 39.49 -62.45 -13.54
C HIS B 22 38.05 -61.96 -13.45
N PRO B 23 37.49 -61.39 -14.55
CA PRO B 23 36.16 -60.77 -14.49
C PRO B 23 34.95 -61.71 -14.32
N THR B 24 35.04 -62.96 -14.78
CA THR B 24 33.91 -63.93 -14.81
C THR B 24 34.20 -65.20 -14.01
N GLU B 25 35.46 -65.41 -13.57
CA GLU B 25 35.88 -66.56 -12.74
C GLU B 25 36.37 -66.04 -11.40
N PRO B 26 36.09 -66.75 -10.28
CA PRO B 26 36.53 -66.28 -8.95
C PRO B 26 38.04 -66.52 -8.75
N TRP B 27 38.86 -65.99 -9.66
CA TRP B 27 40.33 -66.17 -9.70
C TRP B 27 41.03 -64.83 -9.43
N VAL B 28 42.26 -64.90 -8.89
CA VAL B 28 43.20 -63.75 -8.78
C VAL B 28 44.56 -64.19 -9.38
N LEU B 29 45.19 -63.31 -10.15
CA LEU B 29 46.54 -63.49 -10.73
C LEU B 29 47.55 -62.77 -9.83
N THR B 30 48.54 -63.49 -9.30
CA THR B 30 49.66 -62.90 -8.51
C THR B 30 50.96 -63.14 -9.27
N THR B 31 51.83 -62.12 -9.26
CA THR B 31 53.06 -62.00 -10.08
C THR B 31 54.21 -61.75 -9.09
N LEU B 32 55.03 -62.78 -8.84
CA LEU B 32 55.95 -62.86 -7.66
C LEU B 32 57.35 -62.32 -8.00
N TYR B 33 58.10 -61.94 -6.96
CA TYR B 33 59.48 -61.40 -7.02
C TYR B 33 60.47 -62.53 -7.32
N SER B 34 60.09 -63.77 -7.02
CA SER B 34 60.89 -65.01 -7.23
C SER B 34 60.91 -65.42 -8.72
N GLY B 35 60.03 -64.83 -9.53
CA GLY B 35 59.89 -65.16 -10.97
C GLY B 35 58.76 -66.14 -11.23
N ARG B 36 58.06 -66.54 -10.16
CA ARG B 36 56.85 -67.40 -10.22
C ARG B 36 55.65 -66.49 -10.55
N VAL B 37 54.61 -67.06 -11.16
CA VAL B 37 53.26 -66.43 -11.28
C VAL B 37 52.23 -67.49 -10.90
N GLU B 38 51.12 -67.07 -10.28
CA GLU B 38 50.12 -67.98 -9.66
C GLU B 38 48.71 -67.49 -9.99
N LEU B 39 47.81 -68.43 -10.33
CA LEU B 39 46.34 -68.22 -10.41
C LEU B 39 45.69 -68.96 -9.25
N TRP B 40 44.94 -68.25 -8.40
CA TRP B 40 44.26 -68.80 -7.20
C TRP B 40 42.74 -68.56 -7.32
N ASN B 41 41.95 -69.61 -7.11
CA ASN B 41 40.49 -69.52 -6.87
C ASN B 41 40.27 -69.18 -5.39
N TYR B 42 39.91 -67.93 -5.10
CA TYR B 42 39.82 -67.36 -3.73
C TYR B 42 38.51 -67.79 -3.05
N GLU B 43 37.54 -68.30 -3.81
CA GLU B 43 36.26 -68.85 -3.27
C GLU B 43 36.50 -70.30 -2.82
N THR B 44 37.01 -71.13 -3.74
CA THR B 44 37.28 -72.58 -3.54
C THR B 44 38.50 -72.77 -2.63
N GLN B 45 39.41 -71.79 -2.58
CA GLN B 45 40.71 -71.85 -1.86
C GLN B 45 41.52 -73.02 -2.41
N VAL B 46 41.75 -73.03 -3.73
CA VAL B 46 42.54 -74.07 -4.46
C VAL B 46 43.33 -73.38 -5.58
N GLU B 47 44.62 -73.71 -5.73
CA GLU B 47 45.51 -73.16 -6.77
C GLU B 47 45.07 -73.70 -8.14
N VAL B 48 44.62 -72.81 -9.03
CA VAL B 48 44.23 -73.14 -10.44
C VAL B 48 45.48 -73.62 -11.18
N ARG B 49 46.53 -72.77 -11.21
CA ARG B 49 47.73 -72.97 -12.05
C ARG B 49 48.87 -72.08 -11.52
N SER B 50 50.08 -72.66 -11.40
CA SER B 50 51.35 -71.95 -11.07
C SER B 50 52.36 -72.18 -12.19
N ILE B 51 53.16 -71.16 -12.51
CA ILE B 51 54.14 -71.18 -13.64
C ILE B 51 55.42 -70.47 -13.18
N GLN B 52 56.55 -71.18 -13.17
CA GLN B 52 57.91 -70.59 -13.04
C GLN B 52 58.26 -69.97 -14.41
N VAL B 53 58.16 -68.65 -14.52
CA VAL B 53 58.25 -67.89 -15.81
C VAL B 53 59.72 -67.52 -16.05
N THR B 54 60.42 -67.07 -15.00
CA THR B 54 61.86 -66.67 -15.03
CA THR B 54 61.86 -66.70 -15.03
C THR B 54 62.45 -66.90 -13.63
N GLU B 55 63.62 -66.34 -13.36
CA GLU B 55 64.26 -66.28 -12.01
C GLU B 55 64.30 -64.82 -11.52
N THR B 56 64.00 -63.85 -12.39
CA THR B 56 63.93 -62.39 -12.06
C THR B 56 62.56 -62.06 -11.47
N PRO B 57 62.39 -60.88 -10.83
CA PRO B 57 61.06 -60.37 -10.49
C PRO B 57 60.12 -60.25 -11.70
N VAL B 58 58.91 -60.79 -11.56
CA VAL B 58 57.74 -60.48 -12.43
C VAL B 58 56.93 -59.42 -11.68
N ARG B 59 57.01 -58.17 -12.13
CA ARG B 59 56.47 -56.98 -11.41
C ARG B 59 55.03 -56.71 -11.85
N ALA B 60 54.76 -56.79 -13.16
CA ALA B 60 53.46 -56.47 -13.78
C ALA B 60 52.77 -57.75 -14.26
N GLY B 61 51.45 -57.81 -14.12
CA GLY B 61 50.62 -58.97 -14.49
C GLY B 61 49.17 -58.57 -14.71
N LYS B 62 48.55 -59.02 -15.79
CA LYS B 62 47.12 -58.75 -16.11
C LYS B 62 46.49 -59.97 -16.77
N PHE B 63 45.21 -60.21 -16.49
CA PHE B 63 44.33 -61.09 -17.30
C PHE B 63 44.03 -60.39 -18.62
N ILE B 64 43.90 -61.18 -19.68
CA ILE B 64 43.21 -60.80 -20.95
C ILE B 64 42.11 -61.85 -21.16
N ALA B 65 40.99 -61.67 -20.46
CA ALA B 65 39.86 -62.63 -20.35
C ALA B 65 39.38 -63.03 -21.76
N ARG B 66 39.34 -62.07 -22.69
CA ARG B 66 38.93 -62.25 -24.12
C ARG B 66 39.60 -63.48 -24.74
N LYS B 67 40.91 -63.59 -24.53
CA LYS B 67 41.81 -64.54 -25.24
C LYS B 67 42.22 -65.66 -24.30
N ASN B 68 41.57 -65.75 -23.13
CA ASN B 68 41.88 -66.72 -22.04
C ASN B 68 43.37 -66.70 -21.76
N TRP B 69 44.00 -65.51 -21.78
CA TRP B 69 45.44 -65.30 -21.53
C TRP B 69 45.66 -64.70 -20.13
N ILE B 70 46.90 -64.81 -19.66
CA ILE B 70 47.55 -63.86 -18.70
C ILE B 70 48.75 -63.25 -19.43
N ILE B 71 49.04 -61.96 -19.19
CA ILE B 71 50.24 -61.25 -19.71
C ILE B 71 51.04 -60.73 -18.52
N VAL B 72 52.36 -60.95 -18.51
CA VAL B 72 53.27 -60.59 -17.39
C VAL B 72 54.55 -59.96 -17.94
N GLY B 73 55.07 -58.94 -17.24
CA GLY B 73 56.33 -58.25 -17.53
C GLY B 73 57.33 -58.46 -16.41
N SER B 74 58.61 -58.72 -16.73
CA SER B 74 59.68 -59.10 -15.77
C SER B 74 60.93 -58.22 -15.94
N ASP B 75 61.88 -58.31 -15.00
CA ASP B 75 63.13 -57.52 -14.95
C ASP B 75 64.12 -58.01 -16.03
N ASP B 76 63.87 -59.18 -16.60
CA ASP B 76 64.67 -59.79 -17.70
C ASP B 76 64.34 -59.13 -19.04
N PHE B 77 63.45 -58.13 -19.04
CA PHE B 77 63.11 -57.21 -20.17
C PHE B 77 61.97 -57.75 -21.03
N ARG B 78 61.32 -58.84 -20.62
CA ARG B 78 60.43 -59.64 -21.50
C ARG B 78 58.97 -59.52 -21.06
N ILE B 79 58.07 -59.44 -22.05
CA ILE B 79 56.60 -59.66 -21.88
C ILE B 79 56.30 -61.10 -22.35
N ARG B 80 55.61 -61.87 -21.50
CA ARG B 80 55.24 -63.28 -21.79
C ARG B 80 53.72 -63.44 -21.65
N VAL B 81 53.13 -64.28 -22.50
CA VAL B 81 51.66 -64.54 -22.55
C VAL B 81 51.44 -66.05 -22.50
N PHE B 82 50.54 -66.49 -21.61
CA PHE B 82 50.17 -67.92 -21.40
C PHE B 82 48.65 -68.07 -21.45
N ASN B 83 48.17 -69.07 -22.19
CA ASN B 83 46.79 -69.62 -22.06
C ASN B 83 46.68 -70.25 -20.67
N TYR B 84 45.72 -69.81 -19.85
CA TYR B 84 45.59 -70.22 -18.42
C TYR B 84 44.79 -71.52 -18.31
N ASN B 85 44.10 -71.94 -19.37
CA ASN B 85 43.29 -73.19 -19.42
C ASN B 85 44.19 -74.40 -19.71
N THR B 86 45.23 -74.20 -20.53
CA THR B 86 46.16 -75.27 -20.99
C THR B 86 47.53 -75.11 -20.31
N GLY B 87 48.05 -73.88 -20.25
CA GLY B 87 49.37 -73.56 -19.68
C GLY B 87 50.39 -73.24 -20.77
N GLU B 88 50.02 -73.46 -22.04
CA GLU B 88 50.89 -73.21 -23.22
C GLU B 88 51.26 -71.72 -23.28
N LYS B 89 52.51 -71.43 -23.62
CA LYS B 89 53.04 -70.05 -23.83
C LYS B 89 52.69 -69.61 -25.25
N VAL B 90 52.10 -68.41 -25.39
CA VAL B 90 51.57 -67.85 -26.68
C VAL B 90 52.68 -67.03 -27.35
N VAL B 91 53.27 -66.08 -26.62
CA VAL B 91 54.38 -65.20 -27.12
C VAL B 91 55.38 -64.97 -25.99
N ASP B 92 56.62 -64.63 -26.35
CA ASP B 92 57.76 -64.36 -25.43
C ASP B 92 58.76 -63.47 -26.15
N PHE B 93 58.73 -62.15 -25.89
CA PHE B 93 59.55 -61.14 -26.61
C PHE B 93 60.14 -60.13 -25.63
N GLU B 94 61.38 -59.69 -25.90
CA GLU B 94 62.03 -58.54 -25.24
C GLU B 94 61.24 -57.27 -25.63
N ALA B 95 60.71 -56.56 -24.64
CA ALA B 95 59.84 -55.37 -24.81
C ALA B 95 60.64 -54.09 -24.57
N HIS B 96 61.55 -54.08 -23.58
CA HIS B 96 62.41 -52.92 -23.22
C HIS B 96 63.83 -53.40 -22.94
N PRO B 97 64.85 -52.52 -22.97
CA PRO B 97 66.21 -52.88 -22.55
C PRO B 97 66.43 -52.69 -21.04
N ASP B 98 65.36 -52.75 -20.24
CA ASP B 98 65.39 -52.53 -18.77
C ASP B 98 64.10 -53.09 -18.15
N TYR B 99 63.96 -53.00 -16.82
CA TYR B 99 62.83 -53.53 -16.01
C TYR B 99 61.50 -53.05 -16.58
N ILE B 100 60.53 -53.95 -16.69
CA ILE B 100 59.08 -53.61 -16.95
C ILE B 100 58.39 -53.45 -15.60
N ARG B 101 57.90 -52.24 -15.31
CA ARG B 101 57.27 -51.87 -14.00
C ARG B 101 55.78 -52.19 -14.04
N SER B 102 55.07 -51.84 -15.12
CA SER B 102 53.59 -51.92 -15.21
C SER B 102 53.14 -52.37 -16.61
N ILE B 103 52.01 -53.09 -16.68
CA ILE B 103 51.25 -53.42 -17.92
C ILE B 103 49.81 -52.94 -17.74
N ALA B 104 49.25 -52.26 -18.74
CA ALA B 104 47.80 -51.96 -18.84
C ALA B 104 47.27 -52.55 -20.16
N VAL B 105 46.06 -53.12 -20.13
CA VAL B 105 45.36 -53.75 -21.29
C VAL B 105 44.23 -52.82 -21.73
N HIS B 106 44.13 -52.52 -23.03
CA HIS B 106 43.03 -51.71 -23.59
C HIS B 106 41.72 -52.47 -23.38
N PRO B 107 40.63 -51.79 -22.93
CA PRO B 107 39.39 -52.48 -22.57
C PRO B 107 38.62 -53.11 -23.75
N THR B 108 38.87 -52.63 -24.98
CA THR B 108 38.06 -52.97 -26.20
C THR B 108 38.97 -53.40 -27.36
N LYS B 109 40.08 -52.69 -27.60
CA LYS B 109 41.02 -52.92 -28.73
C LYS B 109 42.11 -53.89 -28.29
N PRO B 110 42.79 -54.59 -29.23
CA PRO B 110 43.80 -55.60 -28.88
C PRO B 110 45.18 -54.98 -28.57
N TYR B 111 45.23 -54.05 -27.62
CA TYR B 111 46.42 -53.23 -27.29
C TYR B 111 46.85 -53.50 -25.85
N VAL B 112 48.16 -53.48 -25.62
CA VAL B 112 48.81 -53.54 -24.28
C VAL B 112 49.84 -52.40 -24.22
N LEU B 113 49.86 -51.68 -23.10
CA LEU B 113 50.92 -50.69 -22.76
C LEU B 113 51.85 -51.32 -21.72
N SER B 114 53.16 -51.17 -21.90
CA SER B 114 54.20 -51.56 -20.92
C SER B 114 54.99 -50.31 -20.50
N GLY B 115 55.08 -50.07 -19.19
CA GLY B 115 55.91 -49.02 -18.58
C GLY B 115 57.18 -49.62 -18.02
N SER B 116 58.32 -48.95 -18.20
CA SER B 116 59.67 -49.53 -17.99
C SER B 116 60.68 -48.47 -17.51
N ASP B 117 61.80 -48.96 -16.96
CA ASP B 117 62.96 -48.17 -16.48
C ASP B 117 63.71 -47.55 -17.66
N ASP B 118 63.39 -47.93 -18.91
CA ASP B 118 64.02 -47.40 -20.15
C ASP B 118 63.45 -46.02 -20.48
N LEU B 119 62.55 -45.49 -19.63
CA LEU B 119 62.04 -44.09 -19.61
C LEU B 119 60.84 -43.95 -20.58
N THR B 120 60.36 -45.06 -21.13
CA THR B 120 59.35 -45.09 -22.23
C THR B 120 58.09 -45.84 -21.80
N VAL B 121 57.01 -45.64 -22.54
CA VAL B 121 55.84 -46.55 -22.64
C VAL B 121 55.74 -47.00 -24.09
N LYS B 122 55.57 -48.31 -24.33
CA LYS B 122 55.45 -48.93 -25.67
C LYS B 122 54.05 -49.54 -25.82
N LEU B 123 53.49 -49.46 -27.03
CA LEU B 123 52.14 -49.96 -27.39
C LEU B 123 52.28 -51.21 -28.25
N TRP B 124 51.70 -52.33 -27.81
CA TRP B 124 51.79 -53.67 -28.46
C TRP B 124 50.42 -54.10 -28.99
N ASN B 125 50.35 -54.46 -30.27
CA ASN B 125 49.09 -54.87 -30.96
C ASN B 125 49.16 -56.38 -31.25
N TRP B 126 48.42 -57.19 -30.48
CA TRP B 126 48.47 -58.68 -30.57
C TRP B 126 47.73 -59.20 -31.82
N GLU B 127 46.99 -58.33 -32.53
CA GLU B 127 46.35 -58.66 -33.83
C GLU B 127 47.29 -58.27 -34.98
N ASN B 128 48.46 -57.69 -34.67
CA ASN B 128 49.56 -57.40 -35.62
C ASN B 128 50.80 -58.17 -35.14
N ASN B 129 50.63 -59.42 -34.71
CA ASN B 129 51.71 -60.36 -34.30
C ASN B 129 52.50 -59.76 -33.13
N TRP B 130 51.86 -58.96 -32.28
CA TRP B 130 52.46 -58.26 -31.12
C TRP B 130 53.49 -57.23 -31.58
N ALA B 131 53.20 -56.48 -32.65
CA ALA B 131 54.08 -55.45 -33.22
C ALA B 131 54.14 -54.24 -32.29
N LEU B 132 55.32 -53.64 -32.13
CA LEU B 132 55.51 -52.32 -31.48
C LEU B 132 54.86 -51.25 -32.34
N GLU B 133 53.72 -50.72 -31.90
CA GLU B 133 52.89 -49.72 -32.64
C GLU B 133 53.44 -48.30 -32.38
N GLN B 134 53.80 -47.99 -31.13
CA GLN B 134 54.26 -46.63 -30.73
C GLN B 134 55.15 -46.73 -29.50
N THR B 135 56.14 -45.82 -29.41
CA THR B 135 57.04 -45.60 -28.25
C THR B 135 56.87 -44.16 -27.76
N PHE B 136 56.28 -43.99 -26.58
CA PHE B 136 56.01 -42.68 -25.94
C PHE B 136 57.25 -42.20 -25.18
N GLU B 137 58.00 -41.28 -25.79
CA GLU B 137 59.28 -40.71 -25.26
C GLU B 137 59.01 -39.31 -24.69
N GLY B 138 59.62 -38.97 -23.56
CA GLY B 138 59.43 -37.66 -22.89
C GLY B 138 59.79 -37.69 -21.41
N HIS B 139 59.48 -38.80 -20.71
CA HIS B 139 59.82 -39.01 -19.28
C HIS B 139 61.34 -39.03 -19.10
N GLU B 140 61.82 -38.69 -17.91
CA GLU B 140 63.27 -38.50 -17.61
C GLU B 140 63.69 -39.37 -16.42
N HIS B 141 62.88 -40.37 -16.06
CA HIS B 141 63.21 -41.46 -15.10
C HIS B 141 62.30 -42.66 -15.36
N PHE B 142 62.32 -43.67 -14.47
CA PHE B 142 61.54 -44.93 -14.60
C PHE B 142 60.04 -44.59 -14.71
N VAL B 143 59.34 -45.19 -15.66
CA VAL B 143 57.85 -45.15 -15.74
C VAL B 143 57.31 -46.27 -14.84
N MET B 144 56.72 -45.92 -13.70
CA MET B 144 56.38 -46.86 -12.60
C MET B 144 54.98 -47.47 -12.82
N CYS B 145 54.09 -46.78 -13.54
CA CYS B 145 52.64 -47.16 -13.62
C CYS B 145 52.00 -46.60 -14.90
N VAL B 146 51.25 -47.45 -15.61
CA VAL B 146 50.43 -47.11 -16.81
C VAL B 146 48.96 -47.42 -16.50
N ALA B 147 48.04 -46.54 -16.91
CA ALA B 147 46.57 -46.72 -16.79
C ALA B 147 45.86 -45.97 -17.92
N PHE B 148 45.02 -46.68 -18.67
CA PHE B 148 44.05 -46.12 -19.63
C PHE B 148 42.97 -45.35 -18.86
N ASN B 149 42.60 -44.16 -19.35
CA ASN B 149 41.38 -43.44 -18.89
C ASN B 149 40.18 -44.33 -19.20
N PRO B 150 39.46 -44.86 -18.18
CA PRO B 150 38.36 -45.79 -18.42
C PRO B 150 37.15 -45.11 -19.08
N LYS B 151 37.10 -43.77 -19.05
CA LYS B 151 36.06 -42.94 -19.72
C LYS B 151 36.52 -42.54 -21.13
N ASP B 152 37.77 -42.83 -21.50
CA ASP B 152 38.35 -42.52 -22.84
C ASP B 152 39.70 -43.24 -23.00
N PRO B 153 39.70 -44.56 -23.29
CA PRO B 153 40.94 -45.33 -23.35
C PRO B 153 41.81 -45.07 -24.60
N SER B 154 41.38 -44.15 -25.48
CA SER B 154 42.25 -43.53 -26.53
C SER B 154 43.32 -42.69 -25.86
N THR B 155 43.16 -42.37 -24.56
CA THR B 155 44.18 -41.68 -23.73
C THR B 155 44.58 -42.57 -22.55
N PHE B 156 45.81 -42.42 -22.07
CA PHE B 156 46.34 -43.08 -20.84
C PHE B 156 47.24 -42.10 -20.09
N ALA B 157 47.45 -42.37 -18.80
CA ALA B 157 48.37 -41.65 -17.89
C ALA B 157 49.56 -42.55 -17.56
N SER B 158 50.76 -41.97 -17.49
CA SER B 158 52.01 -42.66 -17.07
C SER B 158 52.56 -41.96 -15.81
N GLY B 159 52.71 -42.71 -14.72
CA GLY B 159 53.34 -42.24 -13.46
C GLY B 159 54.82 -42.57 -13.45
N CYS B 160 55.67 -41.60 -13.12
CA CYS B 160 57.15 -41.63 -13.31
C CYS B 160 57.89 -41.09 -12.08
N LEU B 161 59.14 -41.53 -11.88
CA LEU B 161 60.05 -41.08 -10.79
C LEU B 161 60.66 -39.71 -11.15
N ASP B 162 60.45 -39.23 -12.38
CA ASP B 162 60.84 -37.84 -12.79
C ASP B 162 59.90 -36.84 -12.09
N ARG B 163 58.97 -37.34 -11.26
CA ARG B 163 58.07 -36.54 -10.38
C ARG B 163 56.98 -35.88 -11.23
N THR B 164 56.63 -36.48 -12.36
CA THR B 164 55.51 -36.02 -13.22
C THR B 164 54.56 -37.19 -13.49
N VAL B 165 53.32 -36.85 -13.82
CA VAL B 165 52.37 -37.70 -14.60
C VAL B 165 52.32 -37.10 -16.01
N LYS B 166 52.37 -37.93 -17.05
CA LYS B 166 52.16 -37.51 -18.46
C LYS B 166 50.90 -38.20 -18.98
N VAL B 167 50.03 -37.45 -19.64
CA VAL B 167 48.78 -37.96 -20.28
C VAL B 167 48.98 -37.89 -21.80
N TRP B 168 48.73 -39.00 -22.48
CA TRP B 168 49.01 -39.20 -23.93
C TRP B 168 47.71 -39.55 -24.65
N SER B 169 47.68 -39.31 -25.96
CA SER B 169 46.70 -39.88 -26.93
C SER B 169 47.44 -40.89 -27.81
N LEU B 170 46.85 -42.07 -28.03
CA LEU B 170 47.42 -43.15 -28.89
C LEU B 170 47.52 -42.61 -30.32
N GLY B 171 48.74 -42.55 -30.87
CA GLY B 171 49.03 -42.03 -32.22
C GLY B 171 49.53 -40.60 -32.21
N GLN B 172 49.96 -40.10 -31.04
CA GLN B 172 50.55 -38.74 -30.87
C GLN B 172 51.86 -38.85 -30.07
N SER B 173 52.97 -38.36 -30.64
CA SER B 173 54.34 -38.44 -30.08
C SER B 173 54.45 -37.61 -28.80
N THR B 174 53.99 -36.35 -28.83
CA THR B 174 54.03 -35.40 -27.70
C THR B 174 52.91 -35.69 -26.72
N PRO B 175 53.14 -35.59 -25.39
CA PRO B 175 52.07 -35.75 -24.40
C PRO B 175 51.02 -34.62 -24.53
N ASN B 176 49.75 -34.95 -24.28
CA ASN B 176 48.63 -33.97 -24.20
C ASN B 176 49.00 -32.88 -23.18
N PHE B 177 49.54 -33.29 -22.03
CA PHE B 177 50.04 -32.38 -20.96
C PHE B 177 50.90 -33.16 -19.96
N THR B 178 51.65 -32.43 -19.13
CA THR B 178 52.51 -32.96 -18.04
C THR B 178 52.03 -32.33 -16.71
N LEU B 179 51.66 -33.16 -15.72
CA LEU B 179 51.37 -32.72 -14.33
C LEU B 179 52.67 -32.72 -13.54
N THR B 180 53.10 -31.55 -13.06
CA THR B 180 54.27 -31.36 -12.17
C THR B 180 53.80 -31.60 -10.72
N THR B 181 53.85 -32.86 -10.27
CA THR B 181 53.11 -33.38 -9.09
C THR B 181 53.60 -32.74 -7.79
N GLY B 182 54.87 -32.31 -7.74
CA GLY B 182 55.51 -31.79 -6.51
C GLY B 182 55.76 -32.89 -5.49
N GLN B 183 55.63 -34.16 -5.90
CA GLN B 183 55.95 -35.37 -5.11
C GLN B 183 57.40 -35.76 -5.42
N GLU B 184 58.34 -35.20 -4.67
CA GLU B 184 59.77 -35.05 -5.08
C GLU B 184 60.49 -36.41 -5.03
N ARG B 185 59.97 -37.41 -4.30
CA ARG B 185 60.55 -38.77 -4.23
C ARG B 185 59.99 -39.64 -5.38
N GLY B 186 59.16 -39.07 -6.26
CA GLY B 186 58.68 -39.69 -7.51
C GLY B 186 57.22 -40.09 -7.45
N VAL B 187 56.67 -40.54 -8.58
CA VAL B 187 55.27 -41.04 -8.72
C VAL B 187 55.30 -42.56 -8.95
N ASN B 188 54.83 -43.33 -7.97
CA ASN B 188 54.88 -44.82 -7.96
C ASN B 188 53.65 -45.41 -8.67
N TYR B 189 52.56 -44.65 -8.75
CA TYR B 189 51.24 -45.14 -9.23
C TYR B 189 50.40 -43.95 -9.71
N VAL B 190 49.55 -44.22 -10.70
CA VAL B 190 48.51 -43.27 -11.18
C VAL B 190 47.27 -44.08 -11.50
N ASP B 191 46.09 -43.56 -11.14
CA ASP B 191 44.76 -44.19 -11.40
C ASP B 191 43.82 -43.09 -11.89
N TYR B 192 42.66 -43.47 -12.44
CA TYR B 192 41.58 -42.55 -12.87
C TYR B 192 40.34 -42.79 -11.99
N TYR B 193 39.65 -41.71 -11.63
CA TYR B 193 38.29 -41.74 -11.04
C TYR B 193 37.33 -42.21 -12.14
N PRO B 194 36.60 -43.32 -11.95
CA PRO B 194 35.95 -44.01 -13.06
C PRO B 194 34.58 -43.47 -13.51
N LEU B 195 34.02 -42.46 -12.82
CA LEU B 195 32.65 -41.94 -13.06
C LEU B 195 32.69 -40.56 -13.73
N PRO B 196 31.67 -40.22 -14.55
CA PRO B 196 31.59 -38.93 -15.24
C PRO B 196 31.75 -37.65 -14.41
N ASP B 197 31.24 -37.65 -13.17
CA ASP B 197 30.99 -36.42 -12.36
C ASP B 197 32.28 -35.62 -12.16
N LYS B 198 33.42 -36.27 -11.91
CA LYS B 198 34.71 -35.58 -11.58
C LYS B 198 35.81 -36.07 -12.53
N PRO B 199 36.56 -35.15 -13.17
CA PRO B 199 37.66 -35.52 -14.06
C PRO B 199 38.95 -35.69 -13.25
N TYR B 200 38.97 -36.66 -12.34
CA TYR B 200 39.94 -36.76 -11.22
C TYR B 200 40.90 -37.93 -11.46
N MET B 201 42.18 -37.69 -11.17
CA MET B 201 43.27 -38.70 -11.14
C MET B 201 43.92 -38.65 -9.76
N ILE B 202 44.61 -39.72 -9.37
CA ILE B 202 45.23 -39.88 -8.02
C ILE B 202 46.61 -40.52 -8.17
N THR B 203 47.63 -39.91 -7.57
CA THR B 203 49.04 -40.40 -7.55
C THR B 203 49.41 -40.86 -6.13
N ALA B 204 50.37 -41.78 -6.04
CA ALA B 204 51.00 -42.28 -4.81
C ALA B 204 52.51 -42.08 -4.94
N SER B 205 53.21 -41.77 -3.84
CA SER B 205 54.64 -41.35 -3.88
C SER B 205 55.40 -41.88 -2.65
N ASP B 206 56.73 -42.01 -2.82
CA ASP B 206 57.69 -42.39 -1.75
C ASP B 206 57.79 -41.26 -0.72
N ASP B 207 57.28 -40.06 -1.02
CA ASP B 207 57.29 -38.89 -0.10
C ASP B 207 56.11 -38.97 0.88
N LEU B 208 55.40 -40.11 0.93
CA LEU B 208 54.34 -40.45 1.93
C LEU B 208 52.98 -39.85 1.54
N THR B 209 52.89 -39.07 0.46
CA THR B 209 51.66 -38.32 0.07
C THR B 209 50.86 -39.09 -0.99
N ILE B 210 49.54 -38.90 -0.95
CA ILE B 210 48.56 -39.26 -2.02
C ILE B 210 47.90 -37.94 -2.45
N LYS B 211 47.89 -37.63 -3.75
CA LYS B 211 47.40 -36.32 -4.29
C LYS B 211 46.33 -36.56 -5.35
N ILE B 212 45.16 -35.91 -5.18
CA ILE B 212 44.01 -35.92 -6.13
C ILE B 212 44.22 -34.81 -7.16
N TRP B 213 44.05 -35.11 -8.45
CA TRP B 213 44.32 -34.18 -9.58
C TRP B 213 43.07 -34.04 -10.44
N ASP B 214 42.69 -32.80 -10.77
CA ASP B 214 41.69 -32.47 -11.82
C ASP B 214 42.44 -32.31 -13.14
N TYR B 215 42.28 -33.27 -14.07
CA TYR B 215 43.07 -33.35 -15.33
C TYR B 215 42.59 -32.32 -16.35
N GLN B 216 41.45 -31.66 -16.13
CA GLN B 216 40.94 -30.54 -16.95
C GLN B 216 41.58 -29.23 -16.49
N THR B 217 41.75 -29.07 -15.17
CA THR B 217 42.18 -27.82 -14.49
C THR B 217 43.70 -27.84 -14.24
N LYS B 218 44.30 -29.03 -14.14
CA LYS B 218 45.76 -29.25 -13.96
C LYS B 218 46.20 -28.74 -12.58
N SER B 219 45.32 -28.83 -11.58
CA SER B 219 45.57 -28.39 -10.18
C SER B 219 45.40 -29.57 -9.22
N CYS B 220 46.00 -29.49 -8.03
CA CYS B 220 45.89 -30.49 -6.94
C CYS B 220 44.62 -30.20 -6.13
N VAL B 221 43.71 -31.17 -6.07
CA VAL B 221 42.38 -31.06 -5.40
C VAL B 221 42.57 -31.27 -3.89
N ALA B 222 43.32 -32.31 -3.51
CA ALA B 222 43.58 -32.68 -2.09
C ALA B 222 44.89 -33.46 -1.97
N THR B 223 45.58 -33.31 -0.84
CA THR B 223 46.77 -34.10 -0.44
C THR B 223 46.38 -34.97 0.76
N LEU B 224 46.48 -36.30 0.61
CA LEU B 224 46.09 -37.32 1.61
C LEU B 224 47.36 -37.83 2.31
N GLU B 225 47.50 -37.55 3.61
CA GLU B 225 48.69 -37.87 4.43
C GLU B 225 48.30 -38.84 5.54
N GLY B 226 48.33 -40.15 5.27
CA GLY B 226 47.86 -41.19 6.20
C GLY B 226 48.75 -42.42 6.23
N HIS B 227 50.01 -42.30 5.78
CA HIS B 227 51.01 -43.40 5.75
C HIS B 227 52.35 -42.90 6.34
N MET B 228 53.13 -43.80 6.93
CA MET B 228 54.42 -43.46 7.61
C MET B 228 55.61 -44.00 6.80
N SER B 229 55.38 -44.64 5.65
CA SER B 229 56.45 -45.00 4.68
C SER B 229 55.89 -45.04 3.26
N ASN B 230 56.77 -45.26 2.28
CA ASN B 230 56.47 -45.21 0.81
C ASN B 230 55.04 -45.68 0.55
N VAL B 231 54.26 -44.86 -0.19
CA VAL B 231 52.90 -45.22 -0.68
C VAL B 231 53.05 -45.87 -2.06
N SER B 232 52.72 -47.16 -2.15
CA SER B 232 52.93 -48.04 -3.34
C SER B 232 51.83 -47.78 -4.38
N PHE B 233 50.61 -47.50 -3.93
CA PHE B 233 49.41 -47.31 -4.80
C PHE B 233 48.33 -46.52 -4.06
N ALA B 234 47.46 -45.86 -4.83
CA ALA B 234 46.20 -45.22 -4.40
C ALA B 234 45.22 -45.27 -5.57
N VAL B 235 44.11 -46.00 -5.44
CA VAL B 235 43.13 -46.25 -6.54
C VAL B 235 41.73 -45.85 -6.07
N PHE B 236 40.89 -45.41 -7.01
CA PHE B 236 39.43 -45.19 -6.82
C PHE B 236 38.71 -46.52 -7.05
N HIS B 237 37.93 -46.97 -6.07
CA HIS B 237 37.08 -48.19 -6.15
C HIS B 237 36.01 -47.96 -7.22
N PRO B 238 35.67 -48.97 -8.06
CA PRO B 238 34.76 -48.77 -9.18
C PRO B 238 33.30 -48.41 -8.81
N THR B 239 32.73 -49.05 -7.78
CA THR B 239 31.28 -48.97 -7.44
C THR B 239 31.06 -48.59 -5.96
N LEU B 240 32.09 -48.11 -5.26
CA LEU B 240 31.97 -47.61 -3.87
C LEU B 240 32.68 -46.26 -3.74
N PRO B 241 32.15 -45.32 -2.93
CA PRO B 241 32.75 -43.99 -2.80
C PRO B 241 33.92 -44.01 -1.80
N ILE B 242 34.99 -44.73 -2.15
CA ILE B 242 36.22 -44.89 -1.31
C ILE B 242 37.46 -44.83 -2.20
N ILE B 243 38.58 -44.36 -1.62
CA ILE B 243 39.96 -44.58 -2.14
C ILE B 243 40.58 -45.70 -1.29
N ILE B 244 41.20 -46.69 -1.93
CA ILE B 244 42.03 -47.73 -1.26
C ILE B 244 43.50 -47.42 -1.59
N SER B 245 44.30 -47.11 -0.57
CA SER B 245 45.76 -46.92 -0.69
C SER B 245 46.46 -48.06 0.07
N GLY B 246 47.75 -48.25 -0.21
CA GLY B 246 48.62 -49.28 0.41
C GLY B 246 50.06 -48.83 0.45
N SER B 247 50.75 -49.15 1.54
CA SER B 247 52.09 -48.60 1.89
C SER B 247 53.01 -49.72 2.37
N GLU B 248 54.31 -49.45 2.33
CA GLU B 248 55.38 -50.33 2.90
C GLU B 248 55.28 -50.32 4.43
N ASP B 249 54.33 -49.58 5.01
CA ASP B 249 53.99 -49.61 6.46
C ASP B 249 53.06 -50.80 6.75
N GLY B 250 52.74 -51.60 5.72
CA GLY B 250 51.96 -52.84 5.81
C GLY B 250 50.49 -52.59 6.08
N THR B 251 49.99 -51.37 5.85
CA THR B 251 48.55 -51.03 5.95
C THR B 251 47.94 -50.83 4.56
N LEU B 252 46.69 -51.26 4.39
CA LEU B 252 45.73 -50.72 3.40
C LEU B 252 44.86 -49.70 4.14
N LYS B 253 44.77 -48.46 3.61
CA LYS B 253 43.89 -47.41 4.17
C LYS B 253 42.71 -47.20 3.21
N ILE B 254 41.50 -47.11 3.75
CA ILE B 254 40.24 -46.85 3.00
C ILE B 254 39.78 -45.43 3.35
N TRP B 255 39.84 -44.51 2.40
CA TRP B 255 39.46 -43.08 2.55
C TRP B 255 38.07 -42.89 1.91
N ASN B 256 37.39 -41.78 2.21
CA ASN B 256 36.10 -41.39 1.58
C ASN B 256 36.42 -40.57 0.32
N SER B 257 35.86 -40.98 -0.83
CA SER B 257 36.24 -40.50 -2.18
C SER B 257 35.88 -39.01 -2.39
N SER B 258 34.92 -38.48 -1.63
CA SER B 258 34.41 -37.09 -1.78
C SER B 258 34.88 -36.18 -0.62
N THR B 259 34.94 -36.69 0.61
CA THR B 259 35.28 -35.91 1.83
C THR B 259 36.77 -36.08 2.18
N TYR B 260 37.37 -37.22 1.85
CA TYR B 260 38.80 -37.57 2.09
C TYR B 260 39.03 -37.83 3.59
N LYS B 261 37.99 -38.33 4.26
CA LYS B 261 38.02 -38.80 5.68
C LYS B 261 38.49 -40.26 5.68
N VAL B 262 39.47 -40.59 6.53
CA VAL B 262 39.94 -42.00 6.73
C VAL B 262 38.78 -42.78 7.36
N GLU B 263 38.35 -43.87 6.71
CA GLU B 263 37.16 -44.67 7.13
C GLU B 263 37.61 -45.95 7.85
N LYS B 264 38.76 -46.52 7.46
CA LYS B 264 39.32 -47.75 8.09
C LYS B 264 40.81 -47.87 7.76
N THR B 265 41.60 -48.35 8.74
CA THR B 265 43.04 -48.68 8.61
C THR B 265 43.22 -50.18 8.83
N LEU B 266 43.56 -50.92 7.77
CA LEU B 266 43.71 -52.40 7.78
C LEU B 266 45.19 -52.77 7.97
N ASN B 267 45.52 -53.37 9.12
CA ASN B 267 46.86 -53.92 9.44
C ASN B 267 46.85 -55.41 9.07
N VAL B 268 47.21 -55.74 7.82
CA VAL B 268 46.87 -57.04 7.17
C VAL B 268 47.85 -58.12 7.67
N GLY B 269 49.04 -57.71 8.14
CA GLY B 269 49.99 -58.58 8.84
C GLY B 269 50.87 -59.41 7.91
N LEU B 270 51.06 -58.95 6.67
CA LEU B 270 51.95 -59.59 5.65
C LEU B 270 53.06 -58.63 5.25
N GLU B 271 53.35 -57.63 6.09
CA GLU B 271 54.42 -56.61 5.92
C GLU B 271 54.11 -55.77 4.67
N ARG B 272 55.12 -55.29 3.94
CA ARG B 272 54.99 -54.15 2.98
C ARG B 272 53.91 -54.46 1.94
N SER B 273 53.05 -53.49 1.66
CA SER B 273 52.02 -53.53 0.57
C SER B 273 52.64 -52.99 -0.72
N TRP B 274 52.51 -53.72 -1.83
CA TRP B 274 53.14 -53.41 -3.14
C TRP B 274 52.10 -53.05 -4.19
N CYS B 275 51.07 -53.87 -4.36
CA CYS B 275 50.12 -53.79 -5.51
C CYS B 275 48.67 -53.93 -5.03
N ILE B 276 47.72 -53.59 -5.91
CA ILE B 276 46.26 -53.58 -5.63
C ILE B 276 45.52 -54.05 -6.89
N ALA B 277 44.34 -54.63 -6.70
CA ALA B 277 43.34 -54.95 -7.74
C ALA B 277 41.94 -54.78 -7.15
N THR B 278 41.00 -54.30 -7.97
CA THR B 278 39.55 -54.21 -7.65
C THR B 278 38.79 -55.03 -8.72
N HIS B 279 37.94 -55.96 -8.29
CA HIS B 279 37.12 -56.82 -9.19
C HIS B 279 36.38 -55.91 -10.18
N PRO B 280 36.54 -56.11 -11.50
CA PRO B 280 36.17 -55.07 -12.48
C PRO B 280 34.66 -54.88 -12.70
N THR B 281 33.81 -55.76 -12.15
CA THR B 281 32.33 -55.57 -12.06
C THR B 281 31.94 -55.14 -10.65
N GLY B 282 32.88 -55.20 -9.70
CA GLY B 282 32.64 -54.92 -8.27
C GLY B 282 31.82 -56.01 -7.60
N ARG B 283 31.86 -57.24 -8.14
CA ARG B 283 31.23 -58.44 -7.54
C ARG B 283 31.70 -58.56 -6.09
N LYS B 284 30.75 -58.54 -5.14
CA LYS B 284 31.01 -58.54 -3.67
C LYS B 284 32.04 -57.46 -3.31
N ASN B 285 32.10 -56.39 -4.11
CA ASN B 285 33.06 -55.25 -3.99
C ASN B 285 34.47 -55.78 -3.67
N TYR B 286 34.85 -56.94 -4.26
CA TYR B 286 36.12 -57.65 -4.00
C TYR B 286 37.31 -56.72 -4.31
N ILE B 287 38.24 -56.59 -3.36
CA ILE B 287 39.61 -56.03 -3.60
C ILE B 287 40.64 -57.08 -3.17
N ALA B 288 41.88 -56.91 -3.62
CA ALA B 288 43.03 -57.77 -3.27
C ALA B 288 44.32 -56.94 -3.38
N SER B 289 45.22 -57.07 -2.40
CA SER B 289 46.54 -56.42 -2.39
C SER B 289 47.64 -57.47 -2.22
N GLY B 290 48.77 -57.27 -2.91
CA GLY B 290 49.97 -58.13 -2.83
C GLY B 290 50.96 -57.58 -1.82
N PHE B 291 51.60 -58.48 -1.06
CA PHE B 291 52.51 -58.13 0.06
C PHE B 291 53.78 -58.97 0.00
N ASP B 292 54.81 -58.50 0.71
CA ASP B 292 56.07 -59.23 1.00
C ASP B 292 55.77 -60.72 1.22
N ASN B 293 54.78 -61.04 2.07
CA ASN B 293 54.53 -62.40 2.60
C ASN B 293 53.26 -63.01 1.99
N GLY B 294 52.75 -62.44 0.89
CA GLY B 294 51.66 -63.05 0.10
C GLY B 294 50.61 -62.04 -0.33
N PHE B 295 49.36 -62.48 -0.42
CA PHE B 295 48.19 -61.66 -0.85
C PHE B 295 46.97 -62.00 0.03
N THR B 296 46.04 -61.05 0.12
CA THR B 296 44.71 -61.23 0.79
C THR B 296 43.61 -60.65 -0.12
N VAL B 297 42.52 -61.40 -0.28
CA VAL B 297 41.28 -60.96 -0.98
C VAL B 297 40.25 -60.59 0.10
N LEU B 298 39.81 -59.33 0.10
CA LEU B 298 38.78 -58.79 1.04
C LEU B 298 37.50 -58.49 0.25
N SER B 299 36.33 -58.72 0.87
CA SER B 299 35.00 -58.36 0.33
CA SER B 299 34.99 -58.36 0.34
C SER B 299 34.40 -57.24 1.18
N LEU B 300 33.93 -56.16 0.52
CA LEU B 300 33.34 -54.96 1.17
C LEU B 300 31.81 -55.00 1.01
N GLY B 301 31.08 -54.69 2.08
CA GLY B 301 29.60 -54.67 2.09
C GLY B 301 29.05 -53.39 1.47
N ASN B 302 27.93 -53.49 0.74
CA ASN B 302 27.22 -52.34 0.12
C ASN B 302 26.61 -51.48 1.22
N MET C 1 -53.41 -28.25 -41.28
CA MET C 1 -52.71 -29.33 -42.04
C MET C 1 -52.55 -30.56 -41.14
N LYS C 2 -53.26 -31.65 -41.44
CA LYS C 2 -53.13 -32.98 -40.77
C LYS C 2 -52.16 -33.84 -41.59
N LEU C 3 -50.88 -33.86 -41.21
CA LEU C 3 -49.84 -34.73 -41.80
C LEU C 3 -49.78 -36.03 -41.00
N ASP C 4 -50.40 -37.09 -41.53
CA ASP C 4 -50.43 -38.46 -40.94
C ASP C 4 -49.14 -39.19 -41.35
N ILE C 5 -48.01 -38.79 -40.76
CA ILE C 5 -46.64 -39.27 -41.13
C ILE C 5 -46.47 -40.71 -40.61
N LYS C 6 -46.38 -41.68 -41.52
CA LYS C 6 -45.97 -43.08 -41.24
C LYS C 6 -44.62 -43.36 -41.89
N LYS C 7 -43.74 -44.08 -41.18
CA LYS C 7 -42.44 -44.58 -41.70
C LYS C 7 -42.67 -45.97 -42.32
N THR C 8 -42.87 -46.03 -43.64
CA THR C 8 -43.17 -47.28 -44.40
C THR C 8 -41.98 -48.25 -44.32
N PHE C 9 -40.78 -47.73 -44.55
CA PHE C 9 -39.52 -48.52 -44.61
C PHE C 9 -38.31 -47.62 -44.34
N SER C 10 -37.36 -48.14 -43.56
CA SER C 10 -35.99 -47.56 -43.36
C SER C 10 -34.95 -48.66 -43.64
N ASN C 11 -33.85 -48.29 -44.27
CA ASN C 11 -32.72 -49.20 -44.62
C ASN C 11 -31.41 -48.51 -44.28
N ARG C 12 -30.54 -49.18 -43.52
CA ARG C 12 -29.16 -48.73 -43.22
C ARG C 12 -28.26 -49.15 -44.39
N SER C 13 -27.45 -48.22 -44.91
CA SER C 13 -26.54 -48.45 -46.06
C SER C 13 -25.41 -47.42 -46.07
N ASP C 14 -24.54 -47.51 -47.09
CA ASP C 14 -23.59 -46.43 -47.49
C ASP C 14 -24.37 -45.16 -47.77
N ARG C 15 -23.69 -44.01 -47.77
CA ARG C 15 -24.26 -42.67 -48.04
C ARG C 15 -25.09 -42.72 -49.31
N VAL C 16 -26.38 -42.38 -49.22
CA VAL C 16 -27.32 -42.27 -50.37
C VAL C 16 -27.24 -40.85 -50.93
N LYS C 17 -26.84 -40.70 -52.20
CA LYS C 17 -26.64 -39.39 -52.88
C LYS C 17 -27.72 -39.16 -53.95
N GLY C 18 -28.27 -40.22 -54.52
CA GLY C 18 -29.39 -40.17 -55.49
C GLY C 18 -30.51 -41.11 -55.06
N ILE C 19 -31.75 -40.75 -55.38
CA ILE C 19 -32.97 -41.52 -54.95
C ILE C 19 -34.14 -41.16 -55.87
N ASP C 20 -35.02 -42.12 -56.15
CA ASP C 20 -36.15 -41.99 -57.11
C ASP C 20 -37.15 -43.13 -56.89
N PHE C 21 -38.44 -42.85 -57.10
CA PHE C 21 -39.56 -43.82 -57.01
C PHE C 21 -39.87 -44.38 -58.41
N HIS C 22 -40.16 -45.68 -58.51
CA HIS C 22 -40.78 -46.31 -59.70
C HIS C 22 -42.26 -45.94 -59.71
N PRO C 23 -42.82 -45.49 -60.86
CA PRO C 23 -44.18 -44.94 -60.89
C PRO C 23 -45.32 -45.94 -60.71
N THR C 24 -45.07 -47.24 -60.91
CA THR C 24 -46.10 -48.33 -60.85
C THR C 24 -45.74 -49.38 -59.80
N GLU C 25 -44.47 -49.81 -59.75
CA GLU C 25 -43.96 -50.81 -58.76
C GLU C 25 -43.70 -50.09 -57.44
N PRO C 26 -43.88 -50.76 -56.28
CA PRO C 26 -43.56 -50.17 -54.98
C PRO C 26 -42.05 -50.23 -54.72
N TRP C 27 -41.27 -49.70 -55.66
CA TRP C 27 -39.78 -49.75 -55.69
C TRP C 27 -39.22 -48.36 -55.39
N VAL C 28 -38.03 -48.31 -54.79
CA VAL C 28 -37.20 -47.07 -54.68
C VAL C 28 -35.77 -47.41 -55.15
N LEU C 29 -35.22 -46.58 -56.03
CA LEU C 29 -33.81 -46.66 -56.50
C LEU C 29 -32.96 -45.80 -55.54
N THR C 30 -31.84 -46.35 -55.05
CA THR C 30 -30.85 -45.59 -54.24
C THR C 30 -29.50 -45.63 -54.97
N THR C 31 -28.77 -44.52 -54.87
CA THR C 31 -27.55 -44.21 -55.64
C THR C 31 -26.47 -43.81 -54.60
N LEU C 32 -25.54 -44.72 -54.32
CA LEU C 32 -24.69 -44.70 -53.10
C LEU C 32 -23.29 -44.15 -53.39
N TYR C 33 -22.62 -43.62 -52.35
CA TYR C 33 -21.27 -42.98 -52.41
C TYR C 33 -20.19 -44.03 -52.70
N SER C 34 -20.47 -45.28 -52.36
CA SER C 34 -19.55 -46.45 -52.50
C SER C 34 -19.39 -46.84 -53.99
N GLY C 35 -20.26 -46.35 -54.87
CA GLY C 35 -20.29 -46.72 -56.30
C GLY C 35 -21.29 -47.84 -56.55
N ARG C 36 -22.10 -48.16 -55.54
CA ARG C 36 -23.16 -49.21 -55.59
C ARG C 36 -24.50 -48.51 -55.87
N VAL C 37 -25.46 -49.24 -56.45
CA VAL C 37 -26.88 -48.82 -56.59
C VAL C 37 -27.76 -49.98 -56.13
N GLU C 38 -28.89 -49.69 -55.49
CA GLU C 38 -29.80 -50.69 -54.89
C GLU C 38 -31.25 -50.35 -55.27
N LEU C 39 -32.02 -51.36 -55.68
CA LEU C 39 -33.48 -51.27 -55.90
C LEU C 39 -34.18 -51.99 -54.75
N TRP C 40 -35.03 -51.29 -53.99
CA TRP C 40 -35.70 -51.84 -52.78
C TRP C 40 -37.22 -51.80 -52.96
N ASN C 41 -37.89 -52.91 -52.62
CA ASN C 41 -39.36 -52.99 -52.41
C ASN C 41 -39.65 -52.51 -50.99
N TYR C 42 -40.17 -51.29 -50.84
CA TYR C 42 -40.36 -50.60 -49.54
C TYR C 42 -41.63 -51.10 -48.85
N GLU C 43 -42.55 -51.74 -49.58
CA GLU C 43 -43.77 -52.39 -49.03
C GLU C 43 -43.37 -53.74 -48.40
N THR C 44 -42.61 -54.56 -49.15
CA THR C 44 -42.18 -55.93 -48.75
C THR C 44 -40.93 -55.85 -47.85
N GLN C 45 -40.15 -54.77 -47.98
CA GLN C 45 -38.87 -54.52 -47.24
C GLN C 45 -37.77 -55.46 -47.75
N VAL C 46 -37.93 -56.01 -48.96
CA VAL C 46 -37.02 -57.02 -49.56
C VAL C 46 -36.32 -56.39 -50.78
N GLU C 47 -35.01 -56.63 -50.93
CA GLU C 47 -34.17 -56.04 -52.01
C GLU C 47 -34.56 -56.68 -53.35
N VAL C 48 -34.75 -55.85 -54.38
CA VAL C 48 -35.10 -56.27 -55.77
C VAL C 48 -33.80 -56.66 -56.48
N ARG C 49 -32.81 -55.77 -56.46
CA ARG C 49 -31.53 -55.91 -57.19
C ARG C 49 -30.51 -54.90 -56.66
N SER C 50 -29.23 -55.29 -56.58
CA SER C 50 -28.07 -54.42 -56.27
C SER C 50 -26.99 -54.60 -57.33
N ILE C 51 -26.29 -53.51 -57.69
CA ILE C 51 -25.26 -53.49 -58.76
C ILE C 51 -24.07 -52.63 -58.29
N GLN C 52 -22.88 -53.22 -58.20
CA GLN C 52 -21.59 -52.47 -58.06
C GLN C 52 -21.24 -51.91 -59.44
N VAL C 53 -21.52 -50.63 -59.66
CA VAL C 53 -21.49 -49.94 -60.98
C VAL C 53 -20.07 -49.44 -61.26
N THR C 54 -19.36 -49.01 -60.21
CA THR C 54 -17.99 -48.45 -60.27
C THR C 54 -17.40 -48.52 -58.85
N GLU C 55 -16.32 -47.79 -58.57
CA GLU C 55 -15.76 -47.62 -57.20
C GLU C 55 -15.93 -46.17 -56.73
N THR C 56 -16.13 -45.24 -57.66
CA THR C 56 -16.39 -43.80 -57.37
C THR C 56 -17.81 -43.64 -56.85
N PRO C 57 -18.19 -42.47 -56.29
CA PRO C 57 -19.59 -42.16 -56.03
C PRO C 57 -20.49 -42.23 -57.27
N VAL C 58 -21.74 -42.64 -57.06
CA VAL C 58 -22.88 -42.45 -58.01
C VAL C 58 -23.82 -41.43 -57.37
N ARG C 59 -23.80 -40.19 -57.85
CA ARG C 59 -24.55 -39.04 -57.26
C ARG C 59 -25.96 -38.98 -57.84
N ALA C 60 -26.13 -39.35 -59.12
CA ALA C 60 -27.39 -39.20 -59.89
C ALA C 60 -27.96 -40.57 -60.25
N GLY C 61 -29.29 -40.69 -60.26
CA GLY C 61 -30.02 -41.95 -60.52
C GLY C 61 -31.51 -41.72 -60.72
N LYS C 62 -32.03 -42.04 -61.91
CA LYS C 62 -33.48 -41.97 -62.23
C LYS C 62 -33.94 -43.33 -62.77
N PHE C 63 -35.22 -43.63 -62.57
CA PHE C 63 -35.96 -44.69 -63.31
C PHE C 63 -36.29 -44.15 -64.71
N ILE C 64 -36.24 -45.03 -65.70
CA ILE C 64 -36.93 -44.86 -67.02
C ILE C 64 -37.84 -46.08 -67.16
N ALA C 65 -38.97 -46.05 -66.46
CA ALA C 65 -39.93 -47.17 -66.30
C ALA C 65 -40.53 -47.56 -67.67
N ARG C 66 -40.64 -46.60 -68.59
CA ARG C 66 -41.22 -46.80 -69.95
C ARG C 66 -40.27 -47.66 -70.81
N LYS C 67 -39.01 -47.82 -70.39
CA LYS C 67 -37.99 -48.69 -71.05
C LYS C 67 -37.51 -49.79 -70.09
N ASN C 68 -38.12 -49.90 -68.91
CA ASN C 68 -37.74 -50.82 -67.81
C ASN C 68 -36.26 -50.64 -67.46
N TRP C 69 -35.75 -49.41 -67.53
CA TRP C 69 -34.33 -49.06 -67.24
C TRP C 69 -34.22 -48.32 -65.90
N ILE C 70 -33.01 -48.31 -65.35
CA ILE C 70 -32.48 -47.24 -64.44
C ILE C 70 -31.31 -46.57 -65.17
N ILE C 71 -31.14 -45.26 -64.97
CA ILE C 71 -30.01 -44.46 -65.53
C ILE C 71 -29.30 -43.77 -64.35
N VAL C 72 -27.96 -43.84 -64.31
CA VAL C 72 -27.14 -43.35 -63.16
C VAL C 72 -25.90 -42.62 -63.69
N GLY C 73 -25.46 -41.58 -62.97
CA GLY C 73 -24.28 -40.75 -63.26
C GLY C 73 -23.28 -40.81 -62.12
N SER C 74 -21.99 -40.97 -62.43
CA SER C 74 -20.91 -41.25 -61.46
C SER C 74 -19.74 -40.26 -61.60
N ASP C 75 -18.82 -40.25 -60.61
CA ASP C 75 -17.66 -39.33 -60.56
C ASP C 75 -16.58 -39.79 -61.55
N ASP C 76 -16.68 -41.02 -62.06
CA ASP C 76 -15.76 -41.61 -63.09
C ASP C 76 -16.11 -41.05 -64.48
N PHE C 77 -17.02 -40.08 -64.56
CA PHE C 77 -17.35 -39.26 -65.77
C PHE C 77 -18.48 -39.89 -66.58
N ARG C 78 -18.96 -41.08 -66.19
CA ARG C 78 -19.79 -41.95 -67.06
C ARG C 78 -21.26 -41.89 -66.66
N ILE C 79 -22.15 -42.05 -67.64
CA ILE C 79 -23.58 -42.39 -67.45
C ILE C 79 -23.77 -43.86 -67.87
N ARG C 80 -24.51 -44.62 -67.07
CA ARG C 80 -24.75 -46.07 -67.26
C ARG C 80 -26.24 -46.38 -67.13
N VAL C 81 -26.74 -47.26 -67.99
CA VAL C 81 -28.17 -47.68 -68.04
C VAL C 81 -28.20 -49.21 -67.85
N PHE C 82 -29.12 -49.68 -66.99
CA PHE C 82 -29.35 -51.11 -66.70
C PHE C 82 -30.84 -51.43 -66.79
N ASN C 83 -31.19 -52.50 -67.51
CA ASN C 83 -32.56 -53.10 -67.50
C ASN C 83 -32.75 -53.73 -66.12
N TYR C 84 -33.72 -53.24 -65.34
CA TYR C 84 -33.90 -53.60 -63.90
C TYR C 84 -34.54 -54.98 -63.76
N ASN C 85 -35.12 -55.53 -64.83
CA ASN C 85 -35.77 -56.87 -64.84
C ASN C 85 -34.71 -57.98 -65.00
N THR C 86 -33.66 -57.71 -65.78
CA THR C 86 -32.62 -58.71 -66.16
C THR C 86 -31.29 -58.40 -65.46
N GLY C 87 -30.95 -57.11 -65.30
CA GLY C 87 -29.67 -56.64 -64.73
C GLY C 87 -28.65 -56.32 -65.81
N GLU C 88 -28.96 -56.65 -67.07
CA GLU C 88 -28.11 -56.41 -68.26
C GLU C 88 -27.88 -54.90 -68.44
N LYS C 89 -26.64 -54.49 -68.66
CA LYS C 89 -26.24 -53.08 -68.93
C LYS C 89 -26.59 -52.75 -70.39
N VAL C 90 -27.35 -51.66 -70.61
CA VAL C 90 -27.84 -51.20 -71.94
C VAL C 90 -26.74 -50.37 -72.61
N VAL C 91 -26.30 -49.28 -71.96
CA VAL C 91 -25.24 -48.35 -72.47
C VAL C 91 -24.28 -48.02 -71.32
N ASP C 92 -23.07 -47.57 -71.68
CA ASP C 92 -22.00 -47.16 -70.73
C ASP C 92 -21.04 -46.23 -71.49
N PHE C 93 -21.14 -44.91 -71.25
CA PHE C 93 -20.42 -43.87 -72.03
C PHE C 93 -19.97 -42.71 -71.13
N GLU C 94 -18.80 -42.15 -71.44
CA GLU C 94 -18.25 -40.92 -70.82
C GLU C 94 -19.08 -39.72 -71.30
N ALA C 95 -19.86 -39.12 -70.38
CA ALA C 95 -20.80 -38.01 -70.67
C ALA C 95 -20.11 -36.65 -70.47
N HIS C 96 -19.20 -36.53 -69.49
CA HIS C 96 -18.44 -35.29 -69.16
C HIS C 96 -17.01 -35.65 -68.78
N PRO C 97 -16.06 -34.70 -68.81
CA PRO C 97 -14.71 -34.94 -68.28
C PRO C 97 -14.57 -34.68 -66.77
N ASP C 98 -15.69 -34.67 -66.03
CA ASP C 98 -15.75 -34.33 -64.58
C ASP C 98 -16.98 -35.01 -63.96
N TYR C 99 -17.18 -34.84 -62.64
CA TYR C 99 -18.29 -35.42 -61.85
C TYR C 99 -19.65 -35.12 -62.50
N ILE C 100 -20.56 -36.09 -62.46
CA ILE C 100 -21.99 -35.95 -62.89
C ILE C 100 -22.87 -35.79 -61.66
N ARG C 101 -23.39 -34.57 -61.43
CA ARG C 101 -24.10 -34.17 -60.18
C ARG C 101 -25.56 -34.61 -60.23
N SER C 102 -26.26 -34.32 -61.34
CA SER C 102 -27.72 -34.54 -61.49
C SER C 102 -28.04 -35.09 -62.88
N ILE C 103 -29.02 -36.00 -62.97
CA ILE C 103 -29.67 -36.47 -64.22
C ILE C 103 -31.17 -36.15 -64.13
N ALA C 104 -31.77 -35.68 -65.22
CA ALA C 104 -33.23 -35.47 -65.36
C ALA C 104 -33.72 -36.14 -66.64
N VAL C 105 -34.87 -36.81 -66.57
CA VAL C 105 -35.51 -37.58 -67.68
C VAL C 105 -36.73 -36.79 -68.18
N HIS C 106 -36.80 -36.52 -69.49
CA HIS C 106 -37.95 -35.85 -70.16
C HIS C 106 -39.17 -36.75 -70.03
N PRO C 107 -40.38 -36.20 -69.77
CA PRO C 107 -41.57 -37.02 -69.51
C PRO C 107 -42.07 -37.86 -70.69
N THR C 108 -42.02 -37.32 -71.91
CA THR C 108 -42.69 -37.88 -73.13
C THR C 108 -41.71 -38.11 -74.29
N LYS C 109 -40.52 -37.49 -74.28
CA LYS C 109 -39.51 -37.62 -75.36
C LYS C 109 -38.33 -38.43 -74.84
N PRO C 110 -37.55 -39.10 -75.73
CA PRO C 110 -36.45 -39.96 -75.31
C PRO C 110 -35.19 -39.14 -75.00
N TYR C 111 -35.32 -38.14 -74.13
CA TYR C 111 -34.27 -37.14 -73.79
C TYR C 111 -33.85 -37.34 -72.34
N VAL C 112 -32.53 -37.34 -72.09
CA VAL C 112 -31.92 -37.29 -70.73
C VAL C 112 -30.98 -36.08 -70.69
N LEU C 113 -31.06 -35.27 -69.62
CA LEU C 113 -30.08 -34.21 -69.32
C LEU C 113 -29.14 -34.70 -68.21
N SER C 114 -27.87 -34.32 -68.30
CA SER C 114 -26.87 -34.50 -67.22
C SER C 114 -26.24 -33.15 -66.89
N GLY C 115 -26.23 -32.79 -65.61
CA GLY C 115 -25.52 -31.61 -65.05
C GLY C 115 -24.22 -32.06 -64.41
N SER C 116 -23.16 -31.29 -64.57
CA SER C 116 -21.76 -31.72 -64.27
C SER C 116 -20.92 -30.57 -63.71
N ASP C 117 -19.77 -30.94 -63.14
CA ASP C 117 -18.70 -30.03 -62.66
C ASP C 117 -17.97 -29.40 -63.86
N ASP C 118 -18.11 -29.99 -65.06
CA ASP C 118 -17.45 -29.50 -66.30
C ASP C 118 -18.09 -28.18 -66.77
N LEU C 119 -19.02 -27.62 -65.97
CA LEU C 119 -19.62 -26.27 -66.13
C LEU C 119 -20.77 -26.31 -67.15
N THR C 120 -21.13 -27.50 -67.65
CA THR C 120 -22.09 -27.67 -68.77
C THR C 120 -23.29 -28.52 -68.34
N VAL C 121 -24.42 -28.35 -69.01
CA VAL C 121 -25.53 -29.34 -69.11
C VAL C 121 -25.50 -29.92 -70.54
N LYS C 122 -25.76 -31.21 -70.69
CA LYS C 122 -25.72 -31.93 -71.99
C LYS C 122 -27.00 -32.76 -72.17
N LEU C 123 -27.49 -32.82 -73.41
CA LEU C 123 -28.72 -33.56 -73.81
C LEU C 123 -28.32 -34.84 -74.54
N TRP C 124 -28.96 -35.96 -74.20
CA TRP C 124 -28.73 -37.31 -74.78
C TRP C 124 -30.05 -37.87 -75.32
N ASN C 125 -30.03 -38.34 -76.57
CA ASN C 125 -31.21 -38.90 -77.28
C ASN C 125 -31.02 -40.42 -77.43
N TRP C 126 -31.76 -41.22 -76.65
CA TRP C 126 -31.57 -42.70 -76.55
C TRP C 126 -32.17 -43.40 -77.79
N GLU C 127 -33.00 -42.70 -78.58
CA GLU C 127 -33.53 -43.19 -79.89
C GLU C 127 -32.58 -42.79 -81.02
N ASN C 128 -31.54 -42.00 -80.73
CA ASN C 128 -30.40 -41.69 -81.64
C ASN C 128 -29.13 -42.31 -81.04
N ASN C 129 -29.25 -43.53 -80.49
CA ASN C 129 -28.17 -44.31 -79.84
C ASN C 129 -27.38 -43.40 -78.88
N TRP C 130 -28.08 -42.67 -78.01
CA TRP C 130 -27.52 -41.86 -76.89
C TRP C 130 -26.55 -40.78 -77.41
N ALA C 131 -26.85 -40.20 -78.58
CA ALA C 131 -26.04 -39.14 -79.22
C ALA C 131 -26.06 -37.86 -78.36
N LEU C 132 -24.91 -37.18 -78.23
CA LEU C 132 -24.83 -35.83 -77.62
C LEU C 132 -25.48 -34.82 -78.57
N GLU C 133 -26.75 -34.49 -78.33
CA GLU C 133 -27.57 -33.60 -79.20
C GLU C 133 -27.12 -32.14 -79.02
N GLN C 134 -26.87 -31.72 -77.78
CA GLN C 134 -26.62 -30.30 -77.42
C GLN C 134 -25.78 -30.20 -76.14
N THR C 135 -24.92 -29.18 -76.07
CA THR C 135 -24.12 -28.80 -74.89
C THR C 135 -24.48 -27.36 -74.52
N PHE C 136 -25.16 -27.16 -73.38
CA PHE C 136 -25.57 -25.84 -72.84
C PHE C 136 -24.41 -25.26 -72.03
N GLU C 137 -23.83 -24.15 -72.51
CA GLU C 137 -22.64 -23.49 -71.91
C GLU C 137 -23.00 -22.06 -71.49
N GLY C 138 -22.35 -21.55 -70.45
CA GLY C 138 -22.62 -20.22 -69.85
C GLY C 138 -22.34 -20.20 -68.36
N HIS C 139 -22.62 -21.30 -67.65
CA HIS C 139 -22.37 -21.46 -66.19
C HIS C 139 -20.88 -21.34 -65.90
N GLU C 140 -20.53 -20.81 -64.73
CA GLU C 140 -19.13 -20.44 -64.35
C GLU C 140 -18.64 -21.32 -63.20
N HIS C 141 -19.42 -22.31 -62.77
CA HIS C 141 -19.04 -23.31 -61.74
C HIS C 141 -19.87 -24.59 -61.93
N PHE C 142 -19.79 -25.53 -60.99
CA PHE C 142 -20.45 -26.86 -61.05
C PHE C 142 -21.96 -26.67 -61.16
N VAL C 143 -22.57 -27.33 -62.14
CA VAL C 143 -24.05 -27.47 -62.24
C VAL C 143 -24.47 -28.61 -61.31
N MET C 144 -25.11 -28.27 -60.18
CA MET C 144 -25.44 -29.20 -59.07
C MET C 144 -26.77 -29.89 -59.33
N CYS C 145 -27.66 -29.27 -60.13
CA CYS C 145 -29.05 -29.75 -60.31
C CYS C 145 -29.60 -29.34 -61.68
N VAL C 146 -30.30 -30.27 -62.33
CA VAL C 146 -31.00 -30.03 -63.63
CA VAL C 146 -30.99 -30.07 -63.64
C VAL C 146 -32.43 -30.58 -63.49
N ALA C 147 -33.42 -29.81 -63.96
CA ALA C 147 -34.86 -30.12 -63.85
C ALA C 147 -35.62 -29.50 -65.03
N PHE C 148 -36.34 -30.33 -65.80
CA PHE C 148 -37.33 -29.92 -66.83
C PHE C 148 -38.51 -29.24 -66.14
N ASN C 149 -38.99 -28.12 -66.69
CA ASN C 149 -40.29 -27.52 -66.31
C ASN C 149 -41.38 -28.53 -66.66
N PRO C 150 -42.12 -29.08 -65.67
CA PRO C 150 -43.15 -30.08 -65.94
C PRO C 150 -44.30 -29.54 -66.80
N LYS C 151 -44.44 -28.21 -66.87
CA LYS C 151 -45.48 -27.50 -67.67
C LYS C 151 -44.99 -27.31 -69.11
N ASP C 152 -43.69 -27.16 -69.32
CA ASP C 152 -43.04 -27.12 -70.66
C ASP C 152 -41.62 -27.68 -70.57
N PRO C 153 -41.45 -29.02 -70.71
CA PRO C 153 -40.11 -29.63 -70.67
C PRO C 153 -39.29 -29.42 -71.96
N SER C 154 -39.73 -28.51 -72.84
CA SER C 154 -38.87 -27.87 -73.88
C SER C 154 -37.97 -26.82 -73.21
N THR C 155 -38.22 -26.51 -71.93
CA THR C 155 -37.34 -25.67 -71.07
C THR C 155 -36.94 -26.45 -69.82
N PHE C 156 -35.76 -26.14 -69.28
CA PHE C 156 -35.24 -26.70 -68.00
C PHE C 156 -34.45 -25.63 -67.27
N ALA C 157 -34.41 -25.74 -65.95
CA ALA C 157 -33.60 -24.92 -65.02
C ALA C 157 -32.37 -25.72 -64.58
N SER C 158 -31.21 -25.08 -64.54
CA SER C 158 -29.94 -25.64 -64.00
C SER C 158 -29.52 -24.83 -62.78
N GLY C 159 -29.35 -25.50 -61.64
CA GLY C 159 -28.86 -24.91 -60.37
C GLY C 159 -27.36 -25.11 -60.23
N CYS C 160 -26.62 -24.03 -59.97
CA CYS C 160 -25.14 -23.94 -60.12
C CYS C 160 -24.51 -23.26 -58.89
N LEU C 161 -23.24 -23.58 -58.60
CA LEU C 161 -22.45 -22.98 -57.50
C LEU C 161 -21.88 -21.62 -57.94
N ASP C 162 -22.10 -21.23 -59.20
CA ASP C 162 -21.86 -19.85 -59.70
C ASP C 162 -22.95 -18.92 -59.12
N ARG C 163 -23.85 -19.46 -58.30
CA ARG C 163 -24.83 -18.73 -57.45
C ARG C 163 -25.99 -18.22 -58.31
N THR C 164 -26.10 -18.70 -59.56
CA THR C 164 -27.20 -18.35 -60.49
C THR C 164 -28.02 -19.61 -60.79
N VAL C 165 -29.30 -19.42 -61.14
CA VAL C 165 -30.11 -20.40 -61.91
C VAL C 165 -30.20 -19.88 -63.35
N LYS C 166 -29.91 -20.73 -64.33
CA LYS C 166 -30.13 -20.45 -65.77
C LYS C 166 -31.26 -21.37 -66.27
N VAL C 167 -32.23 -20.79 -66.96
CA VAL C 167 -33.34 -21.52 -67.66
C VAL C 167 -33.05 -21.45 -69.17
N TRP C 168 -33.10 -22.60 -69.84
CA TRP C 168 -32.69 -22.80 -71.25
C TRP C 168 -33.89 -23.29 -72.07
N SER C 169 -33.81 -23.15 -73.39
CA SER C 169 -34.71 -23.78 -74.39
C SER C 169 -33.91 -24.83 -75.17
N LEU C 170 -34.42 -26.06 -75.26
CA LEU C 170 -33.80 -27.16 -76.04
C LEU C 170 -33.68 -26.71 -77.50
N GLY C 171 -32.44 -26.58 -78.00
CA GLY C 171 -32.13 -26.14 -79.37
C GLY C 171 -31.54 -24.74 -79.41
N GLN C 172 -31.54 -24.02 -78.28
CA GLN C 172 -31.02 -22.63 -78.17
C GLN C 172 -29.76 -22.62 -77.28
N SER C 173 -28.65 -22.11 -77.82
CA SER C 173 -27.32 -22.04 -77.16
C SER C 173 -27.35 -21.03 -76.00
N THR C 174 -28.04 -19.91 -76.17
CA THR C 174 -28.17 -18.82 -75.16
C THR C 174 -29.26 -19.19 -74.16
N PRO C 175 -29.04 -18.99 -72.83
CA PRO C 175 -30.09 -19.18 -71.83
C PRO C 175 -31.22 -18.16 -72.00
N ASN C 176 -32.48 -18.58 -71.77
CA ASN C 176 -33.68 -17.72 -71.81
C ASN C 176 -33.50 -16.56 -70.82
N PHE C 177 -33.06 -16.86 -69.59
CA PHE C 177 -32.72 -15.86 -68.56
C PHE C 177 -31.80 -16.47 -67.50
N THR C 178 -31.23 -15.61 -66.65
CA THR C 178 -30.32 -15.97 -65.52
C THR C 178 -30.84 -15.30 -64.25
N LEU C 179 -31.17 -16.10 -63.23
CA LEU C 179 -31.59 -15.62 -61.89
C LEU C 179 -30.34 -15.49 -61.00
N THR C 180 -29.95 -14.25 -60.68
CA THR C 180 -28.91 -13.92 -59.67
C THR C 180 -29.51 -14.15 -58.29
N THR C 181 -29.32 -15.35 -57.73
CA THR C 181 -30.09 -15.88 -56.56
C THR C 181 -29.70 -15.15 -55.27
N GLY C 182 -28.49 -14.58 -55.22
CA GLY C 182 -27.96 -13.91 -54.00
C GLY C 182 -27.58 -14.92 -52.92
N GLN C 183 -27.63 -16.22 -53.23
CA GLN C 183 -27.22 -17.33 -52.33
C GLN C 183 -25.72 -17.59 -52.57
N GLU C 184 -24.86 -16.75 -51.98
CA GLU C 184 -23.43 -16.58 -52.35
C GLU C 184 -22.63 -17.87 -52.11
N ARG C 185 -23.16 -18.85 -51.36
CA ARG C 185 -22.50 -20.17 -51.13
C ARG C 185 -22.89 -21.15 -52.26
N GLY C 186 -23.67 -20.70 -53.25
CA GLY C 186 -24.02 -21.47 -54.45
C GLY C 186 -25.42 -22.03 -54.38
N VAL C 187 -25.88 -22.70 -55.45
CA VAL C 187 -27.21 -23.37 -55.55
C VAL C 187 -27.00 -24.87 -55.78
N ASN C 188 -27.48 -25.70 -54.85
CA ASN C 188 -27.32 -27.17 -54.81
C ASN C 188 -28.49 -27.88 -55.49
N TYR C 189 -29.65 -27.22 -55.55
CA TYR C 189 -30.92 -27.80 -56.02
C TYR C 189 -31.79 -26.69 -56.62
N VAL C 190 -32.51 -27.02 -57.68
CA VAL C 190 -33.61 -26.20 -58.27
C VAL C 190 -34.76 -27.15 -58.60
N ASP C 191 -36.00 -26.70 -58.40
CA ASP C 191 -37.24 -27.49 -58.61
C ASP C 191 -38.34 -26.54 -59.08
N TYR C 192 -39.39 -27.08 -59.70
CA TYR C 192 -40.55 -26.32 -60.23
C TYR C 192 -41.79 -26.62 -59.37
N TYR C 193 -42.64 -25.60 -59.17
CA TYR C 193 -44.03 -25.76 -58.69
C TYR C 193 -44.83 -26.41 -59.82
N PRO C 194 -45.57 -27.52 -59.55
CA PRO C 194 -46.09 -28.36 -60.62
C PRO C 194 -47.47 -27.96 -61.18
N LEU C 195 -48.18 -27.03 -60.53
CA LEU C 195 -49.57 -26.64 -60.89
C LEU C 195 -49.59 -25.26 -61.53
N PRO C 196 -50.55 -24.97 -62.44
CA PRO C 196 -50.54 -23.74 -63.23
C PRO C 196 -50.80 -22.41 -62.49
N ASP C 197 -51.25 -22.45 -61.23
CA ASP C 197 -51.68 -21.26 -60.47
C ASP C 197 -50.50 -20.37 -60.10
N LYS C 198 -49.27 -20.91 -60.03
CA LYS C 198 -48.05 -20.17 -59.60
C LYS C 198 -46.88 -20.46 -60.54
N PRO C 199 -46.25 -19.42 -61.12
CA PRO C 199 -45.07 -19.59 -61.96
C PRO C 199 -43.81 -19.65 -61.09
N TYR C 200 -43.76 -20.61 -60.17
CA TYR C 200 -42.84 -20.64 -59.01
C TYR C 200 -41.72 -21.67 -59.23
N MET C 201 -40.51 -21.33 -58.80
CA MET C 201 -39.33 -22.23 -58.68
C MET C 201 -38.75 -22.06 -57.27
N ILE C 202 -38.05 -23.08 -56.76
CA ILE C 202 -37.50 -23.12 -55.37
C ILE C 202 -36.05 -23.63 -55.41
N THR C 203 -35.10 -22.84 -54.91
CA THR C 203 -33.65 -23.20 -54.85
C THR C 203 -33.27 -23.46 -53.38
N ALA C 204 -32.20 -24.23 -53.19
CA ALA C 204 -31.58 -24.58 -51.88
C ALA C 204 -30.07 -24.38 -51.98
N SER C 205 -29.44 -23.88 -50.90
CA SER C 205 -28.04 -23.38 -50.91
C SER C 205 -27.30 -23.82 -49.65
N ASP C 206 -25.97 -23.78 -49.69
CA ASP C 206 -25.08 -23.99 -48.51
C ASP C 206 -25.18 -22.80 -47.55
N ASP C 207 -25.87 -21.71 -47.96
CA ASP C 207 -26.02 -20.48 -47.13
C ASP C 207 -27.20 -20.62 -46.17
N LEU C 208 -27.76 -21.82 -46.00
CA LEU C 208 -28.83 -22.18 -45.03
C LEU C 208 -30.20 -21.65 -45.49
N THR C 209 -30.32 -21.10 -46.71
CA THR C 209 -31.57 -20.47 -47.20
C THR C 209 -32.20 -21.32 -48.30
N ILE C 210 -33.54 -21.33 -48.33
CA ILE C 210 -34.41 -21.79 -49.45
C ILE C 210 -35.09 -20.53 -50.00
N LYS C 211 -35.09 -20.34 -51.32
CA LYS C 211 -35.58 -19.11 -51.98
C LYS C 211 -36.65 -19.49 -53.01
N ILE C 212 -37.83 -18.86 -52.92
CA ILE C 212 -38.97 -19.02 -53.87
C ILE C 212 -38.79 -17.96 -54.98
N TRP C 213 -38.96 -18.37 -56.24
CA TRP C 213 -38.69 -17.56 -57.45
C TRP C 213 -39.94 -17.51 -58.32
N ASP C 214 -40.38 -16.31 -58.69
CA ASP C 214 -41.41 -16.07 -59.75
C ASP C 214 -40.66 -15.91 -61.08
N TYR C 215 -40.68 -16.93 -61.93
CA TYR C 215 -39.91 -16.98 -63.20
C TYR C 215 -40.51 -16.04 -64.25
N GLN C 216 -41.69 -15.47 -63.97
CA GLN C 216 -42.38 -14.49 -64.87
C GLN C 216 -41.91 -13.06 -64.53
N THR C 217 -41.61 -12.78 -63.25
CA THR C 217 -41.17 -11.43 -62.77
C THR C 217 -39.66 -11.40 -62.53
N LYS C 218 -39.01 -12.57 -62.45
CA LYS C 218 -37.53 -12.73 -62.22
C LYS C 218 -37.14 -12.15 -60.86
N SER C 219 -38.03 -12.24 -59.86
CA SER C 219 -37.83 -11.69 -58.50
C SER C 219 -38.12 -12.77 -57.44
N CYS C 220 -37.58 -12.57 -56.23
CA CYS C 220 -37.69 -13.51 -55.08
C CYS C 220 -39.03 -13.29 -54.37
N VAL C 221 -39.84 -14.35 -54.24
CA VAL C 221 -41.19 -14.33 -53.60
C VAL C 221 -41.04 -14.46 -52.08
N ALA C 222 -40.13 -15.33 -51.61
CA ALA C 222 -39.94 -15.64 -50.18
C ALA C 222 -38.58 -16.30 -49.93
N THR C 223 -38.05 -16.14 -48.71
CA THR C 223 -36.84 -16.83 -48.19
C THR C 223 -37.25 -17.67 -46.98
N LEU C 224 -37.02 -18.98 -47.03
CA LEU C 224 -37.32 -19.95 -45.95
C LEU C 224 -36.01 -20.28 -45.22
N GLU C 225 -35.94 -19.97 -43.93
CA GLU C 225 -34.72 -20.11 -43.08
C GLU C 225 -35.04 -21.03 -41.90
N GLY C 226 -34.96 -22.35 -42.13
CA GLY C 226 -35.33 -23.39 -41.15
C GLY C 226 -34.34 -24.54 -41.13
N HIS C 227 -33.05 -24.25 -41.29
CA HIS C 227 -31.93 -25.23 -41.22
C HIS C 227 -30.69 -24.56 -40.63
N MET C 228 -29.91 -25.32 -39.85
CA MET C 228 -28.68 -24.82 -39.18
C MET C 228 -27.43 -25.33 -39.92
N SER C 229 -27.59 -26.01 -41.06
CA SER C 229 -26.46 -26.47 -41.93
C SER C 229 -26.87 -26.44 -43.41
N ASN C 230 -25.93 -26.74 -44.31
CA ASN C 230 -26.11 -26.71 -45.78
C ASN C 230 -27.47 -27.33 -46.14
N VAL C 231 -28.27 -26.61 -46.95
CA VAL C 231 -29.56 -27.11 -47.50
C VAL C 231 -29.25 -27.87 -48.79
N SER C 232 -29.49 -29.18 -48.80
CA SER C 232 -29.15 -30.12 -49.91
C SER C 232 -30.20 -30.01 -51.03
N PHE C 233 -31.47 -29.85 -50.65
CA PHE C 233 -32.61 -29.80 -51.60
C PHE C 233 -33.79 -29.03 -50.98
N ALA C 234 -34.66 -28.53 -51.87
CA ALA C 234 -36.01 -28.00 -51.54
C ALA C 234 -36.91 -28.29 -52.75
N VAL C 235 -38.00 -29.03 -52.54
CA VAL C 235 -38.94 -29.45 -53.63
C VAL C 235 -40.39 -29.17 -53.19
N PHE C 236 -41.25 -28.86 -54.15
CA PHE C 236 -42.73 -28.85 -53.99
C PHE C 236 -43.24 -30.28 -54.14
N HIS C 237 -44.16 -30.70 -53.26
CA HIS C 237 -44.86 -32.01 -53.32
C HIS C 237 -45.81 -32.01 -54.52
N PRO C 238 -45.95 -33.14 -55.25
CA PRO C 238 -46.79 -33.18 -56.45
C PRO C 238 -48.29 -32.90 -56.25
N THR C 239 -48.83 -33.17 -55.05
CA THR C 239 -50.30 -33.16 -54.76
C THR C 239 -50.59 -32.31 -53.52
N LEU C 240 -49.98 -32.63 -52.38
CA LEU C 240 -50.16 -31.91 -51.09
C LEU C 240 -49.57 -30.50 -51.21
N PRO C 241 -50.14 -29.50 -50.50
CA PRO C 241 -49.65 -28.12 -50.58
C PRO C 241 -48.51 -27.88 -49.59
N ILE C 242 -47.38 -28.57 -49.79
CA ILE C 242 -46.21 -28.55 -48.87
C ILE C 242 -44.92 -28.43 -49.70
N ILE C 243 -43.90 -27.83 -49.10
CA ILE C 243 -42.47 -27.90 -49.55
C ILE C 243 -41.76 -28.86 -48.60
N ILE C 244 -40.98 -29.81 -49.13
CA ILE C 244 -40.09 -30.70 -48.32
C ILE C 244 -38.63 -30.29 -48.59
N SER C 245 -37.91 -29.92 -47.53
CA SER C 245 -36.47 -29.56 -47.58
C SER C 245 -35.68 -30.52 -46.68
N GLY C 246 -34.41 -30.73 -47.02
CA GLY C 246 -33.46 -31.58 -46.27
C GLY C 246 -32.12 -30.89 -46.15
N SER C 247 -31.41 -31.15 -45.04
CA SER C 247 -30.16 -30.43 -44.69
C SER C 247 -29.12 -31.41 -44.12
N GLU C 248 -27.86 -30.98 -44.11
CA GLU C 248 -26.73 -31.68 -43.44
C GLU C 248 -26.90 -31.55 -41.92
N ASP C 249 -27.95 -30.87 -41.45
CA ASP C 249 -28.36 -30.86 -40.02
C ASP C 249 -29.12 -32.16 -39.71
N GLY C 250 -29.39 -32.98 -40.72
CA GLY C 250 -29.97 -34.33 -40.57
C GLY C 250 -31.48 -34.30 -40.38
N THR C 251 -32.14 -33.18 -40.65
CA THR C 251 -33.62 -33.05 -40.60
C THR C 251 -34.21 -32.91 -42.00
N LEU C 252 -35.45 -33.37 -42.14
CA LEU C 252 -36.41 -32.94 -43.19
C LEU C 252 -37.37 -31.93 -42.57
N LYS C 253 -37.69 -30.86 -43.30
CA LYS C 253 -38.66 -29.82 -42.89
C LYS C 253 -39.80 -29.78 -43.91
N ILE C 254 -41.03 -29.91 -43.44
CA ILE C 254 -42.27 -29.76 -44.26
C ILE C 254 -42.82 -28.36 -44.01
N TRP C 255 -42.75 -27.49 -45.03
CA TRP C 255 -43.26 -26.10 -45.00
C TRP C 255 -44.66 -26.06 -45.63
N ASN C 256 -45.46 -25.06 -45.28
CA ASN C 256 -46.77 -24.78 -45.93
C ASN C 256 -46.48 -24.04 -47.24
N SER C 257 -46.80 -24.65 -48.38
CA SER C 257 -46.49 -24.14 -49.75
C SER C 257 -47.18 -22.80 -50.00
N SER C 258 -48.23 -22.48 -49.23
CA SER C 258 -49.06 -21.25 -49.36
C SER C 258 -48.51 -20.13 -48.47
N THR C 259 -48.39 -20.39 -47.17
CA THR C 259 -48.04 -19.39 -46.11
C THR C 259 -46.54 -19.45 -45.79
N TYR C 260 -45.85 -20.53 -46.17
CA TYR C 260 -44.40 -20.77 -45.92
C TYR C 260 -44.12 -20.85 -44.42
N LYS C 261 -45.11 -21.34 -43.65
CA LYS C 261 -44.99 -21.70 -42.21
C LYS C 261 -44.52 -23.16 -42.13
N VAL C 262 -43.46 -23.43 -41.35
CA VAL C 262 -42.96 -24.82 -41.13
C VAL C 262 -44.05 -25.60 -40.39
N GLU C 263 -44.51 -26.69 -40.99
CA GLU C 263 -45.61 -27.56 -40.48
C GLU C 263 -45.01 -28.62 -39.55
N LYS C 264 -43.82 -29.12 -39.85
CA LYS C 264 -43.17 -30.23 -39.08
C LYS C 264 -41.66 -30.25 -39.35
N THR C 265 -40.88 -30.62 -38.33
CA THR C 265 -39.43 -30.92 -38.40
C THR C 265 -39.24 -32.41 -38.09
N LEU C 266 -38.66 -33.15 -39.05
CA LEU C 266 -38.41 -34.60 -38.94
C LEU C 266 -36.93 -34.83 -38.62
N ASN C 267 -36.64 -35.39 -37.44
CA ASN C 267 -35.29 -35.80 -37.00
C ASN C 267 -35.15 -37.31 -37.28
N VAL C 268 -34.83 -37.68 -38.54
CA VAL C 268 -35.04 -39.05 -39.06
C VAL C 268 -33.94 -39.97 -38.51
N GLY C 269 -32.78 -39.40 -38.15
CA GLY C 269 -31.75 -40.05 -37.30
C GLY C 269 -30.71 -40.82 -38.11
N LEU C 270 -30.49 -40.45 -39.38
CA LEU C 270 -29.51 -41.09 -40.29
C LEU C 270 -28.41 -40.09 -40.67
N GLU C 271 -28.25 -39.02 -39.88
CA GLU C 271 -27.29 -37.90 -40.10
C GLU C 271 -27.65 -37.22 -41.43
N ARG C 272 -26.67 -36.67 -42.16
CA ARG C 272 -26.88 -35.60 -43.20
C ARG C 272 -27.84 -36.07 -44.29
N SER C 273 -28.81 -35.21 -44.64
CA SER C 273 -29.74 -35.40 -45.79
C SER C 273 -29.06 -34.91 -47.07
N TRP C 274 -29.17 -35.69 -48.16
CA TRP C 274 -28.46 -35.46 -49.44
C TRP C 274 -29.43 -35.30 -50.62
N CYS C 275 -30.47 -36.13 -50.69
CA CYS C 275 -31.38 -36.20 -51.87
C CYS C 275 -32.83 -36.44 -51.44
N ILE C 276 -33.76 -36.11 -52.35
CA ILE C 276 -35.23 -36.27 -52.14
C ILE C 276 -35.81 -36.95 -53.39
N ALA C 277 -36.92 -37.67 -53.20
CA ALA C 277 -37.81 -38.16 -54.28
C ALA C 277 -39.25 -38.13 -53.76
N THR C 278 -40.20 -37.83 -54.66
CA THR C 278 -41.66 -37.89 -54.41
C THR C 278 -42.27 -38.83 -55.45
N HIS C 279 -43.16 -39.74 -55.03
CA HIS C 279 -43.89 -40.66 -55.93
C HIS C 279 -44.58 -39.79 -56.98
N PRO C 280 -44.25 -39.93 -58.29
CA PRO C 280 -44.61 -38.93 -59.29
C PRO C 280 -46.12 -38.74 -59.44
N THR C 281 -46.89 -39.83 -59.35
CA THR C 281 -48.39 -39.82 -59.38
C THR C 281 -48.93 -39.47 -57.98
N GLY C 282 -48.12 -39.68 -56.94
CA GLY C 282 -48.43 -39.30 -55.55
C GLY C 282 -49.12 -40.42 -54.78
N ARG C 283 -48.86 -41.68 -55.14
CA ARG C 283 -49.42 -42.88 -54.47
C ARG C 283 -49.09 -42.82 -52.97
N LYS C 284 -50.10 -42.65 -52.12
CA LYS C 284 -49.98 -42.57 -50.64
C LYS C 284 -49.10 -41.39 -50.24
N ASN C 285 -48.97 -40.40 -51.16
CA ASN C 285 -48.15 -39.17 -51.00
C ASN C 285 -46.72 -39.52 -50.54
N TYR C 286 -46.23 -40.71 -50.91
CA TYR C 286 -44.88 -41.22 -50.52
C TYR C 286 -43.83 -40.16 -50.85
N ILE C 287 -42.98 -39.83 -49.86
CA ILE C 287 -41.67 -39.18 -50.09
C ILE C 287 -40.58 -40.15 -49.62
N ALA C 288 -39.33 -39.91 -50.04
CA ALA C 288 -38.13 -40.67 -49.62
C ALA C 288 -36.89 -39.77 -49.75
N SER C 289 -36.08 -39.73 -48.71
CA SER C 289 -34.79 -39.00 -48.67
C SER C 289 -33.64 -39.97 -48.42
N GLY C 290 -32.46 -39.66 -48.95
CA GLY C 290 -31.21 -40.41 -48.73
C GLY C 290 -30.29 -39.65 -47.79
N PHE C 291 -29.56 -40.37 -46.93
CA PHE C 291 -28.71 -39.81 -45.85
C PHE C 291 -27.39 -40.59 -45.76
N ASP C 292 -26.40 -40.00 -45.08
CA ASP C 292 -25.08 -40.62 -44.75
C ASP C 292 -25.26 -42.10 -44.43
N ASN C 293 -26.29 -42.48 -43.65
CA ASN C 293 -26.41 -43.82 -43.00
C ASN C 293 -27.55 -44.63 -43.62
N GLY C 294 -28.17 -44.15 -44.70
CA GLY C 294 -29.18 -44.92 -45.47
C GLY C 294 -30.28 -44.03 -46.03
N PHE C 295 -31.49 -44.59 -46.16
CA PHE C 295 -32.70 -43.89 -46.66
C PHE C 295 -33.91 -44.25 -45.79
N THR C 296 -34.95 -43.40 -45.85
CA THR C 296 -36.28 -43.62 -45.23
C THR C 296 -37.37 -43.25 -46.24
N VAL C 297 -38.33 -44.16 -46.45
CA VAL C 297 -39.58 -43.91 -47.23
C VAL C 297 -40.70 -43.62 -46.23
N LEU C 298 -41.39 -42.48 -46.41
CA LEU C 298 -42.49 -42.01 -45.52
C LEU C 298 -43.77 -41.85 -46.33
N SER C 299 -44.92 -42.15 -45.74
CA SER C 299 -46.28 -41.88 -46.27
C SER C 299 -46.90 -40.70 -45.51
N LEU C 300 -47.54 -39.78 -46.22
CA LEU C 300 -48.22 -38.58 -45.66
C LEU C 300 -49.73 -38.77 -45.77
N GLY C 301 -50.50 -38.01 -44.98
CA GLY C 301 -51.98 -38.07 -44.93
C GLY C 301 -52.61 -36.91 -45.69
N ASN C 302 -53.69 -37.18 -46.42
CA ASN C 302 -54.47 -36.17 -47.20
C ASN C 302 -55.41 -35.44 -46.23
N MET D 1 -22.44 -20.95 61.78
CA MET D 1 -22.13 -19.64 62.41
C MET D 1 -23.34 -19.14 63.21
N LYS D 2 -23.13 -18.11 64.04
CA LYS D 2 -24.18 -17.33 64.74
C LYS D 2 -24.19 -15.91 64.17
N LEU D 3 -25.21 -15.57 63.37
CA LEU D 3 -25.47 -14.19 62.89
C LEU D 3 -26.36 -13.47 63.91
N ASP D 4 -25.82 -12.48 64.61
CA ASP D 4 -26.54 -11.66 65.63
C ASP D 4 -27.05 -10.39 64.94
N ILE D 5 -28.00 -10.54 64.01
CA ILE D 5 -28.51 -9.46 63.13
C ILE D 5 -29.50 -8.59 63.93
N LYS D 6 -29.16 -7.31 64.14
CA LYS D 6 -30.03 -6.31 64.81
C LYS D 6 -30.16 -5.09 63.90
N LYS D 7 -31.40 -4.65 63.67
CA LYS D 7 -31.73 -3.45 62.85
C LYS D 7 -31.36 -2.19 63.64
N THR D 8 -30.28 -1.52 63.25
CA THR D 8 -29.74 -0.30 63.92
C THR D 8 -30.62 0.90 63.56
N PHE D 9 -30.92 1.09 62.27
CA PHE D 9 -31.69 2.24 61.75
C PHE D 9 -32.22 1.92 60.35
N SER D 10 -33.50 2.21 60.11
CA SER D 10 -34.17 2.17 58.79
C SER D 10 -34.84 3.53 58.52
N ASN D 11 -34.72 4.03 57.30
CA ASN D 11 -35.21 5.37 56.88
C ASN D 11 -35.89 5.22 55.51
N ARG D 12 -37.19 5.47 55.44
CA ARG D 12 -37.96 5.47 54.16
C ARG D 12 -37.59 6.76 53.40
N SER D 13 -37.39 6.69 52.09
CA SER D 13 -36.99 7.84 51.23
C SER D 13 -37.15 7.47 49.74
N ASP D 14 -36.77 8.41 48.87
CA ASP D 14 -36.57 8.18 47.42
C ASP D 14 -35.47 7.11 47.24
N ARG D 15 -35.44 6.47 46.07
CA ARG D 15 -34.57 5.31 45.72
C ARG D 15 -33.11 5.64 46.08
N VAL D 16 -32.46 4.76 46.86
CA VAL D 16 -31.05 4.91 47.29
C VAL D 16 -30.16 4.11 46.33
N LYS D 17 -29.31 4.79 45.56
CA LYS D 17 -28.43 4.21 44.50
C LYS D 17 -26.99 4.09 45.00
N GLY D 18 -26.55 5.00 45.88
CA GLY D 18 -25.22 4.96 46.52
C GLY D 18 -25.37 4.95 48.03
N ILE D 19 -24.43 4.31 48.74
CA ILE D 19 -24.39 4.31 50.23
C ILE D 19 -22.93 4.12 50.68
N ASP D 20 -22.52 4.85 51.71
CA ASP D 20 -21.12 4.82 52.24
C ASP D 20 -21.12 5.17 53.74
N PHE D 21 -20.35 4.43 54.53
CA PHE D 21 -20.17 4.60 56.00
C PHE D 21 -19.03 5.59 56.27
N HIS D 22 -19.23 6.48 57.25
CA HIS D 22 -18.17 7.36 57.80
C HIS D 22 -17.30 6.53 58.75
N PRO D 23 -15.95 6.57 58.63
CA PRO D 23 -15.10 5.66 59.40
C PRO D 23 -15.03 5.92 60.92
N THR D 24 -15.29 7.16 61.36
CA THR D 24 -15.16 7.59 62.78
C THR D 24 -16.51 8.06 63.37
N GLU D 25 -17.34 8.77 62.60
CA GLU D 25 -18.67 9.27 63.03
C GLU D 25 -19.73 8.22 62.71
N PRO D 26 -20.80 8.09 63.52
CA PRO D 26 -21.85 7.11 63.27
C PRO D 26 -22.83 7.57 62.17
N TRP D 27 -22.29 7.95 61.02
CA TRP D 27 -23.06 8.50 59.86
C TRP D 27 -23.09 7.49 58.72
N VAL D 28 -24.17 7.52 57.92
CA VAL D 28 -24.18 6.91 56.56
C VAL D 28 -24.57 8.01 55.56
N LEU D 29 -23.86 8.05 54.43
CA LEU D 29 -24.16 8.88 53.24
C LEU D 29 -25.08 8.08 52.33
N THR D 30 -26.16 8.67 51.83
CA THR D 30 -27.06 8.05 50.83
C THR D 30 -27.13 8.95 49.60
N THR D 31 -27.26 8.34 48.43
CA THR D 31 -27.21 8.99 47.10
C THR D 31 -28.51 8.60 46.38
N LEU D 32 -29.42 9.55 46.20
CA LEU D 32 -30.83 9.28 45.81
C LEU D 32 -31.03 9.54 44.31
N TYR D 33 -32.04 8.87 43.75
CA TYR D 33 -32.45 8.91 42.33
C TYR D 33 -33.06 10.29 42.02
N SER D 34 -33.54 10.97 43.07
CA SER D 34 -34.26 12.28 43.02
C SER D 34 -33.30 13.46 42.90
N GLY D 35 -31.98 13.22 42.91
CA GLY D 35 -30.94 14.28 42.88
C GLY D 35 -30.62 14.79 44.27
N ARG D 36 -31.13 14.11 45.29
CA ARG D 36 -30.96 14.44 46.74
C ARG D 36 -29.81 13.59 47.29
N VAL D 37 -29.00 14.16 48.19
CA VAL D 37 -27.97 13.41 48.96
CA VAL D 37 -27.96 13.42 48.97
C VAL D 37 -28.20 13.71 50.45
N GLU D 38 -28.18 12.66 51.28
CA GLU D 38 -28.55 12.76 52.72
C GLU D 38 -27.43 12.17 53.59
N LEU D 39 -27.19 12.83 54.72
CA LEU D 39 -26.23 12.47 55.78
C LEU D 39 -27.04 12.14 57.03
N TRP D 40 -27.03 10.89 57.50
CA TRP D 40 -27.87 10.39 58.61
C TRP D 40 -27.00 9.81 59.73
N ASN D 41 -27.23 10.25 60.97
CA ASN D 41 -26.69 9.59 62.18
C ASN D 41 -27.59 8.38 62.50
N TYR D 42 -27.08 7.16 62.30
CA TYR D 42 -27.86 5.89 62.39
C TYR D 42 -27.98 5.43 63.85
N GLU D 43 -27.29 6.09 64.78
CA GLU D 43 -27.38 5.82 66.24
C GLU D 43 -28.40 6.79 66.86
N THR D 44 -28.23 8.08 66.63
CA THR D 44 -29.12 9.19 67.07
C THR D 44 -30.44 9.13 66.29
N GLN D 45 -30.40 8.62 65.04
CA GLN D 45 -31.55 8.53 64.09
C GLN D 45 -32.00 9.93 63.65
N VAL D 46 -31.11 10.93 63.74
CA VAL D 46 -31.36 12.32 63.28
C VAL D 46 -30.51 12.59 62.04
N GLU D 47 -31.06 13.36 61.09
CA GLU D 47 -30.39 13.71 59.81
C GLU D 47 -29.32 14.78 60.09
N VAL D 48 -28.08 14.52 59.65
CA VAL D 48 -26.93 15.47 59.80
C VAL D 48 -27.07 16.60 58.78
N ARG D 49 -27.32 16.27 57.51
CA ARG D 49 -27.32 17.24 56.39
C ARG D 49 -27.98 16.60 55.15
N SER D 50 -28.87 17.35 54.50
CA SER D 50 -29.51 17.01 53.20
C SER D 50 -29.15 18.09 52.18
N ILE D 51 -28.87 17.69 50.93
CA ILE D 51 -28.54 18.61 49.80
C ILE D 51 -29.28 18.13 48.55
N GLN D 52 -30.02 19.04 47.91
CA GLN D 52 -30.51 18.87 46.50
C GLN D 52 -29.36 19.26 45.57
N VAL D 53 -28.66 18.27 45.03
CA VAL D 53 -27.41 18.44 44.25
C VAL D 53 -27.77 18.67 42.77
N THR D 54 -28.85 18.03 42.28
CA THR D 54 -29.34 18.15 40.88
C THR D 54 -30.79 17.66 40.82
N GLU D 55 -31.33 17.38 39.63
CA GLU D 55 -32.68 16.79 39.44
C GLU D 55 -32.52 15.35 38.92
N THR D 56 -31.37 15.02 38.34
CA THR D 56 -31.04 13.67 37.80
C THR D 56 -30.67 12.75 38.95
N PRO D 57 -30.66 11.42 38.75
CA PRO D 57 -30.11 10.48 39.72
C PRO D 57 -28.64 10.76 40.07
N VAL D 58 -28.31 10.61 41.36
CA VAL D 58 -26.93 10.60 41.90
C VAL D 58 -26.65 9.14 42.32
N ARG D 59 -25.99 8.39 41.43
CA ARG D 59 -25.82 6.91 41.53
C ARG D 59 -24.62 6.57 42.41
N ALA D 60 -23.66 7.50 42.53
CA ALA D 60 -22.33 7.26 43.15
C ALA D 60 -22.11 8.26 44.29
N GLY D 61 -21.67 7.76 45.46
CA GLY D 61 -21.43 8.59 46.66
C GLY D 61 -20.35 7.98 47.55
N LYS D 62 -19.39 8.79 47.99
CA LYS D 62 -18.30 8.38 48.92
C LYS D 62 -17.98 9.51 49.90
N PHE D 63 -17.64 9.14 51.14
CA PHE D 63 -16.92 10.02 52.10
C PHE D 63 -15.45 10.09 51.71
N ILE D 64 -14.89 11.30 51.67
CA ILE D 64 -13.42 11.56 51.75
C ILE D 64 -13.19 12.23 53.11
N ALA D 65 -13.15 11.42 54.16
CA ALA D 65 -13.18 11.83 55.59
C ALA D 65 -11.89 12.56 55.98
N ARG D 66 -10.77 12.26 55.33
CA ARG D 66 -9.45 12.89 55.60
C ARG D 66 -9.45 14.34 55.09
N LYS D 67 -10.51 14.75 54.37
CA LYS D 67 -10.73 16.15 53.91
C LYS D 67 -12.08 16.68 54.41
N ASN D 68 -12.81 15.89 55.20
CA ASN D 68 -14.19 16.20 55.68
C ASN D 68 -15.10 16.46 54.47
N TRP D 69 -14.90 15.70 53.40
CA TRP D 69 -15.66 15.84 52.11
C TRP D 69 -16.61 14.67 51.94
N ILE D 70 -17.72 14.92 51.24
CA ILE D 70 -18.46 13.88 50.45
C ILE D 70 -18.16 14.17 48.98
N ILE D 71 -18.03 13.11 48.16
CA ILE D 71 -17.92 13.21 46.68
C ILE D 71 -19.08 12.41 46.08
N VAL D 72 -19.75 12.99 45.08
CA VAL D 72 -20.96 12.38 44.47
C VAL D 72 -20.88 12.54 42.94
N GLY D 73 -21.42 11.55 42.22
CA GLY D 73 -21.55 11.53 40.75
C GLY D 73 -23.00 11.45 40.35
N SER D 74 -23.36 12.00 39.19
CA SER D 74 -24.77 12.16 38.76
C SER D 74 -24.90 11.92 37.25
N ASP D 75 -26.15 11.67 36.80
CA ASP D 75 -26.52 11.37 35.39
C ASP D 75 -26.40 12.64 34.53
N ASP D 76 -26.26 13.80 35.17
CA ASP D 76 -25.98 15.12 34.53
C ASP D 76 -24.49 15.23 34.18
N PHE D 77 -23.74 14.13 34.30
CA PHE D 77 -22.32 13.99 33.87
C PHE D 77 -21.34 14.59 34.89
N ARG D 78 -21.80 14.97 36.08
CA ARG D 78 -21.02 15.90 36.97
C ARG D 78 -20.57 15.18 38.24
N ILE D 79 -19.28 15.29 38.56
CA ILE D 79 -18.71 15.00 39.90
C ILE D 79 -18.83 16.28 40.74
N ARG D 80 -19.33 16.16 41.97
CA ARG D 80 -19.50 17.28 42.91
C ARG D 80 -18.95 16.85 44.28
N VAL D 81 -18.29 17.77 44.97
CA VAL D 81 -17.66 17.56 46.31
C VAL D 81 -18.19 18.64 47.26
N PHE D 82 -18.59 18.23 48.47
CA PHE D 82 -19.13 19.10 49.54
C PHE D 82 -18.39 18.81 50.86
N ASN D 83 -18.00 19.88 51.55
CA ASN D 83 -17.51 19.81 52.96
C ASN D 83 -18.73 19.60 53.85
N TYR D 84 -18.82 18.43 54.52
CA TYR D 84 -20.03 17.97 55.25
C TYR D 84 -20.20 18.70 56.59
N ASN D 85 -19.19 19.48 57.02
CA ASN D 85 -19.24 20.26 58.28
C ASN D 85 -19.86 21.63 58.03
N THR D 86 -19.62 22.21 56.84
CA THR D 86 -20.09 23.57 56.45
C THR D 86 -21.22 23.49 55.42
N GLY D 87 -21.29 22.40 54.65
CA GLY D 87 -22.23 22.22 53.53
C GLY D 87 -21.81 23.01 52.29
N GLU D 88 -20.59 23.56 52.29
CA GLU D 88 -20.03 24.38 51.18
C GLU D 88 -19.56 23.45 50.06
N LYS D 89 -19.81 23.81 48.80
CA LYS D 89 -19.39 23.03 47.61
C LYS D 89 -17.93 23.34 47.30
N VAL D 90 -17.08 22.30 47.25
CA VAL D 90 -15.61 22.39 47.07
C VAL D 90 -15.31 22.59 45.58
N VAL D 91 -15.74 21.64 44.75
CA VAL D 91 -15.56 21.65 43.27
C VAL D 91 -16.83 21.12 42.61
N ASP D 92 -17.05 21.50 41.36
CA ASP D 92 -18.19 21.08 40.51
C ASP D 92 -17.70 21.11 39.07
N PHE D 93 -17.49 19.93 38.47
CA PHE D 93 -16.90 19.77 37.11
C PHE D 93 -17.59 18.62 36.37
N GLU D 94 -17.64 18.74 35.03
CA GLU D 94 -18.11 17.66 34.12
C GLU D 94 -17.02 16.59 34.03
N ALA D 95 -17.35 15.36 34.43
CA ALA D 95 -16.40 14.22 34.52
C ALA D 95 -16.42 13.41 33.22
N HIS D 96 -17.62 13.17 32.67
CA HIS D 96 -17.87 12.34 31.46
C HIS D 96 -18.96 12.99 30.62
N PRO D 97 -19.09 12.65 29.32
CA PRO D 97 -20.27 13.05 28.53
C PRO D 97 -21.42 12.05 28.59
N ASP D 98 -21.58 11.35 29.72
CA ASP D 98 -22.65 10.35 29.98
C ASP D 98 -22.75 10.12 31.48
N TYR D 99 -23.64 9.21 31.92
CA TYR D 99 -23.96 8.88 33.34
C TYR D 99 -22.69 8.40 34.06
N ILE D 100 -22.61 8.68 35.36
CA ILE D 100 -21.52 8.19 36.26
C ILE D 100 -22.12 7.09 37.15
N ARG D 101 -21.67 5.84 36.96
CA ARG D 101 -22.21 4.65 37.65
C ARG D 101 -21.57 4.50 39.04
N SER D 102 -20.24 4.55 39.12
CA SER D 102 -19.45 4.23 40.34
C SER D 102 -18.31 5.23 40.54
N ILE D 103 -18.10 5.68 41.79
CA ILE D 103 -16.88 6.43 42.23
C ILE D 103 -16.19 5.59 43.32
N ALA D 104 -14.86 5.52 43.28
CA ALA D 104 -14.01 4.93 44.35
C ALA D 104 -12.91 5.92 44.72
N VAL D 105 -12.52 5.94 46.00
CA VAL D 105 -11.51 6.88 46.58
C VAL D 105 -10.27 6.06 46.97
N HIS D 106 -9.10 6.44 46.45
CA HIS D 106 -7.79 5.79 46.78
C HIS D 106 -7.52 5.98 48.27
N PRO D 107 -7.09 4.91 48.99
CA PRO D 107 -6.92 4.97 50.45
C PRO D 107 -5.94 6.04 51.00
N THR D 108 -4.83 6.30 50.30
CA THR D 108 -3.68 7.10 50.83
C THR D 108 -3.28 8.25 49.89
N LYS D 109 -3.58 8.15 48.59
CA LYS D 109 -3.18 9.14 47.55
C LYS D 109 -4.41 9.94 47.15
N PRO D 110 -4.26 11.23 46.75
CA PRO D 110 -5.40 12.11 46.53
C PRO D 110 -6.11 11.83 45.18
N TYR D 111 -6.40 10.56 44.90
CA TYR D 111 -6.91 10.04 43.61
C TYR D 111 -8.36 9.60 43.76
N VAL D 112 -9.21 9.97 42.80
CA VAL D 112 -10.62 9.49 42.68
C VAL D 112 -10.81 8.88 41.30
N LEU D 113 -11.42 7.69 41.23
CA LEU D 113 -11.81 6.97 39.99
C LEU D 113 -13.32 7.15 39.77
N SER D 114 -13.72 7.48 38.55
CA SER D 114 -15.15 7.48 38.13
C SER D 114 -15.35 6.51 36.96
N GLY D 115 -16.33 5.61 37.05
CA GLY D 115 -16.73 4.65 36.01
C GLY D 115 -18.04 5.08 35.38
N SER D 116 -18.09 5.19 34.05
CA SER D 116 -19.19 5.90 33.33
C SER D 116 -19.73 5.06 32.16
N ASP D 117 -20.92 5.43 31.69
CA ASP D 117 -21.58 4.87 30.48
C ASP D 117 -20.82 5.30 29.22
N ASP D 118 -19.83 6.20 29.35
CA ASP D 118 -18.96 6.66 28.23
C ASP D 118 -17.86 5.64 27.96
N LEU D 119 -17.94 4.45 28.56
CA LEU D 119 -17.10 3.24 28.30
C LEU D 119 -15.74 3.38 28.99
N THR D 120 -15.63 4.27 29.97
CA THR D 120 -14.34 4.85 30.44
C THR D 120 -14.29 4.79 31.98
N VAL D 121 -13.09 4.54 32.52
CA VAL D 121 -12.70 4.86 33.92
C VAL D 121 -11.73 6.05 33.84
N LYS D 122 -11.92 7.07 34.70
CA LYS D 122 -11.09 8.31 34.71
C LYS D 122 -10.48 8.51 36.09
N LEU D 123 -9.21 8.89 36.14
CA LEU D 123 -8.44 9.17 37.38
C LEU D 123 -8.31 10.69 37.57
N TRP D 124 -8.95 11.22 38.61
CA TRP D 124 -8.87 12.65 39.03
C TRP D 124 -7.92 12.77 40.22
N ASN D 125 -7.28 13.92 40.36
CA ASN D 125 -6.24 14.19 41.37
C ASN D 125 -6.53 15.54 42.04
N TRP D 126 -7.09 15.53 43.25
CA TRP D 126 -7.64 16.72 43.95
C TRP D 126 -6.50 17.61 44.47
N GLU D 127 -5.29 17.06 44.64
CA GLU D 127 -4.05 17.82 44.97
C GLU D 127 -3.44 18.43 43.70
N ASN D 128 -4.14 18.36 42.56
CA ASN D 128 -3.74 19.02 41.29
C ASN D 128 -5.00 19.63 40.63
N ASN D 129 -5.79 20.40 41.39
CA ASN D 129 -6.96 21.17 40.91
C ASN D 129 -7.99 20.23 40.26
N TRP D 130 -8.11 18.99 40.76
CA TRP D 130 -9.03 17.94 40.25
C TRP D 130 -8.77 17.71 38.75
N ALA D 131 -7.50 17.67 38.35
CA ALA D 131 -7.07 17.48 36.94
C ALA D 131 -7.30 16.01 36.55
N LEU D 132 -7.79 15.79 35.33
CA LEU D 132 -7.81 14.45 34.67
C LEU D 132 -6.37 14.00 34.46
N GLU D 133 -5.95 12.91 35.12
CA GLU D 133 -4.57 12.38 35.09
C GLU D 133 -4.49 11.20 34.11
N GLN D 134 -5.54 10.37 34.05
CA GLN D 134 -5.60 9.18 33.16
C GLN D 134 -7.05 8.85 32.81
N THR D 135 -7.28 8.48 31.54
CA THR D 135 -8.53 7.83 31.05
C THR D 135 -8.17 6.40 30.62
N PHE D 136 -8.83 5.41 31.21
CA PHE D 136 -8.61 3.95 30.97
C PHE D 136 -9.59 3.47 29.89
N GLU D 137 -9.14 3.46 28.63
CA GLU D 137 -9.96 3.07 27.44
C GLU D 137 -9.80 1.56 27.19
N GLY D 138 -10.88 0.87 26.84
CA GLY D 138 -10.85 -0.57 26.52
C GLY D 138 -12.19 -1.26 26.62
N HIS D 139 -13.01 -0.90 27.62
CA HIS D 139 -14.36 -1.48 27.86
C HIS D 139 -15.27 -1.17 26.66
N GLU D 140 -16.21 -2.06 26.38
CA GLU D 140 -17.09 -2.02 25.18
C GLU D 140 -18.52 -1.66 25.58
N HIS D 141 -18.82 -1.47 26.87
CA HIS D 141 -20.14 -0.98 27.33
C HIS D 141 -20.00 -0.22 28.66
N PHE D 142 -21.13 0.09 29.30
CA PHE D 142 -21.21 0.95 30.52
C PHE D 142 -20.23 0.38 31.55
N VAL D 143 -19.41 1.25 32.13
CA VAL D 143 -18.55 0.91 33.31
C VAL D 143 -19.44 1.12 34.54
N MET D 144 -19.86 0.00 35.15
CA MET D 144 -20.94 -0.09 36.18
C MET D 144 -20.39 0.00 37.60
N CYS D 145 -19.10 -0.33 37.80
CA CYS D 145 -18.48 -0.45 39.16
C CYS D 145 -16.96 -0.38 39.05
N VAL D 146 -16.33 0.48 39.86
CA VAL D 146 -14.84 0.64 39.97
C VAL D 146 -14.46 0.47 41.45
N ALA D 147 -13.39 -0.27 41.73
CA ALA D 147 -12.92 -0.63 43.09
C ALA D 147 -11.42 -0.89 43.07
N PHE D 148 -10.68 -0.13 43.89
CA PHE D 148 -9.24 -0.36 44.17
C PHE D 148 -9.09 -1.73 44.83
N ASN D 149 -8.07 -2.49 44.42
CA ASN D 149 -7.55 -3.63 45.24
C ASN D 149 -7.09 -3.02 46.56
N PRO D 150 -7.76 -3.33 47.69
CA PRO D 150 -7.39 -2.76 48.98
C PRO D 150 -6.06 -3.31 49.51
N LYS D 151 -5.61 -4.44 48.96
CA LYS D 151 -4.30 -5.06 49.27
C LYS D 151 -3.21 -4.44 48.38
N ASP D 152 -3.59 -3.70 47.33
CA ASP D 152 -2.69 -2.89 46.48
C ASP D 152 -3.50 -1.94 45.59
N PRO D 153 -3.70 -0.67 46.02
CA PRO D 153 -4.53 0.29 45.27
C PRO D 153 -3.81 1.01 44.13
N SER D 154 -2.59 0.60 43.78
CA SER D 154 -1.93 0.93 42.50
C SER D 154 -2.59 0.13 41.36
N THR D 155 -3.48 -0.81 41.72
CA THR D 155 -4.34 -1.59 40.78
C THR D 155 -5.80 -1.44 41.19
N PHE D 156 -6.72 -1.66 40.25
CA PHE D 156 -8.19 -1.60 40.48
C PHE D 156 -8.90 -2.42 39.41
N ALA D 157 -10.11 -2.89 39.72
CA ALA D 157 -10.99 -3.65 38.82
C ALA D 157 -12.15 -2.73 38.36
N SER D 158 -12.62 -2.94 37.13
CA SER D 158 -13.85 -2.29 36.60
C SER D 158 -14.81 -3.40 36.14
N GLY D 159 -16.07 -3.32 36.60
CA GLY D 159 -17.19 -4.20 36.21
C GLY D 159 -18.00 -3.52 35.14
N CYS D 160 -18.30 -4.24 34.05
CA CYS D 160 -18.79 -3.67 32.77
C CYS D 160 -19.90 -4.54 32.18
N LEU D 161 -20.90 -3.92 31.55
CA LEU D 161 -22.01 -4.59 30.84
C LEU D 161 -21.51 -5.24 29.54
N ASP D 162 -20.23 -5.05 29.19
CA ASP D 162 -19.56 -5.79 28.08
C ASP D 162 -19.22 -7.21 28.55
N ARG D 163 -19.62 -7.58 29.78
CA ARG D 163 -19.57 -8.95 30.35
C ARG D 163 -18.13 -9.30 30.75
N THR D 164 -17.26 -8.30 30.93
CA THR D 164 -15.85 -8.48 31.37
C THR D 164 -15.59 -7.66 32.63
N VAL D 165 -14.62 -8.13 33.44
CA VAL D 165 -13.90 -7.31 34.45
C VAL D 165 -12.50 -7.03 33.90
N LYS D 166 -12.08 -5.77 33.88
CA LYS D 166 -10.71 -5.34 33.49
C LYS D 166 -9.98 -4.81 34.73
N VAL D 167 -8.84 -5.43 35.07
CA VAL D 167 -7.92 -4.97 36.16
C VAL D 167 -6.81 -4.15 35.51
N TRP D 168 -6.61 -2.91 36.00
CA TRP D 168 -5.61 -1.95 35.49
C TRP D 168 -4.59 -1.64 36.59
N SER D 169 -3.41 -1.17 36.20
CA SER D 169 -2.44 -0.46 37.06
C SER D 169 -2.45 1.02 36.70
N LEU D 170 -2.33 1.90 37.69
CA LEU D 170 -2.30 3.38 37.49
C LEU D 170 -1.04 3.73 36.69
N GLY D 171 -1.20 4.55 35.65
CA GLY D 171 -0.11 4.97 34.74
C GLY D 171 0.01 4.05 33.52
N GLN D 172 -0.71 2.93 33.51
CA GLN D 172 -0.70 1.93 32.40
C GLN D 172 -2.04 2.01 31.66
N SER D 173 -1.99 2.18 30.33
CA SER D 173 -3.16 2.39 29.43
C SER D 173 -3.76 1.04 28.99
N THR D 174 -2.94 -0.02 28.96
CA THR D 174 -3.38 -1.42 28.70
C THR D 174 -3.73 -2.07 30.04
N PRO D 175 -4.85 -2.82 30.14
CA PRO D 175 -5.18 -3.53 31.37
C PRO D 175 -4.16 -4.65 31.64
N ASN D 176 -3.94 -4.98 32.91
CA ASN D 176 -3.07 -6.10 33.34
C ASN D 176 -3.65 -7.41 32.78
N PHE D 177 -4.98 -7.56 32.83
CA PHE D 177 -5.72 -8.70 32.22
C PHE D 177 -7.21 -8.37 32.13
N THR D 178 -7.93 -9.24 31.41
CA THR D 178 -9.41 -9.17 31.20
C THR D 178 -10.01 -10.51 31.60
N LEU D 179 -10.93 -10.51 32.57
CA LEU D 179 -11.77 -11.68 32.92
C LEU D 179 -13.01 -11.68 32.01
N THR D 180 -13.22 -12.77 31.28
CA THR D 180 -14.46 -13.03 30.48
C THR D 180 -15.43 -13.79 31.38
N THR D 181 -16.35 -13.07 32.03
CA THR D 181 -17.11 -13.51 33.23
C THR D 181 -18.11 -14.62 32.89
N GLY D 182 -18.47 -14.77 31.60
CA GLY D 182 -19.57 -15.64 31.16
C GLY D 182 -20.89 -15.24 31.79
N GLN D 183 -20.97 -13.99 32.29
CA GLN D 183 -22.20 -13.36 32.84
C GLN D 183 -22.77 -12.46 31.75
N GLU D 184 -23.63 -13.05 30.91
CA GLU D 184 -23.92 -12.62 29.53
C GLU D 184 -24.87 -11.41 29.51
N ARG D 185 -25.57 -11.14 30.61
CA ARG D 185 -26.44 -9.94 30.76
C ARG D 185 -25.64 -8.81 31.44
N GLY D 186 -24.33 -9.00 31.61
CA GLY D 186 -23.37 -7.94 31.99
C GLY D 186 -22.87 -8.11 33.42
N VAL D 187 -22.01 -7.21 33.86
CA VAL D 187 -21.43 -7.18 35.24
C VAL D 187 -21.75 -5.82 35.87
N ASN D 188 -22.59 -5.84 36.91
CA ASN D 188 -23.11 -4.65 37.64
C ASN D 188 -22.10 -4.22 38.70
N TYR D 189 -21.38 -5.17 39.28
CA TYR D 189 -20.56 -4.95 40.50
C TYR D 189 -19.30 -5.80 40.44
N VAL D 190 -18.23 -5.28 41.05
CA VAL D 190 -16.94 -5.99 41.26
C VAL D 190 -16.37 -5.50 42.60
N ASP D 191 -15.86 -6.43 43.41
CA ASP D 191 -15.33 -6.19 44.77
C ASP D 191 -14.21 -7.21 45.03
N TYR D 192 -13.27 -6.89 45.93
CA TYR D 192 -12.12 -7.73 46.33
C TYR D 192 -12.34 -8.32 47.73
N TYR D 193 -11.92 -9.57 47.94
CA TYR D 193 -11.69 -10.17 49.27
C TYR D 193 -10.55 -9.39 49.93
N PRO D 194 -10.72 -8.83 51.14
CA PRO D 194 -9.77 -7.85 51.69
C PRO D 194 -8.61 -8.42 52.53
N LEU D 195 -8.63 -9.72 52.85
CA LEU D 195 -7.62 -10.39 53.71
C LEU D 195 -6.67 -11.20 52.83
N PRO D 196 -5.44 -11.53 53.30
CA PRO D 196 -4.42 -12.11 52.43
C PRO D 196 -4.51 -13.61 52.14
N ASP D 197 -5.42 -14.34 52.80
CA ASP D 197 -5.51 -15.82 52.71
C ASP D 197 -6.12 -16.26 51.37
N LYS D 198 -6.80 -15.36 50.63
CA LYS D 198 -7.44 -15.68 49.32
CA LYS D 198 -7.44 -15.68 49.32
C LYS D 198 -7.19 -14.53 48.35
N PRO D 199 -6.74 -14.80 47.10
CA PRO D 199 -6.52 -13.75 46.10
C PRO D 199 -7.78 -13.55 45.25
N TYR D 200 -8.93 -13.37 45.92
CA TYR D 200 -10.29 -13.54 45.35
C TYR D 200 -10.90 -12.18 44.99
N MET D 201 -11.63 -12.16 43.87
CA MET D 201 -12.57 -11.08 43.49
C MET D 201 -13.97 -11.71 43.36
N ILE D 202 -15.00 -10.86 43.28
CA ILE D 202 -16.43 -11.31 43.22
C ILE D 202 -17.19 -10.36 42.29
N THR D 203 -18.02 -10.90 41.41
CA THR D 203 -18.88 -10.13 40.46
C THR D 203 -20.35 -10.52 40.67
N ALA D 204 -21.27 -9.58 40.38
CA ALA D 204 -22.73 -9.76 40.39
C ALA D 204 -23.29 -9.36 39.02
N SER D 205 -24.35 -10.03 38.57
CA SER D 205 -24.85 -9.92 37.17
C SER D 205 -26.38 -9.88 37.13
N ASP D 206 -26.92 -9.43 35.99
CA ASP D 206 -28.38 -9.47 35.70
C ASP D 206 -28.81 -10.91 35.41
N ASP D 207 -27.87 -11.83 35.14
CA ASP D 207 -28.16 -13.25 34.82
C ASP D 207 -28.42 -14.06 36.11
N LEU D 208 -28.63 -13.37 37.26
CA LEU D 208 -29.08 -13.95 38.56
C LEU D 208 -27.91 -14.55 39.34
N THR D 209 -26.70 -14.59 38.76
CA THR D 209 -25.55 -15.34 39.34
C THR D 209 -24.59 -14.38 40.05
N ILE D 210 -23.87 -14.92 41.04
CA ILE D 210 -22.69 -14.30 41.71
C ILE D 210 -21.50 -15.22 41.41
N LYS D 211 -20.34 -14.66 41.06
CA LYS D 211 -19.13 -15.43 40.66
C LYS D 211 -17.92 -14.97 41.47
N ILE D 212 -17.25 -15.93 42.12
CA ILE D 212 -15.94 -15.74 42.81
C ILE D 212 -14.83 -16.02 41.78
N TRP D 213 -13.82 -15.16 41.73
CA TRP D 213 -12.66 -15.25 40.80
C TRP D 213 -11.36 -15.38 41.59
N ASP D 214 -10.33 -15.91 40.94
CA ASP D 214 -8.94 -16.00 41.45
C ASP D 214 -8.07 -15.17 40.49
N TYR D 215 -7.56 -14.02 40.94
CA TYR D 215 -6.83 -13.05 40.09
C TYR D 215 -5.38 -13.52 39.85
N GLN D 216 -4.97 -14.64 40.47
CA GLN D 216 -3.70 -15.34 40.17
C GLN D 216 -3.92 -16.30 38.98
N THR D 217 -4.96 -17.12 39.03
CA THR D 217 -5.26 -18.19 38.03
C THR D 217 -6.13 -17.64 36.90
N LYS D 218 -6.83 -16.51 37.13
CA LYS D 218 -7.82 -15.91 36.19
C LYS D 218 -8.98 -16.88 35.94
N SER D 219 -9.31 -17.73 36.92
CA SER D 219 -10.35 -18.80 36.81
C SER D 219 -11.51 -18.50 37.76
N CYS D 220 -12.69 -19.10 37.49
CA CYS D 220 -13.92 -18.99 38.32
C CYS D 220 -13.88 -20.04 39.42
N VAL D 221 -13.70 -19.60 40.68
CA VAL D 221 -13.64 -20.45 41.90
C VAL D 221 -15.02 -21.11 42.12
N ALA D 222 -16.11 -20.34 42.02
CA ALA D 222 -17.48 -20.80 42.30
C ALA D 222 -18.53 -19.89 41.65
N THR D 223 -19.76 -20.42 41.52
CA THR D 223 -20.96 -19.66 41.12
C THR D 223 -22.01 -19.78 42.23
N LEU D 224 -22.48 -18.63 42.75
CA LEU D 224 -23.50 -18.53 43.82
C LEU D 224 -24.83 -18.12 43.18
N GLU D 225 -25.82 -19.01 43.23
CA GLU D 225 -27.18 -18.81 42.66
C GLU D 225 -28.21 -18.84 43.79
N GLY D 226 -28.65 -17.66 44.25
CA GLY D 226 -29.60 -17.52 45.37
C GLY D 226 -30.51 -16.31 45.25
N HIS D 227 -30.69 -15.77 44.04
CA HIS D 227 -31.61 -14.64 43.74
C HIS D 227 -32.46 -14.99 42.51
N MET D 228 -33.70 -14.48 42.45
CA MET D 228 -34.65 -14.76 41.33
C MET D 228 -34.75 -13.55 40.41
N SER D 229 -34.08 -12.44 40.73
CA SER D 229 -33.98 -11.24 39.87
C SER D 229 -32.59 -10.61 39.99
N ASN D 230 -32.39 -9.46 39.33
CA ASN D 230 -31.09 -8.81 39.05
C ASN D 230 -30.25 -8.73 40.34
N VAL D 231 -29.03 -9.26 40.32
CA VAL D 231 -28.06 -9.11 41.45
C VAL D 231 -27.34 -7.78 41.29
N SER D 232 -27.63 -6.82 42.18
CA SER D 232 -27.12 -5.42 42.14
C SER D 232 -25.66 -5.39 42.61
N PHE D 233 -25.30 -6.25 43.56
CA PHE D 233 -23.96 -6.26 44.20
C PHE D 233 -23.71 -7.62 44.89
N ALA D 234 -22.43 -7.90 45.11
CA ALA D 234 -21.90 -8.97 45.99
C ALA D 234 -20.56 -8.50 46.53
N VAL D 235 -20.39 -8.45 47.86
CA VAL D 235 -19.15 -7.96 48.52
C VAL D 235 -18.72 -8.95 49.60
N PHE D 236 -17.41 -9.07 49.80
CA PHE D 236 -16.78 -9.76 50.96
C PHE D 236 -16.81 -8.80 52.16
N HIS D 237 -17.38 -9.26 53.28
CA HIS D 237 -17.38 -8.50 54.56
C HIS D 237 -15.94 -8.39 55.05
N PRO D 238 -15.50 -7.23 55.60
CA PRO D 238 -14.09 -7.01 55.90
C PRO D 238 -13.54 -7.90 57.03
N THR D 239 -14.35 -8.18 58.05
CA THR D 239 -13.94 -8.83 59.32
C THR D 239 -14.53 -10.25 59.43
N LEU D 240 -15.80 -10.43 59.05
CA LEU D 240 -16.54 -11.72 59.19
C LEU D 240 -16.35 -12.56 57.94
N PRO D 241 -16.42 -13.91 58.05
CA PRO D 241 -16.24 -14.81 56.91
C PRO D 241 -17.54 -15.00 56.12
N ILE D 242 -18.08 -13.91 55.56
CA ILE D 242 -19.38 -13.90 54.83
C ILE D 242 -19.26 -13.04 53.56
N ILE D 243 -20.07 -13.37 52.56
CA ILE D 243 -20.42 -12.50 51.39
C ILE D 243 -21.84 -11.98 51.62
N ILE D 244 -22.06 -10.68 51.45
CA ILE D 244 -23.42 -10.06 51.41
C ILE D 244 -23.74 -9.72 49.94
N SER D 245 -24.84 -10.26 49.43
CA SER D 245 -25.37 -9.98 48.08
C SER D 245 -26.76 -9.35 48.20
N GLY D 246 -27.13 -8.49 47.24
CA GLY D 246 -28.40 -7.76 47.23
C GLY D 246 -28.97 -7.68 45.82
N SER D 247 -30.24 -8.00 45.66
CA SER D 247 -30.92 -8.21 44.36
C SER D 247 -32.17 -7.36 44.26
N GLU D 248 -32.71 -7.23 43.03
CA GLU D 248 -33.99 -6.53 42.76
C GLU D 248 -35.16 -7.40 43.24
N ASP D 249 -34.87 -8.64 43.66
CA ASP D 249 -35.84 -9.58 44.30
C ASP D 249 -36.16 -9.11 45.72
N GLY D 250 -35.53 -8.02 46.18
CA GLY D 250 -35.84 -7.36 47.46
C GLY D 250 -35.26 -8.10 48.65
N THR D 251 -34.21 -8.91 48.45
CA THR D 251 -33.46 -9.57 49.55
C THR D 251 -32.01 -9.09 49.60
N LEU D 252 -31.45 -9.14 50.80
CA LEU D 252 -30.00 -9.33 51.04
C LEU D 252 -29.80 -10.81 51.38
N LYS D 253 -28.71 -11.41 50.90
CA LYS D 253 -28.33 -12.82 51.19
C LYS D 253 -26.95 -12.82 51.84
N ILE D 254 -26.81 -13.50 52.98
CA ILE D 254 -25.51 -13.74 53.67
C ILE D 254 -25.06 -15.17 53.34
N TRP D 255 -23.96 -15.30 52.60
CA TRP D 255 -23.32 -16.60 52.24
C TRP D 255 -22.11 -16.83 53.14
N ASN D 256 -21.80 -18.09 53.42
CA ASN D 256 -20.52 -18.52 54.07
C ASN D 256 -19.39 -18.33 53.06
N SER D 257 -18.40 -17.49 53.37
CA SER D 257 -17.31 -17.08 52.44
C SER D 257 -16.27 -18.19 52.27
N SER D 258 -16.45 -19.34 52.94
CA SER D 258 -15.60 -20.55 52.79
C SER D 258 -16.35 -21.60 51.97
N THR D 259 -17.52 -22.05 52.45
CA THR D 259 -18.29 -23.20 51.90
C THR D 259 -19.30 -22.73 50.85
N TYR D 260 -19.67 -21.44 50.85
CA TYR D 260 -20.63 -20.80 49.91
C TYR D 260 -22.05 -21.35 50.12
N LYS D 261 -22.34 -21.86 51.32
CA LYS D 261 -23.72 -22.18 51.76
C LYS D 261 -24.36 -20.90 52.32
N VAL D 262 -25.62 -20.64 51.98
CA VAL D 262 -26.39 -19.44 52.46
C VAL D 262 -26.66 -19.63 53.97
N GLU D 263 -26.26 -18.64 54.77
CA GLU D 263 -26.46 -18.61 56.25
C GLU D 263 -27.88 -18.12 56.57
N LYS D 264 -28.32 -17.07 55.86
CA LYS D 264 -29.60 -16.36 56.15
C LYS D 264 -30.02 -15.54 54.93
N THR D 265 -31.33 -15.54 54.64
CA THR D 265 -31.99 -14.67 53.62
C THR D 265 -32.72 -13.55 54.38
N LEU D 266 -32.42 -12.30 54.05
CA LEU D 266 -33.00 -11.08 54.70
C LEU D 266 -33.98 -10.42 53.73
N ASN D 267 -35.28 -10.51 54.02
CA ASN D 267 -36.38 -9.83 53.29
C ASN D 267 -36.66 -8.49 53.99
N VAL D 268 -35.92 -7.43 53.63
CA VAL D 268 -35.82 -6.19 54.46
C VAL D 268 -37.07 -5.32 54.23
N GLY D 269 -37.75 -5.49 53.10
CA GLY D 269 -39.11 -4.95 52.87
C GLY D 269 -39.12 -3.53 52.32
N LEU D 270 -38.04 -3.09 51.67
CA LEU D 270 -37.92 -1.76 51.01
C LEU D 270 -37.90 -1.94 49.48
N GLU D 271 -38.29 -3.13 49.00
CA GLU D 271 -38.36 -3.50 47.56
C GLU D 271 -36.93 -3.65 47.03
N ARG D 272 -36.61 -3.25 45.79
CA ARG D 272 -35.35 -3.64 45.10
C ARG D 272 -34.13 -3.11 45.86
N SER D 273 -33.14 -3.98 46.08
CA SER D 273 -31.80 -3.65 46.65
C SER D 273 -30.88 -3.15 45.53
N TRP D 274 -30.22 -2.00 45.73
CA TRP D 274 -29.37 -1.33 44.71
C TRP D 274 -27.89 -1.30 45.13
N CYS D 275 -27.57 -0.83 46.34
CA CYS D 275 -26.16 -0.53 46.76
C CYS D 275 -25.87 -1.08 48.16
N ILE D 276 -24.58 -1.29 48.45
CA ILE D 276 -24.07 -1.88 49.72
C ILE D 276 -22.84 -1.08 50.18
N ALA D 277 -22.75 -0.87 51.49
CA ALA D 277 -21.55 -0.37 52.21
C ALA D 277 -21.31 -1.24 53.44
N THR D 278 -20.03 -1.48 53.77
CA THR D 278 -19.57 -2.12 55.02
C THR D 278 -18.71 -1.11 55.78
N HIS D 279 -18.87 -1.04 57.11
CA HIS D 279 -18.16 -0.05 57.96
C HIS D 279 -16.65 -0.25 57.79
N PRO D 280 -15.87 0.82 57.53
CA PRO D 280 -14.47 0.69 57.10
C PRO D 280 -13.53 0.11 58.18
N THR D 281 -13.96 0.12 59.45
CA THR D 281 -13.19 -0.39 60.62
C THR D 281 -13.94 -1.56 61.27
N GLY D 282 -15.05 -2.01 60.67
CA GLY D 282 -15.85 -3.16 61.15
C GLY D 282 -16.55 -2.88 62.47
N ARG D 283 -16.70 -1.61 62.87
CA ARG D 283 -17.43 -1.17 64.08
C ARG D 283 -18.79 -1.89 64.13
N LYS D 284 -19.00 -2.73 65.15
CA LYS D 284 -20.22 -3.55 65.38
C LYS D 284 -20.59 -4.30 64.08
N ASN D 285 -19.59 -4.63 63.26
CA ASN D 285 -19.77 -5.27 61.93
C ASN D 285 -20.97 -4.64 61.22
N TYR D 286 -21.01 -3.30 61.14
CA TYR D 286 -22.11 -2.51 60.53
C TYR D 286 -22.09 -2.71 59.01
N ILE D 287 -23.24 -3.08 58.44
CA ILE D 287 -23.49 -3.02 56.96
C ILE D 287 -24.73 -2.13 56.75
N ALA D 288 -24.83 -1.52 55.58
CA ALA D 288 -26.02 -0.76 55.13
C ALA D 288 -26.26 -1.07 53.66
N SER D 289 -27.55 -1.14 53.26
CA SER D 289 -27.99 -1.30 51.86
C SER D 289 -29.03 -0.23 51.54
N GLY D 290 -28.97 0.32 50.32
CA GLY D 290 -29.91 1.32 49.79
C GLY D 290 -30.88 0.67 48.82
N PHE D 291 -32.16 1.07 48.87
CA PHE D 291 -33.29 0.41 48.18
C PHE D 291 -34.22 1.45 47.55
N ASP D 292 -35.20 0.95 46.78
CA ASP D 292 -36.33 1.73 46.19
C ASP D 292 -36.92 2.69 47.21
N ASN D 293 -37.17 2.20 48.43
CA ASN D 293 -38.01 2.86 49.46
C ASN D 293 -37.15 3.27 50.66
N GLY D 294 -35.85 3.50 50.46
CA GLY D 294 -34.93 4.01 51.50
C GLY D 294 -33.82 3.03 51.83
N PHE D 295 -33.26 3.11 53.05
CA PHE D 295 -32.09 2.30 53.48
C PHE D 295 -32.32 1.68 54.86
N THR D 296 -31.47 0.71 55.20
CA THR D 296 -31.46 -0.03 56.48
C THR D 296 -30.00 -0.26 56.90
N VAL D 297 -29.66 0.11 58.13
CA VAL D 297 -28.34 -0.19 58.77
C VAL D 297 -28.55 -1.39 59.71
N LEU D 298 -27.67 -2.40 59.62
CA LEU D 298 -27.73 -3.66 60.40
C LEU D 298 -26.37 -3.88 61.09
N SER D 299 -26.38 -4.19 62.39
CA SER D 299 -25.21 -4.72 63.14
C SER D 299 -25.19 -6.25 63.02
N LEU D 300 -24.01 -6.82 62.78
CA LEU D 300 -23.78 -8.29 62.73
C LEU D 300 -22.94 -8.68 63.95
N GLY D 301 -23.03 -9.95 64.38
CA GLY D 301 -22.33 -10.48 65.58
C GLY D 301 -21.24 -11.47 65.21
N ASN D 302 -20.20 -11.56 66.05
CA ASN D 302 -19.04 -12.48 65.87
C ASN D 302 -19.43 -13.88 66.36
N MET E 1 40.84 21.30 -37.04
CA MET E 1 41.16 22.62 -36.40
C MET E 1 39.99 23.05 -35.50
N LYS E 2 40.22 24.07 -34.66
CA LYS E 2 39.19 24.76 -33.86
C LYS E 2 39.02 26.19 -34.40
N LEU E 3 38.39 26.31 -35.58
CA LEU E 3 37.98 27.63 -36.16
C LEU E 3 36.94 28.26 -35.24
N ASP E 4 37.32 29.33 -34.53
CA ASP E 4 36.40 30.12 -33.66
C ASP E 4 36.17 31.47 -34.34
N ILE E 5 35.38 31.48 -35.42
CA ILE E 5 35.12 32.67 -36.28
C ILE E 5 34.07 33.55 -35.60
N LYS E 6 34.35 34.85 -35.47
CA LYS E 6 33.43 35.87 -34.91
C LYS E 6 33.43 37.10 -35.83
N LYS E 7 32.23 37.58 -36.20
CA LYS E 7 32.03 38.82 -36.99
C LYS E 7 32.37 40.04 -36.10
N THR E 8 33.58 40.58 -36.25
CA THR E 8 34.07 41.77 -35.52
C THR E 8 33.23 42.99 -35.93
N PHE E 9 33.12 43.24 -37.24
CA PHE E 9 32.39 44.41 -37.80
C PHE E 9 32.02 44.15 -39.27
N SER E 10 30.77 44.47 -39.62
CA SER E 10 30.22 44.49 -41.00
C SER E 10 29.75 45.90 -41.33
N ASN E 11 30.09 46.39 -42.53
CA ASN E 11 29.70 47.75 -43.03
C ASN E 11 29.16 47.60 -44.46
N ARG E 12 27.93 48.07 -44.68
CA ARG E 12 27.30 48.15 -46.03
C ARG E 12 27.82 49.41 -46.72
N SER E 13 28.24 49.30 -47.99
CA SER E 13 28.76 50.42 -48.80
C SER E 13 28.70 50.07 -50.29
N ASP E 14 29.08 51.03 -51.14
CA ASP E 14 29.42 50.82 -52.58
C ASP E 14 30.51 49.74 -52.66
N ARG E 15 30.60 49.07 -53.82
CA ARG E 15 31.47 47.89 -54.08
C ARG E 15 32.89 48.19 -53.59
N VAL E 16 33.43 47.28 -52.77
CA VAL E 16 34.81 47.35 -52.20
C VAL E 16 35.73 46.51 -53.09
N LYS E 17 36.61 47.16 -53.86
CA LYS E 17 37.58 46.52 -54.78
C LYS E 17 38.92 46.30 -54.07
N GLY E 18 39.28 47.19 -53.13
CA GLY E 18 40.53 47.11 -52.35
C GLY E 18 40.26 47.08 -50.86
N ILE E 19 41.17 46.49 -50.08
CA ILE E 19 41.10 46.44 -48.59
C ILE E 19 42.51 46.19 -48.03
N ASP E 20 42.80 46.73 -46.85
CA ASP E 20 44.13 46.63 -46.18
C ASP E 20 43.96 46.91 -44.68
N PHE E 21 44.67 46.16 -43.84
CA PHE E 21 44.71 46.32 -42.36
C PHE E 21 45.85 47.27 -41.98
N HIS E 22 45.58 48.20 -41.06
CA HIS E 22 46.63 49.04 -40.40
C HIS E 22 47.37 48.15 -39.40
N PRO E 23 48.73 48.12 -39.43
CA PRO E 23 49.50 47.21 -38.59
C PRO E 23 49.38 47.42 -37.07
N THR E 24 49.20 48.66 -36.62
CA THR E 24 49.21 49.04 -35.17
C THR E 24 47.80 49.46 -34.72
N GLU E 25 47.13 50.34 -35.46
CA GLU E 25 45.77 50.86 -35.13
C GLU E 25 44.71 49.86 -35.60
N PRO E 26 43.61 49.65 -34.84
CA PRO E 26 42.55 48.73 -35.24
C PRO E 26 41.69 49.30 -36.39
N TRP E 27 42.31 49.53 -37.55
CA TRP E 27 41.69 50.16 -38.75
C TRP E 27 41.72 49.19 -39.93
N VAL E 28 40.72 49.30 -40.83
CA VAL E 28 40.80 48.75 -42.21
C VAL E 28 40.61 49.93 -43.18
N LEU E 29 41.43 49.95 -44.24
CA LEU E 29 41.29 50.85 -45.42
C LEU E 29 40.42 50.13 -46.45
N THR E 30 39.36 50.78 -46.93
CA THR E 30 38.52 50.25 -48.04
C THR E 30 38.66 51.19 -49.23
N THR E 31 38.49 50.62 -50.42
CA THR E 31 38.81 51.22 -51.73
C THR E 31 37.64 50.84 -52.64
N LEU E 32 36.79 51.82 -52.99
CA LEU E 32 35.43 51.58 -53.55
C LEU E 32 35.39 51.86 -55.05
N TYR E 33 34.40 51.26 -55.72
CA TYR E 33 34.12 51.32 -57.18
C TYR E 33 33.51 52.69 -57.52
N SER E 34 32.96 53.36 -56.51
CA SER E 34 32.32 54.71 -56.59
C SER E 34 33.37 55.83 -56.65
N GLY E 35 34.65 55.52 -56.39
CA GLY E 35 35.76 56.50 -56.34
C GLY E 35 35.99 57.05 -54.94
N ARG E 36 35.32 56.48 -53.94
CA ARG E 36 35.47 56.82 -52.50
C ARG E 36 36.53 55.90 -51.89
N VAL E 37 37.25 56.39 -50.87
CA VAL E 37 38.14 55.56 -50.00
C VAL E 37 37.76 55.87 -48.54
N GLU E 38 37.63 54.82 -47.71
CA GLU E 38 37.14 54.93 -46.31
C GLU E 38 38.13 54.24 -45.36
N LEU E 39 38.36 54.86 -44.20
CA LEU E 39 39.08 54.28 -43.04
C LEU E 39 38.08 54.08 -41.91
N TRP E 40 37.88 52.83 -41.49
CA TRP E 40 36.92 52.45 -40.41
C TRP E 40 37.69 51.85 -39.22
N ASN E 41 37.30 52.23 -38.00
CA ASN E 41 37.73 51.55 -36.75
C ASN E 41 36.76 50.39 -36.50
N TYR E 42 37.21 49.15 -36.68
CA TYR E 42 36.37 47.93 -36.68
C TYR E 42 36.07 47.47 -35.24
N GLU E 43 36.78 48.01 -34.25
CA GLU E 43 36.51 47.77 -32.81
C GLU E 43 35.48 48.79 -32.33
N THR E 44 35.72 50.06 -32.66
CA THR E 44 34.90 51.24 -32.28
C THR E 44 33.66 51.34 -33.19
N GLN E 45 33.73 50.77 -34.39
CA GLN E 45 32.66 50.76 -35.43
C GLN E 45 32.40 52.18 -35.96
N VAL E 46 33.30 53.13 -35.67
CA VAL E 46 33.19 54.55 -36.12
C VAL E 46 34.16 54.76 -37.29
N GLU E 47 33.71 55.46 -38.33
CA GLU E 47 34.52 55.80 -39.52
C GLU E 47 35.60 56.82 -39.12
N VAL E 48 36.88 56.47 -39.28
CA VAL E 48 38.03 57.37 -39.03
C VAL E 48 37.97 58.53 -40.02
N ARG E 49 37.91 58.21 -41.31
CA ARG E 49 38.03 59.19 -42.43
C ARG E 49 37.48 58.58 -43.72
N SER E 50 36.87 59.41 -44.57
CA SER E 50 36.46 59.08 -45.95
C SER E 50 36.86 60.21 -46.89
N ILE E 51 37.27 59.87 -48.12
CA ILE E 51 37.72 60.83 -49.17
C ILE E 51 37.08 60.41 -50.50
N GLN E 52 36.46 61.36 -51.21
CA GLN E 52 36.09 61.25 -52.64
C GLN E 52 37.34 61.59 -53.46
N VAL E 53 38.09 60.56 -53.87
CA VAL E 53 39.44 60.68 -54.48
C VAL E 53 39.27 61.00 -55.98
N THR E 54 38.33 60.32 -56.64
CA THR E 54 37.98 60.52 -58.07
C THR E 54 36.52 60.12 -58.29
N GLU E 55 36.10 59.91 -59.55
CA GLU E 55 34.74 59.44 -59.90
C GLU E 55 34.81 57.98 -60.38
N THR E 56 35.96 57.57 -60.94
CA THR E 56 36.22 56.19 -61.42
C THR E 56 36.43 55.24 -60.24
N PRO E 57 36.35 53.91 -60.47
CA PRO E 57 36.75 52.93 -59.45
C PRO E 57 38.19 53.12 -58.92
N VAL E 58 38.33 53.05 -57.60
CA VAL E 58 39.63 52.87 -56.89
C VAL E 58 39.76 51.36 -56.62
N ARG E 59 40.55 50.66 -57.42
CA ARG E 59 40.64 49.17 -57.38
C ARG E 59 41.72 48.73 -56.39
N ALA E 60 42.63 49.62 -56.02
CA ALA E 60 43.86 49.30 -55.24
C ALA E 60 44.00 50.27 -54.06
N GLY E 61 44.48 49.77 -52.91
CA GLY E 61 44.60 50.55 -51.66
C GLY E 61 45.52 49.87 -50.66
N LYS E 62 46.53 50.60 -50.17
CA LYS E 62 47.48 50.11 -49.14
C LYS E 62 47.78 51.20 -48.12
N PHE E 63 47.90 50.82 -46.85
CA PHE E 63 48.54 51.63 -45.78
C PHE E 63 50.05 51.64 -46.00
N ILE E 64 50.65 52.83 -45.95
CA ILE E 64 52.10 53.04 -45.68
C ILE E 64 52.19 53.68 -44.29
N ALA E 65 51.98 52.86 -43.26
CA ALA E 65 51.87 53.26 -41.84
C ALA E 65 53.12 54.02 -41.38
N ARG E 66 54.30 53.67 -41.92
CA ARG E 66 55.61 54.25 -41.52
C ARG E 66 55.67 55.74 -41.88
N LYS E 67 54.78 56.22 -42.75
CA LYS E 67 54.67 57.66 -43.16
C LYS E 67 53.29 58.22 -42.80
N ASN E 68 52.46 57.44 -42.09
CA ASN E 68 51.03 57.75 -41.79
C ASN E 68 50.29 58.04 -43.09
N TRP E 69 50.51 57.20 -44.10
CA TRP E 69 49.97 57.37 -45.48
C TRP E 69 49.00 56.23 -45.80
N ILE E 70 48.00 56.54 -46.62
CA ILE E 70 47.32 55.56 -47.51
C ILE E 70 47.79 55.85 -48.93
N ILE E 71 47.94 54.81 -49.76
CA ILE E 71 48.24 54.94 -51.22
C ILE E 71 47.15 54.18 -51.98
N VAL E 72 46.56 54.81 -52.99
CA VAL E 72 45.41 54.24 -53.75
C VAL E 72 45.64 54.46 -55.25
N GLY E 73 45.21 53.48 -56.06
CA GLY E 73 45.24 53.52 -57.53
C GLY E 73 43.83 53.43 -58.10
N SER E 74 43.57 54.09 -59.23
CA SER E 74 42.21 54.28 -59.79
C SER E 74 42.23 54.12 -61.32
N ASP E 75 41.03 53.91 -61.91
CA ASP E 75 40.83 53.66 -63.36
C ASP E 75 41.19 54.90 -64.18
N ASP E 76 41.21 56.08 -63.54
CA ASP E 76 41.62 57.38 -64.14
C ASP E 76 43.15 57.45 -64.32
N PHE E 77 43.86 56.33 -64.13
CA PHE E 77 45.31 56.14 -64.46
C PHE E 77 46.21 56.58 -63.31
N ARG E 78 45.66 56.99 -62.16
CA ARG E 78 46.39 57.83 -61.17
C ARG E 78 46.66 57.07 -59.87
N ILE E 79 47.90 57.18 -59.37
CA ILE E 79 48.26 56.86 -57.95
C ILE E 79 48.14 58.15 -57.15
N ARG E 80 47.44 58.09 -56.01
CA ARG E 80 47.27 59.21 -55.07
C ARG E 80 47.67 58.75 -53.66
N VAL E 81 48.26 59.64 -52.89
CA VAL E 81 48.75 59.38 -51.50
C VAL E 81 48.18 60.47 -50.58
N PHE E 82 47.57 60.05 -49.47
CA PHE E 82 46.98 60.93 -48.44
C PHE E 82 47.57 60.59 -47.07
N ASN E 83 47.94 61.63 -46.30
CA ASN E 83 48.21 61.53 -44.85
C ASN E 83 46.87 61.34 -44.14
N TYR E 84 46.66 60.18 -43.50
CA TYR E 84 45.35 59.77 -42.93
C TYR E 84 45.06 60.53 -41.62
N ASN E 85 46.08 61.12 -40.99
CA ASN E 85 45.94 61.91 -39.74
C ASN E 85 45.33 63.29 -40.07
N THR E 86 45.70 63.86 -41.22
CA THR E 86 45.40 65.27 -41.60
C THR E 86 44.44 65.33 -42.81
N GLY E 87 44.39 64.29 -43.64
CA GLY E 87 43.67 64.30 -44.93
C GLY E 87 44.46 64.99 -46.02
N GLU E 88 45.66 65.49 -45.72
CA GLU E 88 46.57 66.15 -46.70
C GLU E 88 46.85 65.18 -47.85
N LYS E 89 46.63 65.62 -49.09
CA LYS E 89 47.08 64.88 -50.30
C LYS E 89 48.58 65.16 -50.50
N VAL E 90 49.41 64.11 -50.39
CA VAL E 90 50.90 64.18 -50.43
C VAL E 90 51.36 64.29 -51.89
N VAL E 91 50.92 63.36 -52.75
CA VAL E 91 51.26 63.32 -54.20
C VAL E 91 50.04 62.84 -54.99
N ASP E 92 49.99 63.23 -56.26
CA ASP E 92 48.92 62.87 -57.24
C ASP E 92 49.54 62.92 -58.64
N PHE E 93 49.83 61.75 -59.22
CA PHE E 93 50.56 61.61 -60.51
C PHE E 93 49.92 60.54 -61.39
N GLU E 94 50.12 60.65 -62.70
CA GLU E 94 49.69 59.66 -63.70
C GLU E 94 50.68 58.50 -63.70
N ALA E 95 50.23 57.32 -63.27
CA ALA E 95 51.07 56.11 -63.05
C ALA E 95 51.17 55.29 -64.33
N HIS E 96 50.03 55.08 -65.00
CA HIS E 96 49.89 54.23 -66.22
C HIS E 96 48.83 54.83 -67.15
N PRO E 97 48.89 54.59 -68.48
CA PRO E 97 47.83 55.04 -69.39
C PRO E 97 46.66 54.05 -69.50
N ASP E 98 46.37 53.31 -68.41
CA ASP E 98 45.19 52.41 -68.28
C ASP E 98 44.90 52.19 -66.79
N TYR E 99 43.92 51.34 -66.47
CA TYR E 99 43.47 51.01 -65.08
C TYR E 99 44.67 50.50 -64.27
N ILE E 100 44.67 50.79 -62.97
CA ILE E 100 45.63 50.20 -61.98
C ILE E 100 44.86 49.14 -61.19
N ARG E 101 45.29 47.88 -61.30
CA ARG E 101 44.62 46.71 -60.67
C ARG E 101 45.10 46.55 -59.23
N SER E 102 46.41 46.60 -58.99
CA SER E 102 47.06 46.15 -57.74
C SER E 102 48.23 47.07 -57.37
N ILE E 103 48.33 47.45 -56.08
CA ILE E 103 49.53 48.11 -55.48
C ILE E 103 50.07 47.18 -54.38
N ALA E 104 51.39 47.00 -54.31
CA ALA E 104 52.11 46.42 -53.16
C ALA E 104 53.13 47.44 -52.64
N VAL E 105 53.46 47.38 -51.35
CA VAL E 105 54.44 48.26 -50.66
C VAL E 105 55.62 47.40 -50.20
N HIS E 106 56.84 47.81 -50.54
CA HIS E 106 58.11 47.18 -50.10
C HIS E 106 58.18 47.24 -48.57
N PRO E 107 58.43 46.11 -47.87
CA PRO E 107 58.34 46.08 -46.42
C PRO E 107 59.47 46.80 -45.66
N THR E 108 60.58 47.15 -46.32
CA THR E 108 61.75 47.86 -45.71
C THR E 108 62.13 49.12 -46.48
N LYS E 109 61.96 49.14 -47.81
CA LYS E 109 62.46 50.22 -48.70
C LYS E 109 61.32 51.14 -49.09
N PRO E 110 61.61 52.40 -49.50
CA PRO E 110 60.56 53.36 -49.86
C PRO E 110 60.04 53.14 -51.29
N TYR E 111 59.74 51.88 -51.64
CA TYR E 111 59.34 51.45 -53.00
C TYR E 111 57.87 51.03 -53.00
N VAL E 112 57.16 51.37 -54.06
CA VAL E 112 55.75 50.96 -54.33
C VAL E 112 55.70 50.38 -55.75
N LEU E 113 55.11 49.19 -55.92
CA LEU E 113 54.80 48.58 -57.23
C LEU E 113 53.35 48.87 -57.59
N SER E 114 53.05 49.03 -58.87
CA SER E 114 51.67 49.13 -59.42
C SER E 114 51.58 48.26 -60.67
N GLY E 115 50.58 47.37 -60.72
CA GLY E 115 50.26 46.50 -61.86
C GLY E 115 49.04 47.04 -62.59
N SER E 116 49.10 47.14 -63.92
CA SER E 116 48.11 47.88 -64.74
C SER E 116 47.70 47.12 -65.99
N ASP E 117 46.60 47.57 -66.61
CA ASP E 117 46.06 47.06 -67.89
C ASP E 117 46.94 47.54 -69.06
N ASP E 118 47.96 48.35 -68.78
CA ASP E 118 49.02 48.78 -69.75
C ASP E 118 50.06 47.65 -69.89
N LEU E 119 49.82 46.50 -69.26
CA LEU E 119 50.56 45.22 -69.45
C LEU E 119 51.84 45.21 -68.59
N THR E 120 52.10 46.28 -67.83
CA THR E 120 53.39 46.52 -67.14
C THR E 120 53.19 46.53 -65.62
N VAL E 121 54.27 46.25 -64.89
CA VAL E 121 54.46 46.60 -63.45
C VAL E 121 55.46 47.75 -63.40
N LYS E 122 55.18 48.79 -62.61
CA LYS E 122 56.07 49.97 -62.45
C LYS E 122 56.48 50.10 -60.98
N LEU E 123 57.73 50.52 -60.76
CA LEU E 123 58.35 50.73 -59.42
C LEU E 123 58.51 52.23 -59.16
N TRP E 124 57.91 52.72 -58.08
CA TRP E 124 57.95 54.15 -57.65
C TRP E 124 58.74 54.24 -56.33
N ASN E 125 59.47 55.34 -56.15
CA ASN E 125 60.39 55.57 -55.01
C ASN E 125 60.10 56.94 -54.39
N TRP E 126 59.46 56.96 -53.21
CA TRP E 126 58.89 58.18 -52.58
C TRP E 126 59.99 59.05 -51.95
N GLU E 127 61.18 58.50 -51.73
CA GLU E 127 62.38 59.25 -51.26
C GLU E 127 63.08 59.92 -52.46
N ASN E 128 62.65 59.61 -53.70
CA ASN E 128 63.16 60.25 -54.94
C ASN E 128 62.00 60.97 -55.65
N ASN E 129 61.15 61.67 -54.87
CA ASN E 129 60.02 62.49 -55.38
C ASN E 129 59.04 61.64 -56.19
N TRP E 130 58.88 60.36 -55.82
CA TRP E 130 58.00 59.38 -56.52
C TRP E 130 58.42 59.26 -58.00
N ALA E 131 59.72 59.10 -58.26
CA ALA E 131 60.29 58.94 -59.62
C ALA E 131 60.06 57.49 -60.09
N LEU E 132 59.78 57.32 -61.38
CA LEU E 132 59.70 55.98 -62.02
C LEU E 132 61.11 55.42 -62.17
N GLU E 133 61.44 54.39 -61.38
CA GLU E 133 62.81 53.79 -61.31
C GLU E 133 62.91 52.63 -62.31
N GLN E 134 61.83 51.87 -62.51
CA GLN E 134 61.81 50.71 -63.44
C GLN E 134 60.38 50.41 -63.92
N THR E 135 60.24 50.16 -65.22
CA THR E 135 59.02 49.56 -65.85
C THR E 135 59.34 48.11 -66.24
N PHE E 136 58.59 47.16 -65.67
CA PHE E 136 58.77 45.69 -65.88
C PHE E 136 57.89 45.23 -67.04
N GLU E 137 58.49 45.06 -68.23
CA GLU E 137 57.79 44.72 -69.49
C GLU E 137 57.97 43.22 -69.78
N GLY E 138 56.91 42.56 -70.25
CA GLY E 138 56.90 41.11 -70.53
C GLY E 138 55.50 40.54 -70.68
N HIS E 139 54.59 40.89 -69.75
CA HIS E 139 53.18 40.37 -69.71
C HIS E 139 52.45 40.75 -71.00
N GLU E 140 51.55 39.88 -71.45
CA GLU E 140 50.84 40.01 -72.76
C GLU E 140 49.37 40.41 -72.54
N HIS E 141 48.96 40.65 -71.29
CA HIS E 141 47.61 41.18 -70.95
C HIS E 141 47.65 41.92 -69.61
N PHE E 142 46.49 42.24 -69.04
CA PHE E 142 46.34 43.09 -67.82
C PHE E 142 47.13 42.45 -66.68
N VAL E 143 47.93 43.27 -66.01
CA VAL E 143 48.58 42.90 -64.72
C VAL E 143 47.56 43.13 -63.60
N MET E 144 47.03 42.04 -63.04
CA MET E 144 45.88 42.00 -62.10
C MET E 144 46.36 42.07 -60.64
N CYS E 145 47.56 41.58 -60.34
CA CYS E 145 48.05 41.41 -58.94
C CYS E 145 49.59 41.47 -58.90
N VAL E 146 50.14 42.26 -57.97
CA VAL E 146 51.60 42.36 -57.69
C VAL E 146 51.80 42.13 -56.19
N ALA E 147 52.81 41.33 -55.82
CA ALA E 147 53.10 40.93 -54.43
C ALA E 147 54.58 40.57 -54.29
N PHE E 148 55.32 41.34 -53.48
CA PHE E 148 56.72 41.04 -53.05
C PHE E 148 56.75 39.66 -52.37
N ASN E 149 57.81 38.89 -52.61
CA ASN E 149 58.14 37.70 -51.79
C ASN E 149 58.52 38.22 -50.40
N PRO E 150 57.72 37.94 -49.35
CA PRO E 150 58.01 38.48 -48.02
C PRO E 150 59.26 37.86 -47.37
N LYS E 151 59.80 36.80 -47.98
CA LYS E 151 61.08 36.15 -47.59
C LYS E 151 62.24 36.74 -48.40
N ASP E 152 61.94 37.49 -49.47
CA ASP E 152 62.94 38.25 -50.26
C ASP E 152 62.22 39.30 -51.12
N PRO E 153 62.06 40.54 -50.60
CA PRO E 153 61.34 41.59 -51.34
C PRO E 153 62.15 42.30 -52.43
N SER E 154 63.36 41.81 -52.75
CA SER E 154 64.11 42.18 -53.98
C SER E 154 63.48 41.47 -55.18
N THR E 155 62.55 40.54 -54.93
CA THR E 155 61.77 39.79 -55.96
C THR E 155 60.27 39.96 -55.70
N PHE E 156 59.45 39.84 -56.75
CA PHE E 156 57.97 39.84 -56.67
C PHE E 156 57.40 38.98 -57.81
N ALA E 157 56.19 38.46 -57.59
CA ALA E 157 55.34 37.79 -58.59
C ALA E 157 54.33 38.81 -59.12
N SER E 158 53.91 38.68 -60.38
CA SER E 158 52.75 39.41 -60.95
C SER E 158 51.79 38.40 -61.58
N GLY E 159 50.53 38.42 -61.14
CA GLY E 159 49.42 37.63 -61.71
C GLY E 159 48.80 38.37 -62.87
N CYS E 160 48.55 37.67 -63.98
CA CYS E 160 48.26 38.27 -65.30
C CYS E 160 47.23 37.43 -66.06
N LEU E 161 46.31 38.11 -66.78
CA LEU E 161 45.25 37.49 -67.61
C LEU E 161 45.86 36.74 -68.80
N ASP E 162 47.15 36.99 -69.13
CA ASP E 162 47.89 36.21 -70.15
C ASP E 162 48.06 34.77 -69.67
N ARG E 163 47.53 34.43 -68.48
CA ARG E 163 47.46 33.06 -67.90
C ARG E 163 48.86 32.64 -67.40
N THR E 164 49.73 33.60 -67.12
CA THR E 164 51.06 33.35 -66.50
C THR E 164 51.10 33.97 -65.10
N VAL E 165 52.12 33.58 -64.33
CA VAL E 165 52.74 34.39 -63.25
C VAL E 165 54.20 34.60 -63.66
N LYS E 166 54.68 35.85 -63.63
CA LYS E 166 56.11 36.20 -63.85
C LYS E 166 56.72 36.65 -62.51
N VAL E 167 57.91 36.15 -62.19
CA VAL E 167 58.70 36.55 -60.98
C VAL E 167 59.90 37.36 -61.47
N TRP E 168 60.10 38.54 -60.88
CA TRP E 168 61.07 39.58 -61.32
C TRP E 168 62.04 39.90 -60.17
N SER E 169 63.23 40.40 -60.52
CA SER E 169 64.20 41.03 -59.58
C SER E 169 64.23 42.54 -59.84
N LEU E 170 64.27 43.35 -58.77
CA LEU E 170 64.39 44.83 -58.86
C LEU E 170 65.74 45.17 -59.50
N GLY E 171 65.72 45.81 -60.68
CA GLY E 171 66.91 46.21 -61.43
C GLY E 171 67.24 45.25 -62.57
N GLN E 172 66.38 44.26 -62.82
CA GLN E 172 66.53 43.25 -63.91
C GLN E 172 65.29 43.31 -64.82
N SER E 173 65.49 43.72 -66.07
CA SER E 173 64.43 43.93 -67.11
C SER E 173 63.82 42.59 -67.53
N THR E 174 64.59 41.51 -67.47
CA THR E 174 64.17 40.12 -67.82
C THR E 174 63.59 39.44 -66.59
N PRO E 175 62.43 38.73 -66.71
CA PRO E 175 61.89 37.96 -65.59
C PRO E 175 62.84 36.83 -65.15
N ASN E 176 62.87 36.56 -63.84
CA ASN E 176 63.59 35.41 -63.23
C ASN E 176 63.06 34.11 -63.83
N PHE E 177 61.73 34.01 -63.98
CA PHE E 177 61.05 32.87 -64.66
C PHE E 177 59.59 33.23 -64.96
N THR E 178 58.96 32.41 -65.80
CA THR E 178 57.51 32.47 -66.14
C THR E 178 56.86 31.13 -65.78
N LEU E 179 55.89 31.15 -64.87
CA LEU E 179 54.95 30.03 -64.63
C LEU E 179 53.84 30.11 -65.69
N THR E 180 53.58 29.00 -66.38
CA THR E 180 52.42 28.83 -67.29
C THR E 180 51.35 28.06 -66.51
N THR E 181 50.35 28.78 -66.00
CA THR E 181 49.46 28.34 -64.89
C THR E 181 48.45 27.29 -65.37
N GLY E 182 48.18 27.21 -66.67
CA GLY E 182 47.08 26.39 -67.22
C GLY E 182 45.74 26.84 -66.66
N GLN E 183 45.64 28.12 -66.29
CA GLN E 183 44.40 28.80 -65.84
C GLN E 183 43.95 29.72 -66.98
N GLU E 184 43.22 29.14 -67.93
CA GLU E 184 43.10 29.64 -69.33
C GLU E 184 42.20 30.89 -69.38
N ARG E 185 41.42 31.16 -68.33
CA ARG E 185 40.58 32.39 -68.23
C ARG E 185 41.37 33.49 -67.50
N GLY E 186 42.63 33.23 -67.15
CA GLY E 186 43.60 34.22 -66.65
C GLY E 186 43.89 34.06 -65.18
N VAL E 187 44.92 34.75 -64.68
CA VAL E 187 45.28 34.81 -63.23
C VAL E 187 44.86 36.18 -62.69
N ASN E 188 44.02 36.19 -61.66
CA ASN E 188 43.45 37.41 -61.02
C ASN E 188 44.30 37.83 -59.82
N TYR E 189 44.97 36.88 -59.18
CA TYR E 189 45.62 37.07 -57.85
C TYR E 189 46.83 36.12 -57.75
N VAL E 190 47.90 36.60 -57.12
CA VAL E 190 49.09 35.80 -56.76
C VAL E 190 49.52 36.21 -55.34
N ASP E 191 49.78 35.23 -54.47
CA ASP E 191 50.18 35.41 -53.05
C ASP E 191 51.30 34.40 -52.73
N TYR E 192 52.14 34.70 -51.75
CA TYR E 192 53.28 33.84 -51.31
C TYR E 192 52.93 33.15 -49.98
N TYR E 193 53.36 31.90 -49.83
CA TYR E 193 53.51 31.22 -48.52
C TYR E 193 54.60 31.96 -47.74
N PRO E 194 54.33 32.48 -46.52
CA PRO E 194 55.27 33.39 -45.86
C PRO E 194 56.31 32.72 -44.94
N LEU E 195 56.21 31.40 -44.70
CA LEU E 195 57.11 30.66 -43.77
C LEU E 195 58.24 29.99 -44.55
N PRO E 196 59.43 29.79 -43.92
CA PRO E 196 60.57 29.21 -44.62
C PRO E 196 60.39 27.77 -45.13
N ASP E 197 59.46 27.00 -44.56
CA ASP E 197 59.37 25.52 -44.71
C ASP E 197 59.07 25.13 -46.17
N LYS E 198 58.31 25.93 -46.92
CA LYS E 198 57.94 25.60 -48.34
C LYS E 198 58.20 26.79 -49.27
N PRO E 199 58.65 26.53 -50.51
CA PRO E 199 58.84 27.58 -51.53
C PRO E 199 57.58 27.71 -52.40
N TYR E 200 56.45 28.02 -51.76
CA TYR E 200 55.09 27.91 -52.37
C TYR E 200 54.56 29.29 -52.77
N MET E 201 53.79 29.31 -53.86
CA MET E 201 52.95 30.46 -54.29
C MET E 201 51.54 29.92 -54.60
N ILE E 202 50.55 30.80 -54.73
CA ILE E 202 49.13 30.42 -54.96
C ILE E 202 48.52 31.40 -55.97
N THR E 203 47.76 30.89 -56.95
CA THR E 203 47.04 31.70 -57.97
C THR E 203 45.55 31.37 -57.92
N ALA E 204 44.71 32.36 -58.21
CA ALA E 204 43.24 32.26 -58.34
C ALA E 204 42.83 32.70 -59.75
N SER E 205 41.79 32.10 -60.31
CA SER E 205 41.41 32.25 -61.74
C SER E 205 39.89 32.29 -61.92
N ASP E 206 39.43 32.95 -62.99
CA ASP E 206 38.00 32.96 -63.43
C ASP E 206 37.56 31.54 -63.80
N ASP E 207 38.51 30.62 -64.04
CA ASP E 207 38.23 29.21 -64.43
C ASP E 207 37.80 28.38 -63.21
N LEU E 208 37.53 29.01 -62.07
CA LEU E 208 36.94 28.41 -60.84
C LEU E 208 38.04 27.77 -59.97
N THR E 209 39.27 27.65 -60.47
CA THR E 209 40.35 26.87 -59.79
C THR E 209 41.25 27.78 -58.97
N ILE E 210 41.83 27.22 -57.90
CA ILE E 210 42.97 27.77 -57.12
C ILE E 210 44.12 26.77 -57.26
N LYS E 211 45.36 27.24 -57.44
CA LYS E 211 46.53 26.38 -57.76
C LYS E 211 47.71 26.72 -56.84
N ILE E 212 48.30 25.71 -56.23
CA ILE E 212 49.52 25.82 -55.36
C ILE E 212 50.75 25.53 -56.22
N TRP E 213 51.72 26.45 -56.23
CA TRP E 213 52.95 26.40 -57.06
C TRP E 213 54.20 26.27 -56.18
N ASP E 214 55.04 25.28 -56.46
CA ASP E 214 56.44 25.18 -55.95
C ASP E 214 57.33 25.98 -56.92
N TYR E 215 57.67 27.23 -56.57
CA TYR E 215 58.36 28.19 -57.48
C TYR E 215 59.84 27.83 -57.64
N GLN E 216 60.35 26.86 -56.86
CA GLN E 216 61.68 26.24 -57.05
C GLN E 216 61.62 25.26 -58.23
N THR E 217 60.73 24.26 -58.16
CA THR E 217 60.59 23.15 -59.14
C THR E 217 59.62 23.53 -60.27
N LYS E 218 58.97 24.70 -60.17
CA LYS E 218 58.07 25.27 -61.21
C LYS E 218 56.92 24.29 -61.50
N SER E 219 56.41 23.61 -60.46
CA SER E 219 55.39 22.53 -60.57
C SER E 219 54.14 22.92 -59.77
N CYS E 220 52.96 22.48 -60.23
CA CYS E 220 51.67 22.60 -59.50
C CYS E 220 51.58 21.49 -58.45
N VAL E 221 51.54 21.87 -57.17
CA VAL E 221 51.49 20.95 -56.00
C VAL E 221 50.06 20.39 -55.86
N ALA E 222 49.05 21.24 -56.03
CA ALA E 222 47.62 20.89 -55.86
C ALA E 222 46.73 21.91 -56.58
N THR E 223 45.52 21.48 -56.95
CA THR E 223 44.44 22.33 -57.51
C THR E 223 43.22 22.23 -56.60
N LEU E 224 42.79 23.36 -56.03
CA LEU E 224 41.67 23.45 -55.06
C LEU E 224 40.41 23.90 -55.80
N GLU E 225 39.42 23.02 -55.91
CA GLU E 225 38.11 23.27 -56.58
C GLU E 225 37.01 23.33 -55.52
N GLY E 226 36.56 24.54 -55.16
CA GLY E 226 35.48 24.78 -54.19
C GLY E 226 34.80 26.13 -54.39
N HIS E 227 34.62 26.54 -55.65
CA HIS E 227 33.86 27.76 -56.05
C HIS E 227 33.07 27.44 -57.32
N MET E 228 31.92 28.08 -57.53
CA MET E 228 31.03 27.83 -58.69
C MET E 228 31.07 29.03 -59.66
N SER E 229 31.71 30.13 -59.27
CA SER E 229 31.98 31.32 -60.14
C SER E 229 33.38 31.87 -59.85
N ASN E 230 33.72 33.00 -60.50
CA ASN E 230 35.08 33.59 -60.57
C ASN E 230 35.73 33.63 -59.18
N VAL E 231 36.91 33.01 -59.04
CA VAL E 231 37.77 33.10 -57.83
C VAL E 231 38.59 34.40 -57.95
N SER E 232 38.36 35.35 -57.05
CA SER E 232 38.96 36.71 -57.10
C SER E 232 40.33 36.72 -56.43
N PHE E 233 40.51 35.92 -55.38
CA PHE E 233 41.74 35.88 -54.54
C PHE E 233 41.88 34.54 -53.82
N ALA E 234 43.12 34.19 -53.49
CA ALA E 234 43.52 33.07 -52.60
C ALA E 234 44.82 33.49 -51.90
N VAL E 235 44.82 33.46 -50.57
CA VAL E 235 45.99 33.93 -49.75
C VAL E 235 46.27 32.95 -48.61
N PHE E 236 47.55 32.74 -48.33
CA PHE E 236 48.04 32.05 -47.11
C PHE E 236 47.91 33.00 -45.93
N HIS E 237 47.23 32.56 -44.86
CA HIS E 237 47.15 33.28 -43.57
C HIS E 237 48.54 33.33 -42.96
N PRO E 238 49.03 34.51 -42.51
CA PRO E 238 50.40 34.65 -42.03
C PRO E 238 50.73 33.88 -40.74
N THR E 239 49.73 33.60 -39.89
CA THR E 239 49.94 33.03 -38.52
C THR E 239 48.93 31.91 -38.21
N LEU E 240 48.35 31.27 -39.23
CA LEU E 240 47.54 30.03 -39.10
C LEU E 240 47.75 29.15 -40.34
N PRO E 241 47.58 27.81 -40.23
CA PRO E 241 47.85 26.90 -41.33
C PRO E 241 46.64 26.76 -42.26
N ILE E 242 46.19 27.87 -42.85
CA ILE E 242 44.96 27.95 -43.70
C ILE E 242 45.23 28.78 -44.94
N ILE E 243 44.40 28.58 -45.98
CA ILE E 243 44.22 29.50 -47.12
C ILE E 243 42.80 30.06 -47.04
N ILE E 244 42.63 31.37 -47.24
CA ILE E 244 41.30 32.03 -47.42
C ILE E 244 41.15 32.40 -48.90
N SER E 245 40.16 31.80 -49.57
CA SER E 245 39.75 32.17 -50.95
C SER E 245 38.42 32.93 -50.89
N GLY E 246 38.12 33.69 -51.95
CA GLY E 246 36.89 34.48 -52.08
C GLY E 246 36.49 34.62 -53.53
N SER E 247 35.22 34.35 -53.83
CA SER E 247 34.69 34.16 -55.20
C SER E 247 33.46 35.05 -55.43
N GLU E 248 33.13 35.27 -56.70
CA GLU E 248 31.90 35.98 -57.15
C GLU E 248 30.67 35.13 -56.83
N ASP E 249 30.87 33.88 -56.36
CA ASP E 249 29.79 33.03 -55.80
C ASP E 249 29.36 33.55 -54.42
N GLY E 250 30.00 34.62 -53.94
CA GLY E 250 29.64 35.32 -52.69
C GLY E 250 29.99 34.52 -51.45
N THR E 251 31.01 33.67 -51.52
CA THR E 251 31.53 32.90 -50.35
C THR E 251 33.01 33.20 -50.12
N LEU E 252 33.44 33.07 -48.87
CA LEU E 252 34.85 32.81 -48.49
C LEU E 252 34.97 31.32 -48.17
N LYS E 253 36.10 30.71 -48.54
CA LYS E 253 36.44 29.30 -48.18
C LYS E 253 37.77 29.31 -47.43
N ILE E 254 37.79 28.65 -46.26
CA ILE E 254 39.02 28.39 -45.47
C ILE E 254 39.44 26.94 -45.75
N TRP E 255 40.60 26.77 -46.39
CA TRP E 255 41.22 25.45 -46.69
C TRP E 255 42.30 25.17 -45.66
N ASN E 256 42.71 23.90 -45.53
CA ASN E 256 43.89 23.47 -44.73
C ASN E 256 45.14 23.63 -45.61
N SER E 257 46.04 24.54 -45.24
CA SER E 257 47.26 24.88 -46.03
C SER E 257 48.21 23.66 -46.11
N SER E 258 47.97 22.64 -45.27
CA SER E 258 48.77 21.38 -45.23
C SER E 258 48.13 20.31 -46.13
N THR E 259 46.84 20.03 -45.95
CA THR E 259 46.13 18.86 -46.56
C THR E 259 45.17 19.30 -47.68
N TYR E 260 44.78 20.59 -47.71
CA TYR E 260 43.93 21.22 -48.75
C TYR E 260 42.49 20.69 -48.69
N LYS E 261 42.04 20.24 -47.52
CA LYS E 261 40.61 19.97 -47.21
C LYS E 261 39.97 21.29 -46.76
N VAL E 262 38.74 21.56 -47.24
CA VAL E 262 37.97 22.79 -46.88
C VAL E 262 37.48 22.62 -45.42
N GLU E 263 37.91 23.51 -44.53
CA GLU E 263 37.59 23.48 -43.08
C GLU E 263 36.29 24.24 -42.81
N LYS E 264 35.92 25.18 -43.67
CA LYS E 264 34.70 26.02 -43.51
C LYS E 264 34.38 26.78 -44.81
N THR E 265 33.09 26.93 -45.11
CA THR E 265 32.53 27.82 -46.15
C THR E 265 31.71 28.91 -45.47
N LEU E 266 32.04 30.19 -45.73
CA LEU E 266 31.36 31.37 -45.13
C LEU E 266 30.51 32.05 -46.19
N ASN E 267 29.19 32.03 -46.00
CA ASN E 267 28.17 32.69 -46.85
C ASN E 267 27.88 34.07 -46.24
N VAL E 268 28.71 35.06 -46.57
CA VAL E 268 28.82 36.35 -45.80
C VAL E 268 27.56 37.19 -46.04
N GLY E 269 27.00 37.14 -47.27
CA GLY E 269 25.71 37.76 -47.61
C GLY E 269 25.84 39.18 -48.13
N LEU E 270 26.98 39.52 -48.74
CA LEU E 270 27.27 40.84 -49.36
C LEU E 270 27.52 40.66 -50.86
N GLU E 271 27.12 39.50 -51.40
CA GLU E 271 27.19 39.16 -52.85
C GLU E 271 28.67 38.95 -53.23
N ARG E 272 29.11 39.34 -54.43
CA ARG E 272 30.39 38.89 -55.05
C ARG E 272 31.60 39.36 -54.21
N SER E 273 32.48 38.43 -53.84
CA SER E 273 33.75 38.69 -53.11
C SER E 273 34.83 39.17 -54.09
N TRP E 274 35.58 40.22 -53.73
CA TRP E 274 36.53 40.94 -54.62
C TRP E 274 37.96 40.92 -54.06
N CYS E 275 38.17 41.42 -52.84
CA CYS E 275 39.52 41.64 -52.26
C CYS E 275 39.62 41.01 -50.86
N ILE E 276 40.84 40.79 -50.40
CA ILE E 276 41.17 40.14 -49.09
C ILE E 276 42.35 40.90 -48.47
N ALA E 277 42.38 40.96 -47.13
CA ALA E 277 43.52 41.42 -46.32
C ALA E 277 43.59 40.58 -45.04
N THR E 278 44.80 40.38 -44.52
CA THR E 278 45.07 39.73 -43.22
C THR E 278 45.91 40.71 -42.38
N HIS E 279 45.66 40.78 -41.07
CA HIS E 279 46.50 41.58 -40.14
C HIS E 279 47.95 41.14 -40.33
N PRO E 280 48.87 42.07 -40.67
CA PRO E 280 50.23 41.69 -41.08
C PRO E 280 51.06 41.09 -39.93
N THR E 281 50.65 41.32 -38.69
CA THR E 281 51.25 40.74 -37.45
C THR E 281 50.34 39.62 -36.93
N GLY E 282 49.06 39.61 -37.32
CA GLY E 282 48.11 38.51 -37.05
C GLY E 282 47.37 38.70 -35.73
N ARG E 283 47.13 39.95 -35.33
CA ARG E 283 46.38 40.30 -34.09
C ARG E 283 44.97 39.70 -34.17
N LYS E 284 44.58 38.90 -33.17
CA LYS E 284 43.31 38.13 -33.10
C LYS E 284 43.01 37.52 -34.48
N ASN E 285 44.07 37.10 -35.19
CA ASN E 285 44.04 36.46 -36.53
C ASN E 285 42.97 37.15 -37.39
N TYR E 286 43.00 38.48 -37.44
CA TYR E 286 42.00 39.33 -38.17
C TYR E 286 42.17 39.11 -39.68
N ILE E 287 41.06 38.80 -40.37
CA ILE E 287 40.94 38.89 -41.85
C ILE E 287 39.77 39.83 -42.17
N ALA E 288 39.77 40.40 -43.37
CA ALA E 288 38.68 41.24 -43.90
C ALA E 288 38.59 41.02 -45.41
N SER E 289 37.40 41.18 -45.98
CA SER E 289 37.13 40.98 -47.42
C SER E 289 36.13 42.05 -47.90
N GLY E 290 36.36 42.60 -49.09
CA GLY E 290 35.49 43.59 -49.75
C GLY E 290 34.55 42.90 -50.72
N PHE E 291 33.31 43.41 -50.82
CA PHE E 291 32.20 42.78 -51.58
C PHE E 291 31.41 43.87 -52.30
N ASP E 292 30.58 43.44 -53.25
CA ASP E 292 29.55 44.27 -53.93
C ASP E 292 28.93 45.25 -52.94
N ASN E 293 28.44 44.75 -51.79
CA ASN E 293 27.50 45.46 -50.89
C ASN E 293 28.19 45.86 -49.57
N GLY E 294 29.53 45.82 -49.52
CA GLY E 294 30.33 46.38 -48.40
C GLY E 294 31.48 45.47 -47.99
N PHE E 295 31.90 45.55 -46.72
CA PHE E 295 33.02 44.74 -46.16
C PHE E 295 32.61 44.10 -44.84
N THR E 296 33.38 43.10 -44.42
CA THR E 296 33.23 42.35 -43.15
C THR E 296 34.61 42.01 -42.59
N VAL E 297 34.84 42.31 -41.31
CA VAL E 297 36.08 41.94 -40.56
C VAL E 297 35.75 40.77 -39.64
N LEU E 298 36.55 39.70 -39.71
CA LEU E 298 36.39 38.46 -38.91
C LEU E 298 37.67 38.23 -38.09
N SER E 299 37.53 37.92 -36.80
CA SER E 299 38.60 37.36 -35.94
C SER E 299 38.53 35.84 -36.01
N LEU E 300 39.70 35.17 -36.11
CA LEU E 300 39.84 33.70 -36.17
C LEU E 300 40.47 33.20 -34.86
N GLY E 301 40.28 31.92 -34.53
CA GLY E 301 40.81 31.27 -33.32
C GLY E 301 42.21 30.70 -33.55
N ASN E 302 42.96 30.48 -32.46
CA ASN E 302 44.33 29.89 -32.48
C ASN E 302 44.23 28.37 -32.44
N MET F 1 17.16 85.37 -40.49
CA MET F 1 17.15 84.16 -39.60
C MET F 1 18.58 83.60 -39.49
N LYS F 2 19.02 83.30 -38.26
CA LYS F 2 20.28 82.57 -37.97
C LYS F 2 19.93 81.08 -37.80
N LEU F 3 20.19 80.27 -38.83
CA LEU F 3 19.80 78.83 -38.88
C LEU F 3 20.82 77.99 -38.11
N ASP F 4 22.11 78.28 -38.27
CA ASP F 4 23.23 77.61 -37.55
C ASP F 4 23.12 76.10 -37.78
N ILE F 5 23.27 75.67 -39.04
CA ILE F 5 23.14 74.25 -39.48
C ILE F 5 24.39 73.49 -39.06
N LYS F 6 24.24 72.27 -38.53
CA LYS F 6 25.35 71.39 -38.09
C LYS F 6 25.03 69.94 -38.48
N LYS F 7 25.90 69.32 -39.27
CA LYS F 7 25.83 67.87 -39.62
C LYS F 7 26.00 67.04 -38.35
N THR F 8 24.93 66.40 -37.87
CA THR F 8 24.94 65.49 -36.69
C THR F 8 25.52 64.14 -37.13
N PHE F 9 25.00 63.57 -38.20
CA PHE F 9 25.37 62.22 -38.72
C PHE F 9 24.98 62.09 -40.19
N SER F 10 25.93 61.64 -41.03
CA SER F 10 25.71 61.23 -42.44
C SER F 10 26.09 59.75 -42.59
N ASN F 11 25.22 58.94 -43.19
CA ASN F 11 25.44 57.50 -43.45
C ASN F 11 25.26 57.21 -44.93
N ARG F 12 26.28 56.61 -45.56
CA ARG F 12 26.26 56.14 -46.98
C ARG F 12 25.56 54.78 -47.03
N SER F 13 24.58 54.62 -47.93
CA SER F 13 23.81 53.37 -48.11
C SER F 13 23.13 53.36 -49.49
N ASP F 14 22.45 52.26 -49.81
CA ASP F 14 21.49 52.16 -50.94
C ASP F 14 20.35 53.17 -50.71
N ARG F 15 19.70 53.60 -51.78
CA ARG F 15 18.70 54.70 -51.81
C ARG F 15 17.75 54.57 -50.62
N VAL F 16 17.59 55.65 -49.84
CA VAL F 16 16.66 55.77 -48.69
C VAL F 16 15.35 56.37 -49.19
N LYS F 17 14.27 55.59 -49.15
CA LYS F 17 12.94 55.95 -49.72
C LYS F 17 11.99 56.44 -48.64
N GLY F 18 12.32 56.24 -47.36
CA GLY F 18 11.52 56.72 -46.22
C GLY F 18 12.36 56.83 -44.96
N ILE F 19 12.03 57.81 -44.11
CA ILE F 19 12.83 58.17 -42.91
C ILE F 19 11.87 58.60 -41.79
N ASP F 20 12.23 58.31 -40.53
CA ASP F 20 11.39 58.68 -39.35
C ASP F 20 12.29 58.77 -38.12
N PHE F 21 11.98 59.70 -37.21
CA PHE F 21 12.71 59.96 -35.94
C PHE F 21 11.97 59.32 -34.77
N HIS F 22 12.70 58.63 -33.89
CA HIS F 22 12.18 58.12 -32.60
C HIS F 22 12.01 59.31 -31.65
N PRO F 23 10.84 59.44 -30.97
CA PRO F 23 10.56 60.64 -30.17
C PRO F 23 11.44 60.82 -28.91
N THR F 24 11.92 59.74 -28.30
CA THR F 24 12.63 59.74 -26.99
C THR F 24 14.05 59.17 -27.11
N GLU F 25 14.27 58.18 -27.98
CA GLU F 25 15.61 57.61 -28.27
C GLU F 25 16.25 58.41 -29.41
N PRO F 26 17.59 58.64 -29.40
CA PRO F 26 18.24 59.42 -30.45
C PRO F 26 18.43 58.59 -31.73
N TRP F 27 17.31 58.08 -32.26
CA TRP F 27 17.26 57.05 -33.34
C TRP F 27 16.65 57.66 -34.61
N VAL F 28 17.12 57.21 -35.77
CA VAL F 28 16.44 57.43 -37.09
C VAL F 28 16.14 56.05 -37.70
N LEU F 29 14.92 55.87 -38.20
CA LEU F 29 14.49 54.70 -39.02
C LEU F 29 14.71 55.06 -40.50
N THR F 30 15.28 54.15 -41.28
CA THR F 30 15.42 54.30 -42.76
C THR F 30 14.81 53.08 -43.45
N THR F 31 14.08 53.32 -44.54
CA THR F 31 13.51 52.27 -45.42
C THR F 31 14.23 52.39 -46.78
N LEU F 32 14.85 51.30 -47.23
CA LEU F 32 15.78 51.31 -48.39
C LEU F 32 15.10 50.68 -49.61
N TYR F 33 15.58 51.05 -50.79
CA TYR F 33 15.13 50.56 -52.12
C TYR F 33 15.51 49.09 -52.28
N SER F 34 16.55 48.64 -51.57
CA SER F 34 17.13 47.27 -51.63
C SER F 34 16.29 46.26 -50.83
N GLY F 35 15.29 46.73 -50.07
CA GLY F 35 14.43 45.86 -49.23
C GLY F 35 14.91 45.81 -47.78
N ARG F 36 15.99 46.53 -47.47
CA ARG F 36 16.61 46.59 -46.12
C ARG F 36 15.97 47.74 -45.33
N VAL F 37 15.83 47.58 -44.02
CA VAL F 37 15.41 48.66 -43.08
C VAL F 37 16.45 48.72 -41.97
N GLU F 38 16.90 49.93 -41.61
CA GLU F 38 18.02 50.17 -40.65
C GLU F 38 17.57 51.18 -39.59
N LEU F 39 17.86 50.88 -38.32
CA LEU F 39 17.75 51.83 -37.18
C LEU F 39 19.16 52.29 -36.81
N TRP F 40 19.42 53.59 -36.87
CA TRP F 40 20.73 54.22 -36.56
C TRP F 40 20.59 55.15 -35.35
N ASN F 41 21.52 55.05 -34.40
CA ASN F 41 21.74 56.07 -33.36
C ASN F 41 22.63 57.17 -33.96
N TYR F 42 22.09 58.38 -34.15
CA TYR F 42 22.75 59.50 -34.86
C TYR F 42 23.67 60.28 -33.91
N GLU F 43 23.54 60.08 -32.59
CA GLU F 43 24.42 60.70 -31.56
C GLU F 43 25.63 59.77 -31.32
N THR F 44 25.39 58.45 -31.22
CA THR F 44 26.41 57.42 -30.95
C THR F 44 27.04 56.96 -32.28
N GLN F 45 26.32 57.14 -33.39
CA GLN F 45 26.78 56.82 -34.78
C GLN F 45 26.99 55.31 -34.93
N VAL F 46 26.26 54.49 -34.16
CA VAL F 46 26.33 52.99 -34.21
C VAL F 46 24.93 52.46 -34.56
N GLU F 47 24.87 51.54 -35.52
CA GLU F 47 23.61 50.91 -36.01
C GLU F 47 22.95 50.14 -34.85
N VAL F 48 21.70 50.45 -34.55
CA VAL F 48 20.88 49.76 -33.50
C VAL F 48 20.49 48.39 -34.02
N ARG F 49 19.75 48.37 -35.15
CA ARG F 49 19.19 47.13 -35.75
C ARG F 49 19.03 47.36 -37.26
N SER F 50 19.16 46.29 -38.06
CA SER F 50 18.91 46.29 -39.51
C SER F 50 18.30 44.94 -39.92
N ILE F 51 17.28 44.97 -40.77
CA ILE F 51 16.48 43.79 -41.21
C ILE F 51 16.37 43.84 -42.74
N GLN F 52 16.56 42.68 -43.39
CA GLN F 52 16.19 42.46 -44.82
C GLN F 52 14.72 42.00 -44.84
N VAL F 53 13.81 42.96 -44.97
CA VAL F 53 12.33 42.79 -44.81
C VAL F 53 11.76 42.08 -46.04
N THR F 54 12.32 42.35 -47.22
CA THR F 54 11.93 41.76 -48.53
C THR F 54 13.07 42.00 -49.52
N GLU F 55 12.86 41.75 -50.81
CA GLU F 55 13.89 42.06 -51.86
CA GLU F 55 13.84 42.00 -51.91
C GLU F 55 13.40 43.23 -52.72
N THR F 56 12.15 43.68 -52.50
CA THR F 56 11.55 44.85 -53.19
C THR F 56 11.91 46.12 -52.42
N PRO F 57 11.74 47.32 -53.02
CA PRO F 57 11.83 48.57 -52.27
C PRO F 57 10.81 48.62 -51.12
N VAL F 58 11.25 49.12 -49.97
CA VAL F 58 10.37 49.46 -48.81
C VAL F 58 10.25 50.98 -48.81
N ARG F 59 9.17 51.53 -49.40
CA ARG F 59 9.02 52.99 -49.65
C ARG F 59 8.57 53.72 -48.39
N ALA F 60 7.90 53.03 -47.45
CA ALA F 60 7.22 53.64 -46.28
C ALA F 60 7.79 53.07 -44.98
N GLY F 61 8.12 53.95 -44.04
CA GLY F 61 8.66 53.56 -42.71
C GLY F 61 8.23 54.54 -41.62
N LYS F 62 7.73 54.01 -40.50
CA LYS F 62 7.25 54.80 -39.34
C LYS F 62 7.52 54.03 -38.04
N PHE F 63 8.00 54.73 -37.01
CA PHE F 63 7.98 54.28 -35.60
C PHE F 63 6.55 54.30 -35.08
N ILE F 64 6.16 53.26 -34.35
CA ILE F 64 5.00 53.25 -33.41
C ILE F 64 5.61 53.05 -32.01
N ALA F 65 6.19 54.12 -31.48
CA ALA F 65 7.07 54.13 -30.28
C ALA F 65 6.27 53.73 -29.02
N ARG F 66 4.95 53.94 -29.02
CA ARG F 66 4.08 53.61 -27.86
C ARG F 66 3.82 52.10 -27.80
N LYS F 67 4.18 51.34 -28.85
CA LYS F 67 4.12 49.86 -28.88
C LYS F 67 5.53 49.27 -29.02
N ASN F 68 6.56 50.13 -29.06
CA ASN F 68 7.98 49.77 -29.30
C ASN F 68 8.10 49.08 -30.68
N TRP F 69 7.41 49.62 -31.68
CA TRP F 69 7.33 49.03 -33.04
C TRP F 69 7.98 49.95 -34.08
N ILE F 70 8.35 49.36 -35.21
CA ILE F 70 8.41 50.04 -36.54
C ILE F 70 7.35 49.38 -37.42
N ILE F 71 6.71 50.15 -38.29
CA ILE F 71 5.77 49.64 -39.34
C ILE F 71 6.34 50.07 -40.70
N VAL F 72 6.45 49.13 -41.63
CA VAL F 72 7.07 49.36 -42.97
C VAL F 72 6.12 48.80 -44.05
N GLY F 73 6.08 49.48 -45.20
CA GLY F 73 5.34 49.06 -46.41
C GLY F 73 6.29 48.94 -47.58
N SER F 74 6.06 47.97 -48.47
CA SER F 74 6.97 47.64 -49.60
C SER F 74 6.16 47.36 -50.88
N ASP F 75 6.86 47.26 -52.00
CA ASP F 75 6.30 47.09 -53.37
C ASP F 75 5.73 45.68 -53.54
N ASP F 76 6.04 44.76 -52.61
CA ASP F 76 5.53 43.37 -52.59
C ASP F 76 4.08 43.34 -52.05
N PHE F 77 3.48 44.50 -51.80
CA PHE F 77 2.04 44.71 -51.48
C PHE F 77 1.80 44.68 -49.96
N ARG F 78 2.86 44.57 -49.16
CA ARG F 78 2.76 44.07 -47.76
C ARG F 78 3.08 45.20 -46.75
N ILE F 79 2.31 45.23 -45.65
CA ILE F 79 2.65 45.96 -44.40
C ILE F 79 3.25 44.93 -43.42
N ARG F 80 4.39 45.24 -42.83
CA ARG F 80 5.07 44.41 -41.82
C ARG F 80 5.37 45.28 -40.59
N VAL F 81 5.21 44.72 -39.40
CA VAL F 81 5.49 45.40 -38.10
C VAL F 81 6.53 44.54 -37.35
N PHE F 82 7.57 45.19 -36.83
CA PHE F 82 8.64 44.56 -36.02
C PHE F 82 8.76 45.31 -34.69
N ASN F 83 8.97 44.56 -33.61
CA ASN F 83 9.42 45.10 -32.30
C ASN F 83 10.92 45.35 -32.41
N TYR F 84 11.36 46.59 -32.23
CA TYR F 84 12.76 47.05 -32.46
C TYR F 84 13.67 46.69 -31.27
N ASN F 85 13.12 46.16 -30.17
CA ASN F 85 13.89 45.69 -28.99
C ASN F 85 14.28 44.22 -29.19
N THR F 86 13.34 43.38 -29.67
CA THR F 86 13.52 41.92 -29.88
C THR F 86 13.88 41.63 -31.34
N GLY F 87 13.26 42.34 -32.29
CA GLY F 87 13.37 42.08 -33.74
C GLY F 87 12.29 41.12 -34.22
N GLU F 88 11.44 40.63 -33.31
CA GLU F 88 10.34 39.67 -33.59
C GLU F 88 9.32 40.35 -34.50
N LYS F 89 8.91 39.66 -35.58
CA LYS F 89 7.88 40.17 -36.52
C LYS F 89 6.50 40.03 -35.87
N VAL F 90 5.80 41.16 -35.69
CA VAL F 90 4.50 41.26 -34.97
C VAL F 90 3.38 40.77 -35.90
N VAL F 91 3.36 41.27 -37.14
CA VAL F 91 2.33 40.90 -38.16
C VAL F 91 2.94 41.05 -39.56
N ASP F 92 2.38 40.32 -40.52
CA ASP F 92 2.76 40.37 -41.96
C ASP F 92 1.50 40.08 -42.78
N PHE F 93 0.91 41.12 -43.39
CA PHE F 93 -0.36 41.03 -44.16
C PHE F 93 -0.21 41.78 -45.49
N GLU F 94 -0.92 41.27 -46.52
CA GLU F 94 -1.09 41.97 -47.82
C GLU F 94 -2.09 43.13 -47.61
N ALA F 95 -1.59 44.37 -47.66
CA ALA F 95 -2.35 45.61 -47.41
C ALA F 95 -3.13 46.01 -48.67
N HIS F 96 -2.49 45.90 -49.84
CA HIS F 96 -3.03 46.29 -51.17
C HIS F 96 -2.59 45.28 -52.23
N PRO F 97 -3.18 45.27 -53.45
CA PRO F 97 -2.66 44.48 -54.56
C PRO F 97 -1.61 45.19 -55.41
N ASP F 98 -0.96 46.23 -54.89
CA ASP F 98 0.04 47.07 -55.60
C ASP F 98 1.01 47.68 -54.59
N TYR F 99 1.97 48.48 -55.06
CA TYR F 99 2.99 49.20 -54.23
C TYR F 99 2.29 49.94 -53.09
N ILE F 100 2.96 50.07 -51.94
CA ILE F 100 2.58 51.03 -50.86
C ILE F 100 3.53 52.23 -50.95
N ARG F 101 2.98 53.44 -51.04
CA ARG F 101 3.76 54.70 -51.23
C ARG F 101 4.02 55.39 -49.89
N SER F 102 3.04 55.38 -48.98
CA SER F 102 3.02 56.22 -47.75
C SER F 102 2.34 55.47 -46.60
N ILE F 103 2.89 55.58 -45.39
CA ILE F 103 2.27 55.08 -44.13
C ILE F 103 2.19 56.26 -43.14
N ALA F 104 1.03 56.44 -42.50
CA ALA F 104 0.78 57.48 -41.47
C ALA F 104 0.13 56.83 -40.24
N VAL F 105 0.69 57.09 -39.05
CA VAL F 105 0.22 56.56 -37.73
C VAL F 105 -0.58 57.65 -37.03
N HIS F 106 -1.81 57.32 -36.60
CA HIS F 106 -2.69 58.20 -35.78
C HIS F 106 -2.03 58.43 -34.42
N PRO F 107 -1.89 59.69 -33.96
CA PRO F 107 -1.10 60.00 -32.77
C PRO F 107 -1.64 59.51 -31.41
N THR F 108 -2.94 59.20 -31.30
CA THR F 108 -3.61 58.77 -30.03
C THR F 108 -4.31 57.42 -30.18
N LYS F 109 -4.93 57.14 -31.34
CA LYS F 109 -5.76 55.92 -31.59
C LYS F 109 -4.90 54.87 -32.27
N PRO F 110 -5.29 53.57 -32.21
CA PRO F 110 -4.47 52.48 -32.75
C PRO F 110 -4.67 52.32 -34.27
N TYR F 111 -4.67 53.44 -35.00
CA TYR F 111 -5.00 53.53 -36.45
C TYR F 111 -3.71 53.77 -37.24
N VAL F 112 -3.54 53.02 -38.34
CA VAL F 112 -2.48 53.25 -39.36
C VAL F 112 -3.18 53.39 -40.72
N LEU F 113 -2.87 54.46 -41.46
CA LEU F 113 -3.31 54.66 -42.87
C LEU F 113 -2.17 54.22 -43.80
N SER F 114 -2.52 53.69 -44.98
CA SER F 114 -1.57 53.35 -46.07
C SER F 114 -2.17 53.82 -47.40
N GLY F 115 -1.39 54.57 -48.18
CA GLY F 115 -1.76 55.07 -49.53
C GLY F 115 -0.96 54.35 -50.60
N SER F 116 -1.64 53.71 -51.55
CA SER F 116 -1.04 52.72 -52.49
C SER F 116 -1.28 53.13 -53.95
N ASP F 117 -0.55 52.49 -54.86
CA ASP F 117 -0.70 52.61 -56.34
C ASP F 117 -2.04 52.02 -56.79
N ASP F 118 -2.81 51.44 -55.86
CA ASP F 118 -4.14 50.81 -56.13
C ASP F 118 -5.27 51.84 -56.03
N LEU F 119 -4.96 53.14 -56.05
CA LEU F 119 -5.93 54.28 -56.13
C LEU F 119 -6.67 54.46 -54.79
N THR F 120 -6.09 54.01 -53.68
CA THR F 120 -6.82 53.78 -52.40
C THR F 120 -5.96 54.27 -51.23
N VAL F 121 -6.63 54.65 -50.14
CA VAL F 121 -6.06 54.83 -48.77
C VAL F 121 -6.83 53.89 -47.85
N LYS F 122 -6.13 53.03 -47.10
CA LYS F 122 -6.75 52.01 -46.22
C LYS F 122 -6.37 52.29 -44.77
N LEU F 123 -7.34 52.12 -43.86
CA LEU F 123 -7.22 52.34 -42.40
C LEU F 123 -7.15 50.98 -41.70
N TRP F 124 -6.11 50.75 -40.91
CA TRP F 124 -5.84 49.48 -40.19
C TRP F 124 -5.85 49.74 -38.68
N ASN F 125 -6.61 48.94 -37.93
CA ASN F 125 -6.77 49.05 -36.45
C ASN F 125 -6.01 47.89 -35.81
N TRP F 126 -4.90 48.18 -35.11
CA TRP F 126 -4.03 47.15 -34.49
C TRP F 126 -4.59 46.69 -33.13
N GLU F 127 -5.73 47.24 -32.69
CA GLU F 127 -6.49 46.77 -31.50
C GLU F 127 -7.71 45.95 -31.96
N ASN F 128 -7.81 45.68 -33.26
CA ASN F 128 -8.83 44.74 -33.85
C ASN F 128 -8.10 43.75 -34.77
N ASN F 129 -6.93 43.26 -34.33
CA ASN F 129 -6.14 42.20 -35.02
C ASN F 129 -5.73 42.68 -36.42
N TRP F 130 -5.43 43.98 -36.57
CA TRP F 130 -4.99 44.62 -37.84
C TRP F 130 -6.07 44.47 -38.93
N ALA F 131 -7.34 44.48 -38.53
CA ALA F 131 -8.50 44.39 -39.46
C ALA F 131 -8.54 45.64 -40.33
N LEU F 132 -8.95 45.49 -41.60
CA LEU F 132 -9.27 46.62 -42.50
C LEU F 132 -10.56 47.27 -41.99
N GLU F 133 -10.46 48.53 -41.55
CA GLU F 133 -11.59 49.30 -40.95
C GLU F 133 -12.36 50.03 -42.06
N GLN F 134 -11.63 50.71 -42.96
CA GLN F 134 -12.24 51.53 -44.04
C GLN F 134 -11.27 51.61 -45.23
N THR F 135 -11.83 51.78 -46.44
CA THR F 135 -11.09 52.00 -47.72
C THR F 135 -11.62 53.28 -48.37
N PHE F 136 -10.78 54.32 -48.48
CA PHE F 136 -11.14 55.67 -49.00
C PHE F 136 -10.93 55.69 -50.52
N GLU F 137 -12.03 55.59 -51.28
CA GLU F 137 -12.01 55.48 -52.77
C GLU F 137 -12.49 56.81 -53.38
N GLY F 138 -11.87 57.21 -54.51
CA GLY F 138 -12.12 58.50 -55.17
C GLY F 138 -10.94 58.95 -56.03
N HIS F 139 -9.71 58.64 -55.62
CA HIS F 139 -8.47 58.98 -56.37
C HIS F 139 -8.42 58.20 -57.69
N GLU F 140 -7.86 58.81 -58.74
CA GLU F 140 -7.78 58.25 -60.11
C GLU F 140 -6.33 58.05 -60.52
N HIS F 141 -5.42 57.89 -59.54
CA HIS F 141 -4.00 57.50 -59.76
C HIS F 141 -3.41 57.03 -58.42
N PHE F 142 -2.11 56.72 -58.40
CA PHE F 142 -1.37 56.28 -57.19
C PHE F 142 -1.56 57.35 -56.11
N VAL F 143 -1.87 56.92 -54.89
CA VAL F 143 -1.78 57.80 -53.68
C VAL F 143 -0.32 57.74 -53.21
N MET F 144 0.38 58.88 -53.33
CA MET F 144 1.85 59.01 -53.13
C MET F 144 2.16 59.35 -51.67
N CYS F 145 1.22 59.97 -50.96
CA CYS F 145 1.42 60.48 -49.57
C CYS F 145 0.09 60.51 -48.81
N VAL F 146 0.10 60.08 -47.56
CA VAL F 146 -1.04 60.22 -46.60
C VAL F 146 -0.48 60.85 -45.32
N ALA F 147 -1.25 61.74 -44.70
CA ALA F 147 -0.84 62.57 -43.53
C ALA F 147 -2.07 63.04 -42.77
N PHE F 148 -2.19 62.67 -41.49
CA PHE F 148 -3.20 63.19 -40.55
C PHE F 148 -2.95 64.69 -40.35
N ASN F 149 -4.02 65.47 -40.29
CA ASN F 149 -3.99 66.85 -39.72
C ASN F 149 -3.56 66.69 -38.25
N PRO F 150 -2.40 67.24 -37.84
CA PRO F 150 -1.93 67.05 -36.46
C PRO F 150 -2.79 67.85 -35.47
N LYS F 151 -3.54 68.83 -35.97
CA LYS F 151 -4.50 69.66 -35.20
C LYS F 151 -5.87 68.97 -35.13
N ASP F 152 -6.13 67.99 -36.00
CA ASP F 152 -7.35 67.14 -35.96
C ASP F 152 -7.14 65.87 -36.78
N PRO F 153 -6.61 64.77 -36.19
CA PRO F 153 -6.38 63.52 -36.91
C PRO F 153 -7.61 62.63 -37.06
N SER F 154 -8.82 63.17 -36.83
CA SER F 154 -10.10 62.62 -37.33
C SER F 154 -10.18 62.87 -38.84
N THR F 155 -9.32 63.76 -39.36
CA THR F 155 -9.16 64.08 -40.79
C THR F 155 -7.71 63.80 -41.23
N PHE F 156 -7.52 63.55 -42.53
CA PHE F 156 -6.19 63.36 -43.16
C PHE F 156 -6.27 63.78 -44.63
N ALA F 157 -5.12 63.94 -45.27
CA ALA F 157 -4.97 64.39 -46.68
C ALA F 157 -4.14 63.36 -47.45
N SER F 158 -4.64 62.92 -48.60
CA SER F 158 -3.91 62.04 -49.55
C SER F 158 -3.47 62.86 -50.76
N GLY F 159 -2.16 62.87 -51.05
CA GLY F 159 -1.54 63.51 -52.23
C GLY F 159 -1.40 62.52 -53.36
N CYS F 160 -1.92 62.84 -54.54
CA CYS F 160 -2.15 61.86 -55.62
C CYS F 160 -1.65 62.35 -56.98
N LEU F 161 -1.15 61.42 -57.80
CA LEU F 161 -0.68 61.65 -59.20
C LEU F 161 -1.86 61.91 -60.15
N ASP F 162 -3.08 61.97 -59.63
CA ASP F 162 -4.29 62.47 -60.36
C ASP F 162 -4.35 63.99 -60.24
N ARG F 163 -3.35 64.60 -59.58
CA ARG F 163 -3.10 66.06 -59.52
C ARG F 163 -4.07 66.71 -58.53
N THR F 164 -4.58 65.93 -57.56
CA THR F 164 -5.45 66.44 -56.46
C THR F 164 -4.85 66.07 -55.10
N VAL F 165 -5.10 66.94 -54.11
CA VAL F 165 -5.12 66.60 -52.66
C VAL F 165 -6.59 66.35 -52.30
N LYS F 166 -6.89 65.18 -51.72
CA LYS F 166 -8.22 64.86 -51.13
C LYS F 166 -8.08 64.88 -49.61
N VAL F 167 -9.05 65.48 -48.91
CA VAL F 167 -9.13 65.55 -47.43
C VAL F 167 -10.37 64.76 -46.99
N TRP F 168 -10.18 63.81 -46.06
CA TRP F 168 -11.20 62.82 -45.63
C TRP F 168 -11.46 62.95 -44.13
N SER F 169 -12.66 62.60 -43.69
CA SER F 169 -13.02 62.31 -42.27
C SER F 169 -13.02 60.78 -42.09
N LEU F 170 -12.49 60.29 -40.95
CA LEU F 170 -12.64 58.86 -40.57
C LEU F 170 -14.13 58.55 -40.43
N GLY F 171 -14.54 57.35 -40.85
CA GLY F 171 -15.94 56.90 -40.85
C GLY F 171 -16.82 57.70 -41.81
N GLN F 172 -16.22 58.29 -42.85
CA GLN F 172 -16.94 59.02 -43.93
C GLN F 172 -16.32 58.63 -45.28
N SER F 173 -17.17 58.18 -46.22
CA SER F 173 -16.77 57.45 -47.46
C SER F 173 -16.44 58.41 -48.61
N THR F 174 -16.90 59.67 -48.52
CA THR F 174 -16.64 60.74 -49.53
C THR F 174 -15.68 61.77 -48.92
N PRO F 175 -14.80 62.40 -49.71
CA PRO F 175 -13.89 63.41 -49.18
C PRO F 175 -14.63 64.66 -48.68
N ASN F 176 -14.10 65.30 -47.63
CA ASN F 176 -14.59 66.61 -47.10
C ASN F 176 -14.51 67.62 -48.26
N PHE F 177 -13.36 67.70 -48.92
CA PHE F 177 -13.14 68.53 -50.14
C PHE F 177 -11.98 67.95 -50.96
N THR F 178 -11.99 68.25 -52.27
CA THR F 178 -10.93 67.89 -53.25
C THR F 178 -10.27 69.18 -53.75
N LEU F 179 -8.98 69.35 -53.50
CA LEU F 179 -8.18 70.50 -54.01
C LEU F 179 -7.65 70.14 -55.41
N THR F 180 -7.93 70.99 -56.40
CA THR F 180 -7.41 70.89 -57.79
C THR F 180 -6.11 71.70 -57.86
N THR F 181 -4.96 71.02 -57.76
CA THR F 181 -3.65 71.61 -57.41
C THR F 181 -3.09 72.45 -58.57
N GLY F 182 -3.36 72.07 -59.82
CA GLY F 182 -2.71 72.66 -61.01
C GLY F 182 -1.24 72.29 -61.06
N GLN F 183 -0.84 71.24 -60.33
CA GLN F 183 0.49 70.57 -60.42
C GLN F 183 0.29 69.34 -61.32
N GLU F 184 0.53 69.50 -62.62
CA GLU F 184 -0.01 68.61 -63.69
C GLU F 184 0.83 67.32 -63.80
N ARG F 185 2.01 67.27 -63.18
CA ARG F 185 2.86 66.05 -63.12
C ARG F 185 2.57 65.28 -61.82
N GLY F 186 1.52 65.68 -61.08
CA GLY F 186 0.95 64.94 -59.95
C GLY F 186 1.35 65.57 -58.63
N VAL F 187 0.72 65.13 -57.54
CA VAL F 187 1.11 65.45 -56.13
C VAL F 187 1.93 64.27 -55.60
N ASN F 188 3.18 64.53 -55.20
CA ASN F 188 4.13 63.55 -54.60
C ASN F 188 3.93 63.49 -53.09
N TYR F 189 3.53 64.61 -52.49
CA TYR F 189 3.61 64.85 -51.02
C TYR F 189 2.53 65.84 -50.59
N VAL F 190 2.03 65.69 -49.36
CA VAL F 190 1.12 66.67 -48.69
C VAL F 190 1.45 66.67 -47.19
N ASP F 191 1.65 67.86 -46.61
CA ASP F 191 1.98 68.09 -45.18
C ASP F 191 1.04 69.19 -44.65
N TYR F 192 0.88 69.27 -43.33
CA TYR F 192 0.09 70.31 -42.61
C TYR F 192 1.04 71.24 -41.85
N TYR F 193 0.76 72.54 -41.86
CA TYR F 193 1.36 73.56 -40.94
C TYR F 193 0.86 73.25 -39.53
N PRO F 194 1.76 72.86 -38.59
CA PRO F 194 1.33 72.28 -37.31
C PRO F 194 0.76 73.25 -36.26
N LEU F 195 1.17 74.52 -36.28
CA LEU F 195 0.74 75.55 -35.30
C LEU F 195 -0.65 76.05 -35.68
N PRO F 196 -1.49 76.48 -34.70
CA PRO F 196 -2.89 76.79 -34.98
C PRO F 196 -3.16 78.19 -35.57
N ASP F 197 -2.12 78.96 -35.91
CA ASP F 197 -2.26 80.37 -36.36
C ASP F 197 -2.58 80.43 -37.86
N LYS F 198 -2.17 79.43 -38.65
CA LYS F 198 -2.43 79.37 -40.12
CA LYS F 198 -2.40 79.36 -40.13
C LYS F 198 -3.09 78.03 -40.48
N PRO F 199 -4.27 78.06 -41.13
CA PRO F 199 -4.94 76.82 -41.55
C PRO F 199 -4.39 76.32 -42.89
N TYR F 200 -3.10 75.96 -42.92
CA TYR F 200 -2.28 75.79 -44.16
C TYR F 200 -1.89 74.32 -44.35
N MET F 201 -1.76 73.94 -45.64
CA MET F 201 -1.16 72.67 -46.12
C MET F 201 -0.13 73.02 -47.21
N ILE F 202 0.56 72.01 -47.76
CA ILE F 202 1.70 72.22 -48.71
C ILE F 202 1.88 70.97 -49.58
N THR F 203 1.98 71.16 -50.91
CA THR F 203 2.11 70.08 -51.92
C THR F 203 3.42 70.22 -52.69
N ALA F 204 4.10 69.10 -52.94
CA ALA F 204 5.32 68.98 -53.77
C ALA F 204 4.95 68.21 -55.05
N SER F 205 5.67 68.47 -56.14
CA SER F 205 5.31 67.95 -57.50
C SER F 205 6.55 67.82 -58.39
N ASP F 206 6.47 66.90 -59.35
CA ASP F 206 7.46 66.68 -60.43
C ASP F 206 7.55 67.93 -61.32
N ASP F 207 6.52 68.80 -61.35
CA ASP F 207 6.47 69.99 -62.23
C ASP F 207 7.33 71.12 -61.66
N LEU F 208 8.10 70.86 -60.59
CA LEU F 208 9.20 71.69 -60.03
C LEU F 208 8.67 72.68 -58.99
N THR F 209 7.37 72.67 -58.70
CA THR F 209 6.69 73.70 -57.87
C THR F 209 6.32 73.14 -56.50
N ILE F 210 6.33 74.01 -55.49
CA ILE F 210 5.74 73.78 -54.14
C ILE F 210 4.59 74.79 -53.98
N LYS F 211 3.39 74.31 -53.66
CA LYS F 211 2.18 75.17 -53.47
C LYS F 211 1.71 75.11 -52.02
N ILE F 212 1.41 76.27 -51.44
CA ILE F 212 0.80 76.45 -50.09
C ILE F 212 -0.72 76.60 -50.28
N TRP F 213 -1.51 75.85 -49.51
CA TRP F 213 -3.00 75.82 -49.60
C TRP F 213 -3.62 76.24 -48.26
N ASP F 214 -4.74 76.97 -48.34
CA ASP F 214 -5.60 77.36 -47.19
C ASP F 214 -6.82 76.44 -47.18
N TYR F 215 -6.97 75.61 -46.14
CA TYR F 215 -8.05 74.58 -46.05
C TYR F 215 -9.34 75.19 -45.50
N GLN F 216 -9.41 76.51 -45.36
CA GLN F 216 -10.66 77.27 -45.10
C GLN F 216 -11.23 77.78 -46.42
N THR F 217 -10.47 78.62 -47.15
CA THR F 217 -10.87 79.25 -48.43
C THR F 217 -10.74 78.26 -49.59
N LYS F 218 -10.01 77.15 -49.38
CA LYS F 218 -9.80 76.05 -50.37
C LYS F 218 -9.01 76.59 -51.58
N SER F 219 -8.05 77.49 -51.35
CA SER F 219 -7.30 78.23 -52.41
C SER F 219 -5.80 78.18 -52.15
N CYS F 220 -5.01 78.45 -53.20
CA CYS F 220 -3.52 78.52 -53.18
C CYS F 220 -3.08 79.88 -52.63
N VAL F 221 -2.22 79.88 -51.60
CA VAL F 221 -1.72 81.08 -50.90
C VAL F 221 -0.40 81.52 -51.56
N ALA F 222 0.51 80.58 -51.83
CA ALA F 222 1.84 80.83 -52.42
C ALA F 222 2.25 79.68 -53.35
N THR F 223 3.03 80.01 -54.39
CA THR F 223 3.73 79.04 -55.28
C THR F 223 5.23 79.27 -55.12
N LEU F 224 5.94 78.27 -54.60
CA LEU F 224 7.40 78.33 -54.30
C LEU F 224 8.16 77.58 -55.40
N GLU F 225 9.00 78.30 -56.15
CA GLU F 225 9.78 77.77 -57.31
C GLU F 225 11.27 77.95 -57.00
N GLY F 226 11.93 76.87 -56.55
CA GLY F 226 13.35 76.86 -56.16
C GLY F 226 13.99 75.48 -56.27
N HIS F 227 13.63 74.73 -57.32
CA HIS F 227 14.26 73.44 -57.70
C HIS F 227 14.33 73.35 -59.23
N MET F 228 15.31 72.62 -59.77
CA MET F 228 15.50 72.46 -61.24
C MET F 228 15.11 71.03 -61.66
N SER F 229 14.59 70.22 -60.73
CA SER F 229 14.09 68.84 -60.97
C SER F 229 13.05 68.46 -59.91
N ASN F 230 12.50 67.25 -60.03
CA ASN F 230 11.31 66.73 -59.30
C ASN F 230 11.39 67.07 -57.80
N VAL F 231 10.41 67.79 -57.27
CA VAL F 231 10.30 68.10 -55.81
C VAL F 231 9.60 66.93 -55.11
N SER F 232 10.36 66.16 -54.34
CA SER F 232 9.97 64.89 -53.69
C SER F 232 9.06 65.16 -52.49
N PHE F 233 9.39 66.18 -51.68
CA PHE F 233 8.61 66.58 -50.48
C PHE F 233 8.75 68.09 -50.24
N ALA F 234 7.86 68.59 -49.38
CA ALA F 234 7.86 69.94 -48.77
C ALA F 234 7.16 69.84 -47.41
N VAL F 235 7.83 70.22 -46.32
CA VAL F 235 7.29 70.14 -44.93
C VAL F 235 7.50 71.48 -44.22
N PHE F 236 6.52 71.87 -43.39
CA PHE F 236 6.66 72.91 -42.34
C PHE F 236 7.47 72.30 -41.18
N HIS F 237 8.36 73.08 -40.59
CA HIS F 237 9.17 72.67 -39.40
C HIS F 237 8.29 72.80 -38.17
N PRO F 238 8.34 71.84 -37.21
CA PRO F 238 7.47 71.86 -36.03
C PRO F 238 7.75 72.98 -35.02
N THR F 239 8.98 73.51 -34.96
CA THR F 239 9.42 74.47 -33.92
C THR F 239 10.13 75.71 -34.49
N LEU F 240 10.31 75.80 -35.82
CA LEU F 240 10.97 76.96 -36.49
C LEU F 240 10.09 77.47 -37.63
N PRO F 241 10.12 78.79 -37.93
CA PRO F 241 9.26 79.37 -38.97
C PRO F 241 9.88 79.18 -40.37
N ILE F 242 9.95 77.93 -40.83
CA ILE F 242 10.64 77.55 -42.10
C ILE F 242 9.87 76.41 -42.78
N ILE F 243 10.02 76.31 -44.10
CA ILE F 243 9.60 75.14 -44.93
C ILE F 243 10.88 74.45 -45.43
N ILE F 244 10.91 73.12 -45.37
CA ILE F 244 12.04 72.29 -45.87
C ILE F 244 11.52 71.42 -47.02
N SER F 245 12.10 71.58 -48.21
CA SER F 245 11.73 70.84 -49.45
C SER F 245 12.96 70.13 -50.02
N GLY F 246 12.76 68.90 -50.52
CA GLY F 246 13.80 68.03 -51.07
C GLY F 246 13.46 67.62 -52.49
N SER F 247 14.44 67.67 -53.38
CA SER F 247 14.26 67.50 -54.85
C SER F 247 15.28 66.51 -55.41
N GLU F 248 14.97 65.92 -56.56
CA GLU F 248 15.87 65.03 -57.33
C GLU F 248 17.09 65.84 -57.83
N ASP F 249 17.03 67.18 -57.77
CA ASP F 249 18.18 68.08 -58.06
C ASP F 249 19.30 67.84 -57.02
N GLY F 250 19.02 67.08 -55.96
CA GLY F 250 20.00 66.67 -54.94
C GLY F 250 20.18 67.75 -53.89
N THR F 251 19.15 68.58 -53.70
CA THR F 251 19.18 69.82 -52.90
C THR F 251 18.08 69.75 -51.84
N LEU F 252 18.38 70.17 -50.60
CA LEU F 252 17.36 70.63 -49.62
C LEU F 252 17.35 72.16 -49.66
N LYS F 253 16.17 72.77 -49.57
CA LYS F 253 16.03 74.24 -49.49
C LYS F 253 15.14 74.59 -48.30
N ILE F 254 15.64 75.48 -47.44
CA ILE F 254 14.91 76.00 -46.24
C ILE F 254 14.32 77.37 -46.62
N TRP F 255 12.99 77.48 -46.63
CA TRP F 255 12.24 78.72 -46.93
C TRP F 255 11.75 79.33 -45.61
N ASN F 256 11.64 80.65 -45.55
CA ASN F 256 10.94 81.38 -44.46
C ASN F 256 9.43 81.13 -44.62
N SER F 257 8.78 80.59 -43.60
CA SER F 257 7.37 80.10 -43.65
C SER F 257 6.38 81.28 -43.77
N SER F 258 6.82 82.50 -43.43
CA SER F 258 6.00 83.74 -43.43
C SER F 258 6.21 84.52 -44.74
N THR F 259 7.47 84.74 -45.13
CA THR F 259 7.87 85.63 -46.26
C THR F 259 8.04 84.82 -47.56
N TYR F 260 8.36 83.53 -47.46
CA TYR F 260 8.60 82.59 -48.59
C TYR F 260 9.88 82.95 -49.34
N LYS F 261 10.80 83.69 -48.69
CA LYS F 261 12.18 83.93 -49.17
C LYS F 261 13.03 82.70 -48.80
N VAL F 262 13.72 82.11 -49.78
CA VAL F 262 14.68 81.00 -49.55
C VAL F 262 15.82 81.54 -48.68
N GLU F 263 15.96 81.01 -47.46
CA GLU F 263 16.98 81.42 -46.47
C GLU F 263 18.31 80.73 -46.79
N LYS F 264 18.26 79.43 -47.13
CA LYS F 264 19.47 78.59 -47.34
C LYS F 264 19.16 77.44 -48.32
N THR F 265 20.08 77.20 -49.26
CA THR F 265 20.15 75.97 -50.09
C THR F 265 21.21 75.05 -49.48
N LEU F 266 20.92 73.74 -49.42
CA LEU F 266 21.85 72.71 -48.90
C LEU F 266 22.12 71.69 -50.02
N ASN F 267 23.31 71.78 -50.63
CA ASN F 267 23.85 70.78 -51.58
C ASN F 267 24.50 69.66 -50.76
N VAL F 268 23.70 68.67 -50.34
CA VAL F 268 24.11 67.68 -49.28
C VAL F 268 25.11 66.70 -49.89
N GLY F 269 25.06 66.49 -51.21
CA GLY F 269 26.04 65.67 -51.96
C GLY F 269 25.80 64.18 -51.78
N LEU F 270 24.54 63.76 -51.75
CA LEU F 270 24.10 62.34 -51.78
C LEU F 270 23.12 62.12 -52.94
N GLU F 271 23.20 62.96 -53.98
CA GLU F 271 22.35 62.93 -55.20
C GLU F 271 20.87 63.11 -54.81
N ARG F 272 19.92 62.49 -55.52
CA ARG F 272 18.47 62.83 -55.50
C ARG F 272 17.88 62.64 -54.10
N SER F 273 17.18 63.67 -53.59
CA SER F 273 16.43 63.67 -52.30
C SER F 273 15.05 63.04 -52.49
N TRP F 274 14.65 62.16 -51.56
CA TRP F 274 13.40 61.35 -51.61
C TRP F 274 12.49 61.65 -50.42
N CYS F 275 12.98 61.45 -49.20
CA CYS F 275 12.16 61.46 -47.96
C CYS F 275 12.75 62.45 -46.95
N ILE F 276 11.88 63.00 -46.10
CA ILE F 276 12.21 63.98 -45.02
C ILE F 276 11.53 63.48 -43.73
N ALA F 277 12.07 63.88 -42.59
CA ALA F 277 11.45 63.74 -41.26
C ALA F 277 11.98 64.84 -40.36
N THR F 278 11.18 65.22 -39.36
CA THR F 278 11.44 66.29 -38.37
C THR F 278 11.19 65.71 -36.98
N HIS F 279 12.08 65.96 -36.01
CA HIS F 279 11.99 65.39 -34.65
C HIS F 279 10.63 65.78 -34.07
N PRO F 280 9.77 64.79 -33.70
CA PRO F 280 8.43 65.07 -33.21
C PRO F 280 8.36 66.10 -32.06
N THR F 281 9.36 66.09 -31.17
CA THR F 281 9.47 66.99 -29.99
C THR F 281 10.26 68.25 -30.35
N GLY F 282 10.80 68.31 -31.58
CA GLY F 282 11.69 69.39 -32.04
C GLY F 282 12.98 69.43 -31.25
N ARG F 283 13.51 68.27 -30.85
CA ARG F 283 14.80 68.14 -30.12
C ARG F 283 15.93 68.65 -31.04
N LYS F 284 16.66 69.67 -30.60
CA LYS F 284 17.78 70.33 -31.34
C LYS F 284 17.30 70.73 -32.75
N ASN F 285 15.99 70.93 -32.92
CA ASN F 285 15.34 71.17 -34.24
C ASN F 285 15.89 70.17 -35.26
N TYR F 286 15.99 68.89 -34.87
CA TYR F 286 16.56 67.79 -35.69
C TYR F 286 15.70 67.57 -36.94
N ILE F 287 16.34 67.53 -38.11
CA ILE F 287 15.72 67.09 -39.40
C ILE F 287 16.66 66.06 -40.04
N ALA F 288 16.08 65.05 -40.70
CA ALA F 288 16.81 64.01 -41.47
C ALA F 288 16.12 63.83 -42.83
N SER F 289 16.90 63.86 -43.91
CA SER F 289 16.46 63.55 -45.30
C SER F 289 17.16 62.28 -45.78
N GLY F 290 16.46 61.46 -46.57
CA GLY F 290 16.99 60.24 -47.19
C GLY F 290 17.16 60.43 -48.69
N PHE F 291 18.26 59.92 -49.23
CA PHE F 291 18.77 60.21 -50.60
C PHE F 291 19.13 58.91 -51.32
N ASP F 292 19.60 59.02 -52.58
CA ASP F 292 20.19 57.93 -53.39
C ASP F 292 21.35 57.25 -52.65
N ASN F 293 22.22 58.04 -52.03
CA ASN F 293 23.56 57.59 -51.55
C ASN F 293 23.64 57.64 -50.02
N GLY F 294 22.49 57.70 -49.34
CA GLY F 294 22.41 57.58 -47.86
C GLY F 294 21.44 58.58 -47.25
N PHE F 295 21.71 59.00 -46.00
CA PHE F 295 20.87 59.96 -45.24
C PHE F 295 21.76 60.91 -44.42
N THR F 296 21.26 62.13 -44.21
CA THR F 296 21.84 63.16 -43.30
C THR F 296 20.91 63.34 -42.10
N VAL F 297 21.48 63.65 -40.94
CA VAL F 297 20.75 64.19 -39.75
C VAL F 297 21.42 65.52 -39.38
N LEU F 298 20.71 66.63 -39.59
CA LEU F 298 21.18 68.01 -39.28
C LEU F 298 20.44 68.51 -38.02
N SER F 299 21.10 69.36 -37.23
CA SER F 299 20.50 70.17 -36.15
C SER F 299 20.42 71.63 -36.61
N LEU F 300 19.32 72.31 -36.31
CA LEU F 300 19.10 73.76 -36.60
C LEU F 300 19.14 74.55 -35.29
N GLY F 301 19.97 75.59 -35.23
CA GLY F 301 20.09 76.48 -34.05
C GLY F 301 18.93 77.45 -33.96
N ASN F 302 18.37 77.64 -32.76
CA ASN F 302 17.24 78.57 -32.48
C ASN F 302 17.69 80.01 -32.76
N MET G 1 30.20 23.70 51.04
CA MET G 1 31.56 23.07 50.92
C MET G 1 31.42 21.69 50.27
N LYS G 2 32.45 21.28 49.52
CA LYS G 2 32.59 19.91 48.94
C LYS G 2 33.62 19.14 49.75
N LEU G 3 33.26 17.95 50.24
CA LEU G 3 34.15 17.03 50.99
C LEU G 3 34.64 15.93 50.04
N ASP G 4 35.85 16.11 49.49
CA ASP G 4 36.51 15.11 48.60
C ASP G 4 37.35 14.18 49.48
N ILE G 5 36.68 13.37 50.30
CA ILE G 5 37.31 12.47 51.31
C ILE G 5 37.85 11.24 50.55
N LYS G 6 39.15 10.97 50.70
CA LYS G 6 39.86 9.81 50.10
C LYS G 6 40.44 8.95 51.23
N LYS G 7 40.36 7.62 51.08
CA LYS G 7 40.97 6.63 52.00
C LYS G 7 42.46 6.52 51.66
N THR G 8 43.33 7.23 52.39
CA THR G 8 44.79 7.27 52.19
C THR G 8 45.38 5.89 52.51
N PHE G 9 45.11 5.39 53.71
CA PHE G 9 45.61 4.08 54.22
C PHE G 9 44.71 3.61 55.37
N SER G 10 44.44 2.31 55.42
CA SER G 10 43.74 1.61 56.53
C SER G 10 44.56 0.39 56.93
N ASN G 11 44.62 0.08 58.24
CA ASN G 11 45.38 -1.06 58.80
C ASN G 11 44.47 -1.83 59.76
N ARG G 12 44.31 -3.13 59.52
CA ARG G 12 43.62 -4.08 60.43
C ARG G 12 44.56 -4.39 61.60
N SER G 13 44.07 -4.38 62.84
CA SER G 13 44.86 -4.63 64.06
C SER G 13 43.94 -4.83 65.27
N ASP G 14 44.52 -5.03 66.45
CA ASP G 14 43.85 -4.98 67.76
C ASP G 14 43.35 -3.54 68.00
N ARG G 15 42.38 -3.39 68.92
CA ARG G 15 41.70 -2.11 69.25
C ARG G 15 42.73 -0.99 69.40
N VAL G 16 42.58 0.09 68.63
CA VAL G 16 43.45 1.29 68.62
C VAL G 16 42.85 2.31 69.60
N LYS G 17 43.48 2.49 70.77
CA LYS G 17 43.01 3.40 71.84
C LYS G 17 43.56 4.81 71.62
N GLY G 18 44.85 4.92 71.27
CA GLY G 18 45.55 6.21 71.05
C GLY G 18 46.05 6.34 69.61
N ILE G 19 46.13 7.56 69.10
CA ILE G 19 46.58 7.88 67.71
C ILE G 19 47.07 9.33 67.64
N ASP G 20 48.14 9.58 66.87
CA ASP G 20 48.76 10.92 66.68
C ASP G 20 49.56 10.92 65.36
N PHE G 21 49.62 12.06 64.69
CA PHE G 21 50.40 12.31 63.46
C PHE G 21 51.77 12.90 63.82
N HIS G 22 52.83 12.45 63.15
CA HIS G 22 54.16 13.11 63.15
C HIS G 22 54.06 14.37 62.30
N PRO G 23 54.57 15.53 62.78
CA PRO G 23 54.33 16.82 62.11
C PRO G 23 55.08 17.06 60.79
N THR G 24 56.07 16.21 60.45
CA THR G 24 56.86 16.31 59.19
C THR G 24 56.80 14.98 58.43
N GLU G 25 57.33 13.90 59.02
CA GLU G 25 57.31 12.52 58.44
C GLU G 25 55.86 12.10 58.24
N PRO G 26 55.52 11.36 57.15
CA PRO G 26 54.15 10.90 56.92
C PRO G 26 53.84 9.66 57.77
N TRP G 27 54.00 9.78 59.10
CA TRP G 27 53.83 8.67 60.08
C TRP G 27 52.59 8.92 60.94
N VAL G 28 51.97 7.84 61.41
CA VAL G 28 50.92 7.86 62.46
C VAL G 28 51.35 6.92 63.60
N LEU G 29 51.31 7.41 64.83
CA LEU G 29 51.46 6.59 66.06
C LEU G 29 50.11 5.96 66.37
N THR G 30 50.08 4.65 66.65
CA THR G 30 48.90 3.92 67.18
C THR G 30 49.31 3.19 68.46
N THR G 31 48.57 3.39 69.55
CA THR G 31 48.74 2.67 70.84
C THR G 31 47.53 1.76 71.03
N LEU G 32 47.77 0.45 71.06
CA LEU G 32 46.71 -0.60 70.98
C LEU G 32 46.31 -1.06 72.38
N TYR G 33 45.20 -1.78 72.46
CA TYR G 33 44.58 -2.30 73.71
C TYR G 33 45.31 -3.58 74.16
N SER G 34 46.19 -4.11 73.30
CA SER G 34 46.91 -5.40 73.49
C SER G 34 48.26 -5.18 74.19
N GLY G 35 48.65 -3.91 74.41
CA GLY G 35 49.94 -3.53 75.01
C GLY G 35 51.00 -3.18 73.97
N ARG G 36 50.65 -3.29 72.68
CA ARG G 36 51.54 -2.98 71.53
C ARG G 36 51.33 -1.51 71.12
N VAL G 37 52.40 -0.84 70.66
CA VAL G 37 52.34 0.48 69.96
C VAL G 37 53.00 0.31 68.59
N GLU G 38 52.45 0.97 67.57
CA GLU G 38 52.89 0.83 66.15
C GLU G 38 53.09 2.22 65.55
N LEU G 39 54.13 2.37 64.71
CA LEU G 39 54.40 3.56 63.88
C LEU G 39 54.33 3.15 62.41
N TRP G 40 53.38 3.70 61.66
CA TRP G 40 53.07 3.32 60.25
C TRP G 40 53.31 4.52 59.33
N ASN G 41 53.93 4.28 58.18
CA ASN G 41 53.98 5.23 57.03
C ASN G 41 52.68 5.06 56.26
N TYR G 42 51.82 6.09 56.22
CA TYR G 42 50.45 6.03 55.64
C TYR G 42 50.50 6.33 54.13
N GLU G 43 51.68 6.64 53.59
CA GLU G 43 51.91 6.88 52.14
C GLU G 43 52.60 5.65 51.53
N THR G 44 53.60 5.09 52.23
CA THR G 44 54.35 3.86 51.84
C THR G 44 53.51 2.62 52.19
N GLN G 45 52.67 2.70 53.22
CA GLN G 45 51.88 1.57 53.80
C GLN G 45 52.85 0.54 54.40
N VAL G 46 54.04 0.97 54.82
CA VAL G 46 55.09 0.11 55.42
C VAL G 46 55.24 0.49 56.91
N GLU G 47 55.27 -0.50 57.78
CA GLU G 47 55.47 -0.34 59.25
C GLU G 47 56.87 0.22 59.49
N VAL G 48 56.97 1.36 60.19
CA VAL G 48 58.25 2.01 60.58
C VAL G 48 58.83 1.24 61.77
N ARG G 49 58.01 0.98 62.79
CA ARG G 49 58.44 0.36 64.07
C ARG G 49 57.22 -0.18 64.82
N SER G 50 57.40 -1.31 65.52
CA SER G 50 56.43 -1.92 66.46
C SER G 50 57.15 -2.26 67.76
N ILE G 51 56.52 -1.97 68.90
CA ILE G 51 57.07 -2.18 70.28
C ILE G 51 55.94 -2.77 71.14
N GLN G 52 56.15 -3.97 71.69
CA GLN G 52 55.26 -4.56 72.73
C GLN G 52 55.61 -3.89 74.07
N VAL G 53 54.98 -2.75 74.33
CA VAL G 53 55.34 -1.77 75.41
C VAL G 53 55.01 -2.37 76.78
N THR G 54 53.96 -3.20 76.86
CA THR G 54 53.44 -3.82 78.11
C THR G 54 52.40 -4.89 77.76
N GLU G 55 51.73 -5.46 78.77
CA GLU G 55 50.69 -6.50 78.61
C GLU G 55 49.31 -5.94 78.99
N THR G 56 49.21 -4.63 79.24
CA THR G 56 47.95 -3.92 79.57
C THR G 56 47.55 -2.99 78.41
N PRO G 57 46.27 -2.58 78.33
CA PRO G 57 45.85 -1.53 77.40
C PRO G 57 46.68 -0.25 77.53
N VAL G 58 47.20 0.25 76.41
CA VAL G 58 47.94 1.53 76.28
C VAL G 58 47.01 2.56 75.64
N ARG G 59 46.43 3.45 76.46
CA ARG G 59 45.27 4.29 76.06
C ARG G 59 45.74 5.62 75.44
N ALA G 60 46.92 6.12 75.82
CA ALA G 60 47.44 7.46 75.40
C ALA G 60 48.79 7.31 74.71
N GLY G 61 48.97 8.00 73.58
CA GLY G 61 50.20 8.01 72.77
C GLY G 61 50.33 9.27 71.94
N LYS G 62 51.46 9.99 72.08
CA LYS G 62 51.76 11.24 71.35
C LYS G 62 53.20 11.22 70.82
N PHE G 63 53.43 11.84 69.67
CA PHE G 63 54.79 12.18 69.15
C PHE G 63 55.31 13.41 69.90
N ILE G 64 56.58 13.38 70.31
CA ILE G 64 57.37 14.58 70.70
C ILE G 64 58.47 14.73 69.63
N ALA G 65 58.11 15.35 68.50
CA ALA G 65 58.90 15.43 67.26
C ALA G 65 60.26 16.09 67.51
N ARG G 66 60.28 17.21 68.24
CA ARG G 66 61.49 18.07 68.42
C ARG G 66 62.59 17.30 69.16
N LYS G 67 62.22 16.27 69.95
CA LYS G 67 63.18 15.43 70.73
C LYS G 67 63.34 14.05 70.07
N ASN G 68 62.64 13.80 68.95
CA ASN G 68 62.60 12.50 68.23
C ASN G 68 62.13 11.40 69.20
N TRP G 69 60.99 11.62 69.88
CA TRP G 69 60.40 10.65 70.84
C TRP G 69 58.94 10.33 70.46
N ILE G 70 58.48 9.15 70.89
CA ILE G 70 57.05 8.85 71.18
C ILE G 70 56.91 8.78 72.70
N ILE G 71 55.74 9.17 73.23
CA ILE G 71 55.39 9.08 74.69
C ILE G 71 54.02 8.42 74.80
N VAL G 72 53.92 7.37 75.64
CA VAL G 72 52.72 6.51 75.77
C VAL G 72 52.38 6.31 77.25
N GLY G 73 51.10 6.08 77.55
CA GLY G 73 50.56 5.84 78.90
C GLY G 73 49.70 4.58 78.92
N SER G 74 49.83 3.77 79.97
CA SER G 74 49.27 2.40 80.08
C SER G 74 48.45 2.23 81.36
N ASP G 75 47.64 1.16 81.40
CA ASP G 75 46.76 0.78 82.55
C ASP G 75 47.62 0.17 83.68
N ASP G 76 48.89 -0.14 83.40
CA ASP G 76 49.88 -0.63 84.41
C ASP G 76 50.53 0.56 85.13
N PHE G 77 49.99 1.78 84.95
CA PHE G 77 50.23 2.99 85.77
C PHE G 77 51.42 3.82 85.23
N ARG G 78 51.99 3.44 84.08
CA ARG G 78 53.37 3.87 83.69
C ARG G 78 53.33 4.79 82.46
N ILE G 79 54.19 5.81 82.46
CA ILE G 79 54.53 6.64 81.27
C ILE G 79 55.91 6.21 80.77
N ARG G 80 55.98 5.72 79.52
CA ARG G 80 57.22 5.29 78.84
C ARG G 80 57.44 6.19 77.61
N VAL G 81 58.68 6.57 77.36
CA VAL G 81 59.12 7.43 76.22
C VAL G 81 60.19 6.67 75.44
N PHE G 82 60.05 6.57 74.12
CA PHE G 82 60.98 5.84 73.22
C PHE G 82 61.46 6.77 72.09
N ASN G 83 62.73 6.62 71.71
CA ASN G 83 63.30 7.21 70.47
C ASN G 83 62.81 6.35 69.29
N TYR G 84 62.11 6.96 68.32
CA TYR G 84 61.48 6.24 67.18
C TYR G 84 62.51 5.98 66.08
N ASN G 85 63.72 6.55 66.18
CA ASN G 85 64.83 6.33 65.22
C ASN G 85 65.66 5.11 65.63
N THR G 86 65.97 4.97 66.93
CA THR G 86 66.87 3.92 67.48
C THR G 86 66.08 2.86 68.25
N GLY G 87 64.82 3.13 68.61
CA GLY G 87 63.93 2.17 69.29
C GLY G 87 64.29 1.99 70.76
N GLU G 88 65.18 2.84 71.29
CA GLU G 88 65.67 2.76 72.70
C GLU G 88 64.65 3.45 73.62
N LYS G 89 64.46 2.89 74.82
CA LYS G 89 63.53 3.42 75.86
C LYS G 89 64.25 4.55 76.61
N VAL G 90 63.74 5.78 76.49
CA VAL G 90 64.35 7.03 77.07
C VAL G 90 64.11 7.03 78.58
N VAL G 91 62.85 6.95 78.99
CA VAL G 91 62.41 6.93 80.42
C VAL G 91 61.18 6.03 80.56
N ASP G 92 61.01 5.44 81.74
CA ASP G 92 59.91 4.50 82.10
C ASP G 92 59.64 4.67 83.59
N PHE G 93 58.51 5.29 83.95
CA PHE G 93 58.20 5.70 85.35
C PHE G 93 56.70 5.55 85.65
N GLU G 94 56.40 5.23 86.92
CA GLU G 94 55.02 5.22 87.49
C GLU G 94 54.54 6.67 87.58
N ALA G 95 53.48 7.01 86.85
CA ALA G 95 52.90 8.37 86.77
C ALA G 95 51.75 8.51 87.78
N HIS G 96 50.79 7.59 87.72
CA HIS G 96 49.57 7.53 88.57
C HIS G 96 49.35 6.10 89.05
N PRO G 97 48.85 5.86 90.29
CA PRO G 97 48.52 4.51 90.75
C PRO G 97 47.17 3.98 90.20
N ASP G 98 46.87 4.29 88.93
CA ASP G 98 45.62 3.87 88.24
C ASP G 98 45.84 4.11 86.75
N TYR G 99 44.90 3.66 85.91
CA TYR G 99 44.95 3.80 84.42
C TYR G 99 45.34 5.24 84.04
N ILE G 100 46.15 5.40 82.99
CA ILE G 100 46.35 6.71 82.29
C ILE G 100 45.42 6.72 81.07
N ARG G 101 44.66 7.79 80.90
CA ARG G 101 43.57 7.90 79.89
C ARG G 101 43.98 8.84 78.75
N SER G 102 44.87 9.80 79.03
CA SER G 102 45.17 10.96 78.14
C SER G 102 46.54 11.55 78.48
N ILE G 103 47.32 11.86 77.44
CA ILE G 103 48.63 12.57 77.53
C ILE G 103 48.59 13.77 76.58
N ALA G 104 48.99 14.95 77.06
CA ALA G 104 49.13 16.19 76.27
C ALA G 104 50.59 16.67 76.35
N VAL G 105 51.15 17.07 75.20
CA VAL G 105 52.54 17.59 75.03
C VAL G 105 52.45 19.12 74.84
N HIS G 106 53.11 19.89 75.71
CA HIS G 106 53.22 21.37 75.60
C HIS G 106 53.88 21.73 74.26
N PRO G 107 53.27 22.59 73.43
CA PRO G 107 53.79 22.86 72.08
C PRO G 107 55.15 23.59 72.01
N THR G 108 55.67 24.10 73.13
CA THR G 108 56.97 24.85 73.18
C THR G 108 57.81 24.35 74.36
N LYS G 109 57.31 24.52 75.59
CA LYS G 109 58.01 24.14 76.85
C LYS G 109 58.13 22.61 76.94
N PRO G 110 59.12 22.08 77.70
CA PRO G 110 59.29 20.65 77.85
C PRO G 110 58.39 20.02 78.93
N TYR G 111 57.10 20.34 78.89
CA TYR G 111 56.07 19.88 79.88
C TYR G 111 55.14 18.85 79.21
N VAL G 112 54.73 17.84 79.97
CA VAL G 112 53.75 16.80 79.56
C VAL G 112 52.63 16.75 80.61
N LEU G 113 51.38 16.92 80.19
CA LEU G 113 50.17 16.67 81.02
C LEU G 113 49.75 15.21 80.86
N SER G 114 49.41 14.55 81.97
CA SER G 114 48.87 13.17 82.02
C SER G 114 47.62 13.13 82.90
N GLY G 115 46.48 12.72 82.34
CA GLY G 115 45.21 12.51 83.05
C GLY G 115 45.05 11.05 83.45
N SER G 116 44.35 10.76 84.56
CA SER G 116 44.27 9.41 85.16
C SER G 116 42.94 9.15 85.89
N ASP G 117 42.63 7.86 86.08
CA ASP G 117 41.51 7.34 86.90
C ASP G 117 41.75 7.67 88.39
N ASP G 118 42.96 8.14 88.74
CA ASP G 118 43.33 8.54 90.13
C ASP G 118 42.81 9.96 90.43
N LEU G 119 41.94 10.50 89.56
CA LEU G 119 41.12 11.75 89.78
C LEU G 119 41.98 12.99 89.52
N THR G 120 43.17 12.81 88.93
CA THR G 120 44.29 13.80 88.94
C THR G 120 44.79 14.06 87.51
N VAL G 121 45.23 15.30 87.25
CA VAL G 121 46.15 15.67 86.14
C VAL G 121 47.53 15.95 86.74
N LYS G 122 48.61 15.59 86.02
CA LYS G 122 50.01 15.75 86.50
C LYS G 122 50.89 16.32 85.38
N LEU G 123 51.74 17.28 85.72
CA LEU G 123 52.67 18.00 84.81
C LEU G 123 54.09 17.49 85.05
N TRP G 124 54.72 16.89 84.02
CA TRP G 124 56.10 16.34 84.06
C TRP G 124 57.01 17.22 83.19
N ASN G 125 58.14 17.67 83.76
CA ASN G 125 59.17 18.51 83.09
C ASN G 125 60.34 17.61 82.71
N TRP G 126 60.54 17.35 81.41
CA TRP G 126 61.51 16.33 80.93
C TRP G 126 62.95 16.87 81.00
N GLU G 127 63.14 18.19 81.02
CA GLU G 127 64.47 18.85 81.17
C GLU G 127 64.91 18.81 82.64
N ASN G 128 63.98 18.54 83.57
CA ASN G 128 64.25 18.33 85.02
C ASN G 128 64.14 16.83 85.33
N ASN G 129 64.73 15.99 84.47
CA ASN G 129 64.74 14.50 84.57
C ASN G 129 63.32 13.98 84.87
N TRP G 130 62.32 14.47 84.14
CA TRP G 130 60.90 13.99 84.19
C TRP G 130 60.35 14.12 85.62
N ALA G 131 60.68 15.22 86.31
CA ALA G 131 60.20 15.53 87.68
C ALA G 131 58.72 15.93 87.62
N LEU G 132 57.91 15.42 88.57
CA LEU G 132 56.52 15.87 88.82
C LEU G 132 56.56 17.32 89.30
N GLU G 133 56.12 18.27 88.45
CA GLU G 133 56.18 19.73 88.71
C GLU G 133 54.93 20.19 89.47
N GLN G 134 53.77 19.60 89.17
CA GLN G 134 52.47 20.02 89.75
C GLN G 134 51.45 18.88 89.59
N THR G 135 50.61 18.67 90.61
CA THR G 135 49.45 17.74 90.59
C THR G 135 48.16 18.56 90.75
N PHE G 136 47.28 18.51 89.75
CA PHE G 136 46.03 19.31 89.67
C PHE G 136 44.87 18.48 90.26
N GLU G 137 44.40 18.86 91.45
CA GLU G 137 43.33 18.14 92.19
C GLU G 137 42.07 19.01 92.17
N GLY G 138 40.90 18.36 92.09
CA GLY G 138 39.58 19.02 91.98
C GLY G 138 38.50 18.06 91.48
N HIS G 139 38.81 17.25 90.46
CA HIS G 139 37.88 16.26 89.84
C HIS G 139 37.54 15.16 90.85
N GLU G 140 36.34 14.59 90.74
CA GLU G 140 35.78 13.55 91.65
C GLU G 140 35.51 12.25 90.89
N HIS G 141 36.14 12.06 89.71
CA HIS G 141 36.11 10.80 88.93
C HIS G 141 37.24 10.79 87.90
N PHE G 142 37.24 9.80 86.99
CA PHE G 142 38.34 9.51 86.03
C PHE G 142 38.54 10.73 85.12
N VAL G 143 39.78 11.23 85.05
CA VAL G 143 40.18 12.32 84.11
C VAL G 143 40.47 11.67 82.75
N MET G 144 39.49 11.73 81.83
CA MET G 144 39.45 10.93 80.57
C MET G 144 40.23 11.63 79.45
N CYS G 145 40.42 12.95 79.53
CA CYS G 145 40.98 13.79 78.44
C CYS G 145 41.64 15.04 79.01
N VAL G 146 42.89 15.30 78.62
CA VAL G 146 43.65 16.55 78.94
C VAL G 146 44.07 17.19 77.61
N ALA G 147 43.88 18.50 77.49
CA ALA G 147 44.10 19.27 76.24
C ALA G 147 44.53 20.70 76.59
N PHE G 148 45.74 21.09 76.18
CA PHE G 148 46.24 22.49 76.19
C PHE G 148 45.36 23.34 75.27
N ASN G 149 45.08 24.59 75.66
CA ASN G 149 44.55 25.62 74.74
C ASN G 149 45.66 25.94 73.74
N PRO G 150 45.51 25.59 72.45
CA PRO G 150 46.57 25.83 71.46
C PRO G 150 46.83 27.34 71.28
N LYS G 151 45.85 28.18 71.64
CA LYS G 151 45.96 29.66 71.57
C LYS G 151 46.57 30.21 72.86
N ASP G 152 46.68 29.40 73.93
CA ASP G 152 47.32 29.79 75.22
C ASP G 152 47.60 28.54 76.05
N PRO G 153 48.72 27.82 75.81
CA PRO G 153 49.04 26.59 76.56
C PRO G 153 49.64 26.83 77.96
N SER G 154 49.59 28.06 78.46
CA SER G 154 49.73 28.36 79.92
C SER G 154 48.48 27.87 80.65
N THR G 155 47.40 27.64 79.89
CA THR G 155 46.11 27.07 80.36
C THR G 155 45.88 25.71 79.70
N PHE G 156 45.00 24.89 80.28
CA PHE G 156 44.56 23.59 79.70
C PHE G 156 43.21 23.18 80.30
N ALA G 157 42.47 22.34 79.56
CA ALA G 157 41.15 21.79 79.93
C ALA G 157 41.29 20.30 80.26
N SER G 158 40.52 19.83 81.25
CA SER G 158 40.39 18.40 81.62
C SER G 158 38.92 17.98 81.48
N GLY G 159 38.65 16.94 80.69
CA GLY G 159 37.34 16.26 80.62
C GLY G 159 37.30 15.08 81.58
N CYS G 160 36.27 15.02 82.44
CA CYS G 160 36.18 14.06 83.57
C CYS G 160 34.79 13.42 83.64
N LEU G 161 34.74 12.17 84.12
CA LEU G 161 33.48 11.37 84.30
C LEU G 161 32.65 11.93 85.46
N ASP G 162 33.21 12.86 86.26
CA ASP G 162 32.46 13.60 87.31
C ASP G 162 31.47 14.56 86.64
N ARG G 163 31.49 14.64 85.29
CA ARG G 163 30.51 15.35 84.44
C ARG G 163 30.86 16.84 84.35
N THR G 164 32.10 17.22 84.67
CA THR G 164 32.60 18.61 84.56
C THR G 164 33.79 18.69 83.61
N VAL G 165 34.11 19.91 83.18
CA VAL G 165 35.37 20.29 82.46
C VAL G 165 36.03 21.41 83.27
N LYS G 166 37.21 21.16 83.82
CA LYS G 166 38.00 22.14 84.61
C LYS G 166 39.10 22.73 83.71
N VAL G 167 39.17 24.06 83.64
CA VAL G 167 40.24 24.82 82.92
C VAL G 167 41.22 25.35 83.96
N TRP G 168 42.46 24.88 83.93
CA TRP G 168 43.53 25.18 84.92
C TRP G 168 44.53 26.16 84.32
N SER G 169 45.32 26.82 85.16
CA SER G 169 46.51 27.62 84.79
C SER G 169 47.76 26.94 85.36
N LEU G 170 48.86 26.90 84.59
CA LEU G 170 50.17 26.38 85.03
C LEU G 170 50.62 27.21 86.25
N GLY G 171 50.86 26.54 87.39
CA GLY G 171 51.33 27.16 88.64
C GLY G 171 50.20 27.54 89.58
N GLN G 172 48.95 27.22 89.23
CA GLN G 172 47.74 27.54 90.04
C GLN G 172 47.00 26.25 90.38
N SER G 173 46.89 25.95 91.68
CA SER G 173 46.34 24.67 92.23
CA SER G 173 46.35 24.67 92.23
C SER G 173 44.84 24.55 91.97
N THR G 174 44.11 25.67 91.97
CA THR G 174 42.63 25.71 91.77
C THR G 174 42.30 25.96 90.31
N PRO G 175 41.20 25.37 89.76
CA PRO G 175 40.78 25.66 88.39
C PRO G 175 40.43 27.14 88.21
N ASN G 176 40.78 27.70 87.04
CA ASN G 176 40.33 29.05 86.60
C ASN G 176 38.80 29.10 86.65
N PHE G 177 38.15 28.02 86.18
CA PHE G 177 36.69 27.81 86.27
C PHE G 177 36.36 26.33 86.02
N THR G 178 35.11 25.96 86.25
CA THR G 178 34.55 24.59 86.05
C THR G 178 33.27 24.70 85.22
N LEU G 179 33.15 23.90 84.15
CA LEU G 179 31.93 23.78 83.31
C LEU G 179 31.09 22.61 83.84
N THR G 180 29.86 22.90 84.28
CA THR G 180 28.80 21.90 84.57
C THR G 180 28.10 21.58 83.25
N THR G 181 28.47 20.46 82.62
CA THR G 181 28.16 20.15 81.19
C THR G 181 26.71 19.69 81.01
N GLY G 182 26.06 19.19 82.06
CA GLY G 182 24.77 18.50 81.97
C GLY G 182 24.86 17.21 81.17
N GLN G 183 26.09 16.78 80.84
CA GLN G 183 26.39 15.49 80.17
C GLN G 183 26.59 14.46 81.29
N GLU G 184 25.48 13.83 81.71
CA GLU G 184 25.34 13.17 83.04
C GLU G 184 26.07 11.81 83.04
N ARG G 185 26.40 11.26 81.87
CA ARG G 185 27.21 10.02 81.75
C ARG G 185 28.71 10.35 81.76
N GLY G 186 29.07 11.64 81.89
CA GLY G 186 30.46 12.11 82.03
C GLY G 186 31.02 12.60 80.72
N VAL G 187 32.16 13.33 80.78
CA VAL G 187 32.87 13.90 79.60
C VAL G 187 34.02 12.97 79.23
N ASN G 188 33.95 12.36 78.04
CA ASN G 188 34.97 11.41 77.49
C ASN G 188 36.12 12.20 76.84
N TYR G 189 35.84 13.40 76.33
CA TYR G 189 36.78 14.16 75.47
C TYR G 189 36.51 15.66 75.61
N VAL G 190 37.57 16.47 75.57
CA VAL G 190 37.52 17.96 75.50
C VAL G 190 38.61 18.44 74.53
N ASP G 191 38.24 19.31 73.58
CA ASP G 191 39.16 19.94 72.60
C ASP G 191 38.84 21.45 72.54
N TYR G 192 39.77 22.25 72.02
CA TYR G 192 39.61 23.71 71.79
C TYR G 192 39.46 23.99 70.29
N TYR G 193 38.75 25.07 69.94
CA TYR G 193 38.72 25.66 68.58
C TYR G 193 40.05 26.37 68.34
N PRO G 194 40.85 25.95 67.33
CA PRO G 194 42.23 26.43 67.17
C PRO G 194 42.37 27.89 66.71
N LEU G 195 41.42 28.41 65.91
CA LEU G 195 41.46 29.77 65.34
C LEU G 195 40.89 30.78 66.36
N PRO G 196 41.32 32.06 66.30
CA PRO G 196 40.92 33.05 67.31
C PRO G 196 39.55 33.72 67.10
N ASP G 197 38.88 33.46 65.97
CA ASP G 197 37.60 34.13 65.59
C ASP G 197 36.46 33.65 66.49
N LYS G 198 36.65 32.54 67.23
CA LYS G 198 35.69 32.03 68.24
C LYS G 198 36.47 31.44 69.43
N PRO G 199 36.14 31.83 70.68
CA PRO G 199 36.75 31.21 71.87
C PRO G 199 35.95 30.00 72.35
N TYR G 200 35.84 28.96 71.52
CA TYR G 200 34.98 27.76 71.74
C TYR G 200 35.82 26.58 72.25
N MET G 201 35.17 25.73 73.07
CA MET G 201 35.62 24.35 73.43
C MET G 201 34.50 23.38 73.06
N ILE G 202 34.76 22.07 73.18
CA ILE G 202 33.81 20.99 72.75
C ILE G 202 34.02 19.76 73.64
N THR G 203 32.93 19.07 73.97
CA THR G 203 32.90 17.89 74.88
C THR G 203 32.03 16.78 74.27
N ALA G 204 32.50 15.52 74.35
CA ALA G 204 31.82 14.30 73.86
C ALA G 204 31.53 13.37 75.04
N SER G 205 30.27 12.94 75.20
CA SER G 205 29.79 12.12 76.34
C SER G 205 29.19 10.80 75.86
N ASP G 206 29.16 9.81 76.76
CA ASP G 206 28.46 8.50 76.60
C ASP G 206 26.93 8.74 76.51
N ASP G 207 26.45 9.92 76.90
CA ASP G 207 25.00 10.26 76.89
C ASP G 207 24.55 10.62 75.46
N LEU G 208 25.41 10.39 74.45
CA LEU G 208 25.12 10.52 73.00
C LEU G 208 25.38 11.95 72.50
N THR G 209 25.54 12.92 73.42
CA THR G 209 25.60 14.36 73.09
C THR G 209 27.05 14.82 72.90
N ILE G 210 27.24 15.66 71.89
CA ILE G 210 28.41 16.57 71.72
C ILE G 210 27.91 17.98 72.06
N LYS G 211 28.69 18.74 72.84
CA LYS G 211 28.30 20.11 73.28
C LYS G 211 29.41 21.11 72.96
N ILE G 212 29.04 22.29 72.47
CA ILE G 212 29.96 23.43 72.18
C ILE G 212 29.88 24.42 73.34
N TRP G 213 31.04 24.85 73.86
CA TRP G 213 31.16 25.79 75.00
C TRP G 213 31.93 27.03 74.55
N ASP G 214 31.48 28.22 74.98
CA ASP G 214 32.21 29.51 74.90
C ASP G 214 32.83 29.77 76.28
N TYR G 215 34.16 29.84 76.37
CA TYR G 215 34.91 29.91 77.65
C TYR G 215 35.02 31.36 78.16
N GLN G 216 34.43 32.33 77.43
CA GLN G 216 34.29 33.73 77.90
C GLN G 216 32.99 33.86 78.71
N THR G 217 31.86 33.44 78.13
CA THR G 217 30.51 33.48 78.77
C THR G 217 30.31 32.24 79.66
N LYS G 218 31.15 31.21 79.49
CA LYS G 218 31.18 29.99 80.34
C LYS G 218 29.84 29.25 80.23
N SER G 219 29.22 29.24 79.04
CA SER G 219 27.87 28.66 78.79
C SER G 219 27.88 27.82 77.50
N CYS G 220 26.88 26.95 77.34
CA CYS G 220 26.72 26.04 76.18
C CYS G 220 26.18 26.82 74.98
N VAL G 221 26.92 26.80 73.86
CA VAL G 221 26.56 27.48 72.58
C VAL G 221 25.57 26.61 71.80
N ALA G 222 25.80 25.30 71.76
CA ALA G 222 24.99 24.33 70.98
C ALA G 222 25.18 22.91 71.53
N THR G 223 24.19 22.04 71.29
CA THR G 223 24.24 20.57 71.51
C THR G 223 24.07 19.85 70.17
N LEU G 224 25.04 19.00 69.82
CA LEU G 224 25.02 18.14 68.60
C LEU G 224 24.49 16.76 68.99
N GLU G 225 23.47 16.28 68.27
CA GLU G 225 22.88 14.92 68.42
C GLU G 225 22.97 14.21 67.06
N GLY G 226 23.99 13.36 66.88
CA GLY G 226 24.24 12.65 65.60
C GLY G 226 24.56 11.17 65.77
N HIS G 227 24.76 10.69 67.01
CA HIS G 227 25.20 9.31 67.29
C HIS G 227 24.11 8.55 68.06
N MET G 228 24.04 7.24 67.85
CA MET G 228 23.05 6.32 68.50
C MET G 228 23.75 5.49 69.58
N SER G 229 25.01 5.82 69.90
CA SER G 229 25.80 5.19 70.98
C SER G 229 26.89 6.16 71.47
N ASN G 230 27.66 5.74 72.49
CA ASN G 230 28.68 6.55 73.19
C ASN G 230 29.47 7.39 72.18
N VAL G 231 29.65 8.70 72.46
CA VAL G 231 30.52 9.61 71.67
C VAL G 231 31.92 9.61 72.29
N SER G 232 32.90 9.06 71.58
CA SER G 232 34.30 8.86 72.04
C SER G 232 35.05 10.19 72.01
N PHE G 233 34.78 11.04 71.01
CA PHE G 233 35.48 12.33 70.79
C PHE G 233 34.68 13.20 69.81
N ALA G 234 34.89 14.51 69.89
CA ALA G 234 34.54 15.53 68.87
C ALA G 234 35.61 16.62 68.88
N VAL G 235 36.22 16.92 67.73
CA VAL G 235 37.34 17.89 67.59
C VAL G 235 37.04 18.88 66.45
N PHE G 236 37.42 20.14 66.64
CA PHE G 236 37.50 21.17 65.57
C PHE G 236 38.74 20.89 64.72
N HIS G 237 38.58 20.78 63.40
CA HIS G 237 39.69 20.60 62.43
C HIS G 237 40.53 21.88 62.42
N PRO G 238 41.89 21.78 62.36
CA PRO G 238 42.73 22.97 62.33
C PRO G 238 42.41 23.95 61.19
N THR G 239 42.39 23.47 59.94
CA THR G 239 42.42 24.30 58.71
C THR G 239 41.09 24.27 57.94
N LEU G 240 40.09 23.49 58.38
CA LEU G 240 38.76 23.39 57.71
C LEU G 240 37.65 23.75 58.70
N PRO G 241 36.56 24.40 58.25
CA PRO G 241 35.45 24.77 59.12
C PRO G 241 34.50 23.59 59.37
N ILE G 242 35.03 22.49 59.92
CA ILE G 242 34.27 21.27 60.27
C ILE G 242 34.65 20.82 61.69
N ILE G 243 33.71 20.17 62.38
CA ILE G 243 33.94 19.39 63.63
C ILE G 243 33.84 17.91 63.24
N ILE G 244 34.86 17.12 63.58
CA ILE G 244 34.88 15.64 63.39
C ILE G 244 34.57 14.99 64.74
N SER G 245 33.55 14.13 64.78
CA SER G 245 33.20 13.28 65.95
C SER G 245 33.16 11.81 65.52
N GLY G 246 33.53 10.92 66.44
CA GLY G 246 33.45 9.45 66.30
C GLY G 246 32.74 8.85 67.50
N SER G 247 32.25 7.62 67.36
CA SER G 247 31.31 6.98 68.31
C SER G 247 31.48 5.46 68.31
N GLU G 248 30.92 4.79 69.33
CA GLU G 248 30.84 3.31 69.45
C GLU G 248 29.77 2.79 68.48
N ASP G 249 29.00 3.69 67.86
CA ASP G 249 28.05 3.37 66.77
C ASP G 249 28.84 2.97 65.52
N GLY G 250 30.18 3.04 65.56
CA GLY G 250 31.09 2.61 64.49
C GLY G 250 31.10 3.60 63.34
N THR G 251 30.80 4.87 63.63
CA THR G 251 30.61 5.95 62.64
C THR G 251 31.51 7.13 63.01
N LEU G 252 32.04 7.82 62.00
CA LEU G 252 32.54 9.22 62.11
C LEU G 252 31.49 10.13 61.46
N LYS G 253 31.23 11.29 62.06
CA LYS G 253 30.32 12.33 61.52
C LYS G 253 31.11 13.63 61.36
N ILE G 254 30.93 14.32 60.23
CA ILE G 254 31.55 15.64 59.92
C ILE G 254 30.46 16.70 59.98
N TRP G 255 30.59 17.63 60.94
CA TRP G 255 29.66 18.77 61.17
C TRP G 255 30.28 20.06 60.63
N ASN G 256 29.44 20.98 60.14
CA ASN G 256 29.81 22.39 59.85
C ASN G 256 29.97 23.12 61.18
N SER G 257 31.12 23.77 61.41
CA SER G 257 31.46 24.49 62.67
C SER G 257 30.76 25.86 62.73
N SER G 258 30.06 26.24 61.65
CA SER G 258 29.21 27.46 61.57
C SER G 258 27.78 27.13 62.00
N THR G 259 27.11 26.23 61.25
CA THR G 259 25.65 25.96 61.32
C THR G 259 25.36 24.71 62.16
N TYR G 260 26.36 23.86 62.40
CA TYR G 260 26.25 22.59 63.17
C TYR G 260 25.31 21.62 62.44
N LYS G 261 25.32 21.68 61.10
CA LYS G 261 24.61 20.74 60.20
C LYS G 261 25.57 19.59 59.83
N VAL G 262 25.07 18.35 59.76
CA VAL G 262 25.87 17.17 59.32
C VAL G 262 26.21 17.37 57.83
N GLU G 263 27.50 17.23 57.48
CA GLU G 263 28.04 17.37 56.11
C GLU G 263 28.33 15.98 55.53
N LYS G 264 28.62 14.99 56.38
CA LYS G 264 28.92 13.59 55.97
C LYS G 264 28.91 12.66 57.19
N THR G 265 28.40 11.44 57.00
CA THR G 265 28.43 10.31 57.97
C THR G 265 29.24 9.16 57.35
N LEU G 266 30.46 8.92 57.86
CA LEU G 266 31.39 7.89 57.35
C LEU G 266 31.17 6.58 58.12
N ASN G 267 30.64 5.55 57.44
CA ASN G 267 30.44 4.18 57.99
C ASN G 267 31.72 3.37 57.74
N VAL G 268 32.75 3.68 58.51
CA VAL G 268 34.17 3.27 58.28
C VAL G 268 34.28 1.74 58.26
N GLY G 269 33.44 1.03 59.01
CA GLY G 269 33.36 -0.45 59.00
C GLY G 269 34.48 -1.10 59.81
N LEU G 270 35.09 -0.37 60.73
CA LEU G 270 36.10 -0.90 61.69
C LEU G 270 35.47 -1.00 63.09
N GLU G 271 34.14 -1.00 63.17
CA GLU G 271 33.32 -1.11 64.41
C GLU G 271 33.60 0.11 65.29
N ARG G 272 33.56 -0.03 66.63
CA ARG G 272 33.55 1.13 67.57
C ARG G 272 34.77 2.03 67.32
N SER G 273 34.55 3.34 67.24
CA SER G 273 35.60 4.39 67.24
C SER G 273 36.07 4.63 68.68
N TRP G 274 37.30 5.14 68.86
CA TRP G 274 37.90 5.42 70.19
C TRP G 274 38.68 6.75 70.20
N CYS G 275 39.44 7.05 69.14
CA CYS G 275 40.42 8.17 69.15
C CYS G 275 40.52 8.84 67.79
N ILE G 276 41.07 10.06 67.80
CA ILE G 276 41.15 10.98 66.63
C ILE G 276 42.45 11.77 66.72
N ALA G 277 43.09 11.98 65.56
CA ALA G 277 44.21 12.92 65.36
C ALA G 277 43.97 13.69 64.06
N THR G 278 44.22 15.01 64.08
CA THR G 278 44.29 15.88 62.89
C THR G 278 45.78 16.19 62.66
N HIS G 279 46.24 16.18 61.40
CA HIS G 279 47.67 16.39 61.07
C HIS G 279 48.09 17.80 61.52
N PRO G 280 49.14 17.92 62.36
CA PRO G 280 49.55 19.19 62.95
C PRO G 280 49.56 20.42 62.03
N THR G 281 50.13 20.28 60.82
CA THR G 281 50.34 21.37 59.83
C THR G 281 49.15 21.47 58.85
N GLY G 282 48.23 20.50 58.90
CA GLY G 282 47.06 20.42 58.00
C GLY G 282 47.47 19.98 56.60
N ARG G 283 48.56 19.21 56.49
CA ARG G 283 49.04 18.59 55.23
C ARG G 283 47.91 17.74 54.62
N LYS G 284 47.37 18.19 53.48
CA LYS G 284 46.28 17.51 52.72
C LYS G 284 45.07 17.31 53.64
N ASN G 285 44.90 18.19 54.64
CA ASN G 285 43.83 18.13 55.67
C ASN G 285 43.66 16.68 56.14
N TYR G 286 44.78 15.98 56.41
CA TYR G 286 44.82 14.57 56.86
C TYR G 286 44.15 14.47 58.24
N ILE G 287 43.25 13.47 58.39
CA ILE G 287 42.70 13.03 59.71
C ILE G 287 42.93 11.52 59.84
N ALA G 288 43.08 11.04 61.07
CA ALA G 288 43.22 9.60 61.41
C ALA G 288 42.31 9.29 62.59
N SER G 289 41.75 8.08 62.63
CA SER G 289 40.88 7.58 63.73
C SER G 289 41.17 6.11 63.98
N GLY G 290 41.22 5.72 65.25
CA GLY G 290 41.39 4.32 65.70
C GLY G 290 40.07 3.69 66.06
N PHE G 291 39.99 2.36 65.95
CA PHE G 291 38.75 1.55 66.16
C PHE G 291 39.11 0.18 66.72
N ASP G 292 38.07 -0.56 67.14
CA ASP G 292 38.06 -1.99 67.52
C ASP G 292 38.95 -2.81 66.57
N ASN G 293 38.79 -2.63 65.25
CA ASN G 293 39.41 -3.51 64.21
C ASN G 293 40.59 -2.82 63.52
N GLY G 294 41.04 -1.66 64.01
CA GLY G 294 42.22 -0.95 63.46
C GLY G 294 41.94 0.52 63.20
N PHE G 295 42.71 1.14 62.30
CA PHE G 295 42.69 2.60 62.05
C PHE G 295 42.55 2.90 60.55
N THR G 296 42.35 4.19 60.24
CA THR G 296 42.27 4.75 58.87
C THR G 296 42.83 6.18 58.85
N VAL G 297 43.55 6.53 57.77
CA VAL G 297 43.99 7.92 57.45
C VAL G 297 43.17 8.37 56.25
N LEU G 298 42.55 9.56 56.34
CA LEU G 298 41.68 10.15 55.29
C LEU G 298 42.15 11.56 54.96
N SER G 299 42.35 11.85 53.66
CA SER G 299 42.61 13.21 53.12
C SER G 299 41.28 13.90 52.84
N LEU G 300 41.12 15.14 53.29
CA LEU G 300 39.89 15.96 53.15
C LEU G 300 40.12 17.03 52.08
N GLY G 301 39.09 17.33 51.29
CA GLY G 301 39.10 18.42 50.29
C GLY G 301 39.36 19.77 50.94
N ASN G 302 40.19 20.61 50.31
CA ASN G 302 40.62 21.93 50.83
C ASN G 302 39.82 23.03 50.13
N MET H 1 13.00 4.42 -82.26
CA MET H 1 11.72 4.88 -81.63
C MET H 1 11.22 6.14 -82.36
N LYS H 2 9.94 6.14 -82.78
CA LYS H 2 9.27 7.28 -83.46
C LYS H 2 8.75 8.25 -82.40
N LEU H 3 9.34 9.45 -82.34
CA LEU H 3 8.81 10.61 -81.57
C LEU H 3 7.94 11.45 -82.51
N ASP H 4 6.62 11.25 -82.44
CA ASP H 4 5.61 12.00 -83.24
C ASP H 4 5.33 13.34 -82.53
N ILE H 5 6.27 14.28 -82.60
CA ILE H 5 6.25 15.59 -81.89
C ILE H 5 5.18 16.48 -82.55
N LYS H 6 4.20 16.94 -81.76
CA LYS H 6 3.16 17.90 -82.20
C LYS H 6 3.10 19.07 -81.20
N LYS H 7 3.05 20.31 -81.72
CA LYS H 7 2.91 21.55 -80.91
CA LYS H 7 2.91 21.54 -80.92
C LYS H 7 1.44 21.68 -80.47
N THR H 8 1.13 21.25 -79.25
CA THR H 8 -0.24 21.26 -78.66
C THR H 8 -0.71 22.71 -78.51
N PHE H 9 0.12 23.56 -77.90
CA PHE H 9 -0.20 24.97 -77.57
C PHE H 9 1.08 25.73 -77.19
N SER H 10 1.23 26.95 -77.71
CA SER H 10 2.33 27.90 -77.39
C SER H 10 1.75 29.26 -77.02
N ASN H 11 2.18 29.82 -75.87
CA ASN H 11 1.71 31.13 -75.34
C ASN H 11 2.93 32.06 -75.17
N ARG H 12 2.81 33.29 -75.64
CA ARG H 12 3.83 34.37 -75.47
C ARG H 12 3.51 35.14 -74.18
N SER H 13 4.50 35.31 -73.31
CA SER H 13 4.35 35.92 -71.96
C SER H 13 5.67 36.50 -71.47
N ASP H 14 5.70 36.92 -70.20
CA ASP H 14 6.94 37.22 -69.43
C ASP H 14 7.69 35.91 -69.21
N ARG H 15 9.00 35.98 -68.93
CA ARG H 15 9.85 34.79 -68.67
C ARG H 15 9.13 33.84 -67.71
N VAL H 16 8.86 32.61 -68.16
CA VAL H 16 8.26 31.51 -67.34
C VAL H 16 9.41 30.82 -66.59
N LYS H 17 9.35 30.79 -65.25
CA LYS H 17 10.40 30.24 -64.36
C LYS H 17 9.93 28.92 -63.73
N GLY H 18 8.61 28.75 -63.54
CA GLY H 18 7.99 27.51 -63.05
C GLY H 18 6.89 27.04 -64.00
N ILE H 19 6.73 25.72 -64.14
CA ILE H 19 5.69 25.08 -65.01
C ILE H 19 5.36 23.70 -64.44
N ASP H 20 4.06 23.35 -64.40
CA ASP H 20 3.55 22.04 -63.91
C ASP H 20 2.24 21.70 -64.63
N PHE H 21 1.99 20.40 -64.83
CA PHE H 21 0.77 19.83 -65.45
C PHE H 21 -0.24 19.47 -64.36
N HIS H 22 -1.52 19.78 -64.58
CA HIS H 22 -2.66 19.32 -63.75
C HIS H 22 -2.93 17.85 -64.06
N PRO H 23 -3.13 16.98 -63.04
CA PRO H 23 -3.22 15.52 -63.26
C PRO H 23 -4.41 15.03 -64.09
N THR H 24 -5.52 15.77 -64.12
CA THR H 24 -6.81 15.35 -64.74
C THR H 24 -7.31 16.41 -65.73
N GLU H 25 -7.45 17.66 -65.29
CA GLU H 25 -7.82 18.82 -66.16
C GLU H 25 -6.70 19.06 -67.18
N PRO H 26 -7.03 19.45 -68.43
CA PRO H 26 -5.99 19.73 -69.43
C PRO H 26 -5.38 21.13 -69.22
N TRP H 27 -4.76 21.34 -68.05
CA TRP H 27 -4.24 22.65 -67.58
C TRP H 27 -2.72 22.62 -67.41
N VAL H 28 -2.09 23.77 -67.58
CA VAL H 28 -0.65 24.04 -67.25
C VAL H 28 -0.59 25.28 -66.36
N LEU H 29 0.05 25.15 -65.19
CA LEU H 29 0.41 26.30 -64.30
C LEU H 29 1.77 26.84 -64.77
N THR H 30 1.85 28.14 -65.05
CA THR H 30 3.08 28.83 -65.49
C THR H 30 3.35 30.00 -64.54
N THR H 31 4.55 30.00 -63.95
CA THR H 31 4.99 30.91 -62.87
C THR H 31 6.04 31.85 -63.48
N LEU H 32 5.81 33.17 -63.43
CA LEU H 32 6.54 34.17 -64.23
C LEU H 32 7.51 35.01 -63.38
N TYR H 33 8.41 35.73 -64.06
CA TYR H 33 9.46 36.61 -63.50
C TYR H 33 8.85 37.96 -63.12
N SER H 34 7.73 38.32 -63.73
CA SER H 34 7.00 39.61 -63.52
C SER H 34 6.29 39.63 -62.16
N GLY H 35 6.05 38.46 -61.56
CA GLY H 35 5.28 38.30 -60.31
C GLY H 35 3.87 37.79 -60.56
N ARG H 36 3.53 37.55 -61.83
CA ARG H 36 2.22 36.98 -62.25
C ARG H 36 2.33 35.45 -62.33
N VAL H 37 1.23 34.75 -62.07
CA VAL H 37 1.05 33.30 -62.35
C VAL H 37 -0.17 33.14 -63.27
N GLU H 38 -0.11 32.19 -64.22
CA GLU H 38 -1.18 31.95 -65.22
C GLU H 38 -1.53 30.46 -65.22
N LEU H 39 -2.83 30.15 -65.25
CA LEU H 39 -3.38 28.78 -65.50
C LEU H 39 -4.00 28.77 -66.89
N TRP H 40 -3.55 27.86 -67.76
CA TRP H 40 -4.00 27.75 -69.18
C TRP H 40 -4.61 26.36 -69.43
N ASN H 41 -5.70 26.32 -70.18
CA ASN H 41 -6.22 25.09 -70.84
C ASN H 41 -5.51 24.99 -72.20
N TYR H 42 -4.62 24.00 -72.36
CA TYR H 42 -3.73 23.85 -73.55
C TYR H 42 -4.47 23.15 -74.69
N GLU H 43 -5.62 22.53 -74.40
CA GLU H 43 -6.48 21.84 -75.41
C GLU H 43 -7.44 22.86 -76.03
N THR H 44 -8.05 23.73 -75.21
CA THR H 44 -9.05 24.75 -75.63
C THR H 44 -8.33 26.08 -75.96
N GLN H 45 -7.14 26.30 -75.41
CA GLN H 45 -6.26 27.47 -75.67
C GLN H 45 -6.86 28.76 -75.08
N VAL H 46 -7.67 28.64 -74.01
CA VAL H 46 -8.27 29.79 -73.27
C VAL H 46 -7.69 29.79 -71.85
N GLU H 47 -7.43 31.00 -71.31
CA GLU H 47 -6.86 31.21 -69.95
C GLU H 47 -7.90 30.81 -68.89
N VAL H 48 -7.49 30.02 -67.90
CA VAL H 48 -8.37 29.52 -66.80
C VAL H 48 -8.41 30.58 -65.69
N ARG H 49 -7.25 31.13 -65.32
CA ARG H 49 -7.11 32.16 -64.26
C ARG H 49 -5.66 32.66 -64.21
N SER H 50 -5.47 33.99 -64.09
CA SER H 50 -4.16 34.64 -63.87
C SER H 50 -4.24 35.54 -62.63
N ILE H 51 -3.16 35.55 -61.83
CA ILE H 51 -3.08 36.24 -60.50
C ILE H 51 -1.75 36.98 -60.43
N GLN H 52 -1.78 38.30 -60.19
CA GLN H 52 -0.58 39.11 -59.82
C GLN H 52 -0.26 38.80 -58.35
N VAL H 53 0.63 37.82 -58.13
CA VAL H 53 0.91 37.20 -56.80
C VAL H 53 1.82 38.13 -55.98
N THR H 54 2.72 38.87 -56.65
CA THR H 54 3.69 39.82 -56.02
C THR H 54 4.34 40.66 -57.13
N GLU H 55 5.38 41.44 -56.80
CA GLU H 55 6.19 42.24 -57.75
C GLU H 55 7.65 41.77 -57.70
N THR H 56 7.86 40.44 -57.63
CA THR H 56 9.19 39.78 -57.69
C THR H 56 9.09 38.52 -58.52
N PRO H 57 10.21 38.00 -59.05
CA PRO H 57 10.22 36.70 -59.72
C PRO H 57 9.61 35.62 -58.81
N VAL H 58 8.57 34.96 -59.32
CA VAL H 58 8.02 33.69 -58.77
C VAL H 58 8.69 32.57 -59.56
N ARG H 59 9.57 31.78 -58.92
CA ARG H 59 10.43 30.76 -59.59
C ARG H 59 9.83 29.37 -59.45
N ALA H 60 9.03 29.12 -58.41
CA ALA H 60 8.50 27.78 -58.05
C ALA H 60 6.96 27.82 -58.07
N GLY H 61 6.33 26.74 -58.54
CA GLY H 61 4.87 26.59 -58.64
C GLY H 61 4.48 25.15 -58.97
N LYS H 62 3.59 24.56 -58.17
CA LYS H 62 3.05 23.19 -58.38
C LYS H 62 1.52 23.20 -58.21
N PHE H 63 0.86 22.17 -58.75
CA PHE H 63 -0.57 21.85 -58.49
C PHE H 63 -0.65 20.94 -57.27
N ILE H 64 -1.60 21.20 -56.37
CA ILE H 64 -2.08 20.26 -55.33
C ILE H 64 -3.55 19.95 -55.66
N ALA H 65 -3.75 19.07 -56.65
CA ALA H 65 -5.06 18.72 -57.26
C ALA H 65 -5.97 18.04 -56.24
N ARG H 66 -5.39 17.39 -55.22
CA ARG H 66 -6.16 16.67 -54.15
C ARG H 66 -6.87 17.69 -53.25
N LYS H 67 -6.36 18.93 -53.16
CA LYS H 67 -6.96 20.04 -52.38
C LYS H 67 -7.43 21.17 -53.30
N ASN H 68 -7.37 20.96 -54.63
CA ASN H 68 -7.72 21.97 -55.66
C ASN H 68 -6.97 23.28 -55.40
N TRP H 69 -5.65 23.20 -55.20
CA TRP H 69 -4.77 24.37 -54.98
C TRP H 69 -3.69 24.43 -56.08
N ILE H 70 -3.09 25.61 -56.22
CA ILE H 70 -1.69 25.80 -56.69
C ILE H 70 -0.88 26.29 -55.48
N ILE H 71 0.42 26.01 -55.47
CA ILE H 71 1.38 26.55 -54.45
C ILE H 71 2.59 27.13 -55.18
N VAL H 72 2.91 28.39 -54.93
CA VAL H 72 4.02 29.15 -55.61
C VAL H 72 4.94 29.76 -54.56
N GLY H 73 6.23 29.87 -54.88
CA GLY H 73 7.27 30.51 -54.05
C GLY H 73 7.99 31.60 -54.84
N SER H 74 8.25 32.75 -54.20
CA SER H 74 8.75 33.98 -54.86
C SER H 74 10.03 34.50 -54.17
N ASP H 75 10.68 35.47 -54.83
CA ASP H 75 11.95 36.12 -54.39
C ASP H 75 11.69 37.02 -53.17
N ASP H 76 10.42 37.32 -52.87
CA ASP H 76 10.00 38.14 -51.70
C ASP H 76 9.97 37.27 -50.43
N PHE H 77 10.45 36.02 -50.51
CA PHE H 77 10.75 35.10 -49.39
C PHE H 77 9.51 34.27 -49.01
N ARG H 78 8.43 34.35 -49.78
CA ARG H 78 7.09 33.88 -49.35
C ARG H 78 6.61 32.68 -50.17
N ILE H 79 5.91 31.76 -49.49
CA ILE H 79 5.07 30.69 -50.12
C ILE H 79 3.60 31.13 -50.02
N ARG H 80 2.92 31.18 -51.16
CA ARG H 80 1.48 31.55 -51.26
C ARG H 80 0.72 30.38 -51.90
N VAL H 81 -0.48 30.07 -51.38
CA VAL H 81 -1.35 28.95 -51.84
C VAL H 81 -2.73 29.52 -52.18
N PHE H 82 -3.23 29.21 -53.38
CA PHE H 82 -4.52 29.69 -53.94
C PHE H 82 -5.38 28.50 -54.37
N ASN H 83 -6.68 28.54 -54.08
CA ASN H 83 -7.70 27.62 -54.65
C ASN H 83 -8.00 28.09 -56.07
N TYR H 84 -7.91 27.21 -57.07
CA TYR H 84 -7.97 27.59 -58.52
C TYR H 84 -9.43 27.63 -59.02
N ASN H 85 -10.40 27.22 -58.20
CA ASN H 85 -11.84 27.25 -58.54
C ASN H 85 -12.46 28.57 -58.07
N THR H 86 -12.06 29.05 -56.89
CA THR H 86 -12.56 30.30 -56.25
C THR H 86 -11.58 31.45 -56.49
N GLY H 87 -10.28 31.17 -56.53
CA GLY H 87 -9.20 32.17 -56.64
C GLY H 87 -8.82 32.76 -55.29
N GLU H 88 -9.36 32.18 -54.20
CA GLU H 88 -9.16 32.67 -52.81
C GLU H 88 -7.79 32.19 -52.31
N LYS H 89 -6.98 33.12 -51.79
CA LYS H 89 -5.64 32.84 -51.22
C LYS H 89 -5.82 32.09 -49.88
N VAL H 90 -5.37 30.84 -49.82
CA VAL H 90 -5.58 29.90 -48.67
C VAL H 90 -4.58 30.24 -47.55
N VAL H 91 -3.31 30.48 -47.88
CA VAL H 91 -2.25 30.84 -46.91
C VAL H 91 -1.15 31.65 -47.62
N ASP H 92 -0.47 32.52 -46.87
CA ASP H 92 0.59 33.44 -47.37
C ASP H 92 1.61 33.67 -46.24
N PHE H 93 2.68 32.88 -46.21
CA PHE H 93 3.69 32.87 -45.12
C PHE H 93 5.10 33.08 -45.68
N GLU H 94 5.96 33.71 -44.88
CA GLU H 94 7.42 33.81 -45.13
C GLU H 94 8.05 32.45 -44.82
N ALA H 95 8.61 31.79 -45.85
CA ALA H 95 9.13 30.40 -45.79
C ALA H 95 10.64 30.40 -45.61
N HIS H 96 11.34 31.40 -46.15
CA HIS H 96 12.81 31.61 -46.01
C HIS H 96 13.11 33.10 -45.89
N PRO H 97 14.34 33.51 -45.52
CA PRO H 97 14.76 34.91 -45.65
C PRO H 97 15.51 35.24 -46.94
N ASP H 98 15.31 34.46 -48.00
CA ASP H 98 15.97 34.63 -49.33
C ASP H 98 15.07 34.01 -50.42
N TYR H 99 15.56 33.96 -51.66
CA TYR H 99 14.81 33.46 -52.85
C TYR H 99 14.41 32.00 -52.63
N ILE H 100 13.17 31.65 -52.98
CA ILE H 100 12.70 30.24 -53.13
C ILE H 100 12.93 29.82 -54.59
N ARG H 101 13.66 28.73 -54.80
CA ARG H 101 14.12 28.25 -56.13
C ARG H 101 13.26 27.09 -56.62
N SER H 102 12.76 26.26 -55.70
CA SER H 102 12.09 24.97 -56.02
C SER H 102 11.09 24.61 -54.91
N ILE H 103 9.90 24.15 -55.31
CA ILE H 103 8.84 23.60 -54.41
C ILE H 103 8.43 22.23 -54.95
N ALA H 104 8.54 21.19 -54.11
CA ALA H 104 8.14 19.79 -54.42
C ALA H 104 6.99 19.38 -53.50
N VAL H 105 6.03 18.63 -54.03
CA VAL H 105 4.81 18.15 -53.30
C VAL H 105 4.96 16.64 -53.04
N HIS H 106 4.66 16.20 -51.82
CA HIS H 106 4.66 14.76 -51.42
C HIS H 106 3.45 14.08 -52.06
N PRO H 107 3.63 12.89 -52.68
CA PRO H 107 2.53 12.25 -53.42
C PRO H 107 1.37 11.72 -52.57
N THR H 108 1.62 11.28 -51.33
CA THR H 108 0.63 10.59 -50.44
C THR H 108 0.37 11.36 -49.14
N LYS H 109 1.20 12.35 -48.79
CA LYS H 109 1.16 13.06 -47.48
C LYS H 109 0.92 14.54 -47.70
N PRO H 110 0.39 15.27 -46.68
CA PRO H 110 0.20 16.71 -46.76
C PRO H 110 1.51 17.47 -46.47
N TYR H 111 2.55 17.19 -47.27
CA TYR H 111 3.92 17.72 -47.09
C TYR H 111 4.37 18.46 -48.35
N VAL H 112 5.02 19.61 -48.17
CA VAL H 112 5.64 20.43 -49.25
C VAL H 112 7.09 20.75 -48.85
N LEU H 113 8.03 20.51 -49.77
CA LEU H 113 9.47 20.86 -49.61
C LEU H 113 9.77 22.10 -50.45
N SER H 114 10.41 23.12 -49.85
CA SER H 114 10.87 24.35 -50.52
C SER H 114 12.40 24.46 -50.43
N GLY H 115 13.08 24.46 -51.58
CA GLY H 115 14.50 24.82 -51.71
C GLY H 115 14.65 26.33 -51.81
N SER H 116 15.72 26.88 -51.25
CA SER H 116 15.94 28.35 -51.12
C SER H 116 17.43 28.71 -51.26
N ASP H 117 17.70 30.01 -51.39
CA ASP H 117 19.07 30.59 -51.44
C ASP H 117 19.64 30.74 -50.02
N ASP H 118 18.85 30.42 -48.98
CA ASP H 118 19.28 30.45 -47.55
C ASP H 118 20.00 29.13 -47.19
N LEU H 119 20.42 28.35 -48.20
CA LEU H 119 21.30 27.14 -48.06
C LEU H 119 20.49 25.98 -47.46
N THR H 120 19.17 26.02 -47.53
CA THR H 120 18.25 25.18 -46.72
C THR H 120 17.11 24.63 -47.59
N VAL H 121 16.66 23.41 -47.26
CA VAL H 121 15.33 22.84 -47.65
C VAL H 121 14.45 22.84 -46.39
N LYS H 122 13.17 23.23 -46.51
CA LYS H 122 12.19 23.25 -45.40
C LYS H 122 10.96 22.44 -45.79
N LEU H 123 10.41 21.67 -44.84
CA LEU H 123 9.26 20.76 -44.99
C LEU H 123 8.04 21.34 -44.25
N TRP H 124 6.97 21.67 -44.99
CA TRP H 124 5.74 22.31 -44.47
C TRP H 124 4.59 21.28 -44.47
N ASN H 125 3.76 21.31 -43.42
CA ASN H 125 2.63 20.36 -43.19
C ASN H 125 1.33 21.17 -43.14
N TRP H 126 0.55 21.14 -44.23
CA TRP H 126 -0.69 21.96 -44.39
C TRP H 126 -1.83 21.40 -43.52
N GLU H 127 -1.66 20.21 -42.94
CA GLU H 127 -2.61 19.61 -41.95
C GLU H 127 -2.20 20.02 -40.52
N ASN H 128 -1.09 20.74 -40.38
CA ASN H 128 -0.61 21.36 -39.11
C ASN H 128 -0.55 22.89 -39.30
N ASN H 129 -1.58 23.45 -39.97
CA ASN H 129 -1.68 24.89 -40.35
C ASN H 129 -0.34 25.37 -40.91
N TRP H 130 0.22 24.61 -41.87
CA TRP H 130 1.47 24.92 -42.61
C TRP H 130 2.64 25.10 -41.64
N ALA H 131 2.73 24.23 -40.63
CA ALA H 131 3.81 24.21 -39.62
C ALA H 131 5.12 23.76 -40.29
N LEU H 132 6.20 24.50 -40.08
CA LEU H 132 7.58 24.06 -40.42
C LEU H 132 7.90 22.81 -39.60
N GLU H 133 7.89 21.64 -40.23
CA GLU H 133 8.11 20.32 -39.58
C GLU H 133 9.60 20.05 -39.42
N GLN H 134 10.43 20.53 -40.36
CA GLN H 134 11.89 20.24 -40.39
C GLN H 134 12.61 21.21 -41.33
N THR H 135 13.80 21.66 -40.93
CA THR H 135 14.78 22.41 -41.77
C THR H 135 16.00 21.51 -42.01
N PHE H 136 16.30 21.21 -43.27
CA PHE H 136 17.45 20.38 -43.69
C PHE H 136 18.66 21.28 -43.96
N GLU H 137 19.68 21.19 -43.11
CA GLU H 137 20.92 22.00 -43.15
C GLU H 137 22.10 21.10 -43.52
N GLY H 138 23.11 21.67 -44.20
CA GLY H 138 24.31 20.95 -44.68
C GLY H 138 24.85 21.52 -45.98
N HIS H 139 23.98 22.07 -46.84
CA HIS H 139 24.36 22.71 -48.13
C HIS H 139 25.11 24.02 -47.86
N GLU H 140 26.01 24.40 -48.78
CA GLU H 140 26.92 25.56 -48.63
C GLU H 140 26.71 26.58 -49.77
N HIS H 141 25.60 26.47 -50.50
CA HIS H 141 25.16 27.47 -51.51
C HIS H 141 23.66 27.25 -51.80
N PHE H 142 23.11 27.99 -52.77
CA PHE H 142 21.65 27.99 -53.10
C PHE H 142 21.22 26.57 -53.46
N VAL H 143 20.12 26.10 -52.84
CA VAL H 143 19.41 24.85 -53.21
C VAL H 143 18.48 25.18 -54.37
N MET H 144 18.90 24.84 -55.60
CA MET H 144 18.25 25.23 -56.87
C MET H 144 17.04 24.34 -57.15
N CYS H 145 17.05 23.08 -56.70
CA CYS H 145 16.03 22.06 -57.04
C CYS H 145 15.92 21.01 -55.94
N VAL H 146 14.68 20.72 -55.52
CA VAL H 146 14.34 19.65 -54.55
C VAL H 146 13.30 18.74 -55.21
N ALA H 147 13.51 17.42 -55.13
CA ALA H 147 12.63 16.39 -55.74
C ALA H 147 12.54 15.17 -54.84
N PHE H 148 11.32 14.68 -54.60
CA PHE H 148 11.03 13.40 -53.90
C PHE H 148 11.45 12.24 -54.82
N ASN H 149 12.06 11.20 -54.25
CA ASN H 149 12.21 9.88 -54.90
C ASN H 149 10.79 9.33 -55.11
N PRO H 150 10.32 9.16 -56.37
CA PRO H 150 8.94 8.70 -56.61
C PRO H 150 8.71 7.28 -56.06
N LYS H 151 9.78 6.48 -55.93
CA LYS H 151 9.73 5.08 -55.44
C LYS H 151 9.86 5.05 -53.91
N ASP H 152 10.26 6.16 -53.28
CA ASP H 152 10.31 6.32 -51.80
C ASP H 152 10.34 7.80 -51.43
N PRO H 153 9.17 8.48 -51.35
CA PRO H 153 9.14 9.90 -51.00
C PRO H 153 9.36 10.20 -49.51
N SER H 154 9.72 9.18 -48.72
CA SER H 154 10.34 9.34 -47.38
C SER H 154 11.77 9.88 -47.54
N THR H 155 12.31 9.81 -48.76
CA THR H 155 13.63 10.38 -49.16
C THR H 155 13.43 11.38 -50.29
N PHE H 156 14.27 12.42 -50.35
CA PHE H 156 14.26 13.47 -51.40
C PHE H 156 15.70 13.89 -51.72
N ALA H 157 15.91 14.34 -52.96
CA ALA H 157 17.21 14.81 -53.51
C ALA H 157 17.19 16.32 -53.68
N SER H 158 18.16 17.03 -53.10
CA SER H 158 18.36 18.49 -53.25
C SER H 158 19.63 18.75 -54.07
N GLY H 159 19.49 19.33 -55.26
CA GLY H 159 20.60 19.83 -56.09
C GLY H 159 20.97 21.24 -55.68
N CYS H 160 22.28 21.52 -55.53
CA CYS H 160 22.81 22.79 -54.97
C CYS H 160 24.01 23.30 -55.77
N LEU H 161 24.21 24.62 -55.80
CA LEU H 161 25.31 25.32 -56.48
C LEU H 161 26.62 25.17 -55.69
N ASP H 162 26.60 24.46 -54.55
CA ASP H 162 27.82 23.97 -53.85
C ASP H 162 28.37 22.74 -54.61
N ARG H 163 27.75 22.39 -55.74
CA ARG H 163 28.25 21.40 -56.73
C ARG H 163 27.96 19.97 -56.25
N THR H 164 27.01 19.80 -55.33
CA THR H 164 26.62 18.47 -54.77
C THR H 164 25.11 18.27 -54.90
N VAL H 165 24.69 17.00 -55.03
CA VAL H 165 23.33 16.52 -54.67
C VAL H 165 23.42 15.94 -53.26
N LYS H 166 22.47 16.26 -52.39
CA LYS H 166 22.27 15.61 -51.07
C LYS H 166 20.94 14.88 -51.08
N VAL H 167 20.93 13.60 -50.73
CA VAL H 167 19.70 12.78 -50.55
C VAL H 167 19.45 12.64 -49.04
N TRP H 168 18.25 13.06 -48.59
CA TRP H 168 17.85 13.13 -47.17
C TRP H 168 16.74 12.11 -46.90
N SER H 169 16.49 11.81 -45.63
CA SER H 169 15.33 11.03 -45.12
C SER H 169 14.49 11.94 -44.23
N LEU H 170 13.16 11.88 -44.36
CA LEU H 170 12.21 12.64 -43.51
C LEU H 170 12.46 12.29 -42.04
N GLY H 171 12.70 13.30 -41.20
CA GLY H 171 12.88 13.15 -39.74
C GLY H 171 14.34 12.91 -39.36
N GLN H 172 15.29 13.08 -40.29
CA GLN H 172 16.74 12.95 -40.03
C GLN H 172 17.46 14.25 -40.43
N SER H 173 18.43 14.68 -39.62
CA SER H 173 19.09 16.01 -39.69
C SER H 173 20.32 15.99 -40.61
N THR H 174 20.94 14.83 -40.80
CA THR H 174 22.14 14.64 -41.66
C THR H 174 21.71 13.94 -42.96
N PRO H 175 22.26 14.34 -44.14
CA PRO H 175 21.98 13.64 -45.39
C PRO H 175 22.33 12.14 -45.30
N ASN H 176 21.54 11.29 -45.97
CA ASN H 176 21.83 9.84 -46.14
C ASN H 176 23.19 9.70 -46.83
N PHE H 177 23.42 10.50 -47.87
CA PHE H 177 24.72 10.64 -48.59
C PHE H 177 24.77 11.96 -49.36
N THR H 178 25.97 12.34 -49.79
CA THR H 178 26.26 13.54 -50.62
C THR H 178 27.01 13.09 -51.87
N LEU H 179 26.47 13.37 -53.06
CA LEU H 179 27.11 13.10 -54.37
C LEU H 179 27.96 14.32 -54.77
N THR H 180 29.28 14.16 -54.81
CA THR H 180 30.24 15.14 -55.41
C THR H 180 30.13 15.00 -56.94
N THR H 181 29.40 15.91 -57.58
CA THR H 181 28.99 15.78 -59.01
C THR H 181 30.19 16.01 -59.93
N GLY H 182 31.13 16.88 -59.54
CA GLY H 182 32.21 17.38 -60.41
C GLY H 182 31.69 18.39 -61.43
N GLN H 183 30.40 18.74 -61.36
CA GLN H 183 29.77 19.84 -62.12
C GLN H 183 30.05 21.14 -61.35
N GLU H 184 31.16 21.80 -61.69
CA GLU H 184 31.87 22.79 -60.83
C GLU H 184 31.18 24.15 -60.86
N ARG H 185 30.33 24.42 -61.86
CA ARG H 185 29.52 25.66 -61.95
C ARG H 185 28.19 25.47 -61.21
N GLY H 186 27.98 24.31 -60.59
CA GLY H 186 26.86 24.04 -59.66
C GLY H 186 25.85 23.07 -60.24
N VAL H 187 24.83 22.70 -59.46
CA VAL H 187 23.74 21.76 -59.85
C VAL H 187 22.41 22.54 -59.87
N ASN H 188 21.88 22.79 -61.08
CA ASN H 188 20.65 23.60 -61.31
C ASN H 188 19.39 22.75 -61.06
N TYR H 189 19.49 21.42 -61.17
CA TYR H 189 18.34 20.50 -61.26
C TYR H 189 18.76 19.08 -60.88
N VAL H 190 17.83 18.32 -60.30
CA VAL H 190 17.95 16.86 -60.01
C VAL H 190 16.59 16.21 -60.27
N ASP H 191 16.60 15.00 -60.83
CA ASP H 191 15.38 14.20 -61.14
C ASP H 191 15.71 12.71 -60.97
N TYR H 192 14.71 11.90 -60.62
CA TYR H 192 14.83 10.43 -60.41
C TYR H 192 14.32 9.69 -61.65
N TYR H 193 14.91 8.53 -61.94
CA TYR H 193 14.35 7.50 -62.85
C TYR H 193 13.14 6.87 -62.15
N PRO H 194 11.90 7.08 -62.66
CA PRO H 194 10.69 6.73 -61.91
C PRO H 194 10.42 5.22 -61.78
N LEU H 195 10.88 4.43 -62.75
CA LEU H 195 10.61 2.97 -62.85
C LEU H 195 11.64 2.21 -62.00
N PRO H 196 11.40 0.92 -61.67
CA PRO H 196 12.17 0.24 -60.62
C PRO H 196 13.44 -0.50 -61.06
N ASP H 197 13.68 -0.61 -62.38
CA ASP H 197 14.77 -1.44 -62.97
C ASP H 197 16.14 -0.83 -62.64
N LYS H 198 16.28 0.50 -62.70
CA LYS H 198 17.55 1.22 -62.46
C LYS H 198 17.40 2.13 -61.23
N PRO H 199 18.36 2.11 -60.28
CA PRO H 199 18.39 3.06 -59.17
C PRO H 199 19.15 4.33 -59.55
N TYR H 200 18.61 5.09 -60.52
CA TYR H 200 19.30 6.21 -61.22
C TYR H 200 18.64 7.56 -60.87
N MET H 201 19.45 8.62 -60.86
CA MET H 201 19.01 10.04 -60.87
C MET H 201 19.84 10.80 -61.92
N ILE H 202 19.46 12.05 -62.21
CA ILE H 202 20.08 12.89 -63.28
C ILE H 202 20.23 14.33 -62.76
N THR H 203 21.32 15.00 -63.14
CA THR H 203 21.65 16.39 -62.72
C THR H 203 22.03 17.23 -63.96
N ALA H 204 21.67 18.52 -63.94
CA ALA H 204 21.96 19.51 -64.99
C ALA H 204 22.71 20.70 -64.38
N SER H 205 23.72 21.22 -65.08
CA SER H 205 24.71 22.20 -64.56
C SER H 205 24.95 23.35 -65.55
N ASP H 206 25.47 24.48 -65.05
CA ASP H 206 25.94 25.63 -65.85
C ASP H 206 27.20 25.25 -66.64
N ASP H 207 27.87 24.14 -66.28
CA ASP H 207 29.11 23.65 -66.95
C ASP H 207 28.76 22.90 -68.23
N LEU H 208 27.48 22.95 -68.66
CA LEU H 208 26.98 22.47 -69.98
C LEU H 208 26.69 20.95 -69.94
N THR H 209 27.09 20.25 -68.88
CA THR H 209 27.01 18.76 -68.79
C THR H 209 25.68 18.34 -68.15
N ILE H 210 25.23 17.12 -68.50
CA ILE H 210 24.07 16.40 -67.90
C ILE H 210 24.60 15.03 -67.43
N LYS H 211 24.69 14.81 -66.12
CA LYS H 211 25.28 13.58 -65.53
C LYS H 211 24.17 12.69 -64.98
N ILE H 212 24.16 11.41 -65.40
CA ILE H 212 23.34 10.32 -64.80
C ILE H 212 24.13 9.75 -63.62
N TRP H 213 23.44 9.34 -62.56
CA TRP H 213 24.05 8.80 -61.31
C TRP H 213 23.32 7.53 -60.88
N ASP H 214 24.09 6.51 -60.49
CA ASP H 214 23.60 5.30 -59.76
C ASP H 214 23.71 5.61 -58.27
N TYR H 215 22.59 5.87 -57.59
CA TYR H 215 22.56 6.36 -56.18
C TYR H 215 22.83 5.21 -55.20
N GLN H 216 23.07 3.99 -55.69
CA GLN H 216 23.46 2.81 -54.87
C GLN H 216 24.99 2.68 -54.86
N THR H 217 25.62 2.64 -56.04
CA THR H 217 27.10 2.54 -56.22
C THR H 217 27.75 3.91 -55.96
N LYS H 218 27.01 5.01 -56.21
CA LYS H 218 27.46 6.41 -56.03
C LYS H 218 28.51 6.76 -57.10
N SER H 219 28.29 6.35 -58.35
CA SER H 219 29.21 6.58 -59.49
C SER H 219 28.45 7.20 -60.67
N CYS H 220 29.21 7.81 -61.60
CA CYS H 220 28.68 8.49 -62.81
C CYS H 220 28.50 7.47 -63.94
N VAL H 221 27.25 7.22 -64.34
CA VAL H 221 26.86 6.20 -65.37
C VAL H 221 27.15 6.75 -66.76
N ALA H 222 26.81 8.03 -67.00
CA ALA H 222 26.96 8.71 -68.32
C ALA H 222 27.02 10.23 -68.14
N THR H 223 27.89 10.89 -68.91
CA THR H 223 27.96 12.36 -69.06
C THR H 223 27.43 12.72 -70.46
N LEU H 224 26.35 13.50 -70.52
CA LEU H 224 25.68 13.93 -71.77
C LEU H 224 26.09 15.38 -72.10
N GLU H 225 26.59 15.62 -73.32
CA GLU H 225 27.09 16.93 -73.79
C GLU H 225 26.40 17.31 -75.10
N GLY H 226 25.23 17.95 -75.04
CA GLY H 226 24.43 18.35 -76.21
C GLY H 226 23.98 19.80 -76.17
N HIS H 227 24.50 20.61 -75.24
CA HIS H 227 24.11 22.03 -75.03
C HIS H 227 25.35 22.91 -75.08
N MET H 228 25.19 24.14 -75.60
CA MET H 228 26.29 25.14 -75.77
C MET H 228 26.11 26.28 -74.75
N SER H 229 25.23 26.09 -73.76
CA SER H 229 24.98 27.06 -72.66
C SER H 229 24.35 26.32 -71.47
N ASN H 230 24.24 27.02 -70.34
CA ASN H 230 23.71 26.52 -69.04
C ASN H 230 22.55 25.55 -69.29
N VAL H 231 22.68 24.30 -68.82
CA VAL H 231 21.57 23.30 -68.83
C VAL H 231 20.66 23.62 -67.63
N SER H 232 19.48 24.18 -67.93
CA SER H 232 18.44 24.58 -66.96
C SER H 232 17.86 23.35 -66.24
N PHE H 233 17.62 22.27 -66.99
CA PHE H 233 17.00 21.02 -66.47
C PHE H 233 17.33 19.82 -67.37
N ALA H 234 17.14 18.62 -66.80
CA ALA H 234 17.14 17.30 -67.47
C ALA H 234 16.30 16.34 -66.64
N VAL H 235 15.25 15.75 -67.24
CA VAL H 235 14.27 14.88 -66.52
C VAL H 235 14.06 13.59 -67.32
N PHE H 236 13.85 12.48 -66.59
CA PHE H 236 13.35 11.19 -67.14
C PHE H 236 11.85 11.33 -67.41
N HIS H 237 11.41 10.99 -68.62
CA HIS H 237 9.97 10.98 -69.03
C HIS H 237 9.25 9.87 -68.26
N PRO H 238 8.00 10.10 -67.79
CA PRO H 238 7.31 9.14 -66.92
C PRO H 238 7.04 7.75 -67.52
N THR H 239 6.78 7.66 -68.83
CA THR H 239 6.39 6.42 -69.56
C THR H 239 7.40 6.10 -70.66
N LEU H 240 7.60 7.02 -71.61
CA LEU H 240 8.54 6.86 -72.76
C LEU H 240 9.96 6.68 -72.24
N PRO H 241 10.78 5.80 -72.84
CA PRO H 241 12.18 5.63 -72.43
C PRO H 241 13.08 6.71 -73.07
N ILE H 242 12.87 7.98 -72.68
CA ILE H 242 13.63 9.15 -73.17
C ILE H 242 13.99 10.06 -71.98
N ILE H 243 15.03 10.87 -72.14
CA ILE H 243 15.42 11.98 -71.22
C ILE H 243 15.23 13.29 -71.98
N ILE H 244 14.71 14.32 -71.30
CA ILE H 244 14.40 15.65 -71.88
C ILE H 244 15.16 16.73 -71.09
N SER H 245 16.06 17.43 -71.76
CA SER H 245 16.86 18.55 -71.19
C SER H 245 16.49 19.85 -71.88
N GLY H 246 16.78 20.98 -71.21
CA GLY H 246 16.59 22.35 -71.72
C GLY H 246 17.70 23.26 -71.24
N SER H 247 18.07 24.24 -72.07
CA SER H 247 19.28 25.08 -71.87
C SER H 247 18.98 26.54 -72.24
N GLU H 248 19.82 27.46 -71.78
CA GLU H 248 19.81 28.90 -72.15
C GLU H 248 20.22 29.05 -73.63
N ASP H 249 20.69 27.96 -74.26
CA ASP H 249 21.00 27.89 -75.72
C ASP H 249 19.70 28.08 -76.52
N GLY H 250 18.54 27.91 -75.87
CA GLY H 250 17.21 28.14 -76.46
C GLY H 250 16.66 26.88 -77.12
N THR H 251 17.13 25.71 -76.68
CA THR H 251 16.86 24.40 -77.32
C THR H 251 16.42 23.39 -76.25
N LEU H 252 15.42 22.57 -76.57
CA LEU H 252 15.10 21.30 -75.87
C LEU H 252 15.75 20.15 -76.65
N LYS H 253 16.30 19.16 -75.93
CA LYS H 253 16.92 17.96 -76.54
C LYS H 253 16.30 16.70 -75.92
N ILE H 254 15.91 15.74 -76.76
CA ILE H 254 15.36 14.41 -76.36
C ILE H 254 16.46 13.37 -76.56
N TRP H 255 16.92 12.74 -75.47
CA TRP H 255 17.96 11.68 -75.45
C TRP H 255 17.30 10.32 -75.22
N ASN H 256 17.87 9.26 -75.78
CA ASN H 256 17.48 7.86 -75.48
C ASN H 256 17.90 7.56 -74.04
N SER H 257 16.96 7.12 -73.19
CA SER H 257 17.17 6.87 -71.74
C SER H 257 17.97 5.58 -71.51
N SER H 258 18.29 4.86 -72.59
CA SER H 258 19.05 3.57 -72.56
C SER H 258 20.44 3.76 -73.18
N THR H 259 20.52 4.28 -74.41
CA THR H 259 21.76 4.43 -75.21
C THR H 259 22.40 5.80 -74.99
N TYR H 260 21.58 6.83 -74.73
CA TYR H 260 22.00 8.26 -74.58
C TYR H 260 22.39 8.85 -75.94
N LYS H 261 21.85 8.29 -77.03
CA LYS H 261 21.93 8.88 -78.39
C LYS H 261 20.86 9.98 -78.50
N VAL H 262 21.22 11.12 -79.09
CA VAL H 262 20.29 12.28 -79.28
C VAL H 262 19.21 11.85 -80.29
N GLU H 263 17.98 11.67 -79.82
CA GLU H 263 16.81 11.31 -80.65
C GLU H 263 16.40 12.52 -81.49
N LYS H 264 16.35 13.72 -80.90
CA LYS H 264 15.93 14.97 -81.59
C LYS H 264 16.39 16.21 -80.82
N THR H 265 16.71 17.27 -81.56
CA THR H 265 16.99 18.65 -81.05
C THR H 265 15.81 19.56 -81.46
N LEU H 266 15.09 20.10 -80.47
CA LEU H 266 13.91 20.99 -80.69
C LEU H 266 14.32 22.45 -80.44
N ASN H 267 14.27 23.27 -81.49
CA ASN H 267 14.58 24.72 -81.46
C ASN H 267 13.24 25.47 -81.40
N VAL H 268 12.71 25.68 -80.19
CA VAL H 268 11.27 26.03 -79.96
C VAL H 268 11.05 27.53 -80.29
N GLY H 269 12.12 28.32 -80.29
CA GLY H 269 12.09 29.73 -80.73
C GLY H 269 11.47 30.66 -79.70
N LEU H 270 11.74 30.41 -78.41
CA LEU H 270 11.31 31.29 -77.28
C LEU H 270 12.53 31.69 -76.45
N GLU H 271 13.74 31.55 -77.02
CA GLU H 271 15.05 31.85 -76.38
C GLU H 271 15.21 30.94 -75.16
N ARG H 272 15.82 31.41 -74.06
CA ARG H 272 16.34 30.55 -72.97
C ARG H 272 15.21 29.67 -72.40
N SER H 273 15.45 28.35 -72.34
CA SER H 273 14.60 27.35 -71.65
C SER H 273 14.96 27.34 -70.15
N TRP H 274 13.96 27.52 -69.27
CA TRP H 274 14.16 27.69 -67.80
C TRP H 274 13.60 26.49 -67.01
N CYS H 275 12.39 26.03 -67.32
CA CYS H 275 11.67 25.00 -66.53
C CYS H 275 11.07 23.91 -67.45
N ILE H 276 10.68 22.79 -66.83
CA ILE H 276 10.16 21.56 -67.51
C ILE H 276 9.02 20.98 -66.67
N ALA H 277 8.05 20.34 -67.34
CA ALA H 277 6.95 19.56 -66.72
C ALA H 277 6.57 18.39 -67.65
N THR H 278 6.34 17.21 -67.07
CA THR H 278 5.83 16.00 -67.76
C THR H 278 4.51 15.60 -67.09
N HIS H 279 3.49 15.25 -67.88
CA HIS H 279 2.15 14.85 -67.36
C HIS H 279 2.33 13.62 -66.47
N PRO H 280 1.92 13.67 -65.18
CA PRO H 280 2.13 12.58 -64.23
C PRO H 280 1.92 11.16 -64.78
N THR H 281 0.72 10.86 -65.28
CA THR H 281 0.30 9.53 -65.77
C THR H 281 0.59 9.40 -67.27
N GLY H 282 1.11 10.46 -67.90
CA GLY H 282 1.62 10.45 -69.28
C GLY H 282 0.51 10.43 -70.31
N ARG H 283 -0.51 11.29 -70.14
CA ARG H 283 -1.61 11.49 -71.12
C ARG H 283 -1.01 12.17 -72.36
N LYS H 284 -1.14 11.53 -73.53
CA LYS H 284 -0.52 11.95 -74.82
C LYS H 284 0.97 12.23 -74.60
N ASN H 285 1.58 11.52 -73.64
CA ASN H 285 2.99 11.68 -73.22
C ASN H 285 3.35 13.18 -73.16
N TYR H 286 2.39 14.02 -72.78
CA TYR H 286 2.49 15.51 -72.81
C TYR H 286 3.74 15.97 -72.05
N ILE H 287 4.47 16.91 -72.63
CA ILE H 287 5.58 17.66 -71.97
C ILE H 287 5.35 19.16 -72.19
N ALA H 288 5.88 20.00 -71.30
CA ALA H 288 5.78 21.47 -71.35
C ALA H 288 7.03 22.09 -70.71
N SER H 289 7.57 23.13 -71.35
CA SER H 289 8.75 23.90 -70.88
C SER H 289 8.45 25.41 -70.95
N GLY H 290 8.93 26.16 -69.95
CA GLY H 290 8.81 27.62 -69.88
C GLY H 290 10.10 28.30 -70.33
N PHE H 291 9.98 29.41 -71.05
CA PHE H 291 11.09 30.13 -71.72
C PHE H 291 11.06 31.62 -71.37
N ASP H 292 12.07 32.36 -71.84
CA ASP H 292 12.14 33.85 -71.82
C ASP H 292 10.85 34.45 -72.40
N ASN H 293 10.41 33.95 -73.55
CA ASN H 293 9.36 34.58 -74.40
C ASN H 293 8.03 33.82 -74.29
N GLY H 294 7.89 32.90 -73.33
CA GLY H 294 6.64 32.18 -73.05
C GLY H 294 6.87 30.71 -72.76
N PHE H 295 5.89 29.85 -73.07
CA PHE H 295 5.94 28.39 -72.85
C PHE H 295 5.37 27.64 -74.06
N THR H 296 5.59 26.32 -74.10
CA THR H 296 5.12 25.38 -75.15
C THR H 296 4.65 24.08 -74.50
N VAL H 297 3.52 23.53 -74.97
CA VAL H 297 3.01 22.16 -74.61
C VAL H 297 3.14 21.28 -75.85
N LEU H 298 3.80 20.12 -75.71
CA LEU H 298 4.08 19.17 -76.82
C LEU H 298 3.53 17.79 -76.45
N SER H 299 3.00 17.06 -77.44
CA SER H 299 2.53 15.65 -77.34
C SER H 299 3.48 14.74 -78.12
N LEU H 300 3.75 13.55 -77.58
CA LEU H 300 4.64 12.52 -78.18
C LEU H 300 3.83 11.26 -78.48
N GLY H 301 4.06 10.63 -79.64
CA GLY H 301 3.38 9.39 -80.06
C GLY H 301 4.00 8.17 -79.42
N ASN H 302 3.19 7.11 -79.22
CA ASN H 302 3.63 5.82 -78.63
C ASN H 302 4.33 4.98 -79.70
N MET I 1 -54.90 42.34 6.51
CA MET I 1 -53.61 42.56 5.77
C MET I 1 -53.42 41.41 4.76
N LYS I 2 -52.22 41.28 4.19
CA LYS I 2 -51.81 40.15 3.32
C LYS I 2 -50.63 39.42 3.98
N LEU I 3 -50.93 38.38 4.77
CA LEU I 3 -49.93 37.46 5.38
C LEU I 3 -49.60 36.35 4.36
N ASP I 4 -48.59 36.58 3.51
CA ASP I 4 -48.09 35.59 2.52
C ASP I 4 -47.14 34.63 3.26
N ILE I 5 -47.71 33.63 3.94
CA ILE I 5 -46.96 32.67 4.81
C ILE I 5 -46.36 31.56 3.94
N LYS I 6 -45.08 31.25 4.14
CA LYS I 6 -44.36 30.12 3.49
C LYS I 6 -43.60 29.33 4.56
N LYS I 7 -43.72 28.00 4.53
CA LYS I 7 -42.92 27.06 5.37
C LYS I 7 -41.49 27.02 4.83
N THR I 8 -40.56 27.73 5.48
CA THR I 8 -39.13 27.83 5.08
C THR I 8 -38.43 26.50 5.37
N PHE I 9 -38.57 26.00 6.59
CA PHE I 9 -37.92 24.75 7.07
C PHE I 9 -38.71 24.17 8.25
N SER I 10 -38.83 22.84 8.29
CA SER I 10 -39.52 22.07 9.36
C SER I 10 -38.70 20.82 9.70
N ASN I 11 -38.23 20.71 10.94
CA ASN I 11 -37.39 19.59 11.43
C ASN I 11 -38.10 18.89 12.59
N ARG I 12 -38.32 17.57 12.47
CA ARG I 12 -38.87 16.70 13.53
C ARG I 12 -37.76 16.45 14.56
N SER I 13 -38.11 16.44 15.85
CA SER I 13 -37.17 16.22 16.98
C SER I 13 -37.96 16.03 18.28
N ASP I 14 -37.23 15.82 19.38
CA ASP I 14 -37.76 15.87 20.77
C ASP I 14 -38.32 17.28 21.02
N ARG I 15 -39.04 17.45 22.13
CA ARG I 15 -39.74 18.71 22.50
C ARG I 15 -38.75 19.87 22.52
N VAL I 16 -39.02 20.92 21.73
CA VAL I 16 -38.22 22.19 21.67
C VAL I 16 -38.81 23.18 22.68
N LYS I 17 -38.06 23.48 23.74
CA LYS I 17 -38.51 24.38 24.85
C LYS I 17 -38.00 25.80 24.61
N GLY I 18 -36.77 25.94 24.08
CA GLY I 18 -36.14 27.24 23.78
C GLY I 18 -35.81 27.36 22.30
N ILE I 19 -35.84 28.58 21.76
CA ILE I 19 -35.53 28.89 20.34
C ILE I 19 -35.10 30.35 20.20
N ASP I 20 -34.19 30.63 19.27
CA ASP I 20 -33.65 31.98 18.99
C ASP I 20 -33.08 32.02 17.56
N PHE I 21 -33.17 33.18 16.91
CA PHE I 21 -32.57 33.46 15.58
C PHE I 21 -31.18 34.07 15.77
N HIS I 22 -30.19 33.61 14.99
CA HIS I 22 -28.89 34.30 14.82
C HIS I 22 -29.11 35.57 14.00
N PRO I 23 -28.48 36.72 14.37
CA PRO I 23 -28.82 37.99 13.73
C PRO I 23 -28.28 38.21 12.31
N THR I 24 -27.31 37.42 11.84
CA THR I 24 -26.68 37.56 10.50
C THR I 24 -26.75 36.23 9.73
N GLU I 25 -26.13 35.16 10.26
CA GLU I 25 -26.21 33.79 9.69
C GLU I 25 -27.67 33.33 9.71
N PRO I 26 -28.15 32.63 8.65
CA PRO I 26 -29.52 32.12 8.63
C PRO I 26 -29.65 30.85 9.48
N TRP I 27 -29.36 30.95 10.78
CA TRP I 27 -29.37 29.83 11.76
C TRP I 27 -30.48 30.03 12.78
N VAL I 28 -31.05 28.93 13.27
CA VAL I 28 -31.93 28.88 14.47
C VAL I 28 -31.30 27.95 15.50
N LEU I 29 -31.08 28.45 16.72
CA LEU I 29 -30.75 27.62 17.91
C LEU I 29 -32.06 27.04 18.46
N THR I 30 -32.11 25.74 18.67
CA THR I 30 -33.18 25.05 19.44
C THR I 30 -32.55 24.36 20.65
N THR I 31 -33.32 24.27 21.73
CA THR I 31 -32.92 23.71 23.04
C THR I 31 -34.02 22.73 23.47
N LEU I 32 -33.69 21.44 23.58
CA LEU I 32 -34.68 20.31 23.66
C LEU I 32 -34.91 19.90 25.12
N TYR I 33 -35.94 19.07 25.32
CA TYR I 33 -36.38 18.52 26.63
C TYR I 33 -35.53 17.28 26.99
N SER I 34 -34.69 16.83 26.05
CA SER I 34 -33.86 15.61 26.16
C SER I 34 -32.46 15.94 26.70
N GLY I 35 -32.11 17.23 26.80
CA GLY I 35 -30.78 17.70 27.22
C GLY I 35 -29.87 17.98 26.02
N ARG I 36 -30.42 17.92 24.81
CA ARG I 36 -29.69 18.19 23.54
C ARG I 36 -30.00 19.62 23.08
N VAL I 37 -29.00 20.35 22.59
CA VAL I 37 -29.15 21.67 21.91
C VAL I 37 -28.69 21.50 20.47
N GLU I 38 -29.46 22.04 19.52
CA GLU I 38 -29.24 21.87 18.06
C GLU I 38 -29.14 23.25 17.42
N LEU I 39 -28.27 23.38 16.40
CA LEU I 39 -28.06 24.62 15.61
C LEU I 39 -28.27 24.27 14.13
N TRP I 40 -29.33 24.82 13.52
CA TRP I 40 -29.80 24.47 12.16
C TRP I 40 -29.69 25.68 11.23
N ASN I 41 -29.28 25.45 9.98
CA ASN I 41 -29.42 26.42 8.85
C ASN I 41 -30.78 26.15 8.20
N TYR I 42 -31.70 27.13 8.25
CA TYR I 42 -33.11 26.96 7.81
C TYR I 42 -33.23 27.23 6.30
N GLU I 43 -32.18 27.78 5.68
CA GLU I 43 -32.13 28.07 4.21
C GLU I 43 -31.44 26.91 3.48
N THR I 44 -30.43 26.31 4.11
CA THR I 44 -29.67 25.13 3.59
C THR I 44 -30.37 23.83 4.01
N GLN I 45 -30.91 23.79 5.24
CA GLN I 45 -31.62 22.64 5.86
C GLN I 45 -30.59 21.56 6.27
N VAL I 46 -29.35 21.97 6.54
CA VAL I 46 -28.27 21.09 7.10
C VAL I 46 -27.98 21.56 8.53
N GLU I 47 -27.69 20.63 9.44
CA GLU I 47 -27.35 20.90 10.86
C GLU I 47 -25.96 21.57 10.91
N VAL I 48 -25.87 22.70 11.63
CA VAL I 48 -24.59 23.45 11.88
C VAL I 48 -23.82 22.73 12.98
N ARG I 49 -24.51 22.32 14.05
CA ARG I 49 -23.90 21.64 15.24
C ARG I 49 -25.00 21.15 16.17
N SER I 50 -24.77 19.99 16.81
CA SER I 50 -25.59 19.44 17.92
C SER I 50 -24.69 19.18 19.13
N ILE I 51 -25.20 19.42 20.34
CA ILE I 51 -24.49 19.16 21.64
C ILE I 51 -25.48 18.51 22.60
N GLN I 52 -25.11 17.35 23.17
CA GLN I 52 -25.80 16.73 24.33
C GLN I 52 -25.28 17.43 25.59
N VAL I 53 -25.87 18.58 25.91
CA VAL I 53 -25.38 19.56 26.92
C VAL I 53 -25.52 18.97 28.33
N THR I 54 -26.64 18.31 28.61
CA THR I 54 -26.98 17.67 29.91
C THR I 54 -27.92 16.48 29.64
N GLU I 55 -28.58 15.98 30.69
CA GLU I 55 -29.55 14.85 30.58
C GLU I 55 -30.90 15.24 31.21
N THR I 56 -31.09 16.53 31.52
CA THR I 56 -32.39 17.12 31.95
C THR I 56 -32.91 18.00 30.83
N PRO I 57 -34.20 18.41 30.88
CA PRO I 57 -34.71 19.46 29.98
C PRO I 57 -33.84 20.73 30.05
N VAL I 58 -33.59 21.33 28.89
CA VAL I 58 -32.91 22.66 28.74
C VAL I 58 -33.97 23.62 28.18
N ARG I 59 -34.50 24.50 29.03
CA ARG I 59 -35.76 25.26 28.76
C ARG I 59 -35.48 26.60 28.09
N ALA I 60 -34.29 27.17 28.27
CA ALA I 60 -33.90 28.50 27.76
C ALA I 60 -32.63 28.39 26.92
N GLY I 61 -32.61 29.05 25.76
CA GLY I 61 -31.45 29.15 24.85
C GLY I 61 -31.47 30.47 24.09
N LYS I 62 -30.34 31.18 24.06
CA LYS I 62 -30.17 32.45 23.30
C LYS I 62 -28.78 32.47 22.64
N PHE I 63 -28.69 33.08 21.45
CA PHE I 63 -27.42 33.47 20.80
C PHE I 63 -26.83 34.68 21.53
N ILE I 64 -25.50 34.71 21.66
CA ILE I 64 -24.69 35.92 21.97
C ILE I 64 -23.69 36.09 20.82
N ALA I 65 -24.19 36.56 19.67
CA ALA I 65 -23.48 36.58 18.36
C ALA I 65 -22.23 37.45 18.44
N ARG I 66 -22.22 38.49 19.28
CA ARG I 66 -21.09 39.45 19.44
C ARG I 66 -19.86 38.73 19.99
N LYS I 67 -20.05 37.63 20.73
CA LYS I 67 -18.96 36.79 21.31
C LYS I 67 -18.94 35.41 20.64
N ASN I 68 -19.76 35.21 19.59
CA ASN I 68 -19.92 33.93 18.86
C ASN I 68 -20.28 32.81 19.82
N TRP I 69 -21.22 33.06 20.75
CA TRP I 69 -21.70 32.07 21.75
C TRP I 69 -23.16 31.72 21.53
N ILE I 70 -23.55 30.54 22.03
CA ILE I 70 -24.92 30.22 22.50
C ILE I 70 -24.86 30.16 24.03
N ILE I 71 -25.95 30.51 24.71
CA ILE I 71 -26.11 30.35 26.19
C ILE I 71 -27.41 29.61 26.45
N VAL I 72 -27.36 28.57 27.29
CA VAL I 72 -28.52 27.66 27.58
C VAL I 72 -28.63 27.46 29.10
N GLY I 73 -29.87 27.40 29.60
CA GLY I 73 -30.21 27.08 31.00
C GLY I 73 -31.03 25.81 31.08
N SER I 74 -30.71 24.93 32.04
CA SER I 74 -31.28 23.56 32.17
C SER I 74 -31.89 23.36 33.57
N ASP I 75 -32.66 22.27 33.72
CA ASP I 75 -33.38 21.90 34.97
C ASP I 75 -32.42 21.28 35.99
N ASP I 76 -31.15 21.08 35.61
CA ASP I 76 -30.06 20.59 36.51
C ASP I 76 -29.36 21.78 37.19
N PHE I 77 -29.92 22.99 37.06
CA PHE I 77 -29.60 24.22 37.84
C PHE I 77 -28.59 25.12 37.12
N ARG I 78 -28.10 24.71 35.95
CA ARG I 78 -26.82 25.21 35.39
C ARG I 78 -27.04 26.07 34.13
N ILE I 79 -26.25 27.14 34.02
CA ILE I 79 -26.11 27.99 32.80
C ILE I 79 -24.79 27.61 32.11
N ARG I 80 -24.88 27.12 30.87
CA ARG I 80 -23.72 26.68 30.06
C ARG I 80 -23.60 27.59 28.82
N VAL I 81 -22.37 27.96 28.47
CA VAL I 81 -22.04 28.89 27.36
C VAL I 81 -21.06 28.17 26.41
N PHE I 82 -21.47 27.99 25.15
CA PHE I 82 -20.69 27.27 24.10
C PHE I 82 -20.36 28.23 22.96
N ASN I 83 -19.13 28.15 22.44
CA ASN I 83 -18.69 28.77 21.17
C ASN I 83 -19.23 27.92 20.02
N TYR I 84 -20.02 28.51 19.10
CA TYR I 84 -20.71 27.76 18.01
C TYR I 84 -19.77 27.57 16.81
N ASN I 85 -18.63 28.27 16.78
CA ASN I 85 -17.60 28.14 15.71
C ASN I 85 -16.66 26.97 16.05
N THR I 86 -16.26 26.82 17.32
CA THR I 86 -15.32 25.78 17.79
C THR I 86 -16.06 24.64 18.49
N GLY I 87 -17.21 24.93 19.12
CA GLY I 87 -17.97 23.95 19.92
C GLY I 87 -17.46 23.86 21.35
N GLU I 88 -16.46 24.68 21.71
CA GLU I 88 -15.78 24.64 23.02
C GLU I 88 -16.67 25.30 24.08
N LYS I 89 -16.94 24.57 25.17
CA LYS I 89 -17.72 25.07 26.33
C LYS I 89 -16.92 26.16 27.04
N VAL I 90 -17.42 27.39 27.01
CA VAL I 90 -16.73 28.63 27.49
C VAL I 90 -16.83 28.71 29.02
N VAL I 91 -18.03 28.48 29.56
CA VAL I 91 -18.31 28.52 31.03
C VAL I 91 -19.48 27.59 31.34
N ASP I 92 -19.54 27.09 32.57
CA ASP I 92 -20.56 26.12 33.07
C ASP I 92 -20.66 26.28 34.59
N PHE I 93 -21.71 26.94 35.09
CA PHE I 93 -21.87 27.31 36.51
C PHE I 93 -23.31 27.06 36.97
N GLU I 94 -23.48 26.82 38.28
CA GLU I 94 -24.80 26.74 38.96
C GLU I 94 -25.32 28.17 39.12
N ALA I 95 -26.46 28.48 38.49
CA ALA I 95 -27.10 29.81 38.50
C ALA I 95 -28.16 29.88 39.60
N HIS I 96 -29.02 28.85 39.67
CA HIS I 96 -30.16 28.73 40.63
C HIS I 96 -30.23 27.30 41.15
N PRO I 97 -30.53 27.09 42.46
CA PRO I 97 -30.77 25.73 42.98
C PRO I 97 -32.19 25.24 42.65
N ASP I 98 -32.61 25.40 41.38
CA ASP I 98 -33.93 24.98 40.85
C ASP I 98 -33.89 25.15 39.32
N TYR I 99 -34.96 24.73 38.63
CA TYR I 99 -35.10 24.83 37.15
C TYR I 99 -34.80 26.26 36.69
N ILE I 100 -34.24 26.43 35.50
CA ILE I 100 -34.14 27.73 34.78
C ILE I 100 -35.20 27.72 33.67
N ARG I 101 -36.01 28.78 33.59
CA ARG I 101 -37.20 28.88 32.71
C ARG I 101 -36.93 29.79 31.51
N SER I 102 -36.10 30.82 31.69
CA SER I 102 -35.93 31.93 30.74
C SER I 102 -34.57 32.59 30.92
N ILE I 103 -33.87 32.84 29.81
CA ILE I 103 -32.61 33.64 29.74
C ILE I 103 -32.84 34.79 28.75
N ALA I 104 -32.52 36.02 29.16
CA ALA I 104 -32.57 37.24 28.31
C ALA I 104 -31.19 37.90 28.30
N VAL I 105 -30.75 38.36 27.13
CA VAL I 105 -29.42 39.00 26.89
C VAL I 105 -29.63 40.50 26.70
N HIS I 106 -28.91 41.33 27.45
CA HIS I 106 -28.89 42.81 27.33
C HIS I 106 -28.38 43.18 25.94
N PRO I 107 -29.09 44.04 25.17
CA PRO I 107 -28.74 44.30 23.78
C PRO I 107 -27.33 44.88 23.53
N THR I 108 -26.77 45.62 24.50
CA THR I 108 -25.49 46.37 24.37
C THR I 108 -24.49 45.94 25.45
N LYS I 109 -24.91 45.94 26.72
CA LYS I 109 -24.05 45.61 27.89
C LYS I 109 -23.88 44.10 27.99
N PRO I 110 -22.80 43.62 28.68
CA PRO I 110 -22.52 42.19 28.77
C PRO I 110 -23.25 41.48 29.91
N TYR I 111 -24.52 41.83 30.13
CA TYR I 111 -25.36 41.32 31.25
C TYR I 111 -26.35 40.27 30.72
N VAL I 112 -26.57 39.21 31.51
CA VAL I 112 -27.49 38.08 31.22
C VAL I 112 -28.47 37.94 32.38
N LEU I 113 -29.78 38.05 32.08
CA LEU I 113 -30.88 37.79 33.05
C LEU I 113 -31.25 36.30 32.97
N SER I 114 -31.58 35.70 34.12
CA SER I 114 -32.02 34.29 34.25
C SER I 114 -33.13 34.19 35.29
N GLY I 115 -34.36 33.88 34.86
CA GLY I 115 -35.50 33.57 35.74
C GLY I 115 -35.52 32.10 36.11
N SER I 116 -35.96 31.76 37.32
CA SER I 116 -35.89 30.38 37.88
C SER I 116 -37.12 30.07 38.75
N ASP I 117 -37.38 28.77 38.94
CA ASP I 117 -38.42 28.22 39.86
C ASP I 117 -38.03 28.50 41.31
N ASP I 118 -36.79 28.98 41.56
CA ASP I 118 -36.28 29.38 42.89
C ASP I 118 -36.82 30.76 43.29
N LEU I 119 -37.81 31.28 42.53
CA LEU I 119 -38.61 32.49 42.88
C LEU I 119 -37.83 33.77 42.56
N THR I 120 -36.71 33.65 41.86
CA THR I 120 -35.66 34.69 41.74
C THR I 120 -35.30 34.93 40.27
N VAL I 121 -34.98 36.18 39.93
CA VAL I 121 -34.23 36.58 38.70
C VAL I 121 -32.80 36.95 39.13
N LYS I 122 -31.80 36.60 38.31
CA LYS I 122 -30.37 36.86 38.61
C LYS I 122 -29.70 37.51 37.39
N LEU I 123 -28.89 38.54 37.64
CA LEU I 123 -28.11 39.31 36.64
C LEU I 123 -26.65 38.81 36.66
N TRP I 124 -26.16 38.30 35.52
CA TRP I 124 -24.78 37.78 35.34
C TRP I 124 -24.01 38.69 34.36
N ASN I 125 -22.76 39.02 34.71
CA ASN I 125 -21.87 39.93 33.93
C ASN I 125 -20.67 39.11 33.44
N TRP I 126 -20.61 38.79 32.15
CA TRP I 126 -19.59 37.87 31.57
C TRP I 126 -18.22 38.58 31.45
N GLU I 127 -18.21 39.92 31.42
CA GLU I 127 -16.96 40.74 31.40
C GLU I 127 -16.31 40.75 32.79
N ASN I 128 -17.09 40.43 33.84
CA ASN I 128 -16.59 40.27 35.23
C ASN I 128 -16.63 38.78 35.61
N ASN I 129 -16.17 37.91 34.70
CA ASN I 129 -16.01 36.44 34.87
C ASN I 129 -17.35 35.82 35.33
N TRP I 130 -18.45 36.21 34.70
CA TRP I 130 -19.81 35.64 34.89
C TRP I 130 -20.21 35.73 36.38
N ALA I 131 -19.92 36.87 37.01
CA ALA I 131 -20.21 37.14 38.44
C ALA I 131 -21.71 37.42 38.61
N LEU I 132 -22.29 36.96 39.72
CA LEU I 132 -23.67 37.30 40.17
C LEU I 132 -23.66 38.75 40.67
N GLU I 133 -24.20 39.68 39.89
CA GLU I 133 -24.13 41.14 40.15
C GLU I 133 -25.40 41.63 40.86
N GLN I 134 -26.52 40.89 40.75
CA GLN I 134 -27.78 41.22 41.46
C GLN I 134 -28.73 40.02 41.47
N THR I 135 -29.46 39.85 42.57
CA THR I 135 -30.55 38.84 42.76
C THR I 135 -31.84 39.60 43.08
N PHE I 136 -32.78 39.63 42.11
CA PHE I 136 -34.07 40.36 42.19
C PHE I 136 -35.10 39.47 42.91
N GLU I 137 -35.50 39.87 44.12
CA GLU I 137 -36.43 39.10 45.00
C GLU I 137 -37.74 39.88 45.13
N GLY I 138 -38.86 39.16 45.24
CA GLY I 138 -40.22 39.73 45.32
C GLY I 138 -41.28 38.77 44.84
N HIS I 139 -40.98 37.95 43.81
CA HIS I 139 -41.91 36.93 43.25
C HIS I 139 -42.13 35.82 44.28
N GLU I 140 -43.34 35.23 44.27
CA GLU I 140 -43.80 34.22 45.26
C GLU I 140 -44.06 32.88 44.56
N HIS I 141 -43.54 32.70 43.33
CA HIS I 141 -43.65 31.43 42.56
C HIS I 141 -42.67 31.47 41.37
N PHE I 142 -42.69 30.43 40.53
CA PHE I 142 -41.71 30.19 39.44
C PHE I 142 -41.69 31.40 38.49
N VAL I 143 -40.51 32.01 38.32
CA VAL I 143 -40.28 33.11 37.33
C VAL I 143 -40.16 32.47 35.94
N MET I 144 -41.24 32.50 35.16
CA MET I 144 -41.40 31.72 33.90
C MET I 144 -40.74 32.43 32.72
N CYS I 145 -40.67 33.76 32.76
CA CYS I 145 -40.25 34.62 31.62
C CYS I 145 -39.57 35.89 32.11
N VAL I 146 -38.41 36.22 31.54
CA VAL I 146 -37.66 37.48 31.77
C VAL I 146 -37.39 38.11 30.39
N ALA I 147 -37.57 39.43 30.28
CA ALA I 147 -37.44 40.19 29.02
C ALA I 147 -37.09 41.65 29.33
N PHE I 148 -35.96 42.13 28.78
CA PHE I 148 -35.56 43.56 28.78
C PHE I 148 -36.61 44.37 28.00
N ASN I 149 -36.83 45.62 28.42
CA ASN I 149 -37.55 46.64 27.62
C ASN I 149 -36.63 47.05 26.48
N PRO I 150 -36.92 46.69 25.21
CA PRO I 150 -36.01 46.97 24.11
C PRO I 150 -35.85 48.47 23.83
N LYS I 151 -36.73 49.30 24.42
CA LYS I 151 -36.68 50.78 24.35
C LYS I 151 -35.88 51.34 25.54
N ASP I 152 -35.78 50.60 26.65
CA ASP I 152 -35.04 51.01 27.87
C ASP I 152 -34.57 49.76 28.62
N PRO I 153 -33.51 49.08 28.13
CA PRO I 153 -33.03 47.85 28.76
C PRO I 153 -32.20 48.04 30.05
N SER I 154 -32.26 49.24 30.65
CA SER I 154 -31.92 49.46 32.09
C SER I 154 -33.06 48.92 32.95
N THR I 155 -34.20 48.60 32.32
CA THR I 155 -35.41 47.99 32.95
C THR I 155 -35.76 46.68 32.23
N PHE I 156 -36.37 45.74 32.95
CA PHE I 156 -36.83 44.43 32.41
C PHE I 156 -38.12 43.99 33.13
N ALA I 157 -38.89 43.13 32.45
CA ALA I 157 -40.16 42.55 32.95
C ALA I 157 -39.97 41.06 33.24
N SER I 158 -40.47 40.58 34.39
CA SER I 158 -40.54 39.15 34.76
C SER I 158 -42.00 38.70 34.80
N GLY I 159 -42.33 37.60 34.12
CA GLY I 159 -43.62 36.90 34.21
C GLY I 159 -43.51 35.71 35.15
N CYS I 160 -44.42 35.59 36.12
CA CYS I 160 -44.34 34.65 37.26
C CYS I 160 -45.68 33.94 37.47
N LEU I 161 -45.64 32.69 37.97
CA LEU I 161 -46.83 31.86 38.29
C LEU I 161 -47.55 32.41 39.53
N ASP I 162 -46.99 33.41 40.20
CA ASP I 162 -47.66 34.15 41.31
C ASP I 162 -48.73 35.09 40.73
N ARG I 163 -48.92 35.08 39.41
CA ARG I 163 -50.02 35.77 38.67
C ARG I 163 -49.70 37.28 38.61
N THR I 164 -48.43 37.65 38.72
CA THR I 164 -47.95 39.06 38.64
C THR I 164 -46.88 39.19 37.56
N VAL I 165 -46.78 40.38 36.97
CA VAL I 165 -45.61 40.83 36.16
C VAL I 165 -44.91 41.93 36.98
N LYS I 166 -43.62 41.75 37.26
CA LYS I 166 -42.79 42.73 38.02
C LYS I 166 -41.79 43.37 37.04
N VAL I 167 -41.76 44.69 37.00
CA VAL I 167 -40.82 45.51 36.18
C VAL I 167 -39.76 46.08 37.11
N TRP I 168 -38.48 45.78 36.84
CA TRP I 168 -37.31 46.12 37.70
C TRP I 168 -36.42 47.15 36.99
N SER I 169 -35.64 47.90 37.77
CA SER I 169 -34.49 48.72 37.29
C SER I 169 -33.20 48.02 37.73
N LEU I 170 -32.21 47.94 36.82
CA LEU I 170 -30.85 47.40 37.12
C LEU I 170 -30.24 48.23 38.26
N GLY I 171 -29.81 47.57 39.33
CA GLY I 171 -29.21 48.21 40.53
C GLY I 171 -30.21 48.32 41.68
N GLN I 172 -31.49 48.54 41.38
CA GLN I 172 -32.56 48.75 42.38
C GLN I 172 -33.19 47.39 42.74
N SER I 173 -33.27 47.11 44.04
CA SER I 173 -33.60 45.76 44.61
C SER I 173 -35.11 45.55 44.71
N THR I 174 -35.90 46.63 44.74
CA THR I 174 -37.38 46.58 44.75
C THR I 174 -37.91 46.76 43.33
N PRO I 175 -39.05 46.15 42.96
CA PRO I 175 -39.65 46.39 41.64
C PRO I 175 -40.04 47.85 41.46
N ASN I 176 -39.87 48.39 40.24
CA ASN I 176 -40.38 49.74 39.85
C ASN I 176 -41.89 49.75 40.07
N PHE I 177 -42.58 48.67 39.69
CA PHE I 177 -44.03 48.44 39.93
C PHE I 177 -44.37 46.95 39.71
N THR I 178 -45.59 46.56 40.12
CA THR I 178 -46.12 45.18 40.07
C THR I 178 -47.53 45.20 39.48
N LEU I 179 -47.75 44.51 38.36
CA LEU I 179 -49.08 44.34 37.72
C LEU I 179 -49.76 43.10 38.31
N THR I 180 -50.96 43.26 38.87
CA THR I 180 -51.90 42.15 39.20
C THR I 180 -52.67 41.81 37.91
N THR I 181 -52.30 40.70 37.26
CA THR I 181 -52.72 40.37 35.87
C THR I 181 -54.15 39.84 35.84
N GLY I 182 -54.65 39.32 36.97
CA GLY I 182 -55.94 38.59 37.03
C GLY I 182 -55.90 37.31 36.21
N GLN I 183 -54.70 36.85 35.85
CA GLN I 183 -54.45 35.58 35.12
C GLN I 183 -54.07 34.53 36.19
N GLU I 184 -55.08 33.82 36.71
CA GLU I 184 -55.02 33.14 38.02
C GLU I 184 -54.29 31.80 37.92
N ARG I 185 -54.05 31.28 36.71
CA ARG I 185 -53.22 30.05 36.50
C ARG I 185 -51.76 30.46 36.26
N GLY I 186 -51.44 31.75 36.39
CA GLY I 186 -50.07 32.30 36.37
C GLY I 186 -49.73 32.95 35.04
N VAL I 187 -48.69 33.79 35.03
CA VAL I 187 -48.11 34.43 33.82
C VAL I 187 -47.01 33.51 33.26
N ASN I 188 -47.23 32.95 32.06
CA ASN I 188 -46.28 32.04 31.37
C ASN I 188 -45.22 32.86 30.64
N TYR I 189 -45.63 33.95 29.99
CA TYR I 189 -44.78 34.76 29.08
C TYR I 189 -45.08 36.26 29.26
N VAL I 190 -44.07 37.09 29.07
CA VAL I 190 -44.18 38.58 29.03
C VAL I 190 -43.30 39.09 27.87
N ASP I 191 -43.81 40.06 27.12
CA ASP I 191 -43.11 40.69 25.95
C ASP I 191 -43.55 42.16 25.84
N TYR I 192 -42.66 43.03 25.37
CA TYR I 192 -42.91 44.48 25.14
C TYR I 192 -43.32 44.70 23.69
N TYR I 193 -44.12 45.75 23.46
CA TYR I 193 -44.38 46.37 22.12
C TYR I 193 -43.14 47.18 21.75
N PRO I 194 -42.51 46.92 20.58
CA PRO I 194 -41.15 47.43 20.32
C PRO I 194 -41.07 48.92 19.90
N LEU I 195 -42.17 49.50 19.40
CA LEU I 195 -42.19 50.89 18.86
C LEU I 195 -42.65 51.87 19.95
N PRO I 196 -42.35 53.18 19.82
CA PRO I 196 -42.59 54.15 20.90
C PRO I 196 -44.02 54.67 20.99
N ASP I 197 -44.83 54.49 19.94
CA ASP I 197 -46.20 55.07 19.83
C ASP I 197 -47.08 54.62 21.00
N LYS I 198 -46.84 53.41 21.55
CA LYS I 198 -47.55 52.88 22.74
C LYS I 198 -46.54 52.28 23.72
N PRO I 199 -46.67 52.54 25.04
CA PRO I 199 -45.89 51.86 26.06
C PRO I 199 -46.62 50.59 26.56
N TYR I 200 -46.69 49.56 25.70
CA TYR I 200 -47.52 48.34 25.91
C TYR I 200 -46.63 47.16 26.31
N MET I 201 -47.23 46.22 27.05
CA MET I 201 -46.69 44.86 27.33
C MET I 201 -47.80 43.84 27.04
N ILE I 202 -47.45 42.56 26.97
CA ILE I 202 -48.40 41.44 26.66
C ILE I 202 -48.01 40.23 27.51
N THR I 203 -49.00 39.50 28.04
CA THR I 203 -48.81 38.33 28.92
C THR I 203 -49.74 37.18 28.48
N ALA I 204 -49.19 35.97 28.37
CA ALA I 204 -49.90 34.71 28.06
C ALA I 204 -50.00 33.85 29.34
N SER I 205 -51.14 33.19 29.55
CA SER I 205 -51.43 32.40 30.78
C SER I 205 -52.07 31.05 30.41
N ASP I 206 -51.99 30.08 31.33
CA ASP I 206 -52.64 28.75 31.23
C ASP I 206 -54.17 28.89 31.34
N ASP I 207 -54.67 30.04 31.79
CA ASP I 207 -56.12 30.32 31.93
C ASP I 207 -56.72 30.64 30.55
N LEU I 208 -55.94 30.46 29.47
CA LEU I 208 -56.36 30.54 28.05
C LEU I 208 -56.27 31.98 27.52
N THR I 209 -55.97 32.96 28.38
CA THR I 209 -56.06 34.41 28.03
C THR I 209 -54.68 34.96 27.65
N ILE I 210 -54.69 35.90 26.70
CA ILE I 210 -53.57 36.81 26.34
C ILE I 210 -54.04 38.23 26.69
N LYS I 211 -53.28 38.97 27.51
CA LYS I 211 -53.68 40.32 28.00
C LYS I 211 -52.65 41.36 27.54
N ILE I 212 -53.13 42.48 27.01
CA ILE I 212 -52.34 43.68 26.62
C ILE I 212 -52.36 44.65 27.81
N TRP I 213 -51.17 45.12 28.23
CA TRP I 213 -51.00 46.05 29.37
C TRP I 213 -50.37 47.37 28.88
N ASP I 214 -50.75 48.48 29.52
CA ASP I 214 -50.12 49.82 29.36
C ASP I 214 -49.26 50.06 30.61
N TYR I 215 -47.93 50.12 30.45
CA TYR I 215 -46.97 50.22 31.59
C TYR I 215 -46.77 51.69 32.00
N GLN I 216 -47.59 52.61 31.46
CA GLN I 216 -47.77 53.99 32.00
C GLN I 216 -48.91 53.97 33.03
N THR I 217 -50.09 53.51 32.61
CA THR I 217 -51.37 53.58 33.38
C THR I 217 -51.56 52.32 34.25
N LYS I 218 -50.88 51.21 33.91
CA LYS I 218 -50.92 49.92 34.65
C LYS I 218 -52.30 49.26 34.48
N SER I 219 -52.99 49.52 33.38
CA SER I 219 -54.36 49.00 33.08
C SER I 219 -54.30 47.98 31.93
N CYS I 220 -55.26 47.05 31.90
CA CYS I 220 -55.43 46.04 30.83
C CYS I 220 -56.09 46.70 29.61
N VAL I 221 -55.33 46.90 28.54
CA VAL I 221 -55.78 47.54 27.27
C VAL I 221 -56.79 46.61 26.58
N ALA I 222 -56.53 45.30 26.58
CA ALA I 222 -57.38 44.27 25.93
C ALA I 222 -57.07 42.88 26.49
N THR I 223 -58.04 41.97 26.37
CA THR I 223 -57.90 40.51 26.63
C THR I 223 -58.23 39.77 25.33
N LEU I 224 -57.25 39.05 24.78
CA LEU I 224 -57.38 38.25 23.53
C LEU I 224 -57.75 36.81 23.91
N GLU I 225 -58.89 36.32 23.43
CA GLU I 225 -59.40 34.95 23.67
C GLU I 225 -59.42 34.19 22.35
N GLY I 226 -58.44 33.29 22.14
CA GLY I 226 -58.30 32.53 20.88
C GLY I 226 -57.46 31.28 21.05
N HIS I 227 -57.58 30.59 22.19
CA HIS I 227 -56.95 29.26 22.44
C HIS I 227 -57.86 28.43 23.36
N MET I 228 -57.91 27.12 23.13
CA MET I 228 -58.75 26.16 23.87
C MET I 228 -57.89 25.37 24.86
N SER I 229 -56.62 25.78 25.05
CA SER I 229 -55.68 25.20 26.03
C SER I 229 -54.56 26.20 26.34
N ASN I 230 -53.71 25.85 27.33
CA ASN I 230 -52.60 26.67 27.86
C ASN I 230 -51.98 27.53 26.75
N VAL I 231 -51.84 28.83 26.98
CA VAL I 231 -51.14 29.79 26.08
C VAL I 231 -49.68 29.89 26.55
N SER I 232 -48.75 29.41 25.72
CA SER I 232 -47.29 29.30 26.03
C SER I 232 -46.62 30.67 25.95
N PHE I 233 -46.84 31.40 24.86
CA PHE I 233 -46.26 32.74 24.60
C PHE I 233 -47.26 33.61 23.82
N ALA I 234 -47.01 34.92 23.85
CA ALA I 234 -47.65 35.95 23.00
C ALA I 234 -46.65 37.12 22.87
N VAL I 235 -46.25 37.43 21.64
CA VAL I 235 -45.19 38.45 21.35
C VAL I 235 -45.68 39.40 20.25
N PHE I 236 -45.27 40.67 20.36
CA PHE I 236 -45.34 41.67 19.27
C PHE I 236 -44.24 41.34 18.24
N HIS I 237 -44.55 41.40 16.95
CA HIS I 237 -43.58 41.23 15.85
C HIS I 237 -42.79 42.52 15.69
N PRO I 238 -41.45 42.48 15.56
CA PRO I 238 -40.64 43.70 15.48
C PRO I 238 -41.13 44.73 14.46
N THR I 239 -41.43 44.30 13.22
CA THR I 239 -41.70 45.19 12.05
C THR I 239 -43.19 45.14 11.66
N LEU I 240 -43.75 43.96 11.44
CA LEU I 240 -45.16 43.77 10.99
C LEU I 240 -46.12 44.13 12.12
N PRO I 241 -47.24 44.82 11.83
CA PRO I 241 -48.22 45.19 12.84
C PRO I 241 -49.10 44.00 13.25
N ILE I 242 -48.49 42.97 13.85
CA ILE I 242 -49.17 41.71 14.28
C ILE I 242 -48.67 41.31 15.68
N ILE I 243 -49.43 40.42 16.33
CA ILE I 243 -49.04 39.67 17.55
C ILE I 243 -49.11 38.18 17.21
N ILE I 244 -48.05 37.42 17.51
CA ILE I 244 -48.00 35.94 17.32
C ILE I 244 -48.08 35.27 18.70
N SER I 245 -49.15 34.52 18.96
CA SER I 245 -49.33 33.68 20.16
C SER I 245 -49.30 32.21 19.76
N GLY I 246 -48.85 31.35 20.68
CA GLY I 246 -48.79 29.88 20.53
C GLY I 246 -49.26 29.19 21.79
N SER I 247 -49.83 27.99 21.67
CA SER I 247 -50.61 27.31 22.74
C SER I 247 -50.36 25.80 22.72
N GLU I 248 -50.69 25.13 23.83
CA GLU I 248 -50.72 23.64 23.97
C GLU I 248 -51.86 23.05 23.11
N ASP I 249 -52.73 23.91 22.56
CA ASP I 249 -53.79 23.49 21.59
C ASP I 249 -53.13 23.10 20.25
N GLY I 250 -51.81 23.25 20.13
CA GLY I 250 -51.02 22.85 18.95
C GLY I 250 -51.18 23.84 17.81
N THR I 251 -51.59 25.07 18.12
CA THR I 251 -51.86 26.14 17.12
C THR I 251 -50.95 27.33 17.37
N LEU I 252 -50.57 28.04 16.31
CA LEU I 252 -50.10 29.45 16.33
C LEU I 252 -51.24 30.33 15.81
N LYS I 253 -51.37 31.54 16.37
CA LYS I 253 -52.44 32.50 16.01
C LYS I 253 -51.80 33.87 15.80
N ILE I 254 -52.16 34.55 14.70
CA ILE I 254 -51.63 35.90 14.33
C ILE I 254 -52.78 36.91 14.46
N TRP I 255 -52.66 37.81 15.44
CA TRP I 255 -53.63 38.90 15.74
C TRP I 255 -53.14 40.20 15.12
N ASN I 256 -54.05 41.14 14.88
CA ASN I 256 -53.75 42.55 14.50
C ASN I 256 -53.40 43.32 15.79
N SER I 257 -52.27 44.02 15.80
CA SER I 257 -51.75 44.76 16.99
C SER I 257 -52.44 46.13 17.13
N SER I 258 -53.36 46.46 16.22
CA SER I 258 -54.20 47.69 16.24
C SER I 258 -55.61 47.35 16.74
N THR I 259 -56.25 46.32 16.17
CA THR I 259 -57.68 45.98 16.34
C THR I 259 -57.88 44.64 17.10
N TYR I 260 -56.81 43.84 17.26
CA TYR I 260 -56.82 42.55 18.00
C TYR I 260 -57.77 41.55 17.31
N LYS I 261 -57.81 41.61 15.98
CA LYS I 261 -58.59 40.70 15.10
C LYS I 261 -57.70 39.53 14.65
N VAL I 262 -58.20 38.30 14.77
CA VAL I 262 -57.50 37.06 14.29
C VAL I 262 -57.27 37.19 12.77
N GLU I 263 -56.03 37.44 12.37
CA GLU I 263 -55.62 37.56 10.94
C GLU I 263 -55.39 36.16 10.36
N LYS I 264 -55.04 35.17 11.19
CA LYS I 264 -54.76 33.78 10.76
C LYS I 264 -54.58 32.85 11.98
N THR I 265 -55.00 31.59 11.82
CA THR I 265 -54.72 30.45 12.73
C THR I 265 -53.91 29.41 11.97
N LEU I 266 -52.71 29.08 12.46
CA LEU I 266 -51.81 28.06 11.86
C LEU I 266 -51.84 26.79 12.70
N ASN I 267 -52.35 25.69 12.12
CA ASN I 267 -52.36 24.33 12.72
C ASN I 267 -51.12 23.59 12.22
N VAL I 268 -49.96 23.82 12.86
CA VAL I 268 -48.64 23.46 12.28
C VAL I 268 -48.48 21.93 12.24
N GLY I 269 -49.21 21.20 13.08
CA GLY I 269 -49.22 19.72 13.11
C GLY I 269 -48.02 19.15 13.85
N LEU I 270 -47.47 19.88 14.83
CA LEU I 270 -46.34 19.43 15.68
C LEU I 270 -46.79 19.39 17.14
N GLU I 271 -48.11 19.31 17.37
CA GLU I 271 -48.75 19.20 18.71
C GLU I 271 -48.39 20.44 19.55
N ARG I 272 -48.25 20.32 20.87
CA ARG I 272 -48.17 21.49 21.78
C ARG I 272 -47.05 22.44 21.33
N SER I 273 -47.35 23.73 21.23
CA SER I 273 -46.38 24.86 21.08
C SER I 273 -45.80 25.20 22.46
N TRP I 274 -44.54 25.65 22.51
CA TRP I 274 -43.82 25.95 23.78
C TRP I 274 -43.10 27.30 23.74
N CYS I 275 -42.52 27.70 22.59
CA CYS I 275 -41.62 28.88 22.51
C CYS I 275 -41.65 29.51 21.12
N ILE I 276 -41.25 30.79 21.06
CA ILE I 276 -41.26 31.64 19.84
C ILE I 276 -39.93 32.40 19.75
N ALA I 277 -39.45 32.63 18.53
CA ALA I 277 -38.40 33.62 18.20
C ALA I 277 -38.82 34.37 16.93
N THR I 278 -38.61 35.68 16.91
CA THR I 278 -38.71 36.54 15.71
C THR I 278 -37.28 36.96 15.34
N HIS I 279 -36.99 37.11 14.05
CA HIS I 279 -35.63 37.48 13.55
C HIS I 279 -35.29 38.87 14.05
N PRO I 280 -34.10 39.05 14.68
CA PRO I 280 -33.69 40.35 15.24
C PRO I 280 -33.98 41.59 14.37
N THR I 281 -33.67 41.51 13.06
CA THR I 281 -33.79 42.63 12.08
C THR I 281 -35.07 42.49 11.24
N GLY I 282 -35.86 41.44 11.46
CA GLY I 282 -37.06 41.13 10.66
C GLY I 282 -36.72 40.74 9.24
N ARG I 283 -35.60 40.03 9.05
CA ARG I 283 -35.16 39.47 7.74
C ARG I 283 -36.26 38.57 7.19
N LYS I 284 -36.90 38.97 6.09
CA LYS I 284 -38.00 38.24 5.41
C LYS I 284 -39.09 37.90 6.43
N ASN I 285 -39.27 38.77 7.44
CA ASN I 285 -40.26 38.64 8.53
C ASN I 285 -40.24 37.20 9.09
N TYR I 286 -39.05 36.62 9.25
CA TYR I 286 -38.84 35.24 9.74
C TYR I 286 -39.33 35.13 11.19
N ILE I 287 -40.25 34.19 11.45
CA ILE I 287 -40.64 33.75 12.82
C ILE I 287 -40.33 32.24 12.92
N ALA I 288 -40.06 31.77 14.13
CA ALA I 288 -39.79 30.35 14.46
C ALA I 288 -40.52 29.99 15.75
N SER I 289 -40.99 28.74 15.87
CA SER I 289 -41.70 28.22 17.06
C SER I 289 -41.30 26.76 17.33
N GLY I 290 -41.15 26.41 18.61
CA GLY I 290 -40.82 25.06 19.07
C GLY I 290 -42.04 24.32 19.56
N PHE I 291 -42.06 22.99 19.42
CA PHE I 291 -43.24 22.12 19.67
C PHE I 291 -42.80 20.75 20.23
N ASP I 292 -43.79 20.01 20.72
CA ASP I 292 -43.69 18.59 21.19
C ASP I 292 -42.89 17.75 20.19
N ASN I 293 -43.11 17.94 18.88
CA ASN I 293 -42.57 17.05 17.82
C ASN I 293 -41.55 17.79 16.94
N GLY I 294 -41.16 19.03 17.28
CA GLY I 294 -40.08 19.75 16.59
C GLY I 294 -40.38 21.22 16.41
N PHE I 295 -39.80 21.85 15.38
CA PHE I 295 -39.91 23.31 15.12
C PHE I 295 -40.20 23.59 13.64
N THR I 296 -40.53 24.86 13.37
CA THR I 296 -40.82 25.43 12.01
C THR I 296 -40.25 26.85 11.95
N VAL I 297 -39.66 27.21 10.81
CA VAL I 297 -39.31 28.61 10.44
C VAL I 297 -40.26 29.05 9.33
N LEU I 298 -40.93 30.20 9.52
CA LEU I 298 -41.93 30.76 8.55
C LEU I 298 -41.49 32.17 8.15
N SER I 299 -41.66 32.51 6.88
CA SER I 299 -41.55 33.89 6.34
C SER I 299 -42.95 34.49 6.21
N LEU I 300 -43.10 35.78 6.56
CA LEU I 300 -44.35 36.57 6.40
C LEU I 300 -44.12 37.63 5.31
N GLY I 301 -45.20 38.15 4.72
CA GLY I 301 -45.14 39.15 3.62
C GLY I 301 -45.11 40.57 4.14
N ASN I 302 -45.27 41.55 3.24
CA ASN I 302 -45.33 43.00 3.56
C ASN I 302 -46.55 43.61 2.85
N MET J 1 -12.55 -3.65 -73.34
CA MET J 1 -11.30 -4.45 -73.18
C MET J 1 -11.58 -5.92 -73.54
N LYS J 2 -10.72 -6.51 -74.37
CA LYS J 2 -10.78 -7.95 -74.76
C LYS J 2 -9.61 -8.68 -74.08
N LEU J 3 -9.88 -9.36 -72.96
CA LEU J 3 -8.88 -10.15 -72.21
C LEU J 3 -8.54 -11.41 -73.02
N ASP J 4 -7.47 -11.32 -73.83
CA ASP J 4 -6.97 -12.40 -74.72
C ASP J 4 -6.03 -13.29 -73.90
N ILE J 5 -6.60 -14.13 -73.03
CA ILE J 5 -5.86 -14.94 -72.01
C ILE J 5 -5.27 -16.17 -72.70
N LYS J 6 -3.97 -16.42 -72.48
CA LYS J 6 -3.22 -17.59 -72.99
C LYS J 6 -2.49 -18.25 -71.81
N LYS J 7 -2.65 -19.57 -71.64
CA LYS J 7 -1.91 -20.37 -70.64
C LYS J 7 -0.44 -20.48 -71.08
N THR J 8 0.43 -19.65 -70.51
CA THR J 8 1.88 -19.58 -70.83
C THR J 8 2.56 -20.87 -70.37
N PHE J 9 2.31 -21.29 -69.11
CA PHE J 9 2.88 -22.51 -68.50
C PHE J 9 2.00 -22.96 -67.32
N SER J 10 1.88 -24.27 -67.14
CA SER J 10 1.12 -24.94 -66.04
C SER J 10 1.88 -26.19 -65.59
N ASN J 11 2.38 -26.19 -64.34
CA ASN J 11 3.11 -27.33 -63.72
C ASN J 11 2.27 -27.94 -62.60
N ARG J 12 2.03 -29.26 -62.67
CA ARG J 12 1.37 -30.05 -61.59
C ARG J 12 2.41 -30.26 -60.48
N SER J 13 2.03 -30.04 -59.22
CA SER J 13 2.92 -30.18 -58.04
C SER J 13 2.10 -30.24 -56.75
N ASP J 14 2.79 -30.28 -55.60
CA ASP J 14 2.22 -30.09 -54.24
C ASP J 14 1.65 -28.67 -54.14
N ARG J 15 0.66 -28.48 -53.26
CA ARG J 15 -0.04 -27.19 -53.02
C ARG J 15 0.97 -26.03 -53.00
N VAL J 16 0.79 -25.07 -53.90
CA VAL J 16 1.64 -23.84 -54.01
C VAL J 16 1.03 -22.76 -53.11
N LYS J 17 1.68 -22.47 -51.97
CA LYS J 17 1.23 -21.48 -50.96
C LYS J 17 1.78 -20.09 -51.32
N GLY J 18 3.06 -20.01 -51.69
CA GLY J 18 3.75 -18.76 -52.08
C GLY J 18 4.10 -18.75 -53.56
N ILE J 19 3.95 -17.60 -54.21
CA ILE J 19 4.27 -17.38 -55.66
C ILE J 19 4.80 -15.95 -55.82
N ASP J 20 5.81 -15.76 -56.68
CA ASP J 20 6.40 -14.42 -56.99
C ASP J 20 7.11 -14.46 -58.35
N PHE J 21 7.13 -13.32 -59.05
CA PHE J 21 7.78 -13.12 -60.37
C PHE J 21 9.16 -12.48 -60.19
N HIS J 22 10.17 -13.01 -60.90
CA HIS J 22 11.50 -12.36 -61.06
C HIS J 22 11.35 -11.20 -62.03
N PRO J 23 11.86 -9.99 -61.70
CA PRO J 23 11.60 -8.79 -62.51
C PRO J 23 12.29 -8.79 -63.90
N THR J 24 13.42 -9.48 -64.05
CA THR J 24 14.23 -9.53 -65.30
C THR J 24 14.05 -10.89 -65.98
N GLU J 25 14.64 -11.95 -65.42
CA GLU J 25 14.53 -13.35 -65.92
C GLU J 25 13.06 -13.76 -65.97
N PRO J 26 12.64 -14.60 -66.94
CA PRO J 26 11.25 -15.06 -67.00
C PRO J 26 11.00 -16.26 -66.07
N TRP J 27 11.25 -16.07 -64.77
CA TRP J 27 11.11 -17.11 -63.72
C TRP J 27 9.90 -16.82 -62.83
N VAL J 28 9.32 -17.87 -62.25
CA VAL J 28 8.31 -17.79 -61.15
C VAL J 28 8.80 -18.67 -60.00
N LEU J 29 9.02 -18.08 -58.83
CA LEU J 29 9.30 -18.81 -57.56
C LEU J 29 7.97 -19.39 -57.07
N THR J 30 7.98 -20.69 -56.72
CA THR J 30 6.86 -21.37 -56.02
C THR J 30 7.34 -21.83 -54.65
N THR J 31 6.44 -21.81 -53.67
CA THR J 31 6.70 -22.16 -52.25
C THR J 31 5.60 -23.14 -51.82
N LEU J 32 5.95 -24.43 -51.70
CA LEU J 32 4.96 -25.55 -51.61
C LEU J 32 4.62 -25.85 -50.15
N TYR J 33 3.55 -26.62 -49.94
CA TYR J 33 3.03 -27.07 -48.62
C TYR J 33 3.83 -28.31 -48.16
N SER J 34 4.70 -28.84 -49.03
CA SER J 34 5.54 -30.04 -48.79
C SER J 34 6.87 -29.65 -48.11
N GLY J 35 7.23 -28.37 -48.13
CA GLY J 35 8.52 -27.85 -47.62
C GLY J 35 9.50 -27.57 -48.74
N ARG J 36 9.10 -27.83 -49.99
CA ARG J 36 9.91 -27.62 -51.22
C ARG J 36 9.64 -26.21 -51.76
N VAL J 37 10.66 -25.55 -52.30
CA VAL J 37 10.54 -24.28 -53.08
C VAL J 37 11.18 -24.52 -54.45
N GLU J 38 10.52 -24.07 -55.52
CA GLU J 38 10.93 -24.36 -56.92
C GLU J 38 11.01 -23.05 -57.71
N LEU J 39 12.05 -22.93 -58.54
CA LEU J 39 12.21 -21.86 -59.56
C LEU J 39 12.01 -22.48 -60.95
N TRP J 40 10.99 -22.02 -61.68
CA TRP J 40 10.61 -22.51 -63.02
C TRP J 40 10.73 -21.38 -64.04
N ASN J 41 11.41 -21.63 -65.16
CA ASN J 41 11.35 -20.78 -66.38
C ASN J 41 10.03 -21.11 -67.09
N TYR J 42 9.11 -20.13 -67.16
CA TYR J 42 7.73 -20.32 -67.69
C TYR J 42 7.70 -20.11 -69.21
N GLU J 43 8.84 -19.80 -69.84
CA GLU J 43 9.01 -19.75 -71.32
C GLU J 43 9.63 -21.07 -71.79
N THR J 44 10.79 -21.43 -71.25
CA THR J 44 11.53 -22.70 -71.52
C THR J 44 10.71 -23.90 -71.04
N GLN J 45 9.99 -23.74 -69.92
CA GLN J 45 9.21 -24.81 -69.24
C GLN J 45 10.18 -25.85 -68.65
N VAL J 46 11.35 -25.41 -68.17
CA VAL J 46 12.35 -26.25 -67.47
C VAL J 46 12.53 -25.71 -66.04
N GLU J 47 12.78 -26.61 -65.09
CA GLU J 47 13.03 -26.29 -63.66
C GLU J 47 14.45 -25.71 -63.52
N VAL J 48 14.56 -24.45 -63.09
CA VAL J 48 15.85 -23.74 -62.87
C VAL J 48 16.54 -24.34 -61.65
N ARG J 49 15.81 -24.43 -60.53
CA ARG J 49 16.34 -24.86 -59.21
C ARG J 49 15.18 -25.36 -58.33
N SER J 50 15.44 -26.38 -57.51
CA SER J 50 14.53 -26.89 -56.46
C SER J 50 15.33 -27.10 -55.16
N ILE J 51 14.72 -26.77 -54.02
CA ILE J 51 15.34 -26.87 -52.66
C ILE J 51 14.28 -27.43 -51.70
N GLN J 52 14.61 -28.51 -50.99
CA GLN J 52 13.82 -29.01 -49.84
C GLN J 52 14.22 -28.17 -48.62
N VAL J 53 13.47 -27.09 -48.39
CA VAL J 53 13.83 -25.97 -47.46
C VAL J 53 13.59 -26.41 -46.01
N THR J 54 12.53 -27.19 -45.77
CA THR J 54 12.14 -27.70 -44.43
C THR J 54 11.18 -28.89 -44.63
N GLU J 55 10.57 -29.39 -43.56
CA GLU J 55 9.57 -30.49 -43.59
C GLU J 55 8.22 -29.96 -43.11
N THR J 56 8.04 -28.64 -43.13
CA THR J 56 6.78 -27.92 -42.79
C THR J 56 6.29 -27.17 -44.03
N PRO J 57 5.00 -26.76 -44.08
CA PRO J 57 4.53 -25.82 -45.09
C PRO J 57 5.36 -24.53 -45.10
N VAL J 58 5.80 -24.11 -46.29
CA VAL J 58 6.45 -22.80 -46.56
C VAL J 58 5.41 -21.92 -47.26
N ARG J 59 4.95 -20.85 -46.59
CA ARG J 59 3.75 -20.08 -46.98
C ARG J 59 4.13 -18.79 -47.73
N ALA J 60 5.31 -18.23 -47.43
CA ALA J 60 5.80 -16.95 -47.99
C ALA J 60 7.05 -17.21 -48.85
N GLY J 61 7.14 -16.53 -50.00
CA GLY J 61 8.28 -16.61 -50.93
C GLY J 61 8.32 -15.42 -51.88
N LYS J 62 9.43 -14.69 -51.90
CA LYS J 62 9.65 -13.50 -52.77
C LYS J 62 11.06 -13.52 -53.38
N PHE J 63 11.22 -12.86 -54.52
CA PHE J 63 12.53 -12.60 -55.18
C PHE J 63 13.11 -11.28 -54.67
N ILE J 64 14.39 -11.32 -54.28
CA ILE J 64 15.24 -10.10 -54.06
C ILE J 64 16.29 -10.10 -55.18
N ALA J 65 15.85 -9.77 -56.40
CA ALA J 65 16.61 -9.87 -57.67
C ALA J 65 17.86 -8.97 -57.63
N ARG J 66 17.80 -7.84 -56.92
CA ARG J 66 18.90 -6.84 -56.80
C ARG J 66 20.11 -7.48 -56.10
N LYS J 67 19.88 -8.50 -55.27
CA LYS J 67 20.94 -9.24 -54.52
C LYS J 67 20.99 -10.71 -54.98
N ASN J 68 20.26 -11.06 -56.04
CA ASN J 68 20.17 -12.44 -56.60
C ASN J 68 19.77 -13.42 -55.50
N TRP J 69 18.69 -13.12 -54.76
CA TRP J 69 18.18 -13.93 -53.63
C TRP J 69 16.73 -14.38 -53.89
N ILE J 70 16.37 -15.53 -53.32
CA ILE J 70 14.98 -15.86 -52.91
C ILE J 70 14.94 -15.84 -51.38
N ILE J 71 13.85 -15.33 -50.80
CA ILE J 71 13.59 -15.33 -49.33
C ILE J 71 12.25 -16.03 -49.11
N VAL J 72 12.20 -16.94 -48.12
CA VAL J 72 11.01 -17.81 -47.86
C VAL J 72 10.79 -17.93 -46.35
N GLY J 73 9.53 -17.89 -45.92
CA GLY J 73 9.08 -18.10 -44.53
C GLY J 73 8.25 -19.38 -44.43
N SER J 74 8.44 -20.15 -43.35
CA SER J 74 7.84 -21.49 -43.15
C SER J 74 7.24 -21.62 -41.75
N ASP J 75 6.43 -22.67 -41.54
CA ASP J 75 5.66 -22.91 -40.29
C ASP J 75 6.59 -23.41 -39.17
N ASP J 76 7.86 -23.70 -39.49
CA ASP J 76 8.91 -24.07 -38.49
C ASP J 76 9.48 -22.78 -37.87
N PHE J 77 8.92 -21.62 -38.21
CA PHE J 77 9.15 -20.29 -37.58
C PHE J 77 10.34 -19.56 -38.22
N ARG J 78 10.91 -20.09 -39.30
CA ARG J 78 12.23 -19.66 -39.83
C ARG J 78 12.07 -18.90 -41.16
N ILE J 79 12.83 -17.81 -41.30
CA ILE J 79 13.06 -17.09 -42.59
C ILE J 79 14.42 -17.54 -43.13
N ARG J 80 14.42 -18.18 -44.30
CA ARG J 80 15.63 -18.69 -44.99
C ARG J 80 15.84 -17.90 -46.29
N VAL J 81 17.09 -17.58 -46.61
CA VAL J 81 17.49 -16.79 -47.82
C VAL J 81 18.51 -17.62 -48.61
N PHE J 82 18.26 -17.84 -49.91
CA PHE J 82 19.09 -18.65 -50.83
C PHE J 82 19.50 -17.80 -52.04
N ASN J 83 20.75 -17.95 -52.48
CA ASN J 83 21.28 -17.42 -53.77
C ASN J 83 20.80 -18.37 -54.87
N TYR J 84 20.04 -17.86 -55.85
CA TYR J 84 19.36 -18.70 -56.89
C TYR J 84 20.32 -19.03 -58.04
N ASN J 85 21.53 -18.48 -58.03
CA ASN J 85 22.59 -18.77 -59.04
C ASN J 85 23.50 -19.89 -58.52
N THR J 86 23.88 -19.86 -57.24
CA THR J 86 24.83 -20.81 -56.60
C THR J 86 24.06 -21.90 -55.83
N GLY J 87 22.91 -21.55 -55.24
CA GLY J 87 22.08 -22.46 -54.43
C GLY J 87 22.53 -22.51 -52.98
N GLU J 88 23.45 -21.62 -52.60
CA GLU J 88 24.01 -21.53 -51.23
C GLU J 88 23.03 -20.77 -50.33
N LYS J 89 22.85 -21.24 -49.09
CA LYS J 89 21.95 -20.64 -48.08
C LYS J 89 22.65 -19.43 -47.46
N VAL J 90 22.10 -18.22 -47.69
CA VAL J 90 22.70 -16.91 -47.30
C VAL J 90 22.51 -16.69 -45.80
N VAL J 91 21.30 -16.90 -45.30
CA VAL J 91 20.94 -16.76 -43.85
C VAL J 91 19.71 -17.61 -43.55
N ASP J 92 19.57 -18.05 -42.29
CA ASP J 92 18.52 -18.98 -41.81
C ASP J 92 18.32 -18.72 -40.31
N PHE J 93 17.28 -17.95 -39.95
CA PHE J 93 17.04 -17.45 -38.57
C PHE J 93 15.56 -17.65 -38.19
N GLU J 94 15.31 -17.83 -36.89
CA GLU J 94 13.94 -17.86 -36.30
C GLU J 94 13.39 -16.43 -36.30
N ALA J 95 12.27 -16.21 -37.00
CA ALA J 95 11.65 -14.88 -37.20
C ALA J 95 10.53 -14.67 -36.17
N HIS J 96 9.57 -15.59 -36.12
CA HIS J 96 8.39 -15.58 -35.21
C HIS J 96 8.21 -16.96 -34.58
N PRO J 97 7.90 -17.08 -33.27
CA PRO J 97 7.65 -18.38 -32.64
C PRO J 97 6.27 -18.95 -33.02
N ASP J 98 5.92 -18.90 -34.31
CA ASP J 98 4.63 -19.35 -34.87
C ASP J 98 4.74 -19.28 -36.40
N TYR J 99 3.68 -19.69 -37.11
CA TYR J 99 3.64 -19.71 -38.60
C TYR J 99 3.99 -18.33 -39.13
N ILE J 100 4.85 -18.24 -40.16
CA ILE J 100 5.05 -17.02 -40.99
C ILE J 100 4.06 -17.12 -42.16
N ARG J 101 3.19 -16.11 -42.32
CA ARG J 101 2.03 -16.11 -43.25
C ARG J 101 2.35 -15.30 -44.51
N SER J 102 3.24 -14.31 -44.42
CA SER J 102 3.49 -13.31 -45.48
C SER J 102 4.88 -12.68 -45.32
N ILE J 103 5.54 -12.39 -46.44
CA ILE J 103 6.84 -11.64 -46.49
C ILE J 103 6.74 -10.57 -47.58
N ALA J 104 7.13 -9.33 -47.28
CA ALA J 104 7.20 -8.19 -48.22
C ALA J 104 8.62 -7.60 -48.21
N VAL J 105 9.11 -7.20 -49.38
CA VAL J 105 10.47 -6.60 -49.57
C VAL J 105 10.28 -5.12 -49.93
N HIS J 106 10.97 -4.22 -49.22
CA HIS J 106 11.01 -2.76 -49.49
C HIS J 106 11.64 -2.53 -50.87
N PRO J 107 10.98 -1.80 -51.79
CA PRO J 107 11.47 -1.68 -53.16
C PRO J 107 12.78 -0.89 -53.36
N THR J 108 13.24 -0.13 -52.36
CA THR J 108 14.48 0.69 -52.41
C THR J 108 15.42 0.35 -51.25
N LYS J 109 14.89 0.25 -50.03
CA LYS J 109 15.69 0.00 -48.79
C LYS J 109 15.88 -1.51 -48.59
N PRO J 110 16.92 -1.92 -47.84
CA PRO J 110 17.19 -3.33 -47.57
C PRO J 110 16.40 -3.87 -46.36
N TYR J 111 15.08 -3.64 -46.33
CA TYR J 111 14.17 -4.06 -45.23
C TYR J 111 13.22 -5.16 -45.74
N VAL J 112 12.92 -6.11 -44.85
CA VAL J 112 11.97 -7.24 -45.09
C VAL J 112 10.88 -7.19 -44.02
N LEU J 113 9.61 -7.15 -44.43
CA LEU J 113 8.43 -7.27 -43.53
C LEU J 113 7.98 -8.73 -43.49
N SER J 114 7.67 -9.25 -42.30
CA SER J 114 7.17 -10.63 -42.06
C SER J 114 5.98 -10.60 -41.11
N GLY J 115 4.79 -10.98 -41.61
CA GLY J 115 3.56 -11.16 -40.81
C GLY J 115 3.43 -12.62 -40.37
N SER J 116 2.98 -12.85 -39.13
CA SER J 116 2.99 -14.18 -38.48
C SER J 116 1.75 -14.39 -37.60
N ASP J 117 1.46 -15.66 -37.28
CA ASP J 117 0.39 -16.11 -36.36
C ASP J 117 0.69 -15.64 -34.93
N ASP J 118 1.87 -15.04 -34.69
CA ASP J 118 2.28 -14.48 -33.37
C ASP J 118 1.78 -13.03 -33.24
N LEU J 119 0.79 -12.63 -34.04
CA LEU J 119 0.01 -11.37 -33.89
C LEU J 119 0.86 -10.15 -34.30
N THR J 120 1.99 -10.38 -34.98
CA THR J 120 3.10 -9.40 -35.10
C THR J 120 3.58 -9.28 -36.56
N VAL J 121 4.01 -8.06 -36.94
CA VAL J 121 4.85 -7.78 -38.14
C VAL J 121 6.24 -7.40 -37.63
N LYS J 122 7.30 -7.88 -38.27
CA LYS J 122 8.72 -7.62 -37.89
C LYS J 122 9.49 -7.11 -39.11
N LEU J 123 10.39 -6.13 -38.88
CA LEU J 123 11.25 -5.48 -39.90
C LEU J 123 12.70 -5.97 -39.71
N TRP J 124 13.28 -6.56 -40.75
CA TRP J 124 14.68 -7.08 -40.76
C TRP J 124 15.52 -6.28 -41.76
N ASN J 125 16.74 -5.91 -41.37
CA ASN J 125 17.71 -5.12 -42.18
C ASN J 125 18.87 -6.02 -42.59
N TRP J 126 18.96 -6.39 -43.87
CA TRP J 126 19.95 -7.38 -44.38
C TRP J 126 21.33 -6.75 -44.54
N GLU J 127 21.42 -5.41 -44.53
CA GLU J 127 22.70 -4.66 -44.51
C GLU J 127 23.22 -4.57 -43.07
N ASN J 128 22.35 -4.81 -42.09
CA ASN J 128 22.68 -4.83 -40.63
C ASN J 128 22.59 -6.27 -40.10
N ASN J 129 23.09 -7.23 -40.89
CA ASN J 129 23.17 -8.69 -40.56
C ASN J 129 21.77 -9.23 -40.21
N TRP J 130 20.75 -8.85 -40.98
CA TRP J 130 19.34 -9.33 -40.84
C TRP J 130 18.85 -9.13 -39.41
N ALA J 131 19.22 -8.00 -38.77
CA ALA J 131 18.86 -7.66 -37.38
C ALA J 131 17.38 -7.25 -37.32
N LEU J 132 16.67 -7.64 -36.26
CA LEU J 132 15.29 -7.20 -35.96
C LEU J 132 15.33 -5.72 -35.55
N GLU J 133 14.88 -4.83 -36.45
CA GLU J 133 14.94 -3.35 -36.26
C GLU J 133 13.68 -2.85 -35.55
N GLN J 134 12.53 -3.50 -35.78
CA GLN J 134 11.22 -3.06 -35.22
C GLN J 134 10.22 -4.22 -35.22
N THR J 135 9.42 -4.33 -34.16
CA THR J 135 8.25 -5.24 -34.04
C THR J 135 6.98 -4.40 -33.91
N PHE J 136 6.06 -4.53 -34.87
CA PHE J 136 4.76 -3.81 -34.92
C PHE J 136 3.70 -4.65 -34.20
N GLU J 137 3.26 -4.19 -33.02
CA GLU J 137 2.25 -4.87 -32.17
C GLU J 137 0.94 -4.07 -32.19
N GLY J 138 -0.20 -4.75 -32.13
CA GLY J 138 -1.54 -4.15 -32.20
C GLY J 138 -2.61 -5.16 -32.61
N HIS J 139 -2.31 -6.01 -33.58
CA HIS J 139 -3.24 -7.06 -34.10
C HIS J 139 -3.53 -8.09 -33.01
N GLU J 140 -4.74 -8.65 -33.02
CA GLU J 140 -5.25 -9.59 -31.97
C GLU J 140 -5.56 -10.94 -32.62
N HIS J 141 -4.96 -11.23 -33.78
CA HIS J 141 -5.00 -12.56 -34.46
C HIS J 141 -3.93 -12.62 -35.56
N PHE J 142 -3.92 -13.71 -36.33
CA PHE J 142 -2.89 -14.04 -37.34
C PHE J 142 -2.79 -12.92 -38.37
N VAL J 143 -1.62 -12.32 -38.53
CA VAL J 143 -1.31 -11.33 -39.61
C VAL J 143 -1.07 -12.13 -40.90
N MET J 144 -2.08 -12.17 -41.77
CA MET J 144 -2.17 -13.11 -42.93
C MET J 144 -1.42 -12.56 -44.14
N CYS J 145 -1.29 -11.23 -44.25
CA CYS J 145 -0.77 -10.53 -45.46
C CYS J 145 -0.14 -9.19 -45.07
N VAL J 146 1.07 -8.93 -45.56
CA VAL J 146 1.77 -7.62 -45.46
C VAL J 146 1.93 -7.06 -46.88
N ALA J 147 1.81 -5.74 -47.04
CA ALA J 147 1.90 -5.02 -48.34
C ALA J 147 2.38 -3.60 -48.10
N PHE J 148 3.60 -3.28 -48.54
CA PHE J 148 4.14 -1.90 -48.65
C PHE J 148 3.23 -1.11 -49.61
N ASN J 149 2.96 0.16 -49.30
CA ASN J 149 2.32 1.11 -50.25
C ASN J 149 3.34 1.42 -51.33
N PRO J 150 3.14 0.99 -52.61
CA PRO J 150 4.11 1.28 -53.66
C PRO J 150 4.32 2.78 -53.86
N LYS J 151 3.32 3.60 -53.50
CA LYS J 151 3.35 5.08 -53.61
C LYS J 151 4.03 5.69 -52.37
N ASP J 152 4.25 4.91 -51.32
CA ASP J 152 4.95 5.37 -50.08
C ASP J 152 5.38 4.16 -49.25
N PRO J 153 6.56 3.54 -49.53
CA PRO J 153 7.00 2.34 -48.82
C PRO J 153 7.57 2.59 -47.41
N SER J 154 7.49 3.82 -46.90
CA SER J 154 7.69 4.15 -45.47
C SER J 154 6.44 3.73 -44.68
N THR J 155 5.34 3.48 -45.39
CA THR J 155 4.05 2.97 -44.85
C THR J 155 3.76 1.60 -45.47
N PHE J 156 2.98 0.77 -44.78
CA PHE J 156 2.52 -0.57 -45.24
C PHE J 156 1.20 -0.92 -44.56
N ALA J 157 0.47 -1.88 -45.15
CA ALA J 157 -0.82 -2.43 -44.65
C ALA J 157 -0.63 -3.90 -44.28
N SER J 158 -1.14 -4.31 -43.12
CA SER J 158 -1.25 -5.73 -42.67
C SER J 158 -2.73 -6.14 -42.70
N GLY J 159 -3.01 -7.33 -43.24
CA GLY J 159 -4.35 -7.96 -43.25
C GLY J 159 -4.43 -9.08 -42.24
N CYS J 160 -5.23 -8.92 -41.18
CA CYS J 160 -5.26 -9.80 -39.99
C CYS J 160 -6.64 -10.45 -39.86
N LEU J 161 -6.69 -11.63 -39.23
CA LEU J 161 -7.93 -12.41 -38.97
C LEU J 161 -8.71 -11.81 -37.79
N ASP J 162 -8.15 -10.79 -37.12
CA ASP J 162 -8.87 -9.94 -36.12
C ASP J 162 -9.88 -9.05 -36.86
N ARG J 163 -9.98 -9.18 -38.19
CA ARG J 163 -11.01 -8.55 -39.05
C ARG J 163 -10.70 -7.06 -39.24
N THR J 164 -9.44 -6.67 -39.09
CA THR J 164 -8.95 -5.27 -39.26
C THR J 164 -7.78 -5.24 -40.25
N VAL J 165 -7.61 -4.09 -40.93
CA VAL J 165 -6.38 -3.72 -41.68
C VAL J 165 -5.72 -2.55 -40.92
N LYS J 166 -4.48 -2.73 -40.49
CA LYS J 166 -3.68 -1.69 -39.80
C LYS J 166 -2.60 -1.18 -40.75
N VAL J 167 -2.64 0.12 -41.08
CA VAL J 167 -1.59 0.83 -41.87
C VAL J 167 -0.60 1.44 -40.87
N TRP J 168 0.69 1.09 -41.00
CA TRP J 168 1.79 1.50 -40.09
C TRP J 168 2.75 2.43 -40.84
N SER J 169 3.58 3.17 -40.10
CA SER J 169 4.76 3.92 -40.58
C SER J 169 6.02 3.27 -40.01
N LEU J 170 7.11 3.23 -40.79
CA LEU J 170 8.43 2.72 -40.34
C LEU J 170 8.97 3.64 -39.25
N GLY J 171 9.35 3.07 -38.10
CA GLY J 171 9.90 3.80 -36.94
C GLY J 171 8.83 4.22 -35.95
N GLN J 172 7.57 3.83 -36.17
CA GLN J 172 6.40 4.19 -35.31
C GLN J 172 5.76 2.90 -34.76
N SER J 173 5.40 2.91 -33.48
CA SER J 173 4.90 1.75 -32.70
C SER J 173 3.38 1.58 -32.88
N THR J 174 2.62 2.68 -32.84
CA THR J 174 1.15 2.70 -33.01
C THR J 174 0.82 2.81 -34.50
N PRO J 175 -0.28 2.18 -34.99
CA PRO J 175 -0.68 2.33 -36.38
C PRO J 175 -1.09 3.78 -36.70
N ASN J 176 -0.87 4.21 -37.94
CA ASN J 176 -1.37 5.51 -38.48
C ASN J 176 -2.89 5.53 -38.37
N PHE J 177 -3.54 4.38 -38.62
CA PHE J 177 -5.00 4.16 -38.46
C PHE J 177 -5.31 2.66 -38.56
N THR J 178 -6.56 2.30 -38.25
CA THR J 178 -7.10 0.92 -38.32
C THR J 178 -8.44 0.94 -39.08
N LEU J 179 -8.55 0.14 -40.15
CA LEU J 179 -9.81 -0.06 -40.91
C LEU J 179 -10.56 -1.27 -40.34
N THR J 180 -11.74 -1.05 -39.78
CA THR J 180 -12.72 -2.10 -39.38
C THR J 180 -13.45 -2.56 -40.65
N THR J 181 -13.08 -3.73 -41.18
CA THR J 181 -13.42 -4.18 -42.56
C THR J 181 -14.89 -4.63 -42.65
N GLY J 182 -15.50 -5.02 -41.53
CA GLY J 182 -16.83 -5.67 -41.51
C GLY J 182 -16.79 -7.06 -42.12
N GLN J 183 -15.59 -7.61 -42.32
CA GLN J 183 -15.34 -8.98 -42.84
C GLN J 183 -15.03 -9.88 -41.63
N GLU J 184 -16.05 -10.57 -41.11
CA GLU J 184 -16.05 -11.15 -39.74
C GLU J 184 -15.28 -12.48 -39.70
N ARG J 185 -15.02 -13.11 -40.85
CA ARG J 185 -14.20 -14.36 -40.93
C ARG J 185 -12.72 -14.00 -41.12
N GLY J 186 -12.39 -12.70 -41.13
CA GLY J 186 -11.00 -12.18 -41.10
C GLY J 186 -10.51 -11.77 -42.48
N VAL J 187 -9.43 -10.98 -42.53
CA VAL J 187 -8.78 -10.48 -43.78
C VAL J 187 -7.62 -11.41 -44.13
N ASN J 188 -7.68 -12.03 -45.31
CA ASN J 188 -6.69 -13.03 -45.81
C ASN J 188 -5.61 -12.30 -46.63
N TYR J 189 -5.96 -11.19 -47.28
CA TYR J 189 -5.08 -10.46 -48.23
C TYR J 189 -5.41 -8.96 -48.19
N VAL J 190 -4.39 -8.13 -48.40
CA VAL J 190 -4.50 -6.65 -48.58
C VAL J 190 -3.52 -6.25 -49.68
N ASP J 191 -3.97 -5.41 -50.64
CA ASP J 191 -3.16 -4.93 -51.78
C ASP J 191 -3.50 -3.45 -52.03
N TYR J 192 -2.52 -2.66 -52.48
CA TYR J 192 -2.64 -1.21 -52.79
C TYR J 192 -2.90 -1.02 -54.28
N TYR J 193 -3.75 -0.05 -54.62
CA TYR J 193 -3.96 0.49 -55.99
C TYR J 193 -2.71 1.29 -56.37
N PRO J 194 -1.94 0.86 -57.40
CA PRO J 194 -0.64 1.46 -57.69
C PRO J 194 -0.67 2.86 -58.32
N LEU J 195 -1.74 3.19 -59.07
CA LEU J 195 -1.85 4.48 -59.81
C LEU J 195 -2.15 5.61 -58.81
N PRO J 196 -1.72 6.85 -59.10
CA PRO J 196 -1.93 7.98 -58.19
C PRO J 196 -3.36 8.55 -58.16
N ASP J 197 -4.16 8.29 -59.21
CA ASP J 197 -5.49 8.92 -59.41
C ASP J 197 -6.40 8.68 -58.18
N LYS J 198 -6.33 7.50 -57.56
CA LYS J 198 -7.14 7.14 -56.36
C LYS J 198 -6.24 6.57 -55.27
N PRO J 199 -6.51 6.85 -53.98
CA PRO J 199 -5.80 6.22 -52.86
C PRO J 199 -6.54 5.00 -52.29
N TYR J 200 -6.56 3.89 -53.04
CA TYR J 200 -7.35 2.68 -52.71
C TYR J 200 -6.44 1.53 -52.22
N MET J 201 -7.01 0.68 -51.36
CA MET J 201 -6.52 -0.69 -51.06
C MET J 201 -7.69 -1.66 -51.22
N ILE J 202 -7.41 -2.97 -51.19
CA ILE J 202 -8.43 -4.05 -51.43
C ILE J 202 -8.14 -5.20 -50.45
N THR J 203 -9.20 -5.78 -49.88
CA THR J 203 -9.12 -6.87 -48.86
C THR J 203 -10.03 -8.04 -49.27
N ALA J 204 -9.56 -9.27 -49.07
CA ALA J 204 -10.24 -10.54 -49.41
C ALA J 204 -10.39 -11.39 -48.15
N SER J 205 -11.60 -11.89 -47.87
CA SER J 205 -11.99 -12.56 -46.60
C SER J 205 -12.61 -13.94 -46.87
N ASP J 206 -12.59 -14.82 -45.87
CA ASP J 206 -13.23 -16.16 -45.87
C ASP J 206 -14.77 -16.01 -45.93
N ASP J 207 -15.30 -14.82 -45.60
CA ASP J 207 -16.76 -14.55 -45.59
C ASP J 207 -17.28 -14.39 -47.03
N LEU J 208 -16.44 -14.68 -48.04
CA LEU J 208 -16.80 -14.75 -49.48
C LEU J 208 -16.67 -13.37 -50.15
N THR J 209 -16.35 -12.32 -49.39
CA THR J 209 -16.41 -10.91 -49.87
C THR J 209 -15.00 -10.40 -50.22
N ILE J 210 -14.94 -9.54 -51.24
CA ILE J 210 -13.80 -8.63 -51.58
C ILE J 210 -14.31 -7.21 -51.35
N LYS J 211 -13.48 -6.32 -50.78
CA LYS J 211 -13.86 -4.93 -50.43
C LYS J 211 -12.79 -3.94 -50.88
N ILE J 212 -13.23 -2.80 -51.43
CA ILE J 212 -12.37 -1.69 -51.93
C ILE J 212 -12.46 -0.54 -50.92
N TRP J 213 -11.32 -0.09 -50.39
CA TRP J 213 -11.23 0.95 -49.32
C TRP J 213 -10.54 2.20 -49.87
N ASP J 214 -11.16 3.36 -49.65
CA ASP J 214 -10.50 4.69 -49.72
C ASP J 214 -9.86 4.93 -48.34
N TYR J 215 -8.53 4.86 -48.26
CA TYR J 215 -7.77 4.95 -46.98
C TYR J 215 -7.51 6.41 -46.60
N GLN J 216 -8.10 7.36 -47.33
CA GLN J 216 -8.13 8.81 -46.96
C GLN J 216 -9.45 9.11 -46.22
N THR J 217 -10.57 8.53 -46.68
CA THR J 217 -11.92 8.71 -46.08
C THR J 217 -12.20 7.60 -45.06
N LYS J 218 -11.50 6.47 -45.14
CA LYS J 218 -11.63 5.29 -44.24
C LYS J 218 -13.02 4.65 -44.40
N SER J 219 -13.58 4.67 -45.62
CA SER J 219 -14.92 4.11 -45.96
C SER J 219 -14.77 3.05 -47.05
N CYS J 220 -15.75 2.13 -47.13
CA CYS J 220 -15.83 1.05 -48.15
C CYS J 220 -16.36 1.64 -49.47
N VAL J 221 -15.53 1.64 -50.51
CA VAL J 221 -15.85 2.19 -51.86
C VAL J 221 -16.82 1.24 -52.58
N ALA J 222 -16.60 -0.08 -52.46
CA ALA J 222 -17.43 -1.14 -53.08
C ALA J 222 -17.12 -2.50 -52.47
N THR J 223 -18.10 -3.40 -52.51
CA THR J 223 -17.98 -4.84 -52.11
C THR J 223 -18.24 -5.71 -53.34
N LEU J 224 -17.30 -6.61 -53.66
CA LEU J 224 -17.33 -7.51 -54.84
C LEU J 224 -17.65 -8.93 -54.39
N GLU J 225 -18.82 -9.45 -54.79
CA GLU J 225 -19.33 -10.81 -54.45
C GLU J 225 -19.34 -11.66 -55.72
N GLY J 226 -18.40 -12.60 -55.84
CA GLY J 226 -18.28 -13.49 -57.02
C GLY J 226 -17.76 -14.89 -56.69
N HIS J 227 -17.53 -15.21 -55.41
CA HIS J 227 -16.95 -16.51 -54.98
C HIS J 227 -17.93 -17.23 -54.04
N MET J 228 -18.03 -18.56 -54.18
CA MET J 228 -18.96 -19.42 -53.39
C MET J 228 -18.18 -20.11 -52.26
N SER J 229 -16.90 -19.76 -52.08
CA SER J 229 -16.04 -20.22 -50.95
C SER J 229 -14.97 -19.18 -50.64
N ASN J 230 -14.11 -19.46 -49.65
CA ASN J 230 -13.05 -18.56 -49.12
C ASN J 230 -12.33 -17.84 -50.26
N VAL J 231 -12.20 -16.52 -50.16
CA VAL J 231 -11.40 -15.67 -51.09
C VAL J 231 -9.97 -15.54 -50.53
N SER J 232 -8.99 -16.15 -51.20
CA SER J 232 -7.57 -16.23 -50.76
C SER J 232 -6.86 -14.89 -50.96
N PHE J 233 -7.13 -14.21 -52.07
CA PHE J 233 -6.46 -12.94 -52.45
C PHE J 233 -7.35 -12.13 -53.41
N ALA J 234 -7.08 -10.81 -53.45
CA ALA J 234 -7.57 -9.85 -54.46
C ALA J 234 -6.48 -8.78 -54.66
N VAL J 235 -6.10 -8.51 -55.92
CA VAL J 235 -4.97 -7.59 -56.25
C VAL J 235 -5.37 -6.70 -57.43
N PHE J 236 -4.92 -5.44 -57.41
CA PHE J 236 -4.93 -4.51 -58.56
C PHE J 236 -3.79 -4.90 -59.50
N HIS J 237 -4.09 -5.17 -60.77
CA HIS J 237 -3.09 -5.44 -61.83
C HIS J 237 -2.24 -4.18 -62.00
N PRO J 238 -0.89 -4.29 -62.03
CA PRO J 238 -0.02 -3.11 -62.09
C PRO J 238 -0.42 -2.09 -63.16
N THR J 239 -0.43 -2.51 -64.43
CA THR J 239 -0.60 -1.62 -65.62
C THR J 239 -2.06 -1.64 -66.08
N LEU J 240 -2.64 -2.83 -66.29
CA LEU J 240 -4.03 -3.01 -66.81
C LEU J 240 -5.04 -2.57 -65.77
N PRO J 241 -6.20 -2.00 -66.20
CA PRO J 241 -7.25 -1.58 -65.28
C PRO J 241 -8.19 -2.73 -64.89
N ILE J 242 -7.69 -3.70 -64.13
CA ILE J 242 -8.48 -4.87 -63.63
C ILE J 242 -8.07 -5.22 -62.21
N ILE J 243 -8.91 -6.01 -61.53
CA ILE J 243 -8.63 -6.69 -60.24
C ILE J 243 -8.73 -8.20 -60.48
N ILE J 244 -7.72 -8.96 -60.07
CA ILE J 244 -7.70 -10.45 -60.13
C ILE J 244 -7.85 -10.99 -58.70
N SER J 245 -8.89 -11.78 -58.45
CA SER J 245 -9.13 -12.48 -57.17
C SER J 245 -9.07 -13.99 -57.40
N GLY J 246 -8.71 -14.74 -56.35
CA GLY J 246 -8.68 -16.22 -56.34
C GLY J 246 -9.33 -16.74 -55.07
N SER J 247 -9.78 -18.00 -55.09
CA SER J 247 -10.68 -18.58 -54.07
C SER J 247 -10.49 -20.10 -53.95
N GLU J 248 -10.98 -20.68 -52.85
CA GLU J 248 -11.01 -22.14 -52.58
C GLU J 248 -12.12 -22.80 -53.40
N ASP J 249 -12.97 -22.00 -54.07
CA ASP J 249 -13.91 -22.49 -55.12
C ASP J 249 -13.11 -22.97 -56.33
N GLY J 250 -11.82 -22.63 -56.39
CA GLY J 250 -10.87 -23.07 -57.42
C GLY J 250 -11.08 -22.30 -58.71
N THR J 251 -11.27 -20.98 -58.60
CA THR J 251 -11.55 -20.07 -59.74
C THR J 251 -10.71 -18.79 -59.55
N LEU J 252 -10.18 -18.26 -60.66
CA LEU J 252 -9.67 -16.87 -60.76
C LEU J 252 -10.76 -16.03 -61.43
N LYS J 253 -10.97 -14.80 -60.97
CA LYS J 253 -12.04 -13.90 -61.47
C LYS J 253 -11.45 -12.51 -61.69
N ILE J 254 -11.57 -12.00 -62.92
CA ILE J 254 -11.03 -10.68 -63.37
C ILE J 254 -12.17 -9.66 -63.33
N TRP J 255 -12.06 -8.66 -62.46
CA TRP J 255 -13.05 -7.56 -62.28
C TRP J 255 -12.53 -6.31 -62.98
N ASN J 256 -13.42 -5.53 -63.62
CA ASN J 256 -13.13 -4.17 -64.13
C ASN J 256 -12.91 -3.26 -62.91
N SER J 257 -11.72 -2.68 -62.78
CA SER J 257 -11.31 -1.85 -61.61
C SER J 257 -12.12 -0.54 -61.57
N SER J 258 -12.77 -0.17 -62.68
CA SER J 258 -13.63 1.04 -62.80
C SER J 258 -15.05 0.73 -62.31
N THR J 259 -15.73 -0.24 -62.94
CA THR J 259 -17.17 -0.53 -62.79
C THR J 259 -17.41 -1.70 -61.83
N TYR J 260 -16.42 -2.58 -61.64
CA TYR J 260 -16.48 -3.79 -60.77
C TYR J 260 -17.46 -4.82 -61.37
N LYS J 261 -17.46 -4.93 -62.70
CA LYS J 261 -18.18 -5.98 -63.47
C LYS J 261 -17.21 -7.14 -63.73
N VAL J 262 -17.70 -8.38 -63.66
CA VAL J 262 -16.92 -9.62 -63.96
C VAL J 262 -16.57 -9.60 -65.46
N GLU J 263 -15.26 -9.59 -65.77
CA GLU J 263 -14.73 -9.56 -67.17
C GLU J 263 -14.44 -10.99 -67.63
N LYS J 264 -14.01 -11.87 -66.72
CA LYS J 264 -13.68 -13.29 -67.02
C LYS J 264 -13.63 -14.11 -65.72
N THR J 265 -14.18 -15.32 -65.76
CA THR J 265 -14.09 -16.35 -64.67
C THR J 265 -13.30 -17.55 -65.21
N LEU J 266 -12.10 -17.77 -64.69
CA LEU J 266 -11.16 -18.84 -65.14
C LEU J 266 -11.25 -20.03 -64.17
N ASN J 267 -11.83 -21.14 -64.65
CA ASN J 267 -11.88 -22.45 -63.94
C ASN J 267 -10.58 -23.20 -64.28
N VAL J 268 -9.48 -22.86 -63.61
CA VAL J 268 -8.10 -23.24 -64.05
C VAL J 268 -7.92 -24.76 -63.87
N GLY J 269 -8.70 -25.38 -62.98
CA GLY J 269 -8.79 -26.85 -62.84
C GLY J 269 -7.67 -27.43 -62.00
N LEU J 270 -7.11 -26.65 -61.07
CA LEU J 270 -6.05 -27.08 -60.13
C LEU J 270 -6.58 -27.00 -58.69
N GLU J 271 -7.91 -27.05 -58.53
CA GLU J 271 -8.64 -27.04 -57.23
C GLU J 271 -8.35 -25.71 -56.50
N ARG J 272 -8.29 -25.71 -55.16
CA ARG J 272 -8.30 -24.47 -54.34
C ARG J 272 -7.14 -23.56 -54.75
N SER J 273 -7.44 -22.28 -55.01
CA SER J 273 -6.45 -21.19 -55.18
C SER J 273 -5.94 -20.76 -53.80
N TRP J 274 -4.75 -20.15 -53.75
CA TRP J 274 -4.05 -19.79 -52.48
C TRP J 274 -3.28 -18.47 -52.60
N CYS J 275 -2.58 -18.24 -53.72
CA CYS J 275 -1.65 -17.09 -53.87
C CYS J 275 -1.67 -16.55 -55.30
N ILE J 276 -1.21 -15.31 -55.46
CA ILE J 276 -1.16 -14.56 -56.75
C ILE J 276 0.15 -13.78 -56.82
N ALA J 277 0.73 -13.67 -58.02
CA ALA J 277 1.84 -12.75 -58.36
C ALA J 277 1.55 -12.15 -59.73
N THR J 278 1.69 -10.82 -59.85
CA THR J 278 1.70 -10.09 -61.14
C THR J 278 3.15 -9.73 -61.46
N HIS J 279 3.53 -9.74 -62.74
CA HIS J 279 4.89 -9.31 -63.19
C HIS J 279 5.06 -7.84 -62.86
N PRO J 280 6.07 -7.47 -62.05
CA PRO J 280 6.15 -6.12 -61.45
C PRO J 280 6.06 -4.97 -62.47
N THR J 281 6.74 -5.09 -63.61
CA THR J 281 6.76 -4.08 -64.70
C THR J 281 5.56 -4.26 -65.64
N GLY J 282 4.92 -5.43 -65.60
CA GLY J 282 3.75 -5.77 -66.44
C GLY J 282 4.16 -6.29 -67.79
N ARG J 283 5.28 -7.02 -67.86
CA ARG J 283 5.80 -7.68 -69.09
C ARG J 283 4.76 -8.71 -69.56
N LYS J 284 4.16 -8.47 -70.74
CA LYS J 284 3.07 -9.30 -71.34
C LYS J 284 1.90 -9.41 -70.35
N ASN J 285 1.79 -8.47 -69.41
CA ASN J 285 0.76 -8.44 -68.35
C ASN J 285 0.70 -9.81 -67.65
N TYR J 286 1.87 -10.41 -67.40
CA TYR J 286 2.01 -11.77 -66.81
C TYR J 286 1.40 -11.80 -65.41
N ILE J 287 0.46 -12.71 -65.18
CA ILE J 287 -0.11 -13.04 -63.84
C ILE J 287 0.14 -14.53 -63.57
N ALA J 288 0.36 -14.88 -62.30
CA ALA J 288 0.60 -16.27 -61.84
C ALA J 288 -0.22 -16.52 -60.57
N SER J 289 -0.71 -17.76 -60.41
CA SER J 289 -1.54 -18.19 -59.26
C SER J 289 -1.16 -19.62 -58.84
N GLY J 290 -0.99 -19.86 -57.53
CA GLY J 290 -0.72 -21.18 -56.95
C GLY J 290 -1.99 -21.82 -56.42
N PHE J 291 -2.11 -23.15 -56.57
CA PHE J 291 -3.32 -23.95 -56.21
C PHE J 291 -2.90 -25.23 -55.50
N ASP J 292 -3.90 -25.96 -54.99
CA ASP J 292 -3.79 -27.33 -54.41
C ASP J 292 -2.91 -28.22 -55.29
N ASN J 293 -3.12 -28.20 -56.61
CA ASN J 293 -2.51 -29.16 -57.57
C ASN J 293 -1.47 -28.48 -58.46
N GLY J 294 -0.90 -27.34 -58.03
CA GLY J 294 0.23 -26.69 -58.69
C GLY J 294 -0.02 -25.21 -58.96
N PHE J 295 0.57 -24.67 -60.03
CA PHE J 295 0.48 -23.24 -60.42
C PHE J 295 0.20 -23.11 -61.93
N THR J 296 -0.21 -21.91 -62.35
CA THR J 296 -0.42 -21.51 -63.77
C THR J 296 0.14 -20.09 -63.97
N VAL J 297 0.74 -19.85 -65.14
CA VAL J 297 1.15 -18.49 -65.63
C VAL J 297 0.29 -18.16 -66.85
N LEU J 298 -0.32 -16.97 -66.88
CA LEU J 298 -1.18 -16.48 -67.99
C LEU J 298 -0.65 -15.14 -68.48
N SER J 299 -0.74 -14.90 -69.80
CA SER J 299 -0.46 -13.59 -70.45
C SER J 299 -1.80 -12.92 -70.82
N LEU J 300 -1.92 -11.61 -70.53
CA LEU J 300 -3.09 -10.77 -70.91
C LEU J 300 -2.67 -9.82 -72.02
N GLY J 301 -3.61 -9.45 -72.90
CA GLY J 301 -3.39 -8.52 -74.02
C GLY J 301 -3.49 -7.07 -73.58
N ASN J 302 -2.81 -6.16 -74.30
CA ASN J 302 -2.83 -4.69 -74.04
C ASN J 302 -4.11 -4.10 -74.63
N MET K 1 -11.40 0.14 -17.56
CA MET K 1 -11.14 -0.63 -16.29
C MET K 1 -9.74 -1.26 -16.37
N LYS K 2 -9.09 -1.45 -15.22
CA LYS K 2 -7.80 -2.17 -15.11
C LYS K 2 -8.07 -3.66 -14.95
N LEU K 3 -7.84 -4.44 -16.03
CA LEU K 3 -7.77 -5.92 -15.99
C LEU K 3 -6.33 -6.32 -15.65
N ASP K 4 -6.05 -6.65 -14.40
CA ASP K 4 -4.73 -7.18 -13.95
C ASP K 4 -4.76 -8.70 -14.12
N ILE K 5 -4.86 -9.17 -15.37
CA ILE K 5 -4.97 -10.61 -15.74
C ILE K 5 -3.63 -11.30 -15.46
N LYS K 6 -3.68 -12.45 -14.75
CA LYS K 6 -2.49 -13.25 -14.36
C LYS K 6 -2.81 -14.73 -14.59
N LYS K 7 -1.87 -15.47 -15.19
CA LYS K 7 -1.98 -16.95 -15.42
C LYS K 7 -1.70 -17.67 -14.10
N THR K 8 -2.75 -18.24 -13.48
CA THR K 8 -2.67 -19.02 -12.22
C THR K 8 -2.09 -20.40 -12.51
N PHE K 9 -2.61 -21.09 -13.54
CA PHE K 9 -2.24 -22.47 -13.91
C PHE K 9 -2.72 -22.79 -15.34
N SER K 10 -1.85 -23.43 -16.13
CA SER K 10 -2.15 -23.96 -17.48
C SER K 10 -1.64 -25.41 -17.58
N ASN K 11 -2.50 -26.33 -18.00
CA ASN K 11 -2.21 -27.79 -18.13
C ASN K 11 -2.49 -28.23 -19.57
N ARG K 12 -1.52 -28.90 -20.20
CA ARG K 12 -1.60 -29.41 -21.60
C ARG K 12 -2.11 -30.86 -21.57
N SER K 13 -3.34 -31.09 -22.02
CA SER K 13 -4.05 -32.40 -22.00
C SER K 13 -4.79 -32.59 -23.32
N ASP K 14 -5.54 -33.71 -23.43
CA ASP K 14 -6.54 -33.96 -24.49
C ASP K 14 -7.64 -32.89 -24.40
N ARG K 15 -8.34 -32.63 -25.50
CA ARG K 15 -9.37 -31.56 -25.62
C ARG K 15 -10.26 -31.56 -24.36
N VAL K 16 -10.36 -30.41 -23.69
CA VAL K 16 -11.24 -30.19 -22.51
C VAL K 16 -12.59 -29.65 -23.01
N LYS K 17 -13.65 -30.45 -22.90
CA LYS K 17 -15.02 -30.14 -23.40
C LYS K 17 -15.86 -29.49 -22.30
N GLY K 18 -15.61 -29.86 -21.03
CA GLY K 18 -16.33 -29.33 -19.86
C GLY K 18 -15.36 -28.94 -18.76
N ILE K 19 -15.59 -27.78 -18.12
CA ILE K 19 -14.74 -27.24 -17.02
C ILE K 19 -15.64 -26.64 -15.94
N ASP K 20 -15.22 -26.74 -14.67
CA ASP K 20 -16.00 -26.24 -13.50
C ASP K 20 -15.07 -26.03 -12.31
N PHE K 21 -15.33 -24.99 -11.50
CA PHE K 21 -14.60 -24.63 -10.26
C PHE K 21 -15.28 -25.27 -9.05
N HIS K 22 -14.48 -25.73 -8.08
CA HIS K 22 -14.93 -26.13 -6.72
C HIS K 22 -15.08 -24.87 -5.87
N PRO K 23 -16.21 -24.68 -5.15
CA PRO K 23 -16.50 -23.41 -4.49
C PRO K 23 -15.61 -23.05 -3.27
N THR K 24 -14.95 -24.04 -2.66
CA THR K 24 -14.20 -23.88 -1.38
C THR K 24 -12.76 -24.41 -1.52
N GLU K 25 -12.58 -25.60 -2.10
CA GLU K 25 -11.25 -26.17 -2.43
C GLU K 25 -10.71 -25.48 -3.69
N PRO K 26 -9.38 -25.27 -3.81
CA PRO K 26 -8.81 -24.58 -4.97
C PRO K 26 -8.70 -25.52 -6.19
N TRP K 27 -9.82 -26.12 -6.59
CA TRP K 27 -9.89 -27.22 -7.60
C TRP K 27 -10.59 -26.75 -8.88
N VAL K 28 -10.13 -27.24 -10.02
CA VAL K 28 -10.89 -27.19 -11.31
C VAL K 28 -11.15 -28.64 -11.76
N LEU K 29 -12.41 -28.95 -12.09
CA LEU K 29 -12.83 -30.22 -12.75
C LEU K 29 -12.71 -30.00 -14.27
N THR K 30 -12.13 -30.96 -14.99
CA THR K 30 -12.05 -30.95 -16.47
C THR K 30 -12.61 -32.28 -16.99
N THR K 31 -13.42 -32.21 -18.04
CA THR K 31 -14.04 -33.36 -18.75
C THR K 31 -13.46 -33.39 -20.18
N LEU K 32 -12.80 -34.48 -20.55
CA LEU K 32 -11.97 -34.56 -21.78
C LEU K 32 -12.66 -35.41 -22.85
N TYR K 33 -12.28 -35.18 -24.11
CA TYR K 33 -12.78 -35.85 -25.32
C TYR K 33 -12.32 -37.31 -25.33
N SER K 34 -11.19 -37.59 -24.65
CA SER K 34 -10.55 -38.92 -24.55
C SER K 34 -11.34 -39.87 -23.64
N GLY K 35 -12.30 -39.36 -22.87
CA GLY K 35 -13.10 -40.14 -21.91
C GLY K 35 -12.61 -39.97 -20.48
N ARG K 36 -11.48 -39.27 -20.29
CA ARG K 36 -10.85 -39.03 -18.97
C ARG K 36 -11.48 -37.77 -18.34
N VAL K 37 -11.57 -37.75 -17.01
CA VAL K 37 -11.92 -36.52 -16.22
C VAL K 37 -10.81 -36.33 -15.17
N GLU K 38 -10.37 -35.09 -14.96
CA GLU K 38 -9.23 -34.74 -14.07
C GLU K 38 -9.66 -33.61 -13.12
N LEU K 39 -9.36 -33.74 -11.83
CA LEU K 39 -9.44 -32.65 -10.82
C LEU K 39 -8.03 -32.13 -10.59
N TRP K 40 -7.82 -30.81 -10.70
CA TRP K 40 -6.51 -30.13 -10.57
C TRP K 40 -6.57 -29.08 -9.47
N ASN K 41 -5.66 -29.16 -8.50
CA ASN K 41 -5.35 -28.05 -7.56
C ASN K 41 -4.51 -27.03 -8.33
N TYR K 42 -5.10 -25.88 -8.69
CA TYR K 42 -4.51 -24.88 -9.63
C TYR K 42 -3.60 -23.91 -8.86
N GLU K 43 -3.61 -23.94 -7.53
CA GLU K 43 -2.72 -23.11 -6.66
C GLU K 43 -1.42 -23.87 -6.41
N THR K 44 -1.51 -25.19 -6.14
CA THR K 44 -0.36 -26.10 -5.90
CA THR K 44 -0.34 -26.07 -5.90
C THR K 44 0.18 -26.60 -7.25
N GLN K 45 -0.71 -26.76 -8.23
CA GLN K 45 -0.42 -27.26 -9.61
C GLN K 45 -0.23 -28.79 -9.57
N VAL K 46 -0.81 -29.48 -8.59
CA VAL K 46 -0.75 -30.97 -8.44
C VAL K 46 -2.13 -31.55 -8.75
N GLU K 47 -2.17 -32.63 -9.54
CA GLU K 47 -3.41 -33.40 -9.87
C GLU K 47 -3.99 -33.98 -8.58
N VAL K 48 -5.27 -33.71 -8.31
CA VAL K 48 -6.04 -34.28 -7.17
C VAL K 48 -6.41 -35.72 -7.53
N ARG K 49 -7.19 -35.89 -8.60
CA ARG K 49 -7.73 -37.21 -9.04
C ARG K 49 -7.88 -37.19 -10.58
N SER K 50 -7.90 -38.36 -11.19
CA SER K 50 -8.20 -38.56 -12.63
C SER K 50 -8.79 -39.97 -12.85
N ILE K 51 -9.89 -40.05 -13.61
CA ILE K 51 -10.66 -41.31 -13.86
C ILE K 51 -10.84 -41.44 -15.38
N GLN K 52 -10.48 -42.60 -15.95
CA GLN K 52 -10.92 -43.02 -17.30
C GLN K 52 -12.35 -43.55 -17.16
N VAL K 53 -13.32 -42.67 -17.40
CA VAL K 53 -14.77 -42.88 -17.08
C VAL K 53 -15.42 -43.73 -18.18
N THR K 54 -14.99 -43.52 -19.43
CA THR K 54 -15.42 -44.29 -20.62
C THR K 54 -14.36 -44.10 -21.71
N GLU K 55 -14.68 -44.40 -22.97
CA GLU K 55 -13.76 -44.19 -24.13
CA GLU K 55 -13.77 -44.20 -24.13
C GLU K 55 -14.27 -43.03 -24.98
N THR K 56 -15.59 -42.79 -24.96
CA THR K 56 -16.27 -41.68 -25.70
C THR K 56 -15.93 -40.34 -25.06
N PRO K 57 -16.14 -39.22 -25.78
CA PRO K 57 -16.05 -37.89 -25.17
C PRO K 57 -17.00 -37.73 -23.97
N VAL K 58 -16.56 -36.90 -23.00
CA VAL K 58 -17.33 -36.49 -21.80
C VAL K 58 -17.52 -34.97 -21.86
N ARG K 59 -18.61 -34.51 -22.49
CA ARG K 59 -18.82 -33.08 -22.83
C ARG K 59 -19.19 -32.27 -21.58
N ALA K 60 -19.80 -32.91 -20.57
CA ALA K 60 -20.43 -32.24 -19.40
C ALA K 60 -19.76 -32.71 -18.11
N GLY K 61 -19.55 -31.80 -17.17
CA GLY K 61 -19.04 -32.11 -15.82
C GLY K 61 -19.24 -30.95 -14.86
N LYS K 62 -19.89 -31.22 -13.73
CA LYS K 62 -20.12 -30.22 -12.63
C LYS K 62 -19.66 -30.82 -11.31
N PHE K 63 -19.20 -29.96 -10.39
CA PHE K 63 -19.02 -30.25 -8.96
C PHE K 63 -20.39 -30.20 -8.26
N ILE K 64 -20.72 -31.26 -7.51
CA ILE K 64 -21.82 -31.27 -6.50
C ILE K 64 -21.14 -31.34 -5.13
N ALA K 65 -20.59 -30.21 -4.69
CA ALA K 65 -19.69 -30.09 -3.52
C ALA K 65 -20.43 -30.41 -2.23
N ARG K 66 -21.76 -30.24 -2.21
CA ARG K 66 -22.63 -30.50 -1.03
C ARG K 66 -22.67 -32.01 -0.73
N LYS K 67 -22.36 -32.86 -1.71
CA LYS K 67 -22.32 -34.35 -1.55
C LYS K 67 -20.89 -34.86 -1.73
N ASN K 68 -19.91 -33.96 -1.86
CA ASN K 68 -18.50 -34.26 -2.24
C ASN K 68 -18.49 -35.06 -3.55
N TRP K 69 -19.33 -34.68 -4.52
CA TRP K 69 -19.50 -35.39 -5.82
C TRP K 69 -18.91 -34.57 -6.97
N ILE K 70 -18.56 -35.26 -8.05
CA ILE K 70 -18.56 -34.74 -9.45
C ILE K 70 -19.65 -35.51 -10.20
N ILE K 71 -20.37 -34.83 -11.09
CA ILE K 71 -21.34 -35.47 -12.03
C ILE K 71 -20.88 -35.11 -13.45
N VAL K 72 -20.80 -36.12 -14.32
CA VAL K 72 -20.33 -35.98 -15.74
C VAL K 72 -21.32 -36.70 -16.66
N GLY K 73 -21.42 -36.22 -17.91
CA GLY K 73 -22.19 -36.84 -19.00
C GLY K 73 -21.30 -37.06 -20.22
N SER K 74 -21.53 -38.15 -20.97
CA SER K 74 -20.68 -38.61 -22.09
C SER K 74 -21.54 -38.99 -23.30
N ASP K 75 -20.90 -39.16 -24.47
CA ASP K 75 -21.56 -39.47 -25.77
C ASP K 75 -22.09 -40.90 -25.78
N ASP K 76 -21.74 -41.72 -24.76
CA ASP K 76 -22.21 -43.11 -24.57
C ASP K 76 -23.62 -43.12 -23.94
N PHE K 77 -24.23 -41.94 -23.75
CA PHE K 77 -25.64 -41.70 -23.33
C PHE K 77 -25.77 -41.65 -21.81
N ARG K 78 -24.66 -41.63 -21.07
CA ARG K 78 -24.65 -41.99 -19.63
C ARG K 78 -24.25 -40.80 -18.75
N ILE K 79 -24.98 -40.62 -17.65
CA ILE K 79 -24.58 -39.73 -16.51
C ILE K 79 -23.88 -40.63 -15.47
N ARG K 80 -22.72 -40.20 -15.00
CA ARG K 80 -21.95 -40.91 -13.95
C ARG K 80 -21.63 -39.93 -12.83
N VAL K 81 -21.67 -40.42 -11.58
CA VAL K 81 -21.42 -39.63 -10.35
C VAL K 81 -20.33 -40.36 -9.57
N PHE K 82 -19.24 -39.65 -9.25
CA PHE K 82 -18.08 -40.16 -8.47
C PHE K 82 -17.85 -39.24 -7.27
N ASN K 83 -17.67 -39.83 -6.09
CA ASN K 83 -17.21 -39.11 -4.87
C ASN K 83 -15.71 -38.84 -5.06
N TYR K 84 -15.30 -37.56 -5.03
CA TYR K 84 -13.92 -37.11 -5.38
C TYR K 84 -12.94 -37.36 -4.22
N ASN K 85 -13.44 -37.71 -3.03
CA ASN K 85 -12.60 -38.05 -1.84
C ASN K 85 -12.15 -39.51 -1.93
N THR K 86 -13.08 -40.43 -2.20
CA THR K 86 -12.83 -41.90 -2.28
C THR K 86 -12.48 -42.30 -3.73
N GLY K 87 -13.16 -41.68 -4.71
CA GLY K 87 -13.09 -42.08 -6.13
C GLY K 87 -14.14 -43.14 -6.47
N GLU K 88 -14.98 -43.51 -5.49
CA GLU K 88 -16.04 -44.53 -5.64
C GLU K 88 -17.14 -44.00 -6.57
N LYS K 89 -17.66 -44.86 -7.45
CA LYS K 89 -18.79 -44.54 -8.35
C LYS K 89 -20.09 -44.65 -7.54
N VAL K 90 -20.90 -43.58 -7.57
CA VAL K 90 -22.16 -43.45 -6.77
C VAL K 90 -23.32 -44.01 -7.59
N VAL K 91 -23.45 -43.57 -8.84
CA VAL K 91 -24.52 -44.03 -9.78
C VAL K 91 -23.94 -44.02 -11.20
N ASP K 92 -24.51 -44.87 -12.07
CA ASP K 92 -24.15 -44.98 -13.51
C ASP K 92 -25.41 -45.38 -14.26
N PHE K 93 -26.13 -44.42 -14.85
CA PHE K 93 -27.45 -44.65 -15.50
C PHE K 93 -27.43 -44.09 -16.93
N GLU K 94 -28.21 -44.72 -17.80
CA GLU K 94 -28.53 -44.22 -19.17
C GLU K 94 -29.51 -43.06 -19.01
N ALA K 95 -29.06 -41.83 -19.28
CA ALA K 95 -29.85 -40.58 -19.19
C ALA K 95 -30.70 -40.43 -20.46
N HIS K 96 -30.06 -40.54 -21.63
CA HIS K 96 -30.66 -40.31 -22.98
C HIS K 96 -30.26 -41.45 -23.91
N PRO K 97 -30.90 -41.59 -25.11
CA PRO K 97 -30.38 -42.46 -26.17
C PRO K 97 -29.43 -41.78 -27.17
N ASP K 98 -28.74 -40.71 -26.76
CA ASP K 98 -27.85 -39.91 -27.64
C ASP K 98 -26.86 -39.10 -26.78
N TYR K 99 -25.99 -38.31 -27.43
CA TYR K 99 -24.96 -37.45 -26.81
C TYR K 99 -25.59 -36.62 -25.68
N ILE K 100 -24.84 -36.40 -24.59
CA ILE K 100 -25.21 -35.43 -23.51
C ILE K 100 -24.28 -34.22 -23.66
N ARG K 101 -24.85 -33.04 -23.92
CA ARG K 101 -24.11 -31.79 -24.23
C ARG K 101 -23.84 -30.98 -22.95
N SER K 102 -24.77 -31.00 -21.99
CA SER K 102 -24.87 -29.98 -20.92
C SER K 102 -25.43 -30.60 -19.64
N ILE K 103 -24.81 -30.27 -18.49
CA ILE K 103 -25.32 -30.61 -17.13
C ILE K 103 -25.38 -29.32 -16.31
N ALA K 104 -26.52 -29.07 -15.66
CA ALA K 104 -26.75 -27.95 -14.72
C ALA K 104 -27.22 -28.52 -13.37
N VAL K 105 -26.68 -28.01 -12.27
CA VAL K 105 -27.04 -28.45 -10.88
C VAL K 105 -27.83 -27.32 -10.22
N HIS K 106 -28.99 -27.64 -9.65
CA HIS K 106 -29.86 -26.71 -8.89
C HIS K 106 -29.11 -26.27 -7.64
N PRO K 107 -29.05 -24.95 -7.33
CA PRO K 107 -28.26 -24.46 -6.20
C PRO K 107 -28.70 -24.93 -4.80
N THR K 108 -30.00 -25.20 -4.59
CA THR K 108 -30.60 -25.53 -3.26
C THR K 108 -31.24 -26.93 -3.25
N LYS K 109 -31.77 -27.40 -4.38
CA LYS K 109 -32.54 -28.67 -4.49
C LYS K 109 -31.62 -29.79 -4.98
N PRO K 110 -32.00 -31.07 -4.79
CA PRO K 110 -31.16 -32.20 -5.23
C PRO K 110 -31.44 -32.55 -6.70
N TYR K 111 -31.45 -31.53 -7.56
CA TYR K 111 -31.96 -31.57 -8.95
C TYR K 111 -30.79 -31.36 -9.92
N VAL K 112 -30.68 -32.22 -10.94
CA VAL K 112 -29.71 -32.08 -12.07
C VAL K 112 -30.52 -32.07 -13.36
N LEU K 113 -30.22 -31.12 -14.26
CA LEU K 113 -30.76 -31.08 -15.64
C LEU K 113 -29.68 -31.61 -16.59
N SER K 114 -30.09 -32.27 -17.68
CA SER K 114 -29.19 -32.67 -18.79
C SER K 114 -29.86 -32.34 -20.12
N GLY K 115 -29.16 -31.59 -20.98
CA GLY K 115 -29.55 -31.28 -22.37
C GLY K 115 -28.79 -32.15 -23.34
N SER K 116 -29.50 -32.79 -24.28
CA SER K 116 -29.01 -33.94 -25.09
C SER K 116 -29.30 -33.72 -26.58
N ASP K 117 -28.72 -34.58 -27.42
CA ASP K 117 -28.93 -34.61 -28.90
C ASP K 117 -30.24 -35.34 -29.21
N ASP K 118 -30.93 -35.87 -28.18
CA ASP K 118 -32.25 -36.55 -28.30
C ASP K 118 -33.38 -35.50 -28.29
N LEU K 119 -33.05 -34.21 -28.41
CA LEU K 119 -34.00 -33.08 -28.61
C LEU K 119 -34.65 -32.68 -27.28
N THR K 120 -34.06 -33.06 -26.14
CA THR K 120 -34.76 -33.04 -24.82
C THR K 120 -33.84 -32.49 -23.73
N VAL K 121 -34.47 -31.94 -22.68
CA VAL K 121 -33.85 -31.69 -21.34
C VAL K 121 -34.60 -32.57 -20.34
N LYS K 122 -33.87 -33.28 -19.47
CA LYS K 122 -34.44 -34.22 -18.47
C LYS K 122 -34.00 -33.79 -17.08
N LEU K 123 -34.91 -33.85 -16.10
CA LEU K 123 -34.68 -33.50 -14.67
C LEU K 123 -34.46 -34.79 -13.87
N TRP K 124 -33.36 -34.85 -13.12
CA TRP K 124 -32.96 -36.00 -12.27
C TRP K 124 -32.94 -35.56 -10.80
N ASN K 125 -33.54 -36.36 -9.91
CA ASN K 125 -33.64 -36.10 -8.45
C ASN K 125 -32.86 -37.19 -7.70
N TRP K 126 -31.69 -36.84 -7.14
CA TRP K 126 -30.76 -37.81 -6.49
C TRP K 126 -31.24 -38.17 -5.08
N GLU K 127 -32.26 -37.49 -4.55
CA GLU K 127 -32.94 -37.84 -3.27
C GLU K 127 -34.13 -38.77 -3.57
N ASN K 128 -34.41 -39.03 -4.85
CA ASN K 128 -35.42 -40.01 -5.33
C ASN K 128 -34.70 -41.12 -6.11
N ASN K 129 -33.54 -41.56 -5.60
CA ASN K 129 -32.65 -42.59 -6.23
C ASN K 129 -32.49 -42.28 -7.73
N TRP K 130 -32.22 -41.00 -8.06
CA TRP K 130 -31.93 -40.51 -9.44
C TRP K 130 -33.10 -40.79 -10.38
N ALA K 131 -34.33 -40.76 -9.87
CA ALA K 131 -35.57 -40.94 -10.67
C ALA K 131 -35.68 -39.79 -11.68
N LEU K 132 -36.05 -40.10 -12.92
CA LEU K 132 -36.45 -39.10 -13.95
C LEU K 132 -37.76 -38.47 -13.50
N GLU K 133 -37.73 -37.18 -13.15
CA GLU K 133 -38.87 -36.43 -12.57
C GLU K 133 -39.71 -35.81 -13.70
N GLN K 134 -39.05 -35.33 -14.77
CA GLN K 134 -39.72 -34.68 -15.92
C GLN K 134 -38.79 -34.66 -17.14
N THR K 135 -39.37 -34.78 -18.34
CA THR K 135 -38.70 -34.55 -19.65
C THR K 135 -39.32 -33.32 -20.29
N PHE K 136 -38.49 -32.33 -20.66
CA PHE K 136 -38.90 -31.02 -21.23
C PHE K 136 -38.80 -31.08 -22.75
N GLU K 137 -39.93 -31.41 -23.41
CA GLU K 137 -40.03 -31.65 -24.87
C GLU K 137 -40.53 -30.37 -25.57
N GLY K 138 -39.97 -30.07 -26.75
CA GLY K 138 -40.30 -28.86 -27.53
C GLY K 138 -39.25 -28.54 -28.58
N HIS K 139 -37.96 -28.61 -28.20
CA HIS K 139 -36.80 -28.32 -29.10
C HIS K 139 -36.79 -29.31 -30.27
N GLU K 140 -36.31 -28.86 -31.44
CA GLU K 140 -36.32 -29.62 -32.72
C GLU K 140 -34.90 -29.84 -33.22
N HIS K 141 -33.90 -29.75 -32.34
CA HIS K 141 -32.48 -30.13 -32.62
C HIS K 141 -31.79 -30.44 -31.29
N PHE K 142 -30.48 -30.65 -31.30
CA PHE K 142 -29.67 -30.95 -30.09
C PHE K 142 -29.84 -29.78 -29.11
N VAL K 143 -30.05 -30.08 -27.83
CA VAL K 143 -29.92 -29.08 -26.72
C VAL K 143 -28.44 -29.05 -26.34
N MET K 144 -27.77 -27.91 -26.62
CA MET K 144 -26.31 -27.73 -26.50
C MET K 144 -25.94 -27.24 -25.10
N CYS K 145 -26.88 -26.57 -24.42
CA CYS K 145 -26.64 -25.86 -23.14
C CYS K 145 -27.94 -25.78 -22.33
N VAL K 146 -27.89 -26.16 -21.05
CA VAL K 146 -28.99 -26.00 -20.05
C VAL K 146 -28.42 -25.20 -18.88
N ALA K 147 -29.15 -24.17 -18.43
CA ALA K 147 -28.68 -23.18 -17.42
C ALA K 147 -29.85 -22.69 -16.57
N PHE K 148 -29.83 -23.00 -15.26
CA PHE K 148 -30.76 -22.44 -14.26
C PHE K 148 -30.60 -20.91 -14.26
N ASN K 149 -31.71 -20.18 -14.14
CA ASN K 149 -31.70 -18.73 -13.79
C ASN K 149 -31.24 -18.66 -12.34
N PRO K 150 -30.10 -18.00 -12.02
CA PRO K 150 -29.61 -17.94 -10.64
C PRO K 150 -30.50 -17.05 -9.76
N LYS K 151 -31.30 -16.17 -10.38
CA LYS K 151 -32.25 -15.26 -9.70
C LYS K 151 -33.61 -15.95 -9.49
N ASP K 152 -33.84 -17.08 -10.17
CA ASP K 152 -35.11 -17.88 -10.07
C ASP K 152 -34.86 -19.28 -10.64
N PRO K 153 -34.24 -20.20 -9.86
CA PRO K 153 -33.86 -21.52 -10.37
C PRO K 153 -35.03 -22.52 -10.46
N SER K 154 -36.25 -22.07 -10.19
CA SER K 154 -37.50 -22.79 -10.55
C SER K 154 -37.71 -22.68 -12.07
N THR K 155 -37.01 -21.74 -12.73
CA THR K 155 -36.93 -21.60 -14.20
C THR K 155 -35.49 -21.90 -14.66
N PHE K 156 -35.35 -22.35 -15.91
CA PHE K 156 -34.04 -22.64 -16.57
C PHE K 156 -34.18 -22.39 -18.08
N ALA K 157 -33.07 -22.04 -18.73
CA ALA K 157 -32.97 -21.80 -20.19
C ALA K 157 -32.21 -22.96 -20.85
N SER K 158 -32.67 -23.41 -22.02
CA SER K 158 -31.96 -24.40 -22.86
C SER K 158 -31.66 -23.77 -24.23
N GLY K 159 -30.38 -23.78 -24.62
CA GLY K 159 -29.88 -23.29 -25.93
C GLY K 159 -29.76 -24.42 -26.92
N CYS K 160 -30.27 -24.23 -28.15
CA CYS K 160 -30.54 -25.34 -29.10
C CYS K 160 -30.16 -24.96 -30.54
N LEU K 161 -29.68 -25.93 -31.31
CA LEU K 161 -29.29 -25.78 -32.74
C LEU K 161 -30.54 -25.65 -33.63
N ASP K 162 -31.74 -25.74 -33.03
CA ASP K 162 -33.02 -25.33 -33.70
C ASP K 162 -33.12 -23.79 -33.65
N ARG K 163 -32.06 -23.13 -33.19
CA ARG K 163 -31.81 -21.66 -33.33
C ARG K 163 -32.68 -20.89 -32.33
N THR K 164 -33.25 -21.59 -31.34
CA THR K 164 -34.09 -20.98 -30.27
C THR K 164 -33.46 -21.23 -28.91
N VAL K 165 -33.61 -20.27 -28.00
CA VAL K 165 -33.56 -20.47 -26.53
C VAL K 165 -35.01 -20.69 -26.07
N LYS K 166 -35.25 -21.72 -25.25
CA LYS K 166 -36.52 -21.93 -24.53
C LYS K 166 -36.26 -21.76 -23.03
N VAL K 167 -37.21 -21.13 -22.32
CA VAL K 167 -37.16 -20.92 -20.84
C VAL K 167 -38.36 -21.66 -20.24
N TRP K 168 -38.09 -22.62 -19.34
CA TRP K 168 -39.09 -23.57 -18.77
C TRP K 168 -39.24 -23.30 -17.27
N SER K 169 -40.41 -23.65 -16.70
CA SER K 169 -40.66 -23.74 -15.25
C SER K 169 -40.72 -25.23 -14.87
N LEU K 170 -40.04 -25.61 -13.78
CA LEU K 170 -40.05 -27.01 -13.26
C LEU K 170 -41.50 -27.40 -12.97
N GLY K 171 -41.94 -28.57 -13.46
CA GLY K 171 -43.30 -29.12 -13.25
C GLY K 171 -44.29 -28.67 -14.32
N GLN K 172 -43.82 -28.00 -15.38
CA GLN K 172 -44.65 -27.55 -16.53
C GLN K 172 -44.02 -28.05 -17.84
N SER K 173 -44.83 -28.62 -18.73
CA SER K 173 -44.41 -29.37 -19.95
C SER K 173 -44.18 -28.41 -21.12
N THR K 174 -44.91 -27.30 -21.20
CA THR K 174 -44.77 -26.26 -22.26
C THR K 174 -43.84 -25.16 -21.75
N PRO K 175 -42.95 -24.60 -22.59
CA PRO K 175 -42.06 -23.52 -22.17
C PRO K 175 -42.82 -22.26 -21.73
N ASN K 176 -42.23 -21.47 -20.82
CA ASN K 176 -42.72 -20.11 -20.47
C ASN K 176 -42.74 -19.27 -21.74
N PHE K 177 -41.67 -19.35 -22.55
CA PHE K 177 -41.55 -18.67 -23.86
C PHE K 177 -40.38 -19.25 -24.66
N THR K 178 -40.38 -19.02 -25.98
CA THR K 178 -39.33 -19.39 -26.95
C THR K 178 -38.76 -18.12 -27.58
N LEU K 179 -37.44 -17.90 -27.46
CA LEU K 179 -36.71 -16.74 -28.05
C LEU K 179 -36.15 -17.14 -29.42
N THR K 180 -36.69 -16.56 -30.50
CA THR K 180 -36.18 -16.70 -31.90
C THR K 180 -34.94 -15.81 -32.05
N THR K 181 -33.75 -16.41 -32.01
CA THR K 181 -32.44 -15.69 -31.86
C THR K 181 -32.04 -15.01 -33.17
N GLY K 182 -32.33 -15.64 -34.32
CA GLY K 182 -31.79 -15.21 -35.63
C GLY K 182 -30.32 -15.60 -35.78
N GLN K 183 -29.84 -16.51 -34.92
CA GLN K 183 -28.51 -17.16 -35.02
C GLN K 183 -28.70 -18.46 -35.79
N GLU K 184 -28.59 -18.40 -37.12
CA GLU K 184 -29.11 -19.43 -38.06
C GLU K 184 -28.23 -20.68 -38.02
N ARG K 185 -26.98 -20.56 -37.55
CA ARG K 185 -26.05 -21.73 -37.34
C ARG K 185 -26.23 -22.29 -35.93
N GLY K 186 -27.33 -21.95 -35.26
CA GLY K 186 -27.78 -22.58 -34.00
C GLY K 186 -27.37 -21.79 -32.77
N VAL K 187 -27.75 -22.29 -31.59
CA VAL K 187 -27.36 -21.74 -30.26
C VAL K 187 -26.54 -22.81 -29.54
N ASN K 188 -25.25 -22.52 -29.29
CA ASN K 188 -24.28 -23.44 -28.64
C ASN K 188 -24.35 -23.27 -27.12
N TYR K 189 -24.73 -22.08 -26.66
CA TYR K 189 -24.58 -21.64 -25.25
C TYR K 189 -25.65 -20.60 -24.88
N VAL K 190 -26.05 -20.59 -23.61
CA VAL K 190 -26.98 -19.60 -23.00
C VAL K 190 -26.57 -19.39 -21.54
N ASP K 191 -26.50 -18.14 -21.09
CA ASP K 191 -26.07 -17.75 -19.72
C ASP K 191 -26.92 -16.57 -19.25
N TYR K 192 -27.16 -16.47 -17.93
CA TYR K 192 -27.96 -15.41 -17.28
C TYR K 192 -27.03 -14.34 -16.69
N TYR K 193 -27.40 -13.07 -16.86
CA TYR K 193 -26.83 -11.91 -16.13
C TYR K 193 -27.20 -12.06 -14.66
N PRO K 194 -26.23 -12.24 -13.73
CA PRO K 194 -26.52 -12.70 -12.37
C PRO K 194 -27.10 -11.65 -11.41
N LEU K 195 -27.03 -10.36 -11.75
CA LEU K 195 -27.48 -9.24 -10.86
C LEU K 195 -28.91 -8.83 -11.22
N PRO K 196 -29.75 -8.50 -10.21
CA PRO K 196 -31.16 -8.15 -10.46
C PRO K 196 -31.49 -6.94 -11.34
N ASP K 197 -30.53 -6.04 -11.57
CA ASP K 197 -30.77 -4.71 -12.21
C ASP K 197 -31.28 -4.88 -13.65
N LYS K 198 -30.90 -5.95 -14.35
CA LYS K 198 -31.35 -6.25 -15.73
C LYS K 198 -31.82 -7.70 -15.84
N PRO K 199 -33.01 -7.96 -16.44
CA PRO K 199 -33.43 -9.32 -16.77
C PRO K 199 -32.83 -9.74 -18.13
N TYR K 200 -31.51 -9.94 -18.15
CA TYR K 200 -30.70 -10.17 -19.38
C TYR K 200 -30.18 -11.61 -19.39
N MET K 201 -30.10 -12.21 -20.58
CA MET K 201 -29.34 -13.45 -20.87
C MET K 201 -28.46 -13.21 -22.09
N ILE K 202 -27.63 -14.20 -22.46
CA ILE K 202 -26.63 -14.09 -23.57
C ILE K 202 -26.60 -15.42 -24.33
N THR K 203 -26.41 -15.35 -25.65
CA THR K 203 -26.38 -16.53 -26.58
C THR K 203 -25.14 -16.44 -27.48
N ALA K 204 -24.44 -17.58 -27.64
CA ALA K 204 -23.26 -17.75 -28.52
C ALA K 204 -23.62 -18.73 -29.64
N SER K 205 -23.04 -18.53 -30.83
CA SER K 205 -23.43 -19.26 -32.06
C SER K 205 -22.25 -19.45 -33.02
N ASP K 206 -22.33 -20.50 -33.83
CA ASP K 206 -21.41 -20.79 -34.96
C ASP K 206 -21.42 -19.65 -35.99
N ASP K 207 -22.48 -18.85 -36.03
CA ASP K 207 -22.66 -17.73 -37.01
C ASP K 207 -21.81 -16.51 -36.60
N LEU K 208 -20.96 -16.65 -35.57
CA LEU K 208 -19.87 -15.72 -35.18
C LEU K 208 -20.37 -14.65 -34.21
N THR K 209 -21.68 -14.61 -33.91
CA THR K 209 -22.33 -13.50 -33.16
C THR K 209 -22.57 -13.90 -31.70
N ILE K 210 -22.51 -12.90 -30.81
CA ILE K 210 -22.95 -12.97 -29.39
C ILE K 210 -24.09 -11.98 -29.21
N LYS K 211 -25.28 -12.45 -28.80
CA LYS K 211 -26.51 -11.62 -28.68
C LYS K 211 -26.96 -11.55 -27.22
N ILE K 212 -27.17 -10.32 -26.71
CA ILE K 212 -27.81 -10.03 -25.39
C ILE K 212 -29.32 -10.00 -25.61
N TRP K 213 -30.08 -10.64 -24.71
CA TRP K 213 -31.57 -10.73 -24.76
C TRP K 213 -32.17 -10.21 -23.46
N ASP K 214 -33.24 -9.42 -23.57
CA ASP K 214 -34.12 -9.02 -22.43
C ASP K 214 -35.24 -10.07 -22.34
N TYR K 215 -35.27 -10.86 -21.25
CA TYR K 215 -36.22 -11.99 -21.09
C TYR K 215 -37.57 -11.50 -20.54
N GLN K 216 -37.76 -10.17 -20.44
CA GLN K 216 -39.08 -9.54 -20.14
C GLN K 216 -39.69 -9.03 -21.44
N THR K 217 -39.01 -8.12 -22.14
CA THR K 217 -39.43 -7.51 -23.43
C THR K 217 -39.38 -8.56 -24.55
N LYS K 218 -38.52 -9.58 -24.40
CA LYS K 218 -38.32 -10.70 -25.36
C LYS K 218 -37.75 -10.14 -26.66
N SER K 219 -36.68 -9.32 -26.57
CA SER K 219 -36.04 -8.61 -27.71
C SER K 219 -34.52 -8.54 -27.52
N CYS K 220 -33.79 -8.41 -28.63
CA CYS K 220 -32.31 -8.28 -28.68
C CYS K 220 -31.90 -6.89 -28.18
N VAL K 221 -30.92 -6.83 -27.27
CA VAL K 221 -30.40 -5.58 -26.65
C VAL K 221 -29.14 -5.13 -27.41
N ALA K 222 -28.24 -6.07 -27.71
CA ALA K 222 -26.98 -5.82 -28.44
C ALA K 222 -26.51 -7.09 -29.15
N THR K 223 -25.84 -6.93 -30.30
CA THR K 223 -25.13 -8.00 -31.04
C THR K 223 -23.63 -7.70 -30.96
N LEU K 224 -22.88 -8.61 -30.33
CA LEU K 224 -21.41 -8.48 -30.11
C LEU K 224 -20.69 -9.31 -31.18
N GLU K 225 -19.94 -8.64 -32.07
CA GLU K 225 -19.17 -9.27 -33.17
C GLU K 225 -17.67 -9.00 -32.94
N GLY K 226 -16.91 -10.04 -32.58
CA GLY K 226 -15.47 -9.93 -32.29
C GLY K 226 -14.67 -11.21 -32.50
N HIS K 227 -15.31 -12.29 -32.95
CA HIS K 227 -14.67 -13.59 -33.25
C HIS K 227 -14.71 -13.86 -34.76
N MET K 228 -13.72 -14.58 -35.29
CA MET K 228 -13.61 -14.91 -36.75
C MET K 228 -13.97 -16.39 -36.98
N SER K 229 -14.42 -17.09 -35.93
CA SER K 229 -14.86 -18.51 -35.99
C SER K 229 -15.89 -18.79 -34.89
N ASN K 230 -16.39 -20.02 -34.83
CA ASN K 230 -17.55 -20.47 -34.00
C ASN K 230 -17.34 -20.04 -32.54
N VAL K 231 -18.30 -19.29 -31.99
CA VAL K 231 -18.28 -18.82 -30.57
C VAL K 231 -18.88 -19.93 -29.69
N SER K 232 -18.03 -20.65 -28.96
CA SER K 232 -18.36 -21.84 -28.14
C SER K 232 -19.22 -21.45 -26.92
N PHE K 233 -18.96 -20.27 -26.35
CA PHE K 233 -19.66 -19.76 -25.14
C PHE K 233 -19.56 -18.24 -25.04
N ALA K 234 -20.45 -17.67 -24.23
CA ALA K 234 -20.45 -16.27 -23.75
C ALA K 234 -21.11 -16.25 -22.37
N VAL K 235 -20.45 -15.66 -21.37
CA VAL K 235 -20.91 -15.67 -19.95
C VAL K 235 -20.74 -14.28 -19.34
N PHE K 236 -21.64 -13.93 -18.42
CA PHE K 236 -21.49 -12.77 -17.50
C PHE K 236 -20.65 -13.23 -16.30
N HIS K 237 -19.66 -12.43 -15.92
CA HIS K 237 -18.79 -12.70 -14.73
C HIS K 237 -19.63 -12.48 -13.47
N PRO K 238 -19.52 -13.36 -12.45
CA PRO K 238 -20.39 -13.28 -11.27
C PRO K 238 -20.30 -11.95 -10.51
N THR K 239 -19.09 -11.38 -10.40
CA THR K 239 -18.80 -10.13 -9.66
C THR K 239 -18.54 -8.97 -10.65
N LEU K 240 -17.46 -9.06 -11.42
CA LEU K 240 -16.97 -8.00 -12.34
C LEU K 240 -18.02 -7.70 -13.41
N PRO K 241 -18.12 -6.44 -13.89
CA PRO K 241 -19.11 -6.06 -14.90
C PRO K 241 -18.59 -6.31 -16.33
N ILE K 242 -18.17 -7.55 -16.60
CA ILE K 242 -17.53 -7.97 -17.89
C ILE K 242 -18.27 -9.17 -18.45
N ILE K 243 -18.23 -9.34 -19.78
CA ILE K 243 -18.66 -10.56 -20.51
C ILE K 243 -17.41 -11.28 -20.99
N ILE K 244 -17.36 -12.61 -20.81
CA ILE K 244 -16.25 -13.50 -21.26
C ILE K 244 -16.79 -14.43 -22.34
N SER K 245 -16.22 -14.37 -23.55
CA SER K 245 -16.59 -15.23 -24.70
C SER K 245 -15.38 -16.04 -25.15
N GLY K 246 -15.62 -17.29 -25.57
CA GLY K 246 -14.61 -18.21 -26.12
C GLY K 246 -15.05 -18.71 -27.49
N SER K 247 -14.08 -18.89 -28.40
CA SER K 247 -14.33 -19.18 -29.83
C SER K 247 -13.29 -20.17 -30.37
N GLU K 248 -13.63 -20.85 -31.46
CA GLU K 248 -12.75 -21.83 -32.16
C GLU K 248 -11.58 -21.06 -32.82
N ASP K 249 -11.69 -19.73 -32.92
CA ASP K 249 -10.56 -18.85 -33.36
C ASP K 249 -9.40 -18.99 -32.37
N GLY K 250 -9.65 -19.58 -31.19
CA GLY K 250 -8.64 -19.91 -30.17
C GLY K 250 -8.43 -18.76 -29.21
N THR K 251 -9.35 -17.80 -29.22
CA THR K 251 -9.28 -16.49 -28.50
C THR K 251 -10.34 -16.49 -27.39
N LEU K 252 -9.99 -15.95 -26.23
CA LEU K 252 -10.97 -15.47 -25.20
C LEU K 252 -11.12 -13.96 -25.37
N LYS K 253 -12.34 -13.44 -25.16
CA LYS K 253 -12.65 -12.00 -25.35
C LYS K 253 -13.38 -11.47 -24.10
N ILE K 254 -12.82 -10.47 -23.45
CA ILE K 254 -13.42 -9.76 -22.28
C ILE K 254 -14.10 -8.48 -22.80
N TRP K 255 -15.43 -8.42 -22.69
CA TRP K 255 -16.27 -7.26 -23.08
C TRP K 255 -16.69 -6.51 -21.81
N ASN K 256 -16.91 -5.19 -21.93
CA ASN K 256 -17.56 -4.35 -20.89
C ASN K 256 -19.08 -4.59 -20.97
N SER K 257 -19.68 -5.08 -19.88
CA SER K 257 -21.07 -5.59 -19.84
C SER K 257 -22.10 -4.45 -20.01
N SER K 258 -21.67 -3.18 -19.96
CA SER K 258 -22.53 -1.99 -20.15
C SER K 258 -22.42 -1.49 -21.60
N THR K 259 -21.23 -1.05 -22.01
CA THR K 259 -20.94 -0.44 -23.34
C THR K 259 -20.87 -1.50 -24.44
N TYR K 260 -20.47 -2.74 -24.08
CA TYR K 260 -20.21 -3.87 -25.00
C TYR K 260 -18.97 -3.57 -25.86
N LYS K 261 -18.04 -2.78 -25.33
CA LYS K 261 -16.69 -2.55 -25.89
C LYS K 261 -15.78 -3.69 -25.44
N VAL K 262 -14.86 -4.13 -26.31
CA VAL K 262 -13.81 -5.13 -25.98
C VAL K 262 -12.74 -4.43 -25.11
N GLU K 263 -12.50 -4.97 -23.90
CA GLU K 263 -11.49 -4.46 -22.95
C GLU K 263 -10.14 -5.12 -23.25
N LYS K 264 -10.15 -6.41 -23.61
CA LYS K 264 -8.92 -7.19 -23.94
C LYS K 264 -9.29 -8.46 -24.72
N THR K 265 -8.42 -8.87 -25.64
CA THR K 265 -8.41 -10.19 -26.31
C THR K 265 -7.23 -11.00 -25.76
N LEU K 266 -7.45 -12.29 -25.48
CA LEU K 266 -6.41 -13.20 -24.94
C LEU K 266 -6.15 -14.34 -25.94
N ASN K 267 -4.97 -14.31 -26.56
CA ASN K 267 -4.48 -15.37 -27.49
C ASN K 267 -3.79 -16.44 -26.63
N VAL K 268 -4.60 -17.23 -25.91
CA VAL K 268 -4.20 -18.21 -24.86
C VAL K 268 -3.16 -19.19 -25.43
N GLY K 269 -3.33 -19.61 -26.69
CA GLY K 269 -2.38 -20.48 -27.42
C GLY K 269 -2.58 -21.95 -27.10
N LEU K 270 -3.83 -22.38 -26.92
CA LEU K 270 -4.25 -23.79 -26.70
C LEU K 270 -5.22 -24.20 -27.82
N GLU K 271 -5.24 -23.44 -28.92
CA GLU K 271 -6.14 -23.63 -30.10
C GLU K 271 -7.60 -23.48 -29.66
N ARG K 272 -8.55 -24.18 -30.29
CA ARG K 272 -10.01 -23.88 -30.24
C ARG K 272 -10.53 -23.97 -28.78
N SER K 273 -11.21 -22.91 -28.33
CA SER K 273 -11.88 -22.82 -27.00
C SER K 273 -13.25 -23.51 -27.07
N TRP K 274 -13.59 -24.30 -26.04
CA TRP K 274 -14.83 -25.12 -25.99
C TRP K 274 -15.71 -24.74 -24.79
N CYS K 275 -15.14 -24.70 -23.58
CA CYS K 275 -15.90 -24.50 -22.31
C CYS K 275 -15.27 -23.39 -21.46
N ILE K 276 -16.08 -22.82 -20.57
CA ILE K 276 -15.76 -21.69 -19.66
C ILE K 276 -16.31 -22.01 -18.27
N ALA K 277 -15.66 -21.50 -17.23
CA ALA K 277 -16.14 -21.54 -15.83
C ALA K 277 -15.68 -20.27 -15.09
N THR K 278 -16.46 -19.85 -14.10
CA THR K 278 -16.22 -18.65 -13.26
C THR K 278 -16.39 -19.07 -11.79
N HIS K 279 -15.45 -18.71 -10.92
CA HIS K 279 -15.47 -19.10 -9.49
C HIS K 279 -16.78 -18.62 -8.87
N PRO K 280 -17.58 -19.53 -8.25
CA PRO K 280 -18.93 -19.18 -7.79
C PRO K 280 -18.97 -17.99 -6.82
N THR K 281 -17.99 -17.90 -5.92
CA THR K 281 -17.86 -16.82 -4.89
C THR K 281 -17.18 -15.60 -5.50
N GLY K 282 -16.44 -15.79 -6.60
CA GLY K 282 -15.61 -14.76 -7.23
C GLY K 282 -14.27 -14.60 -6.53
N ARG K 283 -13.74 -15.69 -5.96
CA ARG K 283 -12.40 -15.73 -5.30
C ARG K 283 -11.34 -15.33 -6.32
N LYS K 284 -10.67 -14.20 -6.09
CA LYS K 284 -9.62 -13.61 -6.98
C LYS K 284 -10.19 -13.45 -8.41
N ASN K 285 -11.52 -13.35 -8.53
CA ASN K 285 -12.25 -13.24 -9.83
C ASN K 285 -11.78 -14.33 -10.80
N TYR K 286 -11.45 -15.52 -10.28
CA TYR K 286 -10.90 -16.68 -11.04
C TYR K 286 -11.84 -17.04 -12.20
N ILE K 287 -11.26 -17.33 -13.36
CA ILE K 287 -11.97 -17.92 -14.54
C ILE K 287 -11.10 -19.04 -15.13
N ALA K 288 -11.73 -20.06 -15.71
CA ALA K 288 -11.06 -21.23 -16.36
C ALA K 288 -11.74 -21.53 -17.69
N SER K 289 -10.95 -21.74 -18.75
CA SER K 289 -11.41 -22.15 -20.10
C SER K 289 -10.73 -23.45 -20.51
N GLY K 290 -11.50 -24.37 -21.11
CA GLY K 290 -11.02 -25.65 -21.65
C GLY K 290 -10.93 -25.62 -23.16
N PHE K 291 -9.81 -26.05 -23.73
CA PHE K 291 -9.45 -25.91 -25.16
C PHE K 291 -9.08 -27.28 -25.75
N ASP K 292 -8.67 -27.27 -27.03
CA ASP K 292 -8.09 -28.42 -27.78
C ASP K 292 -6.89 -29.01 -27.04
N ASN K 293 -5.98 -28.16 -26.57
CA ASN K 293 -4.62 -28.55 -26.11
C ASN K 293 -4.48 -28.38 -24.59
N GLY K 294 -5.60 -28.25 -23.86
CA GLY K 294 -5.62 -28.24 -22.38
C GLY K 294 -6.54 -27.18 -21.81
N PHE K 295 -6.23 -26.65 -20.63
CA PHE K 295 -7.00 -25.57 -19.95
C PHE K 295 -6.05 -24.53 -19.35
N THR K 296 -6.55 -23.30 -19.17
CA THR K 296 -5.87 -22.19 -18.46
C THR K 296 -6.78 -21.68 -17.34
N VAL K 297 -6.19 -21.33 -16.19
CA VAL K 297 -6.88 -20.69 -15.03
C VAL K 297 -6.31 -19.28 -14.87
N LEU K 298 -7.14 -18.25 -15.11
CA LEU K 298 -6.76 -16.82 -15.01
C LEU K 298 -7.37 -16.21 -13.73
N SER K 299 -6.69 -15.22 -13.14
CA SER K 299 -7.20 -14.35 -12.06
C SER K 299 -7.21 -12.90 -12.55
N LEU K 300 -8.36 -12.22 -12.44
CA LEU K 300 -8.57 -10.82 -12.90
C LEU K 300 -8.46 -9.87 -11.70
N GLY K 301 -7.99 -8.64 -11.94
CA GLY K 301 -7.78 -7.60 -10.91
C GLY K 301 -9.07 -6.84 -10.59
N ASN K 302 -9.22 -6.41 -9.34
CA ASN K 302 -10.39 -5.63 -8.84
C ASN K 302 -10.34 -4.22 -9.42
N MET L 1 3.00 64.27 36.31
CA MET L 1 3.17 65.76 36.32
C MET L 1 1.94 66.41 36.96
N LYS L 2 2.15 67.10 38.09
CA LYS L 2 1.11 67.95 38.75
C LYS L 2 1.19 69.36 38.16
N LEU L 3 0.16 69.77 37.41
CA LEU L 3 0.05 71.13 36.82
C LEU L 3 -0.99 71.94 37.62
N ASP L 4 -0.51 72.92 38.38
CA ASP L 4 -1.32 73.83 39.22
C ASP L 4 -1.46 75.17 38.47
N ILE L 5 -2.32 75.20 37.45
CA ILE L 5 -2.56 76.38 36.56
C ILE L 5 -3.37 77.42 37.35
N LYS L 6 -2.88 78.65 37.44
CA LYS L 6 -3.59 79.82 38.02
C LYS L 6 -3.70 80.92 36.97
N LYS L 7 -4.89 81.53 36.83
CA LYS L 7 -5.13 82.73 35.99
C LYS L 7 -4.64 83.97 36.73
N THR L 8 -3.47 84.49 36.36
CA THR L 8 -2.83 85.68 36.99
C THR L 8 -3.58 86.94 36.57
N PHE L 9 -3.91 87.08 35.28
CA PHE L 9 -4.54 88.30 34.71
C PHE L 9 -5.06 88.01 33.29
N SER L 10 -6.32 88.38 33.03
CA SER L 10 -6.98 88.36 31.70
C SER L 10 -7.50 89.77 31.39
N ASN L 11 -7.12 90.33 30.23
CA ASN L 11 -7.51 91.69 29.78
C ASN L 11 -8.20 91.56 28.41
N ARG L 12 -9.40 92.14 28.29
CA ARG L 12 -10.19 92.19 27.02
C ARG L 12 -9.67 93.34 26.15
N SER L 13 -9.52 93.11 24.85
CA SER L 13 -8.99 94.11 23.88
C SER L 13 -9.24 93.68 22.44
N ASP L 14 -8.80 94.51 21.50
CA ASP L 14 -8.64 94.19 20.06
C ASP L 14 -7.64 93.03 19.92
N ARG L 15 -7.63 92.39 18.75
CA ARG L 15 -6.81 91.18 18.45
C ARG L 15 -5.35 91.42 18.86
N VAL L 16 -4.75 90.48 19.59
CA VAL L 16 -3.34 90.53 20.07
C VAL L 16 -2.51 89.61 19.18
N LYS L 17 -1.63 90.18 18.35
CA LYS L 17 -0.77 89.46 17.36
C LYS L 17 0.62 89.22 17.94
N GLY L 18 1.12 90.10 18.83
CA GLY L 18 2.42 89.97 19.49
C GLY L 18 2.27 89.99 21.01
N ILE L 19 3.17 89.30 21.73
CA ILE L 19 3.18 89.28 23.23
C ILE L 19 4.58 88.87 23.72
N ASP L 20 5.11 89.61 24.70
CA ASP L 20 6.49 89.45 25.23
C ASP L 20 6.53 89.85 26.70
N PHE L 21 7.18 89.03 27.53
CA PHE L 21 7.39 89.24 29.00
C PHE L 21 8.62 90.11 29.24
N HIS L 22 8.50 91.13 30.10
CA HIS L 22 9.63 91.90 30.66
C HIS L 22 10.38 91.01 31.65
N PRO L 23 11.73 90.94 31.58
CA PRO L 23 12.48 90.01 32.41
C PRO L 23 12.52 90.34 33.91
N THR L 24 12.50 91.63 34.28
CA THR L 24 12.75 92.13 35.66
C THR L 24 11.59 92.99 36.19
N GLU L 25 10.53 93.19 35.41
CA GLU L 25 9.29 93.90 35.83
C GLU L 25 8.10 92.99 35.54
N PRO L 26 7.05 92.96 36.39
CA PRO L 26 5.88 92.12 36.13
C PRO L 26 5.01 92.70 35.00
N TRP L 27 5.61 92.97 33.84
CA TRP L 27 4.95 93.58 32.66
C TRP L 27 4.80 92.55 31.54
N VAL L 28 3.76 92.71 30.72
CA VAL L 28 3.64 92.03 29.39
C VAL L 28 3.38 93.11 28.34
N LEU L 29 4.12 93.04 27.22
CA LEU L 29 3.92 93.89 26.02
C LEU L 29 2.86 93.19 25.15
N THR L 30 1.86 93.94 24.67
CA THR L 30 0.87 93.44 23.69
C THR L 30 0.92 94.35 22.46
N THR L 31 0.70 93.74 21.30
CA THR L 31 0.95 94.30 19.96
C THR L 31 -0.32 93.98 19.16
N LEU L 32 -1.14 95.00 18.89
CA LEU L 32 -2.57 94.82 18.49
C LEU L 32 -2.76 95.05 16.99
N TYR L 33 -3.85 94.51 16.47
CA TYR L 33 -4.25 94.49 15.03
C TYR L 33 -4.79 95.87 14.63
N SER L 34 -5.20 96.66 15.63
CA SER L 34 -5.71 98.04 15.50
C SER L 34 -4.56 99.05 15.31
N GLY L 35 -3.30 98.61 15.44
CA GLY L 35 -2.11 99.49 15.36
C GLY L 35 -1.75 100.08 16.71
N ARG L 36 -2.37 99.56 17.78
CA ARG L 36 -2.11 99.97 19.19
C ARG L 36 -1.05 99.02 19.78
N VAL L 37 -0.30 99.48 20.77
CA VAL L 37 0.60 98.64 21.61
C VAL L 37 0.30 98.99 23.07
N GLU L 38 0.21 97.98 23.94
CA GLU L 38 -0.17 98.15 25.36
C GLU L 38 0.87 97.48 26.26
N LEU L 39 1.25 98.18 27.34
CA LEU L 39 2.17 97.72 28.40
C LEU L 39 1.34 97.54 29.68
N TRP L 40 1.15 96.30 30.14
CA TRP L 40 0.27 95.95 31.29
C TRP L 40 1.08 95.30 32.42
N ASN L 41 0.94 95.82 33.64
CA ASN L 41 1.41 95.15 34.88
C ASN L 41 0.37 94.10 35.25
N TYR L 42 0.69 92.81 35.10
CA TYR L 42 -0.24 91.67 35.23
C TYR L 42 -0.39 91.25 36.71
N GLU L 43 0.41 91.83 37.61
CA GLU L 43 0.30 91.60 39.07
C GLU L 43 -0.63 92.66 39.66
N THR L 44 -0.38 93.95 39.37
CA THR L 44 -1.17 95.11 39.85
C THR L 44 -2.46 95.24 39.01
N GLN L 45 -2.49 94.65 37.81
CA GLN L 45 -3.61 94.73 36.83
C GLN L 45 -3.83 96.19 36.41
N VAL L 46 -2.75 96.95 36.23
CA VAL L 46 -2.77 98.39 35.83
C VAL L 46 -1.98 98.55 34.53
N GLU L 47 -2.49 99.38 33.61
CA GLU L 47 -1.86 99.71 32.30
C GLU L 47 -0.63 100.60 32.56
N VAL L 48 0.56 100.07 32.25
CA VAL L 48 1.87 100.79 32.41
C VAL L 48 1.96 101.88 31.34
N ARG L 49 1.67 101.54 30.09
CA ARG L 49 1.75 102.49 28.93
C ARG L 49 0.93 101.92 27.76
N SER L 50 0.32 102.80 26.97
CA SER L 50 -0.36 102.48 25.69
C SER L 50 0.02 103.53 24.64
N ILE L 51 0.16 103.11 23.38
CA ILE L 51 0.60 103.96 22.23
C ILE L 51 -0.17 103.50 20.99
N GLN L 52 -0.79 104.44 20.25
CA GLN L 52 -1.29 104.22 18.88
C GLN L 52 -0.12 104.45 17.92
N VAL L 53 0.59 103.37 17.55
CA VAL L 53 1.85 103.42 16.77
C VAL L 53 1.52 103.70 15.29
N THR L 54 0.45 103.09 14.77
CA THR L 54 0.03 103.20 13.34
C THR L 54 -1.46 102.91 13.22
N GLU L 55 -1.95 102.73 11.99
CA GLU L 55 -3.34 102.32 11.67
C GLU L 55 -3.36 100.83 11.32
N THR L 56 -2.29 100.32 10.72
CA THR L 56 -2.15 98.91 10.26
C THR L 56 -1.97 98.01 11.48
N PRO L 57 -2.11 96.68 11.33
CA PRO L 57 -1.70 95.73 12.37
C PRO L 57 -0.23 95.87 12.79
N VAL L 58 0.04 95.65 14.07
CA VAL L 58 1.41 95.45 14.63
C VAL L 58 1.49 93.98 15.05
N ARG L 59 2.15 93.16 14.24
CA ARG L 59 2.14 91.67 14.35
C ARG L 59 3.29 91.17 15.24
N ALA L 60 4.35 91.98 15.40
CA ALA L 60 5.58 91.61 16.13
C ALA L 60 5.89 92.67 17.19
N GLY L 61 6.27 92.24 18.39
CA GLY L 61 6.63 93.10 19.53
C GLY L 61 7.58 92.40 20.47
N LYS L 62 8.67 93.07 20.86
CA LYS L 62 9.66 92.55 21.84
C LYS L 62 10.13 93.68 22.76
N PHE L 63 10.39 93.35 24.02
CA PHE L 63 11.18 94.18 24.98
C PHE L 63 12.66 94.11 24.59
N ILE L 64 13.32 95.27 24.59
CA ILE L 64 14.80 95.41 24.69
C ILE L 64 15.09 96.15 26.00
N ALA L 65 15.08 95.40 27.11
CA ALA L 65 15.09 95.91 28.50
C ALA L 65 16.43 96.57 28.83
N ARG L 66 17.52 96.15 28.18
CA ARG L 66 18.89 96.67 28.42
C ARG L 66 18.99 98.13 27.96
N LYS L 67 18.08 98.59 27.10
CA LYS L 67 17.99 99.99 26.62
C LYS L 67 16.70 100.66 27.13
N ASN L 68 15.87 99.91 27.88
CA ASN L 68 14.52 100.33 28.35
C ASN L 68 13.64 100.59 27.12
N TRP L 69 13.74 99.72 26.12
CA TRP L 69 13.06 99.86 24.80
C TRP L 69 11.94 98.82 24.68
N ILE L 70 10.93 99.13 23.86
CA ILE L 70 10.10 98.12 23.13
C ILE L 70 10.41 98.33 21.64
N ILE L 71 10.53 97.23 20.88
CA ILE L 71 10.65 97.25 19.39
C ILE L 71 9.42 96.55 18.82
N VAL L 72 8.77 97.16 17.83
CA VAL L 72 7.47 96.70 17.26
C VAL L 72 7.52 96.84 15.73
N GLY L 73 7.05 95.80 15.03
CA GLY L 73 6.94 95.75 13.55
C GLY L 73 5.50 95.79 13.10
N SER L 74 5.22 96.47 11.98
CA SER L 74 3.86 96.86 11.54
C SER L 74 3.66 96.59 10.05
N ASP L 75 2.41 96.33 9.64
CA ASP L 75 2.01 95.99 8.25
C ASP L 75 2.34 97.14 7.29
N ASP L 76 2.51 98.37 7.81
CA ASP L 76 2.92 99.58 7.05
C ASP L 76 4.43 99.58 6.77
N PHE L 77 5.10 98.43 6.95
CA PHE L 77 6.50 98.13 6.52
C PHE L 77 7.53 98.54 7.58
N ARG L 78 7.09 99.10 8.72
CA ARG L 78 7.95 99.95 9.58
C ARG L 78 8.33 99.22 10.87
N ILE L 79 9.61 99.32 11.24
CA ILE L 79 10.14 98.91 12.58
C ILE L 79 10.30 100.21 13.39
N ARG L 80 9.69 100.25 14.58
CA ARG L 80 9.68 101.43 15.47
C ARG L 80 10.15 101.00 16.86
N VAL L 81 10.84 101.90 17.56
CA VAL L 81 11.34 101.67 18.95
C VAL L 81 10.87 102.84 19.82
N PHE L 82 10.38 102.51 21.01
CA PHE L 82 9.91 103.48 22.03
C PHE L 82 10.59 103.16 23.37
N ASN L 83 11.11 104.20 24.03
CA ASN L 83 11.57 104.14 25.45
C ASN L 83 10.31 104.05 26.33
N TYR L 84 10.12 102.92 27.02
CA TYR L 84 8.85 102.59 27.73
C TYR L 84 8.73 103.37 29.06
N ASN L 85 9.80 104.05 29.48
CA ASN L 85 9.82 104.91 30.70
C ASN L 85 9.34 106.32 30.36
N THR L 86 9.72 106.83 29.18
CA THR L 86 9.47 108.24 28.73
C THR L 86 8.41 108.29 27.63
N GLY L 87 8.24 107.21 26.87
CA GLY L 87 7.33 107.16 25.70
C GLY L 87 7.94 107.86 24.48
N GLU L 88 9.22 108.24 24.56
CA GLU L 88 9.98 108.86 23.44
C GLU L 88 10.15 107.82 22.32
N LYS L 89 9.79 108.16 21.08
CA LYS L 89 10.08 107.32 19.89
C LYS L 89 11.57 107.45 19.57
N VAL L 90 12.31 106.33 19.70
CA VAL L 90 13.79 106.28 19.55
C VAL L 90 14.14 106.35 18.05
N VAL L 91 13.53 105.49 17.25
CA VAL L 91 13.77 105.40 15.77
C VAL L 91 12.48 104.94 15.08
N ASP L 92 12.36 105.27 13.79
CA ASP L 92 11.19 104.93 12.94
C ASP L 92 11.68 104.88 11.49
N PHE L 93 11.84 103.68 10.93
CA PHE L 93 12.45 103.44 9.58
C PHE L 93 11.66 102.36 8.84
N GLU L 94 11.58 102.50 7.51
CA GLU L 94 11.06 101.45 6.59
C GLU L 94 12.06 100.29 6.58
N ALA L 95 11.63 99.10 7.01
CA ALA L 95 12.47 97.90 7.18
C ALA L 95 12.31 96.96 5.97
N HIS L 96 11.11 96.91 5.38
CA HIS L 96 10.74 96.00 4.27
C HIS L 96 9.75 96.69 3.34
N PRO L 97 9.57 96.22 2.08
CA PRO L 97 8.44 96.65 1.26
C PRO L 97 7.20 95.75 1.40
N ASP L 98 6.96 95.19 2.60
CA ASP L 98 5.77 94.35 2.89
C ASP L 98 5.61 94.20 4.42
N TYR L 99 4.61 93.42 4.85
CA TYR L 99 4.26 93.17 6.29
C TYR L 99 5.47 92.59 7.02
N ILE L 100 5.66 92.99 8.28
CA ILE L 100 6.67 92.36 9.19
C ILE L 100 5.93 91.37 10.09
N ARG L 101 6.23 90.07 9.95
CA ARG L 101 5.56 88.99 10.70
C ARG L 101 6.17 88.85 12.10
N SER L 102 7.51 88.73 12.17
CA SER L 102 8.24 88.33 13.41
C SER L 102 9.48 89.22 13.63
N ILE L 103 9.71 89.61 14.90
CA ILE L 103 10.96 90.29 15.36
C ILE L 103 11.56 89.45 16.49
N ALA L 104 12.86 89.12 16.38
CA ALA L 104 13.67 88.49 17.45
C ALA L 104 14.83 89.42 17.81
N VAL L 105 15.22 89.43 19.09
CA VAL L 105 16.35 90.24 19.63
C VAL L 105 17.46 89.28 20.06
N HIS L 106 18.69 89.50 19.56
CA HIS L 106 19.91 88.77 19.95
C HIS L 106 20.08 88.88 21.46
N PRO L 107 20.26 87.76 22.20
CA PRO L 107 20.31 87.81 23.66
C PRO L 107 21.43 88.63 24.30
N THR L 108 22.48 88.99 23.55
CA THR L 108 23.73 89.62 24.08
C THR L 108 24.19 90.77 23.17
N LYS L 109 24.12 90.61 21.85
CA LYS L 109 24.63 91.59 20.84
C LYS L 109 23.51 92.57 20.49
N PRO L 110 23.85 93.79 20.00
CA PRO L 110 22.85 94.83 19.75
C PRO L 110 22.17 94.64 18.39
N TYR L 111 21.77 93.39 18.11
CA TYR L 111 21.23 92.95 16.80
C TYR L 111 19.73 92.62 16.96
N VAL L 112 18.94 92.99 15.95
CA VAL L 112 17.50 92.65 15.85
C VAL L 112 17.28 92.03 14.46
N LEU L 113 16.57 90.90 14.41
CA LEU L 113 16.11 90.24 13.17
C LEU L 113 14.65 90.61 12.94
N SER L 114 14.24 90.72 11.67
CA SER L 114 12.83 90.90 11.25
C SER L 114 12.53 89.95 10.10
N GLY L 115 11.44 89.16 10.23
CA GLY L 115 10.91 88.27 9.17
C GLY L 115 9.75 88.95 8.47
N SER L 116 9.69 88.87 7.14
CA SER L 116 8.75 89.68 6.32
C SER L 116 8.13 88.88 5.17
N ASP L 117 6.97 89.34 4.70
CA ASP L 117 6.27 88.86 3.49
C ASP L 117 7.09 89.18 2.24
N ASP L 118 8.18 89.95 2.38
CA ASP L 118 9.11 90.30 1.27
C ASP L 118 10.07 89.13 0.99
N LEU L 119 9.86 87.98 1.65
CA LEU L 119 10.56 86.68 1.42
C LEU L 119 11.90 86.63 2.16
N THR L 120 12.28 87.68 2.90
CA THR L 120 13.63 87.88 3.49
C THR L 120 13.55 87.91 5.02
N VAL L 121 14.70 87.65 5.66
CA VAL L 121 15.02 88.05 7.06
C VAL L 121 16.10 89.12 6.96
N LYS L 122 16.02 90.17 7.79
CA LYS L 122 16.99 91.31 7.77
C LYS L 122 17.56 91.50 9.18
N LEU L 123 18.85 91.84 9.25
CA LEU L 123 19.61 92.05 10.51
C LEU L 123 19.92 93.55 10.66
N TRP L 124 19.42 94.17 11.73
CA TRP L 124 19.65 95.59 12.07
C TRP L 124 20.55 95.68 13.29
N ASN L 125 21.53 96.59 13.26
CA ASN L 125 22.55 96.80 14.32
C ASN L 125 22.32 98.18 14.94
N TRP L 126 21.67 98.23 16.11
CA TRP L 126 21.24 99.50 16.77
C TRP L 126 22.45 100.26 17.32
N GLU L 127 23.60 99.59 17.50
CA GLU L 127 24.88 100.24 17.87
C GLU L 127 25.58 100.80 16.61
N ASN L 128 25.00 100.58 15.43
CA ASN L 128 25.45 101.16 14.14
C ASN L 128 24.29 101.99 13.54
N ASN L 129 23.60 102.75 14.39
CA ASN L 129 22.51 103.69 14.00
C ASN L 129 21.44 102.95 13.18
N TRP L 130 21.13 101.71 13.59
CA TRP L 130 20.08 100.84 12.99
C TRP L 130 20.38 100.55 11.51
N ALA L 131 21.66 100.38 11.17
CA ALA L 131 22.12 100.04 9.80
C ALA L 131 21.69 98.62 9.46
N LEU L 132 21.28 98.38 8.21
CA LEU L 132 21.04 97.03 7.65
C LEU L 132 22.41 96.39 7.38
N GLU L 133 22.75 95.33 8.13
CA GLU L 133 24.07 94.66 8.10
C GLU L 133 24.04 93.44 7.19
N GLN L 134 22.88 92.78 7.07
CA GLN L 134 22.69 91.59 6.20
C GLN L 134 21.20 91.37 5.89
N THR L 135 20.90 91.06 4.63
CA THR L 135 19.60 90.51 4.17
C THR L 135 19.80 89.03 3.82
N PHE L 136 18.97 88.16 4.40
CA PHE L 136 19.01 86.67 4.22
C PHE L 136 17.95 86.27 3.19
N GLU L 137 18.36 86.20 1.92
CA GLU L 137 17.50 85.83 0.77
C GLU L 137 17.60 84.32 0.54
N GLY L 138 16.49 83.66 0.21
CA GLY L 138 16.42 82.20 0.02
C GLY L 138 14.99 81.67 0.05
N HIS L 139 14.18 82.09 1.03
CA HIS L 139 12.77 81.66 1.22
C HIS L 139 11.92 82.07 0.01
N GLU L 140 10.86 81.31 -0.26
CA GLU L 140 10.02 81.45 -1.49
C GLU L 140 8.60 81.92 -1.13
N HIS L 141 8.32 82.20 0.14
CA HIS L 141 7.02 82.76 0.62
C HIS L 141 7.27 83.61 1.87
N PHE L 142 6.20 83.96 2.59
CA PHE L 142 6.24 84.89 3.76
C PHE L 142 7.10 84.25 4.84
N VAL L 143 8.04 85.02 5.40
CA VAL L 143 8.82 84.62 6.60
C VAL L 143 7.97 84.96 7.82
N MET L 144 7.40 83.93 8.47
CA MET L 144 6.30 84.02 9.47
C MET L 144 6.87 84.09 10.89
N CYS L 145 8.08 83.57 11.12
CA CYS L 145 8.69 83.45 12.46
C CYS L 145 10.23 83.43 12.35
N VAL L 146 10.91 84.19 13.22
CA VAL L 146 12.39 84.24 13.34
C VAL L 146 12.74 84.02 14.82
N ALA L 147 13.74 83.19 15.09
CA ALA L 147 14.17 82.80 16.46
C ALA L 147 15.66 82.43 16.46
N PHE L 148 16.47 83.22 17.16
CA PHE L 148 17.88 82.87 17.49
C PHE L 148 17.88 81.52 18.21
N ASN L 149 18.86 80.66 17.90
CA ASN L 149 19.18 79.47 18.73
C ASN L 149 19.67 79.99 20.08
N PRO L 150 18.93 79.77 21.19
CA PRO L 150 19.32 80.32 22.49
C PRO L 150 20.61 79.73 23.06
N LYS L 151 21.07 78.60 22.50
CA LYS L 151 22.33 77.92 22.87
C LYS L 151 23.46 78.37 21.94
N ASP L 152 23.14 79.05 20.83
CA ASP L 152 24.12 79.57 19.83
C ASP L 152 23.46 80.66 18.98
N PRO L 153 23.38 81.92 19.48
CA PRO L 153 22.70 82.99 18.75
C PRO L 153 23.48 83.61 17.58
N SER L 154 24.62 83.02 17.21
CA SER L 154 25.31 83.26 15.91
C SER L 154 24.53 82.56 14.79
N THR L 155 23.57 81.70 15.17
CA THR L 155 22.64 80.97 14.26
C THR L 155 21.19 81.29 14.65
N PHE L 156 20.29 81.28 13.67
CA PHE L 156 18.82 81.46 13.88
C PHE L 156 18.06 80.59 12.87
N ALA L 157 16.83 80.20 13.25
CA ALA L 157 15.85 79.49 12.39
C ALA L 157 14.84 80.51 11.85
N SER L 158 14.30 80.27 10.66
CA SER L 158 13.22 81.07 10.05
C SER L 158 12.13 80.13 9.52
N GLY L 159 10.91 80.24 10.05
CA GLY L 159 9.72 79.50 9.61
C GLY L 159 8.99 80.27 8.52
N CYS L 160 8.63 79.58 7.43
CA CYS L 160 8.18 80.20 6.17
C CYS L 160 6.98 79.43 5.59
N LEU L 161 6.06 80.13 4.92
CA LEU L 161 4.88 79.53 4.23
C LEU L 161 5.35 78.73 3.01
N ASP L 162 6.62 78.86 2.59
CA ASP L 162 7.22 78.00 1.53
C ASP L 162 7.34 76.56 2.06
N ARG L 163 6.93 76.31 3.31
CA ARG L 163 6.79 74.97 3.94
C ARG L 163 8.17 74.43 4.35
N THR L 164 9.17 75.31 4.48
CA THR L 164 10.54 74.95 4.95
C THR L 164 10.83 75.71 6.24
N VAL L 165 11.87 75.27 6.97
CA VAL L 165 12.61 76.07 7.98
C VAL L 165 14.06 76.17 7.52
N LYS L 166 14.56 77.39 7.29
CA LYS L 166 15.98 77.66 6.94
C LYS L 166 16.71 78.12 8.20
N VAL L 167 17.80 77.43 8.56
CA VAL L 167 18.73 77.80 9.66
C VAL L 167 19.94 78.49 9.02
N TRP L 168 20.29 79.68 9.54
CA TRP L 168 21.37 80.55 9.01
C TRP L 168 22.40 80.81 10.11
N SER L 169 23.62 81.20 9.71
CA SER L 169 24.65 81.80 10.58
C SER L 169 24.79 83.28 10.21
N LEU L 170 25.00 84.14 11.21
CA LEU L 170 25.16 85.61 11.01
C LEU L 170 26.47 85.86 10.24
N GLY L 171 26.39 86.51 9.08
CA GLY L 171 27.54 86.84 8.22
C GLY L 171 27.67 85.88 7.05
N GLN L 172 26.85 84.82 7.00
CA GLN L 172 26.84 83.81 5.91
C GLN L 172 25.57 83.99 5.07
N SER L 173 25.73 84.16 3.75
CA SER L 173 24.68 84.57 2.79
C SER L 173 23.74 83.40 2.46
N THR L 174 24.24 82.17 2.49
CA THR L 174 23.47 80.93 2.20
C THR L 174 23.19 80.20 3.52
N PRO L 175 22.03 79.53 3.67
CA PRO L 175 21.68 78.85 4.91
C PRO L 175 22.62 77.67 5.23
N ASN L 176 22.78 77.34 6.51
CA ASN L 176 23.45 76.11 7.00
C ASN L 176 22.73 74.89 6.39
N PHE L 177 21.40 74.91 6.39
CA PHE L 177 20.55 73.85 5.79
C PHE L 177 19.10 74.33 5.64
N THR L 178 18.28 73.52 4.96
CA THR L 178 16.83 73.71 4.78
C THR L 178 16.11 72.45 5.29
N LEU L 179 15.21 72.61 6.27
CA LEU L 179 14.27 71.54 6.71
C LEU L 179 13.06 71.55 5.78
N THR L 180 12.72 70.40 5.21
CA THR L 180 11.51 70.18 4.38
C THR L 180 10.42 69.58 5.30
N THR L 181 9.57 70.44 5.87
CA THR L 181 8.68 70.12 7.02
C THR L 181 7.58 69.13 6.61
N GLY L 182 7.22 69.10 5.32
CA GLY L 182 6.05 68.35 4.83
C GLY L 182 4.76 68.89 5.43
N GLN L 183 4.81 70.11 5.98
CA GLN L 183 3.65 70.86 6.50
C GLN L 183 3.17 71.79 5.39
N GLU L 184 2.30 71.26 4.53
CA GLU L 184 2.07 71.73 3.14
C GLU L 184 1.29 73.04 3.13
N ARG L 185 0.61 73.38 4.24
CA ARG L 185 -0.13 74.67 4.39
C ARG L 185 0.82 75.74 4.98
N GLY L 186 2.09 75.38 5.24
CA GLY L 186 3.18 76.33 5.55
C GLY L 186 3.65 76.19 6.99
N VAL L 187 4.62 77.01 7.39
CA VAL L 187 5.19 77.06 8.78
C VAL L 187 4.93 78.46 9.35
N ASN L 188 4.06 78.55 10.35
CA ASN L 188 3.62 79.81 11.00
C ASN L 188 4.63 80.21 12.09
N TYR L 189 5.30 79.23 12.69
CA TYR L 189 6.16 79.42 13.89
C TYR L 189 7.31 78.41 13.88
N VAL L 190 8.45 78.82 14.44
CA VAL L 190 9.62 77.95 14.75
C VAL L 190 10.21 78.39 16.09
N ASP L 191 10.58 77.42 16.94
CA ASP L 191 11.12 77.62 18.31
C ASP L 191 12.16 76.54 18.60
N TYR L 192 13.11 76.82 19.48
CA TYR L 192 14.19 75.86 19.89
C TYR L 192 13.87 75.28 21.26
N TYR L 193 14.14 73.99 21.45
CA TYR L 193 14.31 73.34 22.77
C TYR L 193 15.53 73.97 23.42
N PRO L 194 15.42 74.54 24.65
CA PRO L 194 16.47 75.42 25.18
C PRO L 194 17.54 74.74 26.05
N LEU L 195 17.66 73.41 26.00
CA LEU L 195 18.58 72.62 26.86
C LEU L 195 19.48 71.73 25.99
N PRO L 196 20.71 71.41 26.48
CA PRO L 196 21.69 70.68 25.68
C PRO L 196 21.45 69.17 25.53
N ASP L 197 20.43 68.60 26.20
CA ASP L 197 20.15 67.14 26.22
C ASP L 197 19.50 66.70 24.89
N LYS L 198 19.01 67.64 24.06
CA LYS L 198 18.44 67.35 22.73
C LYS L 198 18.67 68.52 21.78
N PRO L 199 19.07 68.27 20.52
CA PRO L 199 19.23 69.33 19.52
C PRO L 199 17.90 69.55 18.77
N TYR L 200 16.86 69.93 19.51
CA TYR L 200 15.44 69.85 19.07
C TYR L 200 14.93 71.22 18.60
N MET L 201 13.94 71.16 17.72
CA MET L 201 13.27 72.32 17.08
C MET L 201 11.81 71.92 16.81
N ILE L 202 10.89 72.88 16.80
CA ILE L 202 9.42 72.61 16.74
C ILE L 202 8.77 73.61 15.78
N THR L 203 7.93 73.11 14.87
CA THR L 203 7.16 73.92 13.89
C THR L 203 5.66 73.68 14.07
N ALA L 204 4.86 74.75 13.96
CA ALA L 204 3.38 74.74 13.93
C ALA L 204 2.93 75.11 12.52
N SER L 205 1.79 74.59 12.07
CA SER L 205 1.30 74.72 10.68
C SER L 205 -0.22 74.90 10.63
N ASP L 206 -0.72 75.49 9.54
CA ASP L 206 -2.16 75.59 9.22
C ASP L 206 -2.72 74.20 8.90
N ASP L 207 -1.86 73.18 8.70
CA ASP L 207 -2.27 71.79 8.36
C ASP L 207 -2.64 71.00 9.62
N LEU L 208 -2.72 71.66 10.79
CA LEU L 208 -3.24 71.13 12.08
C LEU L 208 -2.17 70.33 12.82
N THR L 209 -0.93 70.28 12.31
CA THR L 209 0.16 69.43 12.87
C THR L 209 1.20 70.31 13.59
N ILE L 210 1.79 69.76 14.64
CA ILE L 210 3.03 70.24 15.32
C ILE L 210 4.09 69.14 15.10
N LYS L 211 5.33 69.52 14.76
CA LYS L 211 6.41 68.56 14.40
C LYS L 211 7.69 68.91 15.17
N ILE L 212 8.26 67.91 15.85
CA ILE L 212 9.57 68.00 16.57
C ILE L 212 10.67 67.59 15.59
N TRP L 213 11.70 68.42 15.44
CA TRP L 213 12.85 68.22 14.51
C TRP L 213 14.15 68.10 15.31
N ASP L 214 14.99 67.14 14.94
CA ASP L 214 16.41 67.03 15.36
C ASP L 214 17.26 67.75 14.32
N TYR L 215 17.81 68.93 14.65
CA TYR L 215 18.47 69.84 13.68
C TYR L 215 19.85 69.30 13.27
N GLN L 216 20.43 68.36 14.03
CA GLN L 216 21.67 67.62 13.65
C GLN L 216 21.33 66.59 12.57
N THR L 217 20.41 65.67 12.88
CA THR L 217 20.07 64.47 12.07
C THR L 217 19.04 64.86 10.99
N LYS L 218 18.41 66.03 11.12
CA LYS L 218 17.51 66.66 10.11
C LYS L 218 16.23 65.83 9.92
N SER L 219 15.87 65.00 10.91
CA SER L 219 14.70 64.07 10.85
C SER L 219 13.58 64.57 11.77
N CYS L 220 12.36 64.10 11.54
CA CYS L 220 11.14 64.40 12.35
C CYS L 220 11.03 63.37 13.48
N VAL L 221 11.22 63.81 14.72
CA VAL L 221 11.20 62.95 15.95
C VAL L 221 9.76 62.50 16.22
N ALA L 222 8.78 63.42 16.10
CA ALA L 222 7.36 63.15 16.36
C ALA L 222 6.47 64.18 15.64
N THR L 223 5.22 63.80 15.38
CA THR L 223 4.13 64.70 14.91
C THR L 223 3.05 64.76 15.99
N LEU L 224 2.76 65.96 16.49
CA LEU L 224 1.74 66.20 17.55
C LEU L 224 0.47 66.76 16.90
N GLU L 225 -0.61 65.97 16.93
CA GLU L 225 -1.94 66.32 16.35
C GLU L 225 -2.95 66.42 17.49
N GLY L 226 -3.34 67.64 17.86
CA GLY L 226 -4.32 67.90 18.94
C GLY L 226 -5.03 69.23 18.78
N HIS L 227 -5.20 69.71 17.54
CA HIS L 227 -5.94 70.95 17.20
C HIS L 227 -6.81 70.70 15.98
N MET L 228 -7.94 71.42 15.87
CA MET L 228 -8.97 71.19 14.83
C MET L 228 -8.99 72.36 13.83
N SER L 229 -8.20 73.41 14.07
CA SER L 229 -7.92 74.50 13.10
C SER L 229 -6.45 74.93 13.21
N ASN L 230 -6.10 76.03 12.53
CA ASN L 230 -4.72 76.54 12.33
C ASN L 230 -3.96 76.60 13.66
N VAL L 231 -2.81 75.91 13.75
CA VAL L 231 -1.86 76.03 14.89
C VAL L 231 -0.96 77.24 14.63
N SER L 232 -1.04 78.27 15.47
CA SER L 232 -0.35 79.57 15.30
C SER L 232 1.09 79.49 15.84
N PHE L 233 1.30 78.72 16.91
CA PHE L 233 2.61 78.59 17.60
C PHE L 233 2.69 77.25 18.34
N ALA L 234 3.93 76.81 18.59
CA ALA L 234 4.28 75.71 19.50
C ALA L 234 5.71 75.96 20.01
N VAL L 235 5.87 76.21 21.31
CA VAL L 235 7.17 76.59 21.94
C VAL L 235 7.47 75.63 23.08
N PHE L 236 8.76 75.45 23.38
CA PHE L 236 9.27 74.69 24.55
C PHE L 236 9.34 75.63 25.75
N HIS L 237 8.88 75.19 26.91
CA HIS L 237 8.94 75.97 28.18
C HIS L 237 10.40 76.06 28.63
N PRO L 238 10.87 77.23 29.08
CA PRO L 238 12.27 77.40 29.48
C PRO L 238 12.73 76.54 30.66
N THR L 239 11.87 76.29 31.66
CA THR L 239 12.23 75.64 32.94
C THR L 239 11.28 74.49 33.32
N LEU L 240 10.31 74.15 32.46
CA LEU L 240 9.39 72.98 32.68
C LEU L 240 9.46 72.06 31.47
N PRO L 241 9.19 70.74 31.65
CA PRO L 241 9.27 69.78 30.56
C PRO L 241 7.94 69.67 29.81
N ILE L 242 7.49 70.79 29.23
CA ILE L 242 6.19 70.89 28.50
C ILE L 242 6.40 71.65 27.18
N ILE L 243 5.51 71.41 26.22
CA ILE L 243 5.29 72.26 25.01
C ILE L 243 3.94 72.97 25.21
N ILE L 244 3.88 74.27 24.96
CA ILE L 244 2.62 75.05 24.87
C ILE L 244 2.36 75.33 23.38
N SER L 245 1.26 74.77 22.84
CA SER L 245 0.75 75.07 21.49
C SER L 245 -0.54 75.89 21.63
N GLY L 246 -0.81 76.77 20.64
CA GLY L 246 -1.98 77.66 20.61
C GLY L 246 -2.53 77.80 19.21
N SER L 247 -3.85 77.68 19.07
CA SER L 247 -4.53 77.42 17.78
C SER L 247 -5.73 78.35 17.60
N GLU L 248 -6.16 78.54 16.34
CA GLU L 248 -7.35 79.34 15.95
C GLU L 248 -8.61 78.59 16.41
N ASP L 249 -8.48 77.33 16.84
CA ASP L 249 -9.55 76.56 17.54
C ASP L 249 -9.81 77.18 18.91
N GLY L 250 -9.03 78.20 19.29
CA GLY L 250 -9.22 79.00 20.52
C GLY L 250 -8.80 78.24 21.76
N THR L 251 -7.78 77.38 21.63
CA THR L 251 -7.33 76.44 22.69
C THR L 251 -5.81 76.53 22.81
N LEU L 252 -5.30 76.62 24.04
CA LEU L 252 -3.88 76.33 24.38
C LEU L 252 -3.82 74.87 24.84
N LYS L 253 -2.84 74.11 24.34
CA LYS L 253 -2.59 72.70 24.75
C LYS L 253 -1.20 72.60 25.35
N ILE L 254 -1.08 71.95 26.52
CA ILE L 254 0.20 71.61 27.17
C ILE L 254 0.49 70.13 26.89
N TRP L 255 1.60 69.85 26.20
CA TRP L 255 2.09 68.49 25.90
C TRP L 255 3.24 68.15 26.86
N ASN L 256 3.49 66.86 27.08
CA ASN L 256 4.67 66.34 27.83
C ASN L 256 5.87 66.33 26.88
N SER L 257 6.90 67.14 27.15
CA SER L 257 8.08 67.36 26.28
C SER L 257 8.86 66.04 26.07
N SER L 258 8.68 65.05 26.95
CA SER L 258 9.33 63.72 26.87
C SER L 258 8.50 62.78 25.98
N THR L 259 7.32 62.36 26.45
CA THR L 259 6.48 61.28 25.84
C THR L 259 5.54 61.85 24.77
N TYR L 260 5.34 63.18 24.75
CA TYR L 260 4.45 63.91 23.81
C TYR L 260 2.98 63.52 24.04
N LYS L 261 2.63 63.20 25.29
CA LYS L 261 1.22 62.99 25.73
C LYS L 261 0.65 64.33 26.21
N VAL L 262 -0.62 64.61 25.89
CA VAL L 262 -1.33 65.86 26.31
C VAL L 262 -1.52 65.81 27.83
N GLU L 263 -1.23 66.93 28.50
CA GLU L 263 -1.39 67.11 29.97
C GLU L 263 -2.64 67.94 30.27
N LYS L 264 -2.89 68.99 29.46
CA LYS L 264 -3.94 70.01 29.72
C LYS L 264 -4.44 70.59 28.38
N THR L 265 -5.76 70.76 28.25
CA THR L 265 -6.42 71.52 27.15
C THR L 265 -7.15 72.72 27.74
N LEU L 266 -6.62 73.93 27.55
CA LEU L 266 -7.16 75.19 28.11
C LEU L 266 -8.04 75.89 27.08
N ASN L 267 -9.35 75.94 27.32
CA ASN L 267 -10.35 76.67 26.50
C ASN L 267 -10.54 78.07 27.13
N VAL L 268 -9.68 79.03 26.75
CA VAL L 268 -9.48 80.29 27.53
C VAL L 268 -10.70 81.22 27.33
N GLY L 269 -11.41 81.09 26.20
CA GLY L 269 -12.67 81.82 25.93
C GLY L 269 -12.45 83.19 25.34
N LEU L 270 -11.33 83.38 24.61
CA LEU L 270 -10.94 84.65 23.93
C LEU L 270 -10.90 84.42 22.41
N GLU L 271 -11.49 83.32 21.94
CA GLU L 271 -11.54 82.89 20.52
C GLU L 271 -10.11 82.55 20.06
N ARG L 272 -9.68 82.94 18.85
CA ARG L 272 -8.49 82.34 18.18
C ARG L 272 -7.19 82.79 18.86
N SER L 273 -6.32 81.82 19.19
CA SER L 273 -4.97 82.01 19.76
C SER L 273 -3.99 82.41 18.65
N TRP L 274 -3.22 83.48 18.86
CA TRP L 274 -2.28 84.05 17.85
C TRP L 274 -0.82 83.94 18.31
N CYS L 275 -0.48 84.46 19.50
CA CYS L 275 0.94 84.64 19.93
C CYS L 275 1.15 84.09 21.34
N ILE L 276 2.41 83.74 21.65
CA ILE L 276 2.83 83.15 22.96
C ILE L 276 4.07 83.91 23.45
N ALA L 277 4.20 84.00 24.78
CA ALA L 277 5.44 84.38 25.49
C ALA L 277 5.55 83.52 26.76
N THR L 278 6.76 83.03 27.04
CA THR L 278 7.15 82.38 28.32
C THR L 278 8.09 83.34 29.05
N HIS L 279 7.95 83.47 30.38
CA HIS L 279 8.79 84.38 31.18
C HIS L 279 10.26 84.01 30.99
N PRO L 280 11.15 84.98 30.68
CA PRO L 280 12.54 84.67 30.30
C PRO L 280 13.41 84.05 31.41
N THR L 281 12.96 84.14 32.68
CA THR L 281 13.63 83.52 33.86
C THR L 281 12.73 82.43 34.46
N GLY L 282 11.57 82.15 33.85
CA GLY L 282 10.59 81.15 34.31
C GLY L 282 10.03 81.48 35.69
N ARG L 283 9.90 82.78 36.01
CA ARG L 283 9.35 83.29 37.30
C ARG L 283 7.89 82.81 37.44
N LYS L 284 7.62 81.99 38.45
CA LYS L 284 6.30 81.32 38.70
C LYS L 284 5.81 80.67 37.39
N ASN L 285 6.76 80.19 36.57
CA ASN L 285 6.53 79.55 35.25
C ASN L 285 5.41 80.31 34.50
N TYR L 286 5.52 81.64 34.43
CA TYR L 286 4.54 82.53 33.76
C TYR L 286 4.60 82.27 32.25
N ILE L 287 3.44 81.95 31.65
CA ILE L 287 3.20 81.99 30.17
C ILE L 287 2.13 83.05 29.91
N ALA L 288 2.04 83.54 28.68
CA ALA L 288 1.02 84.52 28.22
C ALA L 288 0.76 84.34 26.73
N SER L 289 -0.52 84.33 26.34
CA SER L 289 -0.98 84.16 24.93
C SER L 289 -1.90 85.32 24.55
N GLY L 290 -1.80 85.78 23.31
CA GLY L 290 -2.66 86.82 22.70
C GLY L 290 -3.73 86.20 21.82
N PHE L 291 -4.92 86.80 21.78
CA PHE L 291 -6.13 86.24 21.13
C PHE L 291 -6.92 87.36 20.44
N ASP L 292 -7.95 86.96 19.67
CA ASP L 292 -8.94 87.85 19.03
C ASP L 292 -9.46 88.88 20.04
N ASN L 293 -9.82 88.43 21.26
CA ASN L 293 -10.56 89.22 22.27
C ASN L 293 -9.66 89.57 23.47
N GLY L 294 -8.33 89.56 23.28
CA GLY L 294 -7.37 90.06 24.28
C GLY L 294 -6.32 89.02 24.64
N PHE L 295 -5.80 89.08 25.88
CA PHE L 295 -4.71 88.19 26.36
C PHE L 295 -5.03 87.66 27.76
N THR L 296 -4.30 86.61 28.15
CA THR L 296 -4.35 85.96 29.49
C THR L 296 -2.93 85.59 29.92
N VAL L 297 -2.57 85.88 31.18
CA VAL L 297 -1.29 85.48 31.81
C VAL L 297 -1.59 84.38 32.83
N LEU L 298 -0.92 83.23 32.71
CA LEU L 298 -1.10 82.05 33.59
C LEU L 298 0.23 81.73 34.29
N SER L 299 0.19 81.48 35.61
CA SER L 299 1.30 80.85 36.37
C SER L 299 1.09 79.33 36.34
N LEU L 300 2.18 78.56 36.25
CA LEU L 300 2.20 77.08 36.29
C LEU L 300 3.00 76.63 37.53
N GLY L 301 2.52 75.59 38.22
CA GLY L 301 3.11 75.11 39.49
C GLY L 301 4.26 74.16 39.26
N ASN L 302 5.38 74.37 39.96
CA ASN L 302 6.62 73.53 39.89
C ASN L 302 6.28 72.10 40.36
N MET M 1 -14.80 -84.43 -50.49
CA MET M 1 -16.19 -84.18 -50.03
C MET M 1 -16.85 -83.10 -50.90
N LYS M 2 -18.17 -83.17 -51.07
CA LYS M 2 -18.98 -82.13 -51.77
C LYS M 2 -19.56 -81.16 -50.74
N LEU M 3 -19.09 -79.91 -50.74
CA LEU M 3 -19.66 -78.78 -49.96
C LEU M 3 -20.56 -77.95 -50.89
N ASP M 4 -21.88 -78.21 -50.83
CA ASP M 4 -22.90 -77.53 -51.67
C ASP M 4 -23.21 -76.16 -51.04
N ILE M 5 -22.35 -75.17 -51.29
CA ILE M 5 -22.42 -73.81 -50.67
C ILE M 5 -23.51 -72.99 -51.39
N LYS M 6 -24.50 -72.51 -50.66
CA LYS M 6 -25.55 -71.58 -51.16
C LYS M 6 -25.57 -70.31 -50.30
N LYS M 7 -25.65 -69.14 -50.93
CA LYS M 7 -25.87 -67.83 -50.26
C LYS M 7 -27.33 -67.77 -49.81
N THR M 8 -27.60 -67.94 -48.51
CA THR M 8 -28.95 -67.89 -47.90
C THR M 8 -29.40 -66.44 -47.82
N PHE M 9 -28.55 -65.55 -47.30
CA PHE M 9 -28.85 -64.12 -47.07
C PHE M 9 -27.55 -63.34 -46.84
N SER M 10 -27.46 -62.16 -47.46
CA SER M 10 -26.34 -61.18 -47.33
C SER M 10 -26.93 -59.80 -47.02
N ASN M 11 -26.38 -59.11 -46.03
CA ASN M 11 -26.86 -57.77 -45.58
C ASN M 11 -25.70 -56.79 -45.55
N ARG M 12 -25.88 -55.62 -46.16
CA ARG M 12 -24.91 -54.49 -46.16
C ARG M 12 -25.15 -53.66 -44.90
N SER M 13 -24.15 -53.60 -44.01
CA SER M 13 -24.19 -52.84 -42.74
C SER M 13 -22.82 -52.22 -42.47
N ASP M 14 -22.72 -51.45 -41.38
CA ASP M 14 -21.41 -51.02 -40.79
C ASP M 14 -20.68 -52.30 -40.34
N ARG M 15 -19.38 -52.20 -40.09
CA ARG M 15 -18.49 -53.35 -39.77
C ARG M 15 -19.13 -54.20 -38.66
N VAL M 16 -19.38 -55.48 -38.94
CA VAL M 16 -19.88 -56.49 -37.96
C VAL M 16 -18.65 -57.05 -37.21
N LYS M 17 -18.61 -56.89 -35.89
CA LYS M 17 -17.50 -57.33 -35.01
C LYS M 17 -17.88 -58.65 -34.30
N GLY M 18 -19.17 -58.88 -34.07
CA GLY M 18 -19.70 -60.10 -33.42
C GLY M 18 -20.95 -60.61 -34.12
N ILE M 19 -21.11 -61.93 -34.19
CA ILE M 19 -22.23 -62.61 -34.90
C ILE M 19 -22.58 -63.91 -34.18
N ASP M 20 -23.87 -64.28 -34.14
CA ASP M 20 -24.36 -65.48 -33.42
C ASP M 20 -25.70 -65.93 -34.01
N PHE M 21 -25.92 -67.25 -34.07
CA PHE M 21 -27.16 -67.92 -34.55
C PHE M 21 -28.09 -68.21 -33.38
N HIS M 22 -29.38 -67.91 -33.52
CA HIS M 22 -30.46 -68.36 -32.60
C HIS M 22 -30.71 -69.84 -32.84
N PRO M 23 -30.79 -70.68 -31.78
CA PRO M 23 -30.86 -72.13 -31.94
C PRO M 23 -32.19 -72.71 -32.47
N THR M 24 -33.29 -71.94 -32.43
CA THR M 24 -34.66 -72.39 -32.82
C THR M 24 -35.22 -71.46 -33.90
N GLU M 25 -35.32 -70.16 -33.62
CA GLU M 25 -35.73 -69.13 -34.60
C GLU M 25 -34.66 -69.01 -35.69
N PRO M 26 -35.03 -68.76 -36.97
CA PRO M 26 -34.04 -68.51 -38.01
C PRO M 26 -33.53 -67.06 -37.93
N TRP M 27 -32.79 -66.74 -36.86
CA TRP M 27 -32.29 -65.39 -36.53
C TRP M 27 -30.76 -65.40 -36.47
N VAL M 28 -30.14 -64.30 -36.91
CA VAL M 28 -28.71 -63.97 -36.64
C VAL M 28 -28.68 -62.70 -35.81
N LEU M 29 -27.84 -62.68 -34.76
CA LEU M 29 -27.48 -61.46 -34.00
C LEU M 29 -26.15 -60.93 -34.56
N THR M 30 -26.10 -59.65 -34.92
CA THR M 30 -24.91 -58.96 -35.48
C THR M 30 -24.63 -57.71 -34.65
N THR M 31 -23.43 -57.65 -34.04
CA THR M 31 -22.97 -56.57 -33.15
C THR M 31 -21.97 -55.71 -33.93
N LEU M 32 -22.24 -54.41 -34.10
CA LEU M 32 -21.57 -53.52 -35.08
C LEU M 32 -20.59 -52.56 -34.40
N TYR M 33 -19.69 -51.98 -35.20
CA TYR M 33 -18.59 -51.07 -34.79
C TYR M 33 -19.15 -49.67 -34.49
N SER M 34 -20.29 -49.32 -35.10
CA SER M 34 -20.96 -47.99 -34.97
C SER M 34 -21.59 -47.83 -33.57
N GLY M 35 -21.89 -48.94 -32.89
CA GLY M 35 -22.58 -48.98 -31.59
C GLY M 35 -23.95 -49.63 -31.68
N ARG M 36 -24.38 -49.98 -32.89
CA ARG M 36 -25.71 -50.59 -33.17
C ARG M 36 -25.59 -52.12 -33.08
N VAL M 37 -26.69 -52.79 -32.73
CA VAL M 37 -26.85 -54.28 -32.79
C VAL M 37 -28.14 -54.58 -33.55
N GLU M 38 -28.14 -55.62 -34.38
CA GLU M 38 -29.26 -55.95 -35.32
C GLU M 38 -29.60 -57.44 -35.21
N LEU M 39 -30.89 -57.78 -35.14
CA LEU M 39 -31.42 -59.16 -35.27
C LEU M 39 -32.08 -59.30 -36.63
N TRP M 40 -31.58 -60.20 -37.50
CA TRP M 40 -32.13 -60.45 -38.85
C TRP M 40 -32.71 -61.86 -38.94
N ASN M 41 -33.86 -61.98 -39.60
CA ASN M 41 -34.41 -63.28 -40.10
C ASN M 41 -33.78 -63.52 -41.48
N TYR M 42 -32.81 -64.42 -41.55
CA TYR M 42 -32.00 -64.71 -42.78
C TYR M 42 -32.82 -65.53 -43.78
N GLU M 43 -33.87 -66.21 -43.31
CA GLU M 43 -34.77 -67.04 -44.16
C GLU M 43 -35.82 -66.14 -44.82
N THR M 44 -36.29 -65.10 -44.12
CA THR M 44 -37.36 -64.17 -44.57
C THR M 44 -36.75 -62.83 -45.03
N GLN M 45 -35.51 -62.54 -44.61
CA GLN M 45 -34.70 -61.35 -45.03
C GLN M 45 -35.26 -60.05 -44.45
N VAL M 46 -36.07 -60.14 -43.39
CA VAL M 46 -36.69 -58.96 -42.69
C VAL M 46 -35.96 -58.76 -41.35
N GLU M 47 -35.70 -57.51 -40.98
CA GLU M 47 -35.06 -57.14 -39.69
C GLU M 47 -36.06 -57.36 -38.55
N VAL M 48 -35.68 -58.14 -37.54
CA VAL M 48 -36.53 -58.44 -36.35
C VAL M 48 -36.50 -57.21 -35.43
N ARG M 49 -35.30 -56.73 -35.11
CA ARG M 49 -35.06 -55.60 -34.16
C ARG M 49 -33.67 -55.03 -34.38
N SER M 50 -33.54 -53.69 -34.28
CA SER M 50 -32.25 -52.94 -34.25
C SER M 50 -32.27 -51.96 -33.07
N ILE M 51 -31.19 -51.95 -32.29
CA ILE M 51 -31.02 -51.08 -31.08
C ILE M 51 -29.66 -50.38 -31.17
N GLN M 52 -29.64 -49.03 -31.12
CA GLN M 52 -28.42 -48.24 -30.86
C GLN M 52 -28.06 -48.39 -29.38
N VAL M 53 -27.16 -49.33 -29.08
CA VAL M 53 -26.83 -49.80 -27.70
C VAL M 53 -25.89 -48.80 -27.03
N THR M 54 -24.98 -48.20 -27.81
CA THR M 54 -23.99 -47.18 -27.36
C THR M 54 -23.50 -46.42 -28.61
N GLU M 55 -22.45 -45.60 -28.47
CA GLU M 55 -21.83 -44.87 -29.61
C GLU M 55 -20.35 -45.26 -29.73
N THR M 56 -19.96 -46.40 -29.12
CA THR M 56 -18.64 -47.06 -29.27
C THR M 56 -18.80 -48.38 -30.01
N PRO M 57 -17.70 -48.97 -30.53
CA PRO M 57 -17.73 -50.35 -31.02
C PRO M 57 -18.28 -51.33 -29.98
N VAL M 58 -19.17 -52.22 -30.42
CA VAL M 58 -19.68 -53.38 -29.63
C VAL M 58 -19.11 -54.65 -30.29
N ARG M 59 -18.11 -55.26 -29.67
CA ARG M 59 -17.24 -56.30 -30.31
C ARG M 59 -17.82 -57.70 -30.12
N ALA M 60 -18.58 -57.94 -29.05
CA ALA M 60 -19.09 -59.26 -28.64
C ALA M 60 -20.61 -59.21 -28.48
N GLY M 61 -21.28 -60.33 -28.79
CA GLY M 61 -22.75 -60.47 -28.75
C GLY M 61 -23.19 -61.91 -28.94
N LYS M 62 -23.94 -62.45 -27.97
CA LYS M 62 -24.45 -63.84 -27.96
C LYS M 62 -25.95 -63.84 -27.69
N PHE M 63 -26.65 -64.88 -28.16
CA PHE M 63 -28.03 -65.23 -27.74
C PHE M 63 -27.96 -65.99 -26.41
N ILE M 64 -28.88 -65.66 -25.49
CA ILE M 64 -29.24 -66.49 -24.31
C ILE M 64 -30.71 -66.89 -24.50
N ALA M 65 -30.95 -67.87 -25.37
CA ALA M 65 -32.27 -68.28 -25.90
C ALA M 65 -33.15 -68.85 -24.76
N ARG M 66 -32.53 -69.45 -23.73
CA ARG M 66 -33.25 -70.05 -22.58
C ARG M 66 -33.91 -68.95 -21.74
N LYS M 67 -33.37 -67.73 -21.77
CA LYS M 67 -33.93 -66.54 -21.05
C LYS M 67 -34.54 -65.53 -22.04
N ASN M 68 -34.52 -65.85 -23.35
CA ASN M 68 -34.98 -64.96 -24.44
C ASN M 68 -34.24 -63.62 -24.40
N TRP M 69 -32.91 -63.66 -24.31
CA TRP M 69 -32.04 -62.45 -24.28
C TRP M 69 -31.02 -62.50 -25.42
N ILE M 70 -30.45 -61.33 -25.72
CA ILE M 70 -29.08 -61.15 -26.28
C ILE M 70 -28.22 -60.56 -25.16
N ILE M 71 -26.89 -60.75 -25.22
CA ILE M 71 -25.90 -60.11 -24.31
C ILE M 71 -24.75 -59.60 -25.17
N VAL M 72 -24.44 -58.30 -25.05
CA VAL M 72 -23.43 -57.60 -25.89
C VAL M 72 -22.43 -56.87 -24.97
N GLY M 73 -21.16 -56.82 -25.40
CA GLY M 73 -20.06 -56.12 -24.71
C GLY M 73 -19.44 -55.08 -25.64
N SER M 74 -19.16 -53.88 -25.12
CA SER M 74 -18.76 -52.69 -25.90
C SER M 74 -17.47 -52.06 -25.36
N ASP M 75 -16.89 -51.13 -26.13
CA ASP M 75 -15.61 -50.43 -25.83
C ASP M 75 -15.82 -49.37 -24.74
N ASP M 76 -17.07 -49.11 -24.34
CA ASP M 76 -17.44 -48.18 -23.25
C ASP M 76 -17.40 -48.92 -21.91
N PHE M 77 -16.94 -50.17 -21.90
CA PHE M 77 -16.55 -50.98 -20.71
C PHE M 77 -17.74 -51.81 -20.18
N ARG M 78 -18.88 -51.81 -20.88
CA ARG M 78 -20.17 -52.27 -20.32
C ARG M 78 -20.63 -53.57 -20.98
N ILE M 79 -21.26 -54.45 -20.19
CA ILE M 79 -22.10 -55.59 -20.64
C ILE M 79 -23.56 -55.16 -20.53
N ARG M 80 -24.31 -55.28 -21.63
CA ARG M 80 -25.75 -54.94 -21.69
C ARG M 80 -26.53 -56.19 -22.12
N VAL M 81 -27.68 -56.43 -21.49
CA VAL M 81 -28.57 -57.60 -21.76
C VAL M 81 -29.97 -57.05 -22.06
N PHE M 82 -30.53 -57.39 -23.22
CA PHE M 82 -31.88 -57.00 -23.69
C PHE M 82 -32.73 -58.26 -23.89
N ASN M 83 -34.02 -58.18 -23.58
CA ASN M 83 -35.06 -59.16 -24.01
C ASN M 83 -35.41 -58.84 -25.47
N TYR M 84 -35.36 -59.83 -26.36
CA TYR M 84 -35.48 -59.62 -27.83
C TYR M 84 -36.95 -59.73 -28.28
N ASN M 85 -37.88 -60.00 -27.37
CA ASN M 85 -39.34 -60.05 -27.63
C ASN M 85 -39.97 -58.69 -27.31
N THR M 86 -39.42 -57.98 -26.31
CA THR M 86 -39.91 -56.65 -25.83
C THR M 86 -38.97 -55.54 -26.31
N GLY M 87 -37.65 -55.75 -26.19
CA GLY M 87 -36.62 -54.71 -26.34
C GLY M 87 -36.17 -54.17 -24.99
N GLU M 88 -36.79 -54.65 -23.91
CA GLU M 88 -36.49 -54.24 -22.51
CA GLU M 88 -36.49 -54.25 -22.51
C GLU M 88 -35.02 -54.54 -22.20
N LYS M 89 -34.29 -53.53 -21.70
CA LYS M 89 -32.88 -53.66 -21.24
C LYS M 89 -32.90 -54.26 -19.83
N VAL M 90 -32.54 -55.54 -19.69
CA VAL M 90 -32.68 -56.33 -18.44
C VAL M 90 -31.62 -55.87 -17.44
N VAL M 91 -30.37 -55.67 -17.87
CA VAL M 91 -29.24 -55.20 -17.03
C VAL M 91 -28.24 -54.45 -17.91
N ASP M 92 -27.47 -53.53 -17.32
CA ASP M 92 -26.51 -52.64 -18.01
C ASP M 92 -25.42 -52.21 -17.01
N PHE M 93 -24.33 -52.97 -16.91
CA PHE M 93 -23.28 -52.80 -15.88
C PHE M 93 -21.89 -52.70 -16.53
N GLU M 94 -20.99 -51.96 -15.88
CA GLU M 94 -19.55 -51.85 -16.24
C GLU M 94 -18.83 -53.11 -15.78
N ALA M 95 -18.38 -53.94 -16.74
CA ALA M 95 -17.82 -55.29 -16.50
C ALA M 95 -16.30 -55.22 -16.36
N HIS M 96 -15.63 -54.38 -17.17
CA HIS M 96 -14.15 -54.18 -17.16
C HIS M 96 -13.85 -52.69 -17.37
N PRO M 97 -12.68 -52.19 -16.91
CA PRO M 97 -12.31 -50.78 -17.13
C PRO M 97 -11.70 -50.50 -18.52
N ASP M 98 -11.85 -51.43 -19.46
CA ASP M 98 -11.28 -51.35 -20.85
C ASP M 98 -12.24 -52.07 -21.80
N TYR M 99 -11.84 -52.27 -23.06
CA TYR M 99 -12.65 -52.91 -24.13
C TYR M 99 -13.02 -54.35 -23.72
N ILE M 100 -14.26 -54.75 -23.95
CA ILE M 100 -14.70 -56.17 -23.92
C ILE M 100 -14.53 -56.75 -25.32
N ARG M 101 -13.68 -57.76 -25.46
CA ARG M 101 -13.26 -58.37 -26.75
C ARG M 101 -14.14 -59.57 -27.09
N SER M 102 -14.55 -60.35 -26.08
CA SER M 102 -15.25 -61.66 -26.24
C SER M 102 -16.20 -61.92 -25.08
N ILE M 103 -17.35 -62.55 -25.38
CA ILE M 103 -18.39 -62.97 -24.41
C ILE M 103 -18.78 -64.42 -24.73
N ALA M 104 -18.71 -65.31 -23.73
CA ALA M 104 -19.03 -66.75 -23.85
C ALA M 104 -20.09 -67.13 -22.82
N VAL M 105 -21.19 -67.75 -23.28
CA VAL M 105 -22.36 -68.17 -22.46
C VAL M 105 -22.24 -69.65 -22.12
N HIS M 106 -22.34 -70.00 -20.84
CA HIS M 106 -22.32 -71.40 -20.33
C HIS M 106 -23.59 -72.11 -20.81
N PRO M 107 -23.50 -73.36 -21.31
CA PRO M 107 -24.65 -74.04 -21.91
C PRO M 107 -25.79 -74.44 -20.96
N THR M 108 -25.47 -74.88 -19.73
CA THR M 108 -26.45 -75.44 -18.74
C THR M 108 -26.63 -74.50 -17.54
N LYS M 109 -25.55 -73.86 -17.08
CA LYS M 109 -25.52 -73.01 -15.87
C LYS M 109 -25.75 -71.55 -16.27
N PRO M 110 -26.13 -70.68 -15.31
CA PRO M 110 -26.44 -69.28 -15.61
C PRO M 110 -25.19 -68.37 -15.52
N TYR M 111 -24.11 -68.76 -16.21
CA TYR M 111 -22.79 -68.09 -16.17
C TYR M 111 -22.48 -67.46 -17.54
N VAL M 112 -21.89 -66.27 -17.52
CA VAL M 112 -21.32 -65.57 -18.71
C VAL M 112 -19.85 -65.27 -18.42
N LEU M 113 -18.97 -65.56 -19.38
CA LEU M 113 -17.54 -65.16 -19.36
C LEU M 113 -17.34 -64.00 -20.34
N SER M 114 -16.65 -62.94 -19.90
CA SER M 114 -16.22 -61.80 -20.74
C SER M 114 -14.69 -61.67 -20.69
N GLY M 115 -14.04 -61.67 -21.87
CA GLY M 115 -12.62 -61.32 -22.03
C GLY M 115 -12.48 -59.84 -22.34
N SER M 116 -11.42 -59.19 -21.84
CA SER M 116 -11.23 -57.73 -21.95
C SER M 116 -9.76 -57.36 -22.16
N ASP M 117 -9.51 -56.12 -22.57
CA ASP M 117 -8.17 -55.52 -22.74
C ASP M 117 -7.53 -55.24 -21.37
N ASP M 118 -8.29 -55.45 -20.28
CA ASP M 118 -7.82 -55.28 -18.88
C ASP M 118 -7.04 -56.53 -18.41
N LEU M 119 -6.62 -57.38 -19.35
CA LEU M 119 -5.72 -58.56 -19.13
C LEU M 119 -6.48 -59.67 -18.38
N THR M 120 -7.81 -59.62 -18.35
CA THR M 120 -8.66 -60.37 -17.39
C THR M 120 -9.82 -61.05 -18.12
N VAL M 121 -10.23 -62.22 -17.61
CA VAL M 121 -11.54 -62.89 -17.91
C VAL M 121 -12.36 -62.85 -16.62
N LYS M 122 -13.66 -62.50 -16.72
CA LYS M 122 -14.58 -62.33 -15.57
C LYS M 122 -15.81 -63.23 -15.76
N LEU M 123 -16.28 -63.83 -14.67
CA LEU M 123 -17.45 -64.75 -14.61
C LEU M 123 -18.60 -64.06 -13.87
N TRP M 124 -19.76 -63.93 -14.52
CA TRP M 124 -20.98 -63.27 -13.98
C TRP M 124 -22.10 -64.30 -13.85
N ASN M 125 -22.80 -64.30 -12.71
CA ASN M 125 -23.93 -65.21 -12.38
C ASN M 125 -25.23 -64.39 -12.40
N TRP M 126 -26.08 -64.58 -13.42
CA TRP M 126 -27.32 -63.79 -13.64
C TRP M 126 -28.43 -64.25 -12.68
N GLU M 127 -28.25 -65.40 -12.00
CA GLU M 127 -29.16 -65.89 -10.93
C GLU M 127 -28.66 -65.38 -9.56
N ASN M 128 -27.56 -64.61 -9.56
CA ASN M 128 -27.04 -63.87 -8.38
C ASN M 128 -26.99 -62.38 -8.73
N ASN M 129 -27.98 -61.91 -9.50
CA ASN M 129 -28.15 -60.49 -9.95
C ASN M 129 -26.87 -60.01 -10.64
N TRP M 130 -26.27 -60.85 -11.48
CA TRP M 130 -25.09 -60.55 -12.33
C TRP M 130 -23.86 -60.21 -11.46
N ALA M 131 -23.69 -60.92 -10.34
CA ALA M 131 -22.56 -60.76 -9.40
C ALA M 131 -21.29 -61.35 -10.03
N LEU M 132 -20.19 -60.59 -10.00
CA LEU M 132 -18.83 -61.04 -10.41
C LEU M 132 -18.37 -62.15 -9.47
N GLU M 133 -18.49 -63.41 -9.89
CA GLU M 133 -18.21 -64.61 -9.04
C GLU M 133 -16.72 -64.94 -9.04
N GLN M 134 -15.97 -64.52 -10.07
CA GLN M 134 -14.51 -64.83 -10.20
C GLN M 134 -13.89 -63.98 -11.30
N THR M 135 -12.68 -63.46 -11.05
CA THR M 135 -11.78 -62.80 -12.03
C THR M 135 -10.55 -63.69 -12.23
N PHE M 136 -10.33 -64.16 -13.45
CA PHE M 136 -9.17 -65.02 -13.84
C PHE M 136 -8.01 -64.10 -14.27
N GLU M 137 -6.88 -64.19 -13.57
CA GLU M 137 -5.67 -63.34 -13.76
C GLU M 137 -4.48 -64.24 -14.10
N GLY M 138 -3.59 -63.79 -14.99
CA GLY M 138 -2.43 -64.55 -15.48
C GLY M 138 -1.92 -64.06 -16.83
N HIS M 139 -2.83 -63.60 -17.71
CA HIS M 139 -2.49 -63.01 -19.04
C HIS M 139 -1.82 -61.65 -18.84
N GLU M 140 -0.97 -61.25 -19.80
CA GLU M 140 -0.17 -59.99 -19.75
C GLU M 140 -0.49 -59.13 -20.98
N HIS M 141 -1.63 -59.37 -21.63
CA HIS M 141 -2.14 -58.52 -22.74
C HIS M 141 -3.62 -58.80 -22.96
N PHE M 142 -4.23 -58.16 -23.96
CA PHE M 142 -5.69 -58.22 -24.25
C PHE M 142 -6.11 -59.69 -24.39
N VAL M 143 -7.15 -60.10 -23.67
CA VAL M 143 -7.83 -61.41 -23.86
C VAL M 143 -8.83 -61.23 -25.01
N MET M 144 -8.43 -61.64 -26.22
CA MET M 144 -9.16 -61.40 -27.48
C MET M 144 -10.34 -62.36 -27.61
N CYS M 145 -10.27 -63.53 -26.97
CA CYS M 145 -11.27 -64.62 -27.12
C CYS M 145 -11.36 -65.47 -25.85
N VAL M 146 -12.58 -65.77 -25.40
CA VAL M 146 -12.90 -66.77 -24.35
C VAL M 146 -13.90 -67.77 -24.93
N ALA M 147 -13.75 -69.05 -24.60
CA ALA M 147 -14.57 -70.15 -25.12
C ALA M 147 -14.59 -71.33 -24.13
N PHE M 148 -15.79 -71.73 -23.69
CA PHE M 148 -16.03 -72.97 -22.91
C PHE M 148 -15.70 -74.18 -23.80
N ASN M 149 -15.10 -75.22 -23.20
CA ASN M 149 -15.00 -76.56 -23.82
C ASN M 149 -16.42 -77.12 -23.92
N PRO M 150 -16.96 -77.37 -25.14
CA PRO M 150 -18.30 -77.93 -25.27
C PRO M 150 -18.41 -79.31 -24.60
N LYS M 151 -17.30 -80.07 -24.59
CA LYS M 151 -17.21 -81.40 -23.93
C LYS M 151 -17.13 -81.24 -22.41
N ASP M 152 -16.66 -80.09 -21.91
CA ASP M 152 -16.52 -79.84 -20.44
C ASP M 152 -16.51 -78.33 -20.17
N PRO M 153 -17.70 -77.68 -20.05
CA PRO M 153 -17.77 -76.25 -19.76
C PRO M 153 -17.54 -75.90 -18.28
N SER M 154 -17.13 -76.88 -17.46
CA SER M 154 -16.48 -76.65 -16.14
C SER M 154 -15.07 -76.09 -16.37
N THR M 155 -14.55 -76.21 -17.59
CA THR M 155 -13.30 -75.59 -18.08
C THR M 155 -13.60 -74.68 -19.27
N PHE M 156 -12.78 -73.64 -19.46
CA PHE M 156 -12.83 -72.69 -20.61
C PHE M 156 -11.41 -72.31 -21.03
N ALA M 157 -11.26 -71.86 -22.28
CA ALA M 157 -9.98 -71.42 -22.88
C ALA M 157 -10.05 -69.92 -23.19
N SER M 158 -8.94 -69.21 -23.01
CA SER M 158 -8.77 -67.77 -23.34
C SER M 158 -7.56 -67.59 -24.26
N GLY M 159 -7.78 -67.02 -25.46
CA GLY M 159 -6.73 -66.65 -26.42
C GLY M 159 -6.34 -65.19 -26.24
N CYS M 160 -5.05 -64.90 -26.08
CA CYS M 160 -4.52 -63.59 -25.64
C CYS M 160 -3.34 -63.13 -26.51
N LEU M 161 -3.17 -61.82 -26.67
CA LEU M 161 -2.10 -61.16 -27.47
C LEU M 161 -0.73 -61.31 -26.78
N ASP M 162 -0.71 -61.81 -25.53
CA ASP M 162 0.53 -62.24 -24.84
C ASP M 162 1.06 -63.52 -25.50
N ARG M 163 0.38 -63.98 -26.56
CA ARG M 163 0.86 -65.05 -27.49
C ARG M 163 0.68 -66.42 -26.87
N THR M 164 -0.18 -66.54 -25.84
CA THR M 164 -0.52 -67.82 -25.16
C THR M 164 -2.03 -68.06 -25.21
N VAL M 165 -2.42 -69.34 -25.20
CA VAL M 165 -3.76 -69.80 -24.77
C VAL M 165 -3.63 -70.21 -23.30
N LYS M 166 -4.66 -69.93 -22.49
CA LYS M 166 -4.77 -70.42 -21.09
C LYS M 166 -6.10 -71.16 -20.94
N VAL M 167 -6.05 -72.37 -20.36
CA VAL M 167 -7.24 -73.22 -20.04
C VAL M 167 -7.43 -73.21 -18.53
N TRP M 168 -8.63 -72.83 -18.07
CA TRP M 168 -8.98 -72.61 -16.64
C TRP M 168 -10.04 -73.60 -16.20
N SER M 169 -10.13 -73.85 -14.89
CA SER M 169 -11.25 -74.53 -14.21
C SER M 169 -12.05 -73.48 -13.40
N LEU M 170 -13.39 -73.54 -13.46
CA LEU M 170 -14.28 -72.64 -12.69
C LEU M 170 -14.06 -72.91 -11.20
N GLY M 171 -13.71 -71.86 -10.44
CA GLY M 171 -13.43 -71.93 -8.99
C GLY M 171 -11.96 -72.24 -8.69
N GLN M 172 -11.07 -72.04 -9.67
CA GLN M 172 -9.60 -72.20 -9.52
C GLN M 172 -8.91 -70.97 -10.13
N SER M 173 -7.97 -70.36 -9.39
CA SER M 173 -7.38 -69.02 -9.67
C SER M 173 -6.25 -69.11 -10.71
N THR M 174 -5.62 -70.28 -10.86
CA THR M 174 -4.46 -70.50 -11.78
C THR M 174 -4.91 -71.36 -12.95
N PRO M 175 -4.31 -71.20 -14.16
CA PRO M 175 -4.71 -72.00 -15.32
C PRO M 175 -4.30 -73.47 -15.18
N ASN M 176 -5.15 -74.40 -15.64
CA ASN M 176 -4.88 -75.85 -15.68
C ASN M 176 -3.56 -76.09 -16.44
N PHE M 177 -3.37 -75.36 -17.55
CA PHE M 177 -2.10 -75.31 -18.32
C PHE M 177 -2.08 -74.07 -19.22
N THR M 178 -0.89 -73.65 -19.64
CA THR M 178 -0.65 -72.53 -20.60
C THR M 178 0.04 -73.07 -21.84
N LEU M 179 -0.57 -72.89 -23.02
CA LEU M 179 0.03 -73.22 -24.34
C LEU M 179 0.85 -72.02 -24.81
N THR M 180 2.16 -72.20 -24.98
CA THR M 180 3.08 -71.26 -25.67
C THR M 180 2.90 -71.49 -27.19
N THR M 181 2.15 -70.60 -27.85
CA THR M 181 1.59 -70.83 -29.20
C THR M 181 2.68 -70.69 -30.27
N GLY M 182 3.70 -69.86 -30.04
CA GLY M 182 4.70 -69.49 -31.05
C GLY M 182 4.15 -68.51 -32.07
N GLN M 183 2.86 -68.17 -31.97
CA GLN M 183 2.18 -67.13 -32.80
C GLN M 183 2.48 -65.77 -32.18
N GLU M 184 3.55 -65.12 -32.64
CA GLU M 184 4.27 -64.04 -31.91
C GLU M 184 3.57 -62.68 -32.10
N ARG M 185 2.59 -62.58 -33.00
CA ARG M 185 1.75 -61.37 -33.18
C ARG M 185 0.46 -61.51 -32.34
N GLY M 186 0.40 -62.53 -31.48
CA GLY M 186 -0.68 -62.73 -30.49
C GLY M 186 -1.70 -63.75 -30.97
N VAL M 187 -2.63 -64.13 -30.08
CA VAL M 187 -3.75 -65.08 -30.37
C VAL M 187 -5.06 -64.29 -30.41
N ASN M 188 -5.65 -64.14 -31.60
CA ASN M 188 -6.91 -63.40 -31.85
C ASN M 188 -8.12 -64.22 -31.40
N TYR M 189 -8.02 -65.55 -31.46
CA TYR M 189 -9.18 -66.48 -31.40
C TYR M 189 -8.72 -67.86 -30.94
N VAL M 190 -9.55 -68.54 -30.15
CA VAL M 190 -9.38 -69.96 -29.73
C VAL M 190 -10.75 -70.64 -29.80
N ASP M 191 -10.78 -71.93 -30.15
CA ASP M 191 -12.03 -72.74 -30.23
C ASP M 191 -11.69 -74.23 -30.05
N TYR M 192 -12.69 -75.02 -29.67
CA TYR M 192 -12.58 -76.48 -29.40
C TYR M 192 -13.18 -77.28 -30.56
N TYR M 193 -12.65 -78.50 -30.76
CA TYR M 193 -13.27 -79.56 -31.60
C TYR M 193 -14.47 -80.12 -30.83
N PRO M 194 -15.71 -80.02 -31.36
CA PRO M 194 -16.90 -80.40 -30.60
C PRO M 194 -17.05 -81.92 -30.37
N LEU M 195 -16.81 -82.74 -31.40
CA LEU M 195 -17.00 -84.21 -31.36
C LEU M 195 -15.92 -84.85 -30.48
N PRO M 196 -16.13 -86.10 -29.99
CA PRO M 196 -15.23 -86.69 -28.99
C PRO M 196 -14.05 -87.53 -29.50
N ASP M 197 -13.86 -87.62 -30.82
CA ASP M 197 -12.78 -88.44 -31.44
C ASP M 197 -11.42 -87.75 -31.23
N LYS M 198 -11.36 -86.43 -31.42
CA LYS M 198 -10.12 -85.62 -31.32
C LYS M 198 -10.17 -84.74 -30.07
N PRO M 199 -9.11 -84.72 -29.23
CA PRO M 199 -9.00 -83.77 -28.13
C PRO M 199 -8.23 -82.52 -28.54
N TYR M 200 -8.74 -81.77 -29.53
CA TYR M 200 -8.04 -80.65 -30.20
C TYR M 200 -8.68 -79.29 -29.87
N MET M 201 -7.86 -78.24 -29.89
CA MET M 201 -8.24 -76.81 -29.93
C MET M 201 -7.61 -76.18 -31.17
N ILE M 202 -8.00 -74.94 -31.51
CA ILE M 202 -7.53 -74.21 -32.72
C ILE M 202 -7.34 -72.73 -32.36
N THR M 203 -6.32 -72.08 -32.93
CA THR M 203 -5.96 -70.66 -32.66
C THR M 203 -5.61 -69.95 -33.97
N ALA M 204 -6.03 -68.68 -34.10
CA ALA M 204 -5.78 -67.80 -35.26
C ALA M 204 -5.00 -66.56 -34.79
N SER M 205 -4.16 -65.98 -35.65
CA SER M 205 -3.21 -64.90 -35.29
C SER M 205 -3.00 -63.92 -36.45
N ASP M 206 -2.55 -62.70 -36.11
CA ASP M 206 -2.08 -61.65 -37.06
C ASP M 206 -0.82 -62.14 -37.79
N ASP M 207 -0.14 -63.16 -37.25
CA ASP M 207 1.09 -63.77 -37.85
C ASP M 207 0.71 -64.62 -39.07
N LEU M 208 -0.58 -64.68 -39.42
CA LEU M 208 -1.13 -65.27 -40.68
C LEU M 208 -1.40 -66.77 -40.51
N THR M 209 -1.01 -67.38 -39.39
CA THR M 209 -1.05 -68.86 -39.19
C THR M 209 -2.29 -69.26 -38.38
N ILE M 210 -2.79 -70.47 -38.62
CA ILE M 210 -3.80 -71.19 -37.80
C ILE M 210 -3.13 -72.47 -37.28
N LYS M 211 -3.01 -72.62 -35.95
CA LYS M 211 -2.35 -73.79 -35.31
C LYS M 211 -3.39 -74.66 -34.62
N ILE M 212 -3.34 -75.98 -34.87
CA ILE M 212 -4.16 -77.01 -34.16
C ILE M 212 -3.34 -77.51 -32.97
N TRP M 213 -3.98 -77.67 -31.80
CA TRP M 213 -3.33 -78.09 -30.54
C TRP M 213 -4.07 -79.30 -29.95
N ASP M 214 -3.32 -80.35 -29.60
CA ASP M 214 -3.81 -81.48 -28.76
C ASP M 214 -3.60 -81.09 -27.30
N TYR M 215 -4.68 -80.94 -26.52
CA TYR M 215 -4.64 -80.42 -25.13
C TYR M 215 -4.29 -81.55 -24.14
N GLN M 216 -4.26 -82.80 -24.60
CA GLN M 216 -3.77 -83.97 -23.80
C GLN M 216 -2.24 -83.94 -23.78
N THR M 217 -1.61 -83.91 -24.97
CA THR M 217 -0.13 -83.91 -25.15
C THR M 217 0.41 -82.47 -25.03
N LYS M 218 -0.45 -81.46 -25.18
CA LYS M 218 -0.13 -80.02 -25.01
C LYS M 218 0.88 -79.58 -26.09
N SER M 219 0.76 -80.12 -27.31
CA SER M 219 1.69 -79.88 -28.43
C SER M 219 0.92 -79.42 -29.68
N CYS M 220 1.64 -78.96 -30.71
CA CYS M 220 1.10 -78.52 -32.02
C CYS M 220 0.85 -79.75 -32.90
N VAL M 221 -0.37 -79.88 -33.44
CA VAL M 221 -0.80 -81.00 -34.31
C VAL M 221 -0.55 -80.64 -35.77
N ALA M 222 -0.81 -79.38 -36.16
CA ALA M 222 -0.67 -78.87 -37.54
C ALA M 222 -0.69 -77.35 -37.57
N THR M 223 0.11 -76.75 -38.47
CA THR M 223 0.13 -75.30 -38.79
C THR M 223 -0.48 -75.10 -40.18
N LEU M 224 -1.58 -74.34 -40.26
CA LEU M 224 -2.35 -74.07 -41.50
C LEU M 224 -2.02 -72.66 -42.01
N GLU M 225 -1.48 -72.56 -43.23
CA GLU M 225 -1.07 -71.29 -43.88
C GLU M 225 -1.84 -71.13 -45.21
N GLY M 226 -2.94 -70.38 -45.20
CA GLY M 226 -3.81 -70.18 -46.38
C GLY M 226 -4.33 -68.75 -46.51
N HIS M 227 -3.83 -67.80 -45.70
CA HIS M 227 -4.26 -66.38 -45.69
C HIS M 227 -3.05 -65.47 -45.89
N MET M 228 -3.28 -64.27 -46.45
CA MET M 228 -2.22 -63.28 -46.79
C MET M 228 -2.37 -62.03 -45.91
N SER M 229 -3.22 -62.09 -44.88
CA SER M 229 -3.41 -61.01 -43.87
C SER M 229 -3.93 -61.62 -42.56
N ASN M 230 -4.00 -60.79 -41.51
CA ASN M 230 -4.42 -61.18 -40.13
C ASN M 230 -5.57 -62.18 -40.20
N VAL M 231 -5.42 -63.35 -39.59
CA VAL M 231 -6.53 -64.36 -39.46
C VAL M 231 -7.36 -64.00 -38.23
N SER M 232 -8.60 -63.58 -38.46
CA SER M 232 -9.58 -63.10 -37.44
C SER M 232 -10.06 -64.28 -36.57
N PHE M 233 -10.42 -65.40 -37.19
CA PHE M 233 -10.98 -66.60 -36.50
C PHE M 233 -10.64 -67.88 -37.27
N ALA M 234 -10.76 -69.00 -36.55
CA ALA M 234 -10.73 -70.40 -37.05
C ALA M 234 -11.57 -71.26 -36.09
N VAL M 235 -12.54 -72.02 -36.62
CA VAL M 235 -13.50 -72.81 -35.81
C VAL M 235 -13.75 -74.16 -36.48
N PHE M 236 -13.96 -75.21 -35.69
CA PHE M 236 -14.42 -76.55 -36.14
C PHE M 236 -15.93 -76.53 -36.30
N HIS M 237 -16.42 -76.88 -37.50
CA HIS M 237 -17.88 -76.98 -37.81
C HIS M 237 -18.48 -78.09 -36.96
N PRO M 238 -19.71 -77.92 -36.41
CA PRO M 238 -20.28 -78.93 -35.50
C PRO M 238 -20.55 -80.29 -36.16
N THR M 239 -21.15 -80.28 -37.36
CA THR M 239 -21.71 -81.48 -38.04
C THR M 239 -20.79 -81.97 -39.16
N LEU M 240 -20.00 -81.09 -39.78
CA LEU M 240 -19.15 -81.39 -40.96
C LEU M 240 -17.68 -81.48 -40.52
N PRO M 241 -16.89 -82.42 -41.10
CA PRO M 241 -15.47 -82.52 -40.78
C PRO M 241 -14.66 -81.47 -41.55
N ILE M 242 -14.83 -80.19 -41.20
CA ILE M 242 -14.18 -79.03 -41.86
C ILE M 242 -13.80 -77.99 -40.79
N ILE M 243 -12.78 -77.17 -41.09
CA ILE M 243 -12.40 -75.94 -40.35
C ILE M 243 -12.77 -74.74 -41.21
N ILE M 244 -13.43 -73.73 -40.64
CA ILE M 244 -13.75 -72.45 -41.32
C ILE M 244 -12.89 -71.34 -40.70
N SER M 245 -12.02 -70.74 -41.50
CA SER M 245 -11.13 -69.60 -41.11
C SER M 245 -11.60 -68.31 -41.77
N GLY M 246 -11.34 -67.17 -41.13
CA GLY M 246 -11.61 -65.82 -41.65
C GLY M 246 -10.41 -64.92 -41.43
N SER M 247 -10.15 -64.00 -42.38
CA SER M 247 -8.94 -63.14 -42.39
C SER M 247 -9.30 -61.73 -42.86
N GLU M 248 -8.43 -60.76 -42.56
CA GLU M 248 -8.50 -59.37 -43.06
C GLU M 248 -8.13 -59.33 -44.55
N ASP M 249 -7.80 -60.49 -45.16
CA ASP M 249 -7.56 -60.62 -46.61
C ASP M 249 -8.91 -60.60 -47.36
N GLY M 250 -10.03 -60.73 -46.63
CA GLY M 250 -11.39 -60.67 -47.17
C GLY M 250 -11.91 -62.04 -47.61
N THR M 251 -11.21 -63.10 -47.19
CA THR M 251 -11.44 -64.50 -47.64
C THR M 251 -11.96 -65.35 -46.46
N LEU M 252 -12.84 -66.30 -46.78
CA LEU M 252 -13.22 -67.45 -45.91
C LEU M 252 -12.64 -68.72 -46.53
N LYS M 253 -11.83 -69.48 -45.78
CA LYS M 253 -11.25 -70.77 -46.22
C LYS M 253 -11.90 -71.91 -45.43
N ILE M 254 -12.40 -72.92 -46.15
CA ILE M 254 -12.94 -74.19 -45.57
C ILE M 254 -11.88 -75.28 -45.75
N TRP M 255 -11.27 -75.72 -44.64
CA TRP M 255 -10.18 -76.73 -44.61
C TRP M 255 -10.78 -78.10 -44.27
N ASN M 256 -10.19 -79.17 -44.78
CA ASN M 256 -10.47 -80.57 -44.35
C ASN M 256 -9.98 -80.72 -42.90
N SER M 257 -10.86 -81.14 -41.99
CA SER M 257 -10.56 -81.29 -40.53
C SER M 257 -9.66 -82.50 -40.29
N SER M 258 -9.50 -83.37 -41.30
CA SER M 258 -8.72 -84.63 -41.25
C SER M 258 -7.33 -84.43 -41.87
N THR M 259 -7.28 -83.98 -43.13
CA THR M 259 -6.05 -83.90 -43.96
C THR M 259 -5.46 -82.48 -43.94
N TYR M 260 -6.27 -81.47 -43.60
CA TYR M 260 -5.91 -80.02 -43.61
C TYR M 260 -5.65 -79.56 -45.05
N LYS M 261 -6.33 -80.20 -46.02
CA LYS M 261 -6.42 -79.74 -47.43
C LYS M 261 -7.55 -78.70 -47.52
N VAL M 262 -7.24 -77.51 -48.02
CA VAL M 262 -8.24 -76.42 -48.23
C VAL M 262 -9.27 -76.91 -49.26
N GLU M 263 -10.48 -77.22 -48.77
CA GLU M 263 -11.61 -77.76 -49.59
C GLU M 263 -12.15 -76.65 -50.52
N LYS M 264 -12.07 -75.39 -50.08
CA LYS M 264 -12.66 -74.22 -50.79
C LYS M 264 -12.09 -72.92 -50.20
N THR M 265 -11.98 -71.89 -51.04
CA THR M 265 -11.72 -70.48 -50.65
C THR M 265 -12.88 -69.62 -51.14
N LEU M 266 -13.55 -68.90 -50.23
CA LEU M 266 -14.72 -68.04 -50.55
C LEU M 266 -14.30 -66.56 -50.54
N ASN M 267 -14.37 -65.93 -51.71
CA ASN M 267 -14.12 -64.48 -51.94
C ASN M 267 -15.45 -63.75 -51.80
N VAL M 268 -15.83 -63.41 -50.56
CA VAL M 268 -17.24 -63.05 -50.20
C VAL M 268 -17.55 -61.63 -50.68
N GLY M 269 -16.53 -60.77 -50.81
CA GLY M 269 -16.64 -59.42 -51.39
C GLY M 269 -17.30 -58.43 -50.45
N LEU M 270 -16.99 -58.51 -49.15
CA LEU M 270 -17.41 -57.55 -48.09
C LEU M 270 -16.18 -57.05 -47.33
N GLU M 271 -14.99 -57.14 -47.96
CA GLU M 271 -13.67 -56.76 -47.39
C GLU M 271 -13.41 -57.60 -46.13
N ARG M 272 -12.78 -57.03 -45.08
CA ARG M 272 -12.12 -57.80 -44.00
C ARG M 272 -13.15 -58.61 -43.21
N SER M 273 -12.84 -59.89 -42.97
CA SER M 273 -13.60 -60.83 -42.10
C SER M 273 -13.13 -60.66 -40.65
N TRP M 274 -14.07 -60.59 -39.70
CA TRP M 274 -13.78 -60.35 -38.25
C TRP M 274 -14.36 -61.46 -37.37
N CYS M 275 -15.62 -61.85 -37.57
CA CYS M 275 -16.35 -62.80 -36.69
C CYS M 275 -16.99 -63.94 -37.51
N ILE M 276 -17.37 -65.01 -36.80
CA ILE M 276 -17.89 -66.30 -37.35
C ILE M 276 -18.97 -66.83 -36.41
N ALA M 277 -19.91 -67.62 -36.95
CA ALA M 277 -20.94 -68.35 -36.19
C ALA M 277 -21.35 -69.60 -36.97
N THR M 278 -21.50 -70.73 -36.26
CA THR M 278 -22.09 -72.00 -36.77
C THR M 278 -23.42 -72.21 -36.03
N HIS M 279 -24.44 -72.70 -36.73
CA HIS M 279 -25.79 -72.95 -36.14
C HIS M 279 -25.67 -74.00 -35.05
N PRO M 280 -26.13 -73.71 -33.81
CA PRO M 280 -26.06 -74.66 -32.69
C PRO M 280 -26.38 -76.13 -33.02
N THR M 281 -27.51 -76.39 -33.68
CA THR M 281 -28.00 -77.76 -34.04
C THR M 281 -27.37 -78.23 -35.34
N GLY M 282 -26.66 -77.34 -36.05
CA GLY M 282 -26.10 -77.61 -37.39
C GLY M 282 -27.20 -77.59 -38.45
N ARG M 283 -28.32 -76.94 -38.17
CA ARG M 283 -29.49 -76.83 -39.09
C ARG M 283 -29.01 -76.31 -40.45
N LYS M 284 -29.21 -77.07 -41.52
CA LYS M 284 -28.76 -76.79 -42.90
C LYS M 284 -27.24 -76.50 -42.90
N ASN M 285 -26.52 -77.05 -41.91
CA ASN M 285 -25.06 -76.81 -41.68
C ASN M 285 -24.76 -75.32 -41.80
N TYR M 286 -25.70 -74.45 -41.38
CA TYR M 286 -25.64 -72.97 -41.52
C TYR M 286 -24.37 -72.44 -40.86
N ILE M 287 -23.64 -71.58 -41.59
CA ILE M 287 -22.52 -70.76 -41.04
C ILE M 287 -22.81 -69.29 -41.36
N ALA M 288 -22.26 -68.37 -40.56
CA ALA M 288 -22.39 -66.90 -40.73
C ALA M 288 -21.12 -66.20 -40.27
N SER M 289 -20.68 -65.19 -41.03
CA SER M 289 -19.46 -64.39 -40.75
C SER M 289 -19.77 -62.89 -40.91
N GLY M 290 -19.10 -62.05 -40.11
CA GLY M 290 -19.27 -60.58 -40.10
C GLY M 290 -18.06 -59.87 -40.67
N PHE M 291 -18.29 -58.90 -41.56
CA PHE M 291 -17.25 -58.21 -42.39
C PHE M 291 -17.33 -56.69 -42.19
N ASP M 292 -16.37 -55.98 -42.78
CA ASP M 292 -16.31 -54.49 -42.85
C ASP M 292 -17.63 -53.93 -43.44
N ASN M 293 -18.20 -54.60 -44.43
CA ASN M 293 -19.30 -54.07 -45.28
C ASN M 293 -20.61 -54.84 -45.02
N GLY M 294 -20.67 -55.67 -43.98
CA GLY M 294 -21.88 -56.39 -43.57
C GLY M 294 -21.60 -57.82 -43.15
N PHE M 295 -22.56 -58.73 -43.36
CA PHE M 295 -22.47 -60.17 -43.02
C PHE M 295 -23.10 -61.01 -44.14
N THR M 296 -22.88 -62.32 -44.07
CA THR M 296 -23.45 -63.34 -44.99
C THR M 296 -23.78 -64.62 -44.21
N VAL M 297 -24.93 -65.22 -44.51
CA VAL M 297 -25.36 -66.56 -43.99
C VAL M 297 -25.26 -67.56 -45.14
N LEU M 298 -24.56 -68.68 -44.91
CA LEU M 298 -24.26 -69.72 -45.93
C LEU M 298 -24.77 -71.08 -45.43
N SER M 299 -25.44 -71.84 -46.31
CA SER M 299 -25.88 -73.24 -46.07
C SER M 299 -24.93 -74.20 -46.79
N LEU M 300 -24.47 -75.25 -46.09
CA LEU M 300 -23.53 -76.28 -46.61
C LEU M 300 -24.29 -77.60 -46.80
N GLY M 301 -23.97 -78.35 -47.86
CA GLY M 301 -24.51 -79.70 -48.13
C GLY M 301 -23.91 -80.72 -47.19
N ASN M 302 -24.63 -81.82 -46.94
CA ASN M 302 -24.20 -82.93 -46.04
C ASN M 302 -23.14 -83.78 -46.77
N MET N 1 73.38 -29.80 59.24
CA MET N 1 72.47 -28.98 58.38
C MET N 1 72.48 -27.53 58.88
N LYS N 2 72.84 -26.58 58.00
CA LYS N 2 72.74 -25.12 58.25
C LYS N 2 71.43 -24.61 57.62
N LEU N 3 70.46 -24.26 58.45
CA LEU N 3 69.09 -23.84 58.02
C LEU N 3 69.11 -22.38 57.54
N ASP N 4 69.77 -21.50 58.30
CA ASP N 4 69.91 -20.05 58.00
C ASP N 4 68.51 -19.45 57.80
N ILE N 5 67.71 -19.42 58.87
CA ILE N 5 66.30 -18.93 58.86
C ILE N 5 66.33 -17.40 58.87
N LYS N 6 65.60 -16.77 57.94
CA LYS N 6 65.43 -15.28 57.85
C LYS N 6 63.94 -14.94 57.81
N LYS N 7 63.50 -14.01 58.66
CA LYS N 7 62.10 -13.51 58.70
C LYS N 7 61.88 -12.58 57.51
N THR N 8 61.26 -13.09 56.45
CA THR N 8 60.92 -12.33 55.21
C THR N 8 59.89 -11.25 55.56
N PHE N 9 58.74 -11.67 56.11
CA PHE N 9 57.56 -10.83 56.37
C PHE N 9 56.73 -11.44 57.51
N SER N 10 56.24 -10.59 58.41
CA SER N 10 55.29 -10.92 59.49
C SER N 10 54.17 -9.87 59.51
N ASN N 11 52.92 -10.31 59.54
CA ASN N 11 51.73 -9.43 59.58
C ASN N 11 50.91 -9.71 60.84
N ARG N 12 50.44 -8.65 61.50
CA ARG N 12 49.51 -8.70 62.65
C ARG N 12 48.08 -8.68 62.11
N SER N 13 47.23 -9.59 62.59
CA SER N 13 45.82 -9.74 62.17
C SER N 13 45.07 -10.65 63.16
N ASP N 14 43.76 -10.83 62.94
CA ASP N 14 42.93 -11.87 63.58
C ASP N 14 43.49 -13.25 63.23
N ARG N 15 43.16 -14.26 64.03
CA ARG N 15 43.59 -15.68 63.87
C ARG N 15 43.55 -16.09 62.40
N VAL N 16 44.67 -16.61 61.89
CA VAL N 16 44.81 -17.19 60.52
C VAL N 16 44.57 -18.70 60.61
N LYS N 17 43.46 -19.19 60.03
CA LYS N 17 43.10 -20.64 60.04
C LYS N 17 43.62 -21.32 58.76
N GLY N 18 43.65 -20.60 57.64
CA GLY N 18 44.10 -21.12 56.33
C GLY N 18 45.21 -20.27 55.74
N ILE N 19 46.21 -20.92 55.13
CA ILE N 19 47.39 -20.25 54.52
C ILE N 19 47.82 -21.06 53.28
N ASP N 20 48.37 -20.38 52.27
CA ASP N 20 48.82 -20.99 50.99
C ASP N 20 49.68 -19.97 50.23
N PHE N 21 50.69 -20.47 49.48
CA PHE N 21 51.59 -19.67 48.60
C PHE N 21 51.09 -19.71 47.17
N HIS N 22 51.12 -18.56 46.47
CA HIS N 22 50.97 -18.47 44.99
C HIS N 22 52.25 -19.00 44.35
N PRO N 23 52.16 -19.87 43.32
CA PRO N 23 53.33 -20.57 42.80
C PRO N 23 54.35 -19.68 42.06
N THR N 24 53.89 -18.65 41.34
CA THR N 24 54.72 -17.82 40.42
C THR N 24 54.73 -16.34 40.84
N GLU N 25 53.93 -15.95 41.84
CA GLU N 25 53.86 -14.57 42.37
C GLU N 25 54.31 -14.59 43.83
N PRO N 26 54.92 -13.51 44.35
CA PRO N 26 55.46 -13.49 45.70
C PRO N 26 54.35 -13.24 46.73
N TRP N 27 53.28 -14.04 46.67
CA TRP N 27 52.00 -13.82 47.40
C TRP N 27 51.77 -14.93 48.42
N VAL N 28 51.05 -14.60 49.50
CA VAL N 28 50.49 -15.58 50.47
C VAL N 28 48.98 -15.32 50.57
N LEU N 29 48.17 -16.37 50.51
CA LEU N 29 46.72 -16.34 50.82
C LEU N 29 46.58 -16.60 52.32
N THR N 30 45.70 -15.85 53.00
CA THR N 30 45.33 -16.07 54.43
C THR N 30 43.81 -15.98 54.59
N THR N 31 43.22 -17.01 55.20
CA THR N 31 41.79 -17.08 55.58
C THR N 31 41.68 -16.97 57.10
N LEU N 32 40.95 -15.96 57.58
CA LEU N 32 40.96 -15.51 59.01
C LEU N 32 39.68 -15.98 59.71
N TYR N 33 39.71 -16.00 61.05
CA TYR N 33 38.61 -16.47 61.93
C TYR N 33 37.44 -15.49 61.89
N SER N 34 37.67 -14.26 61.40
CA SER N 34 36.69 -13.14 61.39
C SER N 34 35.91 -13.10 60.07
N GLY N 35 35.94 -14.18 59.27
CA GLY N 35 35.21 -14.28 57.99
C GLY N 35 35.88 -13.53 56.85
N ARG N 36 37.07 -12.98 57.10
CA ARG N 36 37.85 -12.16 56.12
C ARG N 36 38.94 -13.04 55.50
N VAL N 37 39.33 -12.73 54.26
CA VAL N 37 40.53 -13.33 53.58
C VAL N 37 41.40 -12.18 53.09
N GLU N 38 42.72 -12.39 53.06
CA GLU N 38 43.73 -11.37 52.67
C GLU N 38 44.78 -12.00 51.77
N LEU N 39 45.22 -11.24 50.75
CA LEU N 39 46.35 -11.59 49.85
C LEU N 39 47.46 -10.56 50.03
N TRP N 40 48.62 -10.99 50.55
CA TRP N 40 49.80 -10.15 50.85
C TRP N 40 50.94 -10.49 49.88
N ASN N 41 51.65 -9.47 49.40
CA ASN N 41 52.97 -9.59 48.74
C ASN N 41 54.03 -9.56 49.85
N TYR N 42 54.64 -10.70 50.17
CA TYR N 42 55.57 -10.88 51.32
C TYR N 42 56.95 -10.26 51.02
N GLU N 43 57.26 -10.01 49.74
CA GLU N 43 58.53 -9.36 49.30
C GLU N 43 58.37 -7.83 49.35
N THR N 44 57.15 -7.34 49.10
CA THR N 44 56.80 -5.88 49.01
C THR N 44 56.32 -5.37 50.38
N GLN N 45 55.65 -6.23 51.17
CA GLN N 45 55.01 -5.89 52.47
C GLN N 45 53.80 -4.97 52.23
N VAL N 46 53.11 -5.14 51.09
CA VAL N 46 51.87 -4.38 50.74
C VAL N 46 50.76 -5.38 50.39
N GLU N 47 49.54 -5.09 50.83
CA GLU N 47 48.33 -5.93 50.61
C GLU N 47 47.95 -5.89 49.13
N VAL N 48 47.71 -7.06 48.53
CA VAL N 48 47.22 -7.22 47.13
C VAL N 48 45.70 -7.02 47.14
N ARG N 49 44.99 -7.84 47.92
CA ARG N 49 43.50 -7.79 48.08
C ARG N 49 43.12 -8.32 49.47
N SER N 50 41.95 -7.91 49.95
CA SER N 50 41.29 -8.42 51.18
C SER N 50 39.76 -8.37 51.00
N ILE N 51 39.09 -9.51 51.22
CA ILE N 51 37.62 -9.66 51.04
C ILE N 51 37.00 -10.13 52.37
N GLN N 52 35.90 -9.50 52.78
CA GLN N 52 34.99 -10.01 53.83
C GLN N 52 34.08 -11.06 53.17
N VAL N 53 34.46 -12.33 53.27
CA VAL N 53 33.81 -13.51 52.61
C VAL N 53 32.46 -13.79 53.27
N THR N 54 32.40 -13.62 54.60
CA THR N 54 31.27 -14.04 55.47
C THR N 54 31.54 -13.47 56.87
N GLU N 55 30.81 -13.95 57.90
CA GLU N 55 31.01 -13.48 59.30
CA GLU N 55 30.96 -13.50 59.31
C GLU N 55 31.35 -14.67 60.20
N THR N 56 31.47 -15.88 59.63
CA THR N 56 31.88 -17.13 60.31
C THR N 56 33.39 -17.31 60.14
N PRO N 57 34.03 -18.25 60.86
CA PRO N 57 35.40 -18.65 60.54
C PRO N 57 35.52 -19.17 59.09
N VAL N 58 36.62 -18.81 58.42
CA VAL N 58 37.03 -19.36 57.09
C VAL N 58 38.34 -20.16 57.31
N ARG N 59 38.22 -21.49 57.39
CA ARG N 59 39.28 -22.39 57.91
C ARG N 59 40.22 -22.85 56.80
N ALA N 60 39.70 -23.08 55.59
CA ALA N 60 40.46 -23.61 54.44
C ALA N 60 40.45 -22.62 53.27
N GLY N 61 41.63 -22.39 52.67
CA GLY N 61 41.79 -21.53 51.48
C GLY N 61 43.05 -21.92 50.70
N LYS N 62 42.91 -22.14 49.40
CA LYS N 62 44.03 -22.48 48.48
C LYS N 62 43.96 -21.57 47.25
N PHE N 63 45.12 -21.30 46.65
CA PHE N 63 45.23 -20.75 45.27
C PHE N 63 44.84 -21.85 44.28
N ILE N 64 44.15 -21.45 43.20
CA ILE N 64 44.06 -22.22 41.93
C ILE N 64 44.66 -21.33 40.84
N ALA N 65 45.99 -21.21 40.84
CA ALA N 65 46.80 -20.24 40.07
C ALA N 65 46.52 -20.37 38.57
N ARG N 66 46.23 -21.59 38.10
CA ARG N 66 46.02 -21.92 36.67
C ARG N 66 44.73 -21.25 36.14
N LYS N 67 43.81 -20.86 37.03
CA LYS N 67 42.55 -20.14 36.69
C LYS N 67 42.58 -18.72 37.27
N ASN N 68 43.71 -18.31 37.86
CA ASN N 68 43.88 -17.02 38.61
C ASN N 68 42.80 -16.91 39.69
N TRP N 69 42.49 -18.00 40.39
CA TRP N 69 41.46 -18.07 41.44
C TRP N 69 42.10 -18.19 42.83
N ILE N 70 41.31 -17.88 43.85
CA ILE N 70 41.44 -18.41 45.24
C ILE N 70 40.14 -19.16 45.54
N ILE N 71 40.21 -20.34 46.15
CA ILE N 71 39.04 -21.11 46.65
C ILE N 71 39.11 -21.10 48.19
N VAL N 72 37.97 -20.92 48.86
CA VAL N 72 37.90 -20.82 50.35
C VAL N 72 36.65 -21.55 50.86
N GLY N 73 36.76 -22.10 52.08
CA GLY N 73 35.68 -22.83 52.79
C GLY N 73 35.45 -22.25 54.17
N SER N 74 34.19 -22.19 54.61
CA SER N 74 33.75 -21.50 55.86
C SER N 74 32.78 -22.38 56.65
N ASP N 75 32.60 -22.04 57.94
CA ASP N 75 31.70 -22.75 58.89
C ASP N 75 30.22 -22.53 58.48
N ASP N 76 29.94 -21.49 57.68
CA ASP N 76 28.59 -21.20 57.11
C ASP N 76 28.19 -22.22 56.05
N PHE N 77 29.01 -23.25 55.82
CA PHE N 77 28.74 -24.47 54.99
C PHE N 77 29.22 -24.28 53.54
N ARG N 78 29.69 -23.09 53.16
CA ARG N 78 29.85 -22.70 51.74
C ARG N 78 31.31 -22.82 51.29
N ILE N 79 31.50 -23.13 50.00
CA ILE N 79 32.76 -22.95 49.24
C ILE N 79 32.55 -21.77 48.29
N ARG N 80 33.49 -20.81 48.30
CA ARG N 80 33.44 -19.58 47.47
C ARG N 80 34.75 -19.50 46.65
N VAL N 81 34.64 -19.21 45.36
CA VAL N 81 35.81 -19.02 44.44
C VAL N 81 35.83 -17.57 43.98
N PHE N 82 36.99 -16.93 44.04
CA PHE N 82 37.22 -15.50 43.67
C PHE N 82 38.40 -15.41 42.69
N ASN N 83 38.23 -14.65 41.60
CA ASN N 83 39.33 -14.23 40.71
C ASN N 83 40.13 -13.13 41.44
N TYR N 84 41.40 -13.39 41.76
CA TYR N 84 42.26 -12.51 42.61
C TYR N 84 42.78 -11.32 41.79
N ASN N 85 42.65 -11.34 40.47
CA ASN N 85 43.10 -10.23 39.59
C ASN N 85 42.04 -9.11 39.58
N THR N 86 40.75 -9.47 39.56
CA THR N 86 39.60 -8.52 39.51
C THR N 86 38.92 -8.43 40.88
N GLY N 87 38.86 -9.54 41.63
CA GLY N 87 38.14 -9.65 42.91
C GLY N 87 36.70 -10.14 42.72
N GLU N 88 36.31 -10.42 41.47
CA GLU N 88 34.95 -10.89 41.11
C GLU N 88 34.73 -12.30 41.69
N LYS N 89 33.54 -12.56 42.24
CA LYS N 89 33.14 -13.89 42.78
C LYS N 89 32.76 -14.79 41.60
N VAL N 90 33.39 -15.97 41.52
CA VAL N 90 33.25 -16.95 40.40
C VAL N 90 32.08 -17.89 40.71
N VAL N 91 32.12 -18.55 41.87
CA VAL N 91 31.05 -19.47 42.37
C VAL N 91 30.92 -19.28 43.88
N ASP N 92 29.77 -19.67 44.45
CA ASP N 92 29.44 -19.55 45.88
C ASP N 92 28.32 -20.56 46.19
N PHE N 93 28.68 -21.75 46.68
CA PHE N 93 27.76 -22.91 46.81
C PHE N 93 27.95 -23.60 48.16
N GLU N 94 26.85 -24.17 48.67
CA GLU N 94 26.82 -25.02 49.89
C GLU N 94 27.49 -26.36 49.56
N ALA N 95 28.52 -26.73 50.31
CA ALA N 95 29.35 -27.94 50.11
C ALA N 95 28.91 -29.05 51.06
N HIS N 96 28.90 -28.76 52.36
CA HIS N 96 28.53 -29.69 53.47
C HIS N 96 27.56 -28.98 54.41
N PRO N 97 26.58 -29.67 55.03
CA PRO N 97 25.67 -29.02 55.99
C PRO N 97 26.34 -28.80 57.36
N ASP N 98 27.61 -28.40 57.36
CA ASP N 98 28.47 -28.31 58.58
C ASP N 98 29.79 -27.61 58.20
N TYR N 99 30.67 -27.42 59.20
CA TYR N 99 32.00 -26.78 59.06
C TYR N 99 32.79 -27.46 57.93
N ILE N 100 33.50 -26.65 57.14
CA ILE N 100 34.54 -27.12 56.18
C ILE N 100 35.92 -26.89 56.83
N ARG N 101 36.71 -27.94 57.00
CA ARG N 101 37.99 -27.92 57.76
C ARG N 101 39.19 -27.83 56.81
N SER N 102 39.10 -28.41 55.61
CA SER N 102 40.23 -28.55 54.66
C SER N 102 39.74 -28.53 53.21
N ILE N 103 40.55 -28.00 52.30
CA ILE N 103 40.38 -28.06 50.82
C ILE N 103 41.72 -28.43 50.19
N ALA N 104 41.72 -29.36 49.22
CA ALA N 104 42.88 -29.71 48.38
C ALA N 104 42.49 -29.55 46.90
N VAL N 105 43.43 -29.09 46.07
CA VAL N 105 43.25 -28.88 44.61
C VAL N 105 44.10 -29.92 43.86
N HIS N 106 43.45 -30.75 43.03
CA HIS N 106 44.14 -31.72 42.14
C HIS N 106 45.18 -30.96 41.31
N PRO N 107 46.42 -31.47 41.19
CA PRO N 107 47.48 -30.75 40.49
C PRO N 107 47.27 -30.55 38.98
N THR N 108 46.68 -31.55 38.29
CA THR N 108 46.56 -31.58 36.80
C THR N 108 45.10 -31.48 36.34
N LYS N 109 44.13 -31.94 37.16
CA LYS N 109 42.69 -32.05 36.80
C LYS N 109 41.92 -30.91 37.47
N PRO N 110 40.70 -30.58 36.99
CA PRO N 110 39.91 -29.49 37.55
C PRO N 110 39.02 -29.94 38.71
N TYR N 111 39.60 -30.71 39.66
CA TYR N 111 38.88 -31.30 40.83
C TYR N 111 39.37 -30.63 42.12
N VAL N 112 38.45 -30.41 43.06
CA VAL N 112 38.74 -29.92 44.44
C VAL N 112 38.15 -30.91 45.44
N LEU N 113 38.94 -31.31 46.44
CA LEU N 113 38.48 -32.10 47.62
C LEU N 113 38.14 -31.13 48.76
N SER N 114 37.07 -31.43 49.50
CA SER N 114 36.62 -30.68 50.70
C SER N 114 36.32 -31.67 51.83
N GLY N 115 36.98 -31.49 52.99
CA GLY N 115 36.76 -32.29 54.21
C GLY N 115 35.94 -31.50 55.20
N SER N 116 34.99 -32.14 55.88
CA SER N 116 33.95 -31.46 56.70
C SER N 116 33.62 -32.23 57.99
N ASP N 117 33.04 -31.50 58.95
CA ASP N 117 32.50 -32.05 60.23
C ASP N 117 31.33 -32.99 59.95
N ASP N 118 30.79 -33.01 58.71
CA ASP N 118 29.63 -33.86 58.34
C ASP N 118 30.07 -35.31 58.10
N LEU N 119 31.34 -35.65 58.41
CA LEU N 119 31.92 -37.02 58.39
C LEU N 119 32.27 -37.43 56.95
N THR N 120 32.44 -36.46 56.05
CA THR N 120 32.43 -36.67 54.58
C THR N 120 33.63 -35.97 53.93
N VAL N 121 34.09 -36.49 52.80
CA VAL N 121 34.97 -35.78 51.82
C VAL N 121 34.19 -35.74 50.49
N LYS N 122 34.16 -34.59 49.82
CA LYS N 122 33.43 -34.40 48.54
C LYS N 122 34.37 -33.87 47.45
N LEU N 123 34.22 -34.40 46.23
CA LEU N 123 35.01 -34.06 45.02
C LEU N 123 34.15 -33.16 44.12
N TRP N 124 34.66 -31.99 43.74
CA TRP N 124 33.95 -30.97 42.91
C TRP N 124 34.71 -30.74 41.59
N ASN N 125 33.99 -30.76 40.47
CA ASN N 125 34.55 -30.58 39.10
C ASN N 125 34.17 -29.19 38.59
N TRP N 126 35.14 -28.27 38.50
CA TRP N 126 34.90 -26.84 38.11
C TRP N 126 34.76 -26.71 36.58
N GLU N 127 34.97 -27.80 35.83
CA GLU N 127 34.72 -27.86 34.36
C GLU N 127 33.38 -28.58 34.10
N ASN N 128 32.70 -29.03 35.16
CA ASN N 128 31.29 -29.52 35.12
C ASN N 128 30.43 -28.58 36.00
N ASN N 129 30.71 -27.27 35.93
CA ASN N 129 30.06 -26.18 36.70
C ASN N 129 29.98 -26.58 38.19
N TRP N 130 31.09 -27.07 38.74
CA TRP N 130 31.28 -27.36 40.19
C TRP N 130 30.28 -28.42 40.68
N ALA N 131 29.95 -29.40 39.83
CA ALA N 131 29.04 -30.53 40.16
C ALA N 131 29.69 -31.42 41.22
N LEU N 132 28.89 -31.94 42.16
CA LEU N 132 29.32 -32.97 43.15
C LEU N 132 29.54 -34.29 42.41
N GLU N 133 30.80 -34.68 42.23
CA GLU N 133 31.21 -35.88 41.45
C GLU N 133 31.13 -37.13 42.33
N GLN N 134 31.51 -37.01 43.61
CA GLN N 134 31.56 -38.18 44.54
C GLN N 134 31.58 -37.70 45.99
N THR N 135 31.00 -38.50 46.89
CA THR N 135 30.95 -38.30 48.37
C THR N 135 31.59 -39.52 49.04
N PHE N 136 32.75 -39.32 49.68
CA PHE N 136 33.53 -40.40 50.35
C PHE N 136 33.03 -40.56 51.79
N GLU N 137 32.23 -41.61 52.03
CA GLU N 137 31.61 -41.93 53.35
C GLU N 137 32.40 -43.08 53.99
N GLY N 138 32.47 -43.09 55.33
CA GLY N 138 33.17 -44.14 56.10
C GLY N 138 33.69 -43.62 57.43
N HIS N 139 34.25 -42.40 57.45
CA HIS N 139 34.76 -41.71 58.66
C HIS N 139 33.62 -41.49 59.66
N GLU N 140 33.93 -41.49 60.96
CA GLU N 140 32.92 -41.46 62.06
C GLU N 140 33.17 -40.24 62.97
N HIS N 141 33.91 -39.22 62.47
CA HIS N 141 34.03 -37.89 63.11
C HIS N 141 34.50 -36.85 62.08
N PHE N 142 34.78 -35.62 62.52
CA PHE N 142 35.13 -34.46 61.66
C PHE N 142 36.40 -34.77 60.87
N VAL N 143 36.30 -34.75 59.53
CA VAL N 143 37.47 -34.82 58.61
C VAL N 143 38.22 -33.49 58.71
N MET N 144 39.41 -33.51 59.31
CA MET N 144 40.19 -32.29 59.69
C MET N 144 41.10 -31.85 58.54
N CYS N 145 41.49 -32.77 57.65
CA CYS N 145 42.59 -32.57 56.68
C CYS N 145 42.46 -33.52 55.49
N VAL N 146 42.47 -32.96 54.28
CA VAL N 146 42.50 -33.71 52.99
C VAL N 146 43.79 -33.37 52.26
N ALA N 147 44.53 -34.39 51.80
CA ALA N 147 45.79 -34.27 51.05
C ALA N 147 45.85 -35.33 49.95
N PHE N 148 45.97 -34.88 48.69
CA PHE N 148 46.33 -35.72 47.52
C PHE N 148 47.75 -36.26 47.69
N ASN N 149 47.98 -37.53 47.34
CA ASN N 149 49.34 -38.07 47.10
C ASN N 149 49.89 -37.32 45.89
N PRO N 150 50.99 -36.53 46.04
CA PRO N 150 51.56 -35.78 44.91
C PRO N 150 52.21 -36.71 43.89
N LYS N 151 52.46 -37.96 44.27
CA LYS N 151 53.02 -39.04 43.40
C LYS N 151 51.90 -39.73 42.63
N ASP N 152 50.69 -39.80 43.21
CA ASP N 152 49.47 -40.36 42.56
C ASP N 152 48.23 -39.62 43.05
N PRO N 153 47.93 -38.42 42.50
CA PRO N 153 46.74 -37.67 42.90
C PRO N 153 45.38 -38.27 42.46
N SER N 154 45.36 -39.49 41.93
CA SER N 154 44.15 -40.34 41.82
C SER N 154 43.86 -41.00 43.19
N THR N 155 44.80 -40.87 44.14
CA THR N 155 44.63 -41.24 45.57
C THR N 155 44.75 -39.98 46.43
N PHE N 156 44.11 -39.97 47.59
CA PHE N 156 44.24 -38.91 48.61
C PHE N 156 44.04 -39.51 50.00
N ALA N 157 44.43 -38.74 51.02
CA ALA N 157 44.36 -39.09 52.44
C ALA N 157 43.46 -38.09 53.17
N SER N 158 42.56 -38.60 54.01
CA SER N 158 41.73 -37.80 54.95
C SER N 158 42.17 -38.10 56.39
N GLY N 159 42.51 -37.07 57.16
CA GLY N 159 42.84 -37.15 58.60
C GLY N 159 41.66 -36.72 59.45
N CYS N 160 41.19 -37.60 60.34
CA CYS N 160 39.85 -37.53 61.02
C CYS N 160 39.99 -37.64 62.54
N LEU N 161 39.00 -37.12 63.28
CA LEU N 161 38.95 -37.13 64.77
C LEU N 161 38.46 -38.48 65.28
N ASP N 162 37.98 -39.36 64.39
CA ASP N 162 37.68 -40.79 64.71
C ASP N 162 39.01 -41.55 64.86
N ARG N 163 40.15 -40.86 64.73
CA ARG N 163 41.52 -41.32 65.08
C ARG N 163 42.07 -42.22 63.97
N THR N 164 41.48 -42.19 62.77
CA THR N 164 41.96 -42.93 61.58
C THR N 164 42.43 -41.94 60.51
N VAL N 165 43.40 -42.37 59.70
CA VAL N 165 43.65 -41.83 58.33
C VAL N 165 43.11 -42.86 57.34
N LYS N 166 42.21 -42.45 56.45
CA LYS N 166 41.71 -43.28 55.33
C LYS N 166 42.37 -42.81 54.03
N VAL N 167 42.73 -43.74 53.17
CA VAL N 167 43.28 -43.48 51.80
C VAL N 167 42.27 -44.00 50.78
N TRP N 168 41.87 -43.15 49.84
CA TRP N 168 40.75 -43.39 48.89
C TRP N 168 41.29 -43.37 47.46
N SER N 169 40.57 -44.01 46.53
CA SER N 169 40.76 -43.91 45.05
C SER N 169 39.58 -43.14 44.47
N LEU N 170 39.84 -42.15 43.61
CA LEU N 170 38.81 -41.35 42.92
C LEU N 170 38.01 -42.27 42.00
N GLY N 171 36.70 -42.43 42.26
CA GLY N 171 35.80 -43.33 41.53
C GLY N 171 35.49 -44.61 42.29
N GLN N 172 35.99 -44.73 43.53
CA GLN N 172 35.78 -45.91 44.42
C GLN N 172 35.22 -45.42 45.77
N SER N 173 34.09 -45.99 46.21
CA SER N 173 33.34 -45.57 47.42
C SER N 173 34.05 -46.05 48.69
N THR N 174 34.51 -47.31 48.71
CA THR N 174 35.21 -47.95 49.85
C THR N 174 36.66 -47.45 49.90
N PRO N 175 37.20 -47.12 51.09
CA PRO N 175 38.62 -46.77 51.21
C PRO N 175 39.54 -47.92 50.75
N ASN N 176 40.69 -47.58 50.17
CA ASN N 176 41.78 -48.54 49.84
C ASN N 176 42.24 -49.20 51.13
N PHE N 177 42.35 -48.43 52.22
CA PHE N 177 42.68 -48.92 53.58
C PHE N 177 42.38 -47.83 54.61
N THR N 178 42.42 -48.21 55.90
CA THR N 178 42.19 -47.33 57.08
C THR N 178 43.37 -47.53 58.04
N LEU N 179 44.05 -46.44 58.42
CA LEU N 179 45.21 -46.44 59.35
C LEU N 179 44.73 -46.11 60.77
N THR N 180 44.72 -47.12 61.65
CA THR N 180 44.47 -46.97 63.11
C THR N 180 45.73 -46.36 63.75
N THR N 181 45.72 -45.05 64.00
CA THR N 181 46.92 -44.23 64.30
C THR N 181 47.36 -44.37 65.76
N GLY N 182 46.46 -44.77 66.66
CA GLY N 182 46.71 -44.80 68.11
C GLY N 182 46.78 -43.41 68.72
N GLN N 183 46.38 -42.39 67.94
CA GLN N 183 46.35 -40.95 68.35
C GLN N 183 44.92 -40.64 68.82
N GLU N 184 44.66 -40.84 70.12
CA GLU N 184 43.30 -41.06 70.68
C GLU N 184 42.50 -39.74 70.74
N ARG N 185 43.16 -38.58 70.70
CA ARG N 185 42.50 -37.25 70.65
C ARG N 185 42.16 -36.87 69.20
N GLY N 186 42.36 -37.79 68.26
CA GLY N 186 42.01 -37.64 66.83
C GLY N 186 43.20 -37.23 65.98
N VAL N 187 43.04 -37.20 64.66
CA VAL N 187 44.06 -36.75 63.67
C VAL N 187 43.64 -35.38 63.14
N ASN N 188 44.48 -34.36 63.37
CA ASN N 188 44.22 -32.95 62.96
C ASN N 188 44.74 -32.67 61.55
N TYR N 189 45.72 -33.45 61.09
CA TYR N 189 46.48 -33.18 59.85
C TYR N 189 47.08 -34.49 59.31
N VAL N 190 47.21 -34.57 57.98
CA VAL N 190 47.94 -35.65 57.27
C VAL N 190 48.65 -35.02 56.06
N ASP N 191 49.87 -35.46 55.76
CA ASP N 191 50.72 -34.93 54.67
C ASP N 191 51.60 -36.04 54.10
N TYR N 192 51.83 -36.01 52.79
CA TYR N 192 52.62 -37.02 52.03
C TYR N 192 54.07 -36.53 51.87
N TYR N 193 55.03 -37.43 52.08
CA TYR N 193 56.46 -37.26 51.72
C TYR N 193 56.59 -37.18 50.20
N PRO N 194 57.01 -36.04 49.62
CA PRO N 194 56.87 -35.83 48.18
C PRO N 194 57.80 -36.66 47.27
N LEU N 195 58.93 -37.15 47.80
CA LEU N 195 59.99 -37.85 47.01
C LEU N 195 59.70 -39.35 46.97
N PRO N 196 60.03 -40.04 45.86
CA PRO N 196 59.65 -41.45 45.69
C PRO N 196 60.51 -42.51 46.41
N ASP N 197 61.47 -42.10 47.24
CA ASP N 197 62.41 -43.04 47.92
C ASP N 197 61.75 -43.67 49.16
N LYS N 198 60.60 -43.15 49.62
CA LYS N 198 59.84 -43.72 50.77
C LYS N 198 58.34 -43.44 50.61
N PRO N 199 57.47 -44.47 50.76
CA PRO N 199 56.03 -44.27 50.82
C PRO N 199 55.58 -43.88 52.23
N TYR N 200 55.88 -42.63 52.64
CA TYR N 200 55.76 -42.14 54.04
C TYR N 200 54.68 -41.07 54.13
N MET N 201 53.74 -41.24 55.07
CA MET N 201 52.76 -40.21 55.53
C MET N 201 53.20 -39.71 56.91
N ILE N 202 52.65 -38.57 57.35
CA ILE N 202 52.87 -37.99 58.70
C ILE N 202 51.54 -37.40 59.20
N THR N 203 51.23 -37.57 60.49
CA THR N 203 49.98 -37.10 61.13
C THR N 203 50.31 -36.32 62.42
N ALA N 204 49.54 -35.27 62.70
CA ALA N 204 49.61 -34.43 63.92
C ALA N 204 48.29 -34.52 64.69
N SER N 205 48.36 -34.56 66.03
CA SER N 205 47.20 -34.85 66.91
C SER N 205 47.22 -33.94 68.15
N ASP N 206 46.04 -33.73 68.75
CA ASP N 206 45.87 -33.01 70.04
C ASP N 206 46.53 -33.80 71.17
N ASP N 207 46.83 -35.10 70.96
CA ASP N 207 47.46 -35.99 71.97
C ASP N 207 48.96 -35.71 72.07
N LEU N 208 49.44 -34.63 71.44
CA LEU N 208 50.83 -34.06 71.54
C LEU N 208 51.79 -34.76 70.57
N THR N 209 51.34 -35.83 69.88
CA THR N 209 52.21 -36.71 69.06
C THR N 209 52.14 -36.31 67.57
N ILE N 210 53.30 -36.38 66.90
CA ILE N 210 53.44 -36.49 65.42
C ILE N 210 53.90 -37.93 65.13
N LYS N 211 53.32 -38.58 64.13
CA LYS N 211 53.62 -40.00 63.79
C LYS N 211 53.94 -40.12 62.30
N ILE N 212 55.06 -40.78 61.98
CA ILE N 212 55.49 -41.12 60.59
C ILE N 212 54.91 -42.50 60.26
N TRP N 213 54.29 -42.64 59.07
CA TRP N 213 53.58 -43.88 58.64
C TRP N 213 54.15 -44.35 57.29
N ASP N 214 54.33 -45.67 57.15
CA ASP N 214 54.61 -46.36 55.88
C ASP N 214 53.30 -47.01 55.42
N TYR N 215 52.70 -46.52 54.34
CA TYR N 215 51.33 -46.89 53.87
C TYR N 215 51.36 -48.18 53.05
N GLN N 216 52.54 -48.80 52.89
CA GLN N 216 52.70 -50.10 52.19
C GLN N 216 52.66 -51.24 53.21
N THR N 217 53.38 -51.10 54.33
CA THR N 217 53.42 -52.07 55.46
C THR N 217 52.28 -51.80 56.44
N LYS N 218 51.84 -50.53 56.55
CA LYS N 218 50.74 -50.07 57.44
C LYS N 218 51.19 -50.12 58.90
N SER N 219 52.37 -49.57 59.21
CA SER N 219 52.95 -49.53 60.58
C SER N 219 53.64 -48.18 60.81
N CYS N 220 53.63 -47.69 62.05
CA CYS N 220 54.25 -46.41 62.49
C CYS N 220 55.77 -46.52 62.36
N VAL N 221 56.39 -45.58 61.65
CA VAL N 221 57.86 -45.53 61.36
C VAL N 221 58.57 -44.86 62.53
N ALA N 222 58.03 -43.75 63.03
CA ALA N 222 58.58 -42.96 64.16
C ALA N 222 57.46 -42.13 64.80
N THR N 223 57.57 -41.91 66.12
CA THR N 223 56.71 -40.97 66.89
C THR N 223 57.58 -39.79 67.35
N LEU N 224 57.25 -38.58 66.90
CA LEU N 224 57.93 -37.33 67.30
C LEU N 224 57.19 -36.75 68.52
N GLU N 225 57.92 -36.50 69.61
CA GLU N 225 57.37 -35.93 70.87
C GLU N 225 58.11 -34.62 71.16
N GLY N 226 57.63 -33.51 70.58
CA GLY N 226 58.31 -32.20 70.61
C GLY N 226 57.36 -31.02 70.75
N HIS N 227 56.19 -31.23 71.37
CA HIS N 227 55.21 -30.16 71.69
C HIS N 227 54.55 -30.46 73.05
N MET N 228 54.20 -29.42 73.80
CA MET N 228 53.54 -29.54 75.13
C MET N 228 52.07 -29.13 75.03
N SER N 229 51.56 -28.96 73.81
CA SER N 229 50.11 -28.74 73.54
C SER N 229 49.75 -29.26 72.14
N ASN N 230 48.48 -29.17 71.77
CA ASN N 230 47.90 -29.72 70.53
C ASN N 230 48.85 -29.44 69.36
N VAL N 231 49.14 -30.47 68.55
CA VAL N 231 49.93 -30.36 67.29
C VAL N 231 48.94 -30.19 66.13
N SER N 232 48.85 -28.96 65.60
CA SER N 232 47.89 -28.54 64.55
C SER N 232 48.21 -29.21 63.21
N PHE N 233 49.50 -29.43 62.94
CA PHE N 233 50.01 -29.95 61.64
C PHE N 233 51.45 -30.45 61.77
N ALA N 234 51.88 -31.20 60.75
CA ALA N 234 53.27 -31.69 60.55
C ALA N 234 53.42 -32.07 59.08
N VAL N 235 54.32 -31.40 58.34
CA VAL N 235 54.50 -31.59 56.88
C VAL N 235 55.98 -31.80 56.56
N PHE N 236 56.26 -32.56 55.50
CA PHE N 236 57.60 -32.69 54.86
C PHE N 236 57.81 -31.47 53.96
N HIS N 237 58.96 -30.79 54.10
CA HIS N 237 59.39 -29.69 53.22
C HIS N 237 59.63 -30.26 51.82
N PRO N 238 59.21 -29.57 50.73
CA PRO N 238 59.45 -30.06 49.38
C PRO N 238 60.92 -30.34 49.03
N THR N 239 61.80 -29.36 49.20
CA THR N 239 63.19 -29.36 48.64
C THR N 239 64.27 -29.53 49.72
N LEU N 240 63.91 -29.50 51.01
CA LEU N 240 64.88 -29.66 52.14
C LEU N 240 64.52 -30.91 52.94
N PRO N 241 65.53 -31.66 53.46
CA PRO N 241 65.27 -32.90 54.18
C PRO N 241 64.87 -32.60 55.63
N ILE N 242 63.67 -32.03 55.82
CA ILE N 242 63.14 -31.55 57.14
C ILE N 242 61.63 -31.77 57.20
N ILE N 243 61.12 -31.93 58.42
CA ILE N 243 59.67 -31.86 58.76
C ILE N 243 59.45 -30.57 59.56
N ILE N 244 58.44 -29.77 59.17
CA ILE N 244 58.01 -28.56 59.91
C ILE N 244 56.68 -28.88 60.61
N SER N 245 56.63 -28.68 61.92
CA SER N 245 55.43 -28.92 62.78
C SER N 245 55.09 -27.65 63.56
N GLY N 246 53.80 -27.39 63.73
CA GLY N 246 53.25 -26.23 64.48
C GLY N 246 52.31 -26.70 65.57
N SER N 247 52.09 -25.88 66.59
CA SER N 247 51.38 -26.26 67.83
C SER N 247 50.69 -25.05 68.46
N GLU N 248 49.68 -25.32 69.30
CA GLU N 248 49.01 -24.33 70.17
C GLU N 248 49.99 -23.81 71.22
N ASP N 249 51.08 -24.55 71.47
CA ASP N 249 52.21 -24.09 72.34
C ASP N 249 52.85 -22.84 71.73
N GLY N 250 52.57 -22.56 70.45
CA GLY N 250 52.96 -21.32 69.76
C GLY N 250 54.34 -21.41 69.15
N THR N 251 54.87 -22.63 68.98
CA THR N 251 56.20 -22.90 68.37
C THR N 251 56.04 -23.50 66.97
N LEU N 252 57.04 -23.28 66.12
CA LEU N 252 57.33 -24.09 64.91
C LEU N 252 58.60 -24.90 65.17
N LYS N 253 58.51 -26.24 65.13
CA LYS N 253 59.67 -27.14 65.27
C LYS N 253 60.10 -27.63 63.89
N ILE N 254 61.41 -27.57 63.61
CA ILE N 254 62.04 -28.10 62.38
C ILE N 254 62.78 -29.39 62.75
N TRP N 255 62.24 -30.53 62.31
CA TRP N 255 62.83 -31.89 62.52
C TRP N 255 63.71 -32.25 61.32
N ASN N 256 64.60 -33.23 61.50
CA ASN N 256 65.37 -33.90 60.43
C ASN N 256 64.56 -35.12 59.97
N SER N 257 64.29 -35.24 58.66
CA SER N 257 63.41 -36.29 58.09
C SER N 257 64.13 -37.66 58.07
N SER N 258 65.45 -37.68 58.28
CA SER N 258 66.28 -38.91 58.34
C SER N 258 66.36 -39.42 59.80
N THR N 259 66.91 -38.62 60.71
CA THR N 259 67.16 -38.97 62.13
C THR N 259 65.90 -38.76 62.98
N TYR N 260 65.02 -37.85 62.55
CA TYR N 260 63.87 -37.33 63.35
C TYR N 260 64.40 -36.61 64.59
N LYS N 261 65.59 -36.00 64.46
CA LYS N 261 66.23 -35.14 65.49
C LYS N 261 65.76 -33.70 65.28
N VAL N 262 65.61 -32.94 66.37
CA VAL N 262 65.16 -31.52 66.35
C VAL N 262 66.34 -30.65 65.92
N GLU N 263 66.15 -29.85 64.88
CA GLU N 263 67.19 -28.96 64.28
C GLU N 263 67.03 -27.53 64.84
N LYS N 264 65.79 -27.05 64.98
CA LYS N 264 65.50 -25.72 65.58
C LYS N 264 64.05 -25.66 66.08
N THR N 265 63.84 -25.05 67.24
CA THR N 265 62.54 -24.59 67.77
C THR N 265 62.41 -23.09 67.48
N LEU N 266 61.26 -22.68 66.93
CA LEU N 266 60.94 -21.26 66.62
C LEU N 266 59.81 -20.80 67.54
N ASN N 267 60.09 -19.84 68.42
CA ASN N 267 59.06 -19.17 69.27
C ASN N 267 58.64 -17.89 68.53
N VAL N 268 57.72 -18.02 67.57
CA VAL N 268 57.44 -16.96 66.55
C VAL N 268 56.84 -15.73 67.24
N GLY N 269 56.19 -15.91 68.39
CA GLY N 269 55.62 -14.80 69.20
C GLY N 269 54.30 -14.30 68.66
N LEU N 270 53.45 -15.19 68.13
CA LEU N 270 52.10 -14.86 67.59
C LEU N 270 51.05 -15.77 68.23
N GLU N 271 51.36 -16.36 69.41
CA GLU N 271 50.50 -17.29 70.18
C GLU N 271 50.24 -18.56 69.33
N ARG N 272 49.11 -19.26 69.54
CA ARG N 272 48.85 -20.64 69.03
C ARG N 272 49.04 -20.69 67.51
N SER N 273 49.49 -21.84 67.00
CA SER N 273 49.67 -22.14 65.54
C SER N 273 48.54 -23.06 65.06
N TRP N 274 48.07 -22.84 63.84
CA TRP N 274 46.84 -23.47 63.27
C TRP N 274 47.12 -24.15 61.93
N CYS N 275 47.86 -23.47 61.04
CA CYS N 275 48.01 -23.87 59.62
C CYS N 275 49.43 -23.62 59.14
N ILE N 276 49.80 -24.24 58.01
CA ILE N 276 51.17 -24.22 57.43
C ILE N 276 51.07 -24.29 55.90
N ALA N 277 51.97 -23.58 55.20
CA ALA N 277 52.16 -23.63 53.75
C ALA N 277 53.67 -23.63 53.45
N THR N 278 54.09 -24.39 52.44
CA THR N 278 55.46 -24.40 51.87
C THR N 278 55.35 -24.09 50.38
N HIS N 279 56.24 -23.25 49.85
CA HIS N 279 56.26 -22.85 48.41
C HIS N 279 56.33 -24.12 47.57
N PRO N 280 55.45 -24.29 46.56
CA PRO N 280 55.34 -25.57 45.85
C PRO N 280 56.66 -26.03 45.20
N THR N 281 57.41 -25.08 44.64
CA THR N 281 58.66 -25.32 43.86
C THR N 281 59.89 -24.97 44.71
N GLY N 282 59.72 -24.87 46.05
CA GLY N 282 60.81 -24.64 47.02
C GLY N 282 61.55 -23.34 46.77
N ARG N 283 60.86 -22.29 46.28
CA ARG N 283 61.43 -20.95 46.00
C ARG N 283 61.96 -20.35 47.31
N LYS N 284 63.29 -20.22 47.42
CA LYS N 284 64.01 -19.74 48.63
C LYS N 284 63.59 -20.56 49.85
N ASN N 285 63.14 -21.80 49.60
CA ASN N 285 62.66 -22.78 50.62
C ASN N 285 61.59 -22.13 51.51
N TYR N 286 60.80 -21.21 50.96
CA TYR N 286 59.81 -20.38 51.70
C TYR N 286 58.84 -21.28 52.46
N ILE N 287 58.67 -20.99 53.76
CA ILE N 287 57.58 -21.57 54.62
C ILE N 287 56.76 -20.40 55.15
N ALA N 288 55.49 -20.67 55.48
CA ALA N 288 54.54 -19.70 56.07
C ALA N 288 53.59 -20.45 57.01
N SER N 289 53.29 -19.85 58.16
CA SER N 289 52.44 -20.44 59.22
C SER N 289 51.43 -19.41 59.72
N GLY N 290 50.20 -19.86 59.98
CA GLY N 290 49.12 -19.02 60.54
C GLY N 290 49.01 -19.18 62.03
N PHE N 291 48.76 -18.08 62.75
CA PHE N 291 48.71 -18.03 64.23
C PHE N 291 47.50 -17.21 64.69
N ASP N 292 47.24 -17.25 66.02
CA ASP N 292 46.23 -16.45 66.73
C ASP N 292 46.33 -14.97 66.33
N ASN N 293 47.55 -14.43 66.25
CA ASN N 293 47.81 -12.96 66.17
C ASN N 293 48.31 -12.56 64.78
N GLY N 294 48.44 -13.52 63.85
CA GLY N 294 48.75 -13.23 62.44
C GLY N 294 49.51 -14.37 61.76
N PHE N 295 50.43 -14.03 60.85
CA PHE N 295 51.24 -15.01 60.07
C PHE N 295 52.70 -14.52 59.95
N THR N 296 53.61 -15.48 59.76
CA THR N 296 55.05 -15.25 59.45
CA THR N 296 55.04 -15.23 59.44
C THR N 296 55.39 -15.94 58.12
N VAL N 297 56.31 -15.35 57.35
CA VAL N 297 56.87 -15.94 56.09
C VAL N 297 58.38 -16.01 56.26
N LEU N 298 58.95 -17.23 56.30
CA LEU N 298 60.38 -17.49 56.58
C LEU N 298 61.03 -18.12 55.33
N SER N 299 62.24 -17.65 54.98
CA SER N 299 63.11 -18.26 53.94
C SER N 299 64.21 -19.08 54.63
N LEU N 300 64.48 -20.29 54.12
CA LEU N 300 65.50 -21.23 54.62
C LEU N 300 66.65 -21.29 53.61
N GLY N 301 67.84 -21.75 54.05
CA GLY N 301 69.04 -21.91 53.21
C GLY N 301 69.10 -23.29 52.57
N ASN N 302 70.05 -23.49 51.65
CA ASN N 302 70.27 -24.77 50.91
C ASN N 302 71.55 -25.43 51.43
N MET O 1 18.76 74.57 -16.07
CA MET O 1 17.86 75.19 -17.08
C MET O 1 18.00 76.72 -17.02
N LYS O 2 18.26 77.36 -18.17
CA LYS O 2 18.32 78.84 -18.29
C LYS O 2 16.90 79.39 -18.51
N LEU O 3 16.26 79.87 -17.44
CA LEU O 3 14.99 80.62 -17.49
C LEU O 3 15.30 82.12 -17.41
N ASP O 4 15.39 82.77 -18.56
CA ASP O 4 15.63 84.24 -18.69
C ASP O 4 14.28 84.96 -18.62
N ILE O 5 13.60 84.85 -17.47
CA ILE O 5 12.22 85.40 -17.25
C ILE O 5 12.29 86.92 -17.32
N LYS O 6 11.53 87.52 -18.24
CA LYS O 6 11.43 88.99 -18.41
C LYS O 6 9.96 89.42 -18.25
N LYS O 7 9.72 90.54 -17.58
CA LYS O 7 8.36 91.12 -17.36
C LYS O 7 7.99 91.98 -18.58
N THR O 8 7.25 91.41 -19.53
CA THR O 8 6.78 92.11 -20.75
C THR O 8 5.86 93.26 -20.35
N PHE O 9 4.76 92.93 -19.66
CA PHE O 9 3.67 93.89 -19.32
C PHE O 9 2.93 93.43 -18.05
N SER O 10 2.75 94.36 -17.11
CA SER O 10 1.88 94.23 -15.91
C SER O 10 0.74 95.24 -16.03
N ASN O 11 -0.49 94.81 -15.72
CA ASN O 11 -1.69 95.69 -15.66
C ASN O 11 -2.43 95.45 -14.33
N ARG O 12 -2.74 96.52 -13.61
CA ARG O 12 -3.55 96.49 -12.36
C ARG O 12 -5.01 96.69 -12.73
N SER O 13 -5.88 95.74 -12.37
CA SER O 13 -7.34 95.77 -12.65
C SER O 13 -8.11 95.00 -11.57
N ASP O 14 -9.43 94.92 -11.74
CA ASP O 14 -10.34 93.99 -11.01
C ASP O 14 -9.84 92.55 -11.26
N ARG O 15 -10.19 91.62 -10.37
CA ARG O 15 -9.81 90.18 -10.43
C ARG O 15 -9.99 89.65 -11.85
N VAL O 16 -8.91 89.11 -12.44
CA VAL O 16 -8.88 88.50 -13.80
C VAL O 16 -9.18 86.99 -13.66
N LYS O 17 -10.38 86.55 -14.04
CA LYS O 17 -10.85 85.14 -13.89
C LYS O 17 -10.46 84.33 -15.13
N GLY O 18 -10.59 84.92 -16.33
CA GLY O 18 -10.26 84.27 -17.62
C GLY O 18 -9.25 85.08 -18.41
N ILE O 19 -8.34 84.40 -19.11
CA ILE O 19 -7.25 85.03 -19.90
C ILE O 19 -6.94 84.17 -21.14
N ASP O 20 -6.36 84.77 -22.17
CA ASP O 20 -6.03 84.09 -23.45
C ASP O 20 -5.13 84.99 -24.31
N PHE O 21 -4.36 84.39 -25.22
CA PHE O 21 -3.45 85.05 -26.19
C PHE O 21 -4.05 85.00 -27.61
N HIS O 22 -4.06 86.13 -28.32
CA HIS O 22 -4.31 86.19 -29.78
C HIS O 22 -3.10 85.59 -30.48
N PRO O 23 -3.27 84.76 -31.54
CA PRO O 23 -2.16 84.03 -32.13
C PRO O 23 -1.23 84.83 -33.07
N THR O 24 -1.72 85.93 -33.66
CA THR O 24 -0.98 86.73 -34.69
C THR O 24 -0.80 88.20 -34.27
N GLU O 25 -1.69 88.74 -33.44
CA GLU O 25 -1.58 90.11 -32.87
C GLU O 25 -0.93 90.01 -31.49
N PRO O 26 -0.20 91.04 -31.02
CA PRO O 26 0.45 90.99 -29.72
C PRO O 26 -0.53 91.34 -28.59
N TRP O 27 -1.69 90.66 -28.59
CA TRP O 27 -2.87 91.00 -27.77
C TRP O 27 -3.03 89.97 -26.65
N VAL O 28 -3.57 90.42 -25.51
CA VAL O 28 -4.08 89.53 -24.43
C VAL O 28 -5.53 89.93 -24.12
N LEU O 29 -6.41 88.93 -24.03
CA LEU O 29 -7.82 89.07 -23.57
C LEU O 29 -7.86 88.74 -22.07
N THR O 30 -8.46 89.61 -21.25
CA THR O 30 -8.78 89.33 -19.82
C THR O 30 -10.30 89.48 -19.61
N THR O 31 -10.90 88.50 -18.94
CA THR O 31 -12.31 88.53 -18.45
C THR O 31 -12.27 88.71 -16.92
N LEU O 32 -12.90 89.79 -16.43
CA LEU O 32 -12.75 90.27 -15.03
C LEU O 32 -13.98 89.86 -14.20
N TYR O 33 -13.85 89.96 -12.87
CA TYR O 33 -14.89 89.55 -11.89
C TYR O 33 -16.02 90.59 -11.86
N SER O 34 -15.77 91.80 -12.38
CA SER O 34 -16.68 92.97 -12.34
C SER O 34 -17.63 93.01 -13.55
N GLY O 35 -17.62 91.96 -14.39
CA GLY O 35 -18.46 91.87 -15.61
C GLY O 35 -17.78 92.47 -16.83
N ARG O 36 -16.67 93.18 -16.63
CA ARG O 36 -15.88 93.85 -17.69
C ARG O 36 -14.95 92.81 -18.34
N VAL O 37 -14.74 92.92 -19.66
CA VAL O 37 -13.70 92.17 -20.41
C VAL O 37 -12.80 93.19 -21.13
N GLU O 38 -11.50 92.94 -21.18
CA GLU O 38 -10.48 93.88 -21.71
C GLU O 38 -9.58 93.17 -22.73
N LEU O 39 -9.15 93.89 -23.77
CA LEU O 39 -8.12 93.46 -24.75
C LEU O 39 -6.94 94.43 -24.69
N TRP O 40 -5.76 93.93 -24.29
CA TRP O 40 -4.51 94.72 -24.12
C TRP O 40 -3.48 94.31 -25.17
N ASN O 41 -2.78 95.29 -25.74
CA ASN O 41 -1.55 95.09 -26.55
C ASN O 41 -0.36 95.14 -25.58
N TYR O 42 0.21 93.97 -25.26
CA TYR O 42 1.26 93.81 -24.21
C TYR O 42 2.61 94.36 -24.70
N GLU O 43 2.79 94.50 -26.02
CA GLU O 43 4.02 95.09 -26.63
C GLU O 43 3.96 96.62 -26.52
N THR O 44 2.83 97.21 -26.95
CA THR O 44 2.58 98.67 -26.94
C THR O 44 2.28 99.15 -25.52
N GLN O 45 1.57 98.33 -24.74
CA GLN O 45 1.06 98.65 -23.38
C GLN O 45 -0.10 99.67 -23.49
N VAL O 46 -0.84 99.67 -24.60
CA VAL O 46 -2.08 100.47 -24.80
C VAL O 46 -3.26 99.51 -24.95
N GLU O 47 -4.40 99.88 -24.35
CA GLU O 47 -5.66 99.08 -24.39
C GLU O 47 -6.22 99.11 -25.82
N VAL O 48 -6.51 97.93 -26.38
CA VAL O 48 -7.15 97.77 -27.72
C VAL O 48 -8.63 98.13 -27.57
N ARG O 49 -9.33 97.40 -26.68
CA ARG O 49 -10.79 97.51 -26.44
C ARG O 49 -11.10 97.02 -25.03
N SER O 50 -12.25 97.42 -24.48
CA SER O 50 -12.83 96.90 -23.21
C SER O 50 -14.35 97.11 -23.21
N ILE O 51 -15.10 96.11 -22.75
CA ILE O 51 -16.59 96.07 -22.78
C ILE O 51 -17.11 95.68 -21.40
N GLN O 52 -18.05 96.45 -20.85
CA GLN O 52 -18.91 96.03 -19.71
C GLN O 52 -19.97 95.08 -20.26
N VAL O 53 -19.68 93.78 -20.18
CA VAL O 53 -20.44 92.69 -20.86
C VAL O 53 -21.67 92.32 -20.02
N THR O 54 -21.55 92.44 -18.69
CA THR O 54 -22.60 92.13 -17.69
C THR O 54 -22.19 92.80 -16.37
N GLU O 55 -22.84 92.50 -15.25
CA GLU O 55 -22.43 93.00 -13.90
C GLU O 55 -21.96 91.82 -13.03
N THR O 56 -22.15 90.58 -13.47
CA THR O 56 -21.70 89.35 -12.77
C THR O 56 -20.26 89.05 -13.20
N PRO O 57 -19.53 88.19 -12.45
CA PRO O 57 -18.24 87.66 -12.91
C PRO O 57 -18.31 86.99 -14.29
N VAL O 58 -17.30 87.24 -15.13
CA VAL O 58 -17.07 86.59 -16.44
C VAL O 58 -15.83 85.70 -16.31
N ARG O 59 -16.03 84.40 -16.11
CA ARG O 59 -14.98 83.45 -15.63
C ARG O 59 -14.16 82.92 -16.81
N ALA O 60 -14.76 82.79 -18.00
CA ALA O 60 -14.13 82.15 -19.18
C ALA O 60 -14.13 83.13 -20.37
N GLY O 61 -13.00 83.20 -21.08
CA GLY O 61 -12.82 84.05 -22.27
C GLY O 61 -11.77 83.50 -23.20
N LYS O 62 -12.10 83.33 -24.48
CA LYS O 62 -11.18 82.82 -25.53
C LYS O 62 -11.28 83.69 -26.78
N PHE O 63 -10.15 83.83 -27.49
CA PHE O 63 -10.11 84.29 -28.91
C PHE O 63 -10.61 83.16 -29.80
N ILE O 64 -11.43 83.50 -30.79
CA ILE O 64 -11.69 82.68 -32.01
C ILE O 64 -11.14 83.49 -33.18
N ALA O 65 -9.81 83.53 -33.30
CA ALA O 65 -9.02 84.48 -34.13
C ALA O 65 -9.48 84.42 -35.59
N ARG O 66 -9.82 83.23 -36.10
CA ARG O 66 -10.14 83.00 -37.54
C ARG O 66 -11.47 83.68 -37.92
N LYS O 67 -12.36 83.94 -36.94
CA LYS O 67 -13.64 84.67 -37.16
C LYS O 67 -13.51 86.12 -36.69
N ASN O 68 -12.32 86.53 -36.24
CA ASN O 68 -12.05 87.85 -35.59
C ASN O 68 -13.04 88.05 -34.42
N TRP O 69 -13.20 87.02 -33.58
CA TRP O 69 -14.13 87.02 -32.43
C TRP O 69 -13.36 86.91 -31.12
N ILE O 70 -13.98 87.37 -30.04
CA ILE O 70 -13.75 86.90 -28.65
C ILE O 70 -15.05 86.24 -28.18
N ILE O 71 -14.95 85.10 -27.49
CA ILE O 71 -16.10 84.42 -26.83
C ILE O 71 -15.84 84.45 -25.31
N VAL O 72 -16.89 84.69 -24.53
CA VAL O 72 -16.80 84.81 -23.04
C VAL O 72 -18.02 84.12 -22.42
N GLY O 73 -17.88 83.67 -21.17
CA GLY O 73 -18.92 82.97 -20.39
C GLY O 73 -19.01 83.54 -18.98
N SER O 74 -20.22 83.94 -18.56
CA SER O 74 -20.47 84.70 -17.30
C SER O 74 -21.35 83.88 -16.35
N ASP O 75 -21.47 84.36 -15.11
CA ASP O 75 -22.28 83.74 -14.02
C ASP O 75 -23.78 84.02 -14.26
N ASP O 76 -24.11 84.96 -15.14
CA ASP O 76 -25.50 85.31 -15.54
C ASP O 76 -26.08 84.26 -16.48
N PHE O 77 -25.35 83.15 -16.72
CA PHE O 77 -25.80 81.91 -17.42
C PHE O 77 -25.45 81.95 -18.92
N ARG O 78 -24.82 83.03 -19.40
CA ARG O 78 -24.84 83.38 -20.85
C ARG O 78 -23.46 83.22 -21.48
N ILE O 79 -23.44 83.05 -22.81
CA ILE O 79 -22.25 83.10 -23.69
C ILE O 79 -22.45 84.24 -24.70
N ARG O 80 -21.54 85.22 -24.69
CA ARG O 80 -21.58 86.41 -25.58
C ARG O 80 -20.33 86.41 -26.47
N VAL O 81 -20.53 86.61 -27.77
CA VAL O 81 -19.46 86.64 -28.81
C VAL O 81 -19.41 88.07 -29.36
N PHE O 82 -18.20 88.65 -29.39
CA PHE O 82 -17.95 90.04 -29.86
C PHE O 82 -16.86 90.02 -30.94
N ASN O 83 -17.07 90.78 -32.02
CA ASN O 83 -16.02 91.10 -33.03
C ASN O 83 -15.12 92.18 -32.43
N TYR O 84 -13.82 91.91 -32.31
CA TYR O 84 -12.84 92.78 -31.59
C TYR O 84 -12.37 93.93 -32.47
N ASN O 85 -12.56 93.85 -33.79
CA ASN O 85 -12.18 94.92 -34.75
C ASN O 85 -13.21 96.05 -34.69
N THR O 86 -14.51 95.70 -34.68
CA THR O 86 -15.65 96.65 -34.81
C THR O 86 -16.37 96.83 -33.46
N GLY O 87 -16.26 95.87 -32.55
CA GLY O 87 -16.92 95.88 -31.23
C GLY O 87 -18.36 95.40 -31.31
N GLU O 88 -18.78 94.88 -32.46
CA GLU O 88 -20.16 94.34 -32.71
C GLU O 88 -20.36 93.06 -31.90
N LYS O 89 -21.48 92.95 -31.18
CA LYS O 89 -21.91 91.69 -30.52
C LYS O 89 -22.51 90.77 -31.59
N VAL O 90 -21.95 89.57 -31.72
CA VAL O 90 -22.33 88.57 -32.77
C VAL O 90 -23.52 87.75 -32.29
N VAL O 91 -23.41 87.15 -31.09
CA VAL O 91 -24.47 86.33 -30.45
C VAL O 91 -24.44 86.57 -28.93
N ASP O 92 -25.57 86.34 -28.27
CA ASP O 92 -25.76 86.48 -26.81
C ASP O 92 -26.89 85.52 -26.38
N PHE O 93 -26.53 84.33 -25.89
CA PHE O 93 -27.49 83.25 -25.58
C PHE O 93 -27.21 82.66 -24.19
N GLU O 94 -28.27 82.20 -23.51
CA GLU O 94 -28.22 81.41 -22.26
C GLU O 94 -27.74 80.00 -22.61
N ALA O 95 -26.62 79.58 -22.02
CA ALA O 95 -25.93 78.30 -22.30
C ALA O 95 -26.34 77.24 -21.29
N HIS O 96 -26.29 77.59 -19.99
CA HIS O 96 -26.65 76.71 -18.83
C HIS O 96 -27.51 77.51 -17.86
N PRO O 97 -28.33 76.85 -17.01
CA PRO O 97 -29.13 77.57 -16.01
C PRO O 97 -28.33 77.84 -14.72
N ASP O 98 -27.02 78.12 -14.85
CA ASP O 98 -26.05 78.24 -13.74
C ASP O 98 -24.74 78.79 -14.29
N TYR O 99 -23.76 79.05 -13.40
CA TYR O 99 -22.41 79.60 -13.69
C TYR O 99 -21.75 78.82 -14.83
N ILE O 100 -21.12 79.53 -15.77
CA ILE O 100 -20.19 78.96 -16.78
C ILE O 100 -18.76 79.16 -16.27
N ARG O 101 -18.00 78.07 -16.10
CA ARG O 101 -16.66 78.05 -15.46
C ARG O 101 -15.56 78.10 -16.53
N SER O 102 -15.78 77.47 -17.69
CA SER O 102 -14.74 77.26 -18.72
C SER O 102 -15.35 77.25 -20.13
N ILE O 103 -14.57 77.72 -21.12
CA ILE O 103 -14.87 77.60 -22.58
C ILE O 103 -13.61 77.07 -23.29
N ALA O 104 -13.78 76.07 -24.14
CA ALA O 104 -12.75 75.59 -25.10
C ALA O 104 -13.27 75.77 -26.53
N VAL O 105 -12.37 76.07 -27.47
CA VAL O 105 -12.68 76.25 -28.92
C VAL O 105 -11.96 75.15 -29.71
N HIS O 106 -12.68 74.43 -30.56
CA HIS O 106 -12.11 73.40 -31.47
C HIS O 106 -11.10 74.09 -32.39
N PRO O 107 -9.89 73.52 -32.59
CA PRO O 107 -8.85 74.21 -33.36
C PRO O 107 -9.09 74.31 -34.87
N THR O 108 -10.00 73.50 -35.42
CA THR O 108 -10.32 73.43 -36.88
C THR O 108 -11.83 73.63 -37.11
N LYS O 109 -12.65 72.71 -36.60
CA LYS O 109 -14.13 72.68 -36.77
C LYS O 109 -14.77 73.82 -35.97
N PRO O 110 -16.01 74.25 -36.31
CA PRO O 110 -16.60 75.44 -35.72
C PRO O 110 -17.35 75.18 -34.41
N TYR O 111 -16.70 74.49 -33.45
CA TYR O 111 -17.31 74.01 -32.19
C TYR O 111 -16.71 74.73 -30.99
N VAL O 112 -17.56 75.07 -30.01
CA VAL O 112 -17.16 75.59 -28.68
C VAL O 112 -17.75 74.67 -27.60
N LEU O 113 -16.92 74.26 -26.64
CA LEU O 113 -17.35 73.52 -25.42
C LEU O 113 -17.50 74.54 -24.28
N SER O 114 -18.53 74.36 -23.45
CA SER O 114 -18.79 75.14 -22.22
C SER O 114 -19.05 74.18 -21.05
N GLY O 115 -18.31 74.34 -19.94
CA GLY O 115 -18.51 73.58 -18.70
C GLY O 115 -19.13 74.46 -17.63
N SER O 116 -20.11 73.93 -16.90
CA SER O 116 -21.00 74.70 -15.99
C SER O 116 -21.23 74.00 -14.65
N ASP O 117 -21.69 74.76 -13.65
CA ASP O 117 -22.14 74.27 -12.32
C ASP O 117 -23.40 73.42 -12.47
N ASP O 118 -24.05 73.45 -13.65
CA ASP O 118 -25.28 72.67 -13.93
C ASP O 118 -24.95 71.18 -14.11
N LEU O 119 -23.68 70.79 -13.91
CA LEU O 119 -23.17 69.38 -13.83
C LEU O 119 -22.91 68.84 -15.23
N THR O 120 -22.79 69.71 -16.25
CA THR O 120 -22.83 69.34 -17.68
C THR O 120 -21.66 69.96 -18.44
N VAL O 121 -21.39 69.43 -19.64
CA VAL O 121 -20.61 70.10 -20.72
C VAL O 121 -21.54 70.17 -21.94
N LYS O 122 -21.58 71.31 -22.63
CA LYS O 122 -22.45 71.53 -23.82
C LYS O 122 -21.59 71.91 -25.03
N LEU O 123 -21.95 71.39 -26.19
CA LEU O 123 -21.25 71.57 -27.49
C LEU O 123 -22.10 72.49 -28.39
N TRP O 124 -21.53 73.64 -28.79
CA TRP O 124 -22.20 74.65 -29.65
C TRP O 124 -21.49 74.71 -31.01
N ASN O 125 -22.25 74.89 -32.09
CA ASN O 125 -21.76 74.96 -33.49
C ASN O 125 -22.16 76.31 -34.09
N TRP O 126 -21.19 77.18 -34.38
CA TRP O 126 -21.42 78.58 -34.82
C TRP O 126 -21.74 78.65 -36.33
N GLU O 127 -21.67 77.52 -37.04
CA GLU O 127 -22.08 77.39 -38.47
C GLU O 127 -23.49 76.75 -38.54
N ASN O 128 -24.05 76.35 -37.39
CA ASN O 128 -25.46 75.90 -37.26
C ASN O 128 -26.20 76.89 -36.33
N ASN O 129 -25.97 78.19 -36.53
CA ASN O 129 -26.59 79.31 -35.76
C ASN O 129 -26.42 79.06 -34.25
N TRP O 130 -25.23 78.62 -33.83
CA TRP O 130 -24.85 78.40 -32.40
C TRP O 130 -25.82 77.41 -31.74
N ALA O 131 -26.25 76.37 -32.47
CA ALA O 131 -27.20 75.35 -31.98
C ALA O 131 -26.51 74.44 -30.96
N LEU O 132 -27.23 74.07 -29.89
CA LEU O 132 -26.83 72.98 -28.96
C LEU O 132 -26.89 71.65 -29.71
N GLU O 133 -25.74 71.00 -29.90
CA GLU O 133 -25.63 69.74 -30.69
C GLU O 133 -25.48 68.53 -29.75
N GLN O 134 -24.87 68.70 -28.57
CA GLN O 134 -24.68 67.60 -27.61
C GLN O 134 -24.59 68.14 -26.18
N THR O 135 -25.09 67.36 -25.21
CA THR O 135 -25.06 67.62 -23.75
C THR O 135 -24.41 66.41 -23.07
N PHE O 136 -23.16 66.56 -22.62
CA PHE O 136 -22.35 65.51 -21.96
C PHE O 136 -22.72 65.49 -20.47
N GLU O 137 -23.44 64.45 -20.03
CA GLU O 137 -23.94 64.28 -18.64
C GLU O 137 -23.25 63.07 -17.99
N GLY O 138 -23.08 63.11 -16.67
CA GLY O 138 -22.38 62.08 -15.88
C GLY O 138 -21.68 62.65 -14.67
N HIS O 139 -21.19 63.90 -14.76
CA HIS O 139 -20.52 64.63 -13.65
C HIS O 139 -21.54 64.89 -12.53
N GLU O 140 -21.08 64.85 -11.27
CA GLU O 140 -21.91 64.89 -10.05
C GLU O 140 -21.63 66.17 -9.24
N HIS O 141 -20.93 67.15 -9.83
CA HIS O 141 -20.70 68.49 -9.26
C HIS O 141 -20.32 69.48 -10.37
N PHE O 142 -19.81 70.67 -10.02
CA PHE O 142 -19.52 71.78 -10.96
C PHE O 142 -18.41 71.35 -11.91
N VAL O 143 -18.66 71.44 -13.22
CA VAL O 143 -17.61 71.27 -14.26
C VAL O 143 -16.78 72.57 -14.30
N MET O 144 -15.55 72.51 -13.77
CA MET O 144 -14.70 73.71 -13.53
C MET O 144 -13.87 74.03 -14.79
N CYS O 145 -13.44 73.02 -15.55
CA CYS O 145 -12.47 73.17 -16.66
C CYS O 145 -12.77 72.21 -17.82
N VAL O 146 -12.72 72.72 -19.05
CA VAL O 146 -12.87 71.91 -20.30
CA VAL O 146 -12.87 71.92 -20.31
C VAL O 146 -11.67 72.22 -21.21
N ALA O 147 -11.04 71.16 -21.73
CA ALA O 147 -9.86 71.24 -22.64
C ALA O 147 -9.94 70.09 -23.66
N PHE O 148 -9.91 70.42 -24.95
CA PHE O 148 -9.69 69.47 -26.07
C PHE O 148 -8.30 68.86 -25.93
N ASN O 149 -8.15 67.56 -26.25
CA ASN O 149 -6.84 66.94 -26.55
C ASN O 149 -6.29 67.62 -27.80
N PRO O 150 -5.19 68.41 -27.72
CA PRO O 150 -4.67 69.12 -28.88
C PRO O 150 -4.09 68.17 -29.93
N LYS O 151 -3.75 66.95 -29.52
CA LYS O 151 -3.28 65.85 -30.40
C LYS O 151 -4.49 65.21 -31.09
N ASP O 152 -5.66 65.14 -30.42
CA ASP O 152 -6.91 64.57 -30.96
C ASP O 152 -8.13 65.28 -30.36
N PRO O 153 -8.50 66.47 -30.88
CA PRO O 153 -9.66 67.20 -30.36
C PRO O 153 -11.03 66.65 -30.80
N SER O 154 -11.06 65.40 -31.30
CA SER O 154 -12.27 64.54 -31.34
C SER O 154 -12.63 64.09 -29.92
N THR O 155 -11.65 64.11 -29.00
CA THR O 155 -11.85 63.89 -27.54
C THR O 155 -11.53 65.19 -26.79
N PHE O 156 -12.07 65.31 -25.57
CA PHE O 156 -11.76 66.41 -24.62
C PHE O 156 -11.83 65.89 -23.19
N ALA O 157 -11.34 66.70 -22.25
CA ALA O 157 -11.29 66.41 -20.81
C ALA O 157 -12.04 67.50 -20.05
N SER O 158 -12.93 67.10 -19.13
CA SER O 158 -13.63 67.99 -18.16
C SER O 158 -13.17 67.66 -16.75
N GLY O 159 -12.59 68.64 -16.05
CA GLY O 159 -12.25 68.56 -14.60
C GLY O 159 -13.42 69.06 -13.76
N CYS O 160 -13.76 68.34 -12.69
CA CYS O 160 -15.02 68.51 -11.92
C CYS O 160 -14.75 68.48 -10.41
N LEU O 161 -15.66 69.08 -9.63
CA LEU O 161 -15.59 69.10 -8.13
C LEU O 161 -16.09 67.76 -7.57
N ASP O 162 -16.63 66.87 -8.40
CA ASP O 162 -16.98 65.48 -8.03
C ASP O 162 -15.69 64.63 -7.95
N ARG O 163 -14.53 65.28 -8.06
CA ARG O 163 -13.18 64.68 -7.82
C ARG O 163 -12.86 63.67 -8.92
N THR O 164 -13.38 63.89 -10.13
CA THR O 164 -13.10 63.07 -11.33
C THR O 164 -12.70 63.98 -12.50
N VAL O 165 -11.86 63.45 -13.39
CA VAL O 165 -11.73 63.93 -14.81
C VAL O 165 -12.46 62.90 -15.67
N LYS O 166 -13.35 63.36 -16.56
CA LYS O 166 -14.01 62.52 -17.59
C LYS O 166 -13.41 62.90 -18.95
N VAL O 167 -13.05 61.91 -19.75
CA VAL O 167 -12.56 62.06 -21.15
C VAL O 167 -13.65 61.55 -22.09
N TRP O 168 -14.09 62.40 -23.02
CA TRP O 168 -15.32 62.21 -23.85
C TRP O 168 -14.93 62.10 -25.33
N SER O 169 -15.75 61.43 -26.13
CA SER O 169 -15.68 61.43 -27.62
C SER O 169 -16.88 62.20 -28.18
N LEU O 170 -16.63 63.23 -28.99
CA LEU O 170 -17.69 64.02 -29.67
C LEU O 170 -18.58 63.08 -30.48
N GLY O 171 -19.88 63.02 -30.15
CA GLY O 171 -20.88 62.14 -30.79
C GLY O 171 -21.21 60.92 -29.95
N GLN O 172 -20.56 60.75 -28.79
CA GLN O 172 -20.81 59.66 -27.82
C GLN O 172 -21.24 60.26 -26.47
N SER O 173 -22.31 59.71 -25.89
CA SER O 173 -22.97 60.21 -24.65
C SER O 173 -22.21 59.75 -23.41
N THR O 174 -21.71 58.51 -23.41
CA THR O 174 -20.90 57.91 -22.33
C THR O 174 -19.45 58.40 -22.45
N PRO O 175 -18.78 58.75 -21.33
CA PRO O 175 -17.36 59.11 -21.37
C PRO O 175 -16.49 57.88 -21.67
N ASN O 176 -15.42 58.05 -22.45
CA ASN O 176 -14.44 56.99 -22.81
C ASN O 176 -13.95 56.32 -21.52
N PHE O 177 -13.59 57.11 -20.52
CA PHE O 177 -13.18 56.65 -19.17
C PHE O 177 -13.32 57.79 -18.17
N THR O 178 -13.15 57.48 -16.88
CA THR O 178 -13.21 58.43 -15.74
C THR O 178 -12.01 58.17 -14.83
N LEU O 179 -11.20 59.19 -14.55
CA LEU O 179 -10.03 59.13 -13.63
C LEU O 179 -10.48 59.56 -12.23
N THR O 180 -10.45 58.62 -11.27
CA THR O 180 -10.66 58.88 -9.82
C THR O 180 -9.36 59.48 -9.26
N THR O 181 -9.28 60.81 -9.21
CA THR O 181 -8.02 61.59 -9.04
C THR O 181 -7.46 61.44 -7.62
N GLY O 182 -8.32 61.17 -6.63
CA GLY O 182 -7.94 61.21 -5.20
C GLY O 182 -7.65 62.63 -4.74
N GLN O 183 -8.15 63.63 -5.49
CA GLN O 183 -8.08 65.07 -5.17
C GLN O 183 -9.43 65.46 -4.55
N GLU O 184 -9.59 65.18 -3.25
CA GLU O 184 -10.90 65.11 -2.55
C GLU O 184 -11.59 66.47 -2.50
N ARG O 185 -10.83 67.57 -2.63
CA ARG O 185 -11.38 68.96 -2.69
C ARG O 185 -11.84 69.28 -4.13
N GLY O 186 -11.79 68.31 -5.04
CA GLY O 186 -12.26 68.44 -6.43
C GLY O 186 -11.13 68.80 -7.40
N VAL O 187 -11.42 68.78 -8.69
CA VAL O 187 -10.48 69.14 -9.80
C VAL O 187 -10.87 70.51 -10.33
N ASN O 188 -9.97 71.50 -10.26
CA ASN O 188 -10.20 72.91 -10.66
C ASN O 188 -9.67 73.15 -12.08
N TYR O 189 -8.87 72.23 -12.64
CA TYR O 189 -8.19 72.41 -13.94
C TYR O 189 -7.74 71.06 -14.51
N VAL O 190 -7.91 70.90 -15.83
CA VAL O 190 -7.42 69.73 -16.61
C VAL O 190 -6.76 70.27 -17.89
N ASP O 191 -5.54 69.82 -18.20
CA ASP O 191 -4.75 70.25 -19.38
C ASP O 191 -4.03 69.03 -19.96
N TYR O 192 -3.71 69.08 -21.26
CA TYR O 192 -2.99 68.02 -22.02
C TYR O 192 -1.55 68.46 -22.28
N TYR O 193 -0.61 67.53 -22.14
CA TYR O 193 0.78 67.63 -22.68
C TYR O 193 0.69 67.72 -24.19
N PRO O 194 1.22 68.79 -24.83
CA PRO O 194 0.92 69.06 -26.25
C PRO O 194 1.64 68.13 -27.25
N LEU O 195 2.80 67.59 -26.89
CA LEU O 195 3.69 66.83 -27.81
C LEU O 195 3.38 65.34 -27.73
N PRO O 196 3.67 64.55 -28.79
CA PRO O 196 3.22 63.16 -28.89
C PRO O 196 4.11 62.13 -28.18
N ASP O 197 5.18 62.56 -27.48
CA ASP O 197 6.21 61.66 -26.90
C ASP O 197 5.75 61.12 -25.54
N LYS O 198 4.70 61.71 -24.93
CA LYS O 198 4.07 61.19 -23.68
C LYS O 198 2.56 61.46 -23.70
N PRO O 199 1.73 60.42 -23.42
CA PRO O 199 0.27 60.58 -23.38
C PRO O 199 -0.20 61.07 -22.01
N TYR O 200 0.20 62.30 -21.64
CA TYR O 200 0.09 62.87 -20.28
C TYR O 200 -1.01 63.93 -20.22
N MET O 201 -1.75 63.96 -19.12
CA MET O 201 -2.68 65.04 -18.72
C MET O 201 -2.27 65.53 -17.32
N ILE O 202 -2.80 66.66 -16.86
CA ILE O 202 -2.44 67.28 -15.55
C ILE O 202 -3.69 67.86 -14.89
N THR O 203 -3.77 67.83 -13.55
CA THR O 203 -4.92 68.34 -12.77
C THR O 203 -4.43 69.17 -11.58
N ALA O 204 -5.11 70.30 -11.32
CA ALA O 204 -4.90 71.20 -10.16
C ALA O 204 -6.14 71.13 -9.26
N SER O 205 -5.94 71.11 -7.94
CA SER O 205 -7.01 70.90 -6.93
C SER O 205 -6.89 71.95 -5.81
N ASP O 206 -7.95 72.10 -5.02
CA ASP O 206 -7.96 72.92 -3.78
C ASP O 206 -7.20 72.18 -2.67
N ASP O 207 -6.98 70.86 -2.83
CA ASP O 207 -6.30 70.00 -1.82
C ASP O 207 -4.78 70.21 -1.88
N LEU O 208 -4.32 71.22 -2.62
CA LEU O 208 -2.92 71.74 -2.67
C LEU O 208 -2.06 70.94 -3.68
N THR O 209 -2.64 69.95 -4.37
CA THR O 209 -1.87 68.96 -5.18
C THR O 209 -2.00 69.26 -6.68
N ILE O 210 -0.94 68.94 -7.43
CA ILE O 210 -0.93 68.82 -8.92
C ILE O 210 -0.65 67.34 -9.24
N LYS O 211 -1.48 66.70 -10.06
CA LYS O 211 -1.34 65.26 -10.40
C LYS O 211 -1.18 65.10 -11.92
N ILE O 212 -0.12 64.39 -12.33
CA ILE O 212 0.19 64.05 -13.76
C ILE O 212 -0.44 62.68 -14.05
N TRP O 213 -1.21 62.59 -15.14
CA TRP O 213 -1.99 61.38 -15.51
C TRP O 213 -1.54 60.84 -16.87
N ASP O 214 -1.58 59.51 -17.02
CA ASP O 214 -1.30 58.76 -18.27
C ASP O 214 -2.62 58.16 -18.74
N TYR O 215 -3.18 58.64 -19.86
CA TYR O 215 -4.52 58.26 -20.37
C TYR O 215 -4.45 56.93 -21.15
N GLN O 216 -3.28 56.30 -21.23
CA GLN O 216 -3.09 54.92 -21.75
C GLN O 216 -3.27 53.92 -20.58
N THR O 217 -2.54 54.14 -19.48
CA THR O 217 -2.52 53.26 -18.29
C THR O 217 -3.69 53.61 -17.35
N LYS O 218 -4.22 54.83 -17.45
CA LYS O 218 -5.36 55.36 -16.64
C LYS O 218 -4.96 55.43 -15.16
N SER O 219 -3.72 55.84 -14.86
CA SER O 219 -3.17 55.91 -13.48
C SER O 219 -2.22 57.11 -13.34
N CYS O 220 -1.95 57.52 -12.09
CA CYS O 220 -1.15 58.72 -11.72
C CYS O 220 0.33 58.46 -12.02
N VAL O 221 1.01 59.43 -12.64
CA VAL O 221 2.46 59.40 -12.99
C VAL O 221 3.25 59.99 -11.82
N ALA O 222 2.89 61.22 -11.40
CA ALA O 222 3.56 61.97 -10.31
C ALA O 222 2.57 62.94 -9.66
N THR O 223 2.72 63.17 -8.35
CA THR O 223 1.97 64.18 -7.56
C THR O 223 2.94 65.28 -7.12
N LEU O 224 2.77 66.50 -7.64
CA LEU O 224 3.65 67.67 -7.37
C LEU O 224 3.04 68.50 -6.25
N GLU O 225 3.81 68.75 -5.18
CA GLU O 225 3.35 69.42 -3.94
C GLU O 225 4.22 70.65 -3.68
N GLY O 226 3.80 71.81 -4.19
CA GLY O 226 4.58 73.07 -4.13
C GLY O 226 3.72 74.30 -3.95
N HIS O 227 2.54 74.18 -3.34
CA HIS O 227 1.66 75.33 -2.98
C HIS O 227 1.10 75.14 -1.57
N MET O 228 0.90 76.23 -0.83
CA MET O 228 0.41 76.21 0.58
C MET O 228 -1.07 76.60 0.62
N SER O 229 -1.72 76.75 -0.55
CA SER O 229 -3.19 76.96 -0.66
C SER O 229 -3.66 76.55 -2.06
N ASN O 230 -4.95 76.70 -2.33
CA ASN O 230 -5.67 76.18 -3.53
C ASN O 230 -4.79 76.34 -4.78
N VAL O 231 -4.73 75.30 -5.61
CA VAL O 231 -4.06 75.30 -6.94
C VAL O 231 -5.14 75.53 -8.01
N SER O 232 -5.13 76.72 -8.62
CA SER O 232 -6.14 77.17 -9.63
C SER O 232 -5.92 76.43 -10.96
N PHE O 233 -4.66 76.22 -11.34
CA PHE O 233 -4.27 75.59 -12.63
C PHE O 233 -2.86 74.99 -12.55
N ALA O 234 -2.60 74.08 -13.49
CA ALA O 234 -1.27 73.53 -13.84
C ALA O 234 -1.30 73.18 -15.33
N VAL O 235 -0.36 73.70 -16.12
CA VAL O 235 -0.31 73.49 -17.60
C VAL O 235 1.13 73.15 -18.03
N PHE O 236 1.24 72.24 -19.00
CA PHE O 236 2.47 71.98 -19.80
C PHE O 236 2.64 73.14 -20.79
N HIS O 237 3.85 73.70 -20.87
CA HIS O 237 4.20 74.79 -21.83
C HIS O 237 4.19 74.21 -23.24
N PRO O 238 3.82 74.99 -24.28
CA PRO O 238 3.88 74.50 -25.66
C PRO O 238 5.29 74.02 -26.06
N THR O 239 6.27 74.92 -26.00
CA THR O 239 7.61 74.77 -26.62
C THR O 239 8.75 74.80 -25.59
N LEU O 240 8.47 74.50 -24.31
CA LEU O 240 9.50 74.40 -23.24
C LEU O 240 9.21 73.20 -22.35
N PRO O 241 10.28 72.52 -21.83
CA PRO O 241 10.11 71.34 -21.00
C PRO O 241 9.82 71.75 -19.54
N ILE O 242 8.68 72.42 -19.33
CA ILE O 242 8.25 72.97 -18.00
C ILE O 242 6.74 72.80 -17.84
N ILE O 243 6.29 72.64 -16.60
CA ILE O 243 4.86 72.75 -16.16
C ILE O 243 4.75 74.05 -15.37
N ILE O 244 3.82 74.94 -15.74
CA ILE O 244 3.54 76.21 -15.01
C ILE O 244 2.27 76.02 -14.18
N SER O 245 2.38 76.20 -12.85
CA SER O 245 1.26 76.12 -11.89
C SER O 245 1.00 77.51 -11.30
N GLY O 246 -0.25 77.77 -10.94
CA GLY O 246 -0.69 79.01 -10.27
C GLY O 246 -1.52 78.67 -9.04
N SER O 247 -1.53 79.54 -8.05
CA SER O 247 -2.13 79.26 -6.72
C SER O 247 -2.73 80.54 -6.11
N GLU O 248 -3.74 80.37 -5.27
CA GLU O 248 -4.29 81.42 -4.38
C GLU O 248 -3.19 81.88 -3.40
N ASP O 249 -2.12 81.10 -3.24
CA ASP O 249 -0.92 81.51 -2.45
C ASP O 249 -0.24 82.70 -3.14
N GLY O 250 -0.61 82.97 -4.40
CA GLY O 250 -0.23 84.18 -5.15
C GLY O 250 1.09 84.01 -5.87
N THR O 251 1.60 82.77 -5.95
CA THR O 251 2.83 82.43 -6.72
C THR O 251 2.43 81.72 -8.01
N LEU O 252 3.29 81.83 -9.04
CA LEU O 252 3.41 80.85 -10.14
C LEU O 252 4.68 80.04 -9.87
N LYS O 253 4.60 78.72 -10.00
CA LYS O 253 5.77 77.81 -9.85
C LYS O 253 6.01 77.08 -11.18
N ILE O 254 7.27 77.11 -11.65
CA ILE O 254 7.73 76.45 -12.91
C ILE O 254 8.43 75.15 -12.52
N TRP O 255 7.84 74.01 -12.89
CA TRP O 255 8.39 72.64 -12.66
C TRP O 255 9.09 72.18 -13.94
N ASN O 256 10.06 71.27 -13.80
CA ASN O 256 10.66 70.50 -14.93
C ASN O 256 9.70 69.36 -15.27
N SER O 257 9.22 69.31 -16.52
CA SER O 257 8.19 68.33 -16.98
C SER O 257 8.80 66.93 -17.14
N SER O 258 10.14 66.83 -17.06
CA SER O 258 10.90 65.55 -17.09
C SER O 258 11.08 65.01 -15.67
N THR O 259 11.64 65.82 -14.78
CA THR O 259 12.09 65.43 -13.41
C THR O 259 11.06 65.80 -12.34
N TYR O 260 10.14 66.73 -12.65
CA TYR O 260 9.10 67.26 -11.72
C TYR O 260 9.77 67.98 -10.55
N LYS O 261 10.89 68.66 -10.82
CA LYS O 261 11.68 69.44 -9.84
C LYS O 261 11.38 70.93 -10.03
N VAL O 262 11.27 71.68 -8.93
CA VAL O 262 11.02 73.16 -8.93
C VAL O 262 12.20 73.85 -9.64
N GLU O 263 11.91 74.64 -10.68
CA GLU O 263 12.91 75.42 -11.44
C GLU O 263 12.92 76.87 -10.94
N LYS O 264 11.74 77.44 -10.69
CA LYS O 264 11.58 78.82 -10.17
C LYS O 264 10.21 78.99 -9.50
N THR O 265 10.17 79.73 -8.40
CA THR O 265 8.95 80.29 -7.76
C THR O 265 8.85 81.77 -8.11
N LEU O 266 7.70 82.20 -8.67
CA LEU O 266 7.42 83.60 -9.07
C LEU O 266 6.41 84.21 -8.10
N ASN O 267 6.87 85.14 -7.25
CA ASN O 267 6.03 85.90 -6.29
C ASN O 267 5.62 87.22 -6.98
N VAL O 268 4.54 87.17 -7.77
CA VAL O 268 4.27 88.18 -8.84
C VAL O 268 3.77 89.47 -8.19
N GLY O 269 3.23 89.39 -6.96
CA GLY O 269 2.82 90.55 -6.16
C GLY O 269 1.47 91.10 -6.61
N LEU O 270 0.55 90.22 -7.05
CA LEU O 270 -0.82 90.56 -7.48
C LEU O 270 -1.84 89.69 -6.72
N GLU O 271 -1.44 89.13 -5.57
CA GLU O 271 -2.27 88.27 -4.68
C GLU O 271 -2.72 87.01 -5.44
N ARG O 272 -3.89 86.44 -5.12
CA ARG O 272 -4.31 85.08 -5.57
C ARG O 272 -4.23 84.98 -7.10
N SER O 273 -3.81 83.82 -7.63
CA SER O 273 -3.75 83.48 -9.08
C SER O 273 -4.99 82.64 -9.44
N TRP O 274 -5.57 82.88 -10.62
CA TRP O 274 -6.87 82.27 -11.03
C TRP O 274 -6.73 81.52 -12.36
N CYS O 275 -6.08 82.12 -13.35
CA CYS O 275 -6.10 81.64 -14.76
C CYS O 275 -4.72 81.79 -15.40
N ILE O 276 -4.45 80.96 -16.41
CA ILE O 276 -3.17 80.91 -17.16
C ILE O 276 -3.50 80.76 -18.64
N ALA O 277 -2.60 81.28 -19.48
CA ALA O 277 -2.60 81.13 -20.95
C ALA O 277 -1.14 81.06 -21.41
N THR O 278 -0.90 80.36 -22.52
CA THR O 278 0.40 80.20 -23.19
C THR O 278 0.22 80.57 -24.66
N HIS O 279 1.20 81.23 -25.28
CA HIS O 279 1.14 81.63 -26.70
C HIS O 279 0.98 80.38 -27.54
N PRO O 280 -0.07 80.27 -28.39
CA PRO O 280 -0.32 79.06 -29.17
C PRO O 280 0.81 78.69 -30.13
N THR O 281 1.61 79.67 -30.57
CA THR O 281 2.78 79.50 -31.48
C THR O 281 4.09 79.56 -30.68
N GLY O 282 4.00 79.67 -29.34
CA GLY O 282 5.15 79.79 -28.43
C GLY O 282 6.00 81.01 -28.74
N ARG O 283 5.38 82.10 -29.23
CA ARG O 283 6.07 83.36 -29.58
C ARG O 283 6.78 83.91 -28.34
N LYS O 284 8.12 83.93 -28.37
CA LYS O 284 9.01 84.39 -27.26
C LYS O 284 8.64 83.65 -25.96
N ASN O 285 8.11 82.43 -26.08
CA ASN O 285 7.67 81.55 -24.97
C ASN O 285 6.75 82.34 -24.02
N TYR O 286 5.89 83.20 -24.58
CA TYR O 286 4.97 84.09 -23.83
C TYR O 286 4.01 83.25 -22.98
N ILE O 287 3.98 83.55 -21.66
CA ILE O 287 2.93 83.10 -20.71
C ILE O 287 2.26 84.35 -20.13
N ALA O 288 1.00 84.23 -19.72
CA ALA O 288 0.21 85.30 -19.07
C ALA O 288 -0.65 84.68 -17.98
N SER O 289 -0.84 85.36 -16.85
CA SER O 289 -1.62 84.88 -15.70
C SER O 289 -2.50 85.99 -15.12
N GLY O 290 -3.75 85.65 -14.79
CA GLY O 290 -4.71 86.54 -14.11
C GLY O 290 -4.66 86.36 -12.60
N PHE O 291 -4.83 87.46 -11.86
CA PHE O 291 -4.78 87.50 -10.39
C PHE O 291 -5.88 88.42 -9.85
N ASP O 292 -6.09 88.35 -8.52
CA ASP O 292 -6.98 89.27 -7.76
C ASP O 292 -6.79 90.72 -8.24
N ASN O 293 -5.55 91.17 -8.43
CA ASN O 293 -5.19 92.61 -8.57
C ASN O 293 -4.75 92.94 -10.01
N GLY O 294 -4.86 91.99 -10.94
CA GLY O 294 -4.59 92.22 -12.38
C GLY O 294 -3.92 91.03 -13.05
N PHE O 295 -3.14 91.29 -14.10
CA PHE O 295 -2.45 90.27 -14.92
C PHE O 295 -1.02 90.71 -15.25
N THR O 296 -0.15 89.73 -15.50
CA THR O 296 1.24 89.94 -16.00
C THR O 296 1.47 89.05 -17.24
N VAL O 297 2.23 89.56 -18.21
CA VAL O 297 2.73 88.80 -19.39
C VAL O 297 4.24 88.63 -19.22
N LEU O 298 4.72 87.38 -19.18
CA LEU O 298 6.16 87.03 -19.03
C LEU O 298 6.67 86.40 -20.33
N SER O 299 7.88 86.77 -20.76
CA SER O 299 8.67 86.07 -21.81
C SER O 299 9.76 85.22 -21.15
N LEU O 300 9.81 83.93 -21.48
CA LEU O 300 10.80 82.95 -20.97
C LEU O 300 11.89 82.75 -22.02
N GLY O 301 13.12 82.47 -21.59
CA GLY O 301 14.28 82.23 -22.47
C GLY O 301 14.50 80.74 -22.71
N ASN O 302 14.90 80.37 -23.93
CA ASN O 302 15.26 78.98 -24.32
C ASN O 302 16.60 78.62 -23.65
N ASP O 303 16.99 77.35 -23.73
CA ASP O 303 18.20 76.79 -23.05
C ASP O 303 18.77 75.65 -23.90
N MET P 1 -53.33 -38.10 19.72
CA MET P 1 -54.68 -38.27 20.35
C MET P 1 -55.69 -37.35 19.68
N LYS P 2 -56.99 -37.60 19.90
CA LYS P 2 -58.12 -36.82 19.33
C LYS P 2 -58.64 -35.84 20.41
N LEU P 3 -58.27 -34.56 20.29
CA LEU P 3 -58.76 -33.46 21.15
C LEU P 3 -59.75 -32.61 20.34
N ASP P 4 -61.05 -32.76 20.64
CA ASP P 4 -62.15 -31.95 20.03
C ASP P 4 -62.32 -30.67 20.86
N ILE P 5 -61.46 -29.67 20.60
CA ILE P 5 -61.39 -28.39 21.35
C ILE P 5 -62.45 -27.43 20.79
N LYS P 6 -63.42 -27.04 21.63
CA LYS P 6 -64.52 -26.09 21.27
C LYS P 6 -64.46 -24.88 22.20
N LYS P 7 -64.84 -23.70 21.71
CA LYS P 7 -65.03 -22.46 22.50
C LYS P 7 -66.45 -22.46 23.08
N THR P 8 -66.58 -22.84 24.36
CA THR P 8 -67.87 -22.89 25.09
C THR P 8 -68.35 -21.45 25.37
N PHE P 9 -67.46 -20.61 25.90
CA PHE P 9 -67.76 -19.19 26.28
C PHE P 9 -66.45 -18.44 26.52
N SER P 10 -66.31 -17.26 25.90
CA SER P 10 -65.19 -16.31 26.09
C SER P 10 -65.76 -14.93 26.44
N ASN P 11 -65.28 -14.33 27.53
CA ASN P 11 -65.82 -13.07 28.10
C ASN P 11 -64.69 -12.04 28.25
N ARG P 12 -64.80 -10.89 27.60
CA ARG P 12 -63.85 -9.75 27.71
C ARG P 12 -64.09 -9.04 29.05
N SER P 13 -63.02 -8.84 29.82
CA SER P 13 -63.03 -8.18 31.16
C SER P 13 -61.66 -7.56 31.45
N ASP P 14 -61.48 -7.05 32.67
CA ASP P 14 -60.14 -6.66 33.19
C ASP P 14 -59.36 -7.94 33.49
N ARG P 15 -58.03 -7.83 33.59
CA ARG P 15 -57.09 -8.96 33.87
C ARG P 15 -57.70 -9.90 34.91
N VAL P 16 -57.98 -11.15 34.52
CA VAL P 16 -58.42 -12.26 35.44
C VAL P 16 -57.16 -12.89 36.05
N LYS P 17 -57.01 -12.80 37.38
CA LYS P 17 -55.82 -13.30 38.13
C LYS P 17 -56.13 -14.68 38.74
N GLY P 18 -57.39 -14.97 39.04
CA GLY P 18 -57.83 -16.23 39.65
C GLY P 18 -59.12 -16.74 39.03
N ILE P 19 -59.26 -18.06 38.90
CA ILE P 19 -60.41 -18.71 38.20
C ILE P 19 -60.66 -20.10 38.81
N ASP P 20 -61.93 -20.50 38.90
CA ASP P 20 -62.35 -21.79 39.52
C ASP P 20 -63.70 -22.22 38.93
N PHE P 21 -63.90 -23.54 38.78
CA PHE P 21 -65.16 -24.18 38.32
C PHE P 21 -66.00 -24.58 39.55
N HIS P 22 -67.31 -24.29 39.50
CA HIS P 22 -68.32 -24.83 40.44
C HIS P 22 -68.62 -26.28 40.09
N PRO P 23 -68.61 -27.22 41.06
CA PRO P 23 -68.72 -28.65 40.75
C PRO P 23 -70.05 -29.15 40.16
N THR P 24 -71.16 -28.42 40.35
CA THR P 24 -72.54 -28.87 39.96
C THR P 24 -73.25 -27.83 39.08
N GLU P 25 -73.14 -26.54 39.41
CA GLU P 25 -73.69 -25.42 38.58
C GLU P 25 -72.74 -25.17 37.42
N PRO P 26 -73.25 -24.87 36.20
CA PRO P 26 -72.39 -24.54 35.07
C PRO P 26 -71.82 -23.12 35.24
N TRP P 27 -70.98 -22.95 36.26
CA TRP P 27 -70.52 -21.66 36.83
C TRP P 27 -68.99 -21.59 36.81
N VAL P 28 -68.43 -20.44 36.41
CA VAL P 28 -66.99 -20.12 36.56
C VAL P 28 -66.86 -18.87 37.45
N LEU P 29 -66.00 -18.94 38.47
CA LEU P 29 -65.62 -17.78 39.33
C LEU P 29 -64.35 -17.17 38.74
N THR P 30 -64.40 -15.89 38.38
CA THR P 30 -63.22 -15.11 37.91
C THR P 30 -62.94 -14.00 38.92
N THR P 31 -61.64 -13.78 39.18
CA THR P 31 -61.10 -12.84 40.19
C THR P 31 -60.20 -11.85 39.44
N LEU P 32 -60.50 -10.54 39.51
CA LEU P 32 -59.94 -9.51 38.61
C LEU P 32 -58.92 -8.62 39.34
N TYR P 33 -58.08 -7.93 38.57
CA TYR P 33 -56.99 -7.01 39.03
C TYR P 33 -57.60 -5.70 39.53
N SER P 34 -58.80 -5.36 39.04
CA SER P 34 -59.56 -4.12 39.38
C SER P 34 -60.10 -4.19 40.82
N GLY P 35 -60.21 -5.39 41.39
CA GLY P 35 -60.80 -5.63 42.73
C GLY P 35 -62.21 -6.17 42.64
N ARG P 36 -62.69 -6.46 41.43
CA ARG P 36 -64.03 -7.04 41.15
C ARG P 36 -63.89 -8.57 41.05
N VAL P 37 -64.92 -9.30 41.47
CA VAL P 37 -65.05 -10.78 41.29
C VAL P 37 -66.37 -11.06 40.57
N GLU P 38 -66.33 -11.81 39.48
CA GLU P 38 -67.50 -12.08 38.59
C GLU P 38 -67.82 -13.59 38.62
N LEU P 39 -69.10 -13.94 38.81
CA LEU P 39 -69.62 -15.32 38.64
C LEU P 39 -70.38 -15.38 37.31
N TRP P 40 -69.95 -16.27 36.41
CA TRP P 40 -70.52 -16.42 35.03
C TRP P 40 -71.05 -17.83 34.83
N ASN P 41 -72.24 -17.95 34.24
CA ASN P 41 -72.78 -19.22 33.67
C ASN P 41 -72.26 -19.33 32.24
N TYR P 42 -71.30 -20.23 32.00
CA TYR P 42 -70.57 -20.36 30.70
C TYR P 42 -71.46 -21.07 29.67
N GLU P 43 -72.37 -21.94 30.11
CA GLU P 43 -73.31 -22.67 29.24
C GLU P 43 -74.44 -21.73 28.77
N THR P 44 -74.95 -20.88 29.66
CA THR P 44 -76.08 -19.95 29.40
C THR P 44 -75.56 -18.58 28.95
N GLN P 45 -74.31 -18.25 29.32
CA GLN P 45 -73.55 -17.05 28.87
C GLN P 45 -74.09 -15.76 29.51
N VAL P 46 -74.71 -15.85 30.69
CA VAL P 46 -75.25 -14.69 31.46
C VAL P 46 -74.52 -14.59 32.80
N GLU P 47 -74.26 -13.36 33.26
CA GLU P 47 -73.59 -13.05 34.55
C GLU P 47 -74.51 -13.42 35.71
N VAL P 48 -74.00 -14.20 36.67
CA VAL P 48 -74.73 -14.65 37.89
C VAL P 48 -74.70 -13.53 38.93
N ARG P 49 -73.51 -12.99 39.21
CA ARG P 49 -73.29 -11.93 40.24
C ARG P 49 -71.88 -11.35 40.07
N SER P 50 -71.77 -10.02 40.13
CA SER P 50 -70.49 -9.26 40.22
C SER P 50 -70.45 -8.49 41.54
N ILE P 51 -69.30 -8.51 42.22
CA ILE P 51 -69.05 -7.82 43.52
C ILE P 51 -67.75 -7.03 43.42
N GLN P 52 -67.80 -5.71 43.63
CA GLN P 52 -66.60 -4.87 43.86
C GLN P 52 -66.11 -5.16 45.29
N VAL P 53 -65.27 -6.19 45.43
CA VAL P 53 -64.82 -6.77 46.73
C VAL P 53 -63.88 -5.80 47.42
N THR P 54 -63.03 -5.12 46.64
CA THR P 54 -62.02 -4.14 47.12
C THR P 54 -61.60 -3.25 45.94
N GLU P 55 -60.58 -2.40 46.15
N GLU P 55 -60.59 -2.41 46.11
CA GLU P 55 -59.97 -1.51 45.13
CA GLU P 55 -60.00 -1.56 45.03
C GLU P 55 -58.66 -2.13 44.61
C GLU P 55 -58.60 -2.06 44.65
N THR P 56 -58.12 -3.13 45.30
CA THR P 56 -56.82 -3.79 44.99
C THR P 56 -57.05 -4.99 44.08
N PRO P 57 -55.99 -5.51 43.42
CA PRO P 57 -56.06 -6.81 42.76
C PRO P 57 -56.55 -7.92 43.71
N VAL P 58 -57.52 -8.70 43.24
CA VAL P 58 -57.89 -10.03 43.82
C VAL P 58 -57.13 -11.07 42.99
N ARG P 59 -56.21 -11.82 43.61
CA ARG P 59 -55.32 -12.78 42.91
C ARG P 59 -55.84 -14.21 43.06
N ALA P 60 -56.55 -14.50 44.17
CA ALA P 60 -56.99 -15.87 44.55
C ALA P 60 -58.51 -15.90 44.70
N GLY P 61 -59.12 -17.07 44.46
CA GLY P 61 -60.59 -17.26 44.47
C GLY P 61 -60.97 -18.71 44.24
N LYS P 62 -61.79 -19.27 45.13
CA LYS P 62 -62.30 -20.67 45.06
C LYS P 62 -63.79 -20.70 45.39
N PHE P 63 -64.48 -21.76 44.95
CA PHE P 63 -65.84 -22.14 45.40
C PHE P 63 -65.70 -23.07 46.61
N ILE P 64 -66.43 -22.78 47.69
CA ILE P 64 -66.73 -23.73 48.80
C ILE P 64 -68.23 -24.05 48.70
N ALA P 65 -68.59 -24.88 47.71
CA ALA P 65 -69.98 -25.20 47.31
C ALA P 65 -70.71 -25.96 48.42
N ARG P 66 -69.97 -26.60 49.34
CA ARG P 66 -70.54 -27.34 50.49
C ARG P 66 -71.19 -26.35 51.48
N LYS P 67 -70.78 -25.08 51.45
CA LYS P 67 -71.36 -23.99 52.28
C LYS P 67 -71.99 -22.91 51.38
N ASN P 68 -72.04 -23.14 50.07
CA ASN P 68 -72.50 -22.17 49.04
C ASN P 68 -71.77 -20.84 49.20
N TRP P 69 -70.43 -20.89 49.32
CA TRP P 69 -69.55 -19.69 49.43
C TRP P 69 -68.64 -19.59 48.20
N ILE P 70 -68.16 -18.38 47.92
CA ILE P 70 -66.87 -18.11 47.23
C ILE P 70 -65.91 -17.55 48.28
N ILE P 71 -64.62 -17.88 48.18
CA ILE P 71 -63.55 -17.32 49.06
C ILE P 71 -62.49 -16.70 48.14
N VAL P 72 -62.09 -15.45 48.44
CA VAL P 72 -61.17 -14.63 47.60
C VAL P 72 -60.14 -13.94 48.50
N GLY P 73 -58.93 -13.75 47.99
CA GLY P 73 -57.81 -13.06 48.68
C GLY P 73 -57.22 -11.98 47.79
N SER P 74 -56.97 -10.80 48.36
CA SER P 74 -56.57 -9.57 47.61
C SER P 74 -55.27 -8.98 48.19
N ASP P 75 -54.69 -8.00 47.49
CA ASP P 75 -53.41 -7.33 47.84
C ASP P 75 -53.57 -6.47 49.10
N ASP P 76 -54.81 -6.21 49.53
CA ASP P 76 -55.14 -5.40 50.74
C ASP P 76 -54.96 -6.24 52.01
N PHE P 77 -54.47 -7.48 51.88
CA PHE P 77 -54.01 -8.38 52.97
C PHE P 77 -55.15 -9.31 53.43
N ARG P 78 -56.35 -9.18 52.87
CA ARG P 78 -57.60 -9.72 53.47
C ARG P 78 -58.12 -10.94 52.70
N ILE P 79 -58.71 -11.89 53.43
CA ILE P 79 -59.56 -13.00 52.90
C ILE P 79 -61.02 -12.62 53.13
N ARG P 80 -61.81 -12.52 52.07
CA ARG P 80 -63.26 -12.20 52.12
C ARG P 80 -64.06 -13.41 51.61
N VAL P 81 -65.14 -13.75 52.30
CA VAL P 81 -66.00 -14.93 52.01
C VAL P 81 -67.45 -14.46 51.86
N PHE P 82 -68.04 -14.67 50.68
CA PHE P 82 -69.43 -14.28 50.33
C PHE P 82 -70.26 -15.52 50.01
N ASN P 83 -71.49 -15.58 50.52
CA ASN P 83 -72.54 -16.52 50.06
C ASN P 83 -72.94 -16.08 48.64
N TYR P 84 -72.97 -17.01 47.68
CA TYR P 84 -73.14 -16.69 46.23
C TYR P 84 -74.61 -16.80 45.81
N ASN P 85 -75.49 -17.22 46.72
CA ASN P 85 -76.97 -17.26 46.50
C ASN P 85 -77.58 -15.94 46.96
N THR P 86 -77.17 -15.43 48.13
CA THR P 86 -77.67 -14.18 48.76
C THR P 86 -76.79 -12.99 48.37
N GLY P 87 -75.46 -13.19 48.31
CA GLY P 87 -74.47 -12.13 48.09
C GLY P 87 -73.92 -11.58 49.40
N GLU P 88 -74.42 -12.08 50.53
CA GLU P 88 -74.04 -11.64 51.90
C GLU P 88 -72.57 -12.02 52.17
N LYS P 89 -71.80 -11.10 52.74
CA LYS P 89 -70.39 -11.32 53.15
C LYS P 89 -70.38 -12.04 54.51
N VAL P 90 -69.95 -13.31 54.52
CA VAL P 90 -69.94 -14.19 55.72
C VAL P 90 -68.84 -13.71 56.67
N VAL P 91 -67.62 -13.51 56.16
CA VAL P 91 -66.44 -13.07 56.96
C VAL P 91 -65.55 -12.17 56.11
N ASP P 92 -64.78 -11.30 56.78
CA ASP P 92 -63.79 -10.36 56.17
C ASP P 92 -62.68 -10.11 57.20
N PHE P 93 -61.51 -10.74 57.01
CA PHE P 93 -60.40 -10.74 58.01
C PHE P 93 -59.05 -10.60 57.30
N GLU P 94 -58.10 -9.93 57.97
CA GLU P 94 -56.69 -9.81 57.51
C GLU P 94 -56.00 -11.15 57.74
N ALA P 95 -55.59 -11.82 56.65
CA ALA P 95 -54.97 -13.16 56.65
C ALA P 95 -53.45 -13.04 56.76
N HIS P 96 -52.86 -12.04 56.10
CA HIS P 96 -51.39 -11.77 56.08
C HIS P 96 -51.15 -10.26 56.17
N PRO P 97 -49.91 -9.81 56.45
CA PRO P 97 -49.55 -8.39 56.31
C PRO P 97 -49.05 -7.98 54.91
N ASP P 98 -49.19 -8.86 53.91
CA ASP P 98 -48.78 -8.59 52.50
C ASP P 98 -49.80 -9.23 51.54
N TYR P 99 -49.51 -9.23 50.23
CA TYR P 99 -50.39 -9.75 49.16
C TYR P 99 -50.71 -11.22 49.44
N ILE P 100 -51.96 -11.64 49.19
CA ILE P 100 -52.35 -13.08 49.12
C ILE P 100 -52.28 -13.51 47.66
N ARG P 101 -51.44 -14.52 47.37
CA ARG P 101 -51.14 -15.01 45.99
C ARG P 101 -52.10 -16.15 45.63
N SER P 102 -52.32 -17.09 46.55
CA SER P 102 -52.99 -18.38 46.29
C SER P 102 -53.88 -18.79 47.47
N ILE P 103 -55.09 -19.27 47.17
CA ILE P 103 -56.04 -19.89 48.15
C ILE P 103 -56.28 -21.34 47.71
N ALA P 104 -56.07 -22.29 48.63
CA ALA P 104 -56.36 -23.73 48.45
C ALA P 104 -57.44 -24.15 49.45
N VAL P 105 -58.35 -25.04 49.03
CA VAL P 105 -59.50 -25.54 49.85
C VAL P 105 -59.35 -27.05 50.05
N HIS P 106 -59.37 -27.51 51.30
CA HIS P 106 -59.31 -28.95 51.68
C HIS P 106 -60.56 -29.65 51.17
N PRO P 107 -60.44 -30.83 50.51
CA PRO P 107 -61.57 -31.49 49.86
C PRO P 107 -62.70 -31.97 50.78
N THR P 108 -62.41 -32.30 52.05
CA THR P 108 -63.35 -32.94 53.01
C THR P 108 -63.47 -32.14 54.32
N LYS P 109 -62.44 -31.39 54.72
CA LYS P 109 -62.33 -30.72 56.04
C LYS P 109 -62.60 -29.23 55.89
N PRO P 110 -62.95 -28.51 56.99
CA PRO P 110 -63.27 -27.09 56.90
C PRO P 110 -62.01 -26.22 56.96
N TYR P 111 -61.03 -26.53 56.12
CA TYR P 111 -59.67 -25.92 56.11
C TYR P 111 -59.45 -25.14 54.82
N VAL P 112 -58.80 -23.98 54.93
CA VAL P 112 -58.34 -23.13 53.79
C VAL P 112 -56.85 -22.82 53.98
N LEU P 113 -56.05 -22.96 52.93
CA LEU P 113 -54.61 -22.58 52.90
C LEU P 113 -54.45 -21.33 52.02
N SER P 114 -53.79 -20.30 52.56
CA SER P 114 -53.45 -19.05 51.83
C SER P 114 -51.92 -18.89 51.78
N GLY P 115 -51.36 -18.73 50.57
CA GLY P 115 -49.94 -18.42 50.33
C GLY P 115 -49.78 -16.94 50.01
N SER P 116 -48.90 -16.24 50.75
CA SER P 116 -48.75 -14.76 50.73
C SER P 116 -47.32 -14.36 50.40
N ASP P 117 -47.10 -13.06 50.16
CA ASP P 117 -45.77 -12.43 49.94
C ASP P 117 -45.05 -12.28 51.28
N ASP P 118 -45.67 -12.71 52.40
CA ASP P 118 -45.08 -12.66 53.76
C ASP P 118 -44.29 -13.93 54.06
N LEU P 119 -43.91 -14.69 53.01
CA LEU P 119 -43.00 -15.86 53.07
C LEU P 119 -43.69 -17.06 53.75
N THR P 120 -45.01 -17.01 53.91
CA THR P 120 -45.78 -17.88 54.84
C THR P 120 -47.00 -18.48 54.14
N VAL P 121 -47.36 -19.70 54.54
CA VAL P 121 -48.68 -20.36 54.28
C VAL P 121 -49.42 -20.46 55.63
N LYS P 122 -50.69 -20.07 55.67
CA LYS P 122 -51.54 -20.08 56.89
C LYS P 122 -52.75 -21.00 56.67
N LEU P 123 -53.13 -21.74 57.71
CA LEU P 123 -54.25 -22.72 57.72
C LEU P 123 -55.39 -22.16 58.58
N TRP P 124 -56.55 -21.88 57.95
CA TRP P 124 -57.75 -21.29 58.60
C TRP P 124 -58.84 -22.35 58.74
N ASN P 125 -59.56 -22.36 59.87
CA ASN P 125 -60.61 -23.35 60.22
C ASN P 125 -61.95 -22.59 60.36
N TRP P 126 -62.83 -22.72 59.37
CA TRP P 126 -64.12 -21.97 59.30
C TRP P 126 -65.18 -22.57 60.25
N GLU P 127 -64.90 -23.75 60.82
CA GLU P 127 -65.74 -24.37 61.90
C GLU P 127 -65.18 -23.99 63.28
N ASN P 128 -64.04 -23.29 63.31
CA ASN P 128 -63.44 -22.69 64.53
C ASN P 128 -63.45 -21.16 64.37
N ASN P 129 -64.53 -20.62 63.79
CA ASN P 129 -64.75 -19.17 63.56
C ASN P 129 -63.56 -18.58 62.79
N TRP P 130 -63.07 -19.30 61.78
CA TRP P 130 -61.95 -18.91 60.89
C TRP P 130 -60.70 -18.58 61.71
N ALA P 131 -60.43 -19.38 62.74
CA ALA P 131 -59.23 -19.28 63.60
C ALA P 131 -58.00 -19.71 62.78
N LEU P 132 -56.93 -18.92 62.84
CA LEU P 132 -55.59 -19.33 62.30
C LEU P 132 -55.12 -20.55 63.10
N GLU P 133 -55.19 -21.74 62.49
CA GLU P 133 -54.81 -23.02 63.13
C GLU P 133 -53.28 -23.15 63.17
N GLN P 134 -52.61 -22.83 62.05
CA GLN P 134 -51.15 -23.07 61.88
C GLN P 134 -50.57 -22.11 60.83
N THR P 135 -49.38 -21.57 61.11
CA THR P 135 -48.53 -20.79 60.19
C THR P 135 -47.33 -21.63 59.78
N PHE P 136 -47.19 -21.95 58.49
CA PHE P 136 -46.08 -22.74 57.90
C PHE P 136 -44.96 -21.77 57.46
N GLU P 137 -43.86 -21.76 58.22
CA GLU P 137 -42.67 -20.88 57.99
C GLU P 137 -41.49 -21.73 57.50
N GLY P 138 -40.60 -21.13 56.71
CA GLY P 138 -39.43 -21.81 56.11
C GLY P 138 -39.07 -21.27 54.73
N HIS P 139 -40.03 -20.74 53.99
CA HIS P 139 -39.80 -20.08 52.67
C HIS P 139 -39.08 -18.74 52.88
N GLU P 140 -38.28 -18.32 51.90
CA GLU P 140 -37.41 -17.12 51.98
C GLU P 140 -37.82 -16.09 50.91
N HIS P 141 -38.97 -16.28 50.26
CA HIS P 141 -39.59 -15.30 49.33
C HIS P 141 -41.09 -15.57 49.22
N PHE P 142 -41.77 -14.99 48.22
CA PHE P 142 -43.24 -15.03 48.05
C PHE P 142 -43.68 -16.49 47.79
N VAL P 143 -44.65 -16.97 48.57
CA VAL P 143 -45.37 -18.25 48.30
C VAL P 143 -46.43 -17.97 47.22
N MET P 144 -46.09 -18.23 45.96
CA MET P 144 -46.90 -17.90 44.76
C MET P 144 -48.11 -18.83 44.64
N CYS P 145 -47.96 -20.09 45.05
CA CYS P 145 -48.96 -21.17 44.83
C CYS P 145 -48.97 -22.15 46.01
N VAL P 146 -50.17 -22.56 46.45
CA VAL P 146 -50.39 -23.63 47.45
C VAL P 146 -51.39 -24.64 46.85
N ALA P 147 -51.15 -25.94 47.05
CA ALA P 147 -51.95 -27.04 46.49
C ALA P 147 -51.90 -28.24 47.43
N PHE P 148 -53.07 -28.71 47.88
CA PHE P 148 -53.24 -30.00 48.60
C PHE P 148 -52.93 -31.15 47.63
N ASN P 149 -52.31 -32.21 48.14
CA ASN P 149 -52.20 -33.52 47.43
C ASN P 149 -53.60 -34.11 47.38
N PRO P 150 -54.18 -34.36 46.18
CA PRO P 150 -55.52 -34.94 46.08
C PRO P 150 -55.55 -36.37 46.63
N LYS P 151 -54.42 -37.09 46.55
CA LYS P 151 -54.26 -38.48 47.03
C LYS P 151 -54.04 -38.51 48.54
N ASP P 152 -53.69 -37.38 49.16
CA ASP P 152 -53.41 -37.28 50.63
C ASP P 152 -53.40 -35.81 51.04
N PRO P 153 -54.60 -35.19 51.26
CA PRO P 153 -54.68 -33.76 51.56
C PRO P 153 -54.28 -33.41 53.01
N SER P 154 -53.86 -34.42 53.79
CA SER P 154 -53.14 -34.24 55.08
C SER P 154 -51.77 -33.58 54.81
N THR P 155 -51.29 -33.65 53.57
CA THR P 155 -50.09 -32.94 53.07
C THR P 155 -50.50 -31.98 51.95
N PHE P 156 -49.73 -30.89 51.79
CA PHE P 156 -49.87 -29.91 50.67
C PHE P 156 -48.48 -29.46 50.23
N ALA P 157 -48.38 -29.05 48.96
CA ALA P 157 -47.17 -28.46 48.34
C ALA P 157 -47.36 -26.94 48.22
N SER P 158 -46.27 -26.19 48.33
CA SER P 158 -46.22 -24.71 48.20
C SER P 158 -45.07 -24.32 47.27
N GLY P 159 -45.39 -23.65 46.14
CA GLY P 159 -44.41 -23.08 45.20
C GLY P 159 -44.01 -21.68 45.60
N CYS P 160 -42.72 -21.34 45.54
CA CYS P 160 -42.15 -20.07 46.03
C CYS P 160 -41.07 -19.51 45.10
N LEU P 161 -40.90 -18.19 45.09
CA LEU P 161 -39.90 -17.46 44.28
C LEU P 161 -38.49 -17.63 44.87
N ASP P 162 -38.39 -18.27 46.05
CA ASP P 162 -37.09 -18.74 46.62
C ASP P 162 -36.61 -19.96 45.80
N ARG P 163 -37.33 -20.31 44.73
CA ARG P 163 -36.93 -21.29 43.69
C ARG P 163 -37.03 -22.71 44.25
N THR P 164 -37.83 -22.92 45.30
CA THR P 164 -38.09 -24.25 45.91
C THR P 164 -39.59 -24.55 45.92
N VAL P 165 -39.93 -25.83 45.89
CA VAL P 165 -41.24 -26.38 46.36
C VAL P 165 -40.99 -26.95 47.76
N LYS P 166 -41.94 -26.76 48.67
CA LYS P 166 -41.93 -27.37 50.03
C LYS P 166 -43.23 -28.14 50.23
N VAL P 167 -43.12 -29.43 50.54
CA VAL P 167 -44.28 -30.32 50.88
C VAL P 167 -44.35 -30.44 52.41
N TRP P 168 -45.48 -29.99 52.99
CA TRP P 168 -45.72 -29.91 54.45
C TRP P 168 -46.71 -30.99 54.87
N SER P 169 -46.83 -31.22 56.19
CA SER P 169 -47.86 -32.07 56.83
C SER P 169 -48.70 -31.20 57.78
N LEU P 170 -50.03 -31.39 57.80
CA LEU P 170 -50.94 -30.71 58.75
C LEU P 170 -50.52 -31.06 60.18
N GLY P 171 -50.20 -30.03 60.99
CA GLY P 171 -49.80 -30.16 62.39
C GLY P 171 -48.30 -30.30 62.57
N GLN P 172 -47.52 -30.13 61.50
CA GLN P 172 -46.03 -30.19 61.51
C GLN P 172 -45.46 -28.85 61.04
N SER P 173 -44.56 -28.26 61.83
CA SER P 173 -43.96 -26.91 61.62
C SER P 173 -42.84 -26.96 60.59
N THR P 174 -42.21 -28.13 60.39
CA THR P 174 -41.10 -28.36 59.44
C THR P 174 -41.63 -29.02 58.18
N PRO P 175 -41.11 -28.70 56.97
CA PRO P 175 -41.49 -29.41 55.75
C PRO P 175 -41.01 -30.87 55.81
N ASN P 176 -41.79 -31.79 55.23
CA ASN P 176 -41.41 -33.21 55.04
C ASN P 176 -40.15 -33.26 54.17
N PHE P 177 -40.10 -32.41 53.13
CA PHE P 177 -38.92 -32.23 52.25
C PHE P 177 -39.06 -30.93 51.44
N THR P 178 -37.93 -30.42 50.95
CA THR P 178 -37.81 -29.24 50.06
C THR P 178 -37.25 -29.70 48.71
N LEU P 179 -37.96 -29.41 47.61
CA LEU P 179 -37.47 -29.64 46.23
C LEU P 179 -36.73 -28.39 45.76
N THR P 180 -35.39 -28.48 45.63
CA THR P 180 -34.53 -27.50 44.91
C THR P 180 -34.80 -27.68 43.41
N THR P 181 -35.46 -26.71 42.79
CA THR P 181 -36.04 -26.83 41.42
C THR P 181 -34.99 -26.59 40.34
N GLY P 182 -34.03 -25.70 40.60
CA GLY P 182 -33.11 -25.17 39.57
C GLY P 182 -33.80 -24.21 38.62
N GLN P 183 -35.06 -23.86 38.92
CA GLN P 183 -35.84 -22.81 38.22
C GLN P 183 -35.54 -21.48 38.92
N GLU P 184 -34.55 -20.75 38.41
CA GLU P 184 -33.80 -19.70 39.16
C GLU P 184 -34.57 -18.38 39.18
N ARG P 185 -35.60 -18.23 38.33
CA ARG P 185 -36.51 -17.05 38.32
C ARG P 185 -37.71 -17.30 39.26
N GLY P 186 -37.73 -18.44 39.96
CA GLY P 186 -38.72 -18.75 41.01
C GLY P 186 -39.81 -19.67 40.52
N VAL P 187 -40.57 -20.29 41.44
CA VAL P 187 -41.70 -21.22 41.15
C VAL P 187 -43.01 -20.42 41.26
N ASN P 188 -43.74 -20.26 40.14
CA ASN P 188 -45.00 -19.48 40.06
C ASN P 188 -46.20 -20.37 40.40
N TYR P 189 -46.07 -21.70 40.27
CA TYR P 189 -47.20 -22.66 40.32
C TYR P 189 -46.68 -24.07 40.63
N VAL P 190 -47.51 -24.87 41.30
CA VAL P 190 -47.26 -26.32 41.58
C VAL P 190 -48.61 -27.05 41.52
N ASP P 191 -48.63 -28.29 41.02
CA ASP P 191 -49.84 -29.15 40.95
C ASP P 191 -49.42 -30.62 41.03
N TYR P 192 -50.31 -31.46 41.58
CA TYR P 192 -50.11 -32.93 41.73
C TYR P 192 -50.72 -33.67 40.53
N TYR P 193 -50.04 -34.73 40.08
CA TYR P 193 -50.61 -35.78 39.21
C TYR P 193 -51.71 -36.48 40.00
N PRO P 194 -53.00 -36.35 39.58
CA PRO P 194 -54.13 -36.70 40.45
C PRO P 194 -54.33 -38.21 40.71
N LEU P 195 -53.71 -39.07 39.89
CA LEU P 195 -53.95 -40.53 39.89
C LEU P 195 -52.81 -41.26 40.59
N PRO P 196 -53.04 -42.51 41.08
CA PRO P 196 -52.11 -43.18 42.00
C PRO P 196 -50.93 -43.91 41.36
N ASP P 197 -50.96 -44.14 40.05
CA ASP P 197 -49.94 -44.94 39.32
C ASP P 197 -48.57 -44.26 39.47
N LYS P 198 -48.49 -42.94 39.27
CA LYS P 198 -47.24 -42.15 39.37
C LYS P 198 -47.37 -41.08 40.45
N PRO P 199 -46.43 -41.01 41.43
CA PRO P 199 -46.40 -39.92 42.42
C PRO P 199 -45.63 -38.71 41.88
N TYR P 200 -46.22 -37.99 40.92
CA TYR P 200 -45.59 -36.88 40.15
C TYR P 200 -46.20 -35.54 40.56
N MET P 201 -45.37 -34.49 40.57
CA MET P 201 -45.77 -33.06 40.72
C MET P 201 -45.23 -32.27 39.52
N ILE P 202 -45.79 -31.08 39.25
CA ILE P 202 -45.41 -30.22 38.09
C ILE P 202 -45.27 -28.77 38.56
N THR P 203 -44.24 -28.07 38.07
CA THR P 203 -43.86 -26.69 38.49
C THR P 203 -43.60 -25.81 37.27
N ALA P 204 -43.99 -24.53 37.36
CA ALA P 204 -43.92 -23.52 36.27
C ALA P 204 -43.17 -22.29 36.79
N SER P 205 -42.17 -21.80 36.02
CA SER P 205 -41.26 -20.68 36.40
C SER P 205 -41.21 -19.60 35.33
N ASP P 206 -40.83 -18.37 35.73
CA ASP P 206 -40.50 -17.24 34.83
C ASP P 206 -39.32 -17.58 33.91
N ASP P 207 -38.54 -18.63 34.24
CA ASP P 207 -37.34 -19.05 33.46
C ASP P 207 -37.75 -19.81 32.19
N LEU P 208 -39.06 -19.92 31.91
CA LEU P 208 -39.68 -20.44 30.66
C LEU P 208 -39.83 -21.97 30.73
N THR P 209 -39.32 -22.64 31.76
CA THR P 209 -39.33 -24.12 31.88
C THR P 209 -40.57 -24.58 32.68
N ILE P 210 -41.06 -25.78 32.36
CA ILE P 210 -42.05 -26.57 33.15
C ILE P 210 -41.37 -27.88 33.54
N LYS P 211 -41.15 -28.12 34.83
CA LYS P 211 -40.42 -29.32 35.34
C LYS P 211 -41.41 -30.30 35.97
N ILE P 212 -41.26 -31.59 35.65
CA ILE P 212 -41.97 -32.74 36.28
C ILE P 212 -41.06 -33.33 37.36
N TRP P 213 -41.57 -33.45 38.59
CA TRP P 213 -40.82 -33.98 39.77
C TRP P 213 -41.51 -35.25 40.28
N ASP P 214 -40.71 -36.26 40.64
CA ASP P 214 -41.15 -37.46 41.41
C ASP P 214 -40.86 -37.16 42.90
N TYR P 215 -41.90 -37.15 43.74
CA TYR P 215 -41.82 -36.71 45.17
C TYR P 215 -41.41 -37.90 46.07
N GLN P 216 -41.09 -39.05 45.49
CA GLN P 216 -40.48 -40.21 46.21
C GLN P 216 -38.95 -40.12 46.13
N THR P 217 -38.41 -40.03 44.91
CA THR P 217 -36.96 -40.02 44.60
C THR P 217 -36.42 -38.58 44.63
N LYS P 218 -37.32 -37.58 44.60
CA LYS P 218 -37.00 -36.12 44.67
C LYS P 218 -36.22 -35.70 43.42
N SER P 219 -36.34 -36.45 42.32
CA SER P 219 -35.56 -36.25 41.06
C SER P 219 -36.46 -35.57 40.00
N CYS P 220 -35.83 -34.96 39.00
CA CYS P 220 -36.50 -34.31 37.84
C CYS P 220 -36.77 -35.37 36.76
N VAL P 221 -38.04 -35.67 36.53
CA VAL P 221 -38.52 -36.71 35.57
C VAL P 221 -38.40 -36.16 34.14
N ALA P 222 -38.73 -34.89 33.93
CA ALA P 222 -38.72 -34.22 32.60
C ALA P 222 -38.74 -32.69 32.76
N THR P 223 -38.14 -31.99 31.79
CA THR P 223 -38.23 -30.52 31.61
C THR P 223 -38.93 -30.23 30.28
N LEU P 224 -40.00 -29.43 30.32
CA LEU P 224 -40.83 -29.06 29.13
C LEU P 224 -40.55 -27.59 28.78
N GLU P 225 -40.20 -27.32 27.52
CA GLU P 225 -39.85 -25.96 27.00
C GLU P 225 -40.69 -25.68 25.75
N GLY P 226 -41.86 -25.07 25.93
CA GLY P 226 -42.81 -24.75 24.83
C GLY P 226 -43.25 -23.29 24.81
N HIS P 227 -42.75 -22.48 25.74
CA HIS P 227 -43.21 -21.07 25.97
C HIS P 227 -42.05 -20.10 25.75
N MET P 228 -42.33 -18.90 25.27
CA MET P 228 -41.31 -17.86 24.90
C MET P 228 -41.37 -16.70 25.89
N SER P 229 -42.07 -16.87 27.02
CA SER P 229 -42.17 -15.88 28.12
C SER P 229 -42.69 -16.58 29.39
N ASN P 230 -42.67 -15.86 30.51
CA ASN P 230 -43.03 -16.36 31.86
C ASN P 230 -44.16 -17.39 31.75
N VAL P 231 -43.93 -18.63 32.20
CA VAL P 231 -44.99 -19.68 32.31
C VAL P 231 -45.73 -19.44 33.63
N SER P 232 -47.02 -19.14 33.54
CA SER P 232 -47.89 -18.68 34.65
C SER P 232 -48.42 -19.90 35.45
N PHE P 233 -48.67 -21.01 34.76
CA PHE P 233 -49.16 -22.28 35.37
C PHE P 233 -48.84 -23.48 34.46
N ALA P 234 -48.98 -24.68 35.04
CA ALA P 234 -48.91 -26.00 34.37
C ALA P 234 -49.64 -27.02 35.24
N VAL P 235 -50.73 -27.61 34.74
CA VAL P 235 -51.62 -28.52 35.51
C VAL P 235 -51.79 -29.84 34.75
N PHE P 236 -51.96 -30.94 35.49
CA PHE P 236 -52.42 -32.26 34.99
C PHE P 236 -53.95 -32.25 34.94
N HIS P 237 -54.53 -32.61 33.78
CA HIS P 237 -56.00 -32.72 33.60
C HIS P 237 -56.51 -33.92 34.40
N PRO P 238 -57.69 -33.81 35.08
CA PRO P 238 -58.18 -34.89 35.94
C PRO P 238 -58.25 -36.26 35.26
N THR P 239 -58.98 -36.37 34.15
CA THR P 239 -59.32 -37.64 33.45
C THR P 239 -58.39 -37.86 32.26
N LEU P 240 -58.30 -36.87 31.36
CA LEU P 240 -57.48 -36.93 30.12
C LEU P 240 -56.00 -36.95 30.51
N PRO P 241 -55.16 -37.80 29.87
CA PRO P 241 -53.73 -37.85 30.17
C PRO P 241 -52.98 -36.74 29.42
N ILE P 242 -53.19 -35.48 29.83
CA ILE P 242 -52.54 -34.28 29.22
C ILE P 242 -52.03 -33.36 30.33
N ILE P 243 -51.06 -32.50 29.99
CA ILE P 243 -50.63 -31.34 30.80
C ILE P 243 -51.08 -30.07 30.07
N ILE P 244 -51.63 -29.10 30.80
CA ILE P 244 -52.07 -27.78 30.28
C ILE P 244 -51.28 -26.68 30.99
N SER P 245 -50.54 -25.89 30.22
CA SER P 245 -49.70 -24.76 30.72
C SER P 245 -50.07 -23.46 29.99
N GLY P 246 -50.05 -22.35 30.72
CA GLY P 246 -50.27 -20.98 30.19
C GLY P 246 -49.07 -20.10 30.47
N SER P 247 -48.89 -19.05 29.66
CA SER P 247 -47.69 -18.17 29.70
C SER P 247 -48.08 -16.72 29.40
N GLU P 248 -47.17 -15.78 29.69
CA GLU P 248 -47.27 -14.35 29.31
C GLU P 248 -47.03 -14.21 27.80
N ASP P 249 -46.73 -15.31 27.10
CA ASP P 249 -46.62 -15.36 25.62
C ASP P 249 -48.02 -15.34 24.99
N GLY P 250 -49.07 -15.53 25.81
CA GLY P 250 -50.48 -15.43 25.38
C GLY P 250 -51.00 -16.72 24.76
N THR P 251 -50.27 -17.82 24.93
CA THR P 251 -50.67 -19.18 24.45
C THR P 251 -51.09 -20.05 25.65
N LEU P 252 -51.84 -21.11 25.35
CA LEU P 252 -51.97 -22.33 26.19
C LEU P 252 -51.38 -23.49 25.39
N LYS P 253 -50.63 -24.37 26.06
CA LYS P 253 -50.00 -25.56 25.44
C LYS P 253 -50.58 -26.82 26.08
N ILE P 254 -51.15 -27.71 25.27
CA ILE P 254 -51.68 -29.03 25.69
C ILE P 254 -50.60 -30.09 25.41
N TRP P 255 -49.90 -30.53 26.44
CA TRP P 255 -48.83 -31.56 26.36
C TRP P 255 -49.46 -32.93 26.62
N ASN P 256 -48.89 -33.98 26.01
CA ASN P 256 -49.15 -35.40 26.40
C ASN P 256 -48.47 -35.64 27.75
N SER P 257 -49.21 -36.16 28.74
CA SER P 257 -48.73 -36.35 30.15
C SER P 257 -47.93 -37.65 30.29
N SER P 258 -47.51 -38.25 29.17
CA SER P 258 -46.73 -39.53 29.13
C SER P 258 -45.50 -39.37 28.22
N THR P 259 -45.69 -38.90 26.99
CA THR P 259 -44.62 -38.70 25.97
C THR P 259 -43.97 -37.33 26.14
N TYR P 260 -44.73 -36.34 26.63
CA TYR P 260 -44.31 -34.93 26.84
C TYR P 260 -44.14 -34.22 25.48
N LYS P 261 -44.80 -34.73 24.44
CA LYS P 261 -44.92 -34.07 23.11
C LYS P 261 -46.09 -33.09 23.18
N VAL P 262 -45.93 -31.89 22.61
CA VAL P 262 -47.00 -30.85 22.54
C VAL P 262 -48.08 -31.35 21.58
N GLU P 263 -49.31 -31.53 22.09
CA GLU P 263 -50.47 -32.08 21.34
C GLU P 263 -51.18 -30.96 20.58
N LYS P 264 -51.17 -29.73 21.11
CA LYS P 264 -51.70 -28.52 20.44
C LYS P 264 -51.26 -27.26 21.20
N THR P 265 -51.01 -26.18 20.45
CA THR P 265 -50.80 -24.79 20.94
C THR P 265 -52.04 -23.97 20.61
N LEU P 266 -52.64 -23.33 21.63
CA LEU P 266 -53.84 -22.47 21.48
C LEU P 266 -53.44 -21.00 21.65
N ASN P 267 -53.47 -20.25 20.55
CA ASN P 267 -53.27 -18.76 20.54
C ASN P 267 -54.65 -18.12 20.77
N VAL P 268 -54.95 -17.80 22.03
CA VAL P 268 -56.36 -17.60 22.54
C VAL P 268 -56.81 -16.17 22.22
N GLY P 269 -55.88 -15.23 22.04
CA GLY P 269 -56.16 -13.86 21.57
C GLY P 269 -56.63 -12.95 22.70
N LEU P 270 -56.23 -13.23 23.94
CA LEU P 270 -56.57 -12.42 25.14
C LEU P 270 -55.28 -11.99 25.87
N GLU P 271 -54.14 -12.02 25.17
CA GLU P 271 -52.79 -11.62 25.67
C GLU P 271 -52.44 -12.51 26.87
N ARG P 272 -51.62 -12.04 27.82
CA ARG P 272 -50.91 -12.89 28.81
C ARG P 272 -51.91 -13.76 29.58
N SER P 273 -51.61 -15.06 29.70
CA SER P 273 -52.32 -16.05 30.54
C SER P 273 -51.76 -15.97 31.97
N TRP P 274 -52.62 -16.03 32.99
CA TRP P 274 -52.25 -15.87 34.42
C TRP P 274 -52.74 -17.07 35.25
N CYS P 275 -53.99 -17.52 35.07
CA CYS P 275 -54.62 -18.56 35.91
C CYS P 275 -55.33 -19.63 35.06
N ILE P 276 -55.65 -20.76 35.69
CA ILE P 276 -56.21 -21.99 35.06
C ILE P 276 -57.22 -22.62 36.02
N ALA P 277 -58.17 -23.40 35.47
CA ALA P 277 -59.12 -24.24 36.23
C ALA P 277 -59.55 -25.43 35.35
N THR P 278 -59.62 -26.62 35.94
CA THR P 278 -60.17 -27.86 35.35
C THR P 278 -61.45 -28.24 36.12
N HIS P 279 -62.48 -28.73 35.42
CA HIS P 279 -63.76 -29.14 36.05
C HIS P 279 -63.51 -30.30 37.00
N PRO P 280 -63.87 -30.17 38.30
CA PRO P 280 -63.59 -31.21 39.30
C PRO P 280 -63.91 -32.64 38.85
N THR P 281 -65.13 -32.89 38.39
CA THR P 281 -65.64 -34.22 37.93
C THR P 281 -65.07 -34.52 36.53
N GLY P 282 -64.70 -33.48 35.77
CA GLY P 282 -64.23 -33.58 34.38
C GLY P 282 -65.39 -33.53 33.40
N ARG P 283 -66.52 -32.94 33.81
CA ARG P 283 -67.74 -32.78 32.97
C ARG P 283 -67.36 -32.08 31.67
N LYS P 284 -67.64 -32.72 30.53
CA LYS P 284 -67.27 -32.26 29.15
C LYS P 284 -65.78 -31.88 29.14
N ASN P 285 -64.97 -32.54 29.98
CA ASN P 285 -63.51 -32.29 30.16
C ASN P 285 -63.22 -30.78 30.15
N TYR P 286 -64.14 -29.97 30.71
CA TYR P 286 -64.08 -28.48 30.69
C TYR P 286 -62.75 -28.00 31.29
N ILE P 287 -62.15 -26.99 30.67
CA ILE P 287 -61.03 -26.18 31.26
C ILE P 287 -61.38 -24.69 31.08
N ALA P 288 -60.88 -23.85 31.98
CA ALA P 288 -61.02 -22.38 31.95
C ALA P 288 -59.68 -21.72 32.34
N SER P 289 -59.30 -20.66 31.64
CA SER P 289 -58.05 -19.88 31.87
C SER P 289 -58.37 -18.39 31.87
N GLY P 290 -57.74 -17.63 32.78
CA GLY P 290 -57.91 -16.17 32.92
C GLY P 290 -56.73 -15.41 32.32
N PHE P 291 -57.01 -14.35 31.57
CA PHE P 291 -56.03 -13.55 30.78
C PHE P 291 -56.17 -12.06 31.11
N ASP P 292 -55.29 -11.23 30.55
CA ASP P 292 -55.30 -9.75 30.64
C ASP P 292 -56.65 -9.18 30.19
N ASN P 293 -57.21 -9.71 29.10
CA ASN P 293 -58.34 -9.09 28.36
C ASN P 293 -59.64 -9.88 28.59
N GLY P 294 -59.63 -10.86 29.51
CA GLY P 294 -60.81 -11.65 29.89
C GLY P 294 -60.48 -13.11 30.14
N PHE P 295 -61.47 -13.99 30.05
CA PHE P 295 -61.32 -15.46 30.25
C PHE P 295 -62.00 -16.22 29.11
N THR P 296 -61.65 -17.52 29.00
CA THR P 296 -62.22 -18.48 28.01
C THR P 296 -62.48 -19.81 28.71
N VAL P 297 -63.63 -20.42 28.43
CA VAL P 297 -64.00 -21.81 28.87
C VAL P 297 -64.00 -22.71 27.63
N LEU P 298 -63.20 -23.78 27.65
CA LEU P 298 -63.02 -24.72 26.52
C LEU P 298 -63.47 -26.12 26.97
N SER P 299 -64.13 -26.86 26.08
CA SER P 299 -64.50 -28.29 26.25
C SER P 299 -63.55 -29.15 25.39
N LEU P 300 -63.12 -30.30 25.93
CA LEU P 300 -62.13 -31.22 25.33
C LEU P 300 -62.84 -32.54 24.98
N GLY P 301 -62.39 -33.21 23.90
CA GLY P 301 -62.94 -34.50 23.44
C GLY P 301 -62.30 -35.68 24.16
N ASN P 302 -62.96 -36.85 24.12
CA ASN P 302 -62.49 -38.10 24.76
C ASN P 302 -61.65 -38.89 23.73
N MET Q 1 14.96 -62.45 -8.27
CA MET Q 1 14.98 -60.97 -8.08
C MET Q 1 13.69 -60.52 -7.37
N LYS Q 2 13.79 -59.50 -6.52
CA LYS Q 2 12.62 -58.80 -5.91
C LYS Q 2 12.52 -57.40 -6.55
N LEU Q 3 11.96 -57.33 -7.76
CA LEU Q 3 11.70 -56.05 -8.48
C LEU Q 3 10.64 -55.26 -7.72
N ASP Q 4 11.07 -54.31 -6.89
CA ASP Q 4 10.18 -53.40 -6.11
C ASP Q 4 9.86 -52.19 -6.99
N ILE Q 5 9.03 -52.39 -8.02
CA ILE Q 5 8.62 -51.34 -9.00
C ILE Q 5 7.64 -50.39 -8.29
N LYS Q 6 7.97 -49.10 -8.21
CA LYS Q 6 7.10 -48.05 -7.64
C LYS Q 6 6.89 -46.95 -8.69
N LYS Q 7 5.63 -46.63 -9.01
CA LYS Q 7 5.25 -45.55 -9.95
C LYS Q 7 5.53 -44.21 -9.29
N THR Q 8 6.69 -43.60 -9.61
CA THR Q 8 7.20 -42.34 -9.00
C THR Q 8 6.35 -41.16 -9.50
N PHE Q 9 6.24 -40.99 -10.82
CA PHE Q 9 5.51 -39.89 -11.48
C PHE Q 9 5.06 -40.34 -12.88
N SER Q 10 3.80 -40.09 -13.22
CA SER Q 10 3.21 -40.24 -14.57
C SER Q 10 2.53 -38.92 -14.96
N ASN Q 11 2.71 -38.51 -16.23
CA ASN Q 11 2.20 -37.22 -16.77
C ASN Q 11 1.63 -37.47 -18.17
N ARG Q 12 0.41 -37.00 -18.42
CA ARG Q 12 -0.29 -37.12 -19.73
C ARG Q 12 0.16 -35.96 -20.62
N SER Q 13 0.42 -36.23 -21.91
CA SER Q 13 0.85 -35.21 -22.91
C SER Q 13 0.74 -35.78 -24.33
N ASP Q 14 1.12 -34.97 -25.32
CA ASP Q 14 1.34 -35.40 -26.73
C ASP Q 14 2.45 -36.46 -26.74
N ARG Q 15 2.52 -37.22 -27.83
CA ARG Q 15 3.40 -38.41 -27.99
C ARG Q 15 4.84 -38.04 -27.65
N VAL Q 16 5.44 -38.77 -26.70
CA VAL Q 16 6.83 -38.59 -26.21
C VAL Q 16 7.75 -39.51 -27.03
N LYS Q 17 8.67 -38.94 -27.81
CA LYS Q 17 9.62 -39.68 -28.70
C LYS Q 17 11.02 -39.71 -28.08
N GLY Q 18 11.43 -38.64 -27.41
CA GLY Q 18 12.71 -38.56 -26.68
C GLY Q 18 12.47 -38.52 -25.18
N ILE Q 19 13.41 -39.03 -24.38
CA ILE Q 19 13.36 -38.97 -22.88
C ILE Q 19 14.77 -39.23 -22.31
N ASP Q 20 15.20 -38.40 -21.35
CA ASP Q 20 16.56 -38.47 -20.73
C ASP Q 20 16.47 -37.96 -19.28
N PHE Q 21 17.23 -38.61 -18.39
CA PHE Q 21 17.32 -38.28 -16.94
C PHE Q 21 18.47 -37.28 -16.71
N HIS Q 22 18.23 -36.25 -15.90
CA HIS Q 22 19.28 -35.32 -15.38
C HIS Q 22 20.06 -36.03 -14.29
N PRO Q 23 21.41 -36.01 -14.33
CA PRO Q 23 22.22 -36.79 -13.39
C PRO Q 23 22.18 -36.37 -11.92
N THR Q 24 21.91 -35.09 -11.62
CA THR Q 24 22.06 -34.49 -10.26
C THR Q 24 20.71 -33.96 -9.73
N GLU Q 25 19.85 -33.42 -10.60
CA GLU Q 25 18.48 -32.93 -10.21
C GLU Q 25 17.45 -34.00 -10.55
N PRO Q 26 16.34 -34.13 -9.79
CA PRO Q 26 15.32 -35.12 -10.08
C PRO Q 26 14.43 -34.66 -11.25
N TRP Q 27 15.05 -34.36 -12.40
CA TRP Q 27 14.39 -33.90 -13.65
C TRP Q 27 14.44 -35.01 -14.70
N VAL Q 28 13.43 -35.05 -15.58
CA VAL Q 28 13.48 -35.80 -16.86
C VAL Q 28 13.12 -34.82 -17.99
N LEU Q 29 13.93 -34.81 -19.06
CA LEU Q 29 13.65 -34.07 -20.32
C LEU Q 29 12.79 -34.97 -21.20
N THR Q 30 11.65 -34.45 -21.67
CA THR Q 30 10.77 -35.12 -22.66
C THR Q 30 10.79 -34.30 -23.95
N THR Q 31 10.55 -34.98 -25.06
CA THR Q 31 10.75 -34.47 -26.44
C THR Q 31 9.54 -34.98 -27.24
N LEU Q 32 8.64 -34.08 -27.61
CA LEU Q 32 7.25 -34.40 -28.02
C LEU Q 32 7.10 -34.32 -29.55
N TYR Q 33 6.15 -35.10 -30.07
CA TYR Q 33 5.78 -35.21 -31.50
C TYR Q 33 5.17 -33.89 -31.99
N SER Q 34 4.71 -33.05 -31.07
CA SER Q 34 4.01 -31.76 -31.33
C SER Q 34 5.00 -30.61 -31.51
N GLY Q 35 6.30 -30.83 -31.27
CA GLY Q 35 7.35 -29.82 -31.38
C GLY Q 35 7.67 -29.17 -30.05
N ARG Q 36 7.03 -29.65 -28.98
CA ARG Q 36 7.23 -29.18 -27.58
C ARG Q 36 8.35 -30.01 -26.94
N VAL Q 37 9.11 -29.41 -26.02
CA VAL Q 37 10.07 -30.11 -25.12
C VAL Q 37 9.77 -29.63 -23.70
N GLU Q 38 9.65 -30.55 -22.75
CA GLU Q 38 9.24 -30.25 -21.35
C GLU Q 38 10.28 -30.82 -20.38
N LEU Q 39 10.63 -30.05 -19.35
CA LEU Q 39 11.43 -30.51 -18.19
C LEU Q 39 10.51 -30.63 -16.98
N TRP Q 40 10.49 -31.80 -16.34
CA TRP Q 40 9.56 -32.17 -15.24
C TRP Q 40 10.36 -32.67 -14.03
N ASN Q 41 10.15 -32.05 -12.87
CA ASN Q 41 10.61 -32.58 -11.55
C ASN Q 41 9.69 -33.76 -11.19
N TYR Q 42 10.21 -34.98 -11.24
CA TYR Q 42 9.42 -36.24 -11.12
C TYR Q 42 9.22 -36.61 -9.64
N GLU Q 43 9.60 -35.73 -8.70
CA GLU Q 43 9.42 -35.91 -7.23
C GLU Q 43 8.40 -34.90 -6.72
N THR Q 44 8.60 -33.62 -7.07
CA THR Q 44 7.68 -32.48 -6.76
C THR Q 44 6.44 -32.57 -7.65
N GLN Q 45 6.53 -33.29 -8.78
CA GLN Q 45 5.48 -33.38 -9.84
C GLN Q 45 5.25 -31.96 -10.42
N VAL Q 46 6.28 -31.12 -10.38
CA VAL Q 46 6.23 -29.69 -10.82
C VAL Q 46 7.01 -29.58 -12.13
N GLU Q 47 6.38 -29.00 -13.17
CA GLU Q 47 7.01 -28.72 -14.49
C GLU Q 47 8.06 -27.64 -14.32
N VAL Q 48 9.33 -27.97 -14.56
CA VAL Q 48 10.48 -27.02 -14.49
C VAL Q 48 10.33 -25.97 -15.58
N ARG Q 49 10.34 -26.41 -16.84
CA ARG Q 49 10.37 -25.53 -18.05
C ARG Q 49 9.80 -26.30 -19.24
N SER Q 50 9.08 -25.61 -20.13
CA SER Q 50 8.56 -26.16 -21.42
C SER Q 50 8.77 -25.12 -22.54
N ILE Q 51 9.28 -25.56 -23.68
CA ILE Q 51 9.58 -24.72 -24.88
C ILE Q 51 8.85 -25.31 -26.10
N GLN Q 52 8.16 -24.46 -26.87
CA GLN Q 52 7.75 -24.75 -28.27
C GLN Q 52 8.98 -24.48 -29.16
N VAL Q 53 9.66 -25.55 -29.57
CA VAL Q 53 10.99 -25.49 -30.26
C VAL Q 53 10.76 -25.33 -31.78
N THR Q 54 9.72 -25.97 -32.30
CA THR Q 54 9.32 -25.91 -33.74
C THR Q 54 7.88 -26.43 -33.89
N GLU Q 55 7.45 -26.64 -35.14
CA GLU Q 55 6.12 -27.23 -35.50
C GLU Q 55 6.27 -28.75 -35.60
N THR Q 56 7.42 -29.22 -36.08
CA THR Q 56 7.70 -30.64 -36.43
C THR Q 56 7.89 -31.48 -35.18
N PRO Q 57 7.84 -32.83 -35.28
CA PRO Q 57 8.26 -33.70 -34.20
C PRO Q 57 9.73 -33.50 -33.77
N VAL Q 58 9.97 -33.50 -32.46
CA VAL Q 58 11.33 -33.58 -31.85
C VAL Q 58 11.51 -35.01 -31.36
N ARG Q 59 12.34 -35.80 -32.07
CA ARG Q 59 12.54 -37.25 -31.81
C ARG Q 59 13.65 -37.45 -30.77
N ALA Q 60 14.69 -36.60 -30.82
CA ALA Q 60 15.92 -36.73 -30.00
C ALA Q 60 15.98 -35.63 -28.95
N GLY Q 61 16.39 -35.98 -27.73
CA GLY Q 61 16.55 -35.06 -26.58
C GLY Q 61 17.55 -35.60 -25.58
N LYS Q 62 18.56 -34.81 -25.23
CA LYS Q 62 19.61 -35.18 -24.25
C LYS Q 62 19.98 -33.94 -23.40
N PHE Q 63 20.16 -34.15 -22.09
CA PHE Q 63 20.82 -33.18 -21.18
C PHE Q 63 22.31 -33.11 -21.53
N ILE Q 64 22.87 -31.90 -21.47
CA ILE Q 64 24.34 -31.65 -21.34
C ILE Q 64 24.52 -30.83 -20.05
N ALA Q 65 24.35 -31.50 -18.91
CA ALA Q 65 24.29 -30.90 -17.55
C ALA Q 65 25.61 -30.22 -17.20
N ARG Q 66 26.73 -30.63 -17.82
CA ARG Q 66 28.07 -30.04 -17.57
C ARG Q 66 28.21 -28.70 -18.30
N LYS Q 67 27.18 -28.28 -19.04
CA LYS Q 67 27.05 -26.91 -19.63
C LYS Q 67 25.69 -26.31 -19.27
N ASN Q 68 24.94 -26.95 -18.37
CA ASN Q 68 23.57 -26.58 -17.95
C ASN Q 68 22.67 -26.43 -19.19
N TRP Q 69 22.77 -27.39 -20.12
CA TRP Q 69 22.05 -27.37 -21.43
C TRP Q 69 21.07 -28.53 -21.54
N ILE Q 70 20.10 -28.39 -22.44
CA ILE Q 70 19.43 -29.51 -23.17
C ILE Q 70 19.82 -29.36 -24.64
N ILE Q 71 19.90 -30.48 -25.37
CA ILE Q 71 20.13 -30.51 -26.85
C ILE Q 71 19.03 -31.39 -27.46
N VAL Q 72 18.35 -30.89 -28.49
CA VAL Q 72 17.19 -31.58 -29.12
C VAL Q 72 17.33 -31.51 -30.65
N GLY Q 73 17.05 -32.63 -31.33
CA GLY Q 73 17.02 -32.76 -32.80
C GLY Q 73 15.59 -32.95 -33.28
N SER Q 74 15.26 -32.42 -34.45
CA SER Q 74 13.86 -32.28 -34.93
C SER Q 74 13.75 -32.62 -36.43
N ASP Q 75 12.53 -32.93 -36.87
CA ASP Q 75 12.19 -33.34 -38.26
C ASP Q 75 12.41 -32.17 -39.22
N ASP Q 76 12.51 -30.94 -38.70
CA ASP Q 76 12.82 -29.70 -39.47
C ASP Q 76 14.33 -29.61 -39.77
N PHE Q 77 15.08 -30.70 -39.54
CA PHE Q 77 16.51 -30.90 -39.92
C PHE Q 77 17.47 -30.29 -38.90
N ARG Q 78 16.97 -29.76 -37.78
CA ARG Q 78 17.71 -28.76 -36.96
C ARG Q 78 18.07 -29.34 -35.58
N ILE Q 79 19.33 -29.16 -35.17
CA ILE Q 79 19.81 -29.34 -33.77
C ILE Q 79 19.72 -27.99 -33.08
N ARG Q 80 19.17 -27.96 -31.86
CA ARG Q 80 19.01 -26.74 -31.04
C ARG Q 80 19.45 -27.05 -29.60
N VAL Q 81 20.13 -26.07 -28.97
CA VAL Q 81 20.64 -26.17 -27.57
C VAL Q 81 20.05 -25.01 -26.77
N PHE Q 82 19.51 -25.30 -25.58
CA PHE Q 82 18.92 -24.31 -24.64
C PHE Q 82 19.57 -24.49 -23.27
N ASN Q 83 19.97 -23.38 -22.65
CA ASN Q 83 20.40 -23.29 -21.23
C ASN Q 83 19.13 -23.40 -20.37
N TYR Q 84 18.95 -24.52 -19.66
CA TYR Q 84 17.67 -24.90 -19.00
C TYR Q 84 17.40 -24.01 -17.78
N ASN Q 85 18.39 -23.25 -17.30
CA ASN Q 85 18.25 -22.32 -16.14
C ASN Q 85 17.62 -21.01 -16.61
N THR Q 86 18.04 -20.48 -17.76
CA THR Q 86 17.61 -19.17 -18.32
C THR Q 86 16.61 -19.38 -19.48
N GLY Q 87 16.63 -20.54 -20.12
CA GLY Q 87 15.80 -20.87 -21.30
C GLY Q 87 16.29 -20.18 -22.55
N GLU Q 88 17.48 -19.56 -22.49
CA GLU Q 88 18.11 -18.82 -23.62
C GLU Q 88 18.64 -19.84 -24.64
N LYS Q 89 18.31 -19.67 -25.92
CA LYS Q 89 18.75 -20.56 -27.01
C LYS Q 89 20.24 -20.34 -27.28
N VAL Q 90 21.06 -21.38 -27.11
CA VAL Q 90 22.55 -21.34 -27.20
C VAL Q 90 22.94 -21.29 -28.68
N VAL Q 91 22.54 -22.31 -29.45
CA VAL Q 91 22.82 -22.41 -30.91
C VAL Q 91 21.60 -23.03 -31.61
N ASP Q 92 21.45 -22.73 -32.90
CA ASP Q 92 20.36 -23.23 -33.78
C ASP Q 92 20.92 -23.35 -35.20
N PHE Q 93 21.26 -24.58 -35.62
CA PHE Q 93 21.93 -24.87 -36.91
C PHE Q 93 21.24 -26.07 -37.59
N GLU Q 94 21.39 -26.16 -38.92
CA GLU Q 94 20.89 -27.29 -39.75
C GLU Q 94 21.95 -28.39 -39.79
N ALA Q 95 21.68 -29.52 -39.15
CA ALA Q 95 22.60 -30.66 -39.02
C ALA Q 95 22.57 -31.51 -40.30
N HIS Q 96 21.38 -31.89 -40.76
CA HIS Q 96 21.15 -32.80 -41.91
C HIS Q 96 20.13 -32.19 -42.86
N PRO Q 97 19.98 -32.72 -44.10
CA PRO Q 97 18.85 -32.41 -44.96
C PRO Q 97 17.69 -33.43 -44.85
N ASP Q 98 17.50 -34.04 -43.68
CA ASP Q 98 16.41 -35.01 -43.40
C ASP Q 98 16.21 -35.13 -41.88
N TYR Q 99 15.26 -35.95 -41.43
CA TYR Q 99 14.87 -36.14 -40.01
C TYR Q 99 16.10 -36.53 -39.18
N ILE Q 100 16.16 -36.06 -37.94
CA ILE Q 100 17.16 -36.47 -36.91
C ILE Q 100 16.48 -37.44 -35.93
N ARG Q 101 16.90 -38.71 -35.94
CA ARG Q 101 16.28 -39.81 -35.17
C ARG Q 101 16.86 -39.86 -33.75
N SER Q 102 18.17 -39.66 -33.61
CA SER Q 102 18.94 -39.98 -32.39
C SER Q 102 20.12 -39.02 -32.18
N ILE Q 103 20.27 -38.50 -30.96
CA ILE Q 103 21.47 -37.74 -30.48
C ILE Q 103 22.09 -38.51 -29.32
N ALA Q 104 23.43 -38.60 -29.29
CA ALA Q 104 24.23 -39.13 -28.16
C ALA Q 104 25.40 -38.19 -27.89
N VAL Q 105 25.65 -37.88 -26.62
CA VAL Q 105 26.69 -36.91 -26.15
C VAL Q 105 27.87 -37.69 -25.57
N HIS Q 106 29.08 -37.45 -26.11
CA HIS Q 106 30.37 -38.02 -25.66
C HIS Q 106 30.58 -37.68 -24.19
N PRO Q 107 30.80 -38.69 -23.29
CA PRO Q 107 30.82 -38.44 -21.84
C PRO Q 107 31.81 -37.38 -21.36
N THR Q 108 33.05 -37.40 -21.86
CA THR Q 108 34.20 -36.61 -21.33
C THR Q 108 34.52 -35.41 -22.24
N LYS Q 109 34.37 -35.57 -23.56
CA LYS Q 109 34.81 -34.57 -24.58
C LYS Q 109 33.59 -33.84 -25.13
N PRO Q 110 33.79 -32.63 -25.73
CA PRO Q 110 32.67 -31.75 -26.07
C PRO Q 110 32.04 -32.08 -27.42
N TYR Q 111 31.87 -33.38 -27.71
CA TYR Q 111 31.36 -33.91 -29.00
C TYR Q 111 29.89 -34.32 -28.84
N VAL Q 112 29.12 -34.19 -29.93
CA VAL Q 112 27.72 -34.69 -30.03
C VAL Q 112 27.59 -35.45 -31.36
N LEU Q 113 27.03 -36.66 -31.32
CA LEU Q 113 26.66 -37.45 -32.52
C LEU Q 113 25.17 -37.21 -32.82
N SER Q 114 24.80 -37.12 -34.10
CA SER Q 114 23.40 -37.06 -34.57
C SER Q 114 23.21 -38.07 -35.71
N GLY Q 115 22.29 -39.03 -35.53
CA GLY Q 115 21.92 -40.05 -36.53
C GLY Q 115 20.63 -39.67 -37.24
N SER Q 116 20.61 -39.69 -38.58
CA SER Q 116 19.55 -39.08 -39.42
C SER Q 116 19.13 -39.99 -40.57
N ASP Q 117 18.00 -39.65 -41.20
CA ASP Q 117 17.40 -40.32 -42.38
C ASP Q 117 18.25 -40.04 -43.63
N ASP Q 118 19.19 -39.09 -43.57
CA ASP Q 118 20.16 -38.78 -44.65
C ASP Q 118 21.24 -39.87 -44.72
N LEU Q 119 21.04 -41.00 -44.03
CA LEU Q 119 21.85 -42.24 -44.14
C LEU Q 119 23.18 -42.06 -43.40
N THR Q 120 23.27 -41.07 -42.50
CA THR Q 120 24.54 -40.47 -42.01
C THR Q 120 24.50 -40.29 -40.48
N VAL Q 121 25.66 -40.46 -39.84
CA VAL Q 121 25.98 -39.96 -38.47
C VAL Q 121 26.96 -38.79 -38.64
N LYS Q 122 26.82 -37.75 -37.81
CA LYS Q 122 27.68 -36.53 -37.86
C LYS Q 122 28.15 -36.18 -36.44
N LEU Q 123 29.45 -35.87 -36.30
CA LEU Q 123 30.08 -35.41 -35.03
C LEU Q 123 30.12 -33.88 -35.02
N TRP Q 124 29.66 -33.26 -33.93
CA TRP Q 124 29.64 -31.79 -33.72
C TRP Q 124 30.46 -31.44 -32.48
N ASN Q 125 31.43 -30.54 -32.62
CA ASN Q 125 32.38 -30.10 -31.56
C ASN Q 125 31.99 -28.69 -31.12
N TRP Q 126 31.43 -28.55 -29.91
CA TRP Q 126 30.83 -27.29 -29.40
C TRP Q 126 31.90 -26.35 -28.85
N GLU Q 127 33.13 -26.84 -28.65
CA GLU Q 127 34.33 -26.01 -28.29
C GLU Q 127 34.96 -25.44 -29.57
N ASN Q 128 34.51 -25.89 -30.75
CA ASN Q 128 34.90 -25.36 -32.07
C ASN Q 128 33.66 -24.82 -32.81
N ASN Q 129 32.82 -24.07 -32.11
CA ASN Q 129 31.65 -23.32 -32.67
C ASN Q 129 30.66 -24.29 -33.34
N TRP Q 130 30.50 -25.49 -32.77
CA TRP Q 130 29.54 -26.54 -33.25
C TRP Q 130 29.83 -26.88 -34.72
N ALA Q 131 31.10 -26.91 -35.12
CA ALA Q 131 31.55 -27.17 -36.51
C ALA Q 131 31.40 -28.66 -36.82
N LEU Q 132 31.08 -28.99 -38.08
CA LEU Q 132 30.99 -30.39 -38.59
C LEU Q 132 32.40 -30.97 -38.70
N GLU Q 133 32.75 -31.86 -37.77
CA GLU Q 133 34.11 -32.49 -37.66
C GLU Q 133 34.20 -33.67 -38.64
N GLN Q 134 33.25 -34.60 -38.57
CA GLN Q 134 33.24 -35.86 -39.36
C GLN Q 134 31.81 -36.25 -39.73
N THR Q 135 31.57 -36.58 -41.01
CA THR Q 135 30.35 -37.24 -41.51
C THR Q 135 30.67 -38.72 -41.78
N PHE Q 136 29.97 -39.63 -41.11
CA PHE Q 136 30.17 -41.10 -41.20
C PHE Q 136 29.20 -41.68 -42.24
N GLU Q 137 29.70 -41.90 -43.47
CA GLU Q 137 28.93 -42.48 -44.60
C GLU Q 137 29.17 -43.99 -44.66
N GLY Q 138 28.12 -44.77 -44.95
CA GLY Q 138 28.19 -46.24 -45.00
C GLY Q 138 26.81 -46.88 -45.03
N HIS Q 139 25.90 -46.43 -44.17
CA HIS Q 139 24.51 -46.94 -44.03
C HIS Q 139 23.72 -46.67 -45.32
N GLU Q 140 22.75 -47.55 -45.64
CA GLU Q 140 21.96 -47.52 -46.89
C GLU Q 140 20.48 -47.25 -46.59
N HIS Q 141 20.14 -46.89 -45.35
CA HIS Q 141 18.78 -46.46 -44.92
C HIS Q 141 18.90 -45.54 -43.69
N PHE Q 142 17.76 -45.17 -43.09
CA PHE Q 142 17.66 -44.20 -41.97
C PHE Q 142 18.53 -44.69 -40.80
N VAL Q 143 19.34 -43.79 -40.23
CA VAL Q 143 20.12 -44.04 -38.99
C VAL Q 143 19.19 -43.73 -37.81
N MET Q 144 18.76 -44.76 -37.09
CA MET Q 144 17.62 -44.73 -36.12
C MET Q 144 18.09 -44.51 -34.69
N CYS Q 145 19.35 -44.86 -34.36
CA CYS Q 145 19.88 -44.82 -32.97
C CYS Q 145 21.41 -44.83 -32.99
N VAL Q 146 22.03 -43.78 -32.44
CA VAL Q 146 23.50 -43.64 -32.26
C VAL Q 146 23.80 -43.72 -30.76
N ALA Q 147 24.85 -44.48 -30.38
CA ALA Q 147 25.26 -44.72 -28.98
C ALA Q 147 26.77 -44.97 -28.92
N PHE Q 148 27.47 -44.19 -28.11
CA PHE Q 148 28.90 -44.39 -27.78
C PHE Q 148 29.05 -45.71 -27.00
N ASN Q 149 30.11 -46.47 -27.28
CA ASN Q 149 30.59 -47.55 -26.39
C ASN Q 149 31.04 -46.88 -25.09
N PRO Q 150 30.36 -47.12 -23.94
CA PRO Q 150 30.72 -46.45 -22.69
C PRO Q 150 32.15 -46.78 -22.21
N LYS Q 151 32.67 -47.95 -22.59
CA LYS Q 151 34.02 -48.43 -22.21
C LYS Q 151 35.07 -47.86 -23.18
N ASP Q 152 34.64 -47.25 -24.29
CA ASP Q 152 35.53 -46.57 -25.27
C ASP Q 152 34.70 -45.66 -26.17
N PRO Q 153 34.40 -44.41 -25.75
CA PRO Q 153 33.62 -43.48 -26.58
C PRO Q 153 34.41 -42.86 -27.76
N SER Q 154 35.59 -43.41 -28.08
CA SER Q 154 36.29 -43.19 -29.36
C SER Q 154 35.65 -44.07 -30.45
N THR Q 155 34.76 -44.98 -30.04
CA THR Q 155 33.92 -45.81 -30.93
C THR Q 155 32.43 -45.59 -30.60
N PHE Q 156 31.54 -45.90 -31.55
CA PHE Q 156 30.07 -45.83 -31.37
C PHE Q 156 29.39 -46.82 -32.33
N ALA Q 157 28.20 -47.29 -31.95
CA ALA Q 157 27.33 -48.18 -32.74
C ALA Q 157 26.13 -47.36 -33.25
N SER Q 158 25.77 -47.55 -34.52
CA SER Q 158 24.60 -46.90 -35.16
C SER Q 158 23.61 -47.98 -35.62
N GLY Q 159 22.38 -47.91 -35.10
CA GLY Q 159 21.23 -48.75 -35.52
C GLY Q 159 20.56 -48.16 -36.74
N CYS Q 160 20.30 -48.98 -37.75
CA CYS Q 160 19.86 -48.52 -39.10
C CYS Q 160 18.76 -49.46 -39.64
N LEU Q 161 17.83 -48.91 -40.44
CA LEU Q 161 16.75 -49.66 -41.11
C LEU Q 161 17.33 -50.54 -42.23
N ASP Q 162 18.61 -50.33 -42.60
CA ASP Q 162 19.33 -51.18 -43.59
C ASP Q 162 19.59 -52.58 -43.00
N ARG Q 163 19.13 -52.82 -41.76
CA ARG Q 163 19.13 -54.14 -41.07
C ARG Q 163 20.55 -54.51 -40.63
N THR Q 164 21.42 -53.52 -40.47
CA THR Q 164 22.81 -53.69 -39.97
C THR Q 164 23.06 -52.76 -38.78
N VAL Q 165 24.02 -53.13 -37.92
CA VAL Q 165 24.67 -52.23 -36.94
C VAL Q 165 26.12 -52.01 -37.43
N LYS Q 166 26.53 -50.74 -37.55
CA LYS Q 166 27.90 -50.36 -37.97
C LYS Q 166 28.59 -49.66 -36.79
N VAL Q 167 29.73 -50.21 -36.35
CA VAL Q 167 30.60 -49.63 -35.29
C VAL Q 167 31.76 -48.91 -35.98
N TRP Q 168 31.97 -47.63 -35.62
CA TRP Q 168 32.98 -46.73 -36.23
C TRP Q 168 34.00 -46.32 -35.17
N SER Q 169 35.12 -45.76 -35.61
CA SER Q 169 36.12 -45.05 -34.77
C SER Q 169 36.12 -43.56 -35.15
N LEU Q 170 36.19 -42.67 -34.15
CA LEU Q 170 36.29 -41.20 -34.35
C LEU Q 170 37.59 -40.89 -35.10
N GLY Q 171 37.47 -40.52 -36.39
CA GLY Q 171 38.61 -40.15 -37.26
C GLY Q 171 38.72 -41.05 -38.48
N GLN Q 172 38.07 -42.23 -38.46
CA GLN Q 172 38.15 -43.26 -39.52
C GLN Q 172 36.88 -43.21 -40.39
N SER Q 173 37.04 -43.11 -41.71
CA SER Q 173 35.95 -43.04 -42.71
C SER Q 173 35.30 -44.42 -42.89
N THR Q 174 36.07 -45.50 -42.69
CA THR Q 174 35.60 -46.91 -42.80
C THR Q 174 35.09 -47.39 -41.45
N PRO Q 175 34.00 -48.20 -41.40
CA PRO Q 175 33.53 -48.78 -40.14
C PRO Q 175 34.50 -49.86 -39.64
N ASN Q 176 34.64 -49.98 -38.32
CA ASN Q 176 35.44 -51.05 -37.65
C ASN Q 176 34.89 -52.42 -38.07
N PHE Q 177 33.57 -52.56 -38.15
CA PHE Q 177 32.87 -53.76 -38.68
C PHE Q 177 31.39 -53.46 -38.89
N THR Q 178 30.70 -54.36 -39.61
CA THR Q 178 29.23 -54.34 -39.85
C THR Q 178 28.64 -55.65 -39.33
N LEU Q 179 27.65 -55.56 -38.42
CA LEU Q 179 26.80 -56.69 -37.98
C LEU Q 179 25.60 -56.78 -38.92
N THR Q 180 25.42 -57.91 -39.61
CA THR Q 180 24.18 -58.26 -40.35
C THR Q 180 23.22 -58.93 -39.34
N THR Q 181 22.21 -58.20 -38.89
CA THR Q 181 21.41 -58.51 -37.68
C THR Q 181 20.42 -59.65 -37.96
N GLY Q 182 19.98 -59.82 -39.22
CA GLY Q 182 18.88 -60.72 -39.58
C GLY Q 182 17.54 -60.21 -39.06
N GLN Q 183 17.49 -58.92 -38.69
CA GLN Q 183 16.26 -58.21 -38.26
C GLN Q 183 15.73 -57.43 -39.47
N GLU Q 184 14.95 -58.09 -40.31
CA GLU Q 184 14.72 -57.73 -41.73
C GLU Q 184 13.78 -56.52 -41.85
N ARG Q 185 13.05 -56.17 -40.78
CA ARG Q 185 12.17 -54.97 -40.73
C ARG Q 185 12.96 -53.78 -40.15
N GLY Q 186 14.25 -53.97 -39.86
CA GLY Q 186 15.22 -52.89 -39.56
C GLY Q 186 15.62 -52.88 -38.10
N VAL Q 187 16.62 -52.06 -37.75
CA VAL Q 187 17.12 -51.87 -36.36
C VAL Q 187 16.71 -50.47 -35.88
N ASN Q 188 15.84 -50.41 -34.88
CA ASN Q 188 15.25 -49.17 -34.31
C ASN Q 188 16.16 -48.62 -33.21
N TYR Q 189 16.94 -49.50 -32.55
CA TYR Q 189 17.70 -49.17 -31.32
C TYR Q 189 18.97 -50.03 -31.24
N VAL Q 190 20.04 -49.44 -30.70
CA VAL Q 190 21.29 -50.16 -30.31
C VAL Q 190 21.78 -49.55 -28.99
N ASP Q 191 22.18 -50.41 -28.04
CA ASP Q 191 22.72 -50.02 -26.71
C ASP Q 191 23.90 -50.94 -26.37
N TYR Q 192 24.71 -50.56 -25.38
CA TYR Q 192 25.88 -51.33 -24.88
C TYR Q 192 25.62 -51.80 -23.45
N TYR Q 193 25.93 -53.06 -23.14
CA TYR Q 193 26.08 -53.58 -21.75
C TYR Q 193 27.28 -52.86 -21.15
N PRO Q 194 27.15 -52.24 -19.95
CA PRO Q 194 28.11 -51.24 -19.48
C PRO Q 194 29.31 -51.77 -18.67
N LEU Q 195 29.27 -53.06 -18.25
CA LEU Q 195 30.33 -53.68 -17.41
C LEU Q 195 31.28 -54.49 -18.29
N PRO Q 196 32.56 -54.64 -17.90
CA PRO Q 196 33.57 -55.26 -18.76
C PRO Q 196 33.52 -56.78 -18.87
N ASP Q 197 32.67 -57.45 -18.09
CA ASP Q 197 32.62 -58.94 -17.99
C ASP Q 197 32.04 -59.54 -19.29
N LYS Q 198 31.25 -58.79 -20.04
CA LYS Q 198 30.67 -59.24 -21.35
C LYS Q 198 30.79 -58.14 -22.39
N PRO Q 199 31.22 -58.47 -23.63
CA PRO Q 199 31.40 -57.50 -24.70
C PRO Q 199 30.11 -57.31 -25.51
N TYR Q 200 29.00 -57.00 -24.84
CA TYR Q 200 27.63 -57.21 -25.37
C TYR Q 200 27.05 -55.89 -25.91
N MET Q 201 26.24 -56.02 -26.96
CA MET Q 201 25.36 -54.98 -27.54
C MET Q 201 23.95 -55.57 -27.64
N ILE Q 202 22.94 -54.73 -27.84
CA ILE Q 202 21.50 -55.16 -27.93
C ILE Q 202 20.83 -54.33 -29.04
N THR Q 203 20.09 -54.99 -29.92
CA THR Q 203 19.29 -54.34 -31.00
C THR Q 203 17.81 -54.70 -30.83
N ALA Q 204 16.93 -53.73 -31.08
CA ALA Q 204 15.46 -53.87 -31.11
C ALA Q 204 14.99 -53.64 -32.56
N SER Q 205 13.88 -54.26 -32.96
CA SER Q 205 13.42 -54.31 -34.37
C SER Q 205 11.89 -54.35 -34.47
N ASP Q 206 11.37 -53.92 -35.63
CA ASP Q 206 9.94 -54.01 -36.00
C ASP Q 206 9.56 -55.49 -36.24
N ASP Q 207 10.53 -56.40 -36.40
CA ASP Q 207 10.27 -57.85 -36.63
C ASP Q 207 9.95 -58.56 -35.30
N LEU Q 208 9.75 -57.80 -34.22
CA LEU Q 208 9.28 -58.25 -32.88
C LEU Q 208 10.44 -58.81 -32.06
N THR Q 209 11.66 -58.85 -32.60
CA THR Q 209 12.83 -59.52 -31.96
C THR Q 209 13.71 -58.50 -31.23
N ILE Q 210 14.32 -58.95 -30.13
CA ILE Q 210 15.45 -58.30 -29.41
C ILE Q 210 16.64 -59.24 -29.54
N LYS Q 211 17.79 -58.76 -30.02
CA LYS Q 211 18.98 -59.59 -30.30
C LYS Q 211 20.19 -59.07 -29.50
N ILE Q 212 20.85 -59.97 -28.78
CA ILE Q 212 22.10 -59.72 -27.99
C ILE Q 212 23.31 -60.09 -28.87
N TRP Q 213 24.29 -59.20 -28.96
CA TRP Q 213 25.48 -59.32 -29.85
C TRP Q 213 26.78 -59.28 -29.04
N ASP Q 214 27.70 -60.19 -29.35
CA ASP Q 214 29.10 -60.20 -28.85
C ASP Q 214 29.96 -59.43 -29.86
N TYR Q 215 30.44 -58.23 -29.50
CA TYR Q 215 31.21 -57.34 -30.41
C TYR Q 215 32.66 -57.83 -30.57
N GLN Q 216 33.08 -58.82 -29.76
CA GLN Q 216 34.41 -59.49 -29.89
C GLN Q 216 34.34 -60.56 -30.99
N THR Q 217 33.30 -61.43 -30.97
CA THR Q 217 33.13 -62.57 -31.89
C THR Q 217 32.19 -62.22 -33.06
N LYS Q 218 31.49 -61.08 -32.98
CA LYS Q 218 30.59 -60.55 -34.06
C LYS Q 218 29.48 -61.55 -34.37
N SER Q 219 28.85 -62.15 -33.34
CA SER Q 219 27.78 -63.18 -33.50
C SER Q 219 26.66 -62.94 -32.47
N CYS Q 220 25.48 -63.55 -32.73
CA CYS Q 220 24.26 -63.43 -31.89
C CYS Q 220 24.32 -64.42 -30.71
N VAL Q 221 24.23 -63.90 -29.49
CA VAL Q 221 24.25 -64.67 -28.21
C VAL Q 221 22.86 -65.23 -27.94
N ALA Q 222 21.81 -64.44 -28.20
CA ALA Q 222 20.40 -64.81 -27.94
C ALA Q 222 19.44 -63.90 -28.73
N THR Q 223 18.24 -64.42 -29.01
CA THR Q 223 17.08 -63.68 -29.57
C THR Q 223 15.96 -63.70 -28.53
N LEU Q 224 15.56 -62.52 -28.03
CA LEU Q 224 14.50 -62.35 -27.01
C LEU Q 224 13.18 -62.00 -27.70
N GLU Q 225 12.26 -62.96 -27.81
CA GLU Q 225 10.92 -62.80 -28.42
C GLU Q 225 9.87 -62.80 -27.30
N GLY Q 226 9.36 -61.62 -26.94
CA GLY Q 226 8.34 -61.46 -25.89
C GLY Q 226 7.40 -60.28 -26.12
N HIS Q 227 7.35 -59.73 -27.35
CA HIS Q 227 6.45 -58.62 -27.74
C HIS Q 227 5.61 -59.06 -28.95
N MET Q 228 4.44 -58.44 -29.14
CA MET Q 228 3.48 -58.81 -30.21
C MET Q 228 3.40 -57.69 -31.27
N SER Q 229 4.17 -56.61 -31.10
CA SER Q 229 4.30 -55.51 -32.10
C SER Q 229 5.69 -54.85 -31.98
N ASN Q 230 5.95 -53.86 -32.84
CA ASN Q 230 7.25 -53.16 -33.04
C ASN Q 230 7.95 -52.89 -31.70
N VAL Q 231 9.08 -53.56 -31.45
CA VAL Q 231 9.99 -53.24 -30.31
C VAL Q 231 10.73 -51.94 -30.65
N SER Q 232 10.55 -50.89 -29.84
CA SER Q 232 11.08 -49.52 -30.08
C SER Q 232 12.49 -49.38 -29.51
N PHE Q 233 12.74 -50.00 -28.35
CA PHE Q 233 14.04 -49.95 -27.63
C PHE Q 233 14.26 -51.24 -26.84
N ALA Q 234 15.53 -51.53 -26.57
CA ALA Q 234 16.01 -52.52 -25.59
C ALA Q 234 17.35 -52.03 -25.03
N VAL Q 235 17.44 -51.86 -23.71
CA VAL Q 235 18.65 -51.27 -23.03
C VAL Q 235 19.02 -52.15 -21.83
N PHE Q 236 20.31 -52.38 -21.65
CA PHE Q 236 20.91 -52.92 -20.39
C PHE Q 236 20.81 -51.83 -19.32
N HIS Q 237 20.23 -52.17 -18.17
CA HIS Q 237 20.12 -51.25 -17.00
C HIS Q 237 21.53 -51.02 -16.44
N PRO Q 238 21.89 -49.77 -16.06
CA PRO Q 238 23.26 -49.46 -15.62
C PRO Q 238 23.72 -50.26 -14.38
N THR Q 239 22.85 -50.41 -13.39
CA THR Q 239 23.20 -50.91 -12.03
C THR Q 239 22.18 -51.94 -11.52
N LEU Q 240 21.56 -52.72 -12.41
CA LEU Q 240 20.80 -53.95 -12.08
C LEU Q 240 20.97 -54.97 -13.21
N PRO Q 241 20.89 -56.29 -12.91
CA PRO Q 241 21.17 -57.33 -13.90
C PRO Q 241 19.97 -57.62 -14.80
N ILE Q 242 19.38 -56.58 -15.40
CA ILE Q 242 18.12 -56.68 -16.20
C ILE Q 242 18.31 -56.01 -17.56
N ILE Q 243 17.44 -56.36 -18.50
CA ILE Q 243 17.20 -55.63 -19.78
C ILE Q 243 15.75 -55.12 -19.73
N ILE Q 244 15.53 -53.84 -20.05
CA ILE Q 244 14.17 -53.25 -20.23
C ILE Q 244 13.94 -53.02 -21.72
N SER Q 245 12.89 -53.61 -22.27
CA SER Q 245 12.41 -53.37 -23.66
C SER Q 245 11.07 -52.62 -23.60
N GLY Q 246 10.73 -51.93 -24.68
CA GLY Q 246 9.44 -51.24 -24.86
C GLY Q 246 8.95 -51.38 -26.29
N SER Q 247 7.65 -51.60 -26.47
CA SER Q 247 7.03 -51.96 -27.77
C SER Q 247 5.75 -51.16 -28.00
N GLU Q 248 5.32 -51.06 -29.26
CA GLU Q 248 4.05 -50.41 -29.67
C GLU Q 248 2.86 -51.25 -29.17
N ASP Q 249 3.13 -52.45 -28.63
CA ASP Q 249 2.13 -53.29 -27.91
C ASP Q 249 1.78 -52.63 -26.56
N GLY Q 250 2.41 -51.49 -26.25
CA GLY Q 250 2.10 -50.66 -25.07
C GLY Q 250 2.56 -51.29 -23.77
N THR Q 251 3.58 -52.17 -23.82
CA THR Q 251 4.17 -52.80 -22.62
C THR Q 251 5.66 -52.46 -22.53
N LEU Q 252 6.18 -52.44 -21.29
CA LEU Q 252 7.62 -52.55 -20.98
C LEU Q 252 7.88 -53.98 -20.51
N LYS Q 253 9.00 -54.58 -20.92
CA LYS Q 253 9.37 -55.97 -20.54
C LYS Q 253 10.73 -55.92 -19.85
N ILE Q 254 10.82 -56.51 -18.66
CA ILE Q 254 12.08 -56.65 -17.88
C ILE Q 254 12.54 -58.11 -18.00
N TRP Q 255 13.72 -58.32 -18.61
CA TRP Q 255 14.37 -59.63 -18.80
C TRP Q 255 15.54 -59.75 -17.81
N ASN Q 256 15.82 -60.96 -17.34
CA ASN Q 256 17.06 -61.30 -16.59
C ASN Q 256 18.24 -61.19 -17.56
N SER Q 257 19.19 -60.30 -17.29
CA SER Q 257 20.35 -60.02 -18.19
C SER Q 257 21.31 -61.21 -18.24
N SER Q 258 21.18 -62.17 -17.30
CA SER Q 258 21.93 -63.46 -17.31
C SER Q 258 21.16 -64.50 -18.14
N THR Q 259 19.96 -64.89 -17.68
CA THR Q 259 19.20 -66.06 -18.18
C THR Q 259 18.28 -65.68 -19.36
N TYR Q 260 17.94 -64.39 -19.51
CA TYR Q 260 17.05 -63.84 -20.55
C TYR Q 260 15.61 -64.35 -20.34
N LYS Q 261 15.28 -64.73 -19.11
CA LYS Q 261 13.90 -65.07 -18.67
C LYS Q 261 13.20 -63.76 -18.26
N VAL Q 262 11.93 -63.60 -18.63
CA VAL Q 262 11.14 -62.36 -18.33
C VAL Q 262 10.81 -62.37 -16.84
N GLU Q 263 11.10 -61.25 -16.16
CA GLU Q 263 10.90 -61.03 -14.70
C GLU Q 263 9.59 -60.26 -14.49
N LYS Q 264 9.26 -59.34 -15.41
CA LYS Q 264 8.13 -58.39 -15.26
C LYS Q 264 7.64 -57.96 -16.65
N THR Q 265 6.31 -57.95 -16.84
CA THR Q 265 5.60 -57.35 -17.99
C THR Q 265 4.72 -56.21 -17.46
N LEU Q 266 5.03 -54.97 -17.85
CA LEU Q 266 4.34 -53.74 -17.37
C LEU Q 266 3.41 -53.20 -18.46
N ASN Q 267 2.10 -53.22 -18.18
CA ASN Q 267 1.02 -52.68 -19.06
C ASN Q 267 0.71 -51.24 -18.60
N VAL Q 268 1.50 -50.27 -19.07
CA VAL Q 268 1.62 -48.93 -18.41
C VAL Q 268 0.38 -48.07 -18.71
N GLY Q 269 -0.36 -48.37 -19.78
CA GLY Q 269 -1.68 -47.76 -20.07
C GLY Q 269 -1.59 -46.41 -20.76
N LEU Q 270 -0.45 -46.12 -21.41
CA LEU Q 270 -0.21 -44.87 -22.17
C LEU Q 270 -0.07 -45.19 -23.67
N GLU Q 271 -0.45 -46.42 -24.06
CA GLU Q 271 -0.45 -46.95 -25.45
C GLU Q 271 1.00 -47.19 -25.89
N ARG Q 272 1.36 -46.89 -27.14
CA ARG Q 272 2.63 -47.37 -27.77
C ARG Q 272 3.84 -46.80 -27.04
N SER Q 273 4.80 -47.66 -26.70
CA SER Q 273 6.11 -47.30 -26.07
C SER Q 273 7.11 -46.89 -27.16
N TRP Q 274 7.79 -45.75 -26.97
CA TRP Q 274 8.66 -45.10 -27.99
C TRP Q 274 10.12 -45.03 -27.51
N CYS Q 275 10.38 -44.50 -26.31
CA CYS Q 275 11.75 -44.19 -25.81
C CYS Q 275 11.93 -44.64 -24.36
N ILE Q 276 13.19 -44.76 -23.93
CA ILE Q 276 13.61 -45.19 -22.57
C ILE Q 276 14.80 -44.32 -22.12
N ALA Q 277 14.83 -43.98 -20.84
CA ALA Q 277 16.01 -43.42 -20.14
C ALA Q 277 16.23 -44.23 -18.85
N THR Q 278 17.50 -44.37 -18.45
CA THR Q 278 17.91 -44.91 -17.12
C THR Q 278 18.82 -43.85 -16.49
N HIS Q 279 18.55 -43.47 -15.24
CA HIS Q 279 19.33 -42.46 -14.49
C HIS Q 279 20.81 -42.79 -14.64
N PRO Q 280 21.66 -41.81 -15.06
CA PRO Q 280 23.03 -42.12 -15.47
C PRO Q 280 23.97 -42.50 -14.32
N THR Q 281 23.54 -42.34 -13.06
CA THR Q 281 24.26 -42.75 -11.83
C THR Q 281 23.53 -43.90 -11.13
N GLY Q 282 22.35 -44.28 -11.64
CA GLY Q 282 21.52 -45.39 -11.11
C GLY Q 282 20.85 -45.02 -9.78
N ARG Q 283 20.49 -43.74 -9.61
CA ARG Q 283 19.83 -43.21 -8.39
C ARG Q 283 18.44 -43.86 -8.24
N LYS Q 284 18.22 -44.61 -7.16
CA LYS Q 284 16.98 -45.37 -6.87
C LYS Q 284 16.60 -46.22 -8.09
N ASN Q 285 17.59 -46.58 -8.91
CA ASN Q 285 17.45 -47.36 -10.17
C ASN Q 285 16.28 -46.81 -10.99
N TYR Q 286 16.22 -45.47 -11.15
CA TYR Q 286 15.16 -44.75 -11.90
C TYR Q 286 15.26 -45.11 -13.40
N ILE Q 287 14.18 -45.65 -13.96
CA ILE Q 287 13.95 -45.74 -15.43
C ILE Q 287 12.71 -44.92 -15.76
N ALA Q 288 12.64 -44.39 -16.98
CA ALA Q 288 11.50 -43.62 -17.51
C ALA Q 288 11.33 -43.95 -18.99
N SER Q 289 10.07 -44.01 -19.45
CA SER Q 289 9.71 -44.34 -20.86
C SER Q 289 8.67 -43.35 -21.37
N GLY Q 290 8.83 -42.90 -22.62
CA GLY Q 290 7.89 -42.01 -23.32
C GLY Q 290 6.94 -42.78 -24.20
N PHE Q 291 5.69 -42.32 -24.31
CA PHE Q 291 4.54 -43.05 -24.91
C PHE Q 291 3.67 -42.06 -25.71
N ASP Q 292 2.68 -42.61 -26.41
CA ASP Q 292 1.65 -41.87 -27.18
C ASP Q 292 0.99 -40.79 -26.31
N ASN Q 293 0.68 -41.13 -25.05
CA ASN Q 293 -0.22 -40.35 -24.17
C ASN Q 293 0.55 -39.85 -22.94
N GLY Q 294 1.88 -39.68 -23.05
CA GLY Q 294 2.74 -39.08 -22.00
C GLY Q 294 3.91 -39.96 -21.63
N PHE Q 295 4.37 -39.89 -20.38
CA PHE Q 295 5.52 -40.68 -19.86
C PHE Q 295 5.22 -41.22 -18.45
N THR Q 296 6.07 -42.15 -18.00
CA THR Q 296 6.07 -42.74 -16.63
C THR Q 296 7.51 -42.79 -16.11
N VAL Q 297 7.70 -42.48 -14.83
CA VAL Q 297 8.99 -42.61 -14.10
C VAL Q 297 8.81 -43.69 -13.04
N LEU Q 298 9.66 -44.72 -13.06
CA LEU Q 298 9.58 -45.89 -12.14
C LEU Q 298 10.91 -46.04 -11.39
N SER Q 299 10.83 -46.28 -10.08
CA SER Q 299 11.96 -46.67 -9.20
C SER Q 299 11.96 -48.19 -9.03
N LEU Q 300 13.14 -48.81 -9.11
CA LEU Q 300 13.35 -50.28 -9.00
C LEU Q 300 14.11 -50.57 -7.70
N GLY Q 301 13.70 -51.59 -6.95
CA GLY Q 301 14.29 -52.00 -5.66
C GLY Q 301 15.58 -52.78 -5.84
N ASN Q 302 16.33 -52.96 -4.75
CA ASN Q 302 17.58 -53.78 -4.70
C ASN Q 302 17.25 -55.18 -4.21
N MET R 1 -30.96 47.80 -5.24
CA MET R 1 -32.10 48.62 -4.75
C MET R 1 -32.45 49.70 -5.80
N LYS R 2 -33.75 49.94 -6.02
CA LYS R 2 -34.27 51.06 -6.85
C LYS R 2 -34.78 52.16 -5.90
N LEU R 3 -33.99 53.22 -5.72
CA LEU R 3 -34.40 54.46 -5.00
C LEU R 3 -35.31 55.27 -5.92
N ASP R 4 -36.62 55.29 -5.64
CA ASP R 4 -37.63 56.10 -6.39
C ASP R 4 -37.78 57.44 -5.65
N ILE R 5 -36.83 58.35 -5.85
CA ILE R 5 -36.75 59.67 -5.14
C ILE R 5 -37.76 60.61 -5.79
N LYS R 6 -38.67 61.19 -4.98
CA LYS R 6 -39.64 62.23 -5.40
C LYS R 6 -39.53 63.43 -4.46
N LYS R 7 -39.49 64.64 -5.01
CA LYS R 7 -39.50 65.91 -4.24
C LYS R 7 -40.94 66.17 -3.77
N THR R 8 -41.24 65.77 -2.53
CA THR R 8 -42.57 65.98 -1.88
C THR R 8 -42.86 67.47 -1.76
N PHE R 9 -41.91 68.20 -1.16
CA PHE R 9 -42.04 69.66 -0.85
C PHE R 9 -40.64 70.28 -0.71
N SER R 10 -40.48 71.50 -1.22
CA SER R 10 -39.24 72.32 -1.14
C SER R 10 -39.63 73.78 -0.84
N ASN R 11 -39.19 74.31 0.31
CA ASN R 11 -39.52 75.67 0.78
C ASN R 11 -38.28 76.56 0.71
N ARG R 12 -38.44 77.81 0.24
CA ARG R 12 -37.40 78.86 0.24
C ARG R 12 -37.48 79.62 1.58
N SER R 13 -36.35 79.77 2.26
CA SER R 13 -36.27 80.43 3.60
C SER R 13 -34.82 80.80 3.93
N ASP R 14 -34.59 81.37 5.12
CA ASP R 14 -33.25 81.64 5.68
C ASP R 14 -32.62 80.30 6.06
N ARG R 15 -31.28 80.28 6.24
CA ARG R 15 -30.49 79.05 6.54
C ARG R 15 -31.22 78.20 7.59
N VAL R 16 -31.54 76.95 7.22
CA VAL R 16 -32.15 75.94 8.12
C VAL R 16 -31.01 75.19 8.83
N LYS R 17 -30.89 75.37 10.15
CA LYS R 17 -29.78 74.83 10.99
C LYS R 17 -30.22 73.54 11.70
N GLY R 18 -31.53 73.33 11.86
CA GLY R 18 -32.11 72.12 12.48
C GLY R 18 -33.42 71.73 11.83
N ILE R 19 -33.71 70.43 11.77
CA ILE R 19 -34.92 69.86 11.10
C ILE R 19 -35.32 68.55 11.81
N ASP R 20 -36.62 68.23 11.79
CA ASP R 20 -37.20 67.03 12.45
C ASP R 20 -38.61 66.76 11.93
N PHE R 21 -38.96 65.49 11.73
CA PHE R 21 -40.30 65.01 11.31
C PHE R 21 -41.18 64.77 12.56
N HIS R 22 -42.46 65.17 12.49
CA HIS R 22 -43.51 64.76 13.43
C HIS R 22 -43.97 63.35 13.07
N PRO R 23 -44.07 62.39 14.02
CA PRO R 23 -44.39 61.01 13.69
C PRO R 23 -45.75 60.80 13.00
N THR R 24 -46.83 61.16 13.68
CA THR R 24 -48.24 60.88 13.28
C THR R 24 -48.70 61.92 12.25
N GLU R 25 -48.47 63.21 12.54
CA GLU R 25 -48.84 64.35 11.67
C GLU R 25 -47.88 64.45 10.50
N PRO R 26 -48.32 64.96 9.32
CA PRO R 26 -47.43 65.14 8.17
C PRO R 26 -46.67 66.48 8.25
N TRP R 27 -45.96 66.71 9.36
CA TRP R 27 -45.28 67.98 9.69
C TRP R 27 -43.76 67.79 9.65
N VAL R 28 -43.04 68.86 9.29
CA VAL R 28 -41.56 68.99 9.44
C VAL R 28 -41.29 70.28 10.24
N LEU R 29 -40.46 70.19 11.29
CA LEU R 29 -40.00 71.37 12.08
C LEU R 29 -38.66 71.84 11.50
N THR R 30 -38.52 73.15 11.31
CA THR R 30 -37.28 73.80 10.82
C THR R 30 -36.88 74.90 11.81
N THR R 31 -35.62 74.91 12.22
CA THR R 31 -35.03 75.90 13.16
C THR R 31 -33.96 76.69 12.41
N LEU R 32 -34.15 78.01 12.26
CA LEU R 32 -33.41 78.86 11.29
C LEU R 32 -32.30 79.66 12.00
N TYR R 33 -31.42 80.28 11.21
CA TYR R 33 -30.25 81.08 11.65
C TYR R 33 -30.71 82.49 12.04
N SER R 34 -31.85 82.93 11.51
CA SER R 34 -32.44 84.28 11.74
C SER R 34 -33.05 84.37 13.15
N GLY R 35 -33.31 83.23 13.80
CA GLY R 35 -33.98 83.16 15.11
C GLY R 35 -35.43 82.70 15.00
N ARG R 36 -35.94 82.56 13.77
CA ARG R 36 -37.31 82.06 13.49
C ARG R 36 -37.29 80.53 13.53
N VAL R 37 -38.42 79.92 13.87
CA VAL R 37 -38.68 78.45 13.72
C VAL R 37 -40.03 78.29 13.01
N GLU R 38 -40.20 77.23 12.22
CA GLU R 38 -41.39 77.03 11.34
C GLU R 38 -41.81 75.56 11.38
N LEU R 39 -43.12 75.30 11.51
CA LEU R 39 -43.75 73.98 11.25
C LEU R 39 -44.42 74.05 9.88
N TRP R 40 -44.13 73.09 8.99
CA TRP R 40 -44.72 73.00 7.62
C TRP R 40 -45.44 71.65 7.46
N ASN R 41 -46.65 71.69 6.91
CA ASN R 41 -47.36 70.50 6.37
C ASN R 41 -46.83 70.29 4.94
N TYR R 42 -46.05 69.23 4.72
CA TYR R 42 -45.32 68.96 3.45
C TYR R 42 -46.25 68.27 2.45
N GLU R 43 -47.44 67.82 2.88
CA GLU R 43 -48.44 67.13 2.03
C GLU R 43 -49.46 68.15 1.49
N THR R 44 -49.77 69.20 2.25
CA THR R 44 -50.68 70.31 1.84
C THR R 44 -49.85 71.50 1.33
N GLN R 45 -48.61 71.65 1.83
CA GLN R 45 -47.64 72.72 1.46
C GLN R 45 -48.05 74.05 2.08
N VAL R 46 -48.80 74.02 3.19
CA VAL R 46 -49.22 75.23 3.97
C VAL R 46 -48.49 75.21 5.31
N GLU R 47 -48.07 76.38 5.80
CA GLU R 47 -47.39 76.55 7.11
C GLU R 47 -48.42 76.33 8.24
N VAL R 48 -48.07 75.50 9.22
CA VAL R 48 -48.89 75.27 10.45
C VAL R 48 -48.72 76.51 11.35
N ARG R 49 -47.48 76.82 11.70
CA ARG R 49 -47.12 77.89 12.70
C ARG R 49 -45.67 78.32 12.50
N SER R 50 -45.37 79.60 12.74
CA SER R 50 -44.00 80.17 12.84
C SER R 50 -43.88 81.00 14.11
N ILE R 51 -42.67 81.09 14.67
CA ILE R 51 -42.37 81.86 15.92
C ILE R 51 -40.97 82.47 15.79
N GLN R 52 -40.88 83.80 15.88
CA GLN R 52 -39.59 84.52 16.09
C GLN R 52 -39.15 84.26 17.53
N VAL R 53 -38.48 83.12 17.76
CA VAL R 53 -38.11 82.55 19.09
C VAL R 53 -37.08 83.47 19.77
N THR R 54 -36.10 83.96 19.00
CA THR R 54 -35.05 84.91 19.44
C THR R 54 -34.55 85.68 18.22
N GLU R 55 -33.42 86.38 18.33
CA GLU R 55 -32.77 87.11 17.19
C GLU R 55 -31.56 86.31 16.69
N THR R 56 -30.95 85.48 17.55
CA THR R 56 -29.73 84.68 17.25
C THR R 56 -30.13 83.38 16.55
N PRO R 57 -29.17 82.65 15.94
CA PRO R 57 -29.45 81.33 15.37
C PRO R 57 -30.04 80.35 16.39
N VAL R 58 -30.97 79.52 15.94
CA VAL R 58 -31.55 78.37 16.70
C VAL R 58 -31.12 77.09 15.98
N ARG R 59 -30.06 76.42 16.47
CA ARG R 59 -29.31 75.37 15.75
C ARG R 59 -29.93 73.99 15.97
N ALA R 60 -30.75 73.83 17.01
CA ALA R 60 -31.33 72.53 17.44
C ALA R 60 -32.86 72.66 17.58
N GLY R 61 -33.58 71.60 17.17
CA GLY R 61 -35.06 71.56 17.18
C GLY R 61 -35.59 70.15 17.03
N LYS R 62 -36.39 69.68 17.99
CA LYS R 62 -36.99 68.32 18.01
C LYS R 62 -38.48 68.40 18.39
N PHE R 63 -39.28 67.45 17.90
CA PHE R 63 -40.69 67.24 18.30
C PHE R 63 -40.75 66.31 19.51
N ILE R 64 -41.42 66.75 20.59
CA ILE R 64 -41.88 65.88 21.71
C ILE R 64 -43.40 65.70 21.54
N ALA R 65 -43.78 64.80 20.62
CA ALA R 65 -45.16 64.61 20.12
C ALA R 65 -46.11 64.15 21.24
N ARG R 66 -45.59 63.41 22.24
CA ARG R 66 -46.39 62.82 23.34
C ARG R 66 -46.68 63.87 24.42
N LYS R 67 -46.22 65.12 24.23
CA LYS R 67 -46.62 66.31 25.05
C LYS R 67 -47.13 67.43 24.14
N ASN R 68 -47.24 67.18 22.83
CA ASN R 68 -47.64 68.17 21.79
C ASN R 68 -46.72 69.40 21.85
N TRP R 69 -45.42 69.19 22.12
CA TRP R 69 -44.39 70.27 22.19
C TRP R 69 -43.45 70.20 20.99
N ILE R 70 -42.79 71.34 20.72
CA ILE R 70 -41.45 71.41 20.06
C ILE R 70 -40.47 71.88 21.15
N ILE R 71 -39.21 71.46 21.07
CA ILE R 71 -38.09 71.95 21.93
C ILE R 71 -36.96 72.43 21.01
N VAL R 72 -36.45 73.64 21.27
CA VAL R 72 -35.42 74.30 20.40
C VAL R 72 -34.31 74.88 21.30
N GLY R 73 -33.08 74.93 20.76
CA GLY R 73 -31.89 75.50 21.42
C GLY R 73 -31.24 76.57 20.54
N SER R 74 -30.82 77.68 21.14
CA SER R 74 -30.33 78.89 20.43
C SER R 74 -28.95 79.32 20.96
N ASP R 75 -28.29 80.22 20.23
CA ASP R 75 -26.93 80.75 20.53
C ASP R 75 -26.99 81.80 21.66
N ASP R 76 -28.19 82.17 22.11
CA ASP R 76 -28.40 83.06 23.28
C ASP R 76 -28.35 82.24 24.57
N PHE R 77 -28.00 80.94 24.47
CA PHE R 77 -27.68 79.99 25.57
C PHE R 77 -28.93 79.32 26.14
N ARG R 78 -30.07 79.43 25.45
CA ARG R 78 -31.40 79.12 26.04
C ARG R 78 -32.06 77.94 25.33
N ILE R 79 -32.78 77.12 26.09
CA ILE R 79 -33.73 76.08 25.60
C ILE R 79 -35.15 76.60 25.83
N ARG R 80 -35.94 76.72 24.77
CA ARG R 80 -37.36 77.17 24.81
C ARG R 80 -38.25 76.03 24.30
N VAL R 81 -39.37 75.79 24.99
CA VAL R 81 -40.36 74.71 24.68
C VAL R 81 -41.71 75.37 24.44
N PHE R 82 -42.28 75.19 23.24
CA PHE R 82 -43.62 75.69 22.83
C PHE R 82 -44.58 74.50 22.69
N ASN R 83 -45.87 74.76 22.87
CA ASN R 83 -46.98 73.85 22.49
C ASN R 83 -47.40 74.22 21.06
N TYR R 84 -47.39 73.27 20.14
CA TYR R 84 -47.57 73.52 18.67
C TYR R 84 -49.07 73.57 18.32
N ASN R 85 -49.96 73.25 19.27
CA ASN R 85 -51.43 73.32 19.09
C ASN R 85 -51.92 74.73 19.45
N THR R 86 -51.46 75.27 20.59
CA THR R 86 -51.85 76.60 21.12
C THR R 86 -50.85 77.68 20.64
N GLY R 87 -49.56 77.35 20.67
CA GLY R 87 -48.45 78.30 20.37
C GLY R 87 -47.86 78.88 21.64
N GLU R 88 -48.34 78.42 22.81
CA GLU R 88 -47.93 78.93 24.15
C GLU R 88 -46.56 78.34 24.53
N LYS R 89 -45.66 79.19 25.03
CA LYS R 89 -44.33 78.78 25.56
C LYS R 89 -44.53 78.06 26.89
N VAL R 90 -44.06 76.81 27.00
CA VAL R 90 -44.20 75.94 28.19
C VAL R 90 -43.08 76.25 29.19
N VAL R 91 -41.85 76.45 28.70
CA VAL R 91 -40.68 76.82 29.54
C VAL R 91 -39.64 77.54 28.68
N ASP R 92 -38.87 78.44 29.32
CA ASP R 92 -37.77 79.23 28.73
C ASP R 92 -36.66 79.35 29.77
N PHE R 93 -35.53 78.65 29.57
CA PHE R 93 -34.44 78.56 30.58
C PHE R 93 -33.07 78.55 29.89
N GLU R 94 -32.12 79.28 30.48
CA GLU R 94 -30.67 79.25 30.13
C GLU R 94 -30.13 77.86 30.43
N ALA R 95 -29.83 77.08 29.40
CA ALA R 95 -29.41 75.67 29.48
C ALA R 95 -27.88 75.57 29.62
N HIS R 96 -27.14 76.48 28.99
CA HIS R 96 -25.65 76.58 29.05
C HIS R 96 -25.22 78.04 29.10
N PRO R 97 -23.94 78.34 29.41
CA PRO R 97 -23.38 79.68 29.18
C PRO R 97 -22.90 79.97 27.74
N ASP R 98 -23.03 79.01 26.81
CA ASP R 98 -22.50 79.12 25.42
C ASP R 98 -23.56 78.62 24.43
N TYR R 99 -23.24 78.61 23.13
CA TYR R 99 -24.11 78.13 22.02
C TYR R 99 -24.60 76.72 22.33
N ILE R 100 -25.88 76.45 22.07
CA ILE R 100 -26.46 75.07 22.01
C ILE R 100 -26.35 74.59 20.55
N ARG R 101 -25.78 73.41 20.35
CA ARG R 101 -25.48 72.84 18.99
C ARG R 101 -26.50 71.74 18.65
N SER R 102 -26.83 70.88 19.62
CA SER R 102 -27.69 69.68 19.42
C SER R 102 -28.61 69.46 20.62
N ILE R 103 -29.82 68.93 20.37
CA ILE R 103 -30.83 68.53 21.38
C ILE R 103 -31.36 67.15 21.01
N ALA R 104 -31.29 66.19 21.94
CA ALA R 104 -31.77 64.79 21.76
C ALA R 104 -32.86 64.50 22.80
N VAL R 105 -33.89 63.76 22.38
CA VAL R 105 -35.08 63.38 23.23
C VAL R 105 -35.05 61.87 23.47
N HIS R 106 -35.21 61.45 24.74
CA HIS R 106 -35.31 60.03 25.16
C HIS R 106 -36.64 59.46 24.70
N PRO R 107 -36.67 58.27 24.04
CA PRO R 107 -37.91 57.74 23.47
C PRO R 107 -39.04 57.42 24.47
N THR R 108 -38.70 56.92 25.66
CA THR R 108 -39.67 56.40 26.67
C THR R 108 -39.41 56.99 28.06
N LYS R 109 -38.79 58.17 28.15
CA LYS R 109 -38.53 58.89 29.43
C LYS R 109 -38.67 60.39 29.21
N PRO R 110 -38.89 61.18 30.28
CA PRO R 110 -39.04 62.63 30.16
C PRO R 110 -37.67 63.35 30.15
N TYR R 111 -36.69 62.77 29.45
CA TYR R 111 -35.27 63.21 29.43
C TYR R 111 -34.94 63.85 28.09
N VAL R 112 -34.28 65.01 28.13
CA VAL R 112 -33.74 65.73 26.95
C VAL R 112 -32.25 65.99 27.21
N LEU R 113 -31.39 65.71 26.21
CA LEU R 113 -29.93 66.01 26.24
C LEU R 113 -29.66 67.25 25.38
N SER R 114 -28.81 68.15 25.87
CA SER R 114 -28.34 69.35 25.12
C SER R 114 -26.81 69.34 25.06
N GLY R 115 -26.25 69.27 23.84
CA GLY R 115 -24.83 69.53 23.56
C GLY R 115 -24.60 71.03 23.36
N SER R 116 -23.43 71.53 23.75
CA SER R 116 -23.11 72.98 23.78
C SER R 116 -21.63 73.21 23.47
N ASP R 117 -21.27 74.48 23.19
CA ASP R 117 -19.88 74.96 23.02
C ASP R 117 -19.20 75.10 24.38
N ASP R 118 -19.93 74.92 25.49
CA ASP R 118 -19.41 75.00 26.88
C ASP R 118 -18.72 73.69 27.26
N LEU R 119 -18.42 72.82 26.28
CA LEU R 119 -17.59 71.58 26.41
C LEU R 119 -18.37 70.48 27.14
N THR R 120 -19.70 70.56 27.15
CA THR R 120 -20.58 69.80 28.08
C THR R 120 -21.84 69.29 27.38
N VAL R 121 -22.32 68.12 27.82
CA VAL R 121 -23.72 67.61 27.59
C VAL R 121 -24.47 67.70 28.91
N LYS R 122 -25.72 68.17 28.89
CA LYS R 122 -26.59 68.32 30.09
C LYS R 122 -27.88 67.52 29.89
N LEU R 123 -28.43 66.98 30.99
CA LEU R 123 -29.63 66.11 31.02
C LEU R 123 -30.75 66.83 31.77
N TRP R 124 -31.90 67.04 31.13
CA TRP R 124 -33.06 67.80 31.65
C TRP R 124 -34.26 66.86 31.85
N ASN R 125 -34.94 66.98 33.00
CA ASN R 125 -36.10 66.15 33.41
C ASN R 125 -37.35 67.04 33.45
N TRP R 126 -38.21 66.97 32.43
CA TRP R 126 -39.39 67.87 32.26
C TRP R 126 -40.49 67.51 33.26
N GLU R 127 -40.46 66.30 33.83
CA GLU R 127 -41.39 65.83 34.90
C GLU R 127 -40.82 66.18 36.28
N ASN R 128 -39.77 67.02 36.33
CA ASN R 128 -39.22 67.64 37.57
C ASN R 128 -38.95 69.12 37.29
N ASN R 129 -39.89 69.79 36.60
CA ASN R 129 -39.83 71.23 36.21
C ASN R 129 -38.49 71.53 35.51
N TRP R 130 -38.06 70.65 34.60
CA TRP R 130 -36.87 70.83 33.73
C TRP R 130 -35.61 71.00 34.59
N ALA R 131 -35.46 70.17 35.63
CA ALA R 131 -34.30 70.17 36.55
C ALA R 131 -33.10 69.55 35.83
N LEU R 132 -31.91 70.15 35.99
CA LEU R 132 -30.61 69.60 35.50
C LEU R 132 -30.23 68.41 36.37
N GLU R 133 -30.47 67.18 35.88
CA GLU R 133 -30.21 65.92 36.63
C GLU R 133 -28.70 65.61 36.60
N GLN R 134 -27.98 65.97 35.52
CA GLN R 134 -26.55 65.61 35.36
C GLN R 134 -25.89 66.48 34.28
N THR R 135 -24.61 66.80 34.48
CA THR R 135 -23.70 67.44 33.49
C THR R 135 -22.57 66.45 33.17
N PHE R 136 -22.49 65.99 31.91
CA PHE R 136 -21.46 65.05 31.41
C PHE R 136 -20.23 65.85 30.97
N GLU R 137 -19.14 65.73 31.74
CA GLU R 137 -17.89 66.51 31.57
C GLU R 137 -16.76 65.57 31.13
N GLY R 138 -15.91 66.02 30.21
CA GLY R 138 -14.82 65.22 29.62
C GLY R 138 -14.32 65.80 28.31
N HIS R 139 -15.24 66.28 27.45
CA HIS R 139 -14.92 66.89 26.13
C HIS R 139 -14.09 68.17 26.34
N GLU R 140 -13.22 68.47 25.38
CA GLU R 140 -12.22 69.58 25.46
C GLU R 140 -12.51 70.64 24.37
N HIS R 141 -13.57 70.46 23.57
CA HIS R 141 -14.05 71.48 22.60
C HIS R 141 -15.58 71.38 22.48
N PHE R 142 -16.17 72.00 21.45
CA PHE R 142 -17.64 72.12 21.25
C PHE R 142 -18.25 70.73 21.05
N VAL R 143 -19.31 70.40 21.80
CA VAL R 143 -20.12 69.17 21.61
C VAL R 143 -21.19 69.47 20.55
N MET R 144 -20.91 69.09 19.29
CA MET R 144 -21.69 69.51 18.09
C MET R 144 -22.96 68.67 17.94
N CYS R 145 -22.93 67.41 18.38
CA CYS R 145 -24.05 66.44 18.19
C CYS R 145 -24.12 65.45 19.35
N VAL R 146 -25.27 65.37 20.01
CA VAL R 146 -25.61 64.35 21.06
C VAL R 146 -26.70 63.45 20.47
N ALA R 147 -26.62 62.15 20.73
CA ALA R 147 -27.55 61.12 20.19
C ALA R 147 -27.66 59.94 21.15
N PHE R 148 -28.88 59.62 21.58
CA PHE R 148 -29.22 58.40 22.36
C PHE R 148 -28.97 57.16 21.49
N ASN R 149 -28.42 56.10 22.10
CA ASN R 149 -28.45 54.72 21.53
C ASN R 149 -29.89 54.23 21.61
N PRO R 150 -30.58 53.98 20.48
CA PRO R 150 -31.97 53.53 20.52
C PRO R 150 -32.12 52.11 21.07
N LYS R 151 -31.03 51.34 21.14
CA LYS R 151 -30.97 49.96 21.68
C LYS R 151 -30.64 49.98 23.17
N ASP R 152 -30.26 51.15 23.71
CA ASP R 152 -30.09 51.40 25.18
C ASP R 152 -29.95 52.90 25.40
N PRO R 153 -31.05 53.68 25.42
CA PRO R 153 -30.99 55.10 25.72
C PRO R 153 -30.68 55.43 27.19
N SER R 154 -30.23 54.43 27.97
CA SER R 154 -29.46 54.63 29.23
C SER R 154 -28.04 55.05 28.86
N THR R 155 -27.63 54.82 27.60
CA THR R 155 -26.37 55.27 26.98
C THR R 155 -26.68 56.21 25.81
N PHE R 156 -25.77 57.15 25.52
CA PHE R 156 -25.85 58.09 24.38
C PHE R 156 -24.43 58.43 23.90
N ALA R 157 -24.30 58.84 22.64
CA ALA R 157 -23.04 59.26 21.98
C ALA R 157 -23.02 60.79 21.84
N SER R 158 -21.81 61.37 21.82
CA SER R 158 -21.59 62.84 21.69
C SER R 158 -20.38 63.12 20.78
N GLY R 159 -20.64 63.65 19.57
CA GLY R 159 -19.62 64.09 18.62
C GLY R 159 -19.10 65.47 18.98
N CYS R 160 -17.77 65.64 19.04
CA CYS R 160 -17.08 66.87 19.51
C CYS R 160 -15.97 67.30 18.54
N LEU R 161 -15.64 68.60 18.55
CA LEU R 161 -14.55 69.22 17.76
C LEU R 161 -13.19 68.92 18.40
N ASP R 162 -13.16 68.34 19.61
CA ASP R 162 -11.93 67.79 20.24
C ASP R 162 -11.52 66.50 19.49
N ARG R 163 -12.29 66.12 18.47
CA ARG R 163 -11.95 65.07 17.46
C ARG R 163 -12.27 63.68 18.02
N THR R 164 -13.16 63.60 19.01
CA THR R 164 -13.58 62.32 19.66
C THR R 164 -15.10 62.18 19.60
N VAL R 165 -15.57 60.93 19.64
CA VAL R 165 -16.91 60.55 20.16
C VAL R 165 -16.69 60.11 21.62
N LYS R 166 -17.66 60.39 22.49
CA LYS R 166 -17.71 59.86 23.88
C LYS R 166 -19.09 59.23 24.10
N VAL R 167 -19.11 57.94 24.44
CA VAL R 167 -20.34 57.19 24.80
C VAL R 167 -20.45 57.18 26.33
N TRP R 168 -21.58 57.66 26.86
CA TRP R 168 -21.83 57.86 28.32
C TRP R 168 -22.93 56.90 28.78
N SER R 169 -23.01 56.66 30.09
CA SER R 169 -24.14 55.99 30.79
C SER R 169 -24.78 57.01 31.75
N LEU R 170 -26.11 57.11 31.72
CA LEU R 170 -26.89 58.05 32.58
C LEU R 170 -26.65 57.66 34.05
N GLY R 171 -26.20 58.62 34.87
CA GLY R 171 -25.88 58.43 36.29
C GLY R 171 -24.42 58.08 36.53
N GLN R 172 -23.55 58.33 35.55
CA GLN R 172 -22.07 58.09 35.64
C GLN R 172 -21.33 59.33 35.13
N SER R 173 -20.25 59.72 35.81
CA SER R 173 -19.51 61.00 35.62
C SER R 173 -18.52 60.89 34.45
N THR R 174 -17.83 59.77 34.31
CA THR R 174 -16.80 59.52 33.27
C THR R 174 -17.42 58.75 32.11
N PRO R 175 -16.88 58.86 30.87
CA PRO R 175 -17.43 58.13 29.72
C PRO R 175 -17.22 56.62 29.85
N ASN R 176 -18.11 55.83 29.23
CA ASN R 176 -17.99 54.35 29.11
C ASN R 176 -16.79 54.03 28.21
N PHE R 177 -16.55 54.85 27.18
CA PHE R 177 -15.33 54.83 26.34
C PHE R 177 -15.30 56.09 25.44
N THR R 178 -14.10 56.48 25.01
CA THR R 178 -13.84 57.58 24.06
C THR R 178 -13.23 57.00 22.77
N LEU R 179 -13.87 57.24 21.63
CA LEU R 179 -13.36 56.86 20.27
C LEU R 179 -12.50 58.00 19.73
N THR R 180 -11.18 57.78 19.63
CA THR R 180 -10.22 58.67 18.92
C THR R 180 -10.44 58.49 17.41
N THR R 181 -11.12 59.44 16.77
CA THR R 181 -11.67 59.31 15.39
C THR R 181 -10.56 59.40 14.34
N GLY R 182 -9.57 60.26 14.55
CA GLY R 182 -8.56 60.62 13.52
C GLY R 182 -9.13 61.59 12.50
N GLN R 183 -10.37 62.07 12.73
CA GLN R 183 -11.00 63.19 11.98
C GLN R 183 -10.58 64.50 12.65
N GLU R 184 -9.44 65.05 12.22
CA GLU R 184 -8.64 66.04 13.00
C GLU R 184 -9.25 67.45 12.92
N ARG R 185 -10.24 67.66 12.03
CA ARG R 185 -11.02 68.93 11.97
C ARG R 185 -12.31 68.79 12.81
N GLY R 186 -12.42 67.70 13.59
CA GLY R 186 -13.49 67.51 14.59
C GLY R 186 -14.63 66.66 14.06
N VAL R 187 -15.53 66.23 14.97
CA VAL R 187 -16.78 65.48 14.65
C VAL R 187 -17.95 66.47 14.72
N ASN R 188 -18.64 66.68 13.59
CA ASN R 188 -19.82 67.59 13.48
C ASN R 188 -21.10 66.84 13.85
N TYR R 189 -21.08 65.50 13.76
CA TYR R 189 -22.30 64.65 13.81
C TYR R 189 -21.95 63.22 14.20
N VAL R 190 -22.87 62.56 14.92
CA VAL R 190 -22.84 61.10 15.21
C VAL R 190 -24.27 60.56 15.11
N ASP R 191 -24.42 59.27 14.80
CA ASP R 191 -25.71 58.55 14.71
C ASP R 191 -25.47 57.05 14.92
N TYR R 192 -26.44 56.34 15.49
CA TYR R 192 -26.41 54.88 15.76
C TYR R 192 -27.09 54.13 14.61
N TYR R 193 -26.65 52.90 14.37
CA TYR R 193 -27.32 51.91 13.48
C TYR R 193 -28.55 51.38 14.21
N PRO R 194 -29.76 51.49 13.61
CA PRO R 194 -31.01 51.20 14.34
C PRO R 194 -31.20 49.73 14.72
N LEU R 195 -30.84 48.80 13.83
CA LEU R 195 -31.15 47.35 13.95
C LEU R 195 -30.06 46.65 14.77
N PRO R 196 -30.35 45.48 15.37
CA PRO R 196 -29.42 44.83 16.30
C PRO R 196 -28.49 43.77 15.69
N ASP R 197 -28.21 43.85 14.38
CA ASP R 197 -27.26 42.94 13.67
C ASP R 197 -25.86 43.58 13.63
N LYS R 198 -25.78 44.90 13.39
CA LYS R 198 -24.50 45.66 13.32
C LYS R 198 -24.39 46.56 14.55
N PRO R 199 -23.36 46.37 15.41
CA PRO R 199 -23.13 47.25 16.55
C PRO R 199 -22.40 48.53 16.14
N TYR R 200 -23.00 49.33 15.25
CA TYR R 200 -22.34 50.40 14.48
C TYR R 200 -22.85 51.79 14.87
N MET R 201 -21.95 52.78 14.74
CA MET R 201 -22.23 54.24 14.74
C MET R 201 -21.54 54.86 13.53
N ILE R 202 -21.83 56.13 13.23
CA ILE R 202 -21.27 56.87 12.06
C ILE R 202 -20.98 58.32 12.49
N THR R 203 -19.89 58.91 11.98
CA THR R 203 -19.46 60.29 12.29
C THR R 203 -19.18 61.07 10.99
N ALA R 204 -19.52 62.36 10.98
CA ALA R 204 -19.25 63.33 9.90
C ALA R 204 -18.24 64.38 10.39
N SER R 205 -17.36 64.85 9.52
CA SER R 205 -16.23 65.76 9.87
C SER R 205 -15.99 66.79 8.76
N ASP R 206 -15.43 67.94 9.15
CA ASP R 206 -14.92 69.00 8.24
C ASP R 206 -13.78 68.44 7.37
N ASP R 207 -13.08 67.40 7.84
CA ASP R 207 -11.92 66.77 7.13
C ASP R 207 -12.42 65.99 5.90
N LEU R 208 -13.73 66.06 5.61
CA LEU R 208 -14.37 65.63 4.33
C LEU R 208 -14.75 64.14 4.38
N THR R 209 -14.47 63.44 5.48
CA THR R 209 -14.64 61.97 5.60
C THR R 209 -15.90 61.64 6.42
N ILE R 210 -16.52 60.50 6.10
CA ILE R 210 -17.60 59.84 6.89
C ILE R 210 -17.06 58.48 7.34
N LYS R 211 -16.91 58.26 8.65
CA LYS R 211 -16.30 57.04 9.22
C LYS R 211 -17.38 56.20 9.94
N ILE R 212 -17.40 54.90 9.65
CA ILE R 212 -18.28 53.88 10.29
C ILE R 212 -17.49 53.25 11.44
N TRP R 213 -18.12 53.11 12.62
CA TRP R 213 -17.47 52.62 13.86
C TRP R 213 -18.19 51.37 14.38
N ASP R 214 -17.48 50.54 15.14
CA ASP R 214 -18.01 49.35 15.86
C ASP R 214 -17.74 49.57 17.35
N TYR R 215 -18.79 49.75 18.17
CA TYR R 215 -18.68 50.19 19.59
C TYR R 215 -18.28 49.01 20.49
N GLN R 216 -18.16 47.79 19.94
CA GLN R 216 -17.68 46.58 20.66
C GLN R 216 -16.17 46.44 20.47
N THR R 217 -15.71 46.42 19.21
CA THR R 217 -14.28 46.30 18.82
C THR R 217 -13.56 47.65 19.00
N LYS R 218 -14.32 48.76 19.04
CA LYS R 218 -13.82 50.15 19.16
C LYS R 218 -12.97 50.50 17.93
N SER R 219 -13.27 49.89 16.77
CA SER R 219 -12.46 49.98 15.53
C SER R 219 -13.24 50.70 14.43
N CYS R 220 -12.52 51.22 13.42
CA CYS R 220 -13.08 51.92 12.23
C CYS R 220 -13.44 50.88 11.17
N VAL R 221 -14.73 50.75 10.86
CA VAL R 221 -15.30 49.70 9.96
C VAL R 221 -15.04 50.10 8.49
N ALA R 222 -15.22 51.38 8.16
CA ALA R 222 -15.02 51.93 6.80
C ALA R 222 -14.85 53.45 6.86
N THR R 223 -14.23 54.03 5.82
CA THR R 223 -14.10 55.49 5.59
C THR R 223 -14.72 55.83 4.22
N LEU R 224 -15.78 56.66 4.24
CA LEU R 224 -16.57 57.04 3.04
C LEU R 224 -16.15 58.47 2.62
N GLU R 225 -15.56 58.60 1.43
CA GLU R 225 -15.00 59.88 0.90
C GLU R 225 -15.75 60.25 -0.38
N GLY R 226 -16.85 61.00 -0.27
CA GLY R 226 -17.74 61.34 -1.39
C GLY R 226 -18.14 62.81 -1.44
N HIS R 227 -17.51 63.68 -0.65
CA HIS R 227 -17.84 65.12 -0.56
C HIS R 227 -16.56 65.95 -0.79
N MET R 228 -16.72 67.15 -1.34
CA MET R 228 -15.58 68.05 -1.71
C MET R 228 -15.52 69.24 -0.72
N SER R 229 -16.24 69.16 0.39
CA SER R 229 -16.28 70.20 1.46
C SER R 229 -16.80 69.61 2.77
N ASN R 230 -16.81 70.42 3.83
CA ASN R 230 -17.21 70.02 5.21
C ASN R 230 -18.47 69.16 5.17
N VAL R 231 -18.40 67.94 5.69
CA VAL R 231 -19.56 67.00 5.78
C VAL R 231 -20.36 67.36 7.04
N SER R 232 -21.59 67.85 6.85
CA SER R 232 -22.52 68.33 7.91
C SER R 232 -23.00 67.15 8.78
N PHE R 233 -23.38 66.04 8.14
CA PHE R 233 -24.02 64.88 8.81
C PHE R 233 -23.87 63.61 7.97
N ALA R 234 -24.01 62.47 8.64
CA ALA R 234 -24.24 61.13 8.06
C ALA R 234 -25.13 60.34 9.03
N VAL R 235 -26.20 59.72 8.53
CA VAL R 235 -27.20 58.95 9.34
C VAL R 235 -27.59 57.67 8.61
N PHE R 236 -27.83 56.59 9.37
CA PHE R 236 -28.42 55.32 8.88
C PHE R 236 -29.94 55.49 8.82
N HIS R 237 -30.55 55.25 7.66
CA HIS R 237 -32.03 55.31 7.43
C HIS R 237 -32.70 54.28 8.32
N PRO R 238 -33.87 54.58 8.93
CA PRO R 238 -34.53 53.65 9.86
C PRO R 238 -35.04 52.34 9.21
N THR R 239 -35.52 52.41 7.96
CA THR R 239 -36.21 51.30 7.26
C THR R 239 -35.66 51.08 5.84
N LEU R 240 -34.41 51.45 5.58
CA LEU R 240 -33.71 51.18 4.30
C LEU R 240 -32.22 50.90 4.57
N PRO R 241 -31.60 49.92 3.88
CA PRO R 241 -30.17 49.70 3.99
C PRO R 241 -29.38 50.76 3.20
N ILE R 242 -29.48 52.02 3.64
CA ILE R 242 -28.77 53.19 3.03
C ILE R 242 -28.23 54.08 4.15
N ILE R 243 -27.11 54.76 3.89
CA ILE R 243 -26.59 55.91 4.67
C ILE R 243 -26.85 57.18 3.86
N ILE R 244 -27.48 58.20 4.45
CA ILE R 244 -27.67 59.54 3.82
C ILE R 244 -26.73 60.53 4.51
N SER R 245 -25.82 61.13 3.74
CA SER R 245 -24.90 62.21 4.19
C SER R 245 -25.25 63.52 3.47
N GLY R 246 -24.76 64.63 4.01
CA GLY R 246 -24.87 65.98 3.41
C GLY R 246 -23.63 66.80 3.72
N SER R 247 -23.30 67.77 2.87
CA SER R 247 -22.04 68.56 2.93
C SER R 247 -22.29 70.03 2.60
N GLU R 248 -21.31 70.89 2.89
CA GLU R 248 -21.28 72.32 2.49
C GLU R 248 -21.03 72.42 0.98
N ASP R 249 -20.71 71.30 0.32
CA ASP R 249 -20.56 71.21 -1.16
C ASP R 249 -21.93 71.40 -1.82
N GLY R 250 -23.02 71.19 -1.07
CA GLY R 250 -24.41 71.44 -1.49
C GLY R 250 -25.09 70.20 -2.05
N THR R 251 -24.52 69.01 -1.80
CA THR R 251 -25.08 67.70 -2.22
C THR R 251 -25.54 66.89 -1.01
N LEU R 252 -26.62 66.12 -1.18
CA LEU R 252 -26.90 64.90 -0.39
C LEU R 252 -26.32 63.71 -1.18
N LYS R 253 -25.98 62.63 -0.47
CA LYS R 253 -25.43 61.40 -1.09
C LYS R 253 -25.91 60.18 -0.29
N ILE R 254 -26.48 59.20 -1.00
CA ILE R 254 -27.05 57.95 -0.43
C ILE R 254 -26.04 56.81 -0.66
N TRP R 255 -25.47 56.28 0.42
CA TRP R 255 -24.49 55.17 0.41
C TRP R 255 -25.20 53.87 0.78
N ASN R 256 -24.87 52.76 0.12
CA ASN R 256 -25.33 51.40 0.49
C ASN R 256 -24.77 51.08 1.88
N SER R 257 -25.65 50.85 2.86
CA SER R 257 -25.29 50.56 4.28
C SER R 257 -24.39 49.32 4.35
N SER R 258 -24.53 48.40 3.40
CA SER R 258 -23.81 47.10 3.34
C SER R 258 -22.44 47.27 2.65
N THR R 259 -22.44 47.74 1.40
CA THR R 259 -21.26 47.76 0.49
C THR R 259 -20.52 49.11 0.58
N TYR R 260 -21.20 50.17 1.03
CA TYR R 260 -20.70 51.58 1.08
C TYR R 260 -20.48 52.09 -0.35
N LYS R 261 -21.26 51.56 -1.30
CA LYS R 261 -21.31 52.01 -2.71
C LYS R 261 -22.19 53.26 -2.78
N VAL R 262 -21.73 54.30 -3.49
CA VAL R 262 -22.51 55.55 -3.74
C VAL R 262 -23.68 55.20 -4.67
N GLU R 263 -24.90 55.16 -4.11
CA GLU R 263 -26.15 54.77 -4.81
C GLU R 263 -26.66 55.93 -5.67
N LYS R 264 -26.50 57.17 -5.18
CA LYS R 264 -26.86 58.41 -5.91
C LYS R 264 -26.29 59.64 -5.22
N THR R 265 -25.90 60.65 -6.02
CA THR R 265 -25.56 62.02 -5.59
C THR R 265 -26.71 62.96 -5.97
N LEU R 266 -27.29 63.65 -4.99
CA LEU R 266 -28.42 64.60 -5.18
C LEU R 266 -27.90 66.04 -5.07
N ASN R 267 -27.89 66.77 -6.19
CA ASN R 267 -27.58 68.23 -6.25
C ASN R 267 -28.88 68.99 -6.04
N VAL R 268 -29.21 69.30 -4.78
CA VAL R 268 -30.55 69.79 -4.35
C VAL R 268 -30.69 71.27 -4.76
N GLY R 269 -29.58 72.00 -4.86
CA GLY R 269 -29.52 73.38 -5.38
C GLY R 269 -30.06 74.40 -4.39
N LEU R 270 -29.92 74.12 -3.09
CA LEU R 270 -30.22 75.08 -1.99
C LEU R 270 -28.91 75.44 -1.27
N GLU R 271 -27.77 75.17 -1.92
CA GLU R 271 -26.39 75.45 -1.42
C GLU R 271 -26.13 74.59 -0.17
N ARG R 272 -25.33 75.07 0.79
CA ARG R 272 -24.75 74.22 1.87
C ARG R 272 -25.86 73.46 2.63
N SER R 273 -25.72 72.13 2.74
CA SER R 273 -26.49 71.26 3.65
C SER R 273 -25.95 71.43 5.08
N TRP R 274 -26.83 71.34 6.08
CA TRP R 274 -26.51 71.55 7.52
C TRP R 274 -27.10 70.44 8.39
N CYS R 275 -28.39 70.13 8.22
CA CYS R 275 -29.15 69.19 9.09
C CYS R 275 -29.92 68.17 8.24
N ILE R 276 -30.33 67.06 8.88
CA ILE R 276 -31.05 65.92 8.25
C ILE R 276 -32.15 65.45 9.22
N ALA R 277 -33.23 64.88 8.68
CA ALA R 277 -34.31 64.19 9.42
C ALA R 277 -34.78 62.99 8.61
N THR R 278 -34.92 61.83 9.26
CA THR R 278 -35.56 60.60 8.72
C THR R 278 -36.87 60.38 9.48
N HIS R 279 -37.98 60.13 8.77
CA HIS R 279 -39.31 59.90 9.38
C HIS R 279 -39.16 58.81 10.43
N PRO R 280 -39.41 59.13 11.74
CA PRO R 280 -39.05 58.23 12.84
C PRO R 280 -39.32 56.74 12.60
N THR R 281 -40.55 56.42 12.15
CA THR R 281 -41.02 55.03 11.88
C THR R 281 -40.60 54.62 10.46
N GLY R 282 -40.73 55.54 9.49
CA GLY R 282 -40.37 55.33 8.08
C GLY R 282 -41.59 55.38 7.16
N ARG R 283 -42.53 56.29 7.43
CA ARG R 283 -43.71 56.55 6.56
C ARG R 283 -43.22 57.12 5.23
N LYS R 284 -43.45 56.39 4.13
CA LYS R 284 -42.98 56.72 2.75
C LYS R 284 -41.45 56.85 2.73
N ASN R 285 -40.76 56.22 3.70
CA ASN R 285 -39.28 56.25 3.88
C ASN R 285 -38.78 57.70 3.77
N TYR R 286 -39.56 58.67 4.24
CA TYR R 286 -39.31 60.13 4.09
C TYR R 286 -37.94 60.50 4.67
N ILE R 287 -37.22 61.40 3.98
CA ILE R 287 -36.05 62.14 4.53
C ILE R 287 -36.27 63.64 4.29
N ALA R 288 -35.64 64.48 5.12
CA ALA R 288 -35.69 65.95 5.01
C ALA R 288 -34.35 66.55 5.48
N SER R 289 -33.77 67.44 4.66
CA SER R 289 -32.50 68.15 4.94
C SER R 289 -32.74 69.66 4.85
N GLY R 290 -32.05 70.43 5.71
CA GLY R 290 -32.10 71.90 5.76
C GLY R 290 -30.83 72.52 5.21
N PHE R 291 -30.96 73.62 4.44
CA PHE R 291 -29.87 74.25 3.66
C PHE R 291 -29.86 75.77 3.87
N ASP R 292 -28.80 76.43 3.38
CA ASP R 292 -28.63 77.91 3.34
C ASP R 292 -29.91 78.58 2.82
N ASN R 293 -30.51 78.05 1.74
CA ASN R 293 -31.58 78.71 0.96
C ASN R 293 -32.95 78.07 1.25
N GLY R 294 -33.05 77.21 2.26
CA GLY R 294 -34.30 76.53 2.66
C GLY R 294 -34.10 75.05 2.88
N PHE R 295 -35.17 74.27 2.75
CA PHE R 295 -35.18 72.80 3.00
C PHE R 295 -35.98 72.08 1.90
N THR R 296 -35.90 70.74 1.89
CA THR R 296 -36.64 69.83 0.98
C THR R 296 -37.00 68.54 1.71
N VAL R 297 -38.21 68.02 1.46
CA VAL R 297 -38.66 66.66 1.89
C VAL R 297 -38.68 65.76 0.65
N LEU R 298 -38.15 64.54 0.78
CA LEU R 298 -38.07 63.53 -0.31
C LEU R 298 -38.65 62.20 0.19
N SER R 299 -39.45 61.53 -0.64
CA SER R 299 -40.00 60.17 -0.40
C SER R 299 -39.19 59.13 -1.17
N LEU R 300 -38.92 57.97 -0.54
CA LEU R 300 -38.13 56.85 -1.10
C LEU R 300 -39.04 55.62 -1.26
N GLY R 301 -38.69 54.73 -2.20
CA GLY R 301 -39.40 53.45 -2.44
C GLY R 301 -38.80 52.32 -1.62
N ASN R 302 -39.50 51.18 -1.55
CA ASN R 302 -39.07 49.96 -0.84
C ASN R 302 -38.51 48.96 -1.86
N MET S 1 31.74 -55.39 -61.92
CA MET S 1 30.91 -54.42 -62.69
C MET S 1 31.23 -52.99 -62.26
N LYS S 2 30.76 -52.00 -63.02
CA LYS S 2 30.82 -50.55 -62.71
C LYS S 2 29.54 -49.88 -63.23
N LEU S 3 28.47 -49.92 -62.45
CA LEU S 3 27.18 -49.25 -62.76
C LEU S 3 27.37 -47.73 -62.59
N ASP S 4 27.93 -47.07 -63.61
CA ASP S 4 28.11 -45.61 -63.67
C ASP S 4 26.72 -44.98 -63.85
N ILE S 5 25.92 -44.98 -62.79
CA ILE S 5 24.49 -44.55 -62.79
C ILE S 5 24.44 -43.02 -62.88
N LYS S 6 23.65 -42.49 -63.81
CA LYS S 6 23.39 -41.04 -63.99
C LYS S 6 21.89 -40.80 -63.93
N LYS S 7 21.44 -39.86 -63.09
CA LYS S 7 20.01 -39.46 -62.96
C LYS S 7 19.63 -38.66 -64.22
N THR S 8 19.08 -39.35 -65.23
CA THR S 8 18.68 -38.77 -66.54
C THR S 8 17.65 -37.65 -66.32
N PHE S 9 16.54 -37.98 -65.66
CA PHE S 9 15.36 -37.08 -65.49
C PHE S 9 14.51 -37.56 -64.31
N SER S 10 14.17 -36.62 -63.42
CA SER S 10 13.21 -36.80 -62.29
C SER S 10 12.09 -35.77 -62.43
N ASN S 11 10.84 -36.19 -62.20
CA ASN S 11 9.64 -35.31 -62.19
C ASN S 11 8.89 -35.53 -60.88
N ARG S 12 8.47 -34.45 -60.22
CA ARG S 12 7.63 -34.47 -58.99
C ARG S 12 6.16 -34.45 -59.42
N SER S 13 5.43 -35.54 -59.14
CA SER S 13 3.98 -35.68 -59.43
C SER S 13 3.30 -36.47 -58.31
N ASP S 14 2.00 -36.73 -58.44
CA ASP S 14 1.21 -37.62 -57.55
C ASP S 14 1.68 -39.06 -57.79
N ARG S 15 1.38 -39.95 -56.85
CA ARG S 15 1.86 -41.36 -56.82
C ARG S 15 1.78 -41.98 -58.21
N VAL S 16 2.91 -42.50 -58.71
CA VAL S 16 3.01 -43.24 -60.00
C VAL S 16 2.86 -44.74 -59.70
N LYS S 17 1.81 -45.37 -60.24
CA LYS S 17 1.51 -46.82 -60.05
C LYS S 17 1.90 -47.61 -61.32
N GLY S 18 1.84 -46.98 -62.50
CA GLY S 18 2.19 -47.60 -63.80
C GLY S 18 3.26 -46.82 -64.53
N ILE S 19 4.26 -47.51 -65.07
CA ILE S 19 5.45 -46.94 -65.77
C ILE S 19 5.77 -47.82 -66.99
N ASP S 20 6.27 -47.23 -68.08
CA ASP S 20 6.65 -47.94 -69.33
C ASP S 20 7.48 -47.02 -70.23
N PHE S 21 8.40 -47.61 -71.01
CA PHE S 21 9.25 -46.93 -72.02
C PHE S 21 8.67 -47.13 -73.42
N HIS S 22 8.64 -46.08 -74.23
CA HIS S 22 8.38 -46.15 -75.70
C HIS S 22 9.63 -46.75 -76.36
N PRO S 23 9.46 -47.68 -77.33
CA PRO S 23 10.60 -48.45 -77.85
C PRO S 23 11.55 -47.71 -78.81
N THR S 24 11.16 -46.53 -79.30
CA THR S 24 11.95 -45.72 -80.28
C THR S 24 12.12 -44.29 -79.77
N GLU S 25 11.01 -43.57 -79.55
CA GLU S 25 11.00 -42.20 -78.99
C GLU S 25 11.53 -42.25 -77.56
N PRO S 26 12.22 -41.19 -77.07
CA PRO S 26 12.73 -41.17 -75.70
C PRO S 26 11.63 -40.77 -74.70
N TRP S 27 10.50 -41.48 -74.75
CA TRP S 27 9.27 -41.18 -73.97
C TRP S 27 9.10 -42.18 -72.84
N VAL S 28 8.57 -41.71 -71.70
CA VAL S 28 8.10 -42.56 -70.57
C VAL S 28 6.61 -42.26 -70.36
N LEU S 29 5.80 -43.31 -70.21
CA LEU S 29 4.36 -43.22 -69.83
C LEU S 29 4.25 -43.43 -68.31
N THR S 30 3.57 -42.53 -67.62
CA THR S 30 3.22 -42.66 -66.17
C THR S 30 1.70 -42.63 -66.02
N THR S 31 1.16 -43.58 -65.25
CA THR S 31 -0.27 -43.63 -64.82
C THR S 31 -0.31 -43.40 -63.30
N LEU S 32 -1.08 -42.41 -62.85
CA LEU S 32 -1.00 -41.84 -61.48
C LEU S 32 -2.24 -42.22 -60.66
N TYR S 33 -2.12 -42.19 -59.34
CA TYR S 33 -3.16 -42.58 -58.36
C TYR S 33 -4.34 -41.60 -58.42
N SER S 34 -4.10 -40.39 -58.94
CA SER S 34 -5.09 -39.28 -59.04
C SER S 34 -6.02 -39.46 -60.25
N GLY S 35 -5.80 -40.50 -61.07
CA GLY S 35 -6.57 -40.76 -62.31
C GLY S 35 -5.90 -40.16 -63.53
N ARG S 36 -4.93 -39.26 -63.33
CA ARG S 36 -4.14 -38.62 -64.40
C ARG S 36 -3.12 -39.61 -64.95
N VAL S 37 -2.85 -39.54 -66.26
CA VAL S 37 -1.73 -40.28 -66.93
C VAL S 37 -0.94 -39.26 -67.75
N GLU S 38 0.39 -39.39 -67.81
CA GLU S 38 1.31 -38.43 -68.47
C GLU S 38 2.29 -39.18 -69.38
N LEU S 39 2.63 -38.58 -70.53
CA LEU S 39 3.77 -38.99 -71.39
C LEU S 39 4.85 -37.91 -71.29
N TRP S 40 6.08 -38.30 -70.92
CA TRP S 40 7.23 -37.39 -70.72
C TRP S 40 8.37 -37.76 -71.67
N ASN S 41 8.94 -36.77 -72.37
CA ASN S 41 10.22 -36.87 -73.09
C ASN S 41 11.34 -36.65 -72.07
N TYR S 42 12.00 -37.72 -71.64
CA TYR S 42 12.98 -37.72 -70.52
C TYR S 42 14.34 -37.17 -70.99
N GLU S 43 14.52 -36.97 -72.30
CA GLU S 43 15.76 -36.38 -72.89
C GLU S 43 15.63 -34.85 -72.92
N THR S 44 14.51 -34.33 -73.45
CA THR S 44 14.21 -32.88 -73.52
C THR S 44 13.75 -32.38 -72.15
N GLN S 45 13.20 -33.27 -71.32
CA GLN S 45 12.59 -32.97 -69.99
C GLN S 45 11.33 -32.11 -70.20
N VAL S 46 10.67 -32.26 -71.36
CA VAL S 46 9.40 -31.57 -71.73
C VAL S 46 8.27 -32.62 -71.72
N GLU S 47 7.09 -32.23 -71.24
CA GLU S 47 5.88 -33.09 -71.22
C GLU S 47 5.27 -33.14 -72.63
N VAL S 48 5.09 -34.35 -73.18
CA VAL S 48 4.48 -34.60 -74.51
C VAL S 48 2.97 -34.37 -74.40
N ARG S 49 2.33 -35.04 -73.44
CA ARG S 49 0.86 -35.04 -73.25
C ARG S 49 0.51 -35.52 -71.84
N SER S 50 -0.64 -35.09 -71.32
CA SER S 50 -1.25 -35.57 -70.04
C SER S 50 -2.77 -35.54 -70.15
N ILE S 51 -3.43 -36.64 -69.76
CA ILE S 51 -4.90 -36.84 -69.86
C ILE S 51 -5.42 -37.22 -68.46
N GLN S 52 -6.57 -36.64 -68.06
CA GLN S 52 -7.38 -37.09 -66.90
C GLN S 52 -8.29 -38.23 -67.38
N VAL S 53 -7.83 -39.47 -67.22
CA VAL S 53 -8.49 -40.72 -67.70
C VAL S 53 -9.76 -40.96 -66.86
N THR S 54 -9.69 -40.70 -65.55
CA THR S 54 -10.77 -40.99 -64.57
C THR S 54 -10.46 -40.22 -63.27
N GLU S 55 -11.22 -40.49 -62.19
CA GLU S 55 -11.03 -39.90 -60.84
C GLU S 55 -10.41 -40.96 -59.92
N THR S 56 -10.45 -42.24 -60.30
CA THR S 56 -9.88 -43.40 -59.55
C THR S 56 -8.39 -43.53 -59.88
N PRO S 57 -7.62 -44.32 -59.09
CA PRO S 57 -6.27 -44.71 -59.50
C PRO S 57 -6.20 -45.45 -60.85
N VAL S 58 -5.12 -45.22 -61.60
CA VAL S 58 -4.79 -45.96 -62.86
C VAL S 58 -3.47 -46.70 -62.61
N ARG S 59 -3.54 -48.00 -62.33
CA ARG S 59 -2.42 -48.81 -61.77
C ARG S 59 -1.55 -49.38 -62.89
N ALA S 60 -2.12 -49.67 -64.06
CA ALA S 60 -1.44 -50.33 -65.21
C ALA S 60 -1.42 -49.41 -66.43
N GLY S 61 -0.24 -49.22 -67.04
CA GLY S 61 -0.03 -48.40 -68.23
C GLY S 61 1.08 -48.96 -69.11
N LYS S 62 0.76 -49.20 -70.39
CA LYS S 62 1.72 -49.75 -71.40
C LYS S 62 1.56 -48.99 -72.73
N PHE S 63 2.66 -48.81 -73.45
CA PHE S 63 2.66 -48.38 -74.87
C PHE S 63 2.27 -49.57 -75.75
N ILE S 64 1.44 -49.33 -76.75
CA ILE S 64 1.27 -50.21 -77.95
C ILE S 64 1.78 -49.41 -79.15
N ALA S 65 3.11 -49.34 -79.27
CA ALA S 65 3.86 -48.43 -80.17
C ALA S 65 3.56 -48.75 -81.63
N ARG S 66 3.24 -50.01 -81.94
CA ARG S 66 2.96 -50.49 -83.32
C ARG S 66 1.66 -49.88 -83.85
N LYS S 67 0.75 -49.46 -82.96
CA LYS S 67 -0.56 -48.83 -83.31
C LYS S 67 -0.57 -47.36 -82.87
N ASN S 68 0.55 -46.85 -82.35
CA ASN S 68 0.71 -45.48 -81.78
C ASN S 68 -0.30 -45.29 -80.65
N TRP S 69 -0.43 -46.27 -79.75
CA TRP S 69 -1.39 -46.26 -78.62
C TRP S 69 -0.66 -46.16 -77.28
N ILE S 70 -1.39 -45.72 -76.26
CA ILE S 70 -1.17 -46.08 -74.82
C ILE S 70 -2.41 -46.85 -74.37
N ILE S 71 -2.23 -47.92 -73.59
CA ILE S 71 -3.34 -48.71 -72.97
C ILE S 71 -3.18 -48.62 -71.45
N VAL S 72 -4.27 -48.30 -70.75
CA VAL S 72 -4.28 -48.07 -69.27
C VAL S 72 -5.43 -48.86 -68.64
N GLY S 73 -5.28 -49.23 -67.36
CA GLY S 73 -6.29 -49.94 -66.56
C GLY S 73 -6.47 -49.29 -65.20
N SER S 74 -7.72 -49.07 -64.78
CA SER S 74 -8.10 -48.24 -63.61
C SER S 74 -9.00 -49.04 -62.65
N ASP S 75 -9.16 -48.54 -61.42
CA ASP S 75 -9.98 -49.14 -60.33
C ASP S 75 -11.48 -48.99 -60.66
N ASP S 76 -11.83 -48.12 -61.61
CA ASP S 76 -13.23 -47.90 -62.07
C ASP S 76 -13.69 -49.05 -62.99
N PHE S 77 -12.86 -50.10 -63.15
CA PHE S 77 -13.17 -51.40 -63.80
C PHE S 77 -12.77 -51.40 -65.28
N ARG S 78 -12.22 -50.30 -65.79
CA ARG S 78 -12.16 -50.00 -67.25
C ARG S 78 -10.73 -50.08 -67.80
N ILE S 79 -10.61 -50.52 -69.05
CA ILE S 79 -9.40 -50.37 -69.91
C ILE S 79 -9.70 -49.26 -70.93
N ARG S 80 -8.79 -48.28 -71.06
CA ARG S 80 -8.91 -47.16 -72.03
C ARG S 80 -7.66 -47.12 -72.90
N VAL S 81 -7.84 -47.03 -74.22
CA VAL S 81 -6.75 -46.99 -75.24
C VAL S 81 -6.79 -45.62 -75.93
N PHE S 82 -5.70 -44.87 -75.84
CA PHE S 82 -5.55 -43.49 -76.41
C PHE S 82 -4.43 -43.48 -77.45
N ASN S 83 -4.67 -42.81 -78.58
CA ASN S 83 -3.64 -42.45 -79.60
C ASN S 83 -2.85 -41.26 -79.05
N TYR S 84 -1.53 -41.42 -78.86
CA TYR S 84 -0.66 -40.42 -78.17
C TYR S 84 -0.26 -39.28 -79.13
N ASN S 85 -0.43 -39.47 -80.44
CA ASN S 85 -0.15 -38.43 -81.47
C ASN S 85 -1.31 -37.44 -81.52
N THR S 86 -2.55 -37.94 -81.60
CA THR S 86 -3.80 -37.14 -81.72
C THR S 86 -4.36 -36.83 -80.33
N GLY S 87 -4.17 -37.74 -79.36
CA GLY S 87 -4.73 -37.64 -77.99
C GLY S 87 -6.12 -38.22 -77.90
N GLU S 88 -6.68 -38.67 -79.03
CA GLU S 88 -8.08 -39.15 -79.15
C GLU S 88 -8.18 -40.57 -78.55
N LYS S 89 -9.35 -40.90 -77.99
CA LYS S 89 -9.63 -42.18 -77.32
C LYS S 89 -10.07 -43.21 -78.39
N VAL S 90 -9.46 -44.39 -78.37
CA VAL S 90 -9.66 -45.48 -79.38
C VAL S 90 -10.79 -46.40 -78.88
N VAL S 91 -10.65 -46.93 -77.66
CA VAL S 91 -11.68 -47.80 -77.00
C VAL S 91 -11.70 -47.50 -75.50
N ASP S 92 -12.83 -47.77 -74.86
CA ASP S 92 -13.08 -47.56 -73.40
C ASP S 92 -14.16 -48.55 -72.96
N PHE S 93 -13.75 -49.68 -72.37
CA PHE S 93 -14.65 -50.83 -72.02
C PHE S 93 -14.39 -51.29 -70.59
N GLU S 94 -15.42 -51.88 -69.97
CA GLU S 94 -15.34 -52.55 -68.64
C GLU S 94 -14.72 -53.93 -68.85
N ALA S 95 -13.54 -54.17 -68.27
CA ALA S 95 -12.75 -55.41 -68.41
C ALA S 95 -13.11 -56.38 -67.28
N HIS S 96 -13.06 -55.90 -66.03
CA HIS S 96 -13.28 -56.68 -64.78
C HIS S 96 -14.23 -55.91 -63.87
N PRO S 97 -15.12 -56.58 -63.10
CA PRO S 97 -15.99 -55.89 -62.14
C PRO S 97 -15.25 -55.61 -60.82
N ASP S 98 -13.98 -55.19 -60.93
CA ASP S 98 -13.07 -54.93 -59.78
C ASP S 98 -11.80 -54.29 -60.34
N TYR S 99 -10.89 -53.89 -59.45
CA TYR S 99 -9.61 -53.19 -59.74
C TYR S 99 -8.84 -53.91 -60.85
N ILE S 100 -8.27 -53.15 -61.78
CA ILE S 100 -7.26 -53.65 -62.76
C ILE S 100 -5.87 -53.32 -62.20
N ARG S 101 -5.08 -54.36 -61.91
CA ARG S 101 -3.76 -54.27 -61.23
C ARG S 101 -2.62 -54.18 -62.25
N SER S 102 -2.74 -54.93 -63.36
CA SER S 102 -1.63 -55.18 -64.32
C SER S 102 -2.18 -55.33 -65.75
N ILE S 103 -1.41 -54.89 -66.74
CA ILE S 103 -1.66 -55.11 -68.20
C ILE S 103 -0.35 -55.56 -68.86
N ALA S 104 -0.42 -56.62 -69.67
CA ALA S 104 0.70 -57.12 -70.51
C ALA S 104 0.25 -57.13 -71.97
N VAL S 105 1.13 -56.68 -72.87
CA VAL S 105 0.89 -56.63 -74.35
C VAL S 105 1.77 -57.70 -75.01
N HIS S 106 1.15 -58.60 -75.77
CA HIS S 106 1.83 -59.70 -76.50
C HIS S 106 2.87 -59.10 -77.46
N PRO S 107 4.12 -59.63 -77.49
CA PRO S 107 5.18 -59.07 -78.33
C PRO S 107 4.82 -58.85 -79.81
N THR S 108 4.17 -59.83 -80.45
CA THR S 108 3.98 -59.91 -81.93
C THR S 108 2.50 -59.99 -82.32
N LYS S 109 1.60 -60.44 -81.43
CA LYS S 109 0.17 -60.69 -81.73
C LYS S 109 -0.67 -59.53 -81.19
N PRO S 110 -1.93 -59.35 -81.66
CA PRO S 110 -2.75 -58.20 -81.26
C PRO S 110 -3.51 -58.45 -79.95
N TYR S 111 -2.84 -59.04 -78.96
CA TYR S 111 -3.43 -59.53 -77.70
C TYR S 111 -2.95 -58.67 -76.53
N VAL S 112 -3.86 -58.39 -75.59
CA VAL S 112 -3.58 -57.73 -74.29
C VAL S 112 -4.08 -58.65 -73.16
N LEU S 113 -3.26 -58.83 -72.12
CA LEU S 113 -3.64 -59.54 -70.87
C LEU S 113 -3.93 -58.49 -69.78
N SER S 114 -4.91 -58.77 -68.92
CA SER S 114 -5.28 -57.94 -67.76
C SER S 114 -5.54 -58.84 -66.55
N GLY S 115 -4.78 -58.62 -65.46
CA GLY S 115 -5.01 -59.27 -64.16
C GLY S 115 -5.81 -58.37 -63.24
N SER S 116 -6.69 -58.95 -62.41
CA SER S 116 -7.70 -58.19 -61.63
C SER S 116 -7.93 -58.78 -60.24
N ASP S 117 -8.50 -57.96 -59.37
CA ASP S 117 -8.98 -58.32 -58.00
C ASP S 117 -10.16 -59.30 -58.11
N ASP S 118 -10.77 -59.43 -59.30
CA ASP S 118 -11.89 -60.37 -59.55
C ASP S 118 -11.36 -61.81 -59.69
N LEU S 119 -10.07 -62.05 -59.45
CA LEU S 119 -9.44 -63.39 -59.32
C LEU S 119 -9.19 -64.02 -60.71
N THR S 120 -9.13 -63.21 -61.78
CA THR S 120 -9.02 -63.69 -63.18
C THR S 120 -7.91 -62.95 -63.94
N VAL S 121 -7.40 -63.58 -65.00
CA VAL S 121 -6.67 -62.92 -66.12
C VAL S 121 -7.57 -63.05 -67.36
N LYS S 122 -7.69 -61.99 -68.15
CA LYS S 122 -8.56 -61.94 -69.36
C LYS S 122 -7.73 -61.51 -70.58
N LEU S 123 -7.94 -62.21 -71.69
CA LEU S 123 -7.24 -62.00 -72.99
C LEU S 123 -8.16 -61.18 -73.91
N TRP S 124 -7.65 -60.05 -74.43
CA TRP S 124 -8.39 -59.13 -75.34
C TRP S 124 -7.66 -59.06 -76.69
N ASN S 125 -8.40 -59.18 -77.80
CA ASN S 125 -7.86 -59.14 -79.18
C ASN S 125 -8.37 -57.87 -79.87
N TRP S 126 -7.48 -56.91 -80.14
CA TRP S 126 -7.84 -55.59 -80.72
C TRP S 126 -8.05 -55.67 -82.24
N GLU S 127 -7.89 -56.86 -82.83
CA GLU S 127 -8.22 -57.13 -84.26
C GLU S 127 -9.55 -57.89 -84.35
N ASN S 128 -10.26 -58.06 -83.23
CA ASN S 128 -11.63 -58.63 -83.16
C ASN S 128 -12.50 -57.70 -82.30
N ASN S 129 -12.38 -56.39 -82.51
CA ASN S 129 -13.12 -55.31 -81.80
C ASN S 129 -12.99 -55.51 -80.28
N TRP S 130 -11.77 -55.79 -79.81
CA TRP S 130 -11.41 -55.94 -78.37
C TRP S 130 -12.28 -57.00 -77.70
N ALA S 131 -12.62 -58.08 -78.40
CA ALA S 131 -13.43 -59.20 -77.90
C ALA S 131 -12.69 -59.90 -76.76
N LEU S 132 -13.40 -60.26 -75.69
CA LEU S 132 -12.88 -61.13 -74.60
C LEU S 132 -12.65 -62.53 -75.18
N GLU S 133 -11.39 -62.89 -75.41
CA GLU S 133 -10.98 -64.15 -76.09
C GLU S 133 -10.99 -65.30 -75.08
N GLN S 134 -10.53 -65.06 -73.85
CA GLN S 134 -10.41 -66.11 -72.80
C GLN S 134 -10.38 -65.47 -71.41
N THR S 135 -10.82 -66.23 -70.40
CA THR S 135 -10.80 -65.88 -68.96
C THR S 135 -10.09 -67.02 -68.21
N PHE S 136 -8.86 -66.77 -67.74
CA PHE S 136 -8.01 -67.76 -67.02
C PHE S 136 -8.40 -67.75 -65.53
N GLU S 137 -9.10 -68.79 -65.09
CA GLU S 137 -9.67 -68.92 -63.71
C GLU S 137 -8.93 -70.02 -62.96
N GLY S 138 -8.68 -69.82 -61.66
CA GLY S 138 -7.92 -70.74 -60.80
C GLY S 138 -7.39 -70.06 -59.53
N HIS S 139 -6.99 -68.79 -59.62
CA HIS S 139 -6.46 -67.98 -58.49
C HIS S 139 -7.57 -67.72 -57.47
N GLU S 140 -7.20 -67.61 -56.18
CA GLU S 140 -8.14 -67.46 -55.04
C GLU S 140 -7.89 -66.12 -54.32
N HIS S 141 -7.24 -65.16 -54.99
CA HIS S 141 -7.09 -63.75 -54.53
C HIS S 141 -6.65 -62.87 -55.70
N PHE S 142 -6.40 -61.58 -55.44
CA PHE S 142 -6.11 -60.53 -56.45
C PHE S 142 -4.90 -60.92 -57.30
N VAL S 143 -5.07 -60.99 -58.62
CA VAL S 143 -3.94 -61.13 -59.59
C VAL S 143 -3.24 -59.77 -59.65
N MET S 144 -2.03 -59.67 -59.08
CA MET S 144 -1.28 -58.40 -58.89
C MET S 144 -0.47 -58.05 -60.14
N CYS S 145 0.02 -59.06 -60.87
CA CYS S 145 1.01 -58.91 -61.97
C CYS S 145 0.82 -59.99 -63.03
N VAL S 146 0.69 -59.58 -64.30
CA VAL S 146 0.64 -60.46 -65.50
C VAL S 146 1.83 -60.12 -66.40
N ALA S 147 2.55 -61.14 -66.88
CA ALA S 147 3.81 -61.01 -67.65
C ALA S 147 3.97 -62.19 -68.61
N PHE S 148 4.15 -61.89 -69.91
CA PHE S 148 4.46 -62.88 -70.96
C PHE S 148 5.90 -63.38 -70.78
N ASN S 149 6.12 -64.68 -71.00
CA ASN S 149 7.47 -65.27 -71.20
C ASN S 149 8.03 -64.70 -72.49
N PRO S 150 9.12 -63.88 -72.45
CA PRO S 150 9.66 -63.27 -73.67
C PRO S 150 10.28 -64.28 -74.64
N LYS S 151 10.55 -65.49 -74.14
CA LYS S 151 11.08 -66.64 -74.92
C LYS S 151 9.93 -67.47 -75.50
N ASP S 152 8.79 -67.52 -74.80
CA ASP S 152 7.60 -68.33 -75.19
C ASP S 152 6.33 -67.55 -74.84
N PRO S 153 6.04 -66.43 -75.54
CA PRO S 153 4.88 -65.60 -75.20
C PRO S 153 3.52 -66.19 -75.61
N SER S 154 3.50 -67.47 -76.00
CA SER S 154 2.28 -68.32 -76.01
C SER S 154 1.98 -68.79 -74.58
N THR S 155 2.96 -68.66 -73.68
CA THR S 155 2.80 -68.84 -72.21
C THR S 155 3.03 -67.49 -71.50
N PHE S 156 2.34 -67.26 -70.39
CA PHE S 156 2.52 -66.07 -69.51
C PHE S 156 2.44 -66.51 -68.05
N ALA S 157 2.82 -65.60 -67.16
CA ALA S 157 2.85 -65.78 -65.69
C ALA S 157 1.94 -64.75 -65.03
N SER S 158 1.10 -65.18 -64.09
CA SER S 158 0.27 -64.31 -63.21
C SER S 158 0.76 -64.45 -61.77
N GLY S 159 1.14 -63.33 -61.13
CA GLY S 159 1.48 -63.24 -59.70
C GLY S 159 0.27 -62.80 -58.89
N CYS S 160 -0.03 -63.50 -57.78
CA CYS S 160 -1.34 -63.43 -57.07
C CYS S 160 -1.15 -63.39 -55.55
N LEU S 161 -2.14 -62.83 -54.84
CA LEU S 161 -2.11 -62.67 -53.35
C LEU S 161 -2.56 -63.97 -52.67
N ASP S 162 -3.00 -64.97 -53.44
CA ASP S 162 -3.21 -66.36 -52.93
C ASP S 162 -1.85 -67.04 -52.72
N ARG S 163 -0.76 -66.31 -52.96
CA ARG S 163 0.64 -66.71 -52.65
C ARG S 163 1.14 -67.75 -53.66
N THR S 164 0.52 -67.79 -54.86
CA THR S 164 0.91 -68.70 -55.96
C THR S 164 1.23 -67.88 -57.21
N VAL S 165 2.21 -68.34 -58.00
CA VAL S 165 2.39 -67.97 -59.43
C VAL S 165 1.81 -69.11 -60.26
N LYS S 166 0.86 -68.81 -61.15
CA LYS S 166 0.32 -69.76 -62.15
C LYS S 166 0.90 -69.39 -63.52
N VAL S 167 1.26 -70.41 -64.31
CA VAL S 167 1.80 -70.26 -65.69
C VAL S 167 0.80 -70.92 -66.65
N TRP S 168 0.41 -70.19 -67.70
CA TRP S 168 -0.76 -70.49 -68.56
C TRP S 168 -0.31 -70.59 -70.03
N SER S 169 -1.08 -71.33 -70.83
CA SER S 169 -0.96 -71.41 -72.32
C SER S 169 -2.20 -70.80 -72.96
N LEU S 170 -2.03 -69.95 -73.97
CA LEU S 170 -3.14 -69.32 -74.73
C LEU S 170 -3.97 -70.43 -75.39
N GLY S 171 -5.26 -70.53 -75.03
CA GLY S 171 -6.20 -71.55 -75.55
C GLY S 171 -6.30 -72.77 -74.64
N GLN S 172 -5.91 -72.63 -73.37
CA GLN S 172 -6.00 -73.69 -72.34
C GLN S 172 -6.50 -73.07 -71.03
N SER S 173 -7.63 -73.58 -70.51
CA SER S 173 -8.31 -73.06 -69.29
CA SER S 173 -8.30 -73.06 -69.30
C SER S 173 -7.49 -73.42 -68.04
N THR S 174 -7.02 -74.67 -67.97
CA THR S 174 -6.17 -75.20 -66.86
C THR S 174 -4.79 -74.57 -66.96
N PRO S 175 -4.21 -74.07 -65.85
CA PRO S 175 -2.83 -73.57 -65.87
C PRO S 175 -1.83 -74.72 -66.09
N ASN S 176 -0.77 -74.47 -66.86
CA ASN S 176 0.31 -75.45 -67.16
C ASN S 176 0.86 -76.00 -65.84
N PHE S 177 1.11 -75.11 -64.87
CA PHE S 177 1.54 -75.47 -63.48
C PHE S 177 1.32 -74.28 -62.54
N THR S 178 1.38 -74.57 -61.23
CA THR S 178 1.24 -73.59 -60.12
C THR S 178 2.48 -73.67 -59.23
N LEU S 179 3.09 -72.52 -58.91
CA LEU S 179 4.27 -72.40 -58.01
C LEU S 179 3.81 -71.95 -56.62
N THR S 180 3.92 -72.82 -55.62
CA THR S 180 3.70 -72.51 -54.18
C THR S 180 4.96 -71.79 -53.66
N THR S 181 4.90 -70.47 -53.53
CA THR S 181 6.08 -69.57 -53.39
C THR S 181 6.65 -69.63 -51.96
N GLY S 182 5.79 -69.76 -50.95
CA GLY S 182 6.16 -69.61 -49.53
C GLY S 182 6.30 -68.14 -49.15
N GLN S 183 5.73 -67.25 -49.96
CA GLN S 183 5.66 -65.77 -49.71
C GLN S 183 4.24 -65.47 -49.21
N GLU S 184 4.03 -65.64 -47.90
CA GLU S 184 2.70 -65.81 -47.25
C GLU S 184 1.88 -64.52 -47.32
N ARG S 185 2.52 -63.35 -47.46
CA ARG S 185 1.82 -62.05 -47.62
C ARG S 185 1.47 -61.83 -49.11
N GLY S 186 1.56 -62.88 -49.93
CA GLY S 186 1.15 -62.89 -51.34
C GLY S 186 2.29 -62.50 -52.26
N VAL S 187 2.03 -62.53 -53.57
CA VAL S 187 3.00 -62.17 -54.66
C VAL S 187 2.50 -60.88 -55.33
N ASN S 188 3.34 -59.85 -55.38
CA ASN S 188 3.02 -58.51 -55.93
C ASN S 188 3.46 -58.42 -57.40
N TYR S 189 4.44 -59.23 -57.81
CA TYR S 189 5.16 -59.09 -59.10
C TYR S 189 5.77 -60.44 -59.52
N VAL S 190 5.65 -60.78 -60.80
CA VAL S 190 6.38 -61.90 -61.47
C VAL S 190 7.09 -61.34 -62.71
N ASP S 191 8.35 -61.71 -62.91
CA ASP S 191 9.17 -61.32 -64.09
C ASP S 191 9.97 -62.54 -64.56
N TYR S 192 10.19 -62.64 -65.88
CA TYR S 192 10.95 -63.75 -66.54
C TYR S 192 12.39 -63.30 -66.81
N TYR S 193 13.34 -64.22 -66.63
CA TYR S 193 14.74 -64.09 -67.12
C TYR S 193 14.71 -64.13 -68.65
N PRO S 194 15.20 -63.06 -69.34
CA PRO S 194 14.95 -62.91 -70.78
C PRO S 194 15.78 -63.81 -71.70
N LEU S 195 16.98 -64.21 -71.26
CA LEU S 195 17.95 -65.01 -72.10
C LEU S 195 17.66 -66.50 -71.94
N PRO S 196 17.93 -67.34 -72.96
CA PRO S 196 17.60 -68.77 -72.91
C PRO S 196 18.46 -69.65 -71.99
N ASP S 197 19.54 -69.13 -71.42
CA ASP S 197 20.57 -69.92 -70.69
C ASP S 197 20.00 -70.49 -69.39
N LYS S 198 18.97 -69.85 -68.80
CA LYS S 198 18.29 -70.33 -67.57
C LYS S 198 16.79 -70.10 -67.68
N PRO S 199 15.94 -71.12 -67.40
CA PRO S 199 14.48 -70.96 -67.41
C PRO S 199 14.00 -70.40 -66.07
N TYR S 200 14.27 -69.13 -65.81
CA TYR S 200 14.18 -68.49 -64.47
C TYR S 200 13.05 -67.45 -64.43
N MET S 201 12.32 -67.43 -63.32
CA MET S 201 11.30 -66.41 -62.96
C MET S 201 11.67 -65.80 -61.60
N ILE S 202 11.18 -64.60 -61.30
CA ILE S 202 11.45 -63.87 -60.02
C ILE S 202 10.14 -63.30 -59.49
N THR S 203 9.92 -63.40 -58.17
CA THR S 203 8.69 -62.93 -57.47
C THR S 203 9.05 -61.91 -56.39
N ALA S 204 8.25 -60.84 -56.27
CA ALA S 204 8.33 -59.79 -55.24
C ALA S 204 7.08 -59.87 -54.35
N SER S 205 7.26 -59.74 -53.03
CA SER S 205 6.19 -59.96 -52.00
C SER S 205 6.26 -58.92 -50.89
N ASP S 206 5.13 -58.72 -50.19
CA ASP S 206 5.01 -57.87 -48.99
C ASP S 206 5.82 -58.46 -47.83
N ASP S 207 6.12 -59.76 -47.86
CA ASP S 207 6.85 -60.47 -46.76
C ASP S 207 8.35 -60.16 -46.84
N LEU S 208 8.75 -59.14 -47.62
CA LEU S 208 10.11 -58.52 -47.69
C LEU S 208 11.02 -59.29 -48.67
N THR S 209 10.62 -60.48 -49.13
CA THR S 209 11.51 -61.43 -49.84
C THR S 209 11.32 -61.31 -51.36
N ILE S 210 12.42 -61.47 -52.09
CA ILE S 210 12.48 -61.70 -53.56
C ILE S 210 12.96 -63.15 -53.75
N LYS S 211 12.30 -63.93 -54.61
CA LYS S 211 12.60 -65.37 -54.80
C LYS S 211 12.79 -65.68 -56.29
N ILE S 212 13.90 -66.35 -56.62
CA ILE S 212 14.28 -66.79 -57.99
C ILE S 212 13.76 -68.22 -58.18
N TRP S 213 13.10 -68.49 -59.31
CA TRP S 213 12.40 -69.76 -59.61
C TRP S 213 12.96 -70.38 -60.90
N ASP S 214 13.11 -71.71 -60.90
CA ASP S 214 13.40 -72.54 -62.09
C ASP S 214 12.09 -73.21 -62.51
N TYR S 215 11.51 -72.78 -63.64
CA TYR S 215 10.14 -73.19 -64.08
C TYR S 215 10.19 -74.50 -64.88
N GLN S 216 11.35 -75.17 -64.91
CA GLN S 216 11.50 -76.56 -65.43
C GLN S 216 11.52 -77.55 -64.24
N THR S 217 12.15 -77.17 -63.13
CA THR S 217 12.32 -78.02 -61.91
C THR S 217 11.21 -77.73 -60.89
N LYS S 218 10.61 -76.53 -60.94
CA LYS S 218 9.51 -76.08 -60.04
C LYS S 218 10.00 -76.02 -58.59
N SER S 219 11.18 -75.42 -58.36
CA SER S 219 11.82 -75.27 -57.02
C SER S 219 12.53 -73.92 -56.94
N CYS S 220 12.77 -73.43 -55.71
CA CYS S 220 13.39 -72.11 -55.41
C CYS S 220 14.92 -72.22 -55.57
N VAL S 221 15.51 -71.25 -56.27
CA VAL S 221 16.96 -71.22 -56.64
C VAL S 221 17.70 -70.26 -55.69
N ALA S 222 17.10 -69.11 -55.37
CA ALA S 222 17.66 -68.10 -54.44
C ALA S 222 16.52 -67.29 -53.80
N THR S 223 16.70 -66.92 -52.52
CA THR S 223 15.83 -65.98 -51.77
C THR S 223 16.67 -64.74 -51.41
N LEU S 224 16.29 -63.58 -51.95
CA LEU S 224 17.00 -62.28 -51.76
C LEU S 224 16.31 -61.48 -50.65
N GLU S 225 17.01 -61.28 -49.53
CA GLU S 225 16.52 -60.50 -48.36
C GLU S 225 17.34 -59.20 -48.26
N GLY S 226 16.78 -58.08 -48.72
CA GLY S 226 17.46 -56.77 -48.75
C GLY S 226 16.53 -55.57 -48.69
N HIS S 227 15.28 -55.76 -48.25
CA HIS S 227 14.29 -54.66 -48.01
C HIS S 227 13.72 -54.80 -46.60
N MET S 228 13.47 -53.66 -45.94
CA MET S 228 12.88 -53.58 -44.58
C MET S 228 11.38 -53.30 -44.67
N SER S 229 10.83 -53.23 -45.89
CA SER S 229 9.38 -53.03 -46.14
C SER S 229 8.96 -53.77 -47.42
N ASN S 230 7.65 -53.77 -47.71
CA ASN S 230 7.01 -54.48 -48.85
C ASN S 230 7.86 -54.31 -50.12
N VAL S 231 8.11 -55.40 -50.84
CA VAL S 231 8.85 -55.41 -52.14
C VAL S 231 7.80 -55.37 -53.26
N SER S 232 7.63 -54.20 -53.88
CA SER S 232 6.62 -53.92 -54.95
C SER S 232 6.92 -54.75 -56.20
N PHE S 233 8.20 -54.83 -56.60
CA PHE S 233 8.64 -55.48 -57.86
C PHE S 233 10.07 -56.00 -57.74
N ALA S 234 10.40 -56.98 -58.58
CA ALA S 234 11.78 -57.42 -58.90
C ALA S 234 11.81 -57.82 -60.38
N VAL S 235 12.69 -57.21 -61.17
CA VAL S 235 12.86 -57.49 -62.63
C VAL S 235 14.34 -57.76 -62.93
N PHE S 236 14.60 -58.73 -63.81
CA PHE S 236 15.88 -58.94 -64.52
C PHE S 236 16.01 -57.85 -65.59
N HIS S 237 17.15 -57.16 -65.62
CA HIS S 237 17.50 -56.21 -66.72
C HIS S 237 17.64 -57.00 -68.01
N PRO S 238 17.16 -56.50 -69.17
CA PRO S 238 17.36 -57.18 -70.44
C PRO S 238 18.85 -57.30 -70.81
N THR S 239 19.55 -56.17 -70.91
CA THR S 239 20.94 -56.07 -71.44
C THR S 239 21.95 -55.67 -70.35
N LEU S 240 21.74 -56.12 -69.11
CA LEU S 240 22.73 -56.06 -68.01
C LEU S 240 22.54 -57.26 -67.07
N PRO S 241 23.63 -57.86 -66.55
CA PRO S 241 23.52 -59.06 -65.71
C PRO S 241 23.13 -58.70 -64.27
N ILE S 242 21.98 -58.03 -64.09
CA ILE S 242 21.54 -57.45 -62.80
C ILE S 242 20.03 -57.70 -62.60
N ILE S 243 19.61 -57.73 -61.34
CA ILE S 243 18.17 -57.70 -60.91
C ILE S 243 17.93 -56.33 -60.26
N ILE S 244 16.89 -55.62 -60.70
CA ILE S 244 16.45 -54.31 -60.12
C ILE S 244 15.18 -54.55 -59.31
N SER S 245 15.23 -54.28 -58.00
CA SER S 245 14.10 -54.44 -57.05
C SER S 245 13.68 -53.06 -56.52
N GLY S 246 12.40 -52.92 -56.17
CA GLY S 246 11.83 -51.71 -55.55
C GLY S 246 10.97 -52.07 -54.36
N SER S 247 10.79 -51.12 -53.43
CA SER S 247 10.14 -51.37 -52.12
C SER S 247 9.47 -50.09 -51.60
N GLU S 248 8.55 -50.24 -50.66
CA GLU S 248 7.90 -49.14 -49.91
C GLU S 248 8.92 -48.51 -48.97
N ASP S 249 10.03 -49.21 -48.67
CA ASP S 249 11.17 -48.68 -47.88
C ASP S 249 11.76 -47.46 -48.61
N GLY S 250 11.48 -47.34 -49.91
CA GLY S 250 11.77 -46.14 -50.72
C GLY S 250 13.05 -46.30 -51.54
N THR S 251 13.66 -47.49 -51.53
CA THR S 251 14.95 -47.78 -52.22
C THR S 251 14.69 -48.55 -53.51
N LEU S 252 15.60 -48.40 -54.48
CA LEU S 252 15.84 -49.37 -55.58
C LEU S 252 17.16 -50.09 -55.26
N LYS S 253 17.17 -51.43 -55.30
CA LYS S 253 18.37 -52.25 -55.06
C LYS S 253 18.74 -52.98 -56.35
N ILE S 254 20.01 -52.86 -56.77
CA ILE S 254 20.58 -53.56 -57.96
C ILE S 254 21.41 -54.74 -57.45
N TRP S 255 20.96 -55.98 -57.72
CA TRP S 255 21.63 -57.24 -57.33
C TRP S 255 22.37 -57.81 -58.56
N ASN S 256 23.32 -58.71 -58.32
CA ASN S 256 24.04 -59.47 -59.37
C ASN S 256 23.18 -60.67 -59.79
N SER S 257 22.78 -60.74 -61.06
CA SER S 257 21.84 -61.76 -61.62
C SER S 257 22.43 -63.17 -61.50
N SER S 258 23.75 -63.29 -61.33
CA SER S 258 24.49 -64.58 -61.25
C SER S 258 24.71 -64.98 -59.77
N THR S 259 25.29 -64.08 -58.97
CA THR S 259 25.76 -64.36 -57.58
C THR S 259 24.73 -63.93 -56.53
N TYR S 260 23.87 -62.94 -56.86
CA TYR S 260 22.79 -62.38 -55.99
C TYR S 260 23.41 -61.56 -54.86
N LYS S 261 24.59 -60.96 -55.10
CA LYS S 261 25.22 -59.96 -54.21
C LYS S 261 24.71 -58.58 -54.61
N VAL S 262 24.34 -57.75 -53.62
CA VAL S 262 23.87 -56.35 -53.84
C VAL S 262 25.03 -55.52 -54.42
N GLU S 263 24.79 -54.81 -55.52
CA GLU S 263 25.79 -54.02 -56.27
C GLU S 263 25.67 -52.54 -55.91
N LYS S 264 24.43 -52.03 -55.79
CA LYS S 264 24.17 -50.61 -55.41
C LYS S 264 22.75 -50.47 -54.87
N THR S 265 22.61 -49.84 -53.70
CA THR S 265 21.34 -49.41 -53.07
C THR S 265 21.10 -47.94 -53.43
N LEU S 266 19.92 -47.62 -53.98
CA LEU S 266 19.56 -46.26 -54.45
C LEU S 266 18.46 -45.68 -53.55
N ASN S 267 18.80 -44.63 -52.80
CA ASN S 267 17.85 -43.86 -51.94
C ASN S 267 17.37 -42.65 -52.77
N VAL S 268 16.42 -42.89 -53.68
CA VAL S 268 16.10 -41.96 -54.82
C VAL S 268 15.42 -40.70 -54.25
N GLY S 269 14.81 -40.80 -53.07
CA GLY S 269 14.23 -39.67 -52.32
C GLY S 269 12.86 -39.27 -52.83
N LEU S 270 12.01 -40.26 -53.16
CA LEU S 270 10.61 -40.04 -53.62
C LEU S 270 9.65 -40.93 -52.81
N GLU S 271 10.09 -41.40 -51.64
CA GLU S 271 9.34 -42.30 -50.72
C GLU S 271 9.00 -43.61 -51.45
N ARG S 272 7.86 -44.24 -51.15
CA ARG S 272 7.57 -45.66 -51.51
C ARG S 272 7.67 -45.85 -53.03
N SER S 273 8.26 -46.98 -53.46
CA SER S 273 8.34 -47.45 -54.87
C SER S 273 7.15 -48.37 -55.15
N TRP S 274 6.64 -48.37 -56.40
CA TRP S 274 5.38 -49.07 -56.77
C TRP S 274 5.53 -49.88 -58.05
N CYS S 275 6.37 -49.43 -59.00
CA CYS S 275 6.42 -49.95 -60.39
C CYS S 275 7.77 -49.67 -61.04
N ILE S 276 8.11 -50.45 -62.07
CA ILE S 276 9.44 -50.44 -62.75
C ILE S 276 9.24 -50.73 -64.24
N ALA S 277 10.12 -50.16 -65.07
CA ALA S 277 10.24 -50.42 -66.52
C ALA S 277 11.71 -50.36 -66.94
N THR S 278 12.06 -51.12 -67.97
CA THR S 278 13.39 -51.16 -68.62
C THR S 278 13.21 -50.97 -70.13
N HIS S 279 14.07 -50.17 -70.77
CA HIS S 279 14.01 -49.87 -72.22
C HIS S 279 13.97 -51.19 -72.98
N PRO S 280 12.95 -51.43 -73.84
CA PRO S 280 12.79 -52.73 -74.51
C PRO S 280 13.98 -53.15 -75.38
N THR S 281 14.76 -52.20 -75.90
CA THR S 281 16.02 -52.45 -76.66
C THR S 281 17.20 -52.54 -75.70
N GLY S 282 17.17 -51.78 -74.60
CA GLY S 282 18.27 -51.60 -73.64
C GLY S 282 19.10 -50.37 -73.95
N ARG S 283 18.45 -49.33 -74.51
CA ARG S 283 19.09 -48.04 -74.89
C ARG S 283 19.63 -47.36 -73.63
N LYS S 284 20.94 -47.10 -73.59
CA LYS S 284 21.67 -46.46 -72.46
C LYS S 284 21.36 -47.24 -71.16
N ASN S 285 20.96 -48.51 -71.30
CA ASN S 285 20.46 -49.38 -70.21
C ASN S 285 19.44 -48.60 -69.36
N TYR S 286 18.55 -47.84 -70.02
CA TYR S 286 17.53 -46.97 -69.37
C TYR S 286 16.64 -47.83 -68.45
N ILE S 287 16.51 -47.41 -67.19
CA ILE S 287 15.50 -47.91 -66.22
C ILE S 287 14.70 -46.71 -65.72
N ALA S 288 13.43 -46.93 -65.33
CA ALA S 288 12.53 -45.91 -64.74
C ALA S 288 11.65 -46.59 -63.68
N SER S 289 11.49 -45.94 -62.53
CA SER S 289 10.65 -46.41 -61.40
C SER S 289 9.67 -45.32 -60.98
N GLY S 290 8.41 -45.69 -60.74
CA GLY S 290 7.35 -44.81 -60.23
C GLY S 290 7.25 -44.88 -58.72
N PHE S 291 7.00 -43.74 -58.07
CA PHE S 291 7.04 -43.58 -56.59
C PHE S 291 5.86 -42.73 -56.09
N ASP S 292 5.70 -42.68 -54.76
CA ASP S 292 4.76 -41.79 -54.04
C ASP S 292 4.82 -40.36 -54.59
N ASN S 293 6.03 -39.82 -54.77
CA ASN S 293 6.26 -38.37 -55.02
C ASN S 293 6.87 -38.16 -56.41
N GLY S 294 6.66 -39.10 -57.34
CA GLY S 294 7.01 -38.93 -58.77
C GLY S 294 7.71 -40.14 -59.36
N PHE S 295 8.58 -39.91 -60.35
CA PHE S 295 9.38 -40.94 -61.06
C PHE S 295 10.79 -40.40 -61.34
N THR S 296 11.77 -41.31 -61.38
CA THR S 296 13.16 -41.04 -61.84
C THR S 296 13.43 -41.89 -63.09
N VAL S 297 14.34 -41.41 -63.95
CA VAL S 297 14.88 -42.16 -65.12
C VAL S 297 16.41 -42.18 -64.97
N LEU S 298 17.00 -43.39 -64.96
CA LEU S 298 18.46 -43.61 -64.78
C LEU S 298 19.06 -44.25 -66.04
N SER S 299 20.32 -43.94 -66.34
CA SER S 299 21.19 -44.64 -67.32
C SER S 299 22.33 -45.32 -66.56
N LEU S 300 22.52 -46.63 -66.76
CA LEU S 300 23.52 -47.47 -66.05
C LEU S 300 24.77 -47.61 -66.92
N MET T 1 -91.80 16.20 37.24
CA MET T 1 -92.09 15.00 36.38
C MET T 1 -91.64 13.73 37.11
N LYS T 2 -92.20 12.58 36.72
CA LYS T 2 -91.79 11.23 37.23
C LYS T 2 -90.94 10.53 36.16
N LEU T 3 -89.64 10.37 36.44
CA LEU T 3 -88.72 9.49 35.67
C LEU T 3 -88.78 8.10 36.31
N ASP T 4 -89.35 7.12 35.61
CA ASP T 4 -89.35 5.68 36.04
C ASP T 4 -88.10 5.02 35.43
N ILE T 5 -86.92 5.41 35.92
CA ILE T 5 -85.59 4.94 35.41
C ILE T 5 -85.32 3.53 35.94
N LYS T 6 -85.14 2.57 35.04
CA LYS T 6 -84.67 1.18 35.36
C LYS T 6 -83.38 0.91 34.56
N LYS T 7 -82.41 0.23 35.18
CA LYS T 7 -81.17 -0.27 34.52
C LYS T 7 -81.51 -1.55 33.77
N THR T 8 -81.76 -1.44 32.46
CA THR T 8 -82.15 -2.57 31.57
C THR T 8 -81.01 -3.57 31.48
N PHE T 9 -79.82 -3.12 31.05
CA PHE T 9 -78.61 -3.94 30.83
C PHE T 9 -77.36 -3.08 31.02
N SER T 10 -76.42 -3.56 31.85
CA SER T 10 -75.05 -3.01 32.02
C SER T 10 -74.04 -4.04 31.49
N ASN T 11 -72.88 -3.56 31.00
CA ASN T 11 -71.81 -4.39 30.41
C ASN T 11 -70.45 -3.76 30.74
N ARG T 12 -69.51 -4.56 31.23
CA ARG T 12 -68.10 -4.16 31.47
C ARG T 12 -67.28 -4.44 30.21
N SER T 13 -66.43 -3.49 29.81
CA SER T 13 -65.54 -3.59 28.63
C SER T 13 -64.45 -2.50 28.69
N ASP T 14 -63.59 -2.46 27.68
CA ASP T 14 -62.68 -1.32 27.36
C ASP T 14 -63.52 -0.05 27.19
N ARG T 15 -62.86 1.11 27.12
CA ARG T 15 -63.49 2.46 27.05
C ARG T 15 -64.39 2.56 25.81
N VAL T 16 -65.66 2.90 26.02
CA VAL T 16 -66.68 3.09 24.96
C VAL T 16 -66.69 4.57 24.57
N LYS T 17 -66.34 4.88 23.30
CA LYS T 17 -66.26 6.26 22.76
C LYS T 17 -67.42 6.55 21.80
N GLY T 18 -68.04 5.50 21.24
CA GLY T 18 -69.20 5.58 20.34
C GLY T 18 -70.32 4.66 20.79
N ILE T 19 -71.57 5.08 20.60
CA ILE T 19 -72.79 4.29 20.99
C ILE T 19 -73.98 4.75 20.14
N ASP T 20 -74.79 3.78 19.68
CA ASP T 20 -75.96 3.99 18.79
C ASP T 20 -76.95 2.84 19.00
N PHE T 21 -78.26 3.15 18.96
CA PHE T 21 -79.36 2.16 19.03
C PHE T 21 -79.78 1.75 17.62
N HIS T 22 -79.99 0.45 17.39
CA HIS T 22 -80.70 -0.09 16.20
C HIS T 22 -82.18 0.27 16.34
N PRO T 23 -82.82 0.88 15.31
CA PRO T 23 -84.18 1.39 15.46
C PRO T 23 -85.31 0.35 15.53
N THR T 24 -85.09 -0.88 15.08
CA THR T 24 -86.13 -1.94 14.97
C THR T 24 -85.71 -3.25 15.65
N GLU T 25 -84.47 -3.35 16.15
CA GLU T 25 -83.96 -4.54 16.89
C GLU T 25 -83.49 -4.08 18.27
N PRO T 26 -83.56 -4.95 19.31
CA PRO T 26 -83.17 -4.56 20.66
C PRO T 26 -81.64 -4.54 20.83
N TRP T 27 -80.94 -3.85 19.92
CA TRP T 27 -79.46 -3.88 19.78
C TRP T 27 -78.87 -2.51 20.11
N VAL T 28 -77.66 -2.50 20.70
CA VAL T 28 -76.81 -1.29 20.86
C VAL T 28 -75.44 -1.58 20.23
N LEU T 29 -74.86 -0.59 19.55
CA LEU T 29 -73.50 -0.64 18.96
C LEU T 29 -72.56 0.16 19.86
N THR T 30 -71.50 -0.48 20.37
CA THR T 30 -70.44 0.20 21.17
C THR T 30 -69.12 0.14 20.40
N THR T 31 -68.42 1.27 20.37
CA THR T 31 -67.25 1.57 19.51
C THR T 31 -66.08 1.86 20.45
N LEU T 32 -65.19 0.87 20.66
CA LEU T 32 -64.24 0.82 21.82
C LEU T 32 -62.89 1.47 21.49
N TYR T 33 -62.17 1.87 22.54
CA TYR T 33 -60.83 2.50 22.50
C TYR T 33 -59.76 1.46 22.12
N SER T 34 -60.06 0.18 22.35
CA SER T 34 -59.20 -0.99 22.07
C SER T 34 -59.17 -1.31 20.56
N GLY T 35 -59.91 -0.58 19.73
CA GLY T 35 -60.03 -0.83 18.29
C GLY T 35 -61.08 -1.90 17.99
N ARG T 36 -61.81 -2.34 19.03
CA ARG T 36 -62.93 -3.31 18.93
C ARG T 36 -64.23 -2.53 18.75
N VAL T 37 -65.22 -3.14 18.10
CA VAL T 37 -66.65 -2.67 18.13
C VAL T 37 -67.51 -3.87 18.53
N GLU T 38 -68.56 -3.64 19.30
CA GLU T 38 -69.43 -4.70 19.87
C GLU T 38 -70.89 -4.38 19.56
N LEU T 39 -71.66 -5.41 19.22
CA LEU T 39 -73.12 -5.33 18.96
C LEU T 39 -73.82 -6.19 20.01
N TRP T 40 -74.52 -5.55 20.96
CA TRP T 40 -75.15 -6.19 22.14
C TRP T 40 -76.68 -6.11 22.03
N ASN T 41 -77.37 -7.23 22.28
CA ASN T 41 -78.84 -7.30 22.46
C ASN T 41 -79.14 -7.02 23.94
N TYR T 42 -79.64 -5.81 24.24
CA TYR T 42 -79.75 -5.26 25.62
C TYR T 42 -81.02 -5.77 26.32
N GLU T 43 -81.92 -6.43 25.60
CA GLU T 43 -83.16 -7.04 26.17
C GLU T 43 -82.87 -8.49 26.59
N THR T 44 -82.06 -9.21 25.80
CA THR T 44 -81.66 -10.63 26.05
C THR T 44 -80.35 -10.68 26.85
N GLN T 45 -79.54 -9.62 26.76
CA GLN T 45 -78.18 -9.50 27.38
C GLN T 45 -77.18 -10.39 26.63
N VAL T 46 -77.50 -10.80 25.40
CA VAL T 46 -76.63 -11.69 24.55
C VAL T 46 -75.88 -10.82 23.55
N GLU T 47 -74.57 -11.07 23.38
CA GLU T 47 -73.72 -10.39 22.35
C GLU T 47 -74.11 -10.93 20.98
N VAL T 48 -74.54 -10.06 20.07
CA VAL T 48 -74.87 -10.40 18.66
C VAL T 48 -73.56 -10.73 17.94
N ARG T 49 -72.63 -9.76 17.90
CA ARG T 49 -71.34 -9.87 17.16
C ARG T 49 -70.33 -8.86 17.73
N SER T 50 -69.04 -9.25 17.72
CA SER T 50 -67.87 -8.36 17.97
C SER T 50 -66.88 -8.50 16.81
N ILE T 51 -66.17 -7.42 16.48
CA ILE T 51 -65.13 -7.38 15.42
C ILE T 51 -63.95 -6.54 15.92
N GLN T 52 -62.73 -7.08 15.83
CA GLN T 52 -61.47 -6.30 15.96
C GLN T 52 -61.24 -5.60 14.60
N VAL T 53 -61.56 -4.31 14.54
CA VAL T 53 -61.59 -3.49 13.30
C VAL T 53 -60.20 -2.92 13.03
N THR T 54 -59.47 -2.57 14.09
CA THR T 54 -58.11 -1.97 14.04
C THR T 54 -57.46 -2.18 15.41
N GLU T 55 -56.38 -1.44 15.71
CA GLU T 55 -55.73 -1.43 17.05
C GLU T 55 -55.88 -0.04 17.69
N THR T 56 -56.08 1.00 16.87
CA THR T 56 -56.30 2.41 17.31
C THR T 56 -57.71 2.53 17.90
N PRO T 57 -58.02 3.65 18.60
CA PRO T 57 -59.40 3.93 19.00
C PRO T 57 -60.39 4.03 17.83
N VAL T 58 -61.59 3.48 18.02
CA VAL T 58 -62.79 3.73 17.17
C VAL T 58 -63.70 4.66 17.98
N ARG T 59 -63.80 5.93 17.57
CA ARG T 59 -64.47 7.00 18.34
C ARG T 59 -65.93 7.14 17.88
N ALA T 60 -66.18 6.99 16.58
CA ALA T 60 -67.51 7.20 15.95
C ALA T 60 -68.07 5.85 15.47
N GLY T 61 -69.38 5.64 15.66
CA GLY T 61 -70.10 4.40 15.28
C GLY T 61 -71.59 4.65 15.11
N LYS T 62 -72.13 4.35 13.93
CA LYS T 62 -73.57 4.50 13.60
C LYS T 62 -74.07 3.24 12.89
N PHE T 63 -75.25 2.76 13.29
CA PHE T 63 -76.09 1.83 12.49
C PHE T 63 -76.48 2.55 11.19
N ILE T 64 -76.58 1.79 10.11
CA ILE T 64 -77.34 2.16 8.88
C ILE T 64 -78.28 0.98 8.59
N ALA T 65 -79.38 0.91 9.35
CA ALA T 65 -80.34 -0.21 9.42
C ALA T 65 -80.92 -0.52 8.03
N ARG T 66 -81.16 0.52 7.22
CA ARG T 66 -81.80 0.41 5.88
C ARG T 66 -80.93 -0.45 4.94
N LYS T 67 -79.63 -0.54 5.21
CA LYS T 67 -78.65 -1.36 4.44
C LYS T 67 -78.09 -2.48 5.31
N ASN T 68 -78.67 -2.70 6.50
CA ASN T 68 -78.23 -3.70 7.51
C ASN T 68 -76.73 -3.52 7.80
N TRP T 69 -76.25 -2.27 7.87
CA TRP T 69 -74.82 -1.92 8.06
C TRP T 69 -74.59 -1.35 9.47
N ILE T 70 -73.34 -1.38 9.91
CA ILE T 70 -72.73 -0.43 10.88
C ILE T 70 -71.62 0.32 10.13
N ILE T 71 -71.48 1.62 10.38
CA ILE T 71 -70.35 2.46 9.89
C ILE T 71 -69.57 2.95 11.12
N VAL T 72 -68.24 2.85 11.08
CA VAL T 72 -67.35 3.15 12.23
C VAL T 72 -66.11 3.91 11.74
N GLY T 73 -65.66 4.90 12.53
CA GLY T 73 -64.53 5.80 12.22
C GLY T 73 -63.46 5.70 13.29
N SER T 74 -62.19 5.66 12.89
CA SER T 74 -61.03 5.27 13.74
C SER T 74 -59.89 6.28 13.62
N ASP T 75 -58.94 6.25 14.57
CA ASP T 75 -57.78 7.17 14.66
C ASP T 75 -56.79 6.88 13.53
N ASP T 76 -56.82 5.65 13.00
CA ASP T 76 -55.98 5.18 11.86
C ASP T 76 -56.41 5.85 10.55
N PHE T 77 -57.38 6.78 10.58
CA PHE T 77 -57.80 7.70 9.49
C PHE T 77 -59.02 7.17 8.74
N ARG T 78 -59.41 5.91 8.97
CA ARG T 78 -60.26 5.13 8.03
C ARG T 78 -61.72 5.09 8.49
N ILE T 79 -62.63 4.98 7.54
CA ILE T 79 -64.07 4.64 7.76
C ILE T 79 -64.27 3.20 7.24
N ARG T 80 -64.98 2.37 8.02
CA ARG T 80 -65.19 0.94 7.73
C ARG T 80 -66.67 0.59 7.93
N VAL T 81 -67.25 -0.11 6.96
CA VAL T 81 -68.69 -0.49 6.95
C VAL T 81 -68.77 -2.02 6.97
N PHE T 82 -69.58 -2.57 7.89
CA PHE T 82 -69.78 -4.02 8.11
C PHE T 82 -71.27 -4.35 8.02
N ASN T 83 -71.63 -5.39 7.27
CA ASN T 83 -72.97 -6.02 7.29
C ASN T 83 -73.08 -6.80 8.61
N TYR T 84 -73.95 -6.36 9.52
CA TYR T 84 -74.04 -6.89 10.91
C TYR T 84 -74.65 -8.31 10.91
N ASN T 85 -75.39 -8.68 9.85
CA ASN T 85 -76.05 -10.00 9.71
C ASN T 85 -75.02 -11.07 9.36
N THR T 86 -74.03 -10.73 8.52
CA THR T 86 -73.01 -11.67 7.96
C THR T 86 -71.65 -11.46 8.65
N GLY T 87 -71.24 -10.20 8.83
CA GLY T 87 -69.90 -9.80 9.32
C GLY T 87 -69.01 -9.35 8.17
N GLU T 88 -69.51 -9.42 6.93
CA GLU T 88 -68.82 -9.00 5.70
C GLU T 88 -68.49 -7.50 5.76
N LYS T 89 -67.23 -7.13 5.54
CA LYS T 89 -66.80 -5.72 5.41
C LYS T 89 -67.19 -5.22 4.02
N VAL T 90 -67.98 -4.16 3.95
CA VAL T 90 -68.55 -3.59 2.69
C VAL T 90 -67.49 -2.69 2.03
N VAL T 91 -66.98 -1.71 2.79
CA VAL T 91 -65.94 -0.74 2.32
C VAL T 91 -64.97 -0.46 3.47
N ASP T 92 -63.79 0.04 3.12
CA ASP T 92 -62.68 0.39 4.06
C ASP T 92 -61.75 1.36 3.35
N PHE T 93 -61.88 2.66 3.64
CA PHE T 93 -61.19 3.76 2.91
C PHE T 93 -60.66 4.82 3.88
N GLU T 94 -59.52 5.43 3.52
CA GLU T 94 -58.94 6.61 4.21
C GLU T 94 -59.84 7.81 3.93
N ALA T 95 -60.50 8.32 4.98
CA ALA T 95 -61.52 9.40 4.90
C ALA T 95 -60.89 10.75 5.27
N HIS T 96 -59.90 10.76 6.18
CA HIS T 96 -59.17 11.96 6.63
C HIS T 96 -57.71 11.59 6.90
N PRO T 97 -56.76 12.56 6.87
CA PRO T 97 -55.37 12.31 7.24
C PRO T 97 -55.12 12.39 8.76
N ASP T 98 -56.19 12.33 9.56
CA ASP T 98 -56.16 12.55 11.04
C ASP T 98 -57.29 11.73 11.68
N TYR T 99 -57.46 11.84 13.00
CA TYR T 99 -58.50 11.16 13.81
C TYR T 99 -59.91 11.51 13.31
N ILE T 100 -60.80 10.52 13.25
CA ILE T 100 -62.26 10.69 12.98
C ILE T 100 -63.03 10.73 14.31
N ARG T 101 -63.55 11.90 14.68
CA ARG T 101 -64.25 12.12 15.98
C ARG T 101 -65.70 11.64 15.90
N SER T 102 -66.46 12.10 14.90
CA SER T 102 -67.94 11.89 14.82
C SER T 102 -68.36 11.49 13.39
N ILE T 103 -69.33 10.58 13.29
CA ILE T 103 -70.06 10.21 12.04
C ILE T 103 -71.55 10.50 12.25
N ALA T 104 -72.21 11.08 11.24
CA ALA T 104 -73.68 11.27 11.19
C ALA T 104 -74.23 10.73 9.86
N VAL T 105 -75.33 10.00 9.93
CA VAL T 105 -75.99 9.33 8.76
C VAL T 105 -77.24 10.15 8.39
N HIS T 106 -77.30 10.62 7.14
CA HIS T 106 -78.50 11.30 6.55
C HIS T 106 -79.70 10.37 6.69
N PRO T 107 -80.88 10.87 7.12
CA PRO T 107 -82.03 10.00 7.37
C PRO T 107 -82.68 9.40 6.12
N THR T 108 -82.75 10.16 5.02
CA THR T 108 -83.47 9.78 3.77
C THR T 108 -82.47 9.41 2.66
N LYS T 109 -81.48 10.28 2.41
CA LYS T 109 -80.49 10.15 1.31
C LYS T 109 -79.36 9.20 1.72
N PRO T 110 -78.62 8.61 0.75
CA PRO T 110 -77.52 7.70 1.08
C PRO T 110 -76.20 8.43 1.37
N TYR T 111 -76.24 9.43 2.25
CA TYR T 111 -75.07 10.27 2.63
C TYR T 111 -74.65 9.96 4.07
N VAL T 112 -73.34 10.01 4.31
CA VAL T 112 -72.75 10.02 5.69
C VAL T 112 -71.74 11.17 5.75
N LEU T 113 -71.77 11.93 6.86
CA LEU T 113 -70.76 12.95 7.20
C LEU T 113 -69.75 12.32 8.16
N SER T 114 -68.49 12.75 8.08
CA SER T 114 -67.42 12.42 9.04
C SER T 114 -66.75 13.72 9.51
N GLY T 115 -66.66 13.91 10.83
CA GLY T 115 -65.93 15.01 11.47
C GLY T 115 -64.56 14.53 11.92
N SER T 116 -63.53 15.37 11.77
CA SER T 116 -62.11 14.99 11.92
C SER T 116 -61.27 16.10 12.55
N ASP T 117 -60.12 15.71 13.08
CA ASP T 117 -59.04 16.61 13.57
C ASP T 117 -58.40 17.35 12.37
N ASP T 118 -58.62 16.86 11.14
CA ASP T 118 -58.09 17.49 9.89
C ASP T 118 -58.79 18.85 9.64
N LEU T 119 -59.69 19.27 10.55
CA LEU T 119 -60.31 20.62 10.62
C LEU T 119 -61.53 20.68 9.67
N THR T 120 -61.99 19.54 9.15
CA THR T 120 -63.00 19.46 8.07
C THR T 120 -64.13 18.49 8.45
N VAL T 121 -65.29 18.65 7.80
CA VAL T 121 -66.34 17.60 7.64
C VAL T 121 -66.33 17.20 6.17
N LYS T 122 -66.43 15.89 5.88
CA LYS T 122 -66.47 15.35 4.50
C LYS T 122 -67.77 14.57 4.32
N LEU T 123 -68.33 14.65 3.10
CA LEU T 123 -69.62 14.02 2.70
C LEU T 123 -69.31 12.85 1.78
N TRP T 124 -69.78 11.64 2.14
CA TRP T 124 -69.60 10.40 1.35
C TRP T 124 -70.97 9.87 0.90
N ASN T 125 -71.06 9.42 -0.35
CA ASN T 125 -72.29 8.94 -1.01
C ASN T 125 -72.12 7.45 -1.33
N TRP T 126 -72.86 6.58 -0.62
CA TRP T 126 -72.68 5.09 -0.71
C TRP T 126 -73.35 4.53 -1.98
N GLU T 127 -74.11 5.34 -2.71
CA GLU T 127 -74.70 4.97 -4.04
C GLU T 127 -73.79 5.48 -5.17
N ASN T 128 -72.65 6.09 -4.83
CA ASN T 128 -71.58 6.50 -5.78
C ASN T 128 -70.25 5.89 -5.30
N ASN T 129 -70.27 4.61 -4.91
CA ASN T 129 -69.11 3.83 -4.39
C ASN T 129 -68.34 4.67 -3.36
N TRP T 130 -69.05 5.32 -2.43
CA TRP T 130 -68.49 6.06 -1.27
C TRP T 130 -67.58 7.21 -1.73
N ALA T 131 -67.95 7.90 -2.81
CA ALA T 131 -67.19 9.03 -3.39
C ALA T 131 -67.28 10.24 -2.46
N LEU T 132 -66.19 10.99 -2.31
CA LEU T 132 -66.15 12.30 -1.60
C LEU T 132 -66.95 13.32 -2.43
N GLU T 133 -68.14 13.70 -1.94
CA GLU T 133 -69.07 14.63 -2.61
C GLU T 133 -68.73 16.09 -2.25
N GLN T 134 -68.25 16.34 -1.02
CA GLN T 134 -67.93 17.71 -0.55
C GLN T 134 -67.00 17.64 0.66
N THR T 135 -66.09 18.61 0.77
CA THR T 135 -65.22 18.88 1.95
C THR T 135 -65.55 20.29 2.48
N PHE T 136 -66.10 20.36 3.69
CA PHE T 136 -66.55 21.62 4.36
C PHE T 136 -65.37 22.20 5.16
N GLU T 137 -64.79 23.30 4.67
CA GLU T 137 -63.59 23.95 5.27
C GLU T 137 -64.01 25.30 5.88
N GLY T 138 -63.34 25.71 6.96
CA GLY T 138 -63.63 26.96 7.70
C GLY T 138 -63.28 26.87 9.17
N HIS T 139 -63.42 25.70 9.79
CA HIS T 139 -63.08 25.46 11.23
C HIS T 139 -61.57 25.60 11.43
N GLU T 140 -61.15 25.91 12.66
CA GLU T 140 -59.74 26.29 12.99
C GLU T 140 -59.14 25.29 13.98
N HIS T 141 -59.87 24.25 14.37
CA HIS T 141 -59.40 23.15 15.26
C HIS T 141 -60.22 21.89 14.98
N PHE T 142 -60.18 20.90 15.88
CA PHE T 142 -60.75 19.54 15.68
C PHE T 142 -62.29 19.63 15.61
N VAL T 143 -62.87 19.09 14.54
CA VAL T 143 -64.35 18.91 14.42
C VAL T 143 -64.74 17.73 15.31
N MET T 144 -65.30 18.01 16.48
CA MET T 144 -65.54 17.03 17.58
C MET T 144 -66.86 16.29 17.37
N CYS T 145 -67.83 16.92 16.70
CA CYS T 145 -69.23 16.44 16.61
C CYS T 145 -69.90 16.96 15.33
N VAL T 146 -70.57 16.07 14.60
CA VAL T 146 -71.38 16.41 13.38
C VAL T 146 -72.80 15.86 13.59
N ALA T 147 -73.82 16.70 13.34
CA ALA T 147 -75.25 16.33 13.48
C ALA T 147 -76.07 17.04 12.40
N PHE T 148 -76.90 16.28 11.69
CA PHE T 148 -77.95 16.78 10.77
C PHE T 148 -79.07 17.43 11.58
N ASN T 149 -79.59 18.57 11.12
CA ASN T 149 -80.87 19.13 11.62
C ASN T 149 -81.96 18.12 11.27
N PRO T 150 -82.62 17.48 12.27
CA PRO T 150 -83.62 16.46 12.00
C PRO T 150 -84.86 17.02 11.30
N LYS T 151 -85.08 18.35 11.41
CA LYS T 151 -86.17 19.09 10.73
C LYS T 151 -85.77 19.39 9.28
N ASP T 152 -84.46 19.57 9.01
CA ASP T 152 -83.92 19.89 7.67
C ASP T 152 -82.52 19.28 7.49
N PRO T 153 -82.41 17.97 7.21
CA PRO T 153 -81.10 17.33 7.01
C PRO T 153 -80.36 17.75 5.73
N SER T 154 -80.91 18.70 4.96
CA SER T 154 -80.18 19.47 3.93
C SER T 154 -79.14 20.36 4.61
N THR T 155 -79.26 20.54 5.93
CA THR T 155 -78.32 21.32 6.79
C THR T 155 -77.81 20.44 7.93
N PHE T 156 -76.60 20.71 8.41
CA PHE T 156 -75.97 20.07 9.60
C PHE T 156 -75.17 21.10 10.39
N ALA T 157 -75.05 20.88 11.70
CA ALA T 157 -74.20 21.64 12.64
C ALA T 157 -72.93 20.82 12.92
N SER T 158 -71.78 21.49 13.05
CA SER T 158 -70.49 20.89 13.46
C SER T 158 -69.98 21.59 14.72
N GLY T 159 -69.75 20.82 15.79
CA GLY T 159 -69.10 21.28 17.03
C GLY T 159 -67.60 21.11 16.94
N CYS T 160 -66.84 22.15 17.29
CA CYS T 160 -65.37 22.26 17.06
C CYS T 160 -64.66 22.79 18.31
N LEU T 161 -63.35 22.50 18.44
CA LEU T 161 -62.49 23.00 19.54
C LEU T 161 -62.03 24.43 19.24
N ASP T 162 -62.34 24.96 18.05
CA ASP T 162 -62.12 26.40 17.72
C ASP T 162 -63.15 27.25 18.48
N ARG T 163 -64.02 26.62 19.27
CA ARG T 163 -64.98 27.24 20.23
C ARG T 163 -66.17 27.84 19.47
N THR T 164 -66.34 27.52 18.19
CA THR T 164 -67.52 27.91 17.38
C THR T 164 -68.37 26.66 17.14
N VAL T 165 -69.64 26.88 16.79
CA VAL T 165 -70.46 25.92 15.99
C VAL T 165 -70.69 26.58 14.63
N LYS T 166 -70.60 25.79 13.56
CA LYS T 166 -70.93 26.23 12.18
C LYS T 166 -72.11 25.40 11.70
N VAL T 167 -73.06 26.04 11.01
CA VAL T 167 -74.20 25.35 10.34
C VAL T 167 -74.02 25.53 8.83
N TRP T 168 -74.07 24.43 8.08
CA TRP T 168 -73.75 24.35 6.64
C TRP T 168 -75.00 23.90 5.87
N SER T 169 -75.07 24.26 4.58
CA SER T 169 -75.99 23.70 3.59
C SER T 169 -75.21 22.76 2.67
N LEU T 170 -75.71 21.53 2.47
CA LEU T 170 -75.14 20.55 1.51
C LEU T 170 -75.14 21.20 0.12
N GLY T 171 -73.96 21.33 -0.49
CA GLY T 171 -73.76 21.94 -1.82
C GLY T 171 -73.27 23.37 -1.74
N GLN T 172 -73.10 23.92 -0.54
CA GLN T 172 -72.55 25.29 -0.31
C GLN T 172 -71.25 25.18 0.49
N SER T 173 -70.22 25.92 0.07
CA SER T 173 -68.83 25.85 0.59
C SER T 173 -68.66 26.75 1.83
N THR T 174 -69.42 27.85 1.91
CA THR T 174 -69.42 28.81 3.05
C THR T 174 -70.52 28.43 4.03
N PRO T 175 -70.23 28.39 5.36
CA PRO T 175 -71.28 28.18 6.36
C PRO T 175 -72.42 29.20 6.26
N ASN T 176 -73.65 28.76 6.53
CA ASN T 176 -74.84 29.63 6.69
C ASN T 176 -74.54 30.68 7.76
N PHE T 177 -73.98 30.26 8.90
CA PHE T 177 -73.54 31.15 10.00
C PHE T 177 -72.54 30.42 10.90
N THR T 178 -71.84 31.19 11.74
CA THR T 178 -70.93 30.69 12.81
C THR T 178 -71.46 31.19 14.16
N LEU T 179 -71.66 30.27 15.11
CA LEU T 179 -72.03 30.60 16.52
C LEU T 179 -70.75 30.64 17.36
N THR T 180 -70.36 31.84 17.80
CA THR T 180 -69.28 32.08 18.81
C THR T 180 -69.86 31.74 20.18
N THR T 181 -69.45 30.60 20.77
CA THR T 181 -70.12 29.95 21.92
C THR T 181 -69.71 30.59 23.25
N GLY T 182 -68.49 31.13 23.34
CA GLY T 182 -67.89 31.61 24.60
C GLY T 182 -67.39 30.46 25.46
N GLN T 183 -67.60 29.21 25.01
CA GLN T 183 -67.10 27.97 25.66
C GLN T 183 -65.63 27.79 25.23
N GLU T 184 -64.71 28.40 25.99
CA GLU T 184 -63.33 28.74 25.52
C GLU T 184 -62.43 27.51 25.50
N ARG T 185 -62.81 26.41 26.16
CA ARG T 185 -62.07 25.12 26.12
C ARG T 185 -62.57 24.24 24.96
N GLY T 186 -63.42 24.79 24.08
CA GLY T 186 -63.87 24.14 22.83
C GLY T 186 -65.27 23.57 22.95
N VAL T 187 -65.81 23.05 21.85
CA VAL T 187 -67.16 22.40 21.77
C VAL T 187 -66.98 20.91 21.43
N ASN T 188 -67.40 20.03 22.35
CA ASN T 188 -67.23 18.55 22.28
C ASN T 188 -68.43 17.88 21.62
N TYR T 189 -69.57 18.58 21.57
CA TYR T 189 -70.86 18.02 21.10
C TYR T 189 -71.76 19.16 20.62
N VAL T 190 -72.61 18.85 19.64
CA VAL T 190 -73.73 19.71 19.18
C VAL T 190 -74.92 18.78 18.92
N ASP T 191 -76.13 19.24 19.25
CA ASP T 191 -77.39 18.48 19.10
C ASP T 191 -78.50 19.46 18.70
N TYR T 192 -79.55 18.97 18.05
CA TYR T 192 -80.72 19.77 17.61
C TYR T 192 -81.95 19.40 18.45
N TYR T 193 -82.71 20.40 18.89
CA TYR T 193 -84.08 20.22 19.44
C TYR T 193 -84.93 19.60 18.34
N PRO T 194 -85.60 18.45 18.59
CA PRO T 194 -86.20 17.66 17.52
C PRO T 194 -87.63 18.07 17.09
N LEU T 195 -88.34 18.83 17.93
CA LEU T 195 -89.77 19.17 17.71
C LEU T 195 -89.90 20.56 17.07
N PRO T 196 -91.00 20.83 16.33
CA PRO T 196 -91.13 22.07 15.57
C PRO T 196 -91.15 23.38 16.37
N ASP T 197 -91.54 23.34 17.65
CA ASP T 197 -91.95 24.53 18.45
C ASP T 197 -90.76 25.47 18.70
N LYS T 198 -89.51 24.96 18.76
CA LYS T 198 -88.32 25.79 19.12
C LYS T 198 -87.19 25.56 18.12
N PRO T 199 -86.51 26.63 17.64
CA PRO T 199 -85.34 26.52 16.78
C PRO T 199 -84.06 26.45 17.63
N TYR T 200 -83.92 25.38 18.40
CA TYR T 200 -82.95 25.26 19.51
C TYR T 200 -81.87 24.23 19.17
N MET T 201 -80.62 24.52 19.55
CA MET T 201 -79.49 23.56 19.54
C MET T 201 -78.69 23.73 20.82
N ILE T 202 -78.02 22.66 21.26
CA ILE T 202 -77.35 22.56 22.60
C ILE T 202 -75.92 22.07 22.39
N THR T 203 -74.95 22.76 22.99
CA THR T 203 -73.49 22.45 22.91
C THR T 203 -73.02 22.01 24.30
N ALA T 204 -71.92 21.24 24.35
CA ALA T 204 -71.23 20.75 25.57
C ALA T 204 -69.73 20.99 25.41
N SER T 205 -69.05 21.41 26.47
CA SER T 205 -67.66 21.93 26.44
C SER T 205 -66.85 21.42 27.63
N ASP T 206 -65.52 21.51 27.54
CA ASP T 206 -64.57 21.17 28.62
C ASP T 206 -64.59 22.25 29.71
N ASP T 207 -65.29 23.38 29.49
CA ASP T 207 -65.38 24.50 30.45
C ASP T 207 -66.50 24.26 31.48
N LEU T 208 -67.05 23.04 31.52
CA LEU T 208 -68.08 22.54 32.48
C LEU T 208 -69.48 23.04 32.11
N THR T 209 -69.62 23.87 31.06
CA THR T 209 -70.90 24.52 30.70
C THR T 209 -71.61 23.72 29.59
N ILE T 210 -72.94 23.71 29.65
CA ILE T 210 -73.88 23.30 28.59
C ILE T 210 -74.69 24.55 28.21
N LYS T 211 -74.70 24.93 26.93
CA LYS T 211 -75.36 26.19 26.48
C LYS T 211 -76.46 25.87 25.45
N ILE T 212 -77.68 26.32 25.74
CA ILE T 212 -78.86 26.25 24.82
C ILE T 212 -78.78 27.46 23.87
N TRP T 213 -78.95 27.22 22.57
CA TRP T 213 -78.83 28.24 21.50
C TRP T 213 -80.13 28.32 20.70
N ASP T 214 -80.61 29.53 20.42
CA ASP T 214 -81.63 29.81 19.39
C ASP T 214 -80.88 30.09 18.09
N TYR T 215 -80.93 29.17 17.12
CA TYR T 215 -80.12 29.21 15.87
C TYR T 215 -80.71 30.22 14.88
N GLN T 216 -81.90 30.77 15.14
CA GLN T 216 -82.54 31.84 14.32
C GLN T 216 -81.92 33.19 14.68
N THR T 217 -81.97 33.57 15.96
CA THR T 217 -81.50 34.89 16.49
C THR T 217 -80.00 34.83 16.84
N LYS T 218 -79.43 33.63 16.94
CA LYS T 218 -77.99 33.38 17.24
C LYS T 218 -77.67 33.82 18.67
N SER T 219 -78.59 33.59 19.61
CA SER T 219 -78.47 33.99 21.04
C SER T 219 -78.34 32.74 21.93
N CYS T 220 -77.79 32.92 23.13
CA CYS T 220 -77.71 31.87 24.20
C CYS T 220 -78.93 31.99 25.11
N VAL T 221 -79.83 30.99 25.05
CA VAL T 221 -81.11 30.92 25.82
C VAL T 221 -80.79 30.66 27.29
N ALA T 222 -79.87 29.72 27.57
CA ALA T 222 -79.54 29.24 28.93
C ALA T 222 -78.12 28.66 28.99
N THR T 223 -77.43 28.86 30.10
CA THR T 223 -76.15 28.19 30.48
C THR T 223 -76.45 27.22 31.62
N LEU T 224 -76.33 25.91 31.36
CA LEU T 224 -76.56 24.82 32.35
C LEU T 224 -75.23 24.48 33.02
N GLU T 225 -75.12 24.76 34.32
CA GLU T 225 -73.91 24.53 35.16
C GLU T 225 -74.24 23.47 36.22
N GLY T 226 -74.02 22.19 35.89
CA GLY T 226 -74.36 21.04 36.76
C GLY T 226 -73.37 19.88 36.63
N HIS T 227 -72.11 20.17 36.31
CA HIS T 227 -71.01 19.17 36.15
C HIS T 227 -69.72 19.75 36.72
N MET T 228 -68.84 18.89 37.25
CA MET T 228 -67.58 19.32 37.93
C MET T 228 -66.36 18.95 37.07
N SER T 229 -66.56 18.37 35.88
CA SER T 229 -65.47 18.07 34.91
C SER T 229 -66.00 18.14 33.48
N ASN T 230 -65.11 17.92 32.51
CA ASN T 230 -65.38 17.98 31.04
C ASN T 230 -66.76 17.37 30.75
N VAL T 231 -67.68 18.19 30.23
CA VAL T 231 -69.01 17.75 29.72
C VAL T 231 -68.80 17.22 28.30
N SER T 232 -68.96 15.91 28.10
CA SER T 232 -68.64 15.17 26.85
C SER T 232 -69.79 15.33 25.83
N PHE T 233 -71.02 15.50 26.31
CA PHE T 233 -72.24 15.56 25.45
C PHE T 233 -73.40 16.20 26.21
N ALA T 234 -74.38 16.71 25.44
CA ALA T 234 -75.69 17.21 25.91
C ALA T 234 -76.69 17.12 24.76
N VAL T 235 -77.68 16.22 24.86
CA VAL T 235 -78.67 15.94 23.79
C VAL T 235 -80.09 16.13 24.35
N PHE T 236 -81.01 16.58 23.50
CA PHE T 236 -82.47 16.59 23.75
C PHE T 236 -83.01 15.18 23.48
N HIS T 237 -83.79 14.64 24.42
CA HIS T 237 -84.54 13.36 24.26
C HIS T 237 -85.61 13.56 23.19
N PRO T 238 -85.81 12.59 22.27
CA PRO T 238 -86.77 12.75 21.16
C PRO T 238 -88.26 12.79 21.55
N THR T 239 -88.63 12.20 22.69
CA THR T 239 -90.05 12.01 23.12
C THR T 239 -90.31 12.76 24.43
N LEU T 240 -89.53 12.46 25.49
CA LEU T 240 -89.64 13.12 26.83
C LEU T 240 -89.09 14.55 26.74
N PRO T 241 -89.66 15.50 27.52
CA PRO T 241 -89.15 16.87 27.54
C PRO T 241 -87.98 17.00 28.53
N ILE T 242 -86.84 16.40 28.19
CA ILE T 242 -85.61 16.39 29.03
C ILE T 242 -84.38 16.63 28.15
N ILE T 243 -83.30 17.11 28.77
CA ILE T 243 -81.91 17.08 28.24
C ILE T 243 -81.15 16.04 29.07
N ILE T 244 -80.36 15.17 28.41
CA ILE T 244 -79.41 14.25 29.09
C ILE T 244 -77.99 14.75 28.80
N SER T 245 -77.25 15.08 29.85
CA SER T 245 -75.81 15.46 29.79
C SER T 245 -74.98 14.37 30.48
N GLY T 246 -73.74 14.19 30.04
CA GLY T 246 -72.75 13.28 30.63
C GLY T 246 -71.36 13.90 30.65
N SER T 247 -70.62 13.70 31.74
CA SER T 247 -69.33 14.38 32.01
C SER T 247 -68.27 13.35 32.42
N GLU T 248 -67.01 13.73 32.30
CA GLU T 248 -65.84 12.98 32.82
C GLU T 248 -65.90 12.92 34.36
N ASP T 249 -66.87 13.59 34.99
CA ASP T 249 -67.19 13.43 36.43
C ASP T 249 -67.86 12.06 36.64
N GLY T 250 -68.17 11.34 35.56
CA GLY T 250 -68.66 9.94 35.58
C GLY T 250 -70.14 9.87 35.87
N THR T 251 -70.87 10.97 35.69
CA THR T 251 -72.31 11.11 36.02
C THR T 251 -73.11 11.45 34.75
N LEU T 252 -74.38 11.06 34.70
CA LEU T 252 -75.41 11.57 33.76
C LEU T 252 -76.35 12.50 34.53
N LYS T 253 -76.75 13.62 33.93
CA LYS T 253 -77.77 14.54 34.50
C LYS T 253 -78.95 14.66 33.53
N ILE T 254 -80.16 14.50 34.06
CA ILE T 254 -81.45 14.67 33.32
C ILE T 254 -82.01 16.05 33.71
N TRP T 255 -81.97 17.01 32.77
CA TRP T 255 -82.47 18.40 32.97
C TRP T 255 -83.90 18.48 32.42
N ASN T 256 -84.63 19.53 32.79
CA ASN T 256 -85.99 19.85 32.28
C ASN T 256 -85.83 20.70 31.01
N SER T 257 -86.29 20.20 29.85
CA SER T 257 -86.16 20.87 28.54
C SER T 257 -86.82 22.26 28.58
N SER T 258 -87.87 22.43 29.38
CA SER T 258 -88.65 23.69 29.51
C SER T 258 -87.97 24.67 30.48
N THR T 259 -87.73 24.23 31.72
CA THR T 259 -87.34 25.10 32.87
C THR T 259 -85.81 25.05 33.11
N TYR T 260 -85.16 23.94 32.76
CA TYR T 260 -83.69 23.70 32.90
C TYR T 260 -83.32 23.48 34.38
N LYS T 261 -84.27 23.02 35.19
CA LYS T 261 -83.99 22.47 36.55
C LYS T 261 -83.58 21.01 36.40
N VAL T 262 -82.47 20.61 37.03
CA VAL T 262 -81.96 19.21 37.00
C VAL T 262 -82.96 18.34 37.78
N GLU T 263 -83.52 17.33 37.11
CA GLU T 263 -84.56 16.42 37.66
C GLU T 263 -83.88 15.27 38.43
N LYS T 264 -82.76 14.75 37.91
CA LYS T 264 -82.05 13.59 38.50
C LYS T 264 -80.57 13.61 38.11
N THR T 265 -79.71 13.20 39.06
CA THR T 265 -78.27 12.89 38.85
C THR T 265 -78.08 11.38 38.91
N LEU T 266 -77.34 10.82 37.95
CA LEU T 266 -77.08 9.37 37.79
C LEU T 266 -75.59 9.08 37.96
N ASN T 267 -75.21 8.58 39.14
CA ASN T 267 -73.82 8.13 39.46
C ASN T 267 -73.71 6.65 39.04
N VAL T 268 -73.46 6.41 37.74
CA VAL T 268 -73.66 5.06 37.12
C VAL T 268 -72.52 4.14 37.57
N GLY T 269 -71.34 4.69 37.86
CA GLY T 269 -70.22 3.97 38.50
C GLY T 269 -69.34 3.24 37.51
N LEU T 270 -69.14 3.81 36.32
CA LEU T 270 -68.25 3.26 35.25
C LEU T 270 -67.17 4.29 34.90
N GLU T 271 -66.93 5.25 35.80
CA GLU T 271 -65.99 6.40 35.62
C GLU T 271 -66.43 7.21 34.38
N ARG T 272 -65.49 7.84 33.66
CA ARG T 272 -65.76 8.99 32.75
C ARG T 272 -66.78 8.62 31.67
N SER T 273 -67.79 9.48 31.50
CA SER T 273 -68.85 9.39 30.45
C SER T 273 -68.36 10.05 29.16
N TRP T 274 -68.45 9.36 28.02
CA TRP T 274 -67.86 9.77 26.73
C TRP T 274 -68.94 10.02 25.66
N CYS T 275 -69.89 9.12 25.50
CA CYS T 275 -70.89 9.17 24.40
C CYS T 275 -72.31 8.89 24.92
N ILE T 276 -73.30 9.18 24.08
CA ILE T 276 -74.76 9.06 24.38
C ILE T 276 -75.49 8.59 23.11
N ALA T 277 -76.58 7.84 23.30
CA ALA T 277 -77.59 7.51 22.27
C ALA T 277 -78.97 7.55 22.90
N THR T 278 -79.98 7.94 22.11
CA THR T 278 -81.43 7.83 22.43
C THR T 278 -82.09 6.98 21.35
N HIS T 279 -83.04 6.11 21.71
CA HIS T 279 -83.82 5.29 20.75
C HIS T 279 -84.48 6.22 19.74
N PRO T 280 -84.24 6.04 18.41
CA PRO T 280 -84.67 7.01 17.41
C PRO T 280 -86.19 7.25 17.38
N THR T 281 -86.98 6.22 17.67
CA THR T 281 -88.47 6.29 17.78
C THR T 281 -88.87 6.61 19.22
N GLY T 282 -88.09 6.12 20.20
CA GLY T 282 -88.32 6.33 21.64
C GLY T 282 -88.95 5.11 22.30
N ARG T 283 -88.62 3.91 21.82
CA ARG T 283 -89.07 2.62 22.42
C ARG T 283 -88.65 2.59 23.89
N LYS T 284 -89.63 2.58 24.80
CA LYS T 284 -89.43 2.58 26.29
C LYS T 284 -88.52 3.76 26.69
N ASN T 285 -88.48 4.80 25.86
CA ASN T 285 -87.65 6.02 26.05
C ASN T 285 -86.21 5.62 26.39
N TYR T 286 -85.71 4.55 25.75
CA TYR T 286 -84.36 3.95 26.00
C TYR T 286 -83.28 5.02 25.77
N ILE T 287 -82.31 5.09 26.68
CA ILE T 287 -81.05 5.87 26.51
C ILE T 287 -79.87 4.95 26.86
N ALA T 288 -78.69 5.23 26.29
CA ALA T 288 -77.45 4.46 26.51
C ALA T 288 -76.24 5.39 26.40
N SER T 289 -75.34 5.32 27.37
CA SER T 289 -74.10 6.14 27.47
C SER T 289 -72.88 5.22 27.60
N GLY T 290 -71.81 5.50 26.85
CA GLY T 290 -70.52 4.80 26.95
C GLY T 290 -69.64 5.45 28.01
N PHE T 291 -68.94 4.64 28.80
CA PHE T 291 -68.03 5.09 29.89
C PHE T 291 -66.69 4.36 29.77
N ASP T 292 -65.70 4.82 30.55
CA ASP T 292 -64.34 4.22 30.66
C ASP T 292 -64.45 2.69 30.79
N ASN T 293 -65.36 2.19 31.62
CA ASN T 293 -65.41 0.77 32.07
C ASN T 293 -66.58 0.03 31.42
N GLY T 294 -67.27 0.65 30.46
CA GLY T 294 -68.30 -0.01 29.61
C GLY T 294 -69.46 0.91 29.30
N PHE T 295 -70.67 0.35 29.23
CA PHE T 295 -71.91 1.08 28.88
C PHE T 295 -73.07 0.58 29.75
N THR T 296 -74.14 1.38 29.82
CA THR T 296 -75.42 1.03 30.50
C THR T 296 -76.59 1.53 29.64
N VAL T 297 -77.63 0.69 29.48
CA VAL T 297 -78.90 1.02 28.79
C VAL T 297 -79.99 1.20 29.86
N LEU T 298 -80.63 2.37 29.91
CA LEU T 298 -81.70 2.73 30.88
C LEU T 298 -83.02 2.95 30.13
N SER T 299 -84.13 2.54 30.74
CA SER T 299 -85.52 2.79 30.25
C SER T 299 -86.17 3.86 31.14
N LEU T 300 -86.77 4.88 30.52
CA LEU T 300 -87.47 6.00 31.21
C LEU T 300 -88.99 5.83 31.04
N GLY T 301 -89.75 6.33 32.03
CA GLY T 301 -91.23 6.29 32.04
C GLY T 301 -91.83 7.58 31.50
N ASN T 302 -93.12 7.53 31.14
CA ASN T 302 -93.88 8.68 30.56
C ASN T 302 -94.78 9.28 31.64
N MET U 1 74.33 -21.57 30.05
CA MET U 1 74.50 -22.39 31.29
C MET U 1 75.82 -23.16 31.22
N LYS U 2 76.41 -23.45 32.39
CA LYS U 2 77.68 -24.21 32.51
C LYS U 2 77.36 -25.71 32.51
N LEU U 3 77.64 -26.40 31.39
CA LEU U 3 77.63 -27.88 31.29
C LEU U 3 79.03 -28.41 31.56
N ASP U 4 79.21 -29.13 32.66
CA ASP U 4 80.48 -29.81 33.03
C ASP U 4 80.29 -31.32 32.80
N ILE U 5 80.19 -31.72 31.52
CA ILE U 5 79.93 -33.13 31.09
C ILE U 5 81.19 -33.96 31.38
N LYS U 6 81.02 -35.09 32.08
CA LYS U 6 82.12 -36.04 32.43
C LYS U 6 81.67 -37.46 32.05
N LYS U 7 82.50 -38.19 31.30
CA LYS U 7 82.27 -39.61 30.92
C LYS U 7 82.50 -40.48 32.15
N THR U 8 81.42 -40.90 32.82
CA THR U 8 81.45 -41.75 34.04
C THR U 8 81.90 -43.17 33.65
N PHE U 9 81.33 -43.74 32.59
CA PHE U 9 81.58 -45.12 32.13
C PHE U 9 81.09 -45.29 30.69
N SER U 10 81.94 -45.87 29.83
CA SER U 10 81.60 -46.35 28.46
C SER U 10 81.86 -47.85 28.38
N ASN U 11 80.93 -48.61 27.80
CA ASN U 11 81.02 -50.09 27.67
C ASN U 11 80.63 -50.51 26.25
N ARG U 12 81.58 -51.04 25.48
CA ARG U 12 81.38 -51.54 24.09
C ARG U 12 80.63 -52.87 24.16
N SER U 13 79.52 -53.02 23.42
CA SER U 13 78.71 -54.27 23.36
C SER U 13 77.89 -54.31 22.07
N ASP U 14 77.08 -55.36 21.93
CA ASP U 14 76.02 -55.50 20.89
C ASP U 14 74.97 -54.40 21.13
N ARG U 15 74.32 -53.96 20.06
CA ARG U 15 73.35 -52.83 20.03
C ARG U 15 72.48 -52.84 21.30
N VAL U 16 72.42 -51.69 22.00
CA VAL U 16 71.59 -51.48 23.23
C VAL U 16 70.27 -50.80 22.81
N LYS U 17 69.15 -51.50 22.99
CA LYS U 17 67.79 -51.07 22.56
C LYS U 17 67.05 -50.39 23.72
N GLY U 18 67.38 -50.73 24.97
CA GLY U 18 66.81 -50.08 26.17
C GLY U 18 67.84 -49.95 27.27
N ILE U 19 67.70 -48.90 28.08
CA ILE U 19 68.64 -48.54 29.20
C ILE U 19 67.82 -47.93 30.35
N ASP U 20 68.16 -48.28 31.59
CA ASP U 20 67.45 -47.79 32.81
C ASP U 20 68.44 -47.66 33.97
N PHE U 21 68.30 -46.59 34.77
CA PHE U 21 69.10 -46.32 35.98
C PHE U 21 68.41 -46.93 37.20
N HIS U 22 69.19 -47.55 38.10
CA HIS U 22 68.74 -48.02 39.43
C HIS U 22 68.66 -46.82 40.37
N PRO U 23 67.53 -46.64 41.11
CA PRO U 23 67.31 -45.41 41.88
C PRO U 23 68.26 -45.22 43.08
N THR U 24 68.71 -46.30 43.73
CA THR U 24 69.53 -46.26 44.98
C THR U 24 70.93 -46.82 44.72
N GLU U 25 71.05 -47.98 44.06
CA GLU U 25 72.34 -48.63 43.68
C GLU U 25 72.96 -47.86 42.52
N PRO U 26 74.31 -47.88 42.36
CA PRO U 26 74.98 -47.23 41.24
C PRO U 26 75.02 -48.12 39.99
N TRP U 27 73.84 -48.53 39.49
CA TRP U 27 73.68 -49.55 38.42
C TRP U 27 72.99 -48.95 37.20
N VAL U 28 73.32 -49.46 36.01
CA VAL U 28 72.55 -49.27 34.75
C VAL U 28 72.11 -50.65 34.24
N LEU U 29 70.85 -50.77 33.83
CA LEU U 29 70.29 -51.94 33.10
C LEU U 29 70.40 -51.64 31.60
N THR U 30 70.86 -52.60 30.81
CA THR U 30 70.98 -52.49 29.33
C THR U 30 70.35 -53.72 28.68
N THR U 31 69.48 -53.48 27.70
CA THR U 31 68.74 -54.52 26.95
C THR U 31 69.30 -54.54 25.52
N LEU U 32 69.78 -55.69 25.06
CA LEU U 32 70.60 -55.81 23.82
C LEU U 32 69.80 -56.50 22.72
N TYR U 33 70.20 -56.27 21.47
CA TYR U 33 69.56 -56.80 20.23
C TYR U 33 69.88 -58.29 20.09
N SER U 34 70.92 -58.76 20.76
CA SER U 34 71.41 -60.16 20.75
C SER U 34 70.51 -61.07 21.59
N GLY U 35 69.66 -60.51 22.45
CA GLY U 35 68.78 -61.26 23.37
C GLY U 35 69.36 -61.33 24.77
N ARG U 36 70.59 -60.86 24.96
CA ARG U 36 71.26 -60.76 26.28
C ARG U 36 70.80 -59.48 26.99
N VAL U 37 70.82 -59.48 28.31
CA VAL U 37 70.65 -58.27 29.16
C VAL U 37 71.82 -58.21 30.15
N GLU U 38 72.28 -57.00 30.48
CA GLU U 38 73.46 -56.78 31.36
C GLU U 38 73.11 -55.71 32.41
N LEU U 39 73.51 -55.95 33.67
CA LEU U 39 73.52 -54.93 34.75
C LEU U 39 74.98 -54.61 35.06
N TRP U 40 75.35 -53.33 35.01
CA TRP U 40 76.75 -52.83 35.23
C TRP U 40 76.77 -51.84 36.39
N ASN U 41 77.79 -51.91 37.23
CA ASN U 41 78.17 -50.84 38.19
C ASN U 41 79.04 -49.83 37.44
N TYR U 42 78.54 -48.61 37.22
CA TYR U 42 79.17 -47.57 36.36
C TYR U 42 80.18 -46.74 37.15
N GLU U 43 80.24 -46.90 38.47
CA GLU U 43 81.25 -46.27 39.36
C GLU U 43 82.44 -47.23 39.54
N THR U 44 82.15 -48.52 39.71
CA THR U 44 83.13 -49.62 39.92
C THR U 44 83.64 -50.13 38.57
N GLN U 45 82.81 -50.04 37.52
CA GLN U 45 83.12 -50.48 36.12
C GLN U 45 83.34 -51.99 36.11
N VAL U 46 82.48 -52.74 36.81
CA VAL U 46 82.47 -54.24 36.85
C VAL U 46 81.01 -54.70 36.71
N GLU U 47 80.81 -55.80 35.97
CA GLU U 47 79.47 -56.36 35.63
C GLU U 47 78.83 -56.93 36.91
N VAL U 48 77.61 -56.49 37.22
CA VAL U 48 76.78 -57.01 38.35
C VAL U 48 76.22 -58.37 37.93
N ARG U 49 75.59 -58.45 36.75
CA ARG U 49 74.96 -59.68 36.23
C ARG U 49 74.66 -59.51 34.73
N SER U 50 74.58 -60.63 34.01
CA SER U 50 74.10 -60.71 32.61
C SER U 50 73.40 -62.06 32.38
N ILE U 51 72.26 -62.05 31.72
CA ILE U 51 71.45 -63.28 31.38
C ILE U 51 71.19 -63.26 29.86
N GLN U 52 71.38 -64.40 29.19
CA GLN U 52 70.88 -64.63 27.82
C GLN U 52 69.39 -65.01 27.95
N VAL U 53 68.53 -64.00 27.90
CA VAL U 53 67.06 -64.10 28.15
C VAL U 53 66.40 -64.86 27.00
N THR U 54 66.79 -64.57 25.76
CA THR U 54 66.22 -65.14 24.52
C THR U 54 67.25 -65.00 23.39
N GLU U 55 66.88 -65.30 22.14
CA GLU U 55 67.77 -65.14 20.97
CA GLU U 55 67.74 -65.17 20.95
C GLU U 55 67.28 -63.96 20.12
N THR U 56 66.07 -63.46 20.38
CA THR U 56 65.48 -62.27 19.73
C THR U 56 66.03 -61.01 20.40
N PRO U 57 65.93 -59.83 19.76
CA PRO U 57 66.16 -58.56 20.46
C PRO U 57 65.26 -58.39 21.69
N VAL U 58 65.78 -57.71 22.71
CA VAL U 58 65.04 -57.31 23.93
C VAL U 58 65.02 -55.77 23.95
N ARG U 59 63.94 -55.17 23.42
CA ARG U 59 63.87 -53.71 23.11
C ARG U 59 63.57 -52.91 24.38
N ALA U 60 62.90 -53.52 25.36
CA ALA U 60 62.34 -52.86 26.57
C ALA U 60 62.96 -53.46 27.83
N GLY U 61 63.45 -52.61 28.73
CA GLY U 61 64.02 -53.01 30.04
C GLY U 61 63.81 -51.94 31.09
N LYS U 62 63.38 -52.34 32.30
CA LYS U 62 63.15 -51.44 33.45
C LYS U 62 63.51 -52.16 34.75
N PHE U 63 64.04 -51.40 35.72
CA PHE U 63 64.14 -51.81 37.14
C PHE U 63 62.75 -51.69 37.78
N ILE U 64 62.34 -52.73 38.51
CA ILE U 64 61.29 -52.66 39.57
C ILE U 64 62.03 -52.84 40.90
N ALA U 65 62.72 -51.78 41.34
CA ALA U 65 63.67 -51.76 42.48
C ALA U 65 62.95 -52.13 43.78
N ARG U 66 61.66 -51.79 43.90
CA ARG U 66 60.83 -52.01 45.12
C ARG U 66 60.65 -53.52 45.38
N LYS U 67 60.86 -54.37 44.36
CA LYS U 67 60.75 -55.85 44.47
C LYS U 67 62.12 -56.50 44.23
N ASN U 68 63.17 -55.70 44.08
CA ASN U 68 64.53 -56.14 43.64
C ASN U 68 64.41 -56.88 42.31
N TRP U 69 63.74 -56.27 41.32
CA TRP U 69 63.43 -56.89 40.01
C TRP U 69 64.03 -56.07 38.87
N ILE U 70 64.23 -56.74 37.73
CA ILE U 70 64.21 -56.12 36.37
C ILE U 70 63.05 -56.77 35.62
N ILE U 71 62.38 -55.99 34.76
CA ILE U 71 61.33 -56.50 33.83
C ILE U 71 61.77 -56.13 32.41
N VAL U 72 61.71 -57.08 31.48
CA VAL U 72 62.20 -56.94 30.09
C VAL U 72 61.13 -57.47 29.13
N GLY U 73 61.06 -56.86 27.93
CA GLY U 73 60.21 -57.28 26.81
C GLY U 73 61.04 -57.49 25.56
N SER U 74 60.71 -58.52 24.77
CA SER U 74 61.52 -59.00 23.62
C SER U 74 60.62 -59.30 22.41
N ASP U 75 61.23 -59.50 21.24
CA ASP U 75 60.54 -59.65 19.93
C ASP U 75 59.85 -61.03 19.85
N ASP U 76 60.18 -61.95 20.77
CA ASP U 76 59.55 -63.30 20.87
C ASP U 76 58.18 -63.21 21.57
N PHE U 77 57.70 -61.99 21.86
CA PHE U 77 56.31 -61.66 22.30
C PHE U 77 56.18 -61.64 23.82
N ARG U 78 57.29 -61.80 24.55
CA ARG U 78 57.25 -62.24 25.98
C ARG U 78 57.79 -61.15 26.90
N ILE U 79 57.13 -60.96 28.05
CA ILE U 79 57.65 -60.19 29.22
C ILE U 79 58.24 -61.20 30.20
N ARG U 80 59.44 -60.93 30.69
CA ARG U 80 60.16 -61.78 31.68
C ARG U 80 60.64 -60.90 32.83
N VAL U 81 60.56 -61.43 34.05
CA VAL U 81 60.97 -60.73 35.31
C VAL U 81 62.01 -61.61 36.01
N PHE U 82 63.12 -61.02 36.44
CA PHE U 82 64.23 -61.69 37.16
C PHE U 82 64.54 -60.92 38.45
N ASN U 83 64.76 -61.64 39.55
CA ASN U 83 65.33 -61.06 40.80
C ASN U 83 66.84 -60.89 40.56
N TYR U 84 67.33 -59.65 40.60
CA TYR U 84 68.72 -59.28 40.18
C TYR U 84 69.75 -59.64 41.27
N ASN U 85 69.29 -59.99 42.48
CA ASN U 85 70.18 -60.41 43.60
C ASN U 85 70.50 -61.90 43.49
N THR U 86 69.54 -62.72 43.07
CA THR U 86 69.64 -64.19 42.92
C THR U 86 69.89 -64.56 41.44
N GLY U 87 69.26 -63.84 40.52
CA GLY U 87 69.23 -64.16 39.07
C GLY U 87 68.06 -65.07 38.73
N GLU U 88 67.24 -65.44 39.73
CA GLU U 88 66.06 -66.32 39.57
C GLU U 88 65.01 -65.59 38.71
N LYS U 89 64.43 -66.29 37.74
CA LYS U 89 63.30 -65.79 36.91
C LYS U 89 62.03 -65.84 37.75
N VAL U 90 61.31 -64.72 37.86
CA VAL U 90 60.07 -64.57 38.68
C VAL U 90 58.88 -65.09 37.86
N VAL U 91 58.67 -64.54 36.67
CA VAL U 91 57.54 -64.90 35.77
C VAL U 91 58.04 -64.88 34.31
N ASP U 92 57.39 -65.67 33.46
CA ASP U 92 57.62 -65.76 31.99
C ASP U 92 56.26 -65.94 31.33
N PHE U 93 55.73 -64.89 30.67
CA PHE U 93 54.39 -64.92 30.02
C PHE U 93 54.46 -64.22 28.66
N GLU U 94 53.69 -64.75 27.69
CA GLU U 94 53.42 -64.12 26.38
C GLU U 94 52.50 -62.92 26.62
N ALA U 95 53.01 -61.71 26.37
CA ALA U 95 52.32 -60.42 26.63
C ALA U 95 51.45 -60.04 25.43
N HIS U 96 51.98 -60.18 24.22
CA HIS U 96 51.36 -59.77 22.93
C HIS U 96 51.58 -60.84 21.87
N PRO U 97 50.89 -60.77 20.71
CA PRO U 97 51.23 -61.60 19.55
C PRO U 97 52.26 -60.97 18.59
N ASP U 98 53.06 -60.00 19.06
CA ASP U 98 54.03 -59.24 18.21
C ASP U 98 55.13 -58.65 19.10
N TYR U 99 56.07 -57.92 18.47
CA TYR U 99 57.21 -57.22 19.12
C TYR U 99 56.71 -56.35 20.28
N ILE U 100 57.48 -56.29 21.36
CA ILE U 100 57.27 -55.37 22.51
C ILE U 100 58.32 -54.26 22.42
N ARG U 101 57.87 -53.01 22.27
CA ARG U 101 58.72 -51.82 21.96
C ARG U 101 59.06 -51.04 23.23
N SER U 102 58.16 -51.03 24.22
CA SER U 102 58.23 -50.13 25.40
C SER U 102 57.64 -50.80 26.65
N ILE U 103 58.30 -50.61 27.80
CA ILE U 103 57.79 -51.00 29.14
C ILE U 103 57.95 -49.80 30.08
N ALA U 104 56.91 -49.48 30.84
CA ALA U 104 56.90 -48.45 31.91
C ALA U 104 56.28 -49.04 33.18
N VAL U 105 56.77 -48.62 34.35
CA VAL U 105 56.35 -49.13 35.68
C VAL U 105 55.58 -48.01 36.40
N HIS U 106 54.40 -48.33 36.95
CA HIS U 106 53.62 -47.40 37.80
C HIS U 106 54.44 -47.10 39.05
N PRO U 107 54.67 -45.81 39.38
CA PRO U 107 55.57 -45.45 40.49
C PRO U 107 55.06 -45.78 41.91
N THR U 108 53.76 -46.06 42.10
CA THR U 108 53.14 -46.32 43.42
C THR U 108 52.31 -47.61 43.45
N LYS U 109 51.91 -48.15 42.29
CA LYS U 109 50.99 -49.32 42.16
C LYS U 109 51.75 -50.48 41.55
N PRO U 110 51.30 -51.75 41.75
CA PRO U 110 51.97 -52.91 41.17
C PRO U 110 51.59 -53.15 39.71
N TYR U 111 51.70 -52.09 38.88
CA TYR U 111 51.23 -52.07 37.46
C TYR U 111 52.42 -51.83 36.53
N VAL U 112 52.48 -52.61 35.45
CA VAL U 112 53.45 -52.41 34.32
C VAL U 112 52.64 -52.27 33.03
N LEU U 113 52.91 -51.23 32.26
CA LEU U 113 52.39 -51.05 30.87
C LEU U 113 53.42 -51.63 29.89
N SER U 114 52.94 -52.17 28.77
CA SER U 114 53.77 -52.61 27.61
C SER U 114 53.15 -52.09 26.32
N GLY U 115 53.97 -51.51 25.44
CA GLY U 115 53.58 -51.00 24.12
C GLY U 115 54.17 -51.87 23.01
N SER U 116 53.31 -52.38 22.12
CA SER U 116 53.62 -53.53 21.22
C SER U 116 53.31 -53.17 19.76
N ASP U 117 53.77 -54.02 18.83
CA ASP U 117 53.53 -53.91 17.38
C ASP U 117 52.15 -54.50 17.04
N ASP U 118 51.36 -54.89 18.06
CA ASP U 118 50.00 -55.47 17.91
C ASP U 118 48.94 -54.37 18.04
N LEU U 119 49.34 -53.10 18.01
CA LEU U 119 48.44 -51.91 17.97
C LEU U 119 47.85 -51.61 19.36
N THR U 120 48.37 -52.21 20.43
CA THR U 120 47.79 -52.13 21.81
C THR U 120 48.86 -51.73 22.84
N VAL U 121 48.40 -51.09 23.92
CA VAL U 121 49.10 -51.01 25.23
C VAL U 121 48.33 -51.91 26.20
N LYS U 122 49.04 -52.76 26.95
CA LYS U 122 48.42 -53.69 27.94
C LYS U 122 48.91 -53.33 29.34
N LEU U 123 48.02 -53.46 30.33
CA LEU U 123 48.28 -53.17 31.77
C LEU U 123 48.34 -54.49 32.52
N TRP U 124 49.44 -54.73 33.25
CA TRP U 124 49.71 -55.98 34.00
C TRP U 124 49.82 -55.67 35.50
N ASN U 125 49.14 -56.47 36.33
CA ASN U 125 49.11 -56.33 37.81
C ASN U 125 49.87 -57.51 38.44
N TRP U 126 51.06 -57.25 38.99
CA TRP U 126 51.96 -58.30 39.52
C TRP U 126 51.50 -58.79 40.90
N GLU U 127 50.53 -58.12 41.52
CA GLU U 127 49.88 -58.56 42.79
C GLU U 127 48.63 -59.40 42.49
N ASN U 128 48.24 -59.48 41.20
CA ASN U 128 47.12 -60.35 40.72
C ASN U 128 47.71 -61.45 39.82
N ASN U 129 48.81 -62.07 40.27
CA ASN U 129 49.56 -63.13 39.54
C ASN U 129 49.82 -62.70 38.09
N TRP U 130 50.18 -61.42 37.88
CA TRP U 130 50.52 -60.81 36.57
C TRP U 130 49.34 -60.93 35.60
N ALA U 131 48.11 -60.77 36.09
CA ALA U 131 46.87 -60.83 35.29
C ALA U 131 46.82 -59.65 34.32
N LEU U 132 46.27 -59.85 33.12
CA LEU U 132 45.95 -58.76 32.16
C LEU U 132 44.65 -58.08 32.64
N GLU U 133 44.76 -56.81 33.06
CA GLU U 133 43.65 -56.06 33.71
C GLU U 133 43.04 -55.07 32.72
N GLN U 134 43.77 -54.64 31.68
CA GLN U 134 43.21 -53.79 30.59
C GLN U 134 44.13 -53.79 29.36
N THR U 135 43.51 -53.79 28.17
CA THR U 135 44.16 -53.58 26.85
C THR U 135 43.57 -52.30 26.24
N PHE U 136 44.42 -51.32 25.93
CA PHE U 136 44.06 -49.98 25.40
C PHE U 136 44.11 -50.00 23.86
N GLU U 137 42.94 -50.13 23.23
CA GLU U 137 42.78 -50.28 21.76
C GLU U 137 42.38 -48.94 21.15
N GLY U 138 42.94 -48.60 19.98
CA GLY U 138 42.69 -47.32 19.29
C GLY U 138 43.77 -46.99 18.27
N HIS U 139 45.05 -47.24 18.61
CA HIS U 139 46.21 -46.97 17.72
C HIS U 139 46.12 -47.83 16.44
N GLU U 140 46.59 -47.29 15.32
CA GLU U 140 46.46 -47.91 13.97
C GLU U 140 47.84 -48.29 13.42
N HIS U 141 48.86 -48.35 14.28
CA HIS U 141 50.22 -48.85 13.95
C HIS U 141 50.92 -49.25 15.25
N PHE U 142 52.20 -49.62 15.18
CA PHE U 142 53.01 -50.11 16.34
C PHE U 142 53.05 -49.02 17.40
N VAL U 143 52.83 -49.38 18.66
CA VAL U 143 53.06 -48.48 19.84
C VAL U 143 54.54 -48.56 20.21
N MET U 144 55.30 -47.50 19.97
CA MET U 144 56.79 -47.47 20.08
C MET U 144 57.22 -47.12 21.52
N CYS U 145 56.39 -46.39 22.27
CA CYS U 145 56.76 -45.76 23.57
C CYS U 145 55.51 -45.58 24.45
N VAL U 146 55.61 -45.97 25.73
CA VAL U 146 54.56 -45.75 26.77
C VAL U 146 55.23 -45.06 27.97
N ALA U 147 54.65 -43.94 28.43
CA ALA U 147 55.17 -43.12 29.56
C ALA U 147 54.00 -42.66 30.43
N PHE U 148 54.06 -42.97 31.73
CA PHE U 148 53.14 -42.43 32.76
C PHE U 148 53.38 -40.92 32.89
N ASN U 149 52.32 -40.13 33.03
CA ASN U 149 52.40 -38.73 33.50
C ASN U 149 52.93 -38.80 34.93
N PRO U 150 54.14 -38.28 35.23
CA PRO U 150 54.71 -38.41 36.57
C PRO U 150 53.95 -37.54 37.60
N LYS U 151 53.17 -36.58 37.11
CA LYS U 151 52.32 -35.67 37.92
C LYS U 151 50.92 -36.27 38.11
N ASP U 152 50.53 -37.27 37.30
CA ASP U 152 49.29 -38.07 37.48
C ASP U 152 49.41 -39.40 36.74
N PRO U 153 49.93 -40.47 37.39
CA PRO U 153 50.13 -41.76 36.73
C PRO U 153 48.86 -42.61 36.55
N SER U 154 47.68 -42.11 36.96
CA SER U 154 46.37 -42.69 36.57
C SER U 154 46.14 -42.47 35.07
N THR U 155 46.91 -41.55 34.47
CA THR U 155 46.97 -41.28 33.01
C THR U 155 48.35 -41.68 32.49
N PHE U 156 48.45 -41.98 31.19
CA PHE U 156 49.72 -42.25 30.47
C PHE U 156 49.60 -41.82 29.01
N ALA U 157 50.73 -41.77 28.30
CA ALA U 157 50.85 -41.37 26.89
C ALA U 157 51.54 -42.50 26.11
N SER U 158 51.01 -42.85 24.93
CA SER U 158 51.60 -43.85 24.01
C SER U 158 51.95 -43.18 22.69
N GLY U 159 53.22 -43.23 22.30
CA GLY U 159 53.76 -42.74 21.01
C GLY U 159 53.70 -43.83 19.97
N CYS U 160 53.18 -43.52 18.77
CA CYS U 160 52.78 -44.53 17.76
C CYS U 160 53.20 -44.10 16.34
N LEU U 161 53.53 -45.08 15.49
CA LEU U 161 53.91 -44.88 14.06
C LEU U 161 52.68 -44.49 13.23
N ASP U 162 51.47 -44.51 13.81
CA ASP U 162 50.26 -43.92 13.18
C ASP U 162 50.32 -42.39 13.30
N ARG U 163 51.43 -41.86 13.84
CA ARG U 163 51.81 -40.42 13.84
C ARG U 163 50.98 -39.67 14.89
N THR U 164 50.41 -40.38 15.87
CA THR U 164 49.60 -39.79 16.97
C THR U 164 50.27 -40.08 18.32
N VAL U 165 50.04 -39.21 19.29
CA VAL U 165 50.17 -39.49 20.75
C VAL U 165 48.74 -39.57 21.31
N LYS U 166 48.36 -40.73 21.86
CA LYS U 166 47.09 -40.92 22.58
C LYS U 166 47.38 -40.84 24.09
N VAL U 167 46.44 -40.28 24.85
CA VAL U 167 46.54 -40.14 26.34
C VAL U 167 45.31 -40.82 26.94
N TRP U 168 45.53 -41.79 27.84
CA TRP U 168 44.51 -42.70 28.41
C TRP U 168 44.43 -42.51 29.92
N SER U 169 43.27 -42.80 30.52
CA SER U 169 43.09 -43.02 31.97
C SER U 169 42.95 -44.53 32.22
N LEU U 170 43.49 -45.02 33.33
CA LEU U 170 43.37 -46.44 33.75
C LEU U 170 41.87 -46.74 33.98
N GLY U 171 41.40 -47.88 33.49
CA GLY U 171 39.99 -48.33 33.64
C GLY U 171 39.06 -47.65 32.65
N GLN U 172 39.60 -46.94 31.64
CA GLN U 172 38.81 -46.30 30.55
C GLN U 172 39.35 -46.79 29.19
N SER U 173 38.44 -47.25 28.33
CA SER U 173 38.76 -47.92 27.03
C SER U 173 39.06 -46.87 25.95
N THR U 174 38.28 -45.77 25.91
CA THR U 174 38.46 -44.64 24.97
C THR U 174 39.58 -43.73 25.49
N PRO U 175 40.47 -43.22 24.62
CA PRO U 175 41.50 -42.26 25.04
C PRO U 175 40.90 -40.90 25.44
N ASN U 176 41.54 -40.22 26.39
CA ASN U 176 41.17 -38.85 26.84
C ASN U 176 41.21 -37.90 25.64
N PHE U 177 42.26 -38.00 24.82
CA PHE U 177 42.45 -37.20 23.58
C PHE U 177 43.58 -37.80 22.74
N THR U 178 43.60 -37.45 21.44
CA THR U 178 44.63 -37.85 20.45
C THR U 178 45.35 -36.61 19.94
N LEU U 179 46.67 -36.55 20.08
CA LEU U 179 47.54 -35.48 19.52
C LEU U 179 47.93 -35.87 18.09
N THR U 180 47.47 -35.09 17.09
CA THR U 180 47.86 -35.19 15.67
C THR U 180 49.18 -34.43 15.47
N THR U 181 50.31 -35.13 15.56
CA THR U 181 51.66 -34.52 15.71
C THR U 181 52.08 -33.79 14.44
N GLY U 182 51.77 -34.34 13.26
CA GLY U 182 52.31 -33.86 11.97
C GLY U 182 53.74 -34.33 11.75
N GLN U 183 54.14 -35.38 12.48
CA GLN U 183 55.41 -36.13 12.29
C GLN U 183 55.09 -37.39 11.49
N GLU U 184 55.05 -37.26 10.15
CA GLU U 184 54.37 -38.21 9.22
C GLU U 184 55.14 -39.53 9.12
N ARG U 185 56.41 -39.58 9.54
CA ARG U 185 57.23 -40.82 9.60
C ARG U 185 57.01 -41.52 10.96
N GLY U 186 56.08 -41.01 11.78
CA GLY U 186 55.57 -41.66 13.00
C GLY U 186 56.12 -41.02 14.26
N VAL U 187 55.63 -41.45 15.42
CA VAL U 187 56.15 -41.07 16.76
C VAL U 187 56.88 -42.29 17.34
N ASN U 188 58.18 -42.15 17.57
CA ASN U 188 59.08 -43.20 18.14
C ASN U 188 59.03 -43.16 19.66
N TYR U 189 58.85 -41.96 20.23
CA TYR U 189 59.08 -41.67 21.68
C TYR U 189 58.13 -40.57 22.16
N VAL U 190 57.80 -40.59 23.45
CA VAL U 190 56.98 -39.55 24.15
C VAL U 190 57.42 -39.48 25.61
N ASP U 191 57.59 -38.26 26.13
CA ASP U 191 58.06 -37.98 27.52
C ASP U 191 57.42 -36.69 28.04
N TYR U 192 57.03 -36.68 29.32
CA TYR U 192 56.38 -35.53 30.00
C TYR U 192 57.45 -34.63 30.64
N TYR U 193 57.25 -33.30 30.58
CA TYR U 193 57.96 -32.31 31.43
C TYR U 193 57.46 -32.49 32.86
N PRO U 194 58.33 -32.90 33.82
CA PRO U 194 57.88 -33.42 35.11
C PRO U 194 57.47 -32.39 36.17
N LEU U 195 57.65 -31.09 35.92
CA LEU U 195 57.40 -30.01 36.91
C LEU U 195 56.04 -29.36 36.65
N PRO U 196 55.37 -28.81 37.69
CA PRO U 196 53.99 -28.34 37.57
C PRO U 196 53.76 -27.08 36.72
N ASP U 197 54.82 -26.31 36.44
CA ASP U 197 54.72 -24.94 35.85
C ASP U 197 54.27 -25.00 34.38
N LYS U 198 54.45 -26.13 33.69
CA LYS U 198 54.05 -26.29 32.27
C LYS U 198 53.42 -27.66 32.04
N PRO U 199 52.21 -27.73 31.43
CA PRO U 199 51.62 -29.00 30.99
C PRO U 199 52.17 -29.40 29.61
N TYR U 200 53.47 -29.72 29.55
CA TYR U 200 54.21 -29.98 28.29
C TYR U 200 54.61 -31.47 28.21
N MET U 201 54.57 -32.02 26.99
CA MET U 201 55.20 -33.32 26.62
C MET U 201 56.02 -33.10 25.34
N ILE U 202 56.76 -34.12 24.89
CA ILE U 202 57.72 -34.03 23.75
C ILE U 202 57.70 -35.33 22.95
N THR U 203 57.73 -35.24 21.62
CA THR U 203 57.72 -36.37 20.66
C THR U 203 58.94 -36.29 19.75
N ALA U 204 59.60 -37.43 19.52
CA ALA U 204 60.70 -37.62 18.54
C ALA U 204 60.16 -38.47 17.37
N SER U 205 60.77 -38.34 16.18
CA SER U 205 60.27 -38.94 14.93
C SER U 205 61.39 -39.16 13.90
N ASP U 206 61.20 -40.15 13.03
CA ASP U 206 62.06 -40.44 11.85
C ASP U 206 62.06 -39.24 10.89
N ASP U 207 61.07 -38.34 10.98
CA ASP U 207 60.96 -37.13 10.11
C ASP U 207 62.02 -36.08 10.49
N LEU U 208 62.89 -36.39 11.46
CA LEU U 208 64.11 -35.61 11.85
C LEU U 208 63.76 -34.54 12.89
N THR U 209 62.48 -34.40 13.28
CA THR U 209 61.99 -33.28 14.13
C THR U 209 61.72 -33.76 15.57
N ILE U 210 61.80 -32.82 16.52
CA ILE U 210 61.36 -32.97 17.93
C ILE U 210 60.33 -31.87 18.20
N LYS U 211 59.13 -32.23 18.69
CA LYS U 211 58.00 -31.29 18.90
C LYS U 211 57.63 -31.23 20.39
N ILE U 212 57.60 -30.01 20.95
CA ILE U 212 57.11 -29.71 22.33
C ILE U 212 55.59 -29.50 22.25
N TRP U 213 54.82 -30.18 23.12
CA TRP U 213 53.34 -30.22 23.09
C TRP U 213 52.77 -29.70 24.42
N ASP U 214 51.90 -28.69 24.36
CA ASP U 214 50.98 -28.29 25.46
C ASP U 214 49.75 -29.19 25.39
N TYR U 215 49.59 -30.11 26.35
CA TYR U 215 48.51 -31.15 26.34
C TYR U 215 47.26 -30.65 27.09
N GLN U 216 47.13 -29.33 27.27
CA GLN U 216 45.88 -28.66 27.74
C GLN U 216 45.25 -27.94 26.56
N THR U 217 46.02 -27.09 25.86
CA THR U 217 45.61 -26.39 24.61
C THR U 217 45.64 -27.37 23.43
N LYS U 218 46.37 -28.49 23.56
CA LYS U 218 46.55 -29.52 22.50
C LYS U 218 47.21 -28.85 21.30
N SER U 219 48.34 -28.17 21.52
CA SER U 219 49.07 -27.34 20.51
C SER U 219 50.58 -27.54 20.62
N CYS U 220 51.29 -27.45 19.49
CA CYS U 220 52.77 -27.54 19.39
C CYS U 220 53.40 -26.22 19.85
N VAL U 221 54.18 -26.26 20.93
CA VAL U 221 54.86 -25.07 21.54
C VAL U 221 56.05 -24.69 20.67
N ALA U 222 56.96 -25.65 20.44
CA ALA U 222 58.22 -25.47 19.67
C ALA U 222 58.48 -26.71 18.79
N THR U 223 59.20 -26.51 17.70
CA THR U 223 59.77 -27.57 16.81
C THR U 223 61.29 -27.49 16.90
N LEU U 224 61.93 -28.57 17.34
CA LEU U 224 63.41 -28.69 17.52
C LEU U 224 64.00 -29.51 16.37
N GLU U 225 64.86 -28.89 15.56
CA GLU U 225 65.48 -29.49 14.35
C GLU U 225 67.01 -29.40 14.48
N GLY U 226 67.64 -30.49 14.95
CA GLY U 226 69.10 -30.58 15.16
C GLY U 226 69.63 -31.98 14.99
N HIS U 227 69.10 -32.73 14.02
CA HIS U 227 69.55 -34.11 13.65
C HIS U 227 69.44 -34.26 12.13
N MET U 228 70.32 -35.06 11.52
CA MET U 228 70.34 -35.32 10.05
C MET U 228 69.80 -36.72 9.75
N SER U 229 69.44 -37.48 10.79
CA SER U 229 68.82 -38.84 10.68
C SER U 229 67.78 -39.02 11.78
N ASN U 230 67.13 -40.19 11.81
CA ASN U 230 65.96 -40.53 12.67
C ASN U 230 66.25 -40.16 14.12
N VAL U 231 65.34 -39.40 14.76
CA VAL U 231 65.40 -39.03 16.20
C VAL U 231 64.74 -40.17 17.00
N SER U 232 65.56 -40.92 17.75
CA SER U 232 65.16 -42.15 18.48
C SER U 232 64.41 -41.78 19.77
N PHE U 233 64.77 -40.67 20.40
CA PHE U 233 64.19 -40.21 21.69
C PHE U 233 64.42 -38.72 21.90
N ALA U 234 63.58 -38.14 22.77
CA ALA U 234 63.72 -36.79 23.36
C ALA U 234 63.11 -36.84 24.77
N VAL U 235 63.88 -36.43 25.79
CA VAL U 235 63.42 -36.46 27.21
C VAL U 235 63.78 -35.13 27.88
N PHE U 236 62.89 -34.65 28.74
CA PHE U 236 63.15 -33.57 29.73
C PHE U 236 64.01 -34.17 30.86
N HIS U 237 65.08 -33.49 31.26
CA HIS U 237 65.93 -33.88 32.41
C HIS U 237 65.15 -33.62 33.70
N PRO U 238 65.16 -34.55 34.68
CA PRO U 238 64.43 -34.35 35.94
C PRO U 238 64.76 -33.03 36.64
N THR U 239 66.04 -32.78 36.92
CA THR U 239 66.53 -31.75 37.88
C THR U 239 67.13 -30.53 37.16
N LEU U 240 67.50 -30.66 35.88
CA LEU U 240 68.18 -29.58 35.10
C LEU U 240 67.22 -29.00 34.07
N PRO U 241 67.42 -27.73 33.64
CA PRO U 241 66.55 -27.09 32.66
C PRO U 241 66.98 -27.39 31.22
N ILE U 242 67.10 -28.67 30.87
CA ILE U 242 67.62 -29.14 29.55
C ILE U 242 66.69 -30.23 28.99
N ILE U 243 66.77 -30.45 27.68
CA ILE U 243 66.18 -31.61 26.95
C ILE U 243 67.32 -32.38 26.30
N ILE U 244 67.28 -33.71 26.35
CA ILE U 244 68.33 -34.62 25.79
C ILE U 244 67.69 -35.44 24.67
N SER U 245 68.19 -35.28 23.44
CA SER U 245 67.73 -35.99 22.22
C SER U 245 68.85 -36.88 21.67
N GLY U 246 68.48 -38.05 21.15
CA GLY U 246 69.40 -39.01 20.51
C GLY U 246 68.86 -39.47 19.17
N SER U 247 69.73 -39.55 18.16
CA SER U 247 69.37 -39.83 16.74
C SER U 247 70.29 -40.91 16.16
N GLU U 248 69.91 -41.47 15.01
CA GLU U 248 70.70 -42.47 14.24
C GLU U 248 71.93 -41.79 13.63
N ASP U 249 71.99 -40.44 13.69
CA ASP U 249 73.19 -39.66 13.30
C ASP U 249 74.30 -39.85 14.36
N GLY U 250 74.07 -40.71 15.36
CA GLY U 250 75.04 -41.06 16.41
C GLY U 250 75.43 -39.86 17.25
N THR U 251 74.50 -38.91 17.39
CA THR U 251 74.70 -37.62 18.10
C THR U 251 73.69 -37.55 19.26
N LEU U 252 74.16 -37.12 20.44
CA LEU U 252 73.30 -36.64 21.56
C LEU U 252 73.31 -35.11 21.53
N LYS U 253 72.14 -34.48 21.66
CA LYS U 253 72.00 -33.00 21.74
C LYS U 253 71.34 -32.63 23.07
N ILE U 254 71.92 -31.63 23.74
CA ILE U 254 71.39 -31.02 25.00
C ILE U 254 70.81 -29.64 24.62
N TRP U 255 69.49 -29.49 24.73
CA TRP U 255 68.75 -28.25 24.42
C TRP U 255 68.40 -27.53 25.73
N ASN U 256 68.48 -26.20 25.74
CA ASN U 256 67.90 -25.33 26.80
C ASN U 256 66.37 -25.51 26.75
N SER U 257 65.76 -26.00 27.84
CA SER U 257 64.32 -26.35 27.92
C SER U 257 63.45 -25.07 27.86
N SER U 258 64.02 -23.91 28.21
CA SER U 258 63.33 -22.60 28.24
C SER U 258 63.39 -21.95 26.85
N THR U 259 64.59 -21.78 26.29
CA THR U 259 64.86 -21.00 25.05
C THR U 259 64.81 -21.91 23.81
N TYR U 260 65.16 -23.19 23.96
CA TYR U 260 65.23 -24.23 22.90
C TYR U 260 66.46 -24.01 22.00
N LYS U 261 67.40 -23.17 22.45
CA LYS U 261 68.74 -23.01 21.82
C LYS U 261 69.60 -24.21 22.25
N VAL U 262 70.24 -24.89 21.31
CA VAL U 262 71.11 -26.08 21.57
C VAL U 262 72.29 -25.64 22.43
N GLU U 263 72.50 -26.32 23.56
CA GLU U 263 73.57 -26.00 24.56
C GLU U 263 74.85 -26.77 24.22
N LYS U 264 74.73 -28.00 23.71
CA LYS U 264 75.89 -28.85 23.34
C LYS U 264 75.46 -30.00 22.42
N THR U 265 76.33 -30.36 21.48
CA THR U 265 76.24 -31.57 20.62
C THR U 265 77.34 -32.56 21.06
N LEU U 266 76.94 -33.75 21.53
CA LEU U 266 77.87 -34.84 21.94
C LEU U 266 78.00 -35.84 20.80
N ASN U 267 79.20 -35.93 20.21
CA ASN U 267 79.59 -36.97 19.22
C ASN U 267 80.27 -38.10 19.98
N VAL U 268 79.47 -39.01 20.55
CA VAL U 268 79.89 -39.98 21.60
C VAL U 268 80.74 -41.08 20.96
N GLY U 269 80.42 -41.47 19.73
CA GLY U 269 81.25 -42.35 18.88
C GLY U 269 80.95 -43.82 19.14
N LEU U 270 79.66 -44.16 19.23
CA LEU U 270 79.15 -45.55 19.31
C LEU U 270 78.09 -45.76 18.21
N GLU U 271 78.14 -44.96 17.15
CA GLU U 271 77.20 -44.96 16.00
C GLU U 271 75.78 -44.67 16.53
N ARG U 272 74.73 -45.29 15.96
CA ARG U 272 73.31 -44.84 16.12
C ARG U 272 72.88 -44.97 17.58
N SER U 273 72.35 -43.88 18.15
CA SER U 273 71.72 -43.81 19.49
C SER U 273 70.26 -44.30 19.40
N TRP U 274 69.84 -45.15 20.34
CA TRP U 274 68.52 -45.85 20.34
C TRP U 274 67.69 -45.48 21.58
N CYS U 275 68.27 -45.59 22.77
CA CYS U 275 67.57 -45.47 24.08
C CYS U 275 68.31 -44.50 25.00
N ILE U 276 67.58 -43.95 25.97
CA ILE U 276 68.05 -42.89 26.93
C ILE U 276 67.53 -43.26 28.32
N ALA U 277 68.25 -42.84 29.35
CA ALA U 277 67.83 -42.92 30.76
C ALA U 277 68.38 -41.70 31.51
N THR U 278 67.62 -41.23 32.50
CA THR U 278 68.01 -40.17 33.48
C THR U 278 67.83 -40.76 34.87
N HIS U 279 68.72 -40.44 35.81
CA HIS U 279 68.64 -40.97 37.21
C HIS U 279 67.31 -40.53 37.82
N PRO U 280 66.50 -41.46 38.35
CA PRO U 280 65.18 -41.13 38.92
C PRO U 280 65.20 -40.00 39.96
N THR U 281 66.28 -39.93 40.76
CA THR U 281 66.47 -38.96 41.88
C THR U 281 67.48 -37.89 41.49
N GLY U 282 67.93 -37.87 40.23
CA GLY U 282 68.86 -36.86 39.69
C GLY U 282 70.21 -36.84 40.39
N ARG U 283 70.76 -38.02 40.71
CA ARG U 283 72.08 -38.18 41.39
C ARG U 283 73.19 -37.81 40.39
N LYS U 284 73.97 -36.78 40.71
CA LYS U 284 75.07 -36.22 39.85
C LYS U 284 74.52 -35.85 38.46
N ASN U 285 73.20 -35.64 38.35
CA ASN U 285 72.49 -35.40 37.08
C ASN U 285 72.92 -36.45 36.05
N TYR U 286 73.06 -37.71 36.46
CA TYR U 286 73.50 -38.85 35.62
C TYR U 286 72.53 -39.03 34.45
N ILE U 287 73.05 -39.14 33.22
CA ILE U 287 72.29 -39.57 32.02
C ILE U 287 73.06 -40.74 31.37
N ALA U 288 72.34 -41.65 30.72
CA ALA U 288 72.90 -42.83 30.02
C ALA U 288 72.12 -43.06 28.71
N SER U 289 72.84 -43.28 27.61
CA SER U 289 72.28 -43.59 26.27
C SER U 289 72.82 -44.94 25.79
N GLY U 290 71.98 -45.73 25.10
CA GLY U 290 72.37 -47.01 24.49
C GLY U 290 72.44 -46.88 22.98
N PHE U 291 73.46 -47.48 22.34
CA PHE U 291 73.84 -47.28 20.93
C PHE U 291 74.01 -48.63 20.22
N ASP U 292 74.38 -48.60 18.93
CA ASP U 292 74.79 -49.77 18.11
C ASP U 292 76.00 -50.47 18.76
N ASN U 293 76.94 -49.70 19.31
CA ASN U 293 78.29 -50.19 19.71
C ASN U 293 78.47 -50.17 21.23
N GLY U 294 77.37 -50.03 22.00
CA GLY U 294 77.38 -50.15 23.47
C GLY U 294 76.58 -49.04 24.14
N PHE U 295 77.01 -48.59 25.33
CA PHE U 295 76.35 -47.51 26.11
C PHE U 295 77.41 -46.61 26.78
N THR U 296 77.02 -45.39 27.11
CA THR U 296 77.82 -44.39 27.88
C THR U 296 76.97 -43.86 29.05
N VAL U 297 77.60 -43.67 30.21
CA VAL U 297 76.99 -42.96 31.38
C VAL U 297 77.76 -41.64 31.55
N LEU U 298 77.04 -40.51 31.51
CA LEU U 298 77.60 -39.15 31.71
C LEU U 298 77.09 -38.58 33.03
N SER U 299 77.85 -37.67 33.64
CA SER U 299 77.43 -36.79 34.77
C SER U 299 77.50 -35.34 34.30
N LEU U 300 76.52 -34.52 34.69
CA LEU U 300 76.40 -33.09 34.31
C LEU U 300 76.66 -32.22 35.55
N GLY U 301 77.53 -31.21 35.42
CA GLY U 301 77.86 -30.25 36.48
C GLY U 301 76.66 -29.39 36.86
N ASN U 302 76.60 -28.94 38.12
CA ASN U 302 75.44 -28.22 38.70
C ASN U 302 75.40 -26.78 38.18
N ASP U 303 74.29 -26.38 37.56
CA ASP U 303 74.01 -24.98 37.14
C ASP U 303 73.00 -24.38 38.14
N MET V 1 70.75 -21.80 -25.92
CA MET V 1 71.87 -22.70 -25.49
C MET V 1 71.58 -24.13 -25.97
N LYS V 2 72.49 -24.67 -26.81
CA LYS V 2 72.47 -26.08 -27.29
C LYS V 2 73.81 -26.72 -26.89
N LEU V 3 73.76 -27.79 -26.09
CA LEU V 3 74.92 -28.30 -25.30
C LEU V 3 75.77 -29.26 -26.14
N ASP V 4 75.14 -30.13 -26.95
CA ASP V 4 75.84 -31.11 -27.83
C ASP V 4 76.75 -32.00 -26.99
N ILE V 5 76.15 -32.93 -26.23
CA ILE V 5 76.86 -33.87 -25.32
C ILE V 5 77.42 -35.02 -26.16
N LYS V 6 78.68 -35.40 -25.92
CA LYS V 6 79.37 -36.53 -26.61
C LYS V 6 80.00 -37.44 -25.54
N LYS V 7 79.63 -38.72 -25.54
CA LYS V 7 80.22 -39.76 -24.64
C LYS V 7 81.65 -40.04 -25.11
N THR V 8 82.63 -39.35 -24.53
CA THR V 8 84.08 -39.46 -24.87
C THR V 8 84.57 -40.86 -24.50
N PHE V 9 84.37 -41.27 -23.25
CA PHE V 9 84.87 -42.55 -22.67
C PHE V 9 84.02 -42.95 -21.45
N SER V 10 83.74 -44.24 -21.33
CA SER V 10 82.99 -44.86 -20.20
C SER V 10 83.66 -46.19 -19.81
N ASN V 11 84.09 -46.32 -18.55
CA ASN V 11 84.77 -47.53 -18.02
C ASN V 11 83.92 -48.15 -16.92
N ARG V 12 83.73 -49.47 -16.96
CA ARG V 12 83.07 -50.28 -15.90
C ARG V 12 84.12 -50.62 -14.85
N SER V 13 83.74 -50.56 -13.56
CA SER V 13 84.66 -50.78 -12.40
C SER V 13 83.85 -50.87 -11.11
N ASP V 14 84.55 -50.99 -9.97
CA ASP V 14 83.98 -50.82 -8.61
C ASP V 14 83.55 -49.36 -8.44
N ARG V 15 82.74 -49.10 -7.41
CA ARG V 15 82.12 -47.78 -7.12
C ARG V 15 83.23 -46.72 -7.04
N VAL V 16 83.13 -45.68 -7.90
CA VAL V 16 84.05 -44.50 -7.92
C VAL V 16 83.53 -43.47 -6.92
N LYS V 17 84.30 -43.18 -5.86
CA LYS V 17 83.94 -42.23 -4.79
C LYS V 17 84.63 -40.88 -5.03
N GLY V 18 85.79 -40.89 -5.69
CA GLY V 18 86.57 -39.67 -6.03
C GLY V 18 86.98 -39.67 -7.49
N ILE V 19 86.95 -38.50 -8.13
CA ILE V 19 87.36 -38.30 -9.55
C ILE V 19 87.96 -36.90 -9.71
N ASP V 20 88.93 -36.73 -10.60
CA ASP V 20 89.61 -35.44 -10.89
C ASP V 20 90.29 -35.51 -12.26
N PHE V 21 90.40 -34.35 -12.93
CA PHE V 21 91.03 -34.17 -14.28
C PHE V 21 92.48 -33.71 -14.14
N HIS V 22 93.38 -34.26 -14.96
CA HIS V 22 94.77 -33.76 -15.13
C HIS V 22 94.72 -32.55 -16.07
N PRO V 23 95.40 -31.43 -15.73
CA PRO V 23 95.21 -30.17 -16.47
C PRO V 23 95.81 -30.16 -17.88
N THR V 24 96.97 -30.79 -18.08
CA THR V 24 97.78 -30.76 -19.34
C THR V 24 97.67 -32.07 -20.11
N GLU V 25 97.55 -33.21 -19.40
CA GLU V 25 97.39 -34.56 -20.00
C GLU V 25 95.90 -34.90 -20.08
N PRO V 26 95.47 -35.72 -21.06
CA PRO V 26 94.07 -36.16 -21.16
C PRO V 26 93.77 -37.37 -20.27
N TRP V 27 94.09 -37.27 -18.97
CA TRP V 27 93.85 -38.34 -17.96
C TRP V 27 92.73 -37.92 -17.01
N VAL V 28 92.01 -38.90 -16.45
CA VAL V 28 91.12 -38.72 -15.27
C VAL V 28 91.61 -39.66 -14.16
N LEU V 29 91.73 -39.14 -12.94
CA LEU V 29 91.99 -39.94 -11.71
C LEU V 29 90.63 -40.42 -11.18
N THR V 30 90.50 -41.73 -10.89
CA THR V 30 89.32 -42.32 -10.22
C THR V 30 89.77 -43.05 -8.96
N THR V 31 89.06 -42.80 -7.86
CA THR V 31 89.32 -43.31 -6.49
C THR V 31 88.13 -44.20 -6.11
N LEU V 32 88.36 -45.50 -5.93
CA LEU V 32 87.28 -46.53 -5.85
C LEU V 32 86.99 -46.91 -4.40
N TYR V 33 85.87 -47.62 -4.20
CA TYR V 33 85.34 -48.06 -2.88
C TYR V 33 86.01 -49.36 -2.43
N SER V 34 86.79 -49.98 -3.33
CA SER V 34 87.44 -51.32 -3.12
C SER V 34 88.88 -51.16 -2.61
N GLY V 35 89.39 -49.92 -2.56
CA GLY V 35 90.77 -49.60 -2.14
C GLY V 35 91.68 -49.33 -3.31
N ARG V 36 91.22 -49.59 -4.55
CA ARG V 36 91.98 -49.37 -5.79
C ARG V 36 91.86 -47.89 -6.21
N VAL V 37 92.93 -47.31 -6.73
CA VAL V 37 92.94 -46.00 -7.44
C VAL V 37 93.47 -46.26 -8.86
N GLU V 38 92.88 -45.59 -9.85
CA GLU V 38 93.16 -45.79 -11.30
C GLU V 38 93.41 -44.45 -11.97
N LEU V 39 94.30 -44.44 -12.97
CA LEU V 39 94.53 -43.30 -13.91
C LEU V 39 94.23 -43.80 -15.33
N TRP V 40 93.28 -43.16 -16.02
CA TRP V 40 92.79 -43.53 -17.37
C TRP V 40 93.02 -42.38 -18.34
N ASN V 41 93.55 -42.68 -19.53
CA ASN V 41 93.57 -41.74 -20.69
C ASN V 41 92.24 -41.92 -21.42
N TYR V 42 91.41 -40.86 -21.46
CA TYR V 42 90.01 -40.90 -21.96
C TYR V 42 89.98 -40.65 -23.48
N GLU V 43 91.14 -40.41 -24.10
CA GLU V 43 91.28 -40.21 -25.56
C GLU V 43 91.87 -41.47 -26.21
N THR V 44 92.74 -42.19 -25.49
CA THR V 44 93.32 -43.49 -25.91
C THR V 44 92.43 -44.64 -25.42
N GLN V 45 91.73 -44.44 -24.29
CA GLN V 45 90.92 -45.46 -23.58
C GLN V 45 91.84 -46.54 -22.98
N VAL V 46 93.13 -46.21 -22.80
CA VAL V 46 94.17 -47.11 -22.24
C VAL V 46 94.44 -46.71 -20.79
N GLU V 47 94.54 -47.69 -19.89
CA GLU V 47 94.82 -47.47 -18.45
C GLU V 47 96.29 -47.08 -18.28
N VAL V 48 96.54 -45.87 -17.75
CA VAL V 48 97.91 -45.30 -17.55
C VAL V 48 98.56 -46.01 -16.36
N ARG V 49 97.84 -46.14 -15.25
CA ARG V 49 98.36 -46.66 -13.96
C ARG V 49 97.18 -47.02 -13.04
N SER V 50 97.28 -48.16 -12.35
CA SER V 50 96.35 -48.60 -11.28
C SER V 50 97.16 -49.04 -10.05
N ILE V 51 96.77 -48.56 -8.86
CA ILE V 51 97.42 -48.88 -7.56
C ILE V 51 96.33 -49.40 -6.60
N GLN V 52 96.55 -50.58 -6.00
CA GLN V 52 95.78 -51.09 -4.84
C GLN V 52 96.37 -50.42 -3.58
N VAL V 53 95.83 -49.25 -3.22
CA VAL V 53 96.43 -48.29 -2.25
C VAL V 53 96.15 -48.78 -0.82
N THR V 54 94.96 -49.36 -0.59
CA THR V 54 94.52 -49.93 0.72
C THR V 54 93.43 -50.97 0.44
N GLU V 55 92.75 -51.46 1.48
CA GLU V 55 91.60 -52.41 1.34
C GLU V 55 90.33 -51.77 1.91
N THR V 56 90.38 -50.49 2.27
CA THR V 56 89.20 -49.66 2.67
C THR V 56 88.75 -48.80 1.50
N PRO V 57 87.52 -48.27 1.52
CA PRO V 57 87.11 -47.28 0.52
C PRO V 57 88.00 -46.03 0.52
N VAL V 58 88.53 -45.69 -0.66
CA VAL V 58 89.20 -44.39 -0.94
C VAL V 58 88.11 -43.45 -1.45
N ARG V 59 87.85 -42.34 -0.74
CA ARG V 59 86.69 -41.44 -1.02
C ARG V 59 87.13 -40.17 -1.76
N ALA V 60 88.37 -39.71 -1.55
CA ALA V 60 88.91 -38.46 -2.13
C ALA V 60 90.19 -38.74 -2.92
N GLY V 61 90.34 -38.08 -4.07
CA GLY V 61 91.53 -38.17 -4.94
C GLY V 61 91.66 -36.94 -5.83
N LYS V 62 92.76 -36.20 -5.71
CA LYS V 62 93.07 -35.01 -6.56
C LYS V 62 94.45 -35.20 -7.21
N PHE V 63 94.64 -34.62 -8.40
CA PHE V 63 95.96 -34.43 -9.04
C PHE V 63 96.67 -33.24 -8.40
N ILE V 64 97.99 -33.35 -8.25
CA ILE V 64 98.92 -32.20 -8.01
C ILE V 64 99.94 -32.21 -9.15
N ALA V 65 99.52 -31.71 -10.32
CA ALA V 65 100.28 -31.76 -11.60
C ALA V 65 101.62 -31.02 -11.46
N ARG V 66 101.66 -29.96 -10.64
CA ARG V 66 102.87 -29.09 -10.46
C ARG V 66 104.01 -29.90 -9.82
N LYS V 67 103.68 -30.94 -9.04
CA LYS V 67 104.67 -31.87 -8.42
C LYS V 67 104.62 -33.24 -9.11
N ASN V 68 103.77 -33.39 -10.13
CA ASN V 68 103.51 -34.66 -10.87
C ASN V 68 103.06 -35.73 -9.85
N TRP V 69 102.18 -35.38 -8.92
CA TRP V 69 101.64 -36.28 -7.86
C TRP V 69 100.14 -36.50 -8.03
N ILE V 70 99.64 -37.59 -7.46
CA ILE V 70 98.21 -37.79 -7.06
C ILE V 70 98.18 -37.86 -5.53
N ILE V 71 97.15 -37.28 -4.91
CA ILE V 71 96.92 -37.31 -3.43
C ILE V 71 95.53 -37.91 -3.18
N VAL V 72 95.45 -38.91 -2.30
CA VAL V 72 94.22 -39.72 -2.03
C VAL V 72 94.01 -39.84 -0.52
N GLY V 73 92.75 -39.85 -0.08
CA GLY V 73 92.32 -40.07 1.32
C GLY V 73 91.39 -41.28 1.41
N SER V 74 91.53 -42.07 2.48
CA SER V 74 90.88 -43.40 2.65
C SER V 74 90.19 -43.50 4.01
N ASP V 75 89.31 -44.50 4.16
CA ASP V 75 88.53 -44.79 5.39
C ASP V 75 89.43 -45.37 6.48
N ASP V 76 90.67 -45.74 6.15
CA ASP V 76 91.67 -46.30 7.09
C ASP V 76 92.49 -45.17 7.73
N PHE V 77 92.02 -43.92 7.64
CA PHE V 77 92.53 -42.73 8.38
C PHE V 77 93.63 -41.99 7.60
N ARG V 78 94.09 -42.53 6.48
CA ARG V 78 95.42 -42.19 5.90
C ARG V 78 95.28 -41.33 4.64
N ILE V 79 96.18 -40.35 4.49
CA ILE V 79 96.45 -39.60 3.24
C ILE V 79 97.74 -40.17 2.64
N ARG V 80 97.69 -40.58 1.37
CA ARG V 80 98.84 -41.16 0.63
C ARG V 80 99.06 -40.36 -0.66
N VAL V 81 100.32 -40.12 -1.02
CA VAL V 81 100.72 -39.32 -2.21
C VAL V 81 101.69 -40.17 -3.05
N PHE V 82 101.41 -40.28 -4.36
CA PHE V 82 102.20 -41.09 -5.33
C PHE V 82 102.64 -40.19 -6.50
N ASN V 83 103.86 -40.43 -6.99
CA ASN V 83 104.35 -39.92 -8.30
C ASN V 83 103.73 -40.81 -9.39
N TYR V 84 102.90 -40.24 -10.27
CA TYR V 84 102.14 -41.00 -11.30
C TYR V 84 103.06 -41.42 -12.45
N ASN V 85 104.23 -40.77 -12.60
CA ASN V 85 105.23 -41.08 -13.67
C ASN V 85 106.02 -42.34 -13.28
N THR V 86 106.47 -42.44 -12.02
CA THR V 86 107.32 -43.54 -11.51
C THR V 86 106.47 -44.58 -10.75
N GLY V 87 105.35 -44.16 -10.17
CA GLY V 87 104.43 -45.03 -9.40
C GLY V 87 104.92 -45.24 -7.97
N GLU V 88 105.94 -44.49 -7.54
CA GLU V 88 106.57 -44.61 -6.20
C GLU V 88 105.77 -43.77 -5.20
N LYS V 89 105.65 -44.25 -3.96
CA LYS V 89 104.87 -43.60 -2.88
C LYS V 89 105.72 -42.47 -2.26
N VAL V 90 105.26 -41.23 -2.37
CA VAL V 90 105.95 -40.00 -1.89
C VAL V 90 105.82 -39.92 -0.37
N VAL V 91 104.58 -39.89 0.14
CA VAL V 91 104.25 -39.81 1.60
C VAL V 91 102.99 -40.64 1.88
N ASP V 92 102.90 -41.19 3.08
CA ASP V 92 101.76 -42.02 3.58
C ASP V 92 101.67 -41.84 5.10
N PHE V 93 100.68 -41.08 5.58
CA PHE V 93 100.54 -40.66 6.99
C PHE V 93 99.07 -40.66 7.42
N GLU V 94 98.83 -40.90 8.71
CA GLU V 94 97.50 -40.77 9.36
C GLU V 94 97.13 -39.28 9.44
N ALA V 95 96.04 -38.87 8.78
CA ALA V 95 95.54 -37.48 8.76
C ALA V 95 94.55 -37.27 9.91
N HIS V 96 93.50 -38.10 9.98
CA HIS V 96 92.41 -38.04 10.98
C HIS V 96 92.18 -39.43 11.57
N PRO V 97 91.63 -39.54 12.81
CA PRO V 97 91.28 -40.84 13.38
C PRO V 97 89.89 -41.33 12.96
N ASP V 98 89.50 -41.06 11.71
CA ASP V 98 88.18 -41.41 11.13
C ASP V 98 88.27 -41.25 9.61
N TYR V 99 87.19 -41.55 8.88
CA TYR V 99 87.10 -41.47 7.41
C TYR V 99 87.56 -40.09 6.92
N ILE V 100 88.25 -40.04 5.79
CA ILE V 100 88.54 -38.80 5.02
C ILE V 100 87.52 -38.73 3.87
N ARG V 101 86.71 -37.67 3.84
CA ARG V 101 85.56 -37.51 2.91
C ARG V 101 85.96 -36.68 1.69
N SER V 102 86.85 -35.70 1.88
CA SER V 102 87.17 -34.64 0.88
C SER V 102 88.61 -34.16 1.05
N ILE V 103 89.31 -33.95 -0.07
CA ILE V 103 90.66 -33.32 -0.15
C ILE V 103 90.60 -32.20 -1.19
N ALA V 104 91.09 -31.01 -0.82
CA ALA V 104 91.21 -29.82 -1.70
C ALA V 104 92.68 -29.37 -1.72
N VAL V 105 93.19 -28.98 -2.89
CA VAL V 105 94.59 -28.54 -3.12
C VAL V 105 94.58 -27.05 -3.48
N HIS V 106 95.32 -26.24 -2.72
CA HIS V 106 95.51 -24.78 -2.92
C HIS V 106 96.09 -24.52 -4.31
N PRO V 107 95.47 -23.66 -5.15
CA PRO V 107 95.96 -23.42 -6.51
C PRO V 107 97.44 -23.00 -6.61
N THR V 108 97.88 -22.06 -5.76
CA THR V 108 99.25 -21.47 -5.79
C THR V 108 100.13 -22.13 -4.73
N LYS V 109 99.84 -21.91 -3.44
CA LYS V 109 100.67 -22.33 -2.29
C LYS V 109 100.64 -23.85 -2.15
N PRO V 110 101.64 -24.46 -1.48
CA PRO V 110 101.72 -25.92 -1.35
C PRO V 110 100.89 -26.48 -0.18
N TYR V 111 99.60 -26.14 -0.12
CA TYR V 111 98.69 -26.48 1.01
C TYR V 111 97.62 -27.48 0.53
N VAL V 112 97.15 -28.31 1.46
CA VAL V 112 96.18 -29.41 1.23
C VAL V 112 95.14 -29.40 2.37
N LEU V 113 93.86 -29.21 2.03
CA LEU V 113 92.72 -29.32 2.97
C LEU V 113 92.20 -30.76 2.94
N SER V 114 91.89 -31.33 4.11
CA SER V 114 91.30 -32.67 4.27
C SER V 114 90.17 -32.63 5.31
N GLY V 115 88.93 -32.87 4.88
CA GLY V 115 87.74 -32.98 5.73
C GLY V 115 87.52 -34.42 6.16
N SER V 116 87.04 -34.64 7.39
CA SER V 116 86.92 -35.99 8.01
C SER V 116 85.70 -36.09 8.93
N ASP V 117 85.28 -37.34 9.20
CA ASP V 117 84.19 -37.70 10.14
C ASP V 117 84.62 -37.42 11.59
N ASP V 118 85.88 -37.06 11.81
CA ASP V 118 86.42 -36.62 13.13
C ASP V 118 85.96 -35.19 13.44
N LEU V 119 85.11 -34.61 12.58
CA LEU V 119 84.37 -33.33 12.78
C LEU V 119 85.25 -32.14 12.37
N THR V 120 86.37 -32.40 11.70
CA THR V 120 87.50 -31.43 11.55
C THR V 120 87.90 -31.28 10.08
N VAL V 121 88.42 -30.10 9.73
CA VAL V 121 89.25 -29.83 8.51
C VAL V 121 90.69 -29.64 8.99
N LYS V 122 91.67 -30.25 8.30
CA LYS V 122 93.12 -30.12 8.63
C LYS V 122 93.88 -29.62 7.40
N LEU V 123 94.86 -28.74 7.65
CA LEU V 123 95.73 -28.09 6.62
C LEU V 123 97.14 -28.67 6.72
N TRP V 124 97.63 -29.28 5.62
CA TRP V 124 98.98 -29.90 5.54
C TRP V 124 99.85 -29.10 4.56
N ASN V 125 101.12 -28.86 4.92
CA ASN V 125 102.12 -28.12 4.11
C ASN V 125 103.21 -29.13 3.68
N TRP V 126 103.27 -29.46 2.39
CA TRP V 126 104.17 -30.51 1.85
C TRP V 126 105.61 -29.99 1.76
N GLU V 127 105.82 -28.67 1.76
CA GLU V 127 107.16 -28.02 1.76
C GLU V 127 107.71 -27.98 3.19
N ASN V 128 106.86 -28.24 4.20
CA ASN V 128 107.25 -28.38 5.63
C ASN V 128 107.13 -29.85 6.04
N ASN V 129 107.42 -30.77 5.10
CA ASN V 129 107.43 -32.25 5.30
C ASN V 129 106.03 -32.73 5.72
N TRP V 130 105.01 -32.31 4.96
CA TRP V 130 103.57 -32.69 5.15
C TRP V 130 103.17 -32.55 6.62
N ALA V 131 103.53 -31.43 7.25
CA ALA V 131 103.25 -31.12 8.68
C ALA V 131 101.84 -30.55 8.81
N LEU V 132 101.23 -30.73 9.99
CA LEU V 132 99.88 -30.18 10.34
C LEU V 132 100.04 -28.71 10.75
N GLU V 133 99.61 -27.79 9.88
CA GLU V 133 99.73 -26.31 10.09
C GLU V 133 98.55 -25.81 10.94
N GLN V 134 97.35 -26.36 10.74
CA GLN V 134 96.11 -25.88 11.42
C GLN V 134 95.04 -26.98 11.42
N THR V 135 94.34 -27.13 12.54
CA THR V 135 93.14 -28.00 12.73
C THR V 135 91.92 -27.09 12.98
N PHE V 136 91.00 -27.03 12.01
CA PHE V 136 89.79 -26.17 12.06
C PHE V 136 88.66 -26.93 12.79
N GLU V 137 88.26 -26.41 13.95
CA GLU V 137 87.26 -27.03 14.87
C GLU V 137 86.05 -26.12 15.00
N GLY V 138 84.84 -26.69 14.94
CA GLY V 138 83.57 -25.95 14.95
C GLY V 138 82.39 -26.81 14.52
N HIS V 139 82.58 -27.64 13.50
CA HIS V 139 81.55 -28.59 12.98
C HIS V 139 81.23 -29.65 14.04
N GLU V 140 79.99 -30.15 14.05
CA GLU V 140 79.47 -31.12 15.05
C GLU V 140 78.98 -32.38 14.33
N HIS V 141 79.44 -32.63 13.10
CA HIS V 141 79.24 -33.91 12.37
C HIS V 141 80.27 -34.00 11.23
N PHE V 142 80.11 -35.02 10.36
CA PHE V 142 81.10 -35.41 9.31
C PHE V 142 81.30 -34.24 8.34
N VAL V 143 82.56 -33.80 8.19
CA VAL V 143 82.96 -32.78 7.17
C VAL V 143 83.01 -33.51 5.82
N MET V 144 81.92 -33.41 5.04
CA MET V 144 81.66 -34.23 3.83
C MET V 144 82.41 -33.67 2.62
N CYS V 145 82.56 -32.35 2.55
CA CYS V 145 83.14 -31.62 1.39
C CYS V 145 83.95 -30.42 1.87
N VAL V 146 85.14 -30.22 1.29
CA VAL V 146 85.99 -29.01 1.48
C VAL V 146 86.39 -28.46 0.11
N ALA V 147 86.33 -27.14 -0.07
CA ALA V 147 86.63 -26.44 -1.33
C ALA V 147 87.13 -25.02 -1.02
N PHE V 148 88.30 -24.67 -1.57
CA PHE V 148 88.86 -23.29 -1.55
C PHE V 148 87.95 -22.35 -2.33
N ASN V 149 87.88 -21.09 -1.90
CA ASN V 149 87.35 -19.97 -2.73
C ASN V 149 88.41 -19.66 -3.77
N PRO V 150 88.17 -19.89 -5.08
CA PRO V 150 89.18 -19.60 -6.10
C PRO V 150 89.50 -18.10 -6.19
N LYS V 151 88.53 -17.25 -5.82
CA LYS V 151 88.65 -15.77 -5.83
C LYS V 151 89.35 -15.29 -4.55
N ASP V 152 89.57 -16.18 -3.57
CA ASP V 152 90.42 -15.94 -2.38
C ASP V 152 90.72 -17.27 -1.68
N PRO V 153 91.70 -18.06 -2.17
CA PRO V 153 92.06 -19.34 -1.54
C PRO V 153 92.80 -19.23 -0.19
N SER V 154 92.81 -18.06 0.44
CA SER V 154 93.13 -17.88 1.88
C SER V 154 91.90 -18.27 2.72
N THR V 155 90.75 -18.42 2.07
CA THR V 155 89.45 -18.84 2.68
C THR V 155 88.93 -20.07 1.92
N PHE V 156 88.12 -20.91 2.58
CA PHE V 156 87.50 -22.13 2.00
C PHE V 156 86.17 -22.43 2.71
N ALA V 157 85.33 -23.24 2.08
CA ALA V 157 84.03 -23.74 2.60
C ALA V 157 84.18 -25.18 3.08
N SER V 158 83.35 -25.60 4.04
CA SER V 158 83.25 -26.99 4.55
C SER V 158 81.78 -27.42 4.65
N GLY V 159 81.34 -28.29 3.72
CA GLY V 159 80.03 -28.95 3.78
C GLY V 159 80.01 -30.01 4.88
N CYS V 160 79.05 -29.93 5.79
CA CYS V 160 78.94 -30.80 6.99
C CYS V 160 77.52 -31.35 7.13
N LEU V 161 77.40 -32.55 7.72
CA LEU V 161 76.10 -33.24 7.98
C LEU V 161 75.42 -32.63 9.22
N ASP V 162 76.12 -31.75 9.96
CA ASP V 162 75.52 -30.93 11.05
C ASP V 162 74.60 -29.86 10.43
N ARG V 163 74.53 -29.81 9.10
CA ARG V 163 73.53 -29.05 8.29
C ARG V 163 74.00 -27.58 8.13
N THR V 164 75.31 -27.34 8.25
CA THR V 164 75.93 -26.00 8.09
C THR V 164 77.00 -26.02 7.00
N VAL V 165 77.28 -24.84 6.42
CA VAL V 165 78.49 -24.55 5.60
C VAL V 165 79.30 -23.49 6.35
N LYS V 166 80.48 -23.87 6.86
CA LYS V 166 81.39 -22.95 7.60
C LYS V 166 82.49 -22.47 6.65
N VAL V 167 82.68 -21.15 6.57
CA VAL V 167 83.72 -20.48 5.75
C VAL V 167 84.85 -20.03 6.68
N TRP V 168 86.03 -20.63 6.55
CA TRP V 168 87.22 -20.40 7.41
C TRP V 168 88.23 -19.51 6.69
N SER V 169 89.12 -18.87 7.46
CA SER V 169 90.33 -18.15 6.97
C SER V 169 91.57 -18.85 7.52
N LEU V 170 92.63 -18.96 6.70
CA LEU V 170 93.93 -19.55 7.11
C LEU V 170 94.51 -18.70 8.25
N GLY V 171 95.00 -19.36 9.31
CA GLY V 171 95.58 -18.72 10.51
C GLY V 171 94.54 -18.42 11.58
N GLN V 172 93.25 -18.40 11.21
CA GLN V 172 92.13 -18.05 12.12
C GLN V 172 91.44 -19.32 12.61
N SER V 173 91.19 -19.40 13.92
CA SER V 173 90.67 -20.60 14.63
C SER V 173 89.16 -20.72 14.47
N THR V 174 88.42 -19.62 14.63
CA THR V 174 86.93 -19.55 14.51
C THR V 174 86.56 -19.27 13.06
N PRO V 175 85.40 -19.75 12.57
CA PRO V 175 84.95 -19.46 11.21
C PRO V 175 84.68 -17.96 10.97
N ASN V 176 84.81 -17.53 9.71
CA ASN V 176 84.43 -16.16 9.26
C ASN V 176 82.91 -15.98 9.41
N PHE V 177 82.16 -17.03 9.09
CA PHE V 177 80.68 -17.10 9.25
C PHE V 177 80.20 -18.55 9.05
N THR V 178 78.99 -18.84 9.54
CA THR V 178 78.29 -20.14 9.40
C THR V 178 76.95 -19.92 8.69
N LEU V 179 76.72 -20.62 7.57
CA LEU V 179 75.43 -20.63 6.83
C LEU V 179 74.57 -21.78 7.35
N THR V 180 73.45 -21.46 8.01
CA THR V 180 72.37 -22.43 8.36
C THR V 180 71.57 -22.70 7.09
N THR V 181 71.67 -23.93 6.55
CA THR V 181 71.27 -24.28 5.16
C THR V 181 69.77 -24.58 5.06
N GLY V 182 69.16 -25.10 6.12
CA GLY V 182 67.81 -25.68 6.09
C GLY V 182 67.77 -26.96 5.27
N GLN V 183 68.94 -27.59 5.07
CA GLN V 183 69.11 -28.91 4.42
C GLN V 183 69.32 -29.93 5.54
N GLU V 184 68.22 -30.38 6.16
CA GLU V 184 68.18 -30.99 7.51
C GLU V 184 68.79 -32.40 7.51
N ARG V 185 68.94 -33.05 6.35
CA ARG V 185 69.64 -34.36 6.23
C ARG V 185 71.14 -34.14 5.97
N GLY V 186 71.58 -32.88 5.90
CA GLY V 186 73.00 -32.48 5.93
C GLY V 186 73.50 -32.02 4.57
N VAL V 187 74.58 -31.22 4.58
CA VAL V 187 75.29 -30.73 3.37
C VAL V 187 76.31 -31.80 2.93
N ASN V 188 76.12 -32.38 1.75
CA ASN V 188 76.98 -33.45 1.18
C ASN V 188 78.12 -32.81 0.38
N TYR V 189 77.87 -31.64 -0.23
CA TYR V 189 78.81 -30.99 -1.19
C TYR V 189 78.68 -29.47 -1.09
N VAL V 190 79.81 -28.76 -1.26
CA VAL V 190 79.88 -27.28 -1.39
C VAL V 190 80.91 -26.94 -2.48
N ASP V 191 80.56 -26.00 -3.37
CA ASP V 191 81.42 -25.54 -4.50
C ASP V 191 81.21 -24.04 -4.70
N TYR V 192 82.27 -23.31 -5.01
CA TYR V 192 82.26 -21.85 -5.31
C TYR V 192 82.05 -21.65 -6.82
N TYR V 193 81.19 -20.68 -7.17
CA TYR V 193 81.03 -20.15 -8.55
C TYR V 193 82.31 -19.40 -8.93
N PRO V 194 82.98 -19.76 -10.05
CA PRO V 194 84.34 -19.32 -10.31
C PRO V 194 84.50 -17.83 -10.64
N LEU V 195 83.57 -17.27 -11.43
CA LEU V 195 83.66 -15.89 -12.00
C LEU V 195 83.27 -14.86 -10.95
N PRO V 196 83.79 -13.62 -11.05
CA PRO V 196 83.60 -12.59 -10.01
C PRO V 196 82.33 -11.74 -10.09
N ASP V 197 81.40 -12.06 -11.00
CA ASP V 197 80.13 -11.29 -11.19
C ASP V 197 79.18 -11.56 -10.01
N LYS V 198 79.17 -12.78 -9.47
CA LYS V 198 78.30 -13.19 -8.33
C LYS V 198 79.14 -13.84 -7.24
N PRO V 199 78.89 -13.53 -5.94
CA PRO V 199 79.56 -14.20 -4.83
C PRO V 199 78.77 -15.44 -4.37
N TYR V 200 78.53 -16.38 -5.29
CA TYR V 200 77.60 -17.52 -5.12
C TYR V 200 78.36 -18.78 -4.71
N MET V 201 77.77 -19.55 -3.78
CA MET V 201 78.16 -20.94 -3.44
C MET V 201 76.96 -21.84 -3.75
N ILE V 202 77.12 -23.16 -3.64
CA ILE V 202 76.07 -24.17 -3.94
C ILE V 202 76.25 -25.37 -3.00
N THR V 203 75.14 -25.94 -2.50
CA THR V 203 75.12 -27.10 -1.58
C THR V 203 74.15 -28.16 -2.10
N ALA V 204 74.57 -29.44 -2.06
CA ALA V 204 73.75 -30.63 -2.34
C ALA V 204 73.51 -31.39 -1.03
N SER V 205 72.30 -31.90 -0.83
CA SER V 205 71.85 -32.58 0.42
C SER V 205 71.10 -33.88 0.09
N ASP V 206 71.00 -34.77 1.08
CA ASP V 206 70.21 -36.03 0.99
C ASP V 206 68.71 -35.71 1.00
N ASP V 207 68.32 -34.50 1.42
CA ASP V 207 66.92 -34.05 1.49
C ASP V 207 66.42 -33.67 0.08
N LEU V 208 67.20 -33.97 -0.97
CA LEU V 208 66.83 -33.92 -2.41
C LEU V 208 67.07 -32.52 -2.99
N THR V 209 67.49 -31.55 -2.18
CA THR V 209 67.55 -30.11 -2.56
C THR V 209 68.98 -29.70 -2.92
N ILE V 210 69.11 -28.88 -3.97
CA ILE V 210 70.33 -28.10 -4.32
C ILE V 210 70.01 -26.63 -4.04
N LYS V 211 70.85 -25.96 -3.24
CA LYS V 211 70.62 -24.56 -2.78
C LYS V 211 71.77 -23.67 -3.26
N ILE V 212 71.45 -22.48 -3.78
CA ILE V 212 72.41 -21.43 -4.20
C ILE V 212 72.48 -20.40 -3.07
N TRP V 213 73.70 -20.08 -2.62
CA TRP V 213 73.97 -19.12 -1.51
C TRP V 213 74.68 -17.87 -2.06
N ASP V 214 74.60 -16.77 -1.32
CA ASP V 214 75.35 -15.51 -1.56
C ASP V 214 76.10 -15.19 -0.27
N TYR V 215 77.44 -15.29 -0.29
CA TYR V 215 78.30 -15.19 0.93
C TYR V 215 78.53 -13.73 1.34
N GLN V 216 77.83 -12.78 0.69
CA GLN V 216 77.75 -11.36 1.11
C GLN V 216 76.50 -11.16 1.97
N THR V 217 75.33 -11.57 1.47
CA THR V 217 74.01 -11.48 2.16
C THR V 217 73.88 -12.61 3.19
N LYS V 218 74.58 -13.74 2.98
CA LYS V 218 74.48 -14.99 3.79
C LYS V 218 73.06 -15.56 3.66
N SER V 219 72.41 -15.35 2.51
CA SER V 219 70.99 -15.71 2.25
C SER V 219 70.91 -16.72 1.10
N CYS V 220 69.80 -17.46 1.03
CA CYS V 220 69.48 -18.45 -0.03
C CYS V 220 68.97 -17.72 -1.27
N VAL V 221 69.73 -17.81 -2.38
CA VAL V 221 69.42 -17.15 -3.69
C VAL V 221 68.30 -17.94 -4.38
N ALA V 222 68.37 -19.28 -4.34
CA ALA V 222 67.42 -20.20 -5.02
C ALA V 222 67.54 -21.61 -4.45
N THR V 223 66.49 -22.42 -4.65
CA THR V 223 66.43 -23.87 -4.32
C THR V 223 66.09 -24.64 -5.60
N LEU V 224 66.97 -25.58 -5.99
CA LEU V 224 66.88 -26.38 -7.24
C LEU V 224 66.41 -27.80 -6.90
N GLU V 225 65.16 -28.14 -7.24
CA GLU V 225 64.52 -29.45 -6.96
C GLU V 225 64.37 -30.21 -8.28
N GLY V 226 65.20 -31.23 -8.51
CA GLY V 226 65.18 -32.04 -9.75
C GLY V 226 65.69 -33.47 -9.57
N HIS V 227 65.70 -33.99 -8.33
CA HIS V 227 66.17 -35.36 -8.00
C HIS V 227 65.16 -36.03 -7.07
N MET V 228 64.99 -37.34 -7.22
CA MET V 228 64.03 -38.18 -6.43
C MET V 228 64.80 -39.02 -5.40
N SER V 229 66.12 -38.84 -5.30
CA SER V 229 66.98 -39.46 -4.25
C SER V 229 68.16 -38.53 -3.90
N ASN V 230 68.96 -38.94 -2.92
CA ASN V 230 70.12 -38.18 -2.37
C ASN V 230 70.86 -37.46 -3.50
N VAL V 231 71.06 -36.14 -3.37
CA VAL V 231 71.91 -35.32 -4.29
C VAL V 231 73.34 -35.37 -3.76
N SER V 232 74.24 -36.03 -4.51
CA SER V 232 75.65 -36.30 -4.12
C SER V 232 76.49 -35.01 -4.25
N PHE V 233 76.24 -34.23 -5.31
CA PHE V 233 77.01 -33.00 -5.64
C PHE V 233 76.21 -32.10 -6.59
N ALA V 234 76.59 -30.82 -6.60
CA ALA V 234 76.20 -29.79 -7.60
C ALA V 234 77.34 -28.77 -7.72
N VAL V 235 77.79 -28.48 -8.94
CA VAL V 235 78.99 -27.63 -9.21
C VAL V 235 78.68 -26.61 -10.31
N PHE V 236 79.29 -25.44 -10.21
CA PHE V 236 79.34 -24.40 -11.28
C PHE V 236 80.45 -24.78 -12.27
N HIS V 237 80.09 -25.03 -13.53
CA HIS V 237 81.04 -25.33 -14.64
C HIS V 237 81.96 -24.12 -14.83
N PRO V 238 83.30 -24.32 -14.97
CA PRO V 238 84.24 -23.21 -15.01
C PRO V 238 83.99 -22.19 -16.13
N THR V 239 83.71 -22.66 -17.35
CA THR V 239 83.67 -21.83 -18.60
C THR V 239 82.24 -21.65 -19.11
N LEU V 240 81.42 -22.72 -19.10
CA LEU V 240 80.02 -22.70 -19.62
C LEU V 240 79.06 -22.28 -18.52
N PRO V 241 78.01 -21.48 -18.84
CA PRO V 241 77.04 -21.03 -17.85
C PRO V 241 76.01 -22.13 -17.52
N ILE V 242 76.41 -23.14 -16.76
CA ILE V 242 75.55 -24.28 -16.31
C ILE V 242 75.96 -24.70 -14.90
N ILE V 243 75.03 -25.36 -14.20
CA ILE V 243 75.26 -26.12 -12.93
C ILE V 243 75.04 -27.60 -13.23
N ILE V 244 76.03 -28.45 -12.95
CA ILE V 244 75.93 -29.94 -13.12
C ILE V 244 75.73 -30.57 -11.74
N SER V 245 74.56 -31.18 -11.52
CA SER V 245 74.19 -31.93 -10.28
C SER V 245 74.20 -33.43 -10.58
N GLY V 246 74.49 -34.24 -9.56
CA GLY V 246 74.46 -35.72 -9.61
C GLY V 246 73.82 -36.30 -8.36
N SER V 247 73.19 -37.47 -8.49
CA SER V 247 72.29 -38.05 -7.47
C SER V 247 72.37 -39.60 -7.46
N GLU V 248 71.95 -40.20 -6.34
CA GLU V 248 71.79 -41.67 -6.17
C GLU V 248 70.61 -42.16 -7.03
N ASP V 249 69.84 -41.23 -7.60
CA ASP V 249 68.75 -41.53 -8.57
C ASP V 249 69.37 -42.00 -9.90
N GLY V 250 70.70 -41.93 -10.03
CA GLY V 250 71.46 -42.43 -11.19
C GLY V 250 71.44 -41.46 -12.35
N THR V 251 71.27 -40.16 -12.06
CA THR V 251 71.10 -39.10 -13.08
C THR V 251 72.10 -37.97 -12.82
N LEU V 252 72.62 -37.39 -13.91
CA LEU V 252 73.24 -36.03 -13.92
C LEU V 252 72.24 -35.07 -14.56
N LYS V 253 71.95 -33.94 -13.90
CA LYS V 253 71.09 -32.87 -14.46
C LYS V 253 71.95 -31.61 -14.66
N ILE V 254 71.76 -30.96 -15.81
CA ILE V 254 72.45 -29.69 -16.20
C ILE V 254 71.42 -28.55 -16.11
N TRP V 255 71.61 -27.62 -15.17
CA TRP V 255 70.77 -26.41 -14.97
C TRP V 255 71.43 -25.22 -15.65
N ASN V 256 70.66 -24.16 -15.92
CA ASN V 256 71.17 -22.82 -16.30
C ASN V 256 71.60 -22.10 -15.02
N SER V 257 72.82 -21.56 -14.98
CA SER V 257 73.39 -20.84 -13.81
C SER V 257 72.98 -19.36 -13.83
N SER V 258 71.95 -19.02 -14.61
CA SER V 258 71.29 -17.68 -14.66
C SER V 258 69.82 -17.82 -14.26
N THR V 259 69.08 -18.69 -14.95
CA THR V 259 67.59 -18.86 -14.85
C THR V 259 67.23 -20.02 -13.92
N TYR V 260 68.10 -21.03 -13.81
CA TYR V 260 67.90 -22.27 -13.01
C TYR V 260 66.83 -23.16 -13.68
N LYS V 261 66.65 -23.02 -14.99
CA LYS V 261 65.83 -23.93 -15.83
C LYS V 261 66.69 -25.18 -16.13
N VAL V 262 66.08 -26.36 -16.09
CA VAL V 262 66.72 -27.66 -16.46
C VAL V 262 67.06 -27.61 -17.96
N GLU V 263 68.34 -27.72 -18.32
CA GLU V 263 68.84 -27.71 -19.72
C GLU V 263 68.86 -29.15 -20.26
N LYS V 264 69.30 -30.12 -19.44
CA LYS V 264 69.48 -31.53 -19.84
C LYS V 264 69.42 -32.45 -18.61
N THR V 265 68.72 -33.58 -18.73
CA THR V 265 68.68 -34.68 -17.73
C THR V 265 69.35 -35.92 -18.34
N LEU V 266 70.54 -36.27 -17.86
CA LEU V 266 71.36 -37.40 -18.37
C LEU V 266 71.14 -38.64 -17.48
N ASN V 267 70.53 -39.69 -18.06
CA ASN V 267 70.39 -41.03 -17.44
C ASN V 267 71.56 -41.89 -17.93
N VAL V 268 72.68 -41.90 -17.20
CA VAL V 268 73.99 -42.39 -17.70
C VAL V 268 74.02 -43.93 -17.64
N GLY V 269 73.18 -44.55 -16.80
CA GLY V 269 73.01 -46.01 -16.75
C GLY V 269 74.17 -46.70 -16.05
N LEU V 270 74.79 -46.04 -15.08
CA LEU V 270 75.86 -46.61 -14.22
C LEU V 270 75.42 -46.55 -12.75
N GLU V 271 74.10 -46.51 -12.52
CA GLU V 271 73.42 -46.49 -11.19
C GLU V 271 73.84 -45.23 -10.41
N ARG V 272 73.99 -45.29 -9.08
CA ARG V 272 74.12 -44.10 -8.19
C ARG V 272 75.35 -43.27 -8.57
N SER V 273 75.17 -41.95 -8.70
CA SER V 273 76.26 -40.94 -8.85
C SER V 273 76.80 -40.58 -7.47
N TRP V 274 78.10 -40.33 -7.35
CA TRP V 274 78.79 -40.01 -6.07
C TRP V 274 79.65 -38.74 -6.18
N CYS V 275 80.46 -38.61 -7.25
CA CYS V 275 81.49 -37.55 -7.37
C CYS V 275 81.47 -36.91 -8.77
N ILE V 276 82.01 -35.71 -8.87
CA ILE V 276 82.10 -34.89 -10.12
C ILE V 276 83.47 -34.21 -10.18
N ALA V 277 83.95 -33.96 -11.40
CA ALA V 277 85.13 -33.11 -11.70
C ALA V 277 84.92 -32.46 -13.06
N THR V 278 85.34 -31.19 -13.19
CA THR V 278 85.42 -30.44 -14.47
C THR V 278 86.90 -30.17 -14.76
N HIS V 279 87.28 -30.12 -16.03
CA HIS V 279 88.68 -29.89 -16.48
C HIS V 279 89.15 -28.52 -15.99
N PRO V 280 90.27 -28.44 -15.24
CA PRO V 280 90.73 -27.19 -14.63
C PRO V 280 90.67 -25.94 -15.53
N THR V 281 91.15 -26.05 -16.77
CA THR V 281 91.39 -24.92 -17.70
C THR V 281 90.23 -24.78 -18.70
N GLY V 282 89.29 -25.72 -18.71
CA GLY V 282 88.08 -25.69 -19.57
C GLY V 282 88.35 -26.23 -20.96
N ARG V 283 89.13 -27.31 -21.07
CA ARG V 283 89.47 -28.00 -22.34
C ARG V 283 88.24 -28.74 -22.86
N LYS V 284 87.74 -28.34 -24.03
CA LYS V 284 86.52 -28.90 -24.70
C LYS V 284 85.41 -29.15 -23.66
N ASN V 285 85.33 -28.26 -22.65
CA ASN V 285 84.31 -28.30 -21.55
C ASN V 285 84.09 -29.75 -21.10
N TYR V 286 85.17 -30.47 -20.82
CA TYR V 286 85.16 -31.87 -20.31
C TYR V 286 84.62 -31.90 -18.87
N ILE V 287 83.56 -32.67 -18.65
CA ILE V 287 83.07 -33.07 -17.29
C ILE V 287 83.26 -34.58 -17.13
N ALA V 288 83.40 -35.06 -15.91
CA ALA V 288 83.46 -36.49 -15.55
C ALA V 288 82.70 -36.72 -14.24
N SER V 289 82.16 -37.92 -14.05
CA SER V 289 81.35 -38.32 -12.88
C SER V 289 81.57 -39.80 -12.55
N GLY V 290 81.84 -40.11 -11.28
CA GLY V 290 81.95 -41.47 -10.74
C GLY V 290 80.60 -42.01 -10.33
N PHE V 291 80.41 -43.34 -10.40
CA PHE V 291 79.14 -44.05 -10.12
C PHE V 291 79.41 -45.43 -9.53
N ASP V 292 78.37 -46.05 -8.97
CA ASP V 292 78.31 -47.47 -8.52
C ASP V 292 79.07 -48.38 -9.50
N ASN V 293 78.84 -48.23 -10.81
CA ASN V 293 79.25 -49.22 -11.84
C ASN V 293 80.42 -48.72 -12.71
N GLY V 294 80.93 -47.51 -12.45
CA GLY V 294 82.11 -46.97 -13.16
C GLY V 294 82.09 -45.47 -13.26
N PHE V 295 82.61 -44.91 -14.36
CA PHE V 295 82.65 -43.45 -14.62
C PHE V 295 82.41 -43.15 -16.10
N THR V 296 82.23 -41.86 -16.40
CA THR V 296 82.03 -41.29 -17.76
C THR V 296 82.81 -39.97 -17.87
N VAL V 297 83.44 -39.73 -19.02
CA VAL V 297 83.92 -38.38 -19.46
C VAL V 297 83.04 -37.94 -20.64
N LEU V 298 82.50 -36.73 -20.58
CA LEU V 298 81.64 -36.12 -21.63
C LEU V 298 82.23 -34.76 -22.03
N SER V 299 82.20 -34.44 -23.33
CA SER V 299 82.54 -33.11 -23.89
C SER V 299 81.25 -32.33 -24.18
N LEU V 300 81.22 -31.05 -23.80
CA LEU V 300 80.05 -30.14 -23.93
C LEU V 300 80.38 -29.08 -25.00
N GLY V 301 79.61 -29.02 -26.08
CA GLY V 301 79.81 -28.10 -27.20
C GLY V 301 79.42 -26.68 -26.86
N ASN V 302 80.28 -25.71 -27.17
CA ASN V 302 80.04 -24.25 -26.94
C ASN V 302 78.94 -23.77 -27.88
N MET W 1 -49.47 42.00 61.14
CA MET W 1 -49.03 41.20 62.31
C MET W 1 -47.60 40.68 62.08
N LYS W 2 -46.93 40.24 63.15
CA LYS W 2 -45.59 39.60 63.11
C LYS W 2 -45.77 38.09 63.25
N LEU W 3 -45.67 37.36 62.13
CA LEU W 3 -45.62 35.87 62.10
C LEU W 3 -44.16 35.44 62.27
N ASP W 4 -43.81 34.88 63.43
CA ASP W 4 -42.46 34.33 63.73
C ASP W 4 -42.42 32.86 63.30
N ILE W 5 -42.57 32.62 61.98
CA ILE W 5 -42.63 31.27 61.37
C ILE W 5 -41.25 30.61 61.49
N LYS W 6 -41.18 29.43 62.10
CA LYS W 6 -39.94 28.65 62.34
C LYS W 6 -40.17 27.20 61.94
N LYS W 7 -39.28 26.65 61.10
CA LYS W 7 -39.32 25.23 60.66
C LYS W 7 -38.94 24.33 61.85
N THR W 8 -39.94 23.74 62.51
CA THR W 8 -39.76 22.84 63.69
C THR W 8 -39.18 21.50 63.22
N PHE W 9 -39.82 20.87 62.23
CA PHE W 9 -39.47 19.52 61.71
C PHE W 9 -40.10 19.30 60.33
N SER W 10 -39.27 19.01 59.34
CA SER W 10 -39.68 18.53 57.98
C SER W 10 -39.20 17.09 57.80
N ASN W 11 -40.04 16.25 57.20
CA ASN W 11 -39.80 14.79 57.03
C ASN W 11 -40.19 14.37 55.60
N ARG W 12 -39.21 13.90 54.82
CA ARG W 12 -39.41 13.44 53.42
C ARG W 12 -39.98 12.01 53.46
N SER W 13 -41.05 11.77 52.71
CA SER W 13 -41.73 10.44 52.63
C SER W 13 -42.58 10.35 51.37
N ASP W 14 -43.29 9.22 51.21
CA ASP W 14 -44.41 9.05 50.25
C ASP W 14 -45.46 10.13 50.52
N ARG W 15 -46.23 10.49 49.49
CA ARG W 15 -47.29 11.54 49.55
C ARG W 15 -48.11 11.38 50.83
N VAL W 16 -48.20 12.45 51.62
CA VAL W 16 -49.02 12.53 52.88
C VAL W 16 -50.40 13.10 52.51
N LYS W 17 -51.45 12.27 52.60
CA LYS W 17 -52.85 12.62 52.21
C LYS W 17 -53.63 13.12 53.43
N GLY W 18 -53.31 12.62 54.64
CA GLY W 18 -53.94 13.04 55.90
C GLY W 18 -52.90 13.30 56.98
N ILE W 19 -53.11 14.35 57.78
CA ILE W 19 -52.19 14.78 58.88
C ILE W 19 -53.03 15.27 60.07
N ASP W 20 -52.58 15.00 61.30
CA ASP W 20 -53.29 15.36 62.55
C ASP W 20 -52.28 15.47 63.71
N PHE W 21 -52.51 16.41 64.63
CA PHE W 21 -51.69 16.65 65.84
C PHE W 21 -52.28 15.90 67.04
N HIS W 22 -51.42 15.35 67.91
CA HIS W 22 -51.80 14.86 69.27
C HIS W 22 -51.93 16.06 70.19
N PRO W 23 -53.00 16.16 71.00
CA PRO W 23 -53.28 17.37 71.78
C PRO W 23 -52.28 17.67 72.90
N THR W 24 -51.67 16.65 73.51
CA THR W 24 -50.78 16.76 74.71
C THR W 24 -49.34 16.39 74.34
N GLU W 25 -49.14 15.21 73.75
CA GLU W 25 -47.81 14.69 73.29
C GLU W 25 -47.34 15.52 72.10
N PRO W 26 -46.01 15.69 71.90
CA PRO W 26 -45.49 16.43 70.76
C PRO W 26 -45.41 15.55 69.50
N TRP W 27 -46.54 14.96 69.11
CA TRP W 27 -46.65 13.96 68.01
C TRP W 27 -47.47 14.55 66.85
N VAL W 28 -47.17 14.09 65.63
CA VAL W 28 -48.03 14.28 64.43
C VAL W 28 -48.32 12.90 63.84
N LEU W 29 -49.58 12.68 63.44
CA LEU W 29 -50.03 11.49 62.67
C LEU W 29 -50.02 11.84 61.18
N THR W 30 -49.45 10.98 60.35
CA THR W 30 -49.43 11.13 58.87
C THR W 30 -49.98 9.85 58.23
N THR W 31 -50.89 9.99 57.27
CA THR W 31 -51.51 8.88 56.49
C THR W 31 -51.09 9.06 55.03
N LEU W 32 -50.38 8.08 54.48
CA LEU W 32 -49.64 8.19 53.20
C LEU W 32 -50.40 7.48 52.08
N TYR W 33 -50.08 7.86 50.83
CA TYR W 33 -50.67 7.30 49.58
C TYR W 33 -50.23 5.84 49.43
N SER W 34 -49.06 5.48 49.97
CA SER W 34 -48.42 4.14 49.84
C SER W 34 -49.16 3.08 50.67
N GLY W 35 -50.01 3.49 51.63
CA GLY W 35 -50.75 2.58 52.51
C GLY W 35 -50.14 2.48 53.90
N ARG W 36 -49.09 3.28 54.15
CA ARG W 36 -48.35 3.35 55.43
C ARG W 36 -48.90 4.51 56.26
N VAL W 37 -48.89 4.38 57.59
CA VAL W 37 -49.21 5.47 58.54
C VAL W 37 -48.05 5.57 59.55
N GLU W 38 -47.58 6.80 59.81
CA GLU W 38 -46.38 7.08 60.65
C GLU W 38 -46.75 8.11 61.73
N LEU W 39 -46.38 7.82 62.98
CA LEU W 39 -46.45 8.77 64.12
C LEU W 39 -45.03 9.28 64.39
N TRP W 40 -44.84 10.61 64.38
CA TRP W 40 -43.52 11.27 64.51
C TRP W 40 -43.50 12.18 65.74
N ASN W 41 -42.40 12.15 66.51
CA ASN W 41 -42.05 13.19 67.51
C ASN W 41 -41.33 14.32 66.77
N TYR W 42 -41.95 15.49 66.65
CA TYR W 42 -41.45 16.65 65.85
C TYR W 42 -40.48 17.50 66.68
N GLU W 43 -40.31 17.21 67.96
CA GLU W 43 -39.37 17.92 68.87
C GLU W 43 -38.04 17.17 68.95
N THR W 44 -38.08 15.85 69.14
CA THR W 44 -36.90 14.94 69.15
C THR W 44 -36.52 14.58 67.71
N GLN W 45 -37.46 14.70 66.76
CA GLN W 45 -37.29 14.36 65.32
C GLN W 45 -37.13 12.84 65.16
N VAL W 46 -37.59 12.05 66.13
CA VAL W 46 -37.49 10.56 66.14
C VAL W 46 -38.87 9.97 65.85
N GLU W 47 -38.93 8.95 64.99
CA GLU W 47 -40.17 8.22 64.63
C GLU W 47 -40.67 7.44 65.85
N VAL W 48 -41.94 7.66 66.23
CA VAL W 48 -42.60 6.97 67.38
C VAL W 48 -43.00 5.56 66.93
N ARG W 49 -43.71 5.46 65.80
CA ARG W 49 -44.29 4.19 65.30
C ARG W 49 -44.71 4.37 63.83
N SER W 50 -44.70 3.29 63.06
CA SER W 50 -45.19 3.24 61.65
C SER W 50 -45.78 1.86 61.36
N ILE W 51 -46.91 1.83 60.64
CA ILE W 51 -47.68 0.60 60.31
C ILE W 51 -48.01 0.63 58.81
N GLN W 52 -47.81 -0.50 58.11
CA GLN W 52 -48.36 -0.76 56.75
C GLN W 52 -49.81 -1.22 56.95
N VAL W 53 -50.74 -0.26 56.95
CA VAL W 53 -52.19 -0.44 57.25
C VAL W 53 -52.85 -1.22 56.10
N THR W 54 -52.42 -0.97 54.87
CA THR W 54 -52.99 -1.55 53.62
C THR W 54 -51.99 -1.33 52.47
N GLU W 55 -52.40 -1.58 51.23
CA GLU W 55 -51.60 -1.30 50.01
C GLU W 55 -52.22 -0.13 49.24
N THR W 56 -53.46 0.26 49.56
CA THR W 56 -54.18 1.41 48.95
C THR W 56 -53.78 2.71 49.64
N PRO W 57 -54.04 3.88 49.02
CA PRO W 57 -53.90 5.16 49.73
C PRO W 57 -54.74 5.20 51.02
N VAL W 58 -54.22 5.85 52.06
CA VAL W 58 -54.92 6.13 53.35
C VAL W 58 -55.12 7.65 53.43
N ARG W 59 -56.28 8.12 52.96
CA ARG W 59 -56.58 9.57 52.77
C ARG W 59 -56.89 10.23 54.12
N ALA W 60 -57.47 9.47 55.07
CA ALA W 60 -58.06 9.97 56.33
C ALA W 60 -57.30 9.42 57.53
N GLY W 61 -56.91 10.30 58.45
CA GLY W 61 -56.25 9.95 59.74
C GLY W 61 -56.57 10.95 60.83
N LYS W 62 -56.91 10.45 62.03
CA LYS W 62 -57.22 11.27 63.22
C LYS W 62 -56.76 10.54 64.49
N PHE W 63 -56.26 11.29 65.48
CA PHE W 63 -56.09 10.83 66.87
C PHE W 63 -57.46 10.80 67.55
N ILE W 64 -57.71 9.76 68.34
CA ILE W 64 -58.73 9.75 69.44
C ILE W 64 -57.95 9.56 70.75
N ALA W 65 -57.33 10.64 71.23
CA ALA W 65 -56.28 10.65 72.27
C ALA W 65 -56.85 10.25 73.64
N ARG W 66 -58.16 10.38 73.84
CA ARG W 66 -58.85 10.03 75.11
C ARG W 66 -59.00 8.51 75.23
N LYS W 67 -58.89 7.78 74.11
CA LYS W 67 -58.89 6.29 74.06
C LYS W 67 -57.49 5.76 73.72
N ASN W 68 -56.50 6.66 73.61
CA ASN W 68 -55.10 6.35 73.18
C ASN W 68 -55.14 5.66 71.81
N TRP W 69 -55.88 6.23 70.86
CA TRP W 69 -56.14 5.63 69.52
C TRP W 69 -55.65 6.56 68.40
N ILE W 70 -55.37 5.96 67.24
CA ILE W 70 -55.48 6.61 65.90
C ILE W 70 -56.62 5.93 65.16
N ILE W 71 -57.39 6.69 64.39
CA ILE W 71 -58.42 6.15 63.44
C ILE W 71 -58.03 6.57 62.02
N VAL W 72 -57.92 5.60 61.12
CA VAL W 72 -57.51 5.81 59.70
C VAL W 72 -58.61 5.28 58.76
N GLY W 73 -58.70 5.85 57.57
CA GLY W 73 -59.57 5.40 56.46
C GLY W 73 -58.78 5.31 55.17
N SER W 74 -59.08 4.30 54.34
CA SER W 74 -58.29 3.94 53.14
C SER W 74 -59.22 3.68 51.93
N ASP W 75 -58.63 3.59 50.73
CA ASP W 75 -59.36 3.41 49.45
C ASP W 75 -59.86 1.97 49.29
N ASP W 76 -59.42 1.06 50.17
CA ASP W 76 -59.88 -0.35 50.23
C ASP W 76 -61.23 -0.46 50.95
N PHE W 77 -61.84 0.69 51.30
CA PHE W 77 -63.24 0.85 51.76
C PHE W 77 -63.34 0.72 53.30
N ARG W 78 -62.21 0.77 54.01
CA ARG W 78 -62.13 0.30 55.42
C ARG W 78 -61.72 1.44 56.36
N ILE W 79 -62.35 1.48 57.54
CA ILE W 79 -61.88 2.24 58.73
C ILE W 79 -61.11 1.26 59.62
N ARG W 80 -59.92 1.65 60.06
CA ARG W 80 -59.07 0.87 60.99
C ARG W 80 -58.71 1.75 62.19
N VAL W 81 -58.76 1.17 63.39
CA VAL W 81 -58.44 1.84 64.67
C VAL W 81 -57.29 1.05 65.31
N PHE W 82 -56.23 1.75 65.73
CA PHE W 82 -55.03 1.19 66.38
C PHE W 82 -54.74 1.94 67.68
N ASN W 83 -54.31 1.21 68.71
CA ASN W 83 -53.74 1.78 69.96
C ASN W 83 -52.26 2.10 69.67
N TYR W 84 -51.87 3.37 69.77
CA TYR W 84 -50.52 3.86 69.40
C TYR W 84 -49.48 3.45 70.47
N ASN W 85 -49.92 3.12 71.69
CA ASN W 85 -49.02 2.68 72.79
C ASN W 85 -48.55 1.24 72.53
N THR W 86 -49.47 0.33 72.19
CA THR W 86 -49.22 -1.12 71.98
C THR W 86 -48.97 -1.43 70.49
N GLY W 87 -49.75 -0.80 69.60
CA GLY W 87 -49.77 -1.09 68.16
C GLY W 87 -50.82 -2.14 67.82
N GLU W 88 -51.61 -2.56 68.82
CA GLU W 88 -52.75 -3.49 68.67
C GLU W 88 -53.80 -2.86 67.75
N LYS W 89 -54.42 -3.65 66.87
CA LYS W 89 -55.56 -3.22 66.01
C LYS W 89 -56.85 -3.37 66.82
N VAL W 90 -57.54 -2.26 67.06
CA VAL W 90 -58.77 -2.17 67.91
C VAL W 90 -59.94 -2.80 67.14
N VAL W 91 -60.20 -2.28 65.93
CA VAL W 91 -61.31 -2.74 65.04
C VAL W 91 -60.87 -2.57 63.59
N ASP W 92 -61.48 -3.35 62.69
CA ASP W 92 -61.24 -3.30 61.22
C ASP W 92 -62.55 -3.66 60.52
N PHE W 93 -63.28 -2.65 60.04
CA PHE W 93 -64.62 -2.81 59.42
C PHE W 93 -64.68 -2.07 58.08
N GLU W 94 -65.46 -2.62 57.14
CA GLU W 94 -65.78 -1.99 55.83
C GLU W 94 -66.78 -0.84 56.08
N ALA W 95 -66.30 0.40 55.97
CA ALA W 95 -67.07 1.64 56.25
C ALA W 95 -68.05 1.92 55.11
N HIS W 96 -67.58 1.85 53.86
CA HIS W 96 -68.35 2.20 52.63
C HIS W 96 -68.02 1.18 51.53
N PRO W 97 -68.78 1.17 50.41
CA PRO W 97 -68.38 0.41 49.22
C PRO W 97 -67.44 1.17 48.26
N ASP W 98 -66.72 2.18 48.75
CA ASP W 98 -65.88 3.08 47.91
C ASP W 98 -64.83 3.78 48.78
N TYR W 99 -63.99 4.65 48.17
CA TYR W 99 -62.92 5.42 48.84
C TYR W 99 -63.48 6.15 50.06
N ILE W 100 -62.67 6.29 51.11
CA ILE W 100 -62.93 7.19 52.27
C ILE W 100 -62.05 8.42 52.10
N ARG W 101 -62.66 9.61 52.06
CA ARG W 101 -61.98 10.90 51.76
C ARG W 101 -61.63 11.65 53.05
N SER W 102 -62.48 11.54 54.08
CA SER W 102 -62.44 12.40 55.30
C SER W 102 -62.94 11.62 56.52
N ILE W 103 -62.30 11.85 57.68
CA ILE W 103 -62.73 11.34 59.01
C ILE W 103 -62.75 12.52 59.99
N ALA W 104 -63.85 12.66 60.75
CA ALA W 104 -64.04 13.67 61.80
C ALA W 104 -64.43 12.97 63.11
N VAL W 105 -63.92 13.48 64.24
CA VAL W 105 -64.14 12.93 65.61
C VAL W 105 -65.00 13.93 66.39
N HIS W 106 -66.11 13.47 66.98
CA HIS W 106 -66.99 14.24 67.90
C HIS W 106 -66.19 14.58 69.15
N PRO W 107 -66.09 15.86 69.55
CA PRO W 107 -65.15 16.27 70.59
C PRO W 107 -65.46 15.81 72.03
N THR W 108 -66.69 15.35 72.31
CA THR W 108 -67.15 14.98 73.68
C THR W 108 -68.07 13.75 73.67
N LYS W 109 -68.13 12.97 72.58
CA LYS W 109 -68.96 11.74 72.50
C LYS W 109 -68.26 10.71 71.60
N PRO W 110 -68.62 9.40 71.72
CA PRO W 110 -67.89 8.34 71.03
C PRO W 110 -68.32 8.16 69.56
N TYR W 111 -68.49 9.27 68.84
CA TYR W 111 -68.96 9.30 67.43
C TYR W 111 -67.81 9.66 66.50
N VAL W 112 -67.79 9.07 65.31
CA VAL W 112 -66.85 9.38 64.20
C VAL W 112 -67.65 9.48 62.90
N LEU W 113 -67.50 10.58 62.16
CA LEU W 113 -68.11 10.80 60.82
C LEU W 113 -67.08 10.48 59.74
N SER W 114 -67.47 9.72 58.72
CA SER W 114 -66.64 9.41 57.52
C SER W 114 -67.38 9.85 56.26
N GLY W 115 -66.72 10.64 55.41
CA GLY W 115 -67.22 11.11 54.10
C GLY W 115 -66.53 10.36 52.97
N SER W 116 -67.32 9.79 52.05
CA SER W 116 -66.87 8.76 51.07
C SER W 116 -67.30 9.14 49.65
N ASP W 117 -66.75 8.41 48.67
CA ASP W 117 -67.06 8.55 47.22
C ASP W 117 -68.39 7.85 46.90
N ASP W 118 -68.99 7.17 47.88
CA ASP W 118 -70.32 6.50 47.77
C ASP W 118 -71.45 7.52 47.95
N LEU W 119 -71.13 8.83 47.91
CA LEU W 119 -72.10 9.96 47.92
C LEU W 119 -72.70 10.14 49.33
N THR W 120 -71.98 9.75 50.39
CA THR W 120 -72.56 9.62 51.75
C THR W 120 -71.61 10.16 52.82
N VAL W 121 -72.18 10.47 53.99
CA VAL W 121 -71.49 10.60 55.30
C VAL W 121 -72.12 9.57 56.25
N LYS W 122 -71.29 8.82 56.98
CA LYS W 122 -71.73 7.74 57.90
C LYS W 122 -71.25 8.04 59.33
N LEU W 123 -72.14 7.88 60.31
CA LEU W 123 -71.89 8.12 61.76
C LEU W 123 -71.67 6.77 62.46
N TRP W 124 -70.54 6.60 63.13
CA TRP W 124 -70.13 5.35 63.84
C TRP W 124 -70.02 5.65 65.34
N ASN W 125 -70.48 4.71 66.19
CA ASN W 125 -70.52 4.85 67.67
C ASN W 125 -69.68 3.73 68.29
N TRP W 126 -68.50 4.07 68.85
CA TRP W 126 -67.50 3.08 69.32
C TRP W 126 -67.87 2.51 70.69
N GLU W 127 -68.84 3.11 71.39
CA GLU W 127 -69.40 2.59 72.67
C GLU W 127 -70.59 1.66 72.38
N ASN W 128 -70.96 1.50 71.11
CA ASN W 128 -71.96 0.51 70.65
C ASN W 128 -71.27 -0.48 69.69
N ASN W 129 -70.00 -0.81 69.98
CA ASN W 129 -69.17 -1.78 69.22
C ASN W 129 -69.04 -1.34 67.75
N TRP W 130 -68.83 -0.03 67.53
CA TRP W 130 -68.60 0.61 66.21
C TRP W 130 -69.80 0.39 65.28
N ALA W 131 -71.02 0.42 65.84
CA ALA W 131 -72.29 0.26 65.08
C ALA W 131 -72.54 1.54 64.27
N LEU W 132 -73.05 1.39 63.04
CA LEU W 132 -73.54 2.50 62.19
C LEU W 132 -74.89 2.96 62.74
N GLU W 133 -75.02 4.23 63.10
CA GLU W 133 -76.22 4.81 63.75
C GLU W 133 -77.02 5.66 62.75
N GLN W 134 -76.39 6.16 61.69
CA GLN W 134 -77.06 6.96 60.64
C GLN W 134 -76.18 7.07 59.39
N THR W 135 -76.81 7.09 58.21
CA THR W 135 -76.19 7.38 56.89
C THR W 135 -76.86 8.63 56.32
N PHE W 136 -76.09 9.70 56.11
CA PHE W 136 -76.57 11.03 55.65
C PHE W 136 -76.56 11.07 54.13
N GLU W 137 -77.74 10.84 53.53
CA GLU W 137 -77.96 10.72 52.06
C GLU W 137 -78.49 12.05 51.51
N GLY W 138 -78.05 12.43 50.30
CA GLY W 138 -78.45 13.70 49.64
C GLY W 138 -77.42 14.19 48.64
N HIS W 139 -76.12 14.02 48.94
CA HIS W 139 -74.99 14.47 48.07
C HIS W 139 -75.03 13.71 46.74
N GLU W 140 -74.56 14.36 45.66
CA GLU W 140 -74.65 13.86 44.26
C GLU W 140 -73.26 13.70 43.65
N HIS W 141 -72.21 13.65 44.48
CA HIS W 141 -70.83 13.28 44.05
C HIS W 141 -70.03 12.87 45.31
N PHE W 142 -68.71 12.73 45.18
CA PHE W 142 -67.81 12.31 46.30
C PHE W 142 -67.90 13.37 47.40
N VAL W 143 -68.07 12.93 48.65
CA VAL W 143 -67.92 13.79 49.86
C VAL W 143 -66.43 13.83 50.21
N MET W 144 -65.79 14.99 50.01
CA MET W 144 -64.32 15.17 50.06
C MET W 144 -63.88 15.50 51.48
N CYS W 145 -64.76 16.10 52.28
CA CYS W 145 -64.44 16.66 53.63
C CYS W 145 -65.68 16.66 54.52
N VAL W 146 -65.56 16.14 55.74
CA VAL W 146 -66.62 16.17 56.80
C VAL W 146 -66.00 16.76 58.07
N ALA W 147 -66.72 17.68 58.73
CA ALA W 147 -66.23 18.49 59.86
C ALA W 147 -67.40 18.91 60.76
N PHE W 148 -67.28 18.67 62.07
CA PHE W 148 -68.24 19.13 63.11
C PHE W 148 -68.13 20.65 63.27
N ASN W 149 -69.26 21.33 63.50
CA ASN W 149 -69.28 22.69 64.06
C ASN W 149 -68.80 22.59 65.50
N PRO W 150 -67.64 23.20 65.87
CA PRO W 150 -67.12 23.09 67.23
C PRO W 150 -68.02 23.81 68.25
N LYS W 151 -68.91 24.67 67.76
CA LYS W 151 -69.88 25.46 68.57
C LYS W 151 -71.22 24.72 68.66
N ASP W 152 -71.42 23.66 67.86
CA ASP W 152 -72.57 22.72 67.96
C ASP W 152 -72.25 21.46 67.16
N PRO W 153 -71.52 20.48 67.75
CA PRO W 153 -71.17 19.24 67.05
C PRO W 153 -72.31 18.21 66.99
N SER W 154 -73.55 18.63 67.30
CA SER W 154 -74.80 17.93 66.92
C SER W 154 -75.10 18.24 65.44
N THR W 155 -74.38 19.21 64.87
CA THR W 155 -74.38 19.53 63.41
C THR W 155 -72.97 19.35 62.85
N PHE W 156 -72.86 19.03 61.55
CA PHE W 156 -71.59 18.90 60.81
C PHE W 156 -71.79 19.40 59.37
N ALA W 157 -70.70 19.85 58.75
CA ALA W 157 -70.66 20.31 57.34
C ALA W 157 -69.87 19.30 56.50
N SER W 158 -70.40 18.91 55.34
CA SER W 158 -69.76 17.97 54.38
C SER W 158 -69.53 18.69 53.05
N GLY W 159 -68.25 18.79 52.63
CA GLY W 159 -67.82 19.36 51.34
C GLY W 159 -67.81 18.31 50.25
N CYS W 160 -68.44 18.60 49.11
CA CYS W 160 -68.74 17.60 48.05
C CYS W 160 -68.41 18.17 46.66
N LEU W 161 -68.04 17.29 45.73
CA LEU W 161 -67.69 17.64 44.32
C LEU W 161 -68.95 17.92 43.51
N ASP W 162 -70.13 17.76 44.12
CA ASP W 162 -71.44 18.21 43.55
C ASP W 162 -71.53 19.74 43.64
N ARG W 163 -70.51 20.38 44.23
CA ARG W 163 -70.32 21.86 44.28
C ARG W 163 -71.24 22.45 45.37
N THR W 164 -71.63 21.63 46.36
CA THR W 164 -72.44 22.05 47.53
C THR W 164 -71.69 21.73 48.82
N VAL W 165 -71.88 22.57 49.84
CA VAL W 165 -71.67 22.24 51.28
C VAL W 165 -73.06 21.98 51.88
N LYS W 166 -73.26 20.80 52.46
CA LYS W 166 -74.52 20.44 53.19
C LYS W 166 -74.24 20.46 54.69
N VAL W 167 -75.22 20.94 55.47
CA VAL W 167 -75.16 21.04 56.96
C VAL W 167 -76.31 20.20 57.51
N TRP W 168 -75.98 19.22 58.36
CA TRP W 168 -76.91 18.18 58.90
C TRP W 168 -76.90 18.23 60.42
N SER W 169 -78.05 17.97 61.06
CA SER W 169 -78.19 17.69 62.51
C SER W 169 -78.13 16.17 62.72
N LEU W 170 -77.51 15.72 63.81
CA LEU W 170 -77.42 14.27 64.18
C LEU W 170 -78.82 13.77 64.54
N GLY W 171 -79.35 12.80 63.78
CA GLY W 171 -80.66 12.18 63.98
C GLY W 171 -81.69 12.62 62.94
N GLN W 172 -81.31 13.53 62.04
CA GLN W 172 -82.20 14.06 60.96
C GLN W 172 -81.63 13.64 59.60
N SER W 173 -82.46 12.99 58.78
CA SER W 173 -82.08 12.30 57.51
C SER W 173 -82.09 13.28 56.33
N THR W 174 -82.58 14.51 56.52
CA THR W 174 -82.57 15.60 55.51
C THR W 174 -81.71 16.74 56.03
N PRO W 175 -80.91 17.41 55.17
CA PRO W 175 -80.00 18.46 55.61
C PRO W 175 -80.74 19.72 56.11
N ASN W 176 -80.14 20.42 57.08
CA ASN W 176 -80.62 21.73 57.60
C ASN W 176 -80.73 22.71 56.42
N PHE W 177 -79.65 22.85 55.65
CA PHE W 177 -79.60 23.68 54.41
C PHE W 177 -78.44 23.24 53.52
N THR W 178 -78.55 23.50 52.22
CA THR W 178 -77.53 23.22 51.18
C THR W 178 -76.98 24.56 50.66
N LEU W 179 -75.67 24.77 50.75
CA LEU W 179 -74.95 25.98 50.24
C LEU W 179 -74.50 25.72 48.81
N THR W 180 -75.10 26.43 47.85
CA THR W 180 -74.72 26.43 46.40
C THR W 180 -73.50 27.34 46.22
N THR W 181 -72.29 26.76 46.31
CA THR W 181 -71.00 27.49 46.46
C THR W 181 -70.66 28.28 45.20
N GLY W 182 -71.03 27.77 44.02
CA GLY W 182 -70.62 28.33 42.72
C GLY W 182 -69.22 27.90 42.33
N GLN W 183 -68.51 27.21 43.23
CA GLN W 183 -67.19 26.57 42.97
C GLN W 183 -67.43 25.31 42.12
N GLU W 184 -67.37 25.48 40.80
CA GLU W 184 -67.96 24.54 39.80
C GLU W 184 -67.08 23.29 39.63
N ARG W 185 -65.82 23.33 40.06
CA ARG W 185 -64.88 22.18 40.00
C ARG W 185 -64.91 21.43 41.34
N GLY W 186 -65.88 21.73 42.20
CA GLY W 186 -66.22 20.95 43.41
C GLY W 186 -65.70 21.61 44.68
N VAL W 187 -66.15 21.13 45.84
CA VAL W 187 -65.65 21.53 47.19
C VAL W 187 -64.76 20.39 47.71
N ASN W 188 -63.46 20.65 47.86
CA ASN W 188 -62.44 19.69 48.35
C ASN W 188 -62.45 19.68 49.89
N TYR W 189 -62.82 20.80 50.52
CA TYR W 189 -62.60 21.04 51.96
C TYR W 189 -63.65 22.00 52.51
N VAL W 190 -63.92 21.89 53.82
CA VAL W 190 -64.81 22.81 54.59
C VAL W 190 -64.32 22.84 56.05
N ASP W 191 -64.09 24.04 56.58
CA ASP W 191 -63.67 24.28 57.99
C ASP W 191 -64.59 25.32 58.61
N TYR W 192 -64.70 25.33 59.94
CA TYR W 192 -65.52 26.30 60.73
C TYR W 192 -64.59 27.32 61.40
N TYR W 193 -64.99 28.59 61.38
CA TYR W 193 -64.40 29.67 62.22
C TYR W 193 -64.76 29.36 63.67
N PRO W 194 -63.77 29.17 64.57
CA PRO W 194 -64.03 28.60 65.89
C PRO W 194 -64.69 29.53 66.93
N LEU W 195 -64.47 30.84 66.84
CA LEU W 195 -64.90 31.83 67.87
C LEU W 195 -66.34 32.28 67.61
N PRO W 196 -67.12 32.61 68.67
CA PRO W 196 -68.55 32.90 68.54
C PRO W 196 -68.94 34.19 67.79
N ASP W 197 -68.01 35.10 67.52
CA ASP W 197 -68.30 36.45 66.97
C ASP W 197 -68.65 36.35 65.47
N LYS W 198 -68.00 35.43 64.72
CA LYS W 198 -68.22 35.24 63.27
C LYS W 198 -68.87 33.88 63.03
N PRO W 199 -70.10 33.83 62.46
CA PRO W 199 -70.73 32.56 62.07
C PRO W 199 -70.24 32.14 60.67
N TYR W 200 -68.94 31.94 60.54
CA TYR W 200 -68.22 31.77 59.25
C TYR W 200 -67.82 30.30 59.05
N MET W 201 -68.05 29.80 57.83
CA MET W 201 -67.48 28.55 57.28
C MET W 201 -66.58 28.93 56.10
N ILE W 202 -65.63 28.06 55.72
CA ILE W 202 -64.64 28.32 54.63
C ILE W 202 -64.55 27.08 53.74
N THR W 203 -64.50 27.27 52.42
CA THR W 203 -64.47 26.20 51.39
C THR W 203 -63.30 26.44 50.42
N ALA W 204 -62.66 25.35 49.98
CA ALA W 204 -61.54 25.32 49.00
C ALA W 204 -61.95 24.45 47.82
N SER W 205 -61.46 24.77 46.61
CA SER W 205 -61.92 24.17 45.34
C SER W 205 -60.77 24.03 44.33
N ASP W 206 -60.92 23.08 43.39
CA ASP W 206 -60.04 22.89 42.21
C ASP W 206 -60.11 24.14 41.31
N ASP W 207 -61.17 24.95 41.41
CA ASP W 207 -61.38 26.16 40.57
C ASP W 207 -60.49 27.32 41.04
N LEU W 208 -59.55 27.06 41.97
CA LEU W 208 -58.47 27.99 42.42
C LEU W 208 -58.97 28.90 43.55
N THR W 209 -60.26 28.85 43.91
CA THR W 209 -60.91 29.85 44.81
C THR W 209 -61.08 29.27 46.23
N ILE W 210 -60.89 30.14 47.23
CA ILE W 210 -61.31 29.94 48.65
C ILE W 210 -62.47 30.91 48.92
N LYS W 211 -63.56 30.42 49.51
CA LYS W 211 -64.79 31.22 49.76
C LYS W 211 -65.18 31.16 51.24
N ILE W 212 -65.37 32.34 51.86
CA ILE W 212 -65.87 32.51 53.26
C ILE W 212 -67.40 32.57 53.20
N TRP W 213 -68.08 31.72 53.97
CA TRP W 213 -69.56 31.57 53.98
C TRP W 213 -70.12 31.89 55.36
N ASP W 214 -71.14 32.75 55.40
CA ASP W 214 -71.92 33.09 56.63
C ASP W 214 -73.12 32.13 56.69
N TYR W 215 -73.17 31.25 57.70
CA TYR W 215 -74.20 30.19 57.83
C TYR W 215 -75.47 30.74 58.51
N GLN W 216 -75.49 32.04 58.84
CA GLN W 216 -76.70 32.76 59.33
C GLN W 216 -77.44 33.38 58.13
N THR W 217 -76.72 34.12 57.30
CA THR W 217 -77.25 34.82 56.09
C THR W 217 -77.27 33.87 54.89
N LYS W 218 -76.51 32.77 54.96
CA LYS W 218 -76.42 31.71 53.92
C LYS W 218 -75.84 32.28 52.63
N SER W 219 -74.93 33.25 52.73
CA SER W 219 -74.33 33.98 51.58
C SER W 219 -72.80 34.05 51.72
N CYS W 220 -72.13 34.44 50.63
CA CYS W 220 -70.65 34.54 50.52
C CYS W 220 -70.17 35.87 51.14
N VAL W 221 -69.22 35.79 52.07
CA VAL W 221 -68.61 36.96 52.78
C VAL W 221 -67.46 37.51 51.92
N ALA W 222 -66.62 36.62 51.38
CA ALA W 222 -65.43 36.97 50.58
C ALA W 222 -65.02 35.79 49.68
N THR W 223 -64.33 36.09 48.58
CA THR W 223 -63.65 35.12 47.68
C THR W 223 -62.16 35.42 47.69
N LEU W 224 -61.34 34.45 48.11
CA LEU W 224 -59.86 34.55 48.21
C LEU W 224 -59.23 33.87 46.98
N GLU W 225 -58.52 34.66 46.16
CA GLU W 225 -57.83 34.21 44.92
C GLU W 225 -56.33 34.48 45.07
N GLY W 226 -55.54 33.43 45.35
CA GLY W 226 -54.08 33.55 45.56
C GLY W 226 -53.29 32.30 45.20
N HIS W 227 -53.95 31.26 44.65
CA HIS W 227 -53.32 30.00 44.17
C HIS W 227 -53.48 29.89 42.66
N MET W 228 -52.52 29.25 41.98
CA MET W 228 -52.52 29.06 40.50
C MET W 228 -52.79 27.59 40.15
N SER W 229 -53.12 26.76 41.14
CA SER W 229 -53.54 25.33 40.96
C SER W 229 -54.51 24.94 42.08
N ASN W 230 -55.05 23.72 42.01
CA ASN W 230 -56.14 23.19 42.87
C ASN W 230 -55.84 23.51 44.34
N VAL W 231 -56.76 24.18 45.03
CA VAL W 231 -56.67 24.49 46.50
C VAL W 231 -57.24 23.29 47.27
N SER W 232 -56.34 22.53 47.92
CA SER W 232 -56.63 21.24 48.60
C SER W 232 -57.38 21.49 49.92
N PHE W 233 -57.09 22.60 50.60
CA PHE W 233 -57.69 22.93 51.92
C PHE W 233 -57.57 24.45 52.20
N ALA W 234 -58.43 24.92 53.11
CA ALA W 234 -58.38 26.23 53.78
C ALA W 234 -58.97 26.09 55.18
N VAL W 235 -58.30 26.60 56.21
CA VAL W 235 -58.74 26.46 57.62
C VAL W 235 -58.55 27.80 58.36
N PHE W 236 -59.45 28.08 59.30
CA PHE W 236 -59.29 29.14 60.33
C PHE W 236 -58.41 28.59 61.45
N HIS W 237 -57.32 29.29 61.78
CA HIS W 237 -56.36 28.93 62.86
C HIS W 237 -57.06 29.08 64.21
N PRO W 238 -56.90 28.13 65.16
CA PRO W 238 -57.61 28.18 66.44
C PRO W 238 -57.38 29.48 67.24
N THR W 239 -56.11 29.87 67.43
CA THR W 239 -55.68 30.90 68.41
C THR W 239 -54.97 32.09 67.74
N LEU W 240 -54.94 32.14 66.41
CA LEU W 240 -54.34 33.28 65.63
C LEU W 240 -55.36 33.81 64.63
N PRO W 241 -55.39 35.14 64.37
CA PRO W 241 -56.40 35.73 63.50
C PRO W 241 -56.01 35.61 62.01
N ILE W 242 -55.78 34.37 61.55
CA ILE W 242 -55.26 34.08 60.19
C ILE W 242 -56.05 32.93 59.56
N ILE W 243 -55.89 32.76 58.25
CA ILE W 243 -56.36 31.60 57.44
C ILE W 243 -55.12 30.96 56.80
N ILE W 244 -55.02 29.63 56.84
CA ILE W 244 -53.94 28.84 56.18
C ILE W 244 -54.57 27.99 55.06
N SER W 245 -54.10 28.18 53.82
CA SER W 245 -54.54 27.41 52.63
C SER W 245 -53.34 26.68 52.01
N GLY W 246 -53.59 25.54 51.37
CA GLY W 246 -52.59 24.71 50.69
C GLY W 246 -53.09 24.24 49.33
N SER W 247 -52.21 24.26 48.32
CA SER W 247 -52.58 24.08 46.89
C SER W 247 -51.58 23.16 46.19
N GLU W 248 -51.95 22.66 45.01
CA GLU W 248 -51.08 21.83 44.13
C GLU W 248 -49.98 22.71 43.53
N ASP W 249 -50.10 24.04 43.65
CA ASP W 249 -49.02 25.00 43.31
C ASP W 249 -47.84 24.82 44.28
N GLY W 250 -48.00 23.97 45.29
CA GLY W 250 -46.94 23.56 46.25
C GLY W 250 -46.76 24.58 47.35
N THR W 251 -47.62 25.59 47.39
CA THR W 251 -47.49 26.79 48.27
C THR W 251 -48.52 26.69 49.40
N LEU W 252 -48.11 27.03 50.63
CA LEU W 252 -49.03 27.39 51.74
C LEU W 252 -49.18 28.92 51.74
N LYS W 253 -50.34 29.43 52.14
CA LYS W 253 -50.62 30.89 52.18
C LYS W 253 -51.31 31.23 53.50
N ILE W 254 -50.83 32.29 54.17
CA ILE W 254 -51.38 32.82 55.45
C ILE W 254 -52.10 34.14 55.12
N TRP W 255 -53.42 34.18 55.34
CA TRP W 255 -54.29 35.36 55.11
C TRP W 255 -54.71 35.96 56.46
N ASN W 256 -54.81 37.29 56.54
CA ASN W 256 -55.49 38.01 57.65
C ASN W 256 -56.97 37.60 57.62
N SER W 257 -57.48 37.05 58.73
CA SER W 257 -58.83 36.43 58.83
C SER W 257 -59.93 37.51 58.85
N SER W 258 -59.56 38.78 59.08
CA SER W 258 -60.48 39.94 59.17
C SER W 258 -60.54 40.67 57.82
N THR W 259 -59.39 41.08 57.29
CA THR W 259 -59.25 41.93 56.07
C THR W 259 -59.17 41.06 54.81
N TYR W 260 -58.62 39.84 54.93
CA TYR W 260 -58.38 38.87 53.83
C TYR W 260 -57.24 39.36 52.93
N LYS W 261 -56.32 40.15 53.50
CA LYS W 261 -55.04 40.54 52.84
C LYS W 261 -54.01 39.42 53.08
N VAL W 262 -53.06 39.26 52.16
CA VAL W 262 -52.03 38.17 52.18
C VAL W 262 -50.89 38.62 53.11
N GLU W 263 -50.65 37.85 54.18
CA GLU W 263 -49.62 38.14 55.22
C GLU W 263 -48.28 37.53 54.79
N LYS W 264 -48.28 36.28 54.32
CA LYS W 264 -47.08 35.60 53.77
C LYS W 264 -47.49 34.41 52.88
N THR W 265 -46.67 34.15 51.86
CA THR W 265 -46.69 32.92 51.02
C THR W 265 -45.47 32.06 51.40
N LEU W 266 -45.69 30.76 51.63
CA LEU W 266 -44.63 29.79 52.02
C LEU W 266 -44.42 28.78 50.90
N ASN W 267 -43.30 28.89 50.19
CA ASN W 267 -42.85 27.92 49.15
C ASN W 267 -42.05 26.83 49.87
N VAL W 268 -42.73 25.74 50.23
CA VAL W 268 -42.25 24.74 51.24
C VAL W 268 -41.19 23.84 50.59
N GLY W 269 -41.32 23.55 49.29
CA GLY W 269 -40.35 22.74 48.53
C GLY W 269 -40.56 21.26 48.72
N LEU W 270 -41.83 20.82 48.85
CA LEU W 270 -42.25 19.40 48.92
C LEU W 270 -43.32 19.12 47.85
N GLU W 271 -43.39 19.96 46.81
CA GLU W 271 -44.37 19.89 45.69
C GLU W 271 -45.79 20.05 46.25
N ARG W 272 -46.80 19.38 45.70
CA ARG W 272 -48.25 19.69 45.91
C ARG W 272 -48.65 19.44 47.36
N SER W 273 -49.33 20.42 47.97
CA SER W 273 -49.90 20.36 49.35
C SER W 273 -51.27 19.69 49.32
N TRP W 274 -51.51 18.74 50.24
CA TRP W 274 -52.72 17.87 50.26
C TRP W 274 -53.56 18.10 51.52
N CYS W 275 -52.94 18.07 52.71
CA CYS W 275 -53.65 18.12 54.02
C CYS W 275 -53.00 19.14 54.96
N ILE W 276 -53.75 19.54 56.00
CA ILE W 276 -53.37 20.56 57.01
C ILE W 276 -53.85 20.09 58.38
N ALA W 277 -53.07 20.38 59.42
CA ALA W 277 -53.45 20.20 60.84
C ALA W 277 -52.99 21.43 61.64
N THR W 278 -53.76 21.82 62.64
CA THR W 278 -53.45 22.91 63.61
C THR W 278 -53.57 22.33 65.03
N HIS W 279 -52.52 22.46 65.84
CA HIS W 279 -52.46 21.92 67.22
C HIS W 279 -53.76 22.31 67.94
N PRO W 280 -54.54 21.33 68.46
CA PRO W 280 -55.87 21.60 69.00
C PRO W 280 -55.90 22.66 70.11
N THR W 281 -54.88 22.65 71.00
CA THR W 281 -54.73 23.57 72.15
C THR W 281 -53.86 24.79 71.75
N GLY W 282 -53.50 24.90 70.46
CA GLY W 282 -52.68 25.99 69.92
C GLY W 282 -51.32 26.09 70.59
N ARG W 283 -50.72 24.95 70.97
CA ARG W 283 -49.36 24.89 71.58
C ARG W 283 -48.34 25.40 70.56
N LYS W 284 -47.59 26.44 70.92
CA LYS W 284 -46.65 27.22 70.07
C LYS W 284 -47.28 27.49 68.70
N ASN W 285 -48.60 27.69 68.64
CA ASN W 285 -49.37 27.96 67.40
C ASN W 285 -48.88 27.02 66.29
N TYR W 286 -48.72 25.72 66.62
CA TYR W 286 -48.17 24.68 65.72
C TYR W 286 -49.16 24.42 64.58
N ILE W 287 -48.64 24.34 63.35
CA ILE W 287 -49.40 23.90 62.13
C ILE W 287 -48.51 22.92 61.35
N ALA W 288 -49.11 21.88 60.78
CA ALA W 288 -48.43 20.83 59.97
C ALA W 288 -49.22 20.61 58.68
N SER W 289 -48.51 20.58 57.54
CA SER W 289 -49.08 20.33 56.20
C SER W 289 -48.40 19.10 55.58
N GLY W 290 -49.20 18.19 55.01
CA GLY W 290 -48.74 17.00 54.27
C GLY W 290 -48.70 17.26 52.78
N PHE W 291 -47.59 16.95 52.12
CA PHE W 291 -47.30 17.24 50.69
C PHE W 291 -47.01 15.94 49.94
N ASP W 292 -46.71 16.05 48.64
CA ASP W 292 -46.21 14.96 47.76
C ASP W 292 -44.96 14.31 48.37
N ASN W 293 -44.00 15.13 48.81
CA ASN W 293 -42.61 14.68 49.14
C ASN W 293 -42.40 14.67 50.66
N GLY W 294 -43.47 14.69 51.45
CA GLY W 294 -43.42 14.53 52.92
C GLY W 294 -44.34 15.50 53.63
N PHE W 295 -43.94 15.96 54.82
CA PHE W 295 -44.69 16.94 55.65
C PHE W 295 -43.70 17.91 56.34
N THR W 296 -44.19 19.09 56.72
CA THR W 296 -43.46 20.11 57.51
C THR W 296 -44.27 20.41 58.78
N VAL W 297 -43.58 20.91 59.82
CA VAL W 297 -44.18 21.38 61.10
C VAL W 297 -43.62 22.78 61.38
N LEU W 298 -44.50 23.78 61.45
CA LEU W 298 -44.15 25.20 61.67
C LEU W 298 -44.76 25.68 62.99
N SER W 299 -43.99 26.43 63.79
CA SER W 299 -44.47 27.20 64.97
C SER W 299 -44.61 28.67 64.57
N LEU W 300 -45.69 29.33 65.00
CA LEU W 300 -45.98 30.75 64.69
C LEU W 300 -45.91 31.58 65.98
N GLY W 301 -45.26 32.75 65.91
CA GLY W 301 -45.14 33.71 67.03
C GLY W 301 -46.46 34.38 67.34
N ASN W 302 -46.72 34.65 68.61
CA ASN W 302 -47.97 35.31 69.10
C ASN W 302 -47.94 36.79 68.73
N MET X 1 -8.87 -7.62 10.05
CA MET X 1 -9.25 -6.84 8.83
C MET X 1 -8.94 -5.35 9.05
N LYS X 2 -8.94 -4.57 7.97
CA LYS X 2 -9.02 -3.08 8.01
C LYS X 2 -10.48 -2.68 7.80
N LEU X 3 -11.21 -2.44 8.89
CA LEU X 3 -12.55 -1.77 8.87
C LEU X 3 -12.32 -0.27 9.02
N ASP X 4 -12.49 0.49 7.92
CA ASP X 4 -12.41 1.97 7.88
C ASP X 4 -13.85 2.51 7.89
N ILE X 5 -14.48 2.52 9.07
CA ILE X 5 -15.90 2.95 9.25
C ILE X 5 -15.94 4.48 9.25
N LYS X 6 -16.84 5.06 8.46
CA LYS X 6 -17.11 6.53 8.43
C LYS X 6 -18.61 6.77 8.64
N LYS X 7 -18.97 7.65 9.57
CA LYS X 7 -20.36 8.14 9.76
C LYS X 7 -20.72 9.06 8.59
N THR X 8 -21.39 8.51 7.57
CA THR X 8 -21.85 9.26 6.37
C THR X 8 -22.94 10.25 6.80
N PHE X 9 -24.00 9.75 7.46
CA PHE X 9 -25.18 10.54 7.87
C PHE X 9 -25.83 9.92 9.11
N SER X 10 -26.17 10.77 10.09
CA SER X 10 -26.93 10.43 11.32
C SER X 10 -28.10 11.41 11.46
N ASN X 11 -29.34 10.88 11.58
CA ASN X 11 -30.59 11.67 11.68
C ASN X 11 -31.33 11.30 12.96
N ARG X 12 -31.55 12.27 13.85
CA ARG X 12 -32.34 12.12 15.11
C ARG X 12 -33.82 12.14 14.75
N SER X 13 -34.60 11.19 15.26
CA SER X 13 -36.06 11.05 14.96
C SER X 13 -36.75 10.15 15.99
N ASP X 14 -38.05 9.91 15.79
CA ASP X 14 -38.85 8.88 16.51
C ASP X 14 -38.22 7.51 16.23
N ARG X 15 -38.55 6.50 17.06
CA ARG X 15 -38.06 5.11 16.94
C ARG X 15 -38.22 4.61 15.50
N VAL X 16 -37.13 4.14 14.89
CA VAL X 16 -37.07 3.55 13.51
C VAL X 16 -37.17 2.03 13.63
N LYS X 17 -38.32 1.46 13.25
CA LYS X 17 -38.61 0.00 13.32
C LYS X 17 -38.23 -0.69 11.99
N GLY X 18 -38.26 0.06 10.88
CA GLY X 18 -38.01 -0.44 9.52
C GLY X 18 -37.05 0.46 8.76
N ILE X 19 -36.19 -0.12 7.91
CA ILE X 19 -35.12 0.60 7.17
C ILE X 19 -34.72 -0.20 5.92
N ASP X 20 -34.31 0.49 4.86
CA ASP X 20 -33.98 -0.11 3.53
C ASP X 20 -33.22 0.92 2.68
N PHE X 21 -32.33 0.44 1.81
CA PHE X 21 -31.53 1.25 0.86
C PHE X 21 -32.17 1.19 -0.53
N HIS X 22 -32.27 2.34 -1.21
CA HIS X 22 -32.64 2.41 -2.65
C HIS X 22 -31.44 1.90 -3.46
N PRO X 23 -31.65 1.05 -4.49
CA PRO X 23 -30.54 0.36 -5.15
C PRO X 23 -29.61 1.27 -5.99
N THR X 24 -30.10 2.42 -6.46
CA THR X 24 -29.38 3.33 -7.40
C THR X 24 -29.30 4.75 -6.81
N GLU X 25 -30.43 5.31 -6.38
CA GLU X 25 -30.49 6.63 -5.70
C GLU X 25 -29.84 6.52 -4.33
N PRO X 26 -29.14 7.57 -3.83
CA PRO X 26 -28.46 7.50 -2.54
C PRO X 26 -29.44 7.78 -1.39
N TRP X 27 -30.51 6.98 -1.31
CA TRP X 27 -31.67 7.20 -0.40
C TRP X 27 -31.77 6.06 0.62
N VAL X 28 -32.32 6.37 1.79
CA VAL X 28 -32.73 5.37 2.82
C VAL X 28 -34.22 5.61 3.15
N LEU X 29 -35.02 4.55 3.10
CA LEU X 29 -36.41 4.52 3.62
C LEU X 29 -36.33 4.28 5.13
N THR X 30 -36.93 5.15 5.95
CA THR X 30 -37.11 4.92 7.41
C THR X 30 -38.60 4.91 7.72
N THR X 31 -39.04 3.85 8.40
CA THR X 31 -40.43 3.57 8.81
C THR X 31 -40.47 3.61 10.35
N LEU X 32 -41.20 4.59 10.92
CA LEU X 32 -41.08 4.99 12.35
C LEU X 32 -42.24 4.45 13.19
N TYR X 33 -42.07 4.45 14.52
CA TYR X 33 -43.05 3.92 15.51
C TYR X 33 -44.26 4.87 15.61
N SER X 34 -44.12 6.11 15.14
CA SER X 34 -45.13 7.20 15.27
C SER X 34 -45.99 7.30 13.99
N GLY X 35 -46.11 6.21 13.23
CA GLY X 35 -46.96 6.12 12.02
C GLY X 35 -46.40 6.91 10.84
N ARG X 36 -45.21 7.50 11.02
CA ARG X 36 -44.53 8.39 10.05
C ARG X 36 -43.49 7.56 9.28
N VAL X 37 -43.41 7.78 7.96
CA VAL X 37 -42.38 7.19 7.06
C VAL X 37 -41.58 8.35 6.45
N GLU X 38 -40.27 8.19 6.34
CA GLU X 38 -39.34 9.26 5.86
C GLU X 38 -38.41 8.68 4.78
N LEU X 39 -38.16 9.47 3.73
CA LEU X 39 -37.19 9.16 2.65
C LEU X 39 -36.07 10.22 2.69
N TRP X 40 -34.86 9.81 3.07
CA TRP X 40 -33.68 10.68 3.31
C TRP X 40 -32.61 10.42 2.24
N ASN X 41 -32.02 11.49 1.71
CA ASN X 41 -30.77 11.46 0.90
C ASN X 41 -29.59 11.57 1.86
N TYR X 42 -28.84 10.48 2.06
CA TYR X 42 -27.79 10.36 3.10
C TYR X 42 -26.47 11.02 2.65
N GLU X 43 -26.34 11.35 1.36
CA GLU X 43 -25.14 12.06 0.81
C GLU X 43 -25.36 13.58 0.95
N THR X 44 -26.51 14.08 0.49
CA THR X 44 -26.90 15.51 0.56
C THR X 44 -27.35 15.86 1.99
N GLN X 45 -27.87 14.88 2.73
CA GLN X 45 -28.45 15.02 4.09
C GLN X 45 -29.81 15.72 4.00
N VAL X 46 -30.39 15.80 2.79
CA VAL X 46 -31.70 16.45 2.52
C VAL X 46 -32.80 15.38 2.58
N GLU X 47 -33.92 15.68 3.23
CA GLU X 47 -35.14 14.83 3.23
C GLU X 47 -35.75 14.88 1.83
N VAL X 48 -35.96 13.72 1.20
CA VAL X 48 -36.58 13.58 -0.15
C VAL X 48 -38.10 13.73 0.00
N ARG X 49 -38.69 12.96 0.93
CA ARG X 49 -40.16 12.91 1.17
C ARG X 49 -40.43 12.35 2.58
N SER X 50 -41.56 12.72 3.18
CA SER X 50 -42.03 12.19 4.48
C SER X 50 -43.56 12.16 4.51
N ILE X 51 -44.13 11.00 4.87
CA ILE X 51 -45.60 10.73 4.87
C ILE X 51 -46.03 10.29 6.27
N GLN X 52 -47.10 10.88 6.80
CA GLN X 52 -47.84 10.35 7.97
C GLN X 52 -48.82 9.28 7.47
N VAL X 53 -48.37 8.01 7.50
CA VAL X 53 -49.06 6.84 6.89
C VAL X 53 -50.26 6.43 7.76
N THR X 54 -50.15 6.58 9.08
CA THR X 54 -51.15 6.13 10.09
C THR X 54 -50.78 6.72 11.46
N GLU X 55 -51.44 6.28 12.54
CA GLU X 55 -51.12 6.69 13.93
C GLU X 55 -50.57 5.48 14.71
N THR X 56 -50.48 4.30 14.09
CA THR X 56 -49.89 3.08 14.69
C THR X 56 -48.42 2.98 14.29
N PRO X 57 -47.61 2.16 15.00
CA PRO X 57 -46.30 1.75 14.51
C PRO X 57 -46.34 1.17 13.08
N VAL X 58 -45.37 1.57 12.26
CA VAL X 58 -45.11 0.96 10.92
C VAL X 58 -43.74 0.25 11.01
N ARG X 59 -43.76 -1.08 11.11
CA ARG X 59 -42.58 -1.90 11.53
C ARG X 59 -41.77 -2.32 10.31
N ALA X 60 -42.42 -2.64 9.19
CA ALA X 60 -41.79 -3.14 7.95
C ALA X 60 -41.96 -2.12 6.82
N GLY X 61 -40.87 -1.84 6.09
CA GLY X 61 -40.83 -0.97 4.92
C GLY X 61 -39.73 -1.38 3.95
N LYS X 62 -40.05 -1.49 2.67
CA LYS X 62 -39.08 -1.84 1.59
C LYS X 62 -39.31 -0.91 0.39
N PHE X 63 -38.25 -0.63 -0.36
CA PHE X 63 -38.33 -0.10 -1.74
C PHE X 63 -38.80 -1.24 -2.65
N ILE X 64 -39.64 -0.91 -3.63
CA ILE X 64 -39.88 -1.72 -4.87
C ILE X 64 -39.41 -0.82 -6.03
N ALA X 65 -38.10 -0.63 -6.11
CA ALA X 65 -37.42 0.41 -6.94
C ALA X 65 -37.81 0.27 -8.41
N ARG X 66 -38.03 -0.97 -8.88
CA ARG X 66 -38.37 -1.30 -10.29
C ARG X 66 -39.70 -0.63 -10.67
N LYS X 67 -40.60 -0.44 -9.70
CA LYS X 67 -41.95 0.18 -9.89
C LYS X 67 -41.95 1.61 -9.32
N ASN X 68 -40.79 2.14 -8.92
CA ASN X 68 -40.63 3.46 -8.24
C ASN X 68 -41.56 3.53 -7.03
N TRP X 69 -41.64 2.45 -6.24
CA TRP X 69 -42.54 2.33 -5.06
C TRP X 69 -41.73 2.22 -3.77
N ILE X 70 -42.38 2.60 -2.66
CA ILE X 70 -42.10 2.10 -1.29
C ILE X 70 -43.33 1.29 -0.86
N ILE X 71 -43.11 0.16 -0.18
CA ILE X 71 -44.18 -0.65 0.46
C ILE X 71 -43.91 -0.65 1.97
N VAL X 72 -44.96 -0.49 2.79
CA VAL X 72 -44.86 -0.38 4.27
C VAL X 72 -46.01 -1.17 4.91
N GLY X 73 -45.72 -1.81 6.05
CA GLY X 73 -46.67 -2.60 6.86
C GLY X 73 -46.78 -2.04 8.27
N SER X 74 -48.00 -1.98 8.80
CA SER X 74 -48.33 -1.27 10.07
C SER X 74 -49.10 -2.19 11.02
N ASP X 75 -49.18 -1.78 12.30
CA ASP X 75 -49.91 -2.50 13.38
C ASP X 75 -51.42 -2.39 13.17
N ASP X 76 -51.88 -1.44 12.34
CA ASP X 76 -53.31 -1.20 12.03
C ASP X 76 -53.85 -2.27 11.05
N PHE X 77 -53.05 -3.31 10.74
CA PHE X 77 -53.43 -4.53 9.96
C PHE X 77 -53.07 -4.38 8.48
N ARG X 78 -52.63 -3.20 8.04
CA ARG X 78 -52.67 -2.79 6.61
C ARG X 78 -51.27 -2.77 5.99
N ILE X 79 -51.20 -3.15 4.71
CA ILE X 79 -50.04 -2.89 3.79
C ILE X 79 -50.40 -1.70 2.90
N ARG X 80 -49.51 -0.72 2.80
CA ARG X 80 -49.70 0.51 1.98
C ARG X 80 -48.50 0.67 1.04
N VAL X 81 -48.77 1.01 -0.23
CA VAL X 81 -47.75 1.22 -1.29
C VAL X 81 -47.87 2.67 -1.79
N PHE X 82 -46.73 3.37 -1.90
CA PHE X 82 -46.64 4.80 -2.27
C PHE X 82 -45.58 4.99 -3.36
N ASN X 83 -45.91 5.76 -4.40
CA ASN X 83 -44.97 6.24 -5.44
C ASN X 83 -44.17 7.41 -4.84
N TYR X 84 -42.85 7.26 -4.71
CA TYR X 84 -41.97 8.19 -3.96
C TYR X 84 -41.63 9.44 -4.79
N ASN X 85 -41.90 9.42 -6.11
CA ASN X 85 -41.65 10.57 -7.02
C ASN X 85 -42.82 11.55 -6.96
N THR X 86 -44.06 11.03 -6.88
CA THR X 86 -45.32 11.83 -6.84
C THR X 86 -45.83 11.95 -5.40
N GLY X 87 -45.76 10.87 -4.62
CA GLY X 87 -46.33 10.77 -3.26
C GLY X 87 -47.70 10.12 -3.26
N GLU X 88 -48.15 9.67 -4.44
CA GLU X 88 -49.48 9.04 -4.66
C GLU X 88 -49.50 7.66 -3.98
N LYS X 89 -50.55 7.38 -3.20
CA LYS X 89 -50.83 6.03 -2.63
C LYS X 89 -51.39 5.16 -3.76
N VAL X 90 -50.72 4.03 -4.03
CA VAL X 90 -51.03 3.12 -5.18
C VAL X 90 -52.05 2.06 -4.72
N VAL X 91 -51.85 1.50 -3.51
CA VAL X 91 -52.79 0.53 -2.90
C VAL X 91 -52.68 0.63 -1.37
N ASP X 92 -53.73 0.18 -0.67
CA ASP X 92 -53.90 0.27 0.80
C ASP X 92 -54.94 -0.77 1.21
N PHE X 93 -54.50 -1.93 1.70
CA PHE X 93 -55.37 -3.11 1.97
C PHE X 93 -55.02 -3.77 3.32
N GLU X 94 -56.04 -4.30 3.99
CA GLU X 94 -55.92 -5.15 5.21
C GLU X 94 -55.26 -6.46 4.81
N ALA X 95 -54.07 -6.74 5.35
CA ALA X 95 -53.22 -7.90 5.01
C ALA X 95 -53.44 -9.03 6.02
N HIS X 96 -53.33 -8.71 7.32
CA HIS X 96 -53.52 -9.65 8.46
C HIS X 96 -54.41 -8.99 9.51
N PRO X 97 -55.18 -9.77 10.30
CA PRO X 97 -56.00 -9.20 11.39
C PRO X 97 -55.19 -8.97 12.67
N ASP X 98 -53.93 -8.56 12.52
CA ASP X 98 -52.94 -8.39 13.62
C ASP X 98 -51.74 -7.61 13.06
N TYR X 99 -50.74 -7.32 13.90
CA TYR X 99 -49.50 -6.58 13.55
C TYR X 99 -48.81 -7.25 12.36
N ILE X 100 -48.25 -6.44 11.46
CA ILE X 100 -47.29 -6.88 10.39
C ILE X 100 -45.87 -6.59 10.88
N ARG X 101 -45.07 -7.64 11.13
CA ARG X 101 -43.69 -7.52 11.69
C ARG X 101 -42.67 -7.32 10.57
N SER X 102 -42.90 -7.87 9.38
CA SER X 102 -41.87 -7.97 8.30
C SER X 102 -42.51 -7.94 6.90
N ILE X 103 -41.75 -7.44 5.92
CA ILE X 103 -42.06 -7.50 4.46
C ILE X 103 -40.78 -7.87 3.70
N ALA X 104 -40.88 -8.82 2.77
CA ALA X 104 -39.82 -9.18 1.79
C ALA X 104 -40.38 -9.01 0.37
N VAL X 105 -39.53 -8.55 -0.56
CA VAL X 105 -39.86 -8.32 -1.99
C VAL X 105 -39.07 -9.32 -2.84
N HIS X 106 -39.77 -10.10 -3.68
CA HIS X 106 -39.17 -11.11 -4.61
C HIS X 106 -38.25 -10.39 -5.58
N PRO X 107 -36.96 -10.81 -5.70
CA PRO X 107 -35.99 -10.14 -6.57
C PRO X 107 -36.48 -9.85 -8.00
N THR X 108 -37.04 -10.85 -8.68
CA THR X 108 -37.39 -10.82 -10.14
C THR X 108 -38.91 -10.76 -10.34
N LYS X 109 -39.65 -11.65 -9.66
CA LYS X 109 -41.12 -11.82 -9.83
C LYS X 109 -41.85 -10.71 -9.06
N PRO X 110 -43.13 -10.44 -9.38
CA PRO X 110 -43.85 -9.31 -8.78
C PRO X 110 -44.59 -9.71 -7.48
N TYR X 111 -43.87 -10.34 -6.55
CA TYR X 111 -44.44 -10.90 -5.28
C TYR X 111 -43.87 -10.14 -4.08
N VAL X 112 -44.73 -9.89 -3.08
CA VAL X 112 -44.34 -9.39 -1.73
C VAL X 112 -44.75 -10.44 -0.69
N LEU X 113 -43.85 -10.74 0.24
CA LEU X 113 -44.14 -11.58 1.44
C LEU X 113 -44.39 -10.65 2.64
N SER X 114 -45.33 -11.02 3.51
CA SER X 114 -45.67 -10.30 4.76
C SER X 114 -45.79 -11.32 5.90
N GLY X 115 -45.08 -11.08 7.01
CA GLY X 115 -45.12 -11.91 8.24
C GLY X 115 -45.80 -11.17 9.36
N SER X 116 -46.71 -11.82 10.09
CA SER X 116 -47.69 -11.19 11.00
C SER X 116 -47.86 -11.97 12.30
N ASP X 117 -48.43 -11.31 13.32
CA ASP X 117 -48.78 -11.87 14.65
C ASP X 117 -49.96 -12.83 14.52
N ASP X 118 -50.66 -12.84 13.37
CA ASP X 118 -51.79 -13.77 13.10
C ASP X 118 -51.26 -15.19 12.88
N LEU X 119 -49.94 -15.41 13.02
CA LEU X 119 -49.26 -16.73 13.04
C LEU X 119 -48.94 -17.17 11.62
N THR X 120 -49.04 -16.27 10.65
CA THR X 120 -49.11 -16.60 9.20
C THR X 120 -48.02 -15.85 8.42
N VAL X 121 -47.72 -16.34 7.21
CA VAL X 121 -47.03 -15.57 6.13
C VAL X 121 -47.97 -15.57 4.92
N LYS X 122 -48.18 -14.39 4.32
CA LYS X 122 -49.08 -14.21 3.15
C LYS X 122 -48.27 -13.67 1.95
N LEU X 123 -48.58 -14.18 0.76
CA LEU X 123 -47.90 -13.87 -0.52
C LEU X 123 -48.87 -13.04 -1.39
N TRP X 124 -48.46 -11.84 -1.79
CA TRP X 124 -49.28 -10.89 -2.58
C TRP X 124 -48.61 -10.66 -3.96
N ASN X 125 -49.41 -10.58 -5.01
CA ASN X 125 -48.96 -10.42 -6.42
C ASN X 125 -49.54 -9.12 -6.97
N TRP X 126 -48.68 -8.12 -7.25
CA TRP X 126 -49.10 -6.75 -7.63
C TRP X 126 -49.41 -6.66 -9.13
N GLU X 127 -49.13 -7.72 -9.91
CA GLU X 127 -49.54 -7.83 -11.34
C GLU X 127 -50.89 -8.56 -11.42
N ASN X 128 -51.44 -9.00 -10.27
CA ASN X 128 -52.81 -9.57 -10.13
C ASN X 128 -53.61 -8.71 -9.15
N ASN X 129 -53.47 -7.38 -9.25
CA ASN X 129 -54.20 -6.37 -8.42
C ASN X 129 -54.00 -6.68 -6.92
N TRP X 130 -52.79 -7.07 -6.53
CA TRP X 130 -52.39 -7.35 -5.13
C TRP X 130 -53.27 -8.47 -4.55
N ALA X 131 -53.50 -9.53 -5.33
CA ALA X 131 -54.28 -10.73 -4.93
C ALA X 131 -53.48 -11.54 -3.90
N LEU X 132 -54.15 -12.02 -2.85
CA LEU X 132 -53.58 -13.01 -1.90
C LEU X 132 -53.36 -14.33 -2.67
N GLU X 133 -52.09 -14.65 -2.96
CA GLU X 133 -51.70 -15.85 -3.74
C GLU X 133 -51.80 -17.09 -2.85
N GLN X 134 -51.30 -17.01 -1.61
CA GLN X 134 -51.24 -18.16 -0.67
C GLN X 134 -50.99 -17.67 0.76
N THR X 135 -51.49 -18.42 1.75
CA THR X 135 -51.29 -18.20 3.21
C THR X 135 -50.57 -19.41 3.80
N PHE X 136 -49.34 -19.24 4.28
CA PHE X 136 -48.45 -20.29 4.83
C PHE X 136 -48.73 -20.47 6.33
N GLU X 137 -49.51 -21.50 6.69
CA GLU X 137 -49.95 -21.78 8.08
C GLU X 137 -49.08 -22.92 8.66
N GLY X 138 -48.87 -22.91 9.98
CA GLY X 138 -48.06 -23.91 10.70
C GLY X 138 -47.44 -23.35 11.97
N HIS X 139 -47.00 -22.08 11.95
CA HIS X 139 -46.34 -21.38 13.09
C HIS X 139 -47.32 -21.23 14.26
N GLU X 140 -46.79 -21.19 15.49
CA GLU X 140 -47.57 -21.19 16.75
C GLU X 140 -47.33 -19.88 17.54
N HIS X 141 -46.71 -18.86 16.93
CA HIS X 141 -46.58 -17.50 17.50
C HIS X 141 -46.31 -16.47 16.40
N PHE X 142 -46.00 -15.23 16.78
CA PHE X 142 -45.79 -14.08 15.87
C PHE X 142 -44.62 -14.36 14.92
N VAL X 143 -44.88 -14.35 13.62
CA VAL X 143 -43.81 -14.35 12.57
C VAL X 143 -43.15 -12.97 12.61
N MET X 144 -41.91 -12.90 13.09
CA MET X 144 -41.16 -11.64 13.32
C MET X 144 -40.45 -11.19 12.04
N CYS X 145 -40.00 -12.14 11.21
CA CYS X 145 -39.08 -11.89 10.07
C CYS X 145 -39.41 -12.82 8.89
N VAL X 146 -39.23 -12.32 7.68
CA VAL X 146 -39.38 -13.08 6.40
C VAL X 146 -38.25 -12.67 5.46
N ALA X 147 -37.60 -13.65 4.81
CA ALA X 147 -36.45 -13.45 3.91
C ALA X 147 -36.48 -14.51 2.80
N PHE X 148 -36.55 -14.06 1.54
CA PHE X 148 -36.31 -14.92 0.34
C PHE X 148 -34.84 -15.36 0.36
N ASN X 149 -34.59 -16.64 0.11
CA ASN X 149 -33.24 -17.15 -0.28
C ASN X 149 -32.94 -16.55 -1.65
N PRO X 150 -31.92 -15.67 -1.79
CA PRO X 150 -31.60 -15.08 -3.10
C PRO X 150 -31.07 -16.13 -4.08
N LYS X 151 -30.59 -17.26 -3.57
CA LYS X 151 -30.09 -18.43 -4.36
C LYS X 151 -31.28 -19.23 -4.90
N ASP X 152 -32.40 -19.27 -4.17
CA ASP X 152 -33.69 -19.87 -4.62
C ASP X 152 -34.84 -19.09 -4.01
N PRO X 153 -35.21 -17.90 -4.56
CA PRO X 153 -36.32 -17.11 -4.03
C PRO X 153 -37.71 -17.70 -4.33
N SER X 154 -37.78 -18.94 -4.83
CA SER X 154 -38.98 -19.81 -4.80
C SER X 154 -39.09 -20.48 -3.42
N THR X 155 -38.07 -20.29 -2.57
CA THR X 155 -38.05 -20.70 -1.14
C THR X 155 -37.79 -19.46 -0.28
N PHE X 156 -38.52 -19.32 0.84
CA PHE X 156 -38.34 -18.24 1.84
C PHE X 156 -38.24 -18.85 3.24
N ALA X 157 -37.66 -18.08 4.17
CA ALA X 157 -37.53 -18.42 5.60
C ALA X 157 -38.37 -17.45 6.43
N SER X 158 -39.10 -17.96 7.42
CA SER X 158 -39.87 -17.16 8.41
C SER X 158 -39.35 -17.47 9.82
N GLY X 159 -38.85 -16.46 10.52
CA GLY X 159 -38.46 -16.51 11.95
C GLY X 159 -39.63 -16.17 12.84
N CYS X 160 -39.93 -17.02 13.84
CA CYS X 160 -41.16 -16.96 14.67
C CYS X 160 -40.80 -17.01 16.16
N LEU X 161 -41.72 -16.56 17.01
CA LEU X 161 -41.59 -16.55 18.51
C LEU X 161 -42.03 -17.91 19.07
N ASP X 162 -42.42 -18.85 18.20
CA ASP X 162 -42.59 -20.29 18.56
C ASP X 162 -41.22 -20.96 18.60
N ARG X 163 -40.15 -20.17 18.42
CA ARG X 163 -38.72 -20.58 18.56
C ARG X 163 -38.32 -21.50 17.41
N THR X 164 -38.97 -21.36 16.25
CA THR X 164 -38.65 -22.12 15.01
C THR X 164 -38.42 -21.16 13.85
N VAL X 165 -37.48 -21.50 12.97
CA VAL X 165 -37.41 -21.00 11.56
C VAL X 165 -38.03 -22.08 10.67
N LYS X 166 -39.09 -21.75 9.95
CA LYS X 166 -39.70 -22.64 8.92
C LYS X 166 -39.24 -22.16 7.54
N VAL X 167 -38.88 -23.09 6.67
CA VAL X 167 -38.51 -22.83 5.24
C VAL X 167 -39.61 -23.44 4.37
N TRP X 168 -40.10 -22.67 3.39
CA TRP X 168 -41.35 -22.97 2.63
C TRP X 168 -41.06 -22.98 1.13
N SER X 169 -41.93 -23.64 0.36
CA SER X 169 -41.95 -23.62 -1.13
C SER X 169 -43.24 -22.94 -1.59
N LEU X 170 -43.12 -21.93 -2.46
CA LEU X 170 -44.30 -21.21 -3.04
C LEU X 170 -45.19 -22.23 -3.75
N GLY X 171 -46.50 -22.19 -3.47
CA GLY X 171 -47.49 -23.12 -4.04
C GLY X 171 -47.56 -24.44 -3.29
N GLN X 172 -46.91 -24.54 -2.12
CA GLN X 172 -46.94 -25.73 -1.23
C GLN X 172 -47.32 -25.29 0.18
N SER X 173 -48.36 -25.92 0.76
CA SER X 173 -48.98 -25.55 2.06
C SER X 173 -48.07 -25.94 3.22
N THR X 174 -47.40 -27.10 3.13
CA THR X 174 -46.57 -27.70 4.22
C THR X 174 -45.15 -27.15 4.13
N PRO X 175 -44.51 -26.78 5.26
CA PRO X 175 -43.12 -26.33 5.24
C PRO X 175 -42.19 -27.45 4.71
N ASN X 176 -41.09 -27.04 4.04
CA ASN X 176 -40.04 -27.95 3.53
C ASN X 176 -39.36 -28.61 4.74
N PHE X 177 -38.92 -27.81 5.70
CA PHE X 177 -38.37 -28.26 7.01
C PHE X 177 -38.61 -27.18 8.07
N THR X 178 -38.25 -27.48 9.32
CA THR X 178 -38.41 -26.61 10.51
C THR X 178 -37.15 -26.73 11.40
N LEU X 179 -36.49 -25.61 11.68
CA LEU X 179 -35.33 -25.54 12.62
C LEU X 179 -35.84 -25.28 14.03
N THR X 180 -35.76 -26.27 14.91
CA THR X 180 -35.96 -26.14 16.38
C THR X 180 -34.69 -25.51 16.96
N THR X 181 -34.68 -24.18 17.12
CA THR X 181 -33.46 -23.34 17.23
C THR X 181 -32.81 -23.46 18.63
N GLY X 182 -33.58 -23.82 19.66
CA GLY X 182 -33.13 -23.77 21.06
C GLY X 182 -32.94 -22.35 21.55
N GLN X 183 -33.55 -21.38 20.84
CA GLN X 183 -33.58 -19.94 21.21
C GLN X 183 -34.95 -19.66 21.83
N GLU X 184 -35.06 -19.93 23.15
CA GLU X 184 -36.35 -20.16 23.86
C GLU X 184 -37.14 -18.84 24.02
N ARG X 185 -36.48 -17.68 23.87
CA ARG X 185 -37.17 -16.36 23.84
C ARG X 185 -37.70 -16.05 22.43
N GLY X 186 -37.58 -17.00 21.50
CA GLY X 186 -38.11 -16.90 20.13
C GLY X 186 -37.07 -16.40 19.15
N VAL X 187 -37.43 -16.33 17.87
CA VAL X 187 -36.55 -15.86 16.76
C VAL X 187 -37.04 -14.48 16.31
N ASN X 188 -36.21 -13.44 16.47
CA ASN X 188 -36.51 -12.05 16.07
C ASN X 188 -36.21 -11.83 14.59
N TYR X 189 -35.25 -12.58 14.03
CA TYR X 189 -34.69 -12.33 12.69
C TYR X 189 -34.21 -13.64 12.05
N VAL X 190 -34.28 -13.71 10.72
CA VAL X 190 -33.65 -14.80 9.90
C VAL X 190 -33.20 -14.19 8.57
N ASP X 191 -31.92 -14.43 8.23
CA ASP X 191 -31.24 -13.88 7.03
C ASP X 191 -30.36 -14.99 6.44
N TYR X 192 -30.11 -14.92 5.13
CA TYR X 192 -29.32 -15.93 4.36
C TYR X 192 -27.91 -15.40 4.09
N TYR X 193 -26.93 -16.30 4.11
CA TYR X 193 -25.58 -16.12 3.52
C TYR X 193 -25.74 -16.06 2.00
N PRO X 194 -25.31 -14.97 1.33
CA PRO X 194 -25.70 -14.73 -0.06
C PRO X 194 -24.86 -15.43 -1.15
N LEU X 195 -23.65 -15.90 -0.84
CA LEU X 195 -22.72 -16.52 -1.83
C LEU X 195 -22.89 -18.04 -1.82
N PRO X 196 -22.61 -18.71 -2.96
CA PRO X 196 -22.87 -20.15 -3.09
C PRO X 196 -22.10 -21.10 -2.14
N ASP X 197 -20.92 -20.69 -1.65
CA ASP X 197 -19.96 -21.59 -0.96
C ASP X 197 -20.59 -22.19 0.30
N LYS X 198 -21.32 -21.40 1.11
CA LYS X 198 -21.92 -21.87 2.39
C LYS X 198 -23.44 -21.78 2.32
N PRO X 199 -24.17 -22.89 2.61
CA PRO X 199 -25.63 -22.88 2.69
C PRO X 199 -26.09 -22.46 4.10
N TYR X 200 -25.82 -21.20 4.46
CA TYR X 200 -25.88 -20.69 5.86
C TYR X 200 -27.08 -19.76 6.04
N MET X 201 -27.77 -19.92 7.16
CA MET X 201 -28.87 -19.02 7.65
C MET X 201 -28.52 -18.58 9.08
N ILE X 202 -28.82 -17.32 9.41
CA ILE X 202 -28.47 -16.68 10.72
C ILE X 202 -29.74 -16.21 11.42
N THR X 203 -29.85 -16.44 12.73
CA THR X 203 -31.00 -16.05 13.58
C THR X 203 -30.51 -15.22 14.78
N ALA X 204 -31.30 -14.21 15.16
CA ALA X 204 -31.12 -13.38 16.37
C ALA X 204 -32.34 -13.59 17.29
N SER X 205 -32.11 -13.61 18.60
CA SER X 205 -33.14 -13.93 19.63
C SER X 205 -33.05 -12.97 20.81
N ASP X 206 -34.16 -12.81 21.55
CA ASP X 206 -34.22 -12.08 22.84
C ASP X 206 -33.32 -12.78 23.87
N ASP X 207 -33.07 -14.09 23.71
CA ASP X 207 -32.26 -14.92 24.66
C ASP X 207 -30.79 -14.48 24.62
N LEU X 208 -30.47 -13.43 23.86
CA LEU X 208 -29.16 -12.73 23.75
C LEU X 208 -28.27 -13.40 22.70
N THR X 209 -28.68 -14.51 22.08
CA THR X 209 -27.82 -15.34 21.20
C THR X 209 -28.09 -15.05 19.72
N ILE X 210 -27.02 -15.07 18.92
CA ILE X 210 -27.03 -15.21 17.43
C ILE X 210 -26.58 -16.64 17.10
N LYS X 211 -27.23 -17.30 16.14
CA LYS X 211 -26.92 -18.70 15.75
C LYS X 211 -26.79 -18.81 14.23
N ILE X 212 -25.77 -19.56 13.76
CA ILE X 212 -25.51 -19.88 12.33
C ILE X 212 -26.05 -21.29 12.06
N TRP X 213 -26.81 -21.46 10.97
CA TRP X 213 -27.55 -22.71 10.65
C TRP X 213 -27.13 -23.24 9.27
N ASP X 214 -26.96 -24.56 9.16
CA ASP X 214 -26.70 -25.30 7.89
C ASP X 214 -28.02 -25.90 7.42
N TYR X 215 -28.61 -25.38 6.33
CA TYR X 215 -29.94 -25.79 5.81
C TYR X 215 -29.82 -27.07 4.98
N GLN X 216 -28.61 -27.66 4.89
CA GLN X 216 -28.35 -28.96 4.22
C GLN X 216 -28.24 -30.07 5.27
N THR X 217 -27.58 -29.78 6.41
CA THR X 217 -27.43 -30.72 7.56
C THR X 217 -28.61 -30.55 8.54
N LYS X 218 -29.23 -29.38 8.58
CA LYS X 218 -30.37 -29.03 9.48
C LYS X 218 -29.89 -29.00 10.93
N SER X 219 -28.79 -28.30 11.21
CA SER X 219 -28.14 -28.21 12.55
C SER X 219 -27.33 -26.91 12.67
N CYS X 220 -27.10 -26.47 13.91
CA CYS X 220 -26.37 -25.22 14.26
C CYS X 220 -24.86 -25.41 14.01
N VAL X 221 -24.26 -24.45 13.28
CA VAL X 221 -22.80 -24.41 12.97
C VAL X 221 -22.06 -23.73 14.14
N ALA X 222 -22.48 -22.52 14.50
CA ALA X 222 -21.85 -21.69 15.55
C ALA X 222 -22.92 -20.89 16.30
N THR X 223 -22.64 -20.54 17.57
CA THR X 223 -23.47 -19.67 18.44
C THR X 223 -22.62 -18.46 18.85
N LEU X 224 -23.04 -17.26 18.46
CA LEU X 224 -22.35 -15.98 18.75
C LEU X 224 -22.98 -15.35 20.00
N GLU X 225 -22.13 -14.90 20.92
CA GLU X 225 -22.51 -14.41 22.28
C GLU X 225 -21.80 -13.08 22.55
N GLY X 226 -22.40 -11.96 22.15
CA GLY X 226 -21.78 -10.63 22.21
C GLY X 226 -22.77 -9.49 22.45
N HIS X 227 -23.93 -9.77 23.05
CA HIS X 227 -24.91 -8.73 23.51
C HIS X 227 -25.40 -9.08 24.92
N MET X 228 -25.75 -8.07 25.71
CA MET X 228 -26.24 -8.20 27.12
C MET X 228 -27.73 -7.86 27.18
N SER X 229 -28.37 -7.74 26.01
CA SER X 229 -29.84 -7.48 25.88
C SER X 229 -30.33 -8.12 24.57
N ASN X 230 -31.64 -8.04 24.32
CA ASN X 230 -32.31 -8.69 23.16
C ASN X 230 -31.49 -8.40 21.88
N VAL X 231 -31.29 -9.42 21.05
CA VAL X 231 -30.66 -9.31 19.70
C VAL X 231 -31.79 -9.16 18.66
N SER X 232 -31.96 -7.95 18.12
CA SER X 232 -33.06 -7.56 17.20
C SER X 232 -32.86 -8.16 15.80
N PHE X 233 -31.60 -8.41 15.42
CA PHE X 233 -31.22 -8.92 14.08
C PHE X 233 -29.76 -9.36 14.05
N ALA X 234 -29.44 -10.17 13.04
CA ALA X 234 -28.07 -10.51 12.59
C ALA X 234 -28.14 -10.82 11.08
N VAL X 235 -27.25 -10.21 10.29
CA VAL X 235 -27.22 -10.39 8.81
C VAL X 235 -25.77 -10.53 8.33
N PHE X 236 -25.55 -11.37 7.31
CA PHE X 236 -24.29 -11.43 6.52
C PHE X 236 -24.26 -10.24 5.57
N HIS X 237 -23.19 -9.43 5.61
CA HIS X 237 -22.97 -8.30 4.68
C HIS X 237 -22.85 -8.88 3.27
N PRO X 238 -23.51 -8.28 2.25
CA PRO X 238 -23.50 -8.84 0.90
C PRO X 238 -22.10 -9.10 0.35
N THR X 239 -21.22 -8.09 0.34
CA THR X 239 -19.92 -8.08 -0.39
C THR X 239 -18.72 -8.26 0.55
N LEU X 240 -18.88 -8.06 1.86
CA LEU X 240 -17.77 -8.13 2.85
C LEU X 240 -17.93 -9.37 3.73
N PRO X 241 -16.82 -10.00 4.17
CA PRO X 241 -16.89 -11.28 4.90
C PRO X 241 -17.17 -11.07 6.39
N ILE X 242 -18.27 -10.39 6.71
CA ILE X 242 -18.65 -10.00 8.10
C ILE X 242 -20.13 -10.34 8.35
N ILE X 243 -20.49 -10.43 9.63
CA ILE X 243 -21.90 -10.47 10.12
C ILE X 243 -22.12 -9.20 10.94
N ILE X 244 -23.18 -8.45 10.65
CA ILE X 244 -23.58 -7.21 11.38
C ILE X 244 -24.78 -7.55 12.26
N SER X 245 -24.67 -7.33 13.58
CA SER X 245 -25.70 -7.66 14.57
C SER X 245 -26.08 -6.40 15.37
N GLY X 246 -27.37 -6.24 15.67
CA GLY X 246 -27.93 -5.11 16.44
C GLY X 246 -28.67 -5.62 17.67
N SER X 247 -28.81 -4.77 18.68
CA SER X 247 -29.28 -5.15 20.04
C SER X 247 -29.93 -3.97 20.76
N GLU X 248 -30.82 -4.28 21.71
CA GLU X 248 -31.43 -3.30 22.66
C GLU X 248 -30.35 -2.76 23.59
N ASP X 249 -29.19 -3.43 23.69
CA ASP X 249 -27.99 -2.95 24.43
C ASP X 249 -27.46 -1.69 23.75
N GLY X 250 -27.91 -1.41 22.51
CA GLY X 250 -27.64 -0.16 21.79
C GLY X 250 -26.32 -0.19 21.03
N THR X 251 -25.74 -1.38 20.83
CA THR X 251 -24.47 -1.58 20.09
C THR X 251 -24.77 -2.25 18.74
N LEU X 252 -23.97 -1.93 17.72
CA LEU X 252 -23.80 -2.76 16.49
C LEU X 252 -22.48 -3.52 16.63
N LYS X 253 -22.52 -4.85 16.48
CA LYS X 253 -21.31 -5.72 16.50
C LYS X 253 -21.05 -6.24 15.08
N ILE X 254 -19.80 -6.14 14.65
CA ILE X 254 -19.29 -6.63 13.32
C ILE X 254 -18.41 -7.86 13.59
N TRP X 255 -18.92 -9.06 13.26
CA TRP X 255 -18.22 -10.35 13.42
C TRP X 255 -17.51 -10.73 12.12
N ASN X 256 -16.49 -11.59 12.20
CA ASN X 256 -15.87 -12.27 11.04
C ASN X 256 -16.78 -13.44 10.64
N SER X 257 -17.27 -13.45 9.39
CA SER X 257 -18.27 -14.43 8.90
C SER X 257 -17.63 -15.81 8.69
N SER X 258 -16.29 -15.90 8.81
CA SER X 258 -15.50 -17.16 8.65
C SER X 258 -15.09 -17.70 10.02
N THR X 259 -14.45 -16.86 10.86
CA THR X 259 -13.85 -17.25 12.16
C THR X 259 -14.84 -17.03 13.32
N TYR X 260 -15.89 -16.22 13.11
CA TYR X 260 -16.91 -15.85 14.12
C TYR X 260 -16.24 -15.08 15.27
N LYS X 261 -15.31 -14.19 14.92
CA LYS X 261 -14.53 -13.32 15.84
C LYS X 261 -15.05 -11.88 15.72
N VAL X 262 -15.40 -11.26 16.85
CA VAL X 262 -15.86 -9.84 16.91
C VAL X 262 -14.68 -8.94 16.48
N GLU X 263 -14.92 -8.08 15.48
CA GLU X 263 -13.90 -7.20 14.85
C GLU X 263 -14.00 -5.80 15.47
N LYS X 264 -15.22 -5.26 15.54
CA LYS X 264 -15.52 -3.90 16.08
C LYS X 264 -16.85 -3.95 16.85
N THR X 265 -16.92 -3.26 17.98
CA THR X 265 -18.18 -2.92 18.70
C THR X 265 -18.47 -1.44 18.47
N LEU X 266 -19.65 -1.12 17.91
CA LEU X 266 -20.11 0.27 17.64
C LEU X 266 -21.14 0.66 18.70
N ASN X 267 -20.77 1.62 19.56
CA ASN X 267 -21.66 2.29 20.53
C ASN X 267 -22.26 3.51 19.84
N VAL X 268 -23.27 3.31 19.00
CA VAL X 268 -23.72 4.33 18.00
C VAL X 268 -24.34 5.51 18.75
N GLY X 269 -24.89 5.28 19.95
CA GLY X 269 -25.37 6.34 20.86
C GLY X 269 -26.75 6.85 20.46
N LEU X 270 -27.66 5.94 20.09
CA LEU X 270 -29.07 6.25 19.73
C LEU X 270 -30.01 5.26 20.44
N GLU X 271 -29.58 4.73 21.58
CA GLU X 271 -30.30 3.74 22.43
C GLU X 271 -30.60 2.47 21.60
N ARG X 272 -31.71 1.76 21.87
CA ARG X 272 -31.93 0.36 21.41
C ARG X 272 -31.88 0.31 19.87
N SER X 273 -31.38 -0.80 19.32
CA SER X 273 -31.29 -1.08 17.86
C SER X 273 -32.38 -2.09 17.47
N TRP X 274 -33.13 -1.80 16.41
CA TRP X 274 -34.37 -2.51 16.01
C TRP X 274 -34.21 -3.20 14.65
N CYS X 275 -33.55 -2.57 13.69
CA CYS X 275 -33.60 -2.99 12.26
C CYS X 275 -32.30 -2.62 11.54
N ILE X 276 -32.01 -3.35 10.45
CA ILE X 276 -30.74 -3.26 9.67
C ILE X 276 -31.09 -3.34 8.19
N ALA X 277 -30.27 -2.69 7.36
CA ALA X 277 -30.30 -2.75 5.89
C ALA X 277 -28.86 -2.65 5.38
N THR X 278 -28.55 -3.40 4.31
CA THR X 278 -27.26 -3.37 3.57
C THR X 278 -27.56 -2.98 2.12
N HIS X 279 -26.74 -2.12 1.51
CA HIS X 279 -26.94 -1.65 0.11
C HIS X 279 -26.98 -2.87 -0.80
N PRO X 280 -28.03 -3.04 -1.64
CA PRO X 280 -28.17 -4.21 -2.50
C PRO X 280 -26.91 -4.55 -3.31
N THR X 281 -26.30 -3.53 -3.95
CA THR X 281 -25.14 -3.65 -4.87
C THR X 281 -23.83 -3.36 -4.11
N GLY X 282 -23.89 -3.21 -2.78
CA GLY X 282 -22.73 -3.00 -1.89
C GLY X 282 -21.98 -1.72 -2.22
N ARG X 283 -22.71 -0.65 -2.60
CA ARG X 283 -22.15 0.69 -2.90
C ARG X 283 -21.45 1.23 -1.64
N LYS X 284 -20.11 1.37 -1.71
CA LYS X 284 -19.24 1.82 -0.59
C LYS X 284 -19.51 0.95 0.65
N ASN X 285 -19.96 -0.28 0.44
CA ASN X 285 -20.32 -1.29 1.48
C ASN X 285 -21.27 -0.66 2.51
N TYR X 286 -22.15 0.24 2.07
CA TYR X 286 -23.09 1.02 2.93
C TYR X 286 -23.91 0.06 3.79
N ILE X 287 -24.01 0.36 5.09
CA ILE X 287 -24.95 -0.27 6.05
C ILE X 287 -25.73 0.86 6.73
N ALA X 288 -26.97 0.58 7.13
CA ALA X 288 -27.84 1.50 7.89
C ALA X 288 -28.56 0.72 8.99
N SER X 289 -28.74 1.33 10.16
CA SER X 289 -29.44 0.73 11.31
C SER X 289 -30.41 1.75 11.93
N GLY X 290 -31.63 1.31 12.23
CA GLY X 290 -32.67 2.09 12.92
C GLY X 290 -32.61 1.87 14.42
N PHE X 291 -32.80 2.94 15.20
CA PHE X 291 -32.70 2.94 16.68
C PHE X 291 -33.87 3.72 17.28
N ASP X 292 -34.03 3.62 18.61
CA ASP X 292 -34.98 4.43 19.43
C ASP X 292 -34.92 5.90 19.01
N ASN X 293 -33.72 6.47 18.87
CA ASN X 293 -33.48 7.94 18.77
C ASN X 293 -33.12 8.34 17.32
N GLY X 294 -33.21 7.40 16.37
CA GLY X 294 -33.07 7.71 14.92
C GLY X 294 -32.31 6.63 14.17
N PHE X 295 -31.57 7.02 13.13
CA PHE X 295 -30.80 6.11 12.24
C PHE X 295 -29.41 6.69 11.91
N THR X 296 -28.45 5.81 11.69
CA THR X 296 -27.11 6.13 11.15
C THR X 296 -26.88 5.35 9.85
N VAL X 297 -26.08 5.92 8.94
CA VAL X 297 -25.63 5.27 7.67
C VAL X 297 -24.10 5.23 7.69
N LEU X 298 -23.51 4.04 7.71
CA LEU X 298 -22.03 3.83 7.80
C LEU X 298 -21.51 3.30 6.45
N SER X 299 -20.36 3.83 6.00
CA SER X 299 -19.57 3.32 4.83
C SER X 299 -18.35 2.56 5.35
N LEU X 300 -18.12 1.35 4.84
CA LEU X 300 -17.03 0.43 5.27
C LEU X 300 -15.97 0.35 4.17
N GLY X 301 -14.73 0.01 4.55
CA GLY X 301 -13.60 -0.19 3.62
C GLY X 301 -13.66 -1.57 2.96
N ASN X 302 -13.10 -1.69 1.75
CA ASN X 302 -13.04 -2.96 0.97
C ASN X 302 -11.86 -3.80 1.48
N LEU Y 1 33.53 -4.73 68.14
CA LEU Y 1 32.19 -5.14 68.64
C LEU Y 1 31.11 -4.68 67.66
N LYS Y 2 30.35 -5.65 67.13
CA LYS Y 2 29.14 -5.42 66.29
C LYS Y 2 28.05 -4.75 67.15
N ILE Y 3 27.56 -3.59 66.72
CA ILE Y 3 26.36 -2.91 67.28
C ILE Y 3 25.12 -3.79 67.05
N LYS Y 4 24.32 -3.99 68.09
CA LYS Y 4 23.06 -4.79 68.07
C LYS Y 4 23.39 -6.23 67.66
N LYS Y 5 24.45 -6.82 68.23
CA LYS Y 5 24.87 -8.22 67.94
C LYS Y 5 23.83 -9.21 68.45
N PRO Y 6 23.31 -9.08 69.69
CA PRO Y 6 22.33 -10.04 70.22
C PRO Y 6 21.00 -9.97 69.46
N LEU Z 1 73.53 -50.03 -7.39
CA LEU Z 1 72.20 -50.32 -6.81
C LEU Z 1 71.10 -49.74 -7.72
N LYS Z 2 70.29 -50.62 -8.31
CA LYS Z 2 69.04 -50.28 -9.06
C LYS Z 2 68.06 -49.59 -8.10
N ILE Z 3 67.65 -48.35 -8.43
CA ILE Z 3 66.57 -47.59 -7.72
C ILE Z 3 65.29 -48.44 -7.72
N LYS Z 4 64.57 -48.44 -6.60
CA LYS Z 4 63.30 -49.18 -6.39
C LYS Z 4 63.47 -50.63 -6.85
N LYS Z 5 64.53 -51.29 -6.36
CA LYS Z 5 64.83 -52.72 -6.65
C LYS Z 5 63.77 -53.63 -6.03
N PRO Z 6 63.38 -53.44 -4.74
CA PRO Z 6 62.46 -54.36 -4.07
C PRO Z 6 61.05 -54.36 -4.68
N LEU AA 1 -8.10 -30.06 -53.12
CA LEU AA 1 -9.42 -30.49 -52.57
C LEU AA 1 -10.54 -30.09 -53.53
N LYS AA 2 -11.30 -31.07 -54.01
CA LYS AA 2 -12.50 -30.90 -54.86
C LYS AA 2 -13.66 -30.34 -54.03
N ILE AA 3 -14.30 -29.28 -54.52
CA ILE AA 3 -15.47 -28.60 -53.88
C ILE AA 3 -16.69 -29.54 -53.93
N LYS AA 4 -17.45 -29.61 -52.83
CA LYS AA 4 -18.68 -30.42 -52.66
C LYS AA 4 -18.37 -31.91 -52.91
N LYS AA 5 -17.25 -32.41 -52.36
CA LYS AA 5 -16.80 -33.81 -52.56
C LYS AA 5 -17.73 -34.79 -51.86
N PRO AA 6 -18.20 -34.52 -50.61
CA PRO AA 6 -19.04 -35.48 -49.88
C PRO AA 6 -20.40 -35.74 -50.54
N LEU BA 1 -34.70 4.36 25.03
CA LEU BA 1 -34.63 3.83 26.42
C LEU BA 1 -33.18 3.52 26.79
N LYS BA 2 -32.58 4.32 27.68
CA LYS BA 2 -31.26 4.10 28.33
C LYS BA 2 -31.25 2.72 29.00
N ILE BA 3 -30.21 1.92 28.75
CA ILE BA 3 -29.94 0.63 29.47
C ILE BA 3 -29.66 0.96 30.95
N LYS BA 4 -30.14 0.13 31.87
CA LYS BA 4 -29.94 0.26 33.34
C LYS BA 4 -30.31 1.67 33.80
N LYS BA 5 -31.47 2.16 33.38
CA LYS BA 5 -31.99 3.50 33.73
C LYS BA 5 -32.40 3.56 35.21
N PRO BA 6 -33.11 2.54 35.76
CA PRO BA 6 -33.58 2.61 37.16
C PRO BA 6 -32.45 2.56 38.20
N LEU CA 1 33.65 46.90 -74.85
CA LEU CA 1 33.58 46.45 -73.43
C LEU CA 1 34.99 46.21 -72.89
N LYS CA 2 35.26 46.69 -71.67
CA LYS CA 2 36.54 46.51 -70.94
C LYS CA 2 36.47 45.22 -70.13
N ILE CA 3 37.38 44.27 -70.39
CA ILE CA 3 37.50 42.97 -69.65
C ILE CA 3 37.72 43.29 -68.16
N LYS CA 4 37.10 42.50 -67.28
CA LYS CA 4 37.16 42.66 -65.81
C LYS CA 4 36.84 44.11 -65.42
N LYS CA 5 35.78 44.68 -66.00
CA LYS CA 5 35.27 46.03 -65.67
C LYS CA 5 34.71 46.07 -64.25
N PRO CA 6 33.95 45.05 -63.79
CA PRO CA 6 33.36 45.06 -62.44
C PRO CA 6 34.38 45.07 -61.29
N LEU DA 1 6.63 49.79 -68.28
CA LEU DA 1 7.35 50.60 -67.25
C LEU DA 1 6.35 51.13 -66.21
N LYS DA 2 6.61 50.89 -64.92
CA LYS DA 2 5.81 51.44 -63.79
C LYS DA 2 6.14 52.92 -63.59
N ILE DA 3 5.12 53.78 -63.54
CA ILE DA 3 5.24 55.22 -63.19
C ILE DA 3 5.88 55.33 -61.79
N LYS DA 4 6.75 56.32 -61.59
CA LYS DA 4 7.44 56.64 -60.31
C LYS DA 4 8.09 55.39 -59.72
N LYS DA 5 8.80 54.62 -60.54
CA LYS DA 5 9.47 53.35 -60.14
C LYS DA 5 10.72 53.64 -59.31
N PRO DA 6 11.49 54.72 -59.57
CA PRO DA 6 12.68 55.03 -58.77
C PRO DA 6 12.40 55.28 -57.28
N LEU EA 1 33.96 -4.62 88.60
CA LEU EA 1 34.07 -4.17 87.18
C LEU EA 1 34.52 -2.70 87.13
N LYS EA 2 35.66 -2.44 86.48
CA LYS EA 2 36.25 -1.09 86.25
C LYS EA 2 35.37 -0.35 85.22
N ILE EA 3 35.12 0.94 85.46
CA ILE EA 3 34.29 1.82 84.59
C ILE EA 3 35.09 2.17 83.34
N LYS EA 4 34.42 2.23 82.18
CA LYS EA 4 35.03 2.50 80.85
C LYS EA 4 36.28 1.64 80.68
N LYS EA 5 36.14 0.33 80.91
CA LYS EA 5 37.22 -0.70 80.76
C LYS EA 5 37.61 -0.82 79.29
N PRO EA 6 36.67 -0.83 78.33
CA PRO EA 6 37.03 -0.97 76.91
C PRO EA 6 37.94 0.18 76.42
N LEU FA 1 25.70 42.05 -57.06
CA LEU FA 1 24.89 41.27 -58.04
C LEU FA 1 24.63 39.86 -57.49
N LYS FA 2 23.36 39.46 -57.39
CA LYS FA 2 22.87 38.12 -56.97
C LYS FA 2 23.32 37.05 -57.98
N ILE FA 3 23.82 35.90 -57.49
CA ILE FA 3 24.08 34.67 -58.29
C ILE FA 3 22.74 34.16 -58.82
N LYS FA 4 22.69 33.72 -60.09
CA LYS FA 4 21.50 33.16 -60.76
C LYS FA 4 20.31 34.12 -60.65
N LYS FA 5 20.54 35.42 -60.89
CA LYS FA 5 19.49 36.47 -60.80
C LYS FA 5 18.41 36.21 -61.82
N PRO FA 6 18.73 35.95 -63.12
CA PRO FA 6 17.72 35.82 -64.16
C PRO FA 6 16.88 34.53 -64.08
N LEU GA 1 -45.22 15.73 42.41
CA LEU GA 1 -45.26 16.21 40.98
C LEU GA 1 -44.96 17.70 40.94
N LYS GA 2 -43.97 18.10 40.12
CA LYS GA 2 -43.53 19.51 39.96
C LYS GA 2 -44.49 20.24 39.00
N ILE GA 3 -44.79 21.50 39.30
CA ILE GA 3 -45.65 22.42 38.49
C ILE GA 3 -44.92 22.72 37.17
N LYS GA 4 -45.68 22.85 36.07
CA LYS GA 4 -45.18 23.15 34.70
C LYS GA 4 -43.93 22.28 34.41
N LYS GA 5 -44.04 20.97 34.64
CA LYS GA 5 -42.94 19.98 34.41
C LYS GA 5 -42.69 19.80 32.92
N PRO GA 6 -43.71 19.59 32.07
CA PRO GA 6 -43.48 19.37 30.63
C PRO GA 6 -42.79 20.56 29.95
N LEU HA 1 -6.41 -27.89 -33.00
CA LEU HA 1 -6.47 -27.62 -34.47
C LEU HA 1 -6.10 -26.15 -34.74
N LYS HA 2 -4.99 -25.91 -35.43
CA LYS HA 2 -4.55 -24.58 -35.93
C LYS HA 2 -5.63 -24.02 -36.87
N ILE HA 3 -5.97 -22.74 -36.72
CA ILE HA 3 -6.86 -21.98 -37.65
C ILE HA 3 -6.09 -21.76 -38.96
N LYS HA 4 -6.74 -22.02 -40.11
CA LYS HA 4 -6.17 -21.84 -41.47
C LYS HA 4 -4.90 -22.68 -41.61
N LYS HA 5 -5.00 -23.98 -41.30
CA LYS HA 5 -3.88 -24.96 -41.39
C LYS HA 5 -3.56 -25.26 -42.86
N PRO HA 6 -4.56 -25.38 -43.77
CA PRO HA 6 -4.28 -25.64 -45.19
C PRO HA 6 -3.41 -24.56 -45.86
N LEU IA 1 -22.14 -38.30 -40.99
CA LEU IA 1 -21.39 -37.45 -40.01
C LEU IA 1 -22.36 -36.86 -38.99
N LYS IA 2 -22.08 -37.09 -37.69
CA LYS IA 2 -22.77 -36.44 -36.55
C LYS IA 2 -22.43 -34.94 -36.56
N ILE IA 3 -23.46 -34.07 -36.46
CA ILE IA 3 -23.31 -32.59 -36.34
C ILE IA 3 -22.62 -32.27 -35.00
N LYS IA 4 -21.75 -31.27 -34.99
CA LYS IA 4 -20.99 -30.78 -33.79
C LYS IA 4 -20.32 -31.97 -33.11
N LYS IA 5 -19.64 -32.83 -33.89
CA LYS IA 5 -18.88 -34.00 -33.37
C LYS IA 5 -17.66 -33.53 -32.59
N PRO IA 6 -16.93 -32.48 -33.04
CA PRO IA 6 -15.76 -31.98 -32.30
C PRO IA 6 -16.03 -31.63 -30.83
N LEU JA 1 -6.79 89.48 -2.21
CA LEU JA 1 -6.74 89.09 -0.76
C LEU JA 1 -5.31 88.65 -0.41
N LYS JA 2 -4.72 89.28 0.62
CA LYS JA 2 -3.39 88.91 1.17
C LYS JA 2 -3.49 87.54 1.84
N ILE JA 3 -2.45 86.72 1.74
CA ILE JA 3 -2.34 85.41 2.44
C ILE JA 3 -2.23 85.71 3.94
N LYS JA 4 -2.98 84.96 4.77
CA LYS JA 4 -3.03 85.10 6.25
C LYS JA 4 -2.98 86.59 6.64
N LYS JA 5 -4.01 87.34 6.25
CA LYS JA 5 -4.19 88.78 6.61
C LYS JA 5 -4.60 88.91 8.08
N PRO JA 6 -5.45 88.03 8.65
CA PRO JA 6 -5.89 88.18 10.04
C PRO JA 6 -4.76 87.97 11.06
N LEU KA 1 -2.01 -44.58 -29.94
CA LEU KA 1 -2.91 -45.45 -30.75
C LEU KA 1 -3.16 -46.77 -30.02
N LYS KA 2 -4.44 -47.14 -29.84
CA LYS KA 2 -4.91 -48.39 -29.21
C LYS KA 2 -4.58 -49.59 -30.12
N ILE KA 3 -3.97 -50.64 -29.56
CA ILE KA 3 -3.68 -51.93 -30.25
C ILE KA 3 -5.00 -52.58 -30.67
N LYS KA 4 -5.07 -53.07 -31.91
CA LYS KA 4 -6.23 -53.80 -32.49
C LYS KA 4 -7.51 -52.98 -32.32
N LYS KA 5 -7.47 -51.69 -32.69
CA LYS KA 5 -8.64 -50.78 -32.60
C LYS KA 5 -9.70 -51.18 -33.62
N PRO KA 6 -9.33 -51.55 -34.88
CA PRO KA 6 -10.33 -51.95 -35.89
C PRO KA 6 -11.18 -53.16 -35.49
N LEU LA 1 28.35 -27.31 72.85
CA LEU LA 1 29.71 -26.85 72.43
C LEU LA 1 30.25 -27.76 71.33
N LYS LA 2 30.45 -27.23 70.12
CA LYS LA 2 31.08 -27.95 68.98
C LYS LA 2 32.56 -28.18 69.29
N ILE LA 3 33.03 -29.42 69.06
CA ILE LA 3 34.46 -29.87 69.17
C ILE LA 3 35.31 -29.06 68.18
N LYS LA 4 36.51 -28.66 68.61
CA LYS LA 4 37.54 -27.92 67.82
C LYS LA 4 36.91 -26.65 67.21
N LYS LA 5 36.28 -25.83 68.05
CA LYS LA 5 35.62 -24.55 67.63
C LYS LA 5 36.68 -23.49 67.27
N PRO LA 6 37.78 -23.34 68.04
CA PRO LA 6 38.79 -22.34 67.72
C PRO LA 6 39.36 -22.50 66.29
N LEU MA 1 -24.61 79.91 0.43
CA LEU MA 1 -23.30 80.32 -0.18
C LEU MA 1 -22.98 79.41 -1.37
N LYS MA 2 -22.65 80.00 -2.52
CA LYS MA 2 -22.17 79.30 -3.74
C LYS MA 2 -20.73 78.81 -3.49
N ILE MA 3 -20.46 77.52 -3.73
CA ILE MA 3 -19.09 76.93 -3.66
C ILE MA 3 -18.23 77.56 -4.76
N LYS MA 4 -16.96 77.84 -4.44
CA LYS MA 4 -15.95 78.52 -5.30
C LYS MA 4 -16.62 79.72 -5.99
N LYS MA 5 -17.17 80.63 -5.19
CA LYS MA 5 -17.79 81.90 -5.66
C LYS MA 5 -16.69 82.87 -6.13
N PRO MA 6 -15.58 83.04 -5.37
CA PRO MA 6 -14.52 83.97 -5.77
C PRO MA 6 -13.97 83.71 -7.19
N LEU NA 1 -40.45 -0.85 43.54
CA LEU NA 1 -41.23 -1.77 42.67
C LEU NA 1 -41.38 -3.15 43.35
N LYS NA 2 -42.62 -3.55 43.62
CA LYS NA 2 -43.00 -4.92 44.08
C LYS NA 2 -42.69 -5.93 42.97
N ILE NA 3 -42.08 -7.06 43.32
CA ILE NA 3 -41.84 -8.23 42.42
C ILE NA 3 -43.18 -8.87 42.08
N LYS NA 4 -43.37 -9.26 40.81
CA LYS NA 4 -44.60 -9.92 40.29
C LYS NA 4 -45.83 -9.05 40.61
N LYS NA 5 -45.71 -7.73 40.38
CA LYS NA 5 -46.81 -6.74 40.56
C LYS NA 5 -47.96 -7.07 39.60
N PRO NA 6 -47.70 -7.37 38.30
CA PRO NA 6 -48.77 -7.60 37.34
C PRO NA 6 -49.70 -8.78 37.69
N LEU OA 1 4.72 -41.39 -48.75
CA LEU OA 1 4.68 -41.68 -47.28
C LEU OA 1 6.10 -41.94 -46.77
N LYS OA 2 6.59 -41.09 -45.86
CA LYS OA 2 7.85 -41.27 -45.08
C LYS OA 2 7.73 -42.52 -44.20
N ILE OA 3 8.80 -43.32 -44.12
CA ILE OA 3 8.89 -44.55 -43.28
C ILE OA 3 9.18 -44.13 -41.83
N LYS OA 4 8.60 -44.85 -40.86
CA LYS OA 4 8.73 -44.60 -39.40
C LYS OA 4 8.42 -43.14 -39.08
N LYS OA 5 7.32 -42.62 -39.65
CA LYS OA 5 6.86 -41.22 -39.43
C LYS OA 5 6.23 -41.08 -38.04
N PRO OA 6 5.49 -42.09 -37.51
CA PRO OA 6 4.93 -41.99 -36.16
C PRO OA 6 5.99 -41.82 -35.06
N LEU PA 1 -12.97 85.66 16.31
CA LEU PA 1 -13.98 84.97 15.47
C LEU PA 1 -14.38 83.65 16.13
N LYS PA 2 -15.69 83.43 16.29
CA LYS PA 2 -16.30 82.17 16.80
C LYS PA 2 -16.06 81.03 15.80
N ILE PA 3 -15.64 79.86 16.30
CA ILE PA 3 -15.47 78.61 15.51
C ILE PA 3 -16.86 78.07 15.12
N LYS PA 4 -17.05 77.75 13.84
CA LYS PA 4 -18.29 77.17 13.27
C LYS PA 4 -19.46 78.13 13.51
N LYS PA 5 -19.25 79.42 13.24
CA LYS PA 5 -20.27 80.49 13.38
C LYS PA 5 -21.41 80.24 12.40
N PRO PA 6 -21.14 79.94 11.10
CA PRO PA 6 -22.21 79.75 10.11
C PRO PA 6 -23.14 78.55 10.41
N LEU QA 1 -12.51 -52.00 -45.78
CA LEU QA 1 -11.16 -51.60 -46.30
C LEU QA 1 -10.67 -52.61 -47.34
N LYS QA 2 -10.39 -52.14 -48.56
CA LYS QA 2 -9.84 -52.95 -49.67
C LYS QA 2 -8.37 -53.23 -49.42
N ILE QA 3 -7.97 -54.51 -49.48
CA ILE QA 3 -6.55 -54.97 -49.40
C ILE QA 3 -5.75 -54.32 -50.53
N LYS QA 4 -4.54 -53.87 -50.23
CA LYS QA 4 -3.57 -53.26 -51.19
C LYS QA 4 -4.22 -52.05 -51.90
N LYS QA 5 -4.91 -51.19 -51.14
CA LYS QA 5 -5.60 -49.98 -51.68
C LYS QA 5 -4.57 -48.96 -52.17
N PRO QA 6 -3.42 -48.74 -51.48
CA PRO QA 6 -2.43 -47.78 -51.94
C PRO QA 6 -1.89 -48.10 -53.35
N LEU RA 1 -47.81 15.55 22.39
CA LEU RA 1 -49.11 15.08 22.93
C LEU RA 1 -50.26 15.65 22.11
N LYS RA 2 -51.14 14.78 21.61
CA LYS RA 2 -52.36 15.17 20.86
C LYS RA 2 -53.44 15.62 21.85
N ILE RA 3 -54.14 16.71 21.52
CA ILE RA 3 -55.32 17.24 22.28
C ILE RA 3 -56.44 16.19 22.24
N LYS RA 4 -57.13 16.01 23.37
CA LYS RA 4 -58.31 15.12 23.54
C LYS RA 4 -58.00 13.72 22.99
N LYS RA 5 -56.88 13.13 23.43
CA LYS RA 5 -56.46 11.76 23.06
C LYS RA 5 -57.40 10.73 23.71
N PRO RA 6 -57.76 10.88 25.00
CA PRO RA 6 -58.64 9.90 25.67
C PRO RA 6 -60.04 9.74 25.06
N LEU SA 1 59.55 -57.26 4.80
CA LEU SA 1 60.41 -56.57 5.82
C LEU SA 1 59.51 -55.99 6.93
N LYS SA 2 59.78 -56.38 8.18
CA LYS SA 2 59.19 -55.76 9.39
C LYS SA 2 59.69 -54.31 9.49
N ILE SA 3 58.78 -53.35 9.67
CA ILE SA 3 59.09 -51.90 9.88
C ILE SA 3 59.85 -51.76 11.21
N LYS SA 4 60.80 -50.82 11.28
CA LYS SA 4 61.57 -50.47 12.49
C LYS SA 4 62.23 -51.71 13.08
N LYS SA 5 62.77 -52.59 12.23
CA LYS SA 5 63.38 -53.89 12.64
C LYS SA 5 64.71 -53.66 13.35
N PRO SA 6 65.54 -52.65 12.98
CA PRO SA 6 66.79 -52.38 13.70
C PRO SA 6 66.61 -51.94 15.16
N LEU TA 1 76.06 -49.07 12.95
CA LEU TA 1 76.10 -48.68 11.50
C LEU TA 1 76.74 -47.30 11.36
N LYS TA 2 77.77 -47.19 10.52
CA LYS TA 2 78.38 -45.91 10.09
C LYS TA 2 77.38 -45.14 9.23
N ILE TA 3 77.15 -43.86 9.54
CA ILE TA 3 76.36 -42.93 8.69
C ILE TA 3 77.09 -42.76 7.36
N LYS TA 4 76.36 -42.67 6.25
CA LYS TA 4 76.91 -42.37 4.90
C LYS TA 4 78.09 -43.33 4.60
N LYS TA 5 77.88 -44.63 4.83
CA LYS TA 5 78.91 -45.69 4.61
C LYS TA 5 79.13 -45.93 3.12
N PRO TA 6 78.07 -46.01 2.27
CA PRO TA 6 78.25 -46.26 0.85
C PRO TA 6 79.21 -45.27 0.17
N LEU UA 1 -60.76 6.11 34.48
CA LEU UA 1 -60.00 6.98 35.43
C LEU UA 1 -60.96 7.52 36.49
N LYS UA 2 -60.69 7.25 37.77
CA LYS UA 2 -61.49 7.81 38.90
C LYS UA 2 -61.07 9.26 39.16
N ILE UA 3 -62.05 10.11 39.47
CA ILE UA 3 -61.87 11.56 39.78
C ILE UA 3 -61.12 11.69 41.11
N LYS UA 4 -60.22 12.68 41.20
CA LYS UA 4 -59.38 12.99 42.39
C LYS UA 4 -58.66 11.71 42.85
N LYS UA 5 -58.08 10.97 41.90
CA LYS UA 5 -57.26 9.75 42.15
C LYS UA 5 -56.00 10.12 42.92
N PRO UA 6 -55.30 11.23 42.59
CA PRO UA 6 -54.05 11.60 43.27
C PRO UA 6 -54.18 11.84 44.78
N LEU VA 1 -51.41 -7.09 27.81
CA LEU VA 1 -50.17 -6.50 27.21
C LEU VA 1 -49.72 -7.36 26.02
N LYS VA 2 -49.53 -6.72 24.86
CA LYS VA 2 -49.02 -7.34 23.61
C LYS VA 2 -47.53 -7.67 23.75
N ILE VA 3 -47.15 -8.94 23.53
CA ILE VA 3 -45.73 -9.39 23.41
C ILE VA 3 -45.05 -8.57 22.30
N LYS VA 4 -43.79 -8.16 22.55
CA LYS VA 4 -42.94 -7.29 21.70
C LYS VA 4 -43.78 -6.14 21.12
N LYS VA 5 -44.39 -5.33 21.99
CA LYS VA 5 -45.11 -4.10 21.59
C LYS VA 5 -44.11 -3.04 21.14
N PRO VA 6 -42.94 -2.89 21.81
CA PRO VA 6 -41.94 -1.88 21.42
C PRO VA 6 -41.49 -1.98 19.95
S SO4 WA . 24.17 -10.78 75.10
O1 SO4 WA . 24.73 -11.19 76.35
O2 SO4 WA . 23.20 -11.77 74.67
O3 SO4 WA . 25.21 -10.67 74.12
O4 SO4 WA . 23.51 -9.50 75.26
S SO4 XA . 25.57 -15.40 44.83
O1 SO4 XA . 26.03 -16.40 45.74
O2 SO4 XA . 25.68 -15.88 43.49
O3 SO4 XA . 26.37 -14.22 44.98
O4 SO4 XA . 24.20 -15.07 45.11
S SO4 YA . 4.48 -27.91 46.82
O1 SO4 YA . 4.79 -27.35 48.09
O2 SO4 YA . 5.57 -28.73 46.38
O3 SO4 YA . 4.27 -26.86 45.86
O4 SO4 YA . 3.29 -28.71 46.92
S SO4 ZA . 20.90 -15.55 76.61
O1 SO4 ZA . 19.94 -16.62 76.51
O2 SO4 ZA . 21.34 -15.44 77.98
O3 SO4 ZA . 20.30 -14.32 76.20
O4 SO4 ZA . 22.03 -15.84 75.78
S SO4 AB . 1.50 -14.95 51.56
O1 SO4 AB . 0.19 -14.92 52.16
O2 SO4 AB . 2.42 -15.60 52.47
O3 SO4 AB . 1.45 -15.70 50.32
O4 SO4 AB . 1.93 -13.62 51.29
S SO4 BB . 9.27 -25.23 44.44
O1 SO4 BB . 8.22 -24.94 45.37
O2 SO4 BB . 10.37 -25.87 45.12
O3 SO4 BB . 8.77 -26.11 43.41
O4 SO4 BB . 9.73 -24.02 43.82
S SO4 CB . -8.85 -9.25 81.10
O1 SO4 CB . -9.85 -9.25 82.13
O2 SO4 CB . -7.60 -9.75 81.63
O3 SO4 CB . -9.27 -10.09 80.01
O4 SO4 CB . -8.66 -7.91 80.62
S SO4 DB . -11.70 -16.92 64.79
O1 SO4 DB . -12.93 -17.13 65.50
O2 SO4 DB . -10.74 -17.91 65.18
O3 SO4 DB . -11.94 -17.04 63.36
O4 SO4 DB . -11.19 -15.61 65.08
S SO4 EB . 13.51 9.68 41.86
O1 SO4 EB . 13.00 9.52 43.19
O2 SO4 EB . 13.75 8.38 41.28
O3 SO4 EB . 14.74 10.42 41.90
O4 SO4 EB . 12.56 10.39 41.06
S SO4 FB . 19.31 -24.03 44.23
O1 SO4 FB . 18.28 -24.86 44.78
O2 SO4 FB . 20.39 -24.85 43.76
O3 SO4 FB . 18.78 -23.26 43.14
O4 SO4 FB . 19.79 -23.13 45.26
S SO4 GB . -0.03 -27.22 52.75
O1 SO4 GB . -1.11 -27.97 52.15
O2 SO4 GB . 0.66 -28.05 53.69
O3 SO4 GB . 0.88 -26.78 51.73
O4 SO4 GB . -0.58 -26.08 53.44
S SO4 HB . 24.62 -13.43 72.22
O1 SO4 HB . 24.02 -13.97 73.39
O2 SO4 HB . 26.05 -13.32 72.42
O3 SO4 HB . 24.37 -14.30 71.10
O4 SO4 HB . 24.07 -12.13 71.94
S SO4 IB . 18.62 8.05 75.24
O1 SO4 IB . 17.72 7.07 75.81
O2 SO4 IB . 19.97 7.59 75.35
O3 SO4 IB . 18.46 9.30 75.94
O4 SO4 IB . 18.30 8.23 73.85
S SO4 JB . -5.55 6.28 55.98
O1 SO4 JB . -4.77 5.42 56.84
O2 SO4 JB . -6.55 5.49 55.31
O3 SO4 JB . -4.70 6.89 55.00
O4 SO4 JB . -6.18 7.29 56.78
C1 GOL KB . 9.33 -11.53 82.02
O1 GOL KB . 8.52 -12.70 82.06
C2 GOL KB . 9.92 -11.21 83.38
O2 GOL KB . 11.33 -11.03 83.26
C3 GOL KB . 9.29 -9.99 84.03
O3 GOL KB . 10.25 -8.95 84.22
C1 GOL LB . 21.32 -18.39 71.27
O1 GOL LB . 20.63 -19.62 71.43
C2 GOL LB . 22.27 -18.13 72.43
O2 GOL LB . 21.59 -18.34 73.67
C3 GOL LB . 22.87 -16.74 72.41
O3 GOL LB . 24.16 -16.74 71.82
C1 GOL MB . 2.65 12.42 74.22
O1 GOL MB . 1.93 11.25 74.56
C2 GOL MB . 3.29 13.06 75.44
O2 GOL MB . 2.33 13.84 76.12
C3 GOL MB . 4.50 13.91 75.10
O3 GOL MB . 5.73 13.18 75.21
S SO4 NB . 64.64 -55.10 0.56
O1 SO4 NB . 65.14 -55.37 1.88
O2 SO4 NB . 63.67 -56.09 0.20
O3 SO4 NB . 65.73 -55.14 -0.38
O4 SO4 NB . 64.04 -53.78 0.54
S SO4 OB . 39.49 -58.46 -20.71
O1 SO4 OB . 40.07 -58.78 -19.45
O2 SO4 OB . 39.68 -59.56 -21.62
O3 SO4 OB . 38.07 -58.22 -20.55
O4 SO4 OB . 40.11 -57.27 -21.25
S SO4 PB . 62.72 -60.90 -29.04
O1 SO4 PB . 63.32 -60.57 -27.77
O2 SO4 PB . 62.28 -62.26 -29.02
O3 SO4 PB . 63.68 -60.70 -30.08
O4 SO4 PB . 61.59 -60.03 -29.27
S SO4 QB . 40.89 -72.42 -24.72
O1 SO4 QB . 39.92 -72.41 -23.65
O2 SO4 QB . 41.75 -73.58 -24.57
O3 SO4 QB . 40.21 -72.51 -25.99
O4 SO4 QB . 41.68 -71.23 -24.67
S SO4 RB . 58.31 -57.47 -31.35
O1 SO4 RB . 57.37 -57.63 -30.27
O2 SO4 RB . 59.44 -58.34 -31.13
O3 SO4 RB . 57.68 -57.81 -32.60
O4 SO4 RB . 58.76 -56.11 -31.39
S SO4 SB . 37.40 -70.83 -18.62
O1 SO4 SB . 37.69 -71.38 -19.92
O2 SO4 SB . 38.04 -71.62 -17.61
O3 SO4 SB . 35.97 -70.82 -18.40
O4 SO4 SB . 37.90 -69.47 -18.56
S SO4 TB . 52.35 -35.00 -32.27
O1 SO4 TB . 51.81 -35.15 -30.93
O2 SO4 TB . 52.25 -36.25 -32.96
O3 SO4 TB . 51.62 -33.99 -32.97
O4 SO4 TB . 53.74 -34.61 -32.17
C1 GOL UB . 50.83 -53.51 10.63
O1 GOL UB . 50.51 -53.68 12.01
C2 GOL UB . 50.98 -54.84 9.92
O2 GOL UB . 49.89 -55.05 9.04
C3 GOL UB . 52.28 -54.96 9.15
O3 GOL UB . 52.40 -56.24 8.53
C1 GOL VB . 60.82 -35.53 2.31
O1 GOL VB . 60.48 -36.38 1.21
C2 GOL VB . 60.97 -36.33 3.59
O2 GOL VB . 62.36 -36.53 3.85
C3 GOL VB . 60.31 -35.68 4.79
O3 GOL VB . 60.57 -36.42 5.98
C1 GOL WB . 64.95 -63.01 -32.17
O1 GOL WB . 64.38 -64.26 -31.79
C2 GOL WB . 64.68 -62.68 -33.63
O2 GOL WB . 63.46 -63.29 -34.05
C3 GOL WB . 64.63 -61.20 -33.91
O3 GOL WB . 65.62 -60.49 -33.18
S SO4 XB . -19.95 -40.50 -42.82
O1 SO4 XB . -19.68 -40.38 -41.42
O2 SO4 XB . -20.75 -41.69 -43.06
O3 SO4 XB . -18.72 -40.60 -43.55
O4 SO4 XB . -20.70 -39.36 -43.28
S SO4 YB . -17.13 -35.47 -44.97
O1 SO4 YB . -16.43 -35.44 -43.71
O2 SO4 YB . -17.93 -36.66 -45.03
O3 SO4 YB . -16.18 -35.47 -46.05
O4 SO4 YB . -17.97 -34.30 -45.09
S SO4 ZB . -16.98 -43.76 -74.33
O1 SO4 ZB . -16.48 -43.26 -73.09
O2 SO4 ZB . -17.04 -45.19 -74.28
O3 SO4 ZB . -16.12 -43.35 -75.41
O4 SO4 ZB . -18.30 -43.23 -74.56
S SO4 AC . -40.66 -42.91 -66.83
O1 SO4 AC . -41.95 -43.35 -66.36
O2 SO4 AC . -39.68 -43.14 -65.80
O3 SO4 AC . -40.30 -43.65 -68.01
O4 SO4 AC . -40.71 -41.51 -67.14
S SO4 BC . -41.75 -54.65 -64.47
O1 SO4 BC . -41.02 -55.20 -63.36
O2 SO4 BC . -42.88 -55.50 -64.77
O3 SO4 BC . -40.90 -54.56 -65.63
O4 SO4 BC . -42.22 -53.33 -64.13
S SO4 CC . -37.68 -56.48 -70.23
O1 SO4 CC . -38.76 -57.35 -69.85
O2 SO4 CC . -36.57 -57.26 -70.70
O3 SO4 CC . -38.12 -55.59 -71.27
O4 SO4 CC . -37.27 -55.71 -69.08
S SO4 DC . -33.03 -53.32 -73.57
O1 SO4 DC . -33.42 -53.62 -72.22
O2 SO4 DC . -33.03 -54.53 -74.35
O3 SO4 DC . -31.71 -52.76 -73.58
O4 SO4 DC . -33.96 -52.38 -74.14
S SO4 EC . -53.40 -43.00 -52.51
O1 SO4 EC . -53.40 -43.89 -51.37
O2 SO4 EC . -52.72 -43.64 -53.60
O3 SO4 EC . -54.75 -42.70 -52.88
O4 SO4 EC . -52.70 -41.79 -52.17
C1 GOL FC . -31.32 -35.21 -35.38
O1 GOL FC . -31.70 -33.86 -35.67
C2 GOL FC . -30.81 -35.93 -36.62
O2 GOL FC . -31.89 -36.54 -37.31
C3 GOL FC . -29.75 -36.96 -36.29
O3 GOL FC . -29.41 -37.74 -37.43
C1 GOL GC . -23.53 -16.59 -46.38
O1 GOL GC . -22.41 -16.35 -45.54
C2 GOL GC . -23.24 -16.24 -47.83
O2 GOL GC . -22.91 -14.86 -47.95
C3 GOL GC . -24.38 -16.59 -48.76
O3 GOL GC . -25.16 -15.46 -49.14
C1 GOL HC . -41.04 -21.35 -68.76
O1 GOL HC . -41.13 -22.77 -68.89
C2 GOL HC . -39.64 -20.93 -68.33
O2 GOL HC . -39.60 -19.50 -68.22
C3 GOL HC . -39.21 -21.57 -67.03
O3 GOL HC . -38.94 -22.96 -67.19
S SO4 IC . -38.51 0.73 36.83
O1 SO4 IC . -38.10 1.25 38.11
O2 SO4 IC . -37.69 -0.39 36.47
O3 SO4 IC . -38.42 1.75 35.84
O4 SO4 IC . -39.89 0.29 36.93
S SO4 JC . -16.76 22.06 33.77
O1 SO4 JC . -16.32 23.19 34.52
O2 SO4 JC . -16.09 20.88 34.24
O3 SO4 JC . -16.45 22.25 32.38
O4 SO4 JC . -18.18 21.91 33.93
S SO4 KC . -20.43 25.94 40.48
O1 SO4 KC . -21.16 26.40 41.63
O2 SO4 KC . -19.23 25.27 40.93
O3 SO4 KC . -20.06 27.06 39.66
O4 SO4 KC . -21.24 25.03 39.72
S SO4 LC . -10.86 8.68 53.99
O1 SO4 LC . -10.57 8.51 55.39
O2 SO4 LC . -9.82 8.08 53.19
O3 SO4 LC . -12.12 8.06 53.68
O4 SO4 LC . -10.95 10.09 53.69
S SO4 MC . -11.52 -15.95 31.94
O1 SO4 MC . -11.85 -15.67 33.32
O2 SO4 MC . -10.56 -17.04 31.90
O3 SO4 MC . -12.71 -16.35 31.24
O4 SO4 MC . -10.96 -14.79 31.33
S SO4 NC . -33.10 -6.18 33.18
O1 SO4 NC . -32.66 -7.46 33.65
O2 SO4 NC . -32.32 -5.14 33.81
O3 SO4 NC . -34.49 -6.00 33.51
O4 SO4 NC . -32.92 -6.11 31.75
S SO4 OC . -17.74 -4.39 68.04
O1 SO4 OC . -16.80 -4.57 69.12
O2 SO4 OC . -17.57 -5.44 67.07
O3 SO4 OC . -19.08 -4.42 68.57
O4 SO4 OC . -17.50 -3.11 67.41
S SO4 PC . -29.05 -16.75 63.91
O1 SO4 PC . -29.80 -17.97 63.83
O2 SO4 PC . -28.57 -16.56 65.25
O3 SO4 PC . -29.90 -15.65 63.54
O4 SO4 PC . -27.95 -16.82 63.00
S SO4 QC . -33.84 -6.56 66.05
O1 SO4 QC . -34.96 -6.25 66.88
O2 SO4 QC . -32.92 -7.40 66.77
O3 SO4 QC . -34.30 -7.24 64.87
O4 SO4 QC . -33.18 -5.34 65.67
S SO4 RC . -4.27 9.37 29.13
O1 SO4 RC . -5.30 8.60 29.76
O2 SO4 RC . -3.04 9.24 29.88
O3 SO4 RC . -4.06 8.90 27.79
O4 SO4 RC . -4.65 10.76 29.10
C1 GOL SC . 0.99 0.02 29.78
O1 GOL SC . 1.02 -1.35 29.39
C2 GOL SC . 1.46 0.92 28.66
O2 GOL SC . 0.55 0.84 27.56
C3 GOL SC . 1.62 2.37 29.10
O3 GOL SC . 1.00 3.27 28.19
C1 GOL TC . -40.04 7.30 42.30
O1 GOL TC . -40.58 6.82 41.07
C2 GOL TC . -38.77 6.55 42.66
O2 GOL TC . -37.70 7.01 41.84
C3 GOL TC . -38.40 6.69 44.13
O3 GOL TC . -37.07 7.16 44.28
S SO4 UC . 47.17 67.93 -57.47
O1 SO4 UC . 46.50 66.84 -58.13
O2 SO4 UC . 48.23 67.40 -56.65
O3 SO4 UC . 46.23 68.63 -56.65
O4 SO4 UC . 47.73 68.82 -58.45
S SO4 VC . 51.42 64.03 -64.13
O1 SO4 VC . 51.90 63.18 -65.20
O2 SO4 VC . 51.97 63.57 -62.88
O3 SO4 VC . 49.98 63.96 -64.07
O4 SO4 VC . 51.84 65.38 -64.37
S SO4 WC . 53.90 49.67 -43.25
O1 SO4 WC . 53.87 49.39 -41.84
O2 SO4 WC . 54.46 48.55 -43.95
O3 SO4 WC . 54.70 50.84 -43.50
O4 SO4 WC . 52.55 49.90 -43.72
S SO4 XC . 28.43 44.30 -63.37
O1 SO4 XC . 28.88 44.74 -62.07
O2 SO4 XC . 28.63 42.87 -63.48
O3 SO4 XC . 29.17 44.97 -64.39
O4 SO4 XC . 27.03 44.60 -63.52
S SO4 YC . 26.77 37.00 -55.65
O1 SO4 YC . 25.45 36.75 -55.10
O2 SO4 YC . 27.74 36.22 -54.93
O3 SO4 YC . 26.79 36.63 -57.04
O4 SO4 YC . 27.08 38.38 -55.53
S SO4 ZC . 34.40 24.92 -35.84
O1 SO4 ZC . 33.57 23.77 -36.06
O2 SO4 ZC . 34.55 25.15 -34.43
O3 SO4 ZC . 33.80 26.07 -36.45
O4 SO4 ZC . 35.70 24.68 -36.42
C1 GOL AD . 25.04 33.65 -50.52
O1 GOL AD . 25.77 32.45 -50.26
C2 GOL AD . 25.71 34.86 -49.92
O2 GOL AD . 26.82 34.46 -49.11
C3 GOL AD . 26.18 35.88 -50.94
O3 GOL AD . 25.49 37.12 -50.80
C1 GOL BD . 34.18 35.96 -67.03
O1 GOL BD . 34.80 36.68 -65.96
C2 GOL BD . 34.08 34.48 -66.72
O2 GOL BD . 33.39 34.29 -65.48
C3 GOL BD . 33.39 33.70 -67.82
O3 GOL BD . 33.09 32.37 -67.41
C1 GOL CD . 30.37 34.02 -73.22
O1 GOL CD . 29.80 33.87 -74.52
C2 GOL CD . 30.92 32.70 -72.71
O2 GOL CD . 29.97 31.65 -72.93
C3 GOL CD . 31.29 32.75 -71.24
O3 GOL CD . 31.21 31.47 -70.62
S SO4 DD . -2.51 37.95 -46.01
O1 SO4 DD . -2.93 36.59 -45.80
O2 SO4 DD . -1.09 38.00 -46.25
O3 SO4 DD . -3.20 38.49 -47.15
O4 SO4 DD . -2.82 38.74 -44.85
S SO4 ED . 4.39 57.04 -31.46
O1 SO4 ED . 3.87 55.72 -31.27
O2 SO4 ED . 4.82 57.58 -30.20
O3 SO4 ED . 3.36 57.89 -32.01
O4 SO4 ED . 5.50 57.00 -32.37
S SO4 FD . -15.29 50.85 -46.58
O1 SO4 FD . -15.69 50.82 -45.19
O2 SO4 FD . -14.69 49.59 -46.93
O3 SO4 FD . -16.44 51.09 -47.41
O4 SO4 FD . -14.34 51.91 -46.77
S SO4 GD . 18.88 38.99 -50.33
O1 SO4 GD . 19.40 37.85 -51.06
O2 SO4 GD . 19.60 39.13 -49.08
O3 SO4 GD . 17.49 38.78 -50.06
O4 SO4 GD . 19.05 40.17 -51.11
S SO4 HD . -20.31 59.76 -46.47
O1 SO4 HD . -21.16 60.52 -45.58
O2 SO4 HD . -19.81 58.61 -45.77
O3 SO4 HD . -19.20 60.59 -46.88
O4 SO4 HD . -21.05 59.35 -47.62
S SO4 ID . 9.31 45.43 -25.45
O1 SO4 ID . 8.87 44.37 -24.58
O2 SO4 ID . 10.22 46.28 -24.74
O3 SO4 ID . 8.19 46.19 -25.90
O4 SO4 ID . 9.99 44.86 -26.59
S SO4 JD . 9.36 64.23 -64.94
O1 SO4 JD . 9.45 62.81 -64.70
O2 SO4 JD . 10.49 64.89 -64.35
O3 SO4 JD . 9.34 64.47 -66.36
O4 SO4 JD . 8.15 64.74 -64.35
C1 GOL KD . 23.88 68.73 -55.69
O1 GOL KD . 24.46 69.99 -55.38
C2 GOL KD . 24.42 67.62 -54.79
O2 GOL KD . 24.32 68.03 -53.42
C3 GOL KD . 23.71 66.31 -55.00
O3 GOL KD . 24.56 65.20 -54.76
C1 GOL LD . 2.02 37.11 -38.03
O1 GOL LD . 2.17 37.60 -39.36
C2 GOL LD . 3.31 36.55 -37.49
O2 GOL LD . 4.40 37.39 -37.86
C3 GOL LD . 3.29 36.37 -35.98
O3 GOL LD . 4.47 35.72 -35.51
C1 GOL MD . 13.17 67.11 -68.42
O1 GOL MD . 12.73 65.76 -68.29
C2 GOL MD . 14.60 67.18 -68.93
O2 GOL MD . 14.89 68.52 -69.32
C3 GOL MD . 15.63 66.71 -67.92
O3 GOL MD . 16.93 66.61 -68.49
S SO4 ND . 35.06 -5.26 75.15
O1 SO4 ND . 35.37 -6.42 74.38
O2 SO4 ND . 35.92 -5.21 76.31
O3 SO4 ND . 33.69 -5.30 75.57
O4 SO4 ND . 35.29 -4.09 74.35
S SO4 OD . 41.25 -6.19 71.04
O1 SO4 OD . 41.37 -7.61 71.24
O2 SO4 OD . 42.45 -5.55 71.50
O3 SO4 OD . 41.04 -5.92 69.64
O4 SO4 OD . 40.12 -5.71 71.80
C1 GOL PD . 18.38 7.15 80.46
O1 GOL PD . 17.06 7.70 80.35
C2 GOL PD . 19.27 7.58 79.32
O2 GOL PD . 18.47 7.94 78.19
C3 GOL PD . 20.18 8.73 79.69
O3 GOL PD . 21.33 8.81 78.84
C1 GOL QD . 45.34 29.49 93.72
O1 GOL QD . 45.31 29.86 92.35
C2 GOL QD . 46.45 28.51 94.02
O2 GOL QD . 47.66 28.93 93.37
C3 GOL QD . 46.71 28.31 95.50
O3 GOL QD . 47.82 27.45 95.74
S SO4 RD . 4.74 35.15 -41.63
O1 SO4 RD . 4.07 33.94 -42.01
O2 SO4 RD . 6.12 34.86 -41.33
O3 SO4 RD . 4.66 36.10 -42.70
O4 SO4 RD . 4.11 35.70 -40.46
S SO4 SD . -1.82 16.10 -56.61
O1 SO4 SD . -2.49 16.45 -55.38
O2 SO4 SD . -0.52 15.58 -56.33
O3 SO4 SD . -2.60 15.11 -57.31
O4 SO4 SD . -1.69 17.29 -57.43
S SO4 TD . -13.75 23.87 -54.44
O1 SO4 TD . -14.64 23.23 -53.51
O2 SO4 TD . -12.40 23.81 -53.96
O3 SO4 TD . -13.82 23.20 -55.71
O4 SO4 TD . -14.14 25.25 -54.62
S SO4 UD . 14.46 38.35 -71.75
O1 SO4 UD . 13.57 37.85 -70.72
O2 SO4 UD . 15.64 37.52 -71.79
O3 SO4 UD . 13.80 38.30 -73.03
O4 SO4 UD . 14.84 39.70 -71.45
S SO4 VD . 20.28 11.98 -38.06
O1 SO4 VD . 19.67 10.70 -37.80
O2 SO4 VD . 21.47 12.11 -37.26
O3 SO4 VD . 20.62 12.09 -39.45
O4 SO4 VD . 19.35 13.03 -37.71
S SO4 WD . 19.58 38.80 -68.17
O1 SO4 WD . 19.77 39.72 -67.09
O2 SO4 WD . 20.14 37.52 -67.82
O3 SO4 WD . 20.22 39.30 -69.36
O4 SO4 WD . 18.16 38.65 -68.42
S SO4 XD . 10.51 39.27 -67.83
O1 SO4 XD . 9.60 39.52 -66.74
O2 SO4 XD . 11.57 38.39 -67.38
O3 SO4 XD . 9.82 38.66 -68.91
O4 SO4 XD . 11.09 40.52 -68.27
S SO4 YD . -7.27 13.26 -55.71
O1 SO4 YD . -7.64 13.60 -54.36
O2 SO4 YD . -6.98 11.86 -55.78
O3 SO4 YD . -6.10 14.00 -56.09
O4 SO4 YD . -8.35 13.57 -56.59
S SO4 ZD . 5.11 10.85 -40.45
O1 SO4 ZD . 5.51 9.47 -40.47
O2 SO4 ZD . 5.23 11.37 -39.12
O3 SO4 ZD . 3.74 10.95 -40.87
O4 SO4 ZD . 5.94 11.60 -41.33
S SO4 AE . -2.64 8.41 -73.73
O1 SO4 AE . -2.74 7.03 -74.11
O2 SO4 AE . -3.16 8.57 -72.39
O3 SO4 AE . -3.40 9.22 -74.64
O4 SO4 AE . -1.26 8.81 -73.77
C1 GOL BE . 17.50 28.15 -83.41
O1 GOL BE . 16.88 29.30 -83.98
C2 GOL BE . 17.39 28.12 -81.89
O2 GOL BE . 18.65 28.44 -81.31
C3 GOL BE . 16.31 29.02 -81.33
O3 GOL BE . 15.04 28.38 -81.30
C1 GOL CE . 32.93 25.41 -68.03
O1 GOL CE . 32.55 24.72 -66.84
C2 GOL CE . 34.33 25.06 -68.45
O2 GOL CE . 34.55 25.51 -69.78
C3 GOL CE . 35.39 25.63 -67.52
O3 GOL CE . 36.13 26.68 -68.13
C1 GOL DE . 26.80 31.69 -65.62
O1 GOL DE . 25.41 31.47 -65.39
C2 GOL DE . 27.21 31.26 -67.02
O2 GOL DE . 27.43 32.41 -67.83
C3 GOL DE . 28.44 30.39 -67.03
O3 GOL DE . 29.52 30.99 -66.33
C1 GOL EE . 10.96 31.53 -41.86
O1 GOL EE . 11.07 30.12 -42.02
C2 GOL EE . 12.23 32.24 -42.30
O2 GOL EE . 12.01 33.65 -42.34
C3 GOL EE . 13.42 31.94 -41.40
O3 GOL EE . 13.22 32.41 -40.07
S SO4 FE . -26.07 39.35 19.96
O1 SO4 FE . -26.62 38.04 20.07
O2 SO4 FE . -24.69 39.34 20.38
O3 SO4 FE . -26.80 40.26 20.79
O4 SO4 FE . -26.14 39.79 18.59
S SO4 GE . -14.28 32.09 17.23
O1 SO4 GE . -15.62 31.92 17.72
O2 SO4 GE . -13.39 31.23 17.97
O3 SO4 GE . -14.22 31.74 15.84
O4 SO4 GE . -13.87 33.46 17.41
S SO4 HE . -23.93 49.69 34.05
O1 SO4 HE . -25.27 49.39 34.51
O2 SO4 HE . -22.98 49.25 35.02
O3 SO4 HE . -23.70 49.01 32.79
O4 SO4 HE . -23.81 51.11 33.85
S SO4 IE . -36.04 41.66 4.20
O1 SO4 IE . -36.36 41.79 5.59
O2 SO4 IE . -34.64 41.34 4.05
O3 SO4 IE . -36.83 40.59 3.62
O4 SO4 IE . -36.32 42.88 3.51
S SO4 JE . -44.71 14.42 23.42
O1 SO4 JE . -46.04 14.57 23.96
O2 SO4 JE . -44.06 13.31 24.06
O3 SO4 JE . -44.80 14.18 22.01
O4 SO4 JE . -43.95 15.63 23.65
S SO4 KE . -40.17 14.38 23.70
O1 SO4 KE . -41.08 13.40 24.22
O2 SO4 KE . -39.13 13.72 22.95
O3 SO4 KE . -40.89 15.28 22.81
O4 SO4 KE . -39.59 15.14 24.77
S SO4 LE . -45.22 27.03 29.16
O1 SO4 LE . -45.97 25.86 29.54
O2 SO4 LE . -43.85 26.85 29.53
O3 SO4 LE . -45.32 27.22 27.74
O4 SO4 LE . -45.76 28.17 29.84
S SO4 ME . -14.15 32.46 23.45
O1 SO4 ME . -14.26 31.67 24.65
O2 SO4 ME . -12.79 32.43 22.98
O3 SO4 ME . -15.02 31.91 22.44
O4 SO4 ME . -14.53 33.82 23.74
C1 GOL NE . -53.60 21.50 15.80
O1 GOL NE . -54.37 20.79 16.76
C2 GOL NE . -52.43 20.66 15.29
O2 GOL NE . -51.78 21.35 14.23
C3 GOL NE . -51.43 20.30 16.36
O3 GOL NE . -50.53 19.28 15.93
C1 GOL OE . -61.66 28.08 32.74
O1 GOL OE . -62.57 27.40 31.88
C2 GOL OE . -61.42 27.30 34.02
O2 GOL OE . -60.12 27.59 34.53
C3 GOL OE . -62.47 27.57 35.09
O3 GOL OE . -62.02 27.18 36.38
S SO4 PE . -7.90 -29.51 -46.06
O1 SO4 PE . -7.68 -29.95 -44.71
O2 SO4 PE . -8.72 -30.47 -46.75
O3 SO4 PE . -6.65 -29.37 -46.74
O4 SO4 PE . -8.58 -28.24 -46.04
S SO4 QE . 14.14 -6.61 -56.73
O1 SO4 QE . 13.55 -7.91 -56.60
O2 SO4 QE . 15.58 -6.73 -56.73
O3 SO4 QE . 13.72 -6.02 -57.98
O4 SO4 QE . 13.74 -5.77 -55.64
S SO4 RE . 15.83 4.77 -42.14
O1 SO4 RE . 15.39 4.71 -40.77
O2 SO4 RE . 17.24 4.47 -42.19
O3 SO4 RE . 15.10 3.82 -42.93
O4 SO4 RE . 15.60 6.10 -42.66
S SO4 SE . 25.88 -14.36 -57.70
O1 SO4 SE . 26.59 -15.49 -57.15
O2 SO4 SE . 24.97 -13.84 -56.72
O3 SO4 SE . 25.14 -14.79 -58.86
O4 SO4 SE . 26.82 -13.33 -58.08
S SO4 TE . -4.06 -26.61 -66.39
O1 SO4 TE . -5.27 -27.26 -65.95
O2 SO4 TE . -2.93 -27.17 -65.70
O3 SO4 TE . -3.90 -26.82 -67.81
O4 SO4 TE . -4.15 -25.21 -66.12
S SO4 UE . 5.28 -6.29 -73.03
O1 SO4 UE . 3.88 -6.63 -73.08
O2 SO4 UE . 6.01 -7.37 -72.43
O3 SO4 UE . 5.77 -6.06 -74.36
O4 SO4 UE . 5.45 -5.10 -72.23
C1 GOL VE . -13.77 -25.29 -60.65
O1 GOL VE . -14.36 -24.73 -61.81
C2 GOL VE . -12.40 -25.88 -60.95
O2 GOL VE . -11.67 -25.01 -61.81
C3 GOL VE . -11.60 -26.15 -59.69
O3 GOL VE . -10.24 -26.48 -59.99
C1 GOL WE . -1.34 -31.92 -50.19
O1 GOL WE . -1.68 -32.86 -49.17
C2 GOL WE . 0.15 -31.83 -50.42
O2 GOL WE . 0.47 -30.62 -51.09
C3 GOL WE . 0.96 -31.96 -49.14
O3 GOL WE . 2.26 -31.40 -49.29
C1 GOL XE . -12.67 -21.06 -43.41
O1 GOL XE . -11.75 -22.07 -43.78
C2 GOL XE . -14.10 -21.57 -43.42
O2 GOL XE . -14.42 -22.11 -42.14
C3 GOL XE . -15.10 -20.53 -43.83
O3 GOL XE . -16.37 -20.75 -43.22
C1 GOL YE . 25.40 -14.92 -51.56
O1 GOL YE . 25.88 -15.33 -50.28
C2 GOL YE . 25.21 -13.42 -51.63
O2 GOL YE . 26.42 -12.76 -51.25
C3 GOL YE . 24.78 -12.95 -53.00
O3 GOL YE . 24.54 -11.54 -53.03
S SO4 ZE . -12.18 -31.80 -36.24
O1 SO4 ZE . -13.04 -32.95 -36.36
O2 SO4 ZE . -11.49 -31.83 -34.98
O3 SO4 ZE . -11.22 -31.83 -37.31
O4 SO4 ZE . -12.96 -30.60 -36.33
S SO4 AF . -22.43 -50.01 -12.73
O1 SO4 AF . -22.49 -49.21 -11.53
O2 SO4 AF . -21.39 -50.99 -12.60
O3 SO4 AF . -22.14 -49.16 -13.86
O4 SO4 AF . -23.69 -50.66 -12.93
S SO4 BF . -22.92 -27.51 -4.84
O1 SO4 BF . -22.73 -26.74 -3.64
O2 SO4 BF . -23.33 -28.85 -4.49
O3 SO4 BF . -21.69 -27.56 -5.59
O4 SO4 BF . -23.95 -26.89 -5.65
S SO4 CF . -29.63 -48.18 -16.82
O1 SO4 CF . -30.35 -49.28 -16.24
O2 SO4 CF . -28.26 -48.56 -17.03
O3 SO4 CF . -30.23 -47.82 -18.08
O4 SO4 CF . -29.67 -47.05 -15.94
S SO4 DF . -6.98 -34.58 -28.37
O1 SO4 DF . -7.76 -35.53 -27.62
O2 SO4 DF . -5.58 -34.76 -28.06
O3 SO4 DF . -7.19 -34.80 -29.77
O4 SO4 DF . -7.38 -33.25 -28.03
S SO4 EF . -7.09 -31.37 -32.01
O1 SO4 EF . -7.75 -31.47 -30.73
O2 SO4 EF . -6.95 -32.69 -32.58
O3 SO4 EF . -5.80 -30.79 -31.83
O4 SO4 EF . -7.88 -30.56 -32.89
S SO4 FF . -40.40 -28.97 -5.59
O1 SO4 FF . -39.33 -28.99 -6.54
O2 SO4 FF . -40.25 -30.05 -4.65
O3 SO4 FF . -41.66 -29.11 -6.28
O4 SO4 FF . -40.39 -27.72 -4.88
S SO4 GF . -12.32 -34.89 -33.28
O1 SO4 GF . -13.45 -35.77 -33.06
O2 SO4 GF . -11.26 -35.25 -32.39
O3 SO4 GF . -11.87 -35.03 -34.63
O4 SO4 GF . -12.73 -33.53 -33.04
S SO4 HF . -19.39 -23.54 -43.29
O1 SO4 HF . -20.48 -24.18 -42.60
O2 SO4 HF . -18.14 -23.98 -42.72
O3 SO4 HF . -19.43 -23.91 -44.68
O4 SO4 HF . -19.50 -22.11 -43.17
S SO4 IF . -22.65 -26.30 -21.00
O1 SO4 IF . -23.17 -27.42 -20.28
O2 SO4 IF . -21.27 -26.11 -20.67
O3 SO4 IF . -22.78 -26.52 -22.42
O4 SO4 IF . -23.39 -25.11 -20.64
S SO4 JF . -37.21 -31.92 -3.31
O1 SO4 JF . -37.00 -33.15 -4.04
O2 SO4 JF . -36.35 -31.91 -2.16
O3 SO4 JF . -38.58 -31.86 -2.89
O4 SO4 JF . -36.92 -30.80 -4.15
C1 GOL KF . -4.13 -17.53 -31.20
O1 GOL KF . -4.61 -16.22 -31.41
C2 GOL KF . -5.25 -18.50 -30.88
O2 GOL KF . -5.82 -18.99 -32.10
C3 GOL KF . -4.82 -19.65 -30.00
O3 GOL KF . -3.77 -20.40 -30.61
C1 GOL LF . -18.70 -23.60 -39.24
O1 GOL LF . -20.00 -23.09 -39.52
C2 GOL LF . -18.73 -25.05 -38.82
O2 GOL LF . -17.62 -25.32 -37.97
C3 GOL LF . -20.01 -25.46 -38.13
O3 GOL LF . -19.78 -25.94 -36.81
S SO4 MF . 13.13 105.39 6.01
O1 SO4 MF . 13.86 104.58 6.94
O2 SO4 MF . 11.74 105.42 6.36
O3 SO4 MF . 13.28 104.84 4.69
O4 SO4 MF . 13.66 106.73 6.02
S SO4 NF . 9.98 110.10 12.50
O1 SO4 NF . 9.09 109.02 12.14
O2 SO4 NF . 11.10 109.57 13.22
O3 SO4 NF . 10.45 110.74 11.30
O4 SO4 NF . 9.28 111.05 13.30
S SO4 OF . 16.87 92.29 26.86
O1 SO4 OF . 17.38 91.43 25.83
O2 SO4 OF . 17.33 91.83 28.14
O3 SO4 OF . 15.43 92.27 26.84
O4 SO4 OF . 17.32 93.64 26.65
S SO4 PF . -11.03 87.26 9.82
O1 SO4 PF . -10.50 87.65 11.10
O2 SO4 PF . -10.80 85.86 9.61
O3 SO4 PF . -10.38 88.02 8.79
O4 SO4 PF . -12.44 87.52 9.78
S SO4 QF . -12.68 89.07 15.72
O1 SO4 QF . -13.08 88.86 17.10
O2 SO4 QF . -11.25 89.14 15.65
O3 SO4 QF . -13.25 90.31 15.24
O4 SO4 QF . -13.15 87.99 14.91
S SO4 RF . -6.28 78.14 6.61
O1 SO4 RF . -7.31 78.04 7.61
O2 SO4 RF . -5.45 76.97 6.67
O3 SO4 RF . -6.88 78.24 5.31
O4 SO4 RF . -5.48 79.31 6.87
S SO4 SF . -9.46 93.53 15.74
O1 SO4 SF . -9.75 92.91 17.00
O2 SO4 SF . -8.57 92.68 14.99
O3 SO4 SF . -10.68 93.72 15.00
O4 SO4 SF . -8.83 94.80 15.96
S SO4 TF . -3.98 107.42 22.24
O1 SO4 TF . -4.78 106.42 21.58
O2 SO4 TF . -2.91 106.78 22.96
O3 SO4 TF . -4.80 108.14 23.17
O4 SO4 TF . -3.44 108.32 21.26
S SO4 UF . 16.85 106.26 24.64
O1 SO4 UF . 15.84 105.51 25.35
O2 SO4 UF . 18.12 105.60 24.76
O3 SO4 UF . 16.49 106.36 23.25
O4 SO4 UF . 16.93 107.58 25.20
S SO4 VF . 17.72 102.18 8.39
O1 SO4 VF . 17.26 101.03 9.11
O2 SO4 VF . 19.15 102.09 8.20
O3 SO4 VF . 17.07 102.24 7.11
O4 SO4 VF . 17.42 103.37 9.14
C1 GOL WF . -12.59 77.34 22.65
O1 GOL WF . -13.06 76.31 23.51
C2 GOL WF . -12.66 78.70 23.32
O2 GOL WF . -11.71 78.77 24.37
C3 GOL WF . -12.45 79.84 22.35
O3 GOL WF . -12.86 81.09 22.91
S SO4 XF . -28.85 -70.59 -25.10
O1 SO4 XF . -29.18 -71.79 -25.82
O2 SO4 XF . -27.61 -70.78 -24.38
O3 SO4 XF . -29.90 -70.27 -24.17
O4 SO4 XF . -28.69 -69.50 -26.03
S SO4 YF . -40.92 -62.97 -23.10
O1 SO4 YF . -41.36 -63.70 -21.94
O2 SO4 YF . -39.48 -62.90 -23.10
O3 SO4 YF . -41.36 -63.64 -24.29
O4 SO4 YF . -41.47 -61.65 -23.07
S SO4 ZF . -14.34 -49.91 -43.59
O1 SO4 ZF . -15.15 -50.30 -42.47
O2 SO4 ZF . -13.05 -50.55 -43.50
O3 SO4 ZF . -14.98 -50.30 -44.82
O4 SO4 ZF . -14.16 -48.49 -43.58
S SO4 AG . -17.69 -48.88 -39.53
O1 SO4 AG . -18.45 -48.54 -38.36
O2 SO4 AG . -16.58 -49.70 -39.17
O3 SO4 AG . -18.53 -49.59 -40.46
O4 SO4 AG . -17.22 -47.66 -40.16
S SO4 BG . -39.71 -65.98 -29.60
O1 SO4 BG . -40.09 -65.81 -28.23
O2 SO4 BG . -40.09 -67.30 -30.05
O3 SO4 BG . -38.29 -65.82 -29.74
O4 SO4 BG . -40.38 -65.00 -30.41
S SO4 CG . -18.17 -78.41 -54.22
O1 SO4 CG . -17.66 -79.00 -55.42
O2 SO4 CG . -17.63 -79.10 -53.07
O3 SO4 CG . -19.61 -78.52 -54.21
O4 SO4 CG . -17.80 -77.02 -54.17
S SO4 DG . -5.75 -72.46 -7.40
O1 SO4 DG . -4.75 -71.51 -7.01
O2 SO4 DG . -5.53 -73.70 -6.72
O3 SO4 DG . -5.69 -72.68 -8.82
O4 SO4 DG . -7.06 -71.96 -7.05
C1 GOL EG . -11.52 -60.68 -53.59
O1 GOL EG . -12.41 -61.22 -54.57
C2 GOL EG . -11.62 -61.41 -52.27
O2 GOL EG . -10.35 -61.98 -51.95
C3 GOL EG . -12.10 -60.55 -51.13
O3 GOL EG . -13.51 -60.62 -50.98
C1 GOL FG . 6.35 -60.94 -41.81
O1 GOL FG . 6.09 -61.52 -43.09
C2 GOL FG . 6.35 -61.98 -40.71
O2 GOL FG . 7.69 -62.33 -40.40
C3 GOL FG . 5.64 -61.51 -39.44
O3 GOL FG . 4.76 -62.51 -38.93
C1 GOL GG . -10.27 -48.74 -37.94
O1 GOL GG . -11.57 -48.22 -37.63
C2 GOL GG . -9.81 -48.29 -39.31
O2 GOL GG . -10.67 -48.85 -40.30
C3 GOL GG . -8.38 -48.66 -39.60
O3 GOL GG . -8.25 -50.03 -39.99
C1 GOL HG . 0.18 -79.10 -41.41
O1 GOL HG . -0.07 -78.93 -42.80
C2 GOL HG . 1.66 -79.16 -41.10
O2 GOL HG . 2.14 -77.84 -40.83
C3 GOL HG . 2.01 -80.08 -39.95
O3 GOL HG . 3.27 -79.77 -39.38
S SO4 IG . 23.56 -23.75 46.67
O1 SO4 IG . 24.70 -24.61 46.50
O2 SO4 IG . 23.02 -23.95 47.99
O3 SO4 IG . 22.54 -24.08 45.70
O4 SO4 IG . 23.95 -22.38 46.50
S SO4 JG . 47.84 -24.31 40.62
O1 SO4 JG . 47.37 -25.62 40.99
O2 SO4 JG . 49.18 -24.41 40.11
O3 SO4 JG . 46.98 -23.77 39.59
O4 SO4 JG . 47.82 -23.45 41.77
S SO4 KG . 54.59 -40.67 50.06
O1 SO4 KG . 54.01 -41.25 51.24
O2 SO4 KG . 56.00 -40.88 50.08
O3 SO4 KG . 54.01 -41.28 48.90
O4 SO4 KG . 54.31 -39.26 50.04
S SO4 LG . 33.97 -49.40 44.76
O1 SO4 LG . 33.17 -50.60 44.86
O2 SO4 LG . 34.73 -49.24 45.97
O3 SO4 LG . 34.86 -49.51 43.64
O4 SO4 LG . 33.11 -48.27 44.59
S SO4 MG . 39.61 -19.95 72.41
O1 SO4 MG . 39.82 -18.94 73.42
O2 SO4 MG . 40.19 -21.20 72.84
O3 SO4 MG . 40.21 -19.54 71.18
O4 SO4 MG . 38.20 -20.13 72.22
S SO4 NG . 42.95 -15.17 70.25
O1 SO4 NG . 44.00 -14.47 70.94
O2 SO4 NG . 42.93 -16.55 70.67
O3 SO4 NG . 43.17 -15.11 68.83
O4 SO4 NG . 41.68 -14.56 70.56
S SO4 OG . 38.45 -39.43 35.49
O1 SO4 OG . 38.05 -40.62 36.20
O2 SO4 OG . 39.19 -38.58 36.38
O3 SO4 OG . 37.28 -38.74 35.04
O4 SO4 OG . 39.26 -39.79 34.37
S SO4 PG . 36.00 -14.86 68.44
O1 SO4 PG . 35.55 -15.09 69.79
O2 SO4 PG . 37.15 -15.68 68.19
O3 SO4 PG . 34.95 -15.20 67.53
O4 SO4 PG . 36.35 -13.48 68.29
S SO4 QG . 40.49 -13.46 66.55
O1 SO4 QG . 40.12 -14.62 67.31
O2 SO4 QG . 41.89 -13.52 66.25
O3 SO4 QG . 39.72 -13.43 65.33
O4 SO4 QG . 40.22 -12.27 67.32
S SO4 RG . 41.94 -12.91 34.49
O1 SO4 RG . 41.97 -14.35 34.58
O2 SO4 RG . 43.03 -12.37 35.26
O3 SO4 RG . 42.07 -12.51 33.11
O4 SO4 RG . 40.70 -12.43 35.02
C1 GOL SG . 53.95 -18.05 71.28
O1 GOL SG . 53.99 -16.65 71.08
C2 GOL SG . 55.33 -18.65 71.43
O2 GOL SG . 56.30 -17.84 70.77
C3 GOL SG . 55.74 -18.86 72.87
O3 GOL SG . 56.95 -19.60 72.97
C1 GOL TG . 34.96 -19.95 69.92
O1 GOL TG . 35.84 -20.74 70.73
C2 GOL TG . 35.66 -18.73 69.37
O2 GOL TG . 34.71 -17.67 69.20
C3 GOL TG . 36.82 -18.24 70.23
O3 GOL TG . 38.02 -18.93 69.91
S SO4 UG . -31.90 82.81 -25.18
O1 SO4 UG . -32.38 81.50 -24.82
O2 SO4 UG . -31.61 83.56 -24.00
O3 SO4 UG . -32.88 83.50 -25.96
O4 SO4 UG . -30.70 82.67 -25.96
S SO4 VG . -13.23 86.36 -1.39
O1 SO4 VG . -12.70 85.09 -0.97
O2 SO4 VG . -12.97 87.35 -0.39
O3 SO4 VG . -14.66 86.24 -1.58
O4 SO4 VG . -12.63 86.75 -2.63
S SO4 WG . -20.94 86.30 -21.37
O1 SO4 WG . -22.22 85.87 -20.91
O2 SO4 WG . -19.93 85.98 -20.40
O3 SO4 WG . -20.64 85.65 -22.62
O4 SO4 WG . -20.96 87.72 -21.58
S SO4 XG . -8.35 80.45 -33.13
O1 SO4 XG . -8.71 79.16 -32.63
O2 SO4 XG . -6.98 80.44 -33.55
O3 SO4 XG . -9.21 80.79 -34.24
O4 SO4 XG . -8.52 81.43 -32.07
S SO4 YG . -14.01 91.85 -39.43
O1 SO4 YG . -13.71 92.14 -38.06
O2 SO4 YG . -14.32 90.45 -39.58
O3 SO4 YG . -12.87 92.17 -40.26
O4 SO4 YG . -15.13 92.64 -39.86
S SO4 ZG . -11.94 92.66 -7.37
O1 SO4 ZG . -12.65 92.71 -6.11
O2 SO4 ZG . -10.80 91.80 -7.25
O3 SO4 ZG . -12.83 92.16 -8.38
O4 SO4 ZG . -11.50 93.99 -7.73
S SO4 AH . -19.02 88.96 -38.02
O1 SO4 AH . -18.04 89.58 -37.17
O2 SO4 AH . -18.67 87.59 -38.24
O3 SO4 AH . -19.06 89.66 -39.28
O4 SO4 AH . -20.31 89.04 -37.40
S SO4 BH . -6.95 92.06 -37.29
O1 SO4 BH . -6.42 92.75 -36.15
O2 SO4 BH . -6.02 91.06 -37.73
O3 SO4 BH . -7.19 93.00 -38.35
O4 SO4 BH . -8.20 91.43 -36.93
S SO4 CH . -18.31 65.92 -38.23
O1 SO4 CH . -18.58 64.71 -37.50
O2 SO4 CH . -17.12 65.77 -39.01
O3 SO4 CH . -19.43 66.21 -39.09
O4 SO4 CH . -18.15 67.01 -37.30
C1 GOL DH . 1.41 87.51 -3.46
O1 GOL DH . 1.13 88.48 -4.45
C2 GOL DH . 2.69 86.73 -3.76
O2 GOL DH . 3.62 87.55 -4.47
C3 GOL DH . 3.33 86.14 -2.52
O3 GOL DH . 4.66 86.64 -2.33
S SO4 EH . -47.73 -4.34 33.20
O1 SO4 EH . -47.33 -3.44 34.24
O2 SO4 EH . -46.93 -5.52 33.25
O3 SO4 EH . -47.57 -3.69 31.92
O4 SO4 EH . -49.11 -4.69 33.38
S SO4 FH . -59.36 -8.39 61.18
O1 SO4 FH . -59.00 -7.99 62.51
O2 SO4 FH . -59.61 -9.80 61.15
O3 SO4 FH . -58.30 -8.06 60.28
O4 SO4 FH . -60.56 -7.69 60.78
S SO4 GH . -66.34 -27.86 47.67
O1 SO4 GH . -67.00 -27.64 48.93
O2 SO4 GH . -64.97 -28.25 47.89
O3 SO4 GH . -67.02 -28.89 46.94
O4 SO4 GH . -66.36 -26.63 46.90
S SO4 HH . -53.34 -4.79 30.21
O1 SO4 HH . -54.07 -5.65 31.10
O2 SO4 HH . -52.00 -5.27 30.04
O3 SO4 HH . -54.01 -4.77 28.93
O4 SO4 HH . -53.31 -3.46 30.74
S SO4 IH . -56.27 -4.36 33.85
O1 SO4 IH . -56.79 -4.51 35.18
O2 SO4 IH . -54.87 -4.67 33.84
O3 SO4 IH . -56.97 -5.25 32.97
O4 SO4 IH . -56.46 -3.01 33.41
S SO4 JH . -74.26 -18.41 55.55
O1 SO4 JH . -75.63 -18.61 55.93
O2 SO4 JH . -73.46 -19.50 56.04
O3 SO4 JH . -74.16 -18.34 54.11
O4 SO4 JH . -73.78 -17.18 56.12
S SO4 KH . -78.35 -20.28 50.87
O1 SO4 KH . -79.20 -20.59 52.00
O2 SO4 KH . -76.98 -20.48 51.24
O3 SO4 KH . -78.68 -21.14 49.77
O4 SO4 KH . -78.56 -18.91 50.48
S SO4 LH . -69.21 -35.84 30.30
O1 SO4 LH . -69.75 -36.57 31.41
O2 SO4 LH . -67.78 -35.88 30.35
O3 SO4 LH . -69.67 -36.42 29.07
O4 SO4 LH . -69.66 -34.47 30.37
C1 GOL MH . -52.81 -13.40 21.99
O1 GOL MH . -51.93 -12.46 22.61
C2 GOL MH . -52.07 -14.61 21.49
O2 GOL MH . -52.94 -15.74 21.50
C3 GOL MH . -51.49 -14.42 20.11
O3 GOL MH . -50.65 -15.51 19.73
C1 GOL NH . -33.81 -17.49 31.09
O1 GOL NH . -33.82 -17.51 32.51
C2 GOL NH . -32.55 -16.88 30.53
O2 GOL NH . -32.79 -16.41 29.20
C3 GOL NH . -32.00 -15.74 31.37
O3 GOL NH . -30.60 -15.56 31.16
S SO4 OH . 18.33 -18.20 -34.31
O1 SO4 OH . 17.88 -19.47 -34.83
O2 SO4 OH . 19.58 -18.38 -33.61
O3 SO4 OH . 18.52 -17.28 -35.39
O4 SO4 OH . 17.34 -17.69 -33.40
S SO4 PH . 22.37 -22.93 -40.71
O1 SO4 PH . 22.89 -23.76 -41.78
O2 SO4 PH . 23.01 -23.30 -39.48
O3 SO4 PH . 20.96 -23.12 -40.60
O4 SO4 PH . 22.66 -21.56 -41.00
S SO4 QH . 26.46 -34.64 -18.90
O1 SO4 QH . 26.85 -35.93 -19.39
O2 SO4 QH . 26.62 -34.58 -17.47
O3 SO4 QH . 25.08 -34.40 -19.24
O4 SO4 QH . 27.28 -33.63 -19.51
S SO4 RH . -0.13 -43.27 -36.60
O1 SO4 RH . -0.07 -42.59 -35.33
O2 SO4 RH . 0.59 -44.50 -36.52
O3 SO4 RH . 0.46 -42.42 -37.61
O4 SO4 RH . -1.51 -43.53 -36.93
S SO4 SH . 34.22 -36.14 -43.41
O1 SO4 SH . 34.39 -37.37 -42.71
O2 SO4 SH . 35.15 -35.16 -42.90
O3 SO4 SH . 32.87 -35.66 -43.24
O4 SO4 SH . 34.47 -36.34 -44.81
S SO4 TH . 4.30 -22.42 -25.20
O1 SO4 TH . 3.69 -22.24 -23.91
O2 SO4 TH . 5.56 -23.10 -25.04
O3 SO4 TH . 3.44 -23.23 -26.03
O4 SO4 TH . 4.50 -21.14 -25.83
S SO4 UH . 24.72 -21.56 -16.46
O1 SO4 UH . 23.44 -22.19 -16.39
O2 SO4 UH . 25.46 -21.81 -15.25
O3 SO4 UH . 25.46 -22.09 -17.58
O4 SO4 UH . 24.56 -20.14 -16.65
S SO4 VH . 25.59 -20.56 -22.00
O1 SO4 VH . 24.29 -20.85 -21.46
O2 SO4 VH . 26.52 -21.56 -21.56
O3 SO4 VH . 25.53 -20.56 -23.43
O4 SO4 VH . 26.02 -19.26 -21.53
C1 GOL WH . -1.20 -52.67 -22.87
O1 GOL WH . -1.95 -53.61 -22.12
C2 GOL WH . -1.45 -51.25 -22.42
O2 GOL WH . -0.40 -50.84 -21.55
C3 GOL WH . -1.57 -50.28 -23.57
O3 GOL WH . -1.74 -48.94 -23.11
C1 GOL XH . 4.76 -52.99 -39.86
O1 GOL XH . 5.06 -54.38 -39.76
C2 GOL XH . 5.91 -52.15 -39.35
O2 GOL XH . 6.61 -52.84 -38.33
C3 GOL XH . 5.47 -50.79 -38.83
O3 GOL XH . 6.59 -49.95 -38.52
S SO4 YH . -42.22 61.59 20.75
O1 SO4 YH . -42.46 62.15 22.06
O2 SO4 YH . -41.10 60.70 20.81
O3 SO4 YH . -43.39 60.88 20.32
O4 SO4 YH . -41.94 62.65 19.82
S SO4 ZH . -20.78 82.28 6.06
O1 SO4 ZH . -20.34 83.20 7.08
O2 SO4 ZH . -19.98 81.09 6.10
O3 SO4 ZH . -20.64 82.90 4.77
O4 SO4 ZH . -22.17 81.96 6.28
S SO4 AI . -6.65 68.93 4.74
O1 SO4 AI . -6.51 68.40 6.08
O2 SO4 AI . -7.23 67.91 3.89
O3 SO4 AI . -5.35 69.29 4.24
O4 SO4 AI . -7.49 70.08 4.76
S SO4 BI . -25.94 82.13 2.86
O1 SO4 BI . -26.90 81.72 3.84
O2 SO4 BI . -24.85 81.21 2.83
O3 SO4 BI . -26.57 82.16 1.57
O4 SO4 BI . -25.45 83.45 3.18
S SO4 CI . -29.29 83.81 6.43
O1 SO4 CI . -29.58 83.54 7.80
O2 SO4 CI . -27.87 83.65 6.19
O3 SO4 CI . -30.01 82.89 5.59
O4 SO4 CI . -29.67 85.16 6.10
S SO4 DI . -41.59 59.43 17.52
O1 SO4 DI . -42.71 59.18 18.39
O2 SO4 DI . -40.38 59.07 18.20
O3 SO4 DI . -41.73 58.65 16.33
O4 SO4 DI . -41.56 60.84 17.20
S SO4 EI . -52.77 70.39 23.96
O1 SO4 EI . -53.67 70.15 25.05
O2 SO4 EI . -51.48 69.81 24.26
O3 SO4 EI . -53.30 69.78 22.76
O4 SO4 EI . -52.62 71.80 23.76
S SO4 FI . -49.28 72.24 27.99
O1 SO4 FI . -49.20 71.43 26.80
O2 SO4 FI . -48.53 71.63 29.05
O3 SO4 FI . -50.67 72.35 28.39
O4 SO4 FI . -48.77 73.55 27.71
S SO4 GI . -42.88 80.15 30.92
O1 SO4 GI . -43.81 79.17 30.45
O2 SO4 GI . -41.85 79.51 31.70
O3 SO4 GI . -42.27 80.82 29.80
O4 SO4 GI . -43.57 81.11 31.73
C1 GOL HI . -10.84 74.45 4.81
O1 GOL HI . -10.91 73.59 5.94
C2 GOL HI . -9.41 74.86 4.50
O2 GOL HI . -9.37 75.58 3.27
C3 GOL HI . -8.78 75.69 5.59
O3 GOL HI . -7.37 75.58 5.59
S SO4 II . -18.93 -51.64 -71.84
O1 SO4 II . -20.06 -52.48 -71.56
O2 SO4 II . -17.84 -52.45 -72.34
O3 SO4 II . -19.28 -50.66 -72.82
O4 SO4 II . -18.52 -50.98 -70.62
S SO4 JI . 5.08 -52.34 -78.94
O1 SO4 JI . 5.00 -53.53 -78.14
O2 SO4 JI . 6.44 -52.12 -79.34
O3 SO4 JI . 4.27 -52.52 -80.13
O4 SO4 JI . 4.60 -51.22 -78.20
S SO4 KI . -3.47 -67.76 -82.49
O1 SO4 KI . -4.23 -68.88 -82.03
O2 SO4 KI . -2.27 -68.23 -83.14
O3 SO4 KI . -4.25 -67.00 -83.43
O4 SO4 KI . -3.11 -66.92 -81.38
S SO4 LI . -1.47 -44.80 -47.64
O1 SO4 LI . -0.69 -45.95 -47.24
O2 SO4 LI . -1.19 -43.70 -46.75
O3 SO4 LI . -2.87 -45.12 -47.58
O4 SO4 LI . -1.12 -44.43 -48.99
S SO4 MI . 29.77 -47.68 -59.49
O1 SO4 MI . 30.92 -47.48 -58.63
O2 SO4 MI . 29.66 -49.07 -59.83
O3 SO4 MI . 29.95 -46.89 -60.69
O4 SO4 MI . 28.58 -47.25 -58.81
S SO4 NI . -1.36 -41.73 -85.85
O1 SO4 NI . -1.72 -43.10 -85.61
O2 SO4 NI . 0.07 -41.60 -85.82
O3 SO4 NI . -1.84 -41.34 -87.16
O4 SO4 NI . -1.95 -40.89 -84.86
S SO4 OI . -6.19 -44.98 -84.29
O1 SO4 OI . -6.89 -46.09 -83.69
O2 SO4 OI . -5.08 -44.61 -83.46
O3 SO4 OI . -5.71 -45.37 -85.59
O4 SO4 OI . -7.09 -43.87 -84.42
S SO4 PI . -1.17 -39.04 -53.60
O1 SO4 PI . -1.01 -40.13 -52.68
O2 SO4 PI . 0.05 -38.28 -53.66
O3 SO4 PI . -1.48 -39.55 -54.91
O4 SO4 PI . -2.24 -38.19 -53.15
S SO4 QI . 1.67 -40.43 -49.64
O1 SO4 QI . 2.17 -41.78 -49.75
O2 SO4 QI . 2.63 -39.62 -48.93
O3 SO4 QI . 0.43 -40.43 -48.93
O4 SO4 QI . 1.48 -39.89 -50.96
S SO4 RI . 5.47 -41.00 -83.37
O1 SO4 RI . 5.23 -40.21 -82.20
O2 SO4 RI . 6.39 -42.07 -83.05
O3 SO4 RI . 6.05 -40.18 -84.40
O4 SO4 RI . 4.23 -41.56 -83.83
S SO4 SI . 23.45 -47.47 -76.06
O1 SO4 SI . 22.64 -48.65 -75.91
O2 SO4 SI . 24.04 -47.14 -74.80
O3 SO4 SI . 22.61 -46.38 -76.50
O4 SO4 SI . 24.47 -47.71 -77.03
C1 GOL TI . 13.75 -42.56 -50.34
O1 GOL TI . 12.51 -41.89 -50.12
C2 GOL TI . 14.10 -43.50 -49.19
O2 GOL TI . 12.99 -43.64 -48.31
C3 GOL TI . 15.33 -43.04 -48.41
O3 GOL TI . 16.16 -44.14 -48.05
C1 GOL UI . -15.44 -55.85 -74.76
O1 GOL UI . -14.05 -55.48 -74.71
C2 GOL UI . -15.94 -56.31 -73.41
O2 GOL UI . -16.60 -55.24 -72.74
C3 GOL UI . -16.86 -57.51 -73.50
O3 GOL UI . -17.67 -57.67 -72.33
C1 GOL VI . -7.16 -68.01 -76.67
O1 GOL VI . -8.27 -68.88 -76.51
C2 GOL VI . -6.55 -68.13 -78.06
O2 GOL VI . -7.55 -67.85 -79.05
C3 GOL VI . -5.36 -67.23 -78.27
O3 GOL VI . -4.28 -67.93 -78.87
S SO4 WI . -58.07 4.18 0.29
O1 SO4 WI . -58.53 2.86 -0.02
O2 SO4 WI . -57.30 4.14 1.50
O3 SO4 WI . -57.23 4.65 -0.79
O4 SO4 WI . -59.18 5.06 0.45
S SO4 XI . -81.24 3.96 9.35
O1 SO4 XI . -82.54 3.45 9.71
O2 SO4 XI . -80.29 3.57 10.34
O3 SO4 XI . -80.86 3.42 8.07
O4 SO4 XI . -81.29 5.40 9.26
S SO4 YI . -59.59 3.84 32.08
O1 SO4 YI . -60.51 3.34 33.06
O2 SO4 YI . -58.32 3.18 32.23
O3 SO4 YI . -60.11 3.58 30.76
O4 SO4 YI . -59.42 5.26 32.25
S SO4 ZI . -59.24 1.25 27.91
O1 SO4 ZI . -60.39 0.82 28.65
O2 SO4 ZI . -58.04 0.89 28.62
O3 SO4 ZI . -59.24 0.62 26.61
O4 SO4 ZI . -59.28 2.67 27.74
S SO4 AJ . -56.33 8.33 30.24
O1 SO4 AJ . -56.67 7.31 31.19
O2 SO4 AJ . -54.90 8.54 30.25
O3 SO4 AJ . -56.73 7.91 28.91
O4 SO4 AJ . -57.00 9.56 30.57
S SO4 BJ . -73.54 -6.33 1.71
O1 SO4 BJ . -74.30 -6.01 2.89
O2 SO4 BJ . -72.23 -6.80 2.10
O3 SO4 BJ . -74.21 -7.36 0.98
O4 SO4 BJ . -73.41 -5.16 0.89
S SO4 CJ . -70.78 8.92 16.70
O1 SO4 CJ . -69.76 8.74 17.71
O2 SO4 CJ . -72.06 8.69 17.30
O3 SO4 CJ . -70.57 7.98 15.63
O4 SO4 CJ . -70.71 10.26 16.19
C1 GOL DJ . -69.14 6.99 41.73
O1 GOL DJ . -69.56 7.43 43.02
C2 GOL DJ . -69.73 7.83 40.61
O2 GOL DJ . -70.24 9.05 41.15
C3 GOL DJ . -68.75 8.12 39.50
O3 GOL DJ . -68.46 6.96 38.73
C1 GOL EJ . -78.48 32.16 8.29
O1 GOL EJ . -78.60 32.91 9.50
C2 GOL EJ . -79.27 30.87 8.35
O2 GOL EJ . -80.20 30.92 9.43
C3 GOL EJ . -80.02 30.57 7.05
O3 GOL EJ . -79.13 30.42 5.95
S SO4 FJ . 70.46 -52.49 10.14
O1 SO4 FJ . 69.71 -53.71 10.11
O2 SO4 FJ . 70.98 -52.29 11.47
O3 SO4 FJ . 69.63 -51.38 9.78
O4 SO4 FJ . 71.57 -52.59 9.22
S SO4 GJ . 51.90 -67.86 28.55
O1 SO4 GJ . 52.04 -69.17 29.10
O2 SO4 GJ . 51.58 -66.93 29.60
O3 SO4 GJ . 50.85 -67.86 27.57
O4 SO4 GJ . 53.13 -67.46 27.93
S SO4 HJ . 58.97 -70.98 32.16
O1 SO4 HJ . 58.92 -72.42 32.18
O2 SO4 HJ . 59.63 -70.50 33.34
O3 SO4 HJ . 59.69 -70.54 30.99
O4 SO4 HJ . 57.63 -70.46 32.11
S SO4 IJ . 60.99 -48.39 41.40
O1 SO4 IJ . 60.63 -49.70 41.86
O2 SO4 IJ . 61.54 -47.63 42.49
O3 SO4 IJ . 59.83 -47.73 40.90
O4 SO4 IJ . 61.98 -48.49 40.35
S SO4 JJ . 66.02 -60.61 47.47
O1 SO4 JJ . 65.85 -61.84 46.73
O2 SO4 JJ . 65.66 -60.84 48.84
O3 SO4 JJ . 65.17 -59.60 46.92
O4 SO4 JJ . 67.39 -60.20 47.41
S SO4 KJ . 42.77 -49.07 41.09
O1 SO4 KJ . 42.68 -50.50 41.27
O2 SO4 KJ . 42.83 -48.43 42.37
O3 SO4 KJ . 41.61 -48.61 40.37
O4 SO4 KJ . 43.95 -48.76 40.34
S SO4 LJ . 35.26 -45.20 28.44
O1 SO4 LJ . 35.47 -45.99 29.62
O2 SO4 LJ . 34.74 -46.04 27.39
O3 SO4 LJ . 36.51 -44.63 28.03
O4 SO4 LJ . 34.33 -44.14 28.72
S SO4 MJ . 73.59 -57.16 17.25
O1 SO4 MJ . 72.94 -58.01 18.21
O2 SO4 MJ . 74.88 -56.76 17.75
O3 SO4 MJ . 73.75 -57.86 16.01
O4 SO4 MJ . 72.78 -55.98 17.03
S SO4 NJ . 74.64 -34.92 43.68
O1 SO4 NJ . 74.10 -36.22 43.35
O2 SO4 NJ . 75.91 -35.09 44.33
O3 SO4 NJ . 73.72 -34.25 44.57
O4 SO4 NJ . 74.79 -34.14 42.48
S SO4 OJ . 71.41 -57.51 12.77
O1 SO4 OJ . 71.62 -57.12 14.14
O2 SO4 OJ . 72.10 -58.75 12.52
O3 SO4 OJ . 70.01 -57.69 12.52
O4 SO4 OJ . 71.93 -56.49 11.90
S SO4 PJ . 45.56 -51.82 42.98
O1 SO4 PJ . 45.06 -51.44 44.27
O2 SO4 PJ . 46.81 -52.52 43.14
O3 SO4 PJ . 44.61 -52.68 42.34
O4 SO4 PJ . 45.77 -50.66 42.17
S SO4 QJ . 39.84 -54.43 28.15
O1 SO4 QJ . 39.25 -55.08 29.29
O2 SO4 QJ . 41.18 -54.89 27.96
O3 SO4 QJ . 39.05 -54.72 26.98
O4 SO4 QJ . 39.85 -53.00 28.37
C1 GOL RJ . 78.67 -41.72 15.89
O1 GOL RJ . 79.65 -42.73 16.01
C2 GOL RJ . 79.29 -40.36 15.64
O2 GOL RJ . 78.36 -39.52 14.95
C3 GOL RJ . 79.74 -39.66 16.91
O3 GOL RJ . 81.14 -39.45 16.93
C1 GOL SJ . 63.59 -42.46 7.06
O1 GOL SJ . 63.93 -41.32 7.87
C2 GOL SJ . 63.24 -43.65 7.92
O2 GOL SJ . 62.14 -44.36 7.33
C3 GOL SJ . 64.40 -44.61 8.13
O3 GOL SJ . 64.17 -45.47 9.23
C1 GOL TJ . 45.84 -31.90 17.87
O1 GOL TJ . 46.16 -32.41 19.17
C2 GOL TJ . 47.09 -31.44 17.15
O2 GOL TJ . 46.79 -31.26 15.76
C3 GOL TJ . 47.67 -30.16 17.71
O3 GOL TJ . 48.55 -29.53 16.80
S SO4 UJ . 74.75 -49.96 -0.12
O1 SO4 UJ . 75.41 -50.02 1.16
O2 SO4 UJ . 74.09 -51.22 -0.37
O3 SO4 UJ . 75.73 -49.73 -1.14
O4 SO4 UJ . 73.77 -48.90 -0.12
S SO4 VJ . 98.03 -28.42 -10.29
O1 SO4 VJ . 99.41 -28.61 -9.95
O2 SO4 VJ . 97.33 -29.68 -10.23
O3 SO4 VJ . 97.93 -27.89 -11.63
O4 SO4 VJ . 97.43 -27.50 -9.37
S SO4 WJ . 90.32 -15.88 15.25
O1 SO4 WJ . 90.15 -16.62 16.47
O2 SO4 WJ . 91.68 -15.98 14.81
O3 SO4 WJ . 89.44 -16.41 14.24
O4 SO4 WJ . 89.98 -14.50 15.48
S SO4 XJ . 81.54 -51.98 -5.06
O1 SO4 XJ . 81.74 -53.41 -5.01
O2 SO4 XJ . 82.78 -51.31 -4.77
O3 SO4 XJ . 81.08 -51.61 -6.36
O4 SO4 XJ . 80.55 -51.61 -4.09
S SO4 YJ . 76.49 -51.49 -5.96
O1 SO4 YJ . 76.72 -52.70 -5.22
O2 SO4 YJ . 77.63 -50.62 -5.84
O3 SO4 YJ . 76.27 -51.80 -7.35
O4 SO4 YJ . 75.32 -50.83 -5.43
S SO4 ZJ . 109.09 -36.97 -12.33
O1 SO4 ZJ . 107.68 -37.23 -12.43
O2 SO4 ZJ . 109.73 -38.06 -11.65
O3 SO4 ZJ . 109.65 -36.83 -13.64
O4 SO4 ZJ . 109.30 -35.76 -11.58
C1 GOL AK . 68.54 -43.79 -14.49
O1 GOL AK . 67.98 -44.14 -13.22
C2 GOL AK . 69.67 -44.71 -14.87
O2 GOL AK . 70.36 -44.17 -16.00
C3 GOL AK . 70.65 -44.95 -13.74
O3 GOL AK . 71.52 -46.06 -14.01
S SO4 BK . -66.91 -5.99 57.92
O1 SO4 BK . -67.00 -7.34 58.44
O2 SO4 BK . -65.61 -5.79 57.34
O3 SO4 BK . -67.92 -5.81 56.90
O4 SO4 BK . -67.12 -5.06 58.98
S SO4 CK . -59.59 13.61 71.36
O1 SO4 CK . -59.59 12.18 71.52
O2 SO4 CK . -58.85 14.21 72.44
O3 SO4 CK . -60.94 14.09 71.36
O4 SO4 CK . -58.97 13.95 70.10
S SO4 DK . -50.57 12.22 39.60
O1 SO4 DK . -50.94 10.88 39.27
O2 SO4 DK . -50.68 12.40 41.03
O3 SO4 DK . -49.20 12.46 39.21
O4 SO4 DK . -51.43 13.15 38.93
S SO4 EK . -53.22 1.90 76.87
O1 SO4 EK . -53.62 0.70 76.17
O2 SO4 EK . -53.55 1.78 78.26
O3 SO4 EK . -53.91 3.03 76.31
O4 SO4 EK . -51.80 2.09 76.73
C1 GOL FK . -43.21 25.59 44.88
O1 GOL FK . -42.87 26.94 45.19
C2 GOL FK . -42.54 24.62 45.82
O2 GOL FK . -42.52 25.16 47.14
C3 GOL FK . -43.20 23.25 45.84
O3 GOL FK . -42.27 22.22 46.14
C1 GOL GK . -49.41 29.76 73.35
O1 GOL GK . -49.63 30.26 72.04
C2 GOL GK . -48.61 28.47 73.32
O2 GOL GK . -47.25 28.76 73.00
C3 GOL GK . -48.67 27.70 74.62
O3 GOL GK . -47.47 27.00 74.88
S SO4 HK . -59.60 -3.94 2.25
O1 SO4 HK . -60.15 -4.82 3.25
O2 SO4 HK . -58.35 -4.47 1.79
O3 SO4 HK . -60.52 -3.84 1.15
O4 SO4 HK . -59.40 -2.64 2.83
S SO4 IK . -36.04 -3.47 -6.66
O1 SO4 IK . -36.31 -4.86 -6.41
O2 SO4 IK . -35.95 -2.77 -5.41
O3 SO4 IK . -37.11 -2.91 -7.44
O4 SO4 IK . -34.80 -3.33 -7.36
S SO4 JK . -40.84 0.31 25.95
O1 SO4 JK . -40.78 0.97 27.22
O2 SO4 JK . -40.02 -0.88 25.99
O3 SO4 JK . -40.36 1.18 24.92
O4 SO4 JK . -42.20 -0.06 25.67
S SO4 KK . -41.13 7.00 20.22
O1 SO4 KK . -41.52 6.22 21.36
O2 SO4 KK . -39.70 7.13 20.19
O3 SO4 KK . -41.58 6.35 19.02
O4 SO4 KK . -41.72 8.31 20.31
S SO4 LK . -37.65 5.80 23.41
O1 SO4 LK . -37.33 4.79 24.38
O2 SO4 LK . -36.49 6.62 23.15
O3 SO4 LK . -38.07 5.17 22.18
O4 SO4 LK . -38.72 6.62 23.90
S SO4 MK . -37.33 -9.42 26.94
O1 SO4 MK . -38.26 -9.37 28.04
O2 SO4 MK . -36.93 -10.78 26.69
O3 SO4 MK . -37.97 -8.89 25.76
O4 SO4 MK . -36.17 -8.63 27.25
S SO4 NK . -35.74 -10.40 31.22
O1 SO4 NK . -35.93 -11.74 30.75
O2 SO4 NK . -34.97 -10.41 32.43
O3 SO4 NK . -35.06 -9.63 30.22
O4 SO4 NK . -37.02 -9.80 31.48
S SO4 OK . -39.74 4.03 26.53
O1 SO4 OK . -40.94 3.89 27.31
O2 SO4 OK . -38.86 2.94 26.80
O3 SO4 OK . -40.07 4.05 25.13
O4 SO4 OK . -39.09 5.28 26.88
S SO4 PK . -43.05 7.43 -11.86
O1 SO4 PK . -43.91 6.35 -11.44
O2 SO4 PK . -41.82 7.38 -11.12
O3 SO4 PK . -42.77 7.31 -13.27
O4 SO4 PK . -43.71 8.68 -11.61
C1 GOL QK . -24.42 2.24 24.58
O1 GOL QK . -23.07 1.87 24.30
C2 GOL QK . -25.20 2.51 23.32
O2 GOL QK . -24.47 3.42 22.49
C3 GOL QK . -26.59 3.05 23.59
O3 GOL QK . -26.84 4.27 22.90
C1 GOL RK . -25.92 -14.72 25.41
O1 GOL RK . -25.46 -16.00 25.81
C2 GOL RK . -24.83 -13.92 24.71
O2 GOL RK . -25.41 -12.99 23.80
C3 GOL RK . -23.91 -13.19 25.65
O3 GOL RK . -23.37 -12.01 25.07
S SO4 SK . 36.43 -6.23 69.63
O1 SO4 SK . 37.38 -5.20 69.96
O2 SO4 SK . 36.86 -7.48 70.21
O3 SO4 SK . 36.34 -6.36 68.20
O4 SO4 SK . 35.14 -5.87 70.16
S SO4 TK . -5.59 -31.51 -51.63
O1 SO4 TK . -6.83 -31.57 -50.90
O2 SO4 TK . -4.69 -32.52 -51.13
O3 SO4 TK . -5.85 -31.75 -53.03
O4 SO4 TK . -5.00 -30.22 -51.48
S SO4 UK . 28.73 -8.20 84.99
O1 SO4 UK . 27.98 -9.32 84.48
O2 SO4 UK . 28.83 -8.29 86.41
O3 SO4 UK . 30.05 -8.21 84.41
O4 SO4 UK . 28.06 -6.97 84.64
S SO4 VK . 33.37 -7.87 88.91
O1 SO4 VK . 33.56 -9.10 88.17
O2 SO4 VK . 32.73 -8.18 90.17
O3 SO4 VK . 32.54 -6.99 88.16
O4 SO4 VK . 34.63 -7.25 89.16
S SO4 WK . -9.59 90.95 -3.67
O1 SO4 WK . -9.46 89.90 -2.70
O2 SO4 WK . -8.35 91.67 -3.77
O3 SO4 WK . -9.92 90.37 -4.95
O4 SO4 WK . -10.65 91.85 -3.27
S SO4 XK . 36.29 -23.84 72.75
O1 SO4 XK . 35.66 -24.24 73.98
O2 SO4 XK . 37.72 -23.85 72.92
O3 SO4 XK . 35.93 -24.77 71.71
O4 SO4 XK . 35.86 -22.53 72.39
S SO4 YK . 75.87 -52.62 13.89
O1 SO4 YK . 76.27 -53.95 13.55
O2 SO4 YK . 76.94 -51.96 14.59
O3 SO4 YK . 74.71 -52.67 14.74
O4 SO4 YK . 75.56 -51.89 12.69
#